data_7Z1M
#
_entry.id   7Z1M
#
loop_
_entity.id
_entity.type
_entity.pdbx_description
1 polymer 'DNA-directed RNA polymerase III subunit RPC1'
2 polymer 'DNA-directed RNA polymerase III subunit RPC2'
3 polymer 'DNA-directed RNA polymerases I and III subunit RPAC1'
4 polymer 'DNA-directed RNA polymerase III subunit RPC9'
5 polymer 'DNA-directed RNA polymerases I, II, and III subunit RPABC1'
6 polymer 'DNA-directed RNA polymerases I, II, and III subunit RPABC2'
7 polymer 'DNA-directed RNA polymerase III subunit RPC8'
8 polymer 'DNA-directed RNA polymerases I, II, and III subunit RPABC3'
9 polymer 'DNA-directed RNA polymerase III subunit RPC10'
10 polymer 'DNA-directed RNA polymerases I, II, and III subunit RPABC5'
11 polymer 'DNA-directed RNA polymerases I and III subunit RPAC2'
12 polymer 'DNA-directed RNA polymerases I, II, and III subunit RPABC4'
13 polymer 'DNA-directed RNA polymerase III subunit RPC5'
14 polymer 'DNA-directed RNA polymerase III subunit RPC4'
15 polymer 'DNA-directed RNA polymerase III subunit RPC3'
16 polymer 'DNA-directed RNA polymerase III subunit RPC6'
17 polymer 'DNA-directed RNA polymerase III subunit RPC7'
18 polymer RNA
19 polymer NT-DNA
20 polymer T-DNA
21 non-polymer 'ZINC ION'
22 non-polymer 'MAGNESIUM ION'
23 non-polymer (3R,5S,7R,8R,9S,10S,12S,13R,14S,17R)-10,13-dimethyl-17-[(2R)-pentan-2-yl]-2,3,4,5,6,7,8,9,11,12,14,15,16,17-tetradecahydro-1H-cyclopenta[a]phenanthrene-3,7,12-triol
#
loop_
_entity_poly.entity_id
_entity_poly.type
_entity_poly.pdbx_seq_one_letter_code
_entity_poly.pdbx_strand_id
1 'polypeptide(L)'
;MKEVVVSETPKRIKGLEFSALSAADIVAQSEVEVSTRDLFDLEKDRAPKANGALDPKMGVSSSSLECATCHGNLASCHGH
FGHLKLALPVFHIGYFKATIQILQGICKNCSAILLSETDKRQFLHELRRPGVDNLRRMGILKKILDQCKKQRRCLHCGAL
NGVVKKAAAGAGSAALKIIHDTFRWVGKKSAPEKDIWVGEWKEVLAHNPELERYVKRCMDDLNPLKTLNLFKQIKSADCE
LLGIDATVPSGRPETYIWRYLPAPPVCIRPSVMMQDSPASNEDDLTVKLTEIVWTSSLIKAGLDKGISINNMMEHWDYLQ
LTVAMYINSDSVNPAMLPGSSNGGGKVKPIRGFCQRLKGKQGRFRGNLSGKRVDFSGRTVISPDPNLSIDEVAVPDRVAK
VLTYPEKVTRYNRHKLQELIVNGPNVHPGANYLLKRNEDARRNLRYGDRMKLAKNLQIGDVVERHLEDGDVVLFNRQPSL
HRLSILSHYAKIRPWRTFRLNECVCTPYNADFDGDEMNLHVPQTEEARAEAINLMGVKNNLLTPKSGEPIIAATQDFITG
SYLISHKDSFYDRATLTQLLSMMSDGIEHFDIPPPAIMKPYYLWTGKQVFSLLIKPNHNSPVVINLDAKNKVFVPPKSKS
LPNEMSQNDGFVIIRGSQILSGVMDKSVLGDGKKHSVFYTILRDYGPQEAANAMNRMAKLCARFLGNRGFSIGINDVTPA
DDLKQKKEELVEIAYHKCDELITLFNKGELETQPGCNEEQTLEAKIGGLLSKVREEVGDVCINELDNWNAPLIMATCGSK
GSTLNVSQMVAVVGQQIISGNRVPDGFQDRSLPHFPKNSKTPQSKGFVRNSFFSGLSPPEFLFHAISGREGLVDTAVKTA
ETGYMSRRLMKSLEDLSCQYDNTVRTSANGIVQFTYGGDGLDPLEMEGNAQPVNFNRSWDHAYNITFNNQDKGLLPYAIM
ETANEILGPLEERLVRYDNSGCLVKREDLNKAEYVDQYDAERDFYHSLREYINGKATALANLRKSRGMLGLLEPPAKELQ
GIDPDETVPDNVKTSVSQLYRISEKSVRKFLEIALFKYRKARLEPGTAIGAIGAQSIGEPGTQMTLKTFHFAGVASMNVT
LGVPRIKEIINASKVISTPIINAVLVNDNDERAARVVKGRVEKTLLSDVAFYVQDVYKDNLSFIQVRIDLGTIDKLQLEL
TIEDIAVAITRASKLKIQASDVNIIGKDRIAINVFPEGYKAKSISTSAKEPSENDVFYRMQQLRRALPDVVVKGLPDISR
AVINIRDDGKRELLVEGYGLRDVMCTDGVIGSRTTTNHVLEVFSVLGIEAARYSIIREINYTMSNHGMSVDPRHIQLLGD
VMTYKGEVLGITRFGLSKMRDSVLQLASFEKTTDHLFDAAFYMKKDAVEGVSECIILGQTMSIGTGSFKVVKGTNISEKD
LVPKRCLFESLSNEAALKAN
;
A
2 'polypeptide(L)'
;MVAATKRRKTHIHKHVKDEAFDDLLKPVYKGKKLTDEINTAQDKWHLLPAFLKVKGLVKQHLDSFNYFVDTDLKKIIKAN
QLILSDVDPEFYLKYVDIRVGKKSSSSTKDYLTPPHECRLRDMTYSAPIYVDIEYTRGRNIIMHKDVEIGRMPIMLRSNK
CILYDADESKMAKLNECPLDPGGYFIVNGTEKVILVQEQLSKNRIIVEADEKKGIVQASVTSSTHERKSKTYVITKNGKI
YLKHNSIAEEIPIAIVLKACGILSDLEIMQLVCGNDSSYQDIFAVNLEESSKLDIYTQQQALEYIGAKVKTMRRQKLTIL
QEGIEAIATTVIAHLTVEALDFREKALYIAMMTRRVVMAMYNPKMIDDRDYVGNKRLELAGQLISLLFEDLFKKFNNDFK
LSIDKVLKKPNRAMEYDALLSINVHSNNITSGLNRAISTGNWSLKRFKMERAGVTHVLSRLSYISALGMMTRISSQFEKS
RKVSGPRALQPSQFGMLCTADTPEGEACGLVKNLALMTHITTDDEEEPIKKLCYVLGVEDITLIDSASLHLNYGVYLNGT
LIGSIRFPTKFVTQFRHLRRTGKVSEFISIYSNSHQMAVHIATDGGRICRPLIIVSDGQSRVKDIHLRKLLDGELDFDDF
LKLGLVEYLDVNEENDSYIALYEKDIVPSMTHLEIEPFTILGAVAGLIPYPHHNQSPRNTYQCAMGKQAIGAIAYNQFKR
IDTLLYLMTYPQQPMVKTKTIELIDYDKLPAGQNATVAVMSYSGYDIEDALVLNKSSIDRGFGRCETRRKTTTVLKRYAN
HTQDIIGGMRVDENGDPIWQHQSLGPDGLGEVGMKVQSGQIYINKSVPTNSADAPNPNNVNVQTQYREAPVIYRGPEPSH
IDQVMMSVSDNDQALIKVLLRQNRRPELGDKFSSRHGQKGVCGIIVKQEDMPFNDQGIVPDIIMNPHGFPSRMTVGKMIE
LISGKAGVLNGTLEYGTCFGGSKLEDMSKILVDQGFNYSGKDMLYSGITGECLQAYIFFGPIYYQKLKHMVLDKMHARAR
GPRAVLTRQPTEGRSRDGGLRLGEMERDCVIAYGASQLLLERLMISSDAFEVDVCDKCGLMGYSGWCTTCKSAENIIKMT
IPYAAKLLFQELLSMNIAPRLRLEDIFQQ
;
B
3 'polypeptide(L)'
;MSNIVGIEYNRVTNTTSTDFPGFSKDAENEWNVEKFKKDFEVNISSLDAREANFDLINIDTSIANAFRRIMISEVPSVAA
EYVYFFNNTSVIQDEVLAHRIGLVPLKVDPDMLTWVDSNLPDDEKFTDENTIVLSLNVKCTRNPDAPKGSTDPKELYNNA
HVYARDLKFEPQGRQSTTFADCPVVPADPDILLAKLRPGQEISLKAHCILGIGGDHAKFSPVSTASYRLLPQINILQPIK
GESARRFQKCFPPGVIGIDEGSDEAYVKDARKDTVSREVLRYEEFADKVKLGRVRNHFIFNVESAGAMTPEEIFFKSVRI
LKNKAEYLKNCPITQ
;
C
4 'polypeptide(L)'
;MKVLEERNAFLSDYEVLKFLTDLEKKHLWDQKSLAALKKSRSKGKQNRPYNHPELQGITRNVVNYLSINKNFINQEDEGE
ERESSGAKDAEKSGISKMSDESFAELMTKLNSFKLFKAEKLQIVNQLPANMVHLYSIVEECDARFDEKTIEEMLEIISGY
A
;
D
5 'polypeptide(L)'
;MDQENERNISRLWRAFRTVKEMVKDRGYFITQEEVELPLEDFKAKYCDSMGRPQRKMMSFQANPTEESISKFPDMGSLWV
EFCDEPSVGVKTMKTFVIHIQEKNFQTGIFVYQNNITPSAMKLVPSIPPATIETFNEAALVVNITHHELVPKHIRLSSDE
KRELLKRYRLKESQLPRIQRADPVALYLGLKRGEVVKIIRKSETSGRYASYRICM
;
E
6 'polypeptide(L)'
;MSDYEEAFNDGNENFEDFDVEHFSDEETYEEKPQFKDGETTDANGKTIVTGGNGPEDFQQHEQIRRKTLKEKAIPKDQRA
TTPYMTKYERARILGTRALQISMNAPVFVDLEGETDPLRIAMKELAEKKIPLVIRRYLPDGSFEDWSVEELIVDL
;
F
7 'polypeptide(L)'
;MFILSKIADLVRIPPDQFHRDTISAITHQLNNKFANKIIPNVGLCITIYDLLTVEEGQLKPGDGSSYINVTFRAVVFKPF
LGEIVTGWISKCTAEGIKVSLLGIFDDIFIPQNMLFEGCYYTPEESAWIWPMDEETKLYFDVNEKIRFRIEREVFVDVKP
KSPKERELEERAQLENEIEGKNEETPQNEKPPAYALLGSCQTDGMGLVSWWE
;
G
8 'polypeptide(L)'
;MSNTLFDDIFQVSEVDPGRYNKVCRIEAASTTQDQCKLTLDINVELFPVAAQDSLTVTIASSLNLEDTPANDSSATRSWR
PPQAGDRSLADDYDYVMYGTAYKFEEVSKDLIAVYYSFGGLLMRLEGNYRNLNNLKQENAYLLIRR
;
H
9 'polypeptide(L)'
;MLSFCPSCNNMLLITSGDSGVYTLACRSCPYEFPIEGIEIYDRKKLPRKEVDDVLGGGWDNVDQTKTQCPNYDTCGGESA
YFFQLQIRSADEPMTTFYKCVNCGHRWKEN
;
I
10 'polypeptide(L)' MIVPVRCFSCGKVVGDKWESYLNLLQEDELDEGTALSRLGLKRYCCRRMILTHVDLIEKFLRYNPLEKRD J
11 'polypeptide(L)'
;MTEDIEQKKTATEVTPQEPKHIQEEEEQDVDMTGDEEQEEEPDREKIKLLTQATSEDGTSASFQIVEEDHTLGNALRYVI
MKNPDVEFCGYSIPHPSENLLNIRIQTYGETTAVDALQKGLKDLMDLCDVVESKFTEKIKSM
;
K
12 'polypeptide(L)' MSREGFQIPTNLDAAAAGTSQARTATLKYICAECSSKLSLSRTDAVRCKDCGHRILLKARTKRLVQFEAR L
13 'polypeptide(L)'
;MSIDNKLFVTEEDEEDRTQDRADVEDESNDIDMIADENGTNSAIANEQEEKSEEVKAEDDTGEEEEDDPVIEEFPLKISG
EEESLHVFQYANRPRLVGRKPAEHPFISAARYKPKSHLWEIDIPLDEQAFYNKDKAESEWNGVNVQTLKGVGVENNGQYA
AFVKDMQVYLVPIERVAQLKPFFKYIDDANVTRKQEDARRNPNPSSQRAQVVTMSVKSVNDPSQNRLTGSLLAHKVADEE
ANIELTWAEGTFEQFKDTIVKEAEDKTLVALEKQEDYIDNLV
;
M
14 'polypeptide(L)'
;MSSNKGNGRLPSLKDSSSNGGGSAKPSLKFKPKAVARKSKEEREAAASKVKLEEESKRGNDKKHFNNKNKRVTGAGGQQR
RMAKYLNNTHVISSGPLAAGNFVSEKGDLRRGFIKSEGSGSSLVQKGLETIDNGAESSENEAEDDDNEGVASKSKKKFNM
GKEFEARNLIEDEDDGESEKSSDVDMDDEEWRSKRIEQLFPVRPVRVRHEDVETVKREIQEALSEKPTREPTPSVKTEPV
GTGLQSYLEERERQVNEKLADLGLEKEFQSVDGKEAAAELELLNADHQHILRKLKKMNNKPERFMVFQLPTRLPAFERPA
VKEEKEDMETQASDPSKKKKNIKKKDTKDALSTRELAGKVGSIRVHKSGKLSVKIGNVVMDIGKGAETTFLQDVIALSIA
DDASSAELLGRVDGKIVVTPQI
;
N
15 'polypeptide(L)'
;MDELLGEALSAENQTGESTVESEKLVTPEDVMTISSLEQRTLNPDLFLYKELVKAHLGERAASVIGMLVALGRLSVRELV
EKIDGMDVDSVKTTLVSLTQLRCVKYLQETAISGKKTTYYYYNEEGIHILLYSGLIIDEIITQMRVNDEEEHKQLVAEIV
QNVISLGSLTVEDYLSSVTSDSMKYTISSLFVQLCEMGYLIQISKLHYTPIEDLWQFLYEKHYKNIPRNSPLSDLKKRSQ
AKMNAKTDFAKIINKPNELSQILTVDPKTSLRIVKPTVSLTINLDRFMKGRRSKQLINLAKTRVGSVTAQVYKIALRLTE
QKSPKIRDPLTQTGLLQDLEEAKSFQDEAELVEEKTPGLTFNAIDLARHLPAELDLRGSLLSRKPSDNKKRSGSNAAASL
PSKKLKTEDGFVIPALPAAVSKSLQESGDTQEEDEEEEDLDADTEDPHSASLINSHLKILASSNFPFLNETKPGVYYVPY
SKLMPVLKSSVYEYVIASTLGPSAMRLSRCIRDNKLVSEKIINSTALMKEKDIRSTLASLIRYNSVEIQEVPRTADRSAS
RAVFLFRCKETHSYNFMRQNLEWNMANLLFKKEKLKQENSTLLKKANRDDVKGRENELLLPSELNQLKMVNERELNVFAR
LSRLLSLWEVFQMA
;
O
16 'polypeptide(L)'
;MSGMIENGLQLSDNAKTLHSQMMSKGIGALFTQQELQKQMGIGSLTDLMSIVQELLDKNLIKLVKQNDELKFQGVLESEA
QKKATMSAEEALVYSYIEASGREGIWSKTIKARTNLHQHVVLKCLKSLESQRYVKSVKSVKFPTRKIYMLYSLQPSVDIT
GGPWFTDGELDIEFINSLLTIVWRFISENTFPNGFKNFENGPKKNVFYAPNVKNYSTTQEILEFITAAQVANVELTPSNI
RSLCEVLVYDDKLEKVTHDCYRVTLESILQMNQGEGEPEAGNKALEDEEEFSIFNYFKMFPASKHDKEVVYFDEWTI
;
P
17 'polypeptide(L)'
;MSSYRGGSRGGGSNYMSNLPFGLGYGDVGKNHITEFPSIPLPINGPITNKERSLAVKYINFGKTVKDGPFYTGSMSLIID
QQENSKSGKRKPNIILDEDDTNDGIERYSDKYLKKRKIGISIDDHPYNLNLFPNELYNVMGINKKKLLAISKFNNADDVF
TGTGLQDENIGLSMLAKLKELAEDVDDASTGDGAAKGSKTGEGEDDDLADDDFEEDEDEEDDDDYNAEKYFNNGDDDDYG
DEEDPNEEAAF
;
Q
18 'polyribonucleotide' UAUGCAUAACGCCACAGAG R
19 'polydeoxyribonucleotide/polyribonucleotide hybrid'
;(DG)(DA)(DA)(DT)(DC)(DT)(DC)(DT)(DT)(DA)(DG)(DC)(DA)(DA)(DC)(DC)(DA)(DT)(DT)(DA)
(DT)(DT)(DT)(DT)(DT)(DT)(DT)(DG)(DC)(DC)(DT)(DT)(DC)(DC)(DG)(DA)(DA)(DA)(DA)(DT)
(DT)(DT)(DT)(DG)
;
S
20 'polydeoxyribonucleotide/polyribonucleotide hybrid'
;(DC)(DA)(DA)(DA)(DA)(DT)(DT)(DT)(DT)(DC)(DG)(DG)(DA)(DA)(DG)(DG)(DC)(DA)(DT)(DG)
(DC)(DT)(DC)(DT)(DG)(DT)(DG)(DG)(DC)(DT)(DT)(DT)(DG)(DC)(DT)(DA)(DA)(DG)(DA)(DG)
(DA)(DT)(DT)(DC)
;
T
#
loop_
_chem_comp.id
_chem_comp.type
_chem_comp.name
_chem_comp.formula
4QM non-polymer (3R,5S,7R,8R,9S,10S,12S,13R,14S,17R)-10,13-dimethyl-17-[(2R)-pentan-2-yl]-2,3,4,5,6,7,8,9,11,12,14,15,16,17-tetradecahydro-1H-cyclopenta[a]phenanthrene-3,7,12-triol 'C24 H42 O3'
A RNA linking ADENOSINE-5'-MONOPHOSPHATE 'C10 H14 N5 O7 P'
C RNA linking CYTIDINE-5'-MONOPHOSPHATE 'C9 H14 N3 O8 P'
DA DNA linking 2'-DEOXYADENOSINE-5'-MONOPHOSPHATE 'C10 H14 N5 O6 P'
DC DNA linking 2'-DEOXYCYTIDINE-5'-MONOPHOSPHATE 'C9 H14 N3 O7 P'
DG DNA linking 2'-DEOXYGUANOSINE-5'-MONOPHOSPHATE 'C10 H14 N5 O7 P'
DT DNA linking THYMIDINE-5'-MONOPHOSPHATE 'C10 H15 N2 O8 P'
G RNA linking GUANOSINE-5'-MONOPHOSPHATE 'C10 H14 N5 O8 P'
MG non-polymer 'MAGNESIUM ION' 'Mg 2'
U RNA linking URIDINE-5'-MONOPHOSPHATE 'C9 H13 N2 O9 P'
ZN non-polymer 'ZINC ION' 'Zn 2'
#
# COMPACT_ATOMS: atom_id res chain seq x y z
N MET A 1 -9.74 -1.35 59.37
CA MET A 1 -10.85 -1.86 60.18
C MET A 1 -11.67 -2.89 59.41
N LYS A 2 -12.59 -2.41 58.59
CA LYS A 2 -13.47 -3.28 57.83
C LYS A 2 -13.02 -3.51 56.40
N GLU A 3 -12.12 -2.69 55.87
CA GLU A 3 -11.66 -2.81 54.50
C GLU A 3 -10.35 -3.58 54.45
N VAL A 4 -10.17 -4.35 53.38
CA VAL A 4 -8.93 -5.09 53.19
C VAL A 4 -7.94 -4.22 52.43
N VAL A 5 -6.65 -4.56 52.54
CA VAL A 5 -5.61 -3.81 51.85
C VAL A 5 -5.75 -4.01 50.36
N VAL A 6 -5.88 -2.90 49.63
CA VAL A 6 -5.94 -2.91 48.17
C VAL A 6 -4.57 -2.53 47.64
N SER A 7 -4.06 -3.31 46.69
CA SER A 7 -2.74 -3.10 46.13
C SER A 7 -2.83 -3.07 44.61
N GLU A 8 -2.08 -2.16 44.01
CA GLU A 8 -2.04 -2.04 42.55
C GLU A 8 -0.58 -2.02 42.09
N THR A 9 -0.28 -2.87 41.11
CA THR A 9 1.06 -2.95 40.54
C THR A 9 0.96 -2.59 39.05
N PRO A 10 1.71 -1.60 38.58
CA PRO A 10 1.67 -1.28 37.14
C PRO A 10 2.20 -2.44 36.30
N LYS A 11 1.57 -2.65 35.16
CA LYS A 11 1.89 -3.78 34.30
C LYS A 11 1.89 -3.34 32.84
N ARG A 12 2.66 -4.06 32.03
CA ARG A 12 2.72 -3.85 30.60
C ARG A 12 2.41 -5.17 29.88
N ILE A 13 2.10 -5.07 28.61
CA ILE A 13 1.74 -6.24 27.81
C ILE A 13 3.01 -7.00 27.46
N LYS A 14 3.14 -8.22 27.99
CA LYS A 14 4.31 -9.04 27.65
C LYS A 14 4.17 -9.62 26.25
N GLY A 15 2.97 -10.04 25.87
CA GLY A 15 2.76 -10.58 24.54
C GLY A 15 1.37 -11.11 24.29
N LEU A 16 1.04 -11.29 23.01
CA LEU A 16 -0.25 -11.85 22.61
C LEU A 16 -0.13 -13.35 22.42
N GLU A 17 -1.25 -14.03 22.61
CA GLU A 17 -1.34 -15.48 22.38
C GLU A 17 -2.59 -15.74 21.56
N PHE A 18 -2.44 -15.71 20.24
CA PHE A 18 -3.57 -15.94 19.36
C PHE A 18 -4.04 -17.38 19.46
N SER A 19 -5.35 -17.57 19.34
CA SER A 19 -5.99 -18.88 19.42
C SER A 19 -7.33 -18.76 18.71
N ALA A 20 -8.18 -19.76 18.90
CA ALA A 20 -9.55 -19.73 18.43
C ALA A 20 -10.47 -19.95 19.60
N LEU A 21 -11.56 -19.19 19.66
CA LEU A 21 -12.52 -19.33 20.76
C LEU A 21 -13.25 -20.66 20.63
N SER A 22 -13.28 -21.41 21.73
CA SER A 22 -14.08 -22.62 21.77
C SER A 22 -15.56 -22.25 21.96
N ALA A 23 -16.41 -23.27 21.92
CA ALA A 23 -17.83 -23.06 22.17
C ALA A 23 -18.07 -22.56 23.58
N ALA A 24 -17.36 -23.14 24.56
CA ALA A 24 -17.51 -22.70 25.95
C ALA A 24 -17.01 -21.28 26.13
N ASP A 25 -15.93 -20.91 25.44
CA ASP A 25 -15.40 -19.56 25.56
C ASP A 25 -16.31 -18.55 24.87
N ILE A 26 -16.99 -18.96 23.79
CA ILE A 26 -17.92 -18.06 23.12
C ILE A 26 -19.15 -17.83 23.99
N VAL A 27 -19.71 -18.91 24.55
CA VAL A 27 -20.92 -18.77 25.34
C VAL A 27 -20.64 -18.08 26.66
N ALA A 28 -19.49 -18.39 27.28
CA ALA A 28 -19.18 -17.83 28.61
C ALA A 28 -19.03 -16.32 28.56
N GLN A 29 -18.46 -15.80 27.48
CA GLN A 29 -18.33 -14.35 27.33
C GLN A 29 -19.60 -13.69 26.84
N SER A 30 -20.60 -14.47 26.44
CA SER A 30 -21.83 -13.90 25.91
C SER A 30 -22.68 -13.32 27.04
N GLU A 31 -23.68 -12.52 26.64
CA GLU A 31 -24.59 -11.92 27.59
C GLU A 31 -26.04 -12.24 27.22
N VAL A 32 -26.32 -12.33 25.93
CA VAL A 32 -27.67 -12.59 25.46
C VAL A 32 -27.60 -13.47 24.21
N GLU A 33 -28.57 -14.36 24.07
CA GLU A 33 -28.65 -15.24 22.91
C GLU A 33 -29.59 -14.63 21.87
N VAL A 34 -29.12 -14.55 20.63
CA VAL A 34 -29.92 -13.95 19.57
C VAL A 34 -30.86 -15.01 19.02
N SER A 35 -32.16 -14.80 19.22
CA SER A 35 -33.15 -15.78 18.82
C SER A 35 -34.36 -15.12 18.16
N THR A 36 -34.12 -14.15 17.29
CA THR A 36 -35.18 -13.59 16.45
C THR A 36 -34.55 -12.86 15.28
N ARG A 37 -35.34 -12.68 14.23
CA ARG A 37 -34.92 -11.90 13.07
C ARG A 37 -35.43 -10.46 13.11
N ASP A 38 -36.21 -10.09 14.12
CA ASP A 38 -36.82 -8.77 14.18
C ASP A 38 -35.94 -7.86 15.03
N LEU A 39 -35.51 -6.74 14.44
CA LEU A 39 -34.70 -5.78 15.18
C LEU A 39 -35.53 -4.98 16.17
N PHE A 40 -36.73 -4.58 15.77
CA PHE A 40 -37.55 -3.67 16.56
C PHE A 40 -38.95 -4.24 16.75
N ASP A 41 -39.61 -3.79 17.80
CA ASP A 41 -41.01 -4.09 18.06
C ASP A 41 -41.83 -2.82 17.83
N LEU A 42 -42.95 -2.97 17.10
CA LEU A 42 -43.73 -1.82 16.65
C LEU A 42 -44.68 -1.27 17.70
N GLU A 43 -44.77 -1.90 18.87
CA GLU A 43 -45.66 -1.44 19.93
C GLU A 43 -44.98 -0.48 20.89
N LYS A 44 -43.70 -0.17 20.69
CA LYS A 44 -42.97 0.76 21.53
C LYS A 44 -42.32 1.85 20.67
N ASP A 45 -42.72 1.94 19.40
CA ASP A 45 -42.20 2.91 18.43
C ASP A 45 -40.70 2.73 18.23
N ARG A 46 -40.35 1.56 17.69
CA ARG A 46 -39.00 1.23 17.24
C ARG A 46 -37.97 1.29 18.37
N ALA A 47 -38.19 0.44 19.36
CA ALA A 47 -37.24 0.11 20.41
C ALA A 47 -36.54 -1.20 20.07
N PRO A 48 -35.33 -1.43 20.58
CA PRO A 48 -34.64 -2.69 20.27
C PRO A 48 -35.35 -3.88 20.90
N LYS A 49 -35.72 -4.84 20.06
CA LYS A 49 -36.44 -6.03 20.53
C LYS A 49 -35.52 -6.89 21.37
N ALA A 50 -36.09 -7.48 22.42
CA ALA A 50 -35.33 -8.39 23.27
C ALA A 50 -34.92 -9.63 22.49
N ASN A 51 -33.72 -10.15 22.81
CA ASN A 51 -33.11 -11.29 22.14
C ASN A 51 -32.94 -11.07 20.64
N GLY A 52 -32.70 -9.82 20.22
CA GLY A 52 -32.49 -9.51 18.83
C GLY A 52 -31.04 -9.20 18.50
N ALA A 53 -30.79 -8.97 17.21
CA ALA A 53 -29.45 -8.58 16.78
C ALA A 53 -29.07 -7.23 17.38
N LEU A 54 -29.99 -6.28 17.39
CA LEU A 54 -29.88 -5.11 18.23
C LEU A 54 -30.54 -5.41 19.56
N ASP A 55 -29.87 -5.05 20.64
CA ASP A 55 -30.30 -5.47 21.96
C ASP A 55 -29.62 -4.57 22.97
N PRO A 56 -30.34 -4.02 23.95
CA PRO A 56 -29.66 -3.26 25.01
C PRO A 56 -28.58 -4.06 25.72
N LYS A 57 -28.83 -5.34 26.01
CA LYS A 57 -27.87 -6.15 26.77
C LYS A 57 -26.53 -6.28 26.05
N MET A 58 -26.52 -6.15 24.72
CA MET A 58 -25.26 -6.07 24.01
C MET A 58 -24.57 -4.73 24.26
N GLY A 59 -25.32 -3.65 24.16
CA GLY A 59 -24.76 -2.31 24.29
C GLY A 59 -25.77 -1.28 23.84
N VAL A 60 -25.26 -0.10 23.50
CA VAL A 60 -26.10 1.01 23.05
C VAL A 60 -25.52 1.58 21.78
N SER A 61 -26.41 2.00 20.88
CA SER A 61 -26.03 2.68 19.65
C SER A 61 -26.48 4.13 19.62
N SER A 62 -27.14 4.61 20.66
CA SER A 62 -27.63 5.98 20.74
C SER A 62 -27.28 6.55 22.10
N SER A 63 -27.22 7.89 22.16
CA SER A 63 -26.78 8.57 23.37
C SER A 63 -27.82 8.54 24.49
N SER A 64 -29.07 8.18 24.19
CA SER A 64 -30.16 8.30 25.16
C SER A 64 -30.60 6.97 25.75
N LEU A 65 -29.84 5.90 25.54
CA LEU A 65 -30.22 4.58 26.02
C LEU A 65 -29.27 4.10 27.10
N GLU A 66 -29.59 2.95 27.69
CA GLU A 66 -28.80 2.34 28.74
C GLU A 66 -28.47 0.90 28.36
N CYS A 67 -27.30 0.44 28.84
CA CYS A 67 -26.79 -0.85 28.44
C CYS A 67 -27.48 -2.02 29.13
N ALA A 68 -28.03 -1.81 30.32
CA ALA A 68 -28.68 -2.84 31.13
C ALA A 68 -27.77 -4.02 31.47
N THR A 69 -26.46 -3.88 31.27
CA THR A 69 -25.45 -4.79 31.76
C THR A 69 -24.40 -4.08 32.61
N CYS A 70 -24.00 -2.88 32.22
CA CYS A 70 -23.22 -2.00 33.06
C CYS A 70 -23.94 -0.69 33.35
N HIS A 71 -25.11 -0.48 32.74
CA HIS A 71 -25.95 0.72 32.92
C HIS A 71 -25.18 1.99 32.61
N GLY A 72 -24.35 1.94 31.57
CA GLY A 72 -23.64 3.11 31.08
C GLY A 72 -24.28 3.66 29.82
N ASN A 73 -23.76 4.80 29.39
CA ASN A 73 -24.19 5.43 28.16
C ASN A 73 -23.23 5.08 27.03
N LEU A 74 -23.41 5.75 25.89
CA LEU A 74 -22.59 5.47 24.71
C LEU A 74 -21.11 5.76 24.96
N ALA A 75 -20.81 6.82 25.70
CA ALA A 75 -19.44 7.27 25.89
C ALA A 75 -18.73 6.60 27.06
N SER A 76 -19.38 5.66 27.75
CA SER A 76 -18.74 5.04 28.90
C SER A 76 -18.94 3.52 28.94
N CYS A 77 -19.42 2.91 27.86
CA CYS A 77 -19.65 1.48 27.80
C CYS A 77 -18.70 0.86 26.79
N HIS A 78 -18.13 -0.28 27.15
CA HIS A 78 -17.16 -0.97 26.30
C HIS A 78 -17.81 -1.92 25.32
N GLY A 79 -19.12 -2.12 25.40
CA GLY A 79 -19.78 -3.10 24.57
C GLY A 79 -19.58 -4.52 25.08
N HIS A 80 -20.56 -5.36 24.80
CA HIS A 80 -20.54 -6.74 25.27
C HIS A 80 -20.97 -7.66 24.14
N PHE A 81 -20.54 -8.91 24.22
CA PHE A 81 -20.72 -9.88 23.15
C PHE A 81 -22.00 -10.67 23.35
N GLY A 82 -22.67 -10.98 22.24
CA GLY A 82 -23.74 -11.95 22.23
C GLY A 82 -23.26 -13.23 21.57
N HIS A 83 -24.09 -14.25 21.62
CA HIS A 83 -23.79 -15.51 20.95
C HIS A 83 -25.02 -16.00 20.22
N LEU A 84 -24.78 -16.79 19.17
CA LEU A 84 -25.84 -17.29 18.32
C LEU A 84 -25.53 -18.73 17.94
N LYS A 85 -26.44 -19.64 18.26
CA LYS A 85 -26.21 -21.07 18.00
C LYS A 85 -26.80 -21.43 16.65
N LEU A 86 -25.93 -21.78 15.69
CA LEU A 86 -26.39 -22.23 14.40
C LEU A 86 -27.04 -23.61 14.52
N ALA A 87 -28.07 -23.85 13.70
CA ALA A 87 -28.75 -25.14 13.73
C ALA A 87 -27.84 -26.26 13.27
N LEU A 88 -27.05 -26.01 12.23
CA LEU A 88 -26.07 -26.97 11.74
C LEU A 88 -24.71 -26.28 11.60
N PRO A 89 -23.62 -26.98 11.88
CA PRO A 89 -22.30 -26.37 11.75
C PRO A 89 -21.96 -26.08 10.30
N VAL A 90 -21.16 -25.04 10.10
CA VAL A 90 -20.69 -24.64 8.78
C VAL A 90 -19.19 -24.36 8.84
N PHE A 91 -18.57 -24.40 7.67
CA PHE A 91 -17.13 -24.15 7.59
C PHE A 91 -16.81 -22.68 7.82
N HIS A 92 -15.69 -22.44 8.48
CA HIS A 92 -15.16 -21.09 8.64
C HIS A 92 -14.35 -20.75 7.40
N ILE A 93 -14.63 -19.60 6.80
CA ILE A 93 -13.97 -19.22 5.56
C ILE A 93 -12.48 -18.94 5.81
N GLY A 94 -12.15 -18.34 6.95
CA GLY A 94 -10.76 -18.08 7.26
C GLY A 94 -9.96 -19.35 7.47
N TYR A 95 -10.52 -20.30 8.22
CA TYR A 95 -9.85 -21.56 8.51
C TYR A 95 -10.13 -22.63 7.47
N PHE A 96 -10.73 -22.27 6.33
CA PHE A 96 -11.10 -23.26 5.33
C PHE A 96 -9.87 -23.95 4.73
N LYS A 97 -8.84 -23.16 4.41
CA LYS A 97 -7.60 -23.74 3.89
C LYS A 97 -6.93 -24.61 4.95
N ALA A 98 -6.94 -24.14 6.21
CA ALA A 98 -6.40 -24.95 7.29
C ALA A 98 -7.22 -26.23 7.50
N THR A 99 -8.55 -26.13 7.32
CA THR A 99 -9.39 -27.32 7.42
C THR A 99 -9.06 -28.33 6.33
N ILE A 100 -8.83 -27.85 5.11
CA ILE A 100 -8.42 -28.74 4.02
C ILE A 100 -7.09 -29.39 4.34
N GLN A 101 -6.14 -28.60 4.86
CA GLN A 101 -4.81 -29.12 5.17
C GLN A 101 -4.88 -30.18 6.27
N ILE A 102 -5.67 -29.94 7.32
CA ILE A 102 -5.74 -30.90 8.41
C ILE A 102 -6.55 -32.12 8.00
N LEU A 103 -7.44 -31.97 7.03
CA LEU A 103 -8.10 -33.15 6.47
C LEU A 103 -7.19 -33.94 5.54
N GLN A 104 -6.14 -33.30 5.01
CA GLN A 104 -5.16 -34.01 4.20
C GLN A 104 -4.20 -34.84 5.03
N GLY A 105 -4.20 -34.69 6.34
CA GLY A 105 -3.22 -35.36 7.16
C GLY A 105 -3.76 -36.50 8.01
N ILE A 106 -5.06 -36.49 8.27
CA ILE A 106 -5.68 -37.50 9.10
C ILE A 106 -6.38 -38.51 8.21
N CYS A 107 -6.63 -39.70 8.76
CA CYS A 107 -7.37 -40.73 8.04
C CYS A 107 -8.82 -40.30 7.89
N LYS A 108 -9.35 -40.41 6.68
CA LYS A 108 -10.72 -40.01 6.41
C LYS A 108 -11.73 -41.06 6.85
N ASN A 109 -11.28 -42.12 7.49
CA ASN A 109 -12.15 -43.18 7.96
C ASN A 109 -12.14 -43.34 9.48
N CYS A 110 -10.97 -43.46 10.09
CA CYS A 110 -10.86 -43.66 11.53
C CYS A 110 -10.35 -42.44 12.28
N SER A 111 -10.03 -41.35 11.57
CA SER A 111 -9.56 -40.09 12.16
C SER A 111 -8.28 -40.29 12.97
N ALA A 112 -7.24 -40.76 12.27
CA ALA A 112 -5.91 -40.89 12.85
C ALA A 112 -4.90 -40.35 11.85
N ILE A 113 -3.74 -39.93 12.37
CA ILE A 113 -2.73 -39.31 11.53
C ILE A 113 -2.13 -40.36 10.60
N LEU A 114 -1.74 -39.93 9.39
CA LEU A 114 -1.19 -40.84 8.39
C LEU A 114 0.34 -40.77 8.43
N LEU A 115 0.89 -41.23 9.55
CA LEU A 115 2.33 -41.24 9.72
C LEU A 115 2.76 -42.52 10.43
N SER A 116 3.88 -43.06 10.00
CA SER A 116 4.47 -44.18 10.73
C SER A 116 5.04 -43.69 12.06
N GLU A 117 5.24 -44.63 12.98
CA GLU A 117 5.62 -44.26 14.34
C GLU A 117 7.00 -43.62 14.38
N THR A 118 7.98 -44.20 13.68
CA THR A 118 9.33 -43.66 13.71
C THR A 118 9.39 -42.29 13.03
N ASP A 119 8.70 -42.13 11.90
CA ASP A 119 8.67 -40.84 11.24
C ASP A 119 7.93 -39.80 12.07
N LYS A 120 6.89 -40.23 12.79
CA LYS A 120 6.19 -39.34 13.69
C LYS A 120 7.12 -38.85 14.79
N ARG A 121 7.89 -39.76 15.38
CA ARG A 121 8.84 -39.38 16.42
C ARG A 121 9.91 -38.43 15.87
N GLN A 122 10.40 -38.71 14.67
CA GLN A 122 11.43 -37.85 14.08
C GLN A 122 10.90 -36.45 13.82
N PHE A 123 9.69 -36.36 13.28
CA PHE A 123 9.11 -35.04 13.01
C PHE A 123 8.83 -34.27 14.30
N LEU A 124 8.32 -34.98 15.33
CA LEU A 124 8.08 -34.32 16.61
C LEU A 124 9.38 -33.84 17.23
N HIS A 125 10.45 -34.62 17.09
CA HIS A 125 11.75 -34.19 17.60
C HIS A 125 12.28 -32.99 16.82
N GLU A 126 12.00 -32.93 15.52
CA GLU A 126 12.46 -31.81 14.73
C GLU A 126 11.66 -30.55 14.97
N LEU A 127 10.40 -30.66 15.41
CA LEU A 127 9.64 -29.46 15.77
C LEU A 127 10.07 -28.86 17.10
N ARG A 128 10.46 -29.68 18.06
CA ARG A 128 10.72 -29.21 19.43
C ARG A 128 12.17 -28.83 19.66
N ARG A 129 12.90 -28.46 18.61
CA ARG A 129 14.24 -27.96 18.80
C ARG A 129 14.19 -26.59 19.47
N PRO A 130 15.18 -26.27 20.32
CA PRO A 130 15.09 -25.05 21.14
C PRO A 130 15.34 -23.75 20.38
N GLY A 131 15.44 -23.78 19.06
CA GLY A 131 15.62 -22.56 18.30
C GLY A 131 14.78 -22.50 17.05
N VAL A 132 13.62 -23.15 17.09
CA VAL A 132 12.78 -23.24 15.90
C VAL A 132 12.14 -21.88 15.61
N ASP A 133 12.25 -21.43 14.38
CA ASP A 133 11.65 -20.19 13.93
C ASP A 133 10.31 -20.48 13.26
N ASN A 134 9.62 -19.41 12.86
CA ASN A 134 8.36 -19.59 12.12
C ASN A 134 8.60 -20.26 10.78
N LEU A 135 9.66 -19.86 10.07
CA LEU A 135 9.93 -20.40 8.74
C LEU A 135 10.25 -21.90 8.81
N ARG A 136 11.11 -22.29 9.75
CA ARG A 136 11.47 -23.70 9.88
C ARG A 136 10.26 -24.54 10.31
N ARG A 137 9.44 -23.99 11.21
CA ARG A 137 8.24 -24.69 11.64
C ARG A 137 7.27 -24.90 10.47
N MET A 138 7.09 -23.86 9.65
CA MET A 138 6.19 -24.00 8.50
C MET A 138 6.74 -25.00 7.49
N GLY A 139 8.07 -24.99 7.29
CA GLY A 139 8.67 -25.97 6.39
C GLY A 139 8.49 -27.40 6.88
N ILE A 140 8.68 -27.62 8.18
CA ILE A 140 8.55 -28.96 8.73
C ILE A 140 7.09 -29.41 8.66
N LEU A 141 6.15 -28.49 8.92
CA LEU A 141 4.74 -28.84 8.79
C LEU A 141 4.38 -29.18 7.35
N LYS A 142 4.93 -28.44 6.38
CA LYS A 142 4.68 -28.75 4.99
C LYS A 142 5.25 -30.11 4.61
N LYS A 143 6.43 -30.46 5.13
CA LYS A 143 6.99 -31.77 4.90
C LYS A 143 6.13 -32.87 5.52
N ILE A 144 5.56 -32.59 6.71
CA ILE A 144 4.68 -33.55 7.36
C ILE A 144 3.44 -33.80 6.51
N LEU A 145 2.84 -32.72 5.98
CA LEU A 145 1.68 -32.88 5.12
C LEU A 145 2.03 -33.60 3.82
N ASP A 146 3.24 -33.36 3.29
CA ASP A 146 3.66 -34.10 2.10
C ASP A 146 3.77 -35.58 2.38
N GLN A 147 4.37 -35.95 3.52
CA GLN A 147 4.46 -37.36 3.90
C GLN A 147 3.08 -37.96 4.13
N CYS A 148 2.17 -37.18 4.70
CA CYS A 148 0.81 -37.68 4.93
C CYS A 148 0.08 -37.91 3.62
N LYS A 149 0.27 -37.02 2.64
CA LYS A 149 -0.32 -37.22 1.32
C LYS A 149 0.27 -38.44 0.63
N LYS A 150 1.57 -38.69 0.84
CA LYS A 150 2.21 -39.84 0.21
C LYS A 150 1.75 -41.18 0.80
N GLN A 151 1.07 -41.18 1.94
CA GLN A 151 0.54 -42.42 2.49
C GLN A 151 -0.67 -42.87 1.68
N ARG A 152 -0.81 -44.19 1.54
CA ARG A 152 -1.89 -44.77 0.76
C ARG A 152 -2.96 -45.44 1.61
N ARG A 153 -2.56 -46.17 2.65
CA ARG A 153 -3.49 -46.88 3.51
C ARG A 153 -3.21 -46.51 4.95
N CYS A 154 -4.27 -46.37 5.75
CA CYS A 154 -4.10 -46.01 7.15
C CYS A 154 -3.43 -47.13 7.92
N LEU A 155 -2.59 -46.76 8.88
CA LEU A 155 -1.87 -47.74 9.67
C LEU A 155 -2.70 -48.34 10.80
N HIS A 156 -3.88 -47.78 11.08
CA HIS A 156 -4.76 -48.32 12.11
C HIS A 156 -5.95 -49.08 11.54
N CYS A 157 -6.25 -48.90 10.26
CA CYS A 157 -7.37 -49.58 9.64
C CYS A 157 -7.07 -49.74 8.16
N GLY A 158 -7.49 -50.87 7.59
CA GLY A 158 -7.29 -51.09 6.17
C GLY A 158 -8.25 -50.29 5.32
N ALA A 159 -8.09 -48.96 5.33
CA ALA A 159 -8.96 -48.05 4.62
C ALA A 159 -8.14 -47.30 3.58
N LEU A 160 -8.58 -47.34 2.33
CA LEU A 160 -7.91 -46.60 1.27
C LEU A 160 -8.15 -45.11 1.46
N ASN A 161 -7.08 -44.33 1.36
CA ASN A 161 -7.16 -42.88 1.51
C ASN A 161 -6.72 -42.22 0.21
N GLY A 162 -7.61 -41.42 -0.37
CA GLY A 162 -7.36 -40.80 -1.64
C GLY A 162 -6.75 -39.41 -1.53
N VAL A 163 -7.39 -38.43 -2.17
CA VAL A 163 -6.91 -37.06 -2.16
C VAL A 163 -8.06 -36.15 -1.75
N VAL A 164 -7.77 -35.16 -0.90
CA VAL A 164 -8.76 -34.23 -0.38
C VAL A 164 -8.51 -32.87 -0.98
N LYS A 165 -9.55 -32.26 -1.55
CA LYS A 165 -9.36 -31.02 -2.28
C LYS A 165 -10.67 -30.24 -2.33
N LYS A 166 -10.60 -29.06 -2.95
CA LYS A 166 -11.75 -28.22 -3.18
C LYS A 166 -12.66 -28.82 -4.26
N ALA A 167 -13.86 -28.27 -4.37
CA ALA A 167 -14.82 -28.78 -5.36
C ALA A 167 -14.54 -28.19 -6.74
N ALA A 168 -14.64 -26.86 -6.87
CA ALA A 168 -14.50 -26.23 -8.17
C ALA A 168 -13.63 -24.98 -8.18
N ALA A 169 -13.31 -24.40 -7.02
CA ALA A 169 -12.46 -23.20 -6.91
C ALA A 169 -13.02 -22.03 -7.72
N GLY A 170 -14.31 -21.76 -7.55
CA GLY A 170 -14.94 -20.63 -8.19
C GLY A 170 -15.41 -19.59 -7.19
N ALA A 171 -16.22 -18.64 -7.65
CA ALA A 171 -16.77 -17.64 -6.75
C ALA A 171 -18.07 -18.07 -6.09
N GLY A 172 -18.65 -19.19 -6.52
CA GLY A 172 -19.93 -19.64 -6.02
C GLY A 172 -19.81 -20.47 -4.77
N SER A 173 -20.89 -21.19 -4.45
CA SER A 173 -20.93 -22.03 -3.26
C SER A 173 -19.97 -23.21 -3.35
N ALA A 174 -19.56 -23.60 -4.56
CA ALA A 174 -18.62 -24.69 -4.73
C ALA A 174 -17.25 -24.38 -4.13
N ALA A 175 -16.97 -23.10 -3.87
CA ALA A 175 -15.75 -22.74 -3.16
C ALA A 175 -15.75 -23.23 -1.72
N LEU A 176 -16.91 -23.55 -1.16
CA LEU A 176 -17.03 -24.01 0.22
C LEU A 176 -17.52 -25.45 0.27
N LYS A 177 -17.02 -26.29 -0.62
CA LYS A 177 -17.28 -27.72 -0.59
C LYS A 177 -15.95 -28.46 -0.67
N ILE A 178 -15.84 -29.53 0.12
CA ILE A 178 -14.62 -30.33 0.18
C ILE A 178 -14.94 -31.73 -0.32
N ILE A 179 -14.13 -32.22 -1.25
CA ILE A 179 -14.32 -33.56 -1.80
C ILE A 179 -13.09 -34.39 -1.47
N HIS A 180 -13.31 -35.71 -1.39
CA HIS A 180 -12.27 -36.68 -1.09
C HIS A 180 -12.42 -37.79 -2.12
N ASP A 181 -11.50 -37.83 -3.08
CA ASP A 181 -11.47 -38.89 -4.07
C ASP A 181 -10.77 -40.10 -3.46
N THR A 182 -11.54 -41.13 -3.11
CA THR A 182 -10.98 -42.31 -2.47
C THR A 182 -10.13 -43.11 -3.43
N PHE A 183 -10.56 -43.25 -4.68
CA PHE A 183 -9.95 -44.16 -5.63
C PHE A 183 -9.07 -43.45 -6.65
N ARG A 184 -8.34 -42.42 -6.24
CA ARG A 184 -7.39 -41.79 -7.15
C ARG A 184 -6.15 -42.63 -7.31
N TRP A 185 -5.47 -42.92 -6.21
CA TRP A 185 -4.27 -43.76 -6.24
C TRP A 185 -4.60 -45.23 -6.00
N VAL A 186 -5.55 -45.77 -6.77
CA VAL A 186 -5.97 -47.16 -6.61
C VAL A 186 -5.36 -48.05 -7.69
N GLY A 187 -5.12 -47.50 -8.88
CA GLY A 187 -4.57 -48.30 -9.96
C GLY A 187 -5.49 -49.46 -10.33
N LYS A 188 -4.91 -50.64 -10.45
CA LYS A 188 -5.66 -51.86 -10.75
C LYS A 188 -5.53 -52.90 -9.63
N LYS A 189 -5.14 -52.47 -8.43
CA LYS A 189 -4.89 -53.41 -7.36
C LYS A 189 -6.16 -54.03 -6.78
N SER A 190 -7.32 -53.48 -7.13
CA SER A 190 -8.63 -54.00 -6.73
C SER A 190 -8.76 -54.06 -5.20
N ALA A 191 -8.76 -52.87 -4.60
CA ALA A 191 -8.98 -52.76 -3.17
C ALA A 191 -10.41 -53.17 -2.82
N PRO A 192 -10.63 -53.69 -1.62
CA PRO A 192 -12.01 -54.03 -1.22
C PRO A 192 -12.95 -52.85 -1.19
N GLU A 193 -12.41 -51.64 -0.95
CA GLU A 193 -13.25 -50.45 -1.00
C GLU A 193 -13.82 -50.23 -2.39
N LYS A 194 -13.03 -50.53 -3.43
CA LYS A 194 -13.54 -50.46 -4.79
C LYS A 194 -14.67 -51.47 -5.02
N ASP A 195 -14.53 -52.66 -4.45
CA ASP A 195 -15.58 -53.67 -4.56
C ASP A 195 -16.86 -53.21 -3.89
N ILE A 196 -16.73 -52.62 -2.69
CA ILE A 196 -17.91 -52.10 -1.99
C ILE A 196 -18.55 -50.97 -2.79
N TRP A 197 -17.73 -50.08 -3.33
CA TRP A 197 -18.23 -48.95 -4.10
C TRP A 197 -18.99 -49.41 -5.34
N VAL A 198 -18.42 -50.37 -6.07
CA VAL A 198 -19.09 -50.84 -7.28
C VAL A 198 -20.34 -51.64 -6.94
N GLY A 199 -20.34 -52.32 -5.80
CA GLY A 199 -21.56 -53.01 -5.37
C GLY A 199 -22.69 -52.05 -5.06
N GLU A 200 -22.40 -50.99 -4.29
CA GLU A 200 -23.42 -50.00 -3.99
C GLU A 200 -23.91 -49.30 -5.26
N TRP A 201 -22.98 -48.99 -6.18
CA TRP A 201 -23.41 -48.28 -7.38
C TRP A 201 -24.18 -49.17 -8.35
N LYS A 202 -23.85 -50.46 -8.42
CA LYS A 202 -24.69 -51.39 -9.18
C LYS A 202 -26.07 -51.49 -8.55
N GLU A 203 -26.14 -51.50 -7.22
CA GLU A 203 -27.44 -51.56 -6.55
C GLU A 203 -28.27 -50.31 -6.83
N VAL A 204 -27.64 -49.13 -6.86
CA VAL A 204 -28.43 -47.92 -7.03
C VAL A 204 -28.78 -47.69 -8.49
N LEU A 205 -27.95 -48.18 -9.42
CA LEU A 205 -28.34 -48.15 -10.82
C LEU A 205 -29.29 -49.29 -11.20
N ALA A 206 -29.52 -50.24 -10.29
CA ALA A 206 -30.57 -51.22 -10.52
C ALA A 206 -31.96 -50.59 -10.54
N HIS A 207 -32.12 -49.40 -9.97
CA HIS A 207 -33.40 -48.72 -9.92
C HIS A 207 -33.47 -47.50 -10.84
N ASN A 208 -32.40 -46.71 -10.91
CA ASN A 208 -32.37 -45.49 -11.72
C ASN A 208 -31.17 -45.56 -12.65
N PRO A 209 -31.30 -46.23 -13.79
CA PRO A 209 -30.14 -46.38 -14.68
C PRO A 209 -29.95 -45.19 -15.60
N GLU A 210 -30.01 -43.98 -15.04
CA GLU A 210 -29.65 -42.77 -15.75
C GLU A 210 -28.50 -42.01 -15.11
N LEU A 211 -28.02 -42.47 -13.96
CA LEU A 211 -26.94 -41.82 -13.23
C LEU A 211 -25.58 -42.42 -13.53
N GLU A 212 -25.48 -43.26 -14.57
CA GLU A 212 -24.19 -43.86 -14.91
C GLU A 212 -23.20 -42.79 -15.38
N ARG A 213 -23.69 -41.78 -16.10
CA ARG A 213 -22.82 -40.69 -16.54
C ARG A 213 -22.31 -39.85 -15.38
N TYR A 214 -22.98 -39.92 -14.23
CA TYR A 214 -22.58 -39.16 -13.05
C TYR A 214 -21.82 -40.00 -12.03
N VAL A 215 -21.50 -41.25 -12.35
CA VAL A 215 -20.78 -42.11 -11.42
C VAL A 215 -19.34 -41.64 -11.25
N LYS A 216 -18.69 -41.27 -12.35
CA LYS A 216 -17.30 -40.84 -12.30
C LYS A 216 -17.13 -39.55 -11.51
N ARG A 217 -18.13 -38.67 -11.51
CA ARG A 217 -18.04 -37.40 -10.82
C ARG A 217 -18.38 -37.50 -9.34
N CYS A 218 -18.76 -38.68 -8.86
CA CYS A 218 -19.12 -38.85 -7.47
C CYS A 218 -17.88 -39.20 -6.65
N MET A 219 -17.55 -38.35 -5.69
CA MET A 219 -16.49 -38.61 -4.73
C MET A 219 -17.07 -38.47 -3.33
N ASP A 220 -16.27 -38.82 -2.33
CA ASP A 220 -16.73 -38.74 -0.95
C ASP A 220 -16.81 -37.28 -0.54
N ASP A 221 -18.02 -36.73 -0.52
CA ASP A 221 -18.21 -35.36 -0.09
C ASP A 221 -18.03 -35.26 1.42
N LEU A 222 -17.44 -34.15 1.86
CA LEU A 222 -17.21 -33.91 3.29
C LEU A 222 -18.03 -32.69 3.69
N ASN A 223 -19.29 -32.93 4.06
CA ASN A 223 -20.13 -31.89 4.58
C ASN A 223 -19.62 -31.43 5.94
N PRO A 224 -19.96 -30.21 6.36
CA PRO A 224 -19.42 -29.70 7.65
C PRO A 224 -19.77 -30.56 8.85
N LEU A 225 -20.94 -31.21 8.85
CA LEU A 225 -21.28 -32.07 9.97
C LEU A 225 -20.36 -33.30 10.05
N LYS A 226 -20.10 -33.93 8.90
CA LYS A 226 -19.18 -35.07 8.87
C LYS A 226 -17.77 -34.63 9.25
N THR A 227 -17.34 -33.46 8.79
CA THR A 227 -16.02 -32.96 9.13
C THR A 227 -15.91 -32.70 10.63
N LEU A 228 -16.95 -32.12 11.23
CA LEU A 228 -16.94 -31.88 12.67
C LEU A 228 -16.89 -33.18 13.44
N ASN A 229 -17.70 -34.17 13.02
CA ASN A 229 -17.71 -35.45 13.74
C ASN A 229 -16.41 -36.22 13.53
N LEU A 230 -15.72 -35.97 12.41
CA LEU A 230 -14.43 -36.60 12.19
C LEU A 230 -13.34 -35.93 13.02
N PHE A 231 -13.42 -34.60 13.18
CA PHE A 231 -12.45 -33.90 14.01
C PHE A 231 -12.63 -34.24 15.47
N LYS A 232 -13.88 -34.48 15.89
CA LYS A 232 -14.14 -34.72 17.31
C LYS A 232 -13.48 -35.99 17.81
N GLN A 233 -13.30 -36.99 16.95
CA GLN A 233 -12.66 -38.23 17.34
C GLN A 233 -11.22 -38.33 16.85
N ILE A 234 -10.52 -37.20 16.78
CA ILE A 234 -9.11 -37.19 16.47
C ILE A 234 -8.33 -37.45 17.76
N LYS A 235 -7.13 -37.98 17.63
CA LYS A 235 -6.30 -38.21 18.81
C LYS A 235 -5.63 -36.90 19.23
N SER A 236 -5.58 -36.68 20.54
CA SER A 236 -4.99 -35.44 21.05
C SER A 236 -3.49 -35.42 20.80
N ALA A 237 -2.84 -36.58 20.85
CA ALA A 237 -1.40 -36.65 20.61
C ALA A 237 -1.03 -36.35 19.16
N ASP A 238 -2.01 -36.38 18.25
CA ASP A 238 -1.77 -36.12 16.84
C ASP A 238 -1.93 -34.64 16.48
N CYS A 239 -2.37 -33.81 17.42
CA CYS A 239 -2.63 -32.42 17.09
C CYS A 239 -1.35 -31.62 16.88
N GLU A 240 -0.25 -32.05 17.52
CA GLU A 240 1.00 -31.30 17.41
C GLU A 240 1.57 -31.37 16.00
N LEU A 241 1.44 -32.53 15.35
CA LEU A 241 1.97 -32.67 13.99
C LEU A 241 1.20 -31.84 12.99
N LEU A 242 -0.02 -31.44 13.33
CA LEU A 242 -0.82 -30.58 12.48
C LEU A 242 -0.66 -29.11 12.81
N GLY A 243 0.24 -28.78 13.74
CA GLY A 243 0.53 -27.40 14.06
C GLY A 243 -0.36 -26.77 15.09
N ILE A 244 -1.05 -27.56 15.91
CA ILE A 244 -1.96 -27.04 16.92
C ILE A 244 -1.48 -27.52 18.29
N ASP A 245 -1.41 -26.60 19.25
CA ASP A 245 -1.04 -26.93 20.62
C ASP A 245 -2.28 -27.39 21.36
N ALA A 246 -2.26 -28.63 21.86
CA ALA A 246 -3.43 -29.22 22.49
C ALA A 246 -3.40 -29.13 24.01
N THR A 247 -2.43 -28.44 24.59
CA THR A 247 -2.38 -28.30 26.05
C THR A 247 -3.57 -27.48 26.56
N VAL A 248 -3.90 -26.40 25.87
CA VAL A 248 -5.07 -25.58 26.21
C VAL A 248 -6.32 -26.37 25.87
N PRO A 249 -7.43 -26.16 26.59
CA PRO A 249 -8.67 -26.89 26.25
C PRO A 249 -9.24 -26.53 24.88
N SER A 250 -8.86 -25.39 24.31
CA SER A 250 -9.36 -24.96 23.01
C SER A 250 -8.42 -25.33 21.87
N GLY A 251 -7.52 -26.29 22.10
CA GLY A 251 -6.57 -26.72 21.10
C GLY A 251 -7.06 -27.82 20.18
N ARG A 252 -8.32 -28.18 20.25
CA ARG A 252 -8.83 -29.19 19.35
C ARG A 252 -9.12 -28.59 17.97
N PRO A 253 -9.06 -29.39 16.91
CA PRO A 253 -9.47 -28.87 15.59
C PRO A 253 -10.94 -28.51 15.50
N GLU A 254 -11.77 -29.05 16.40
CA GLU A 254 -13.21 -28.78 16.36
C GLU A 254 -13.53 -27.31 16.55
N THR A 255 -12.60 -26.54 17.14
CA THR A 255 -12.83 -25.12 17.32
C THR A 255 -12.79 -24.34 16.01
N TYR A 256 -12.20 -24.92 14.96
CA TYR A 256 -12.07 -24.23 13.68
C TYR A 256 -13.25 -24.48 12.75
N ILE A 257 -14.40 -24.86 13.29
CA ILE A 257 -15.63 -25.03 12.54
C ILE A 257 -16.73 -24.27 13.28
N TRP A 258 -17.49 -23.46 12.56
CA TRP A 258 -18.53 -22.63 13.15
C TRP A 258 -19.61 -23.47 13.82
N ARG A 259 -19.65 -23.46 15.14
CA ARG A 259 -20.78 -24.00 15.88
C ARG A 259 -21.54 -22.93 16.63
N TYR A 260 -20.84 -21.95 17.19
CA TYR A 260 -21.45 -20.78 17.82
C TYR A 260 -20.86 -19.55 17.16
N LEU A 261 -21.72 -18.68 16.63
CA LEU A 261 -21.27 -17.45 16.01
C LEU A 261 -21.38 -16.33 17.02
N PRO A 262 -20.28 -15.67 17.40
CA PRO A 262 -20.37 -14.57 18.36
C PRO A 262 -20.93 -13.32 17.69
N ALA A 263 -22.05 -12.83 18.21
CA ALA A 263 -22.63 -11.58 17.75
C ALA A 263 -21.82 -10.43 18.33
N PRO A 264 -21.31 -9.52 17.50
CA PRO A 264 -20.44 -8.46 18.00
C PRO A 264 -21.22 -7.46 18.82
N PRO A 265 -20.54 -6.70 19.68
CA PRO A 265 -21.22 -5.61 20.38
C PRO A 265 -21.67 -4.54 19.40
N VAL A 266 -22.78 -3.88 19.73
CA VAL A 266 -23.31 -2.85 18.85
C VAL A 266 -22.45 -1.60 18.83
N CYS A 267 -21.46 -1.51 19.72
CA CYS A 267 -20.52 -0.39 19.67
C CYS A 267 -19.70 -0.41 18.39
N ILE A 268 -19.26 -1.61 17.96
CA ILE A 268 -18.44 -1.71 16.75
C ILE A 268 -19.28 -1.81 15.50
N ARG A 269 -20.60 -1.96 15.61
CA ARG A 269 -21.50 -1.90 14.47
C ARG A 269 -22.64 -0.93 14.77
N PRO A 270 -22.33 0.37 14.86
CA PRO A 270 -23.36 1.32 15.31
C PRO A 270 -24.37 1.59 14.21
N SER A 271 -25.65 1.55 14.58
CA SER A 271 -26.69 1.95 13.66
C SER A 271 -26.56 3.44 13.37
N VAL A 272 -26.73 3.81 12.10
CA VAL A 272 -26.64 5.21 11.72
C VAL A 272 -27.74 6.00 12.41
N MET A 273 -27.36 7.12 13.02
CA MET A 273 -28.28 7.93 13.81
C MET A 273 -29.43 8.45 12.97
N MET A 274 -29.12 9.29 11.98
CA MET A 274 -30.13 9.82 11.09
C MET A 274 -29.50 10.04 9.71
N GLN A 275 -30.30 9.81 8.67
CA GLN A 275 -29.90 10.11 7.29
C GLN A 275 -31.05 10.87 6.64
N ASP A 276 -31.08 12.19 6.88
CA ASP A 276 -32.10 13.10 6.33
C ASP A 276 -33.52 12.66 6.68
N SER A 277 -33.68 11.89 7.76
CA SER A 277 -34.96 11.33 8.16
C SER A 277 -34.84 10.74 9.57
N PRO A 278 -35.92 10.68 10.34
CA PRO A 278 -35.82 10.08 11.69
C PRO A 278 -35.50 8.60 11.68
N ALA A 279 -35.72 7.92 10.56
CA ALA A 279 -35.44 6.49 10.49
C ALA A 279 -33.93 6.23 10.58
N SER A 280 -33.58 5.09 11.15
CA SER A 280 -32.19 4.71 11.38
C SER A 280 -31.81 3.56 10.45
N ASN A 281 -30.71 3.74 9.72
CA ASN A 281 -30.18 2.67 8.89
C ASN A 281 -29.24 1.79 9.71
N GLU A 282 -29.12 0.53 9.30
CA GLU A 282 -28.34 -0.45 10.04
C GLU A 282 -27.07 -0.80 9.27
N ASP A 283 -26.03 -1.14 10.03
CA ASP A 283 -24.79 -1.62 9.43
C ASP A 283 -25.01 -2.98 8.79
N ASP A 284 -24.19 -3.29 7.79
CA ASP A 284 -24.35 -4.53 7.03
C ASP A 284 -24.16 -5.76 7.92
N LEU A 285 -23.36 -5.65 8.97
CA LEU A 285 -23.15 -6.77 9.87
C LEU A 285 -24.43 -7.14 10.61
N THR A 286 -25.22 -6.15 11.01
CA THR A 286 -26.48 -6.44 11.71
C THR A 286 -27.49 -7.10 10.77
N VAL A 287 -27.57 -6.63 9.53
CA VAL A 287 -28.46 -7.24 8.54
C VAL A 287 -28.04 -8.68 8.27
N LYS A 288 -26.73 -8.91 8.12
CA LYS A 288 -26.24 -10.27 7.92
C LYS A 288 -26.49 -11.15 9.14
N LEU A 289 -26.41 -10.58 10.34
CA LEU A 289 -26.71 -11.33 11.55
C LEU A 289 -28.17 -11.77 11.58
N THR A 290 -29.07 -10.86 11.21
CA THR A 290 -30.49 -11.22 11.13
C THR A 290 -30.73 -12.28 10.08
N GLU A 291 -30.04 -12.18 8.93
CA GLU A 291 -30.18 -13.19 7.89
C GLU A 291 -29.70 -14.56 8.38
N ILE A 292 -28.58 -14.59 9.10
CA ILE A 292 -28.05 -15.84 9.63
C ILE A 292 -29.01 -16.45 10.64
N VAL A 293 -29.60 -15.61 11.50
CA VAL A 293 -30.57 -16.09 12.48
C VAL A 293 -31.79 -16.68 11.77
N TRP A 294 -32.29 -15.99 10.74
CA TRP A 294 -33.43 -16.49 10.00
C TRP A 294 -33.13 -17.82 9.33
N THR A 295 -31.96 -17.92 8.71
CA THR A 295 -31.61 -19.16 8.01
C THR A 295 -31.43 -20.32 8.99
N SER A 296 -30.82 -20.05 10.15
CA SER A 296 -30.65 -21.10 11.15
C SER A 296 -32.01 -21.57 11.69
N SER A 297 -32.91 -20.62 11.95
CA SER A 297 -34.25 -21.00 12.39
C SER A 297 -34.99 -21.80 11.34
N LEU A 298 -34.85 -21.41 10.07
CA LEU A 298 -35.49 -22.12 8.99
C LEU A 298 -34.94 -23.54 8.86
N ILE A 299 -33.63 -23.69 9.01
CA ILE A 299 -33.01 -25.02 8.94
C ILE A 299 -33.49 -25.89 10.10
N LYS A 300 -33.58 -25.33 11.30
CA LYS A 300 -34.06 -26.10 12.44
C LYS A 300 -35.51 -26.52 12.25
N ALA A 301 -36.35 -25.61 11.75
CA ALA A 301 -37.74 -25.94 11.49
C ALA A 301 -37.86 -27.03 10.43
N GLY A 302 -37.05 -26.96 9.38
CA GLY A 302 -37.05 -28.01 8.38
C GLY A 302 -36.56 -29.33 8.91
N LEU A 303 -35.61 -29.31 9.84
CA LEU A 303 -35.10 -30.55 10.41
C LEU A 303 -36.14 -31.23 11.28
N ASP A 304 -36.79 -30.47 12.17
CA ASP A 304 -37.70 -31.09 13.11
C ASP A 304 -39.13 -31.19 12.58
N LYS A 305 -39.41 -30.68 11.38
CA LYS A 305 -40.70 -30.88 10.75
C LYS A 305 -40.68 -31.89 9.62
N GLY A 306 -39.65 -31.86 8.77
CA GLY A 306 -39.49 -32.83 7.72
C GLY A 306 -39.67 -32.24 6.33
N ILE A 307 -38.56 -31.91 5.68
CA ILE A 307 -38.55 -31.26 4.37
C ILE A 307 -37.61 -32.06 3.47
N SER A 308 -37.81 -31.93 2.16
CA SER A 308 -36.98 -32.62 1.18
C SER A 308 -35.52 -32.27 1.36
N ILE A 309 -34.66 -33.27 1.19
CA ILE A 309 -33.25 -33.13 1.51
C ILE A 309 -32.58 -32.14 0.57
N ASN A 310 -33.11 -31.99 -0.65
CA ASN A 310 -32.58 -30.98 -1.58
C ASN A 310 -32.72 -29.58 -0.99
N ASN A 311 -33.90 -29.28 -0.44
CA ASN A 311 -34.12 -27.97 0.17
C ASN A 311 -33.29 -27.78 1.43
N MET A 312 -33.14 -28.85 2.22
CA MET A 312 -32.34 -28.75 3.44
C MET A 312 -30.88 -28.48 3.11
N MET A 313 -30.33 -29.18 2.13
CA MET A 313 -28.95 -28.94 1.74
C MET A 313 -28.78 -27.58 1.07
N GLU A 314 -29.79 -27.13 0.31
CA GLU A 314 -29.74 -25.81 -0.29
C GLU A 314 -29.69 -24.72 0.77
N HIS A 315 -30.50 -24.87 1.82
CA HIS A 315 -30.51 -23.87 2.88
C HIS A 315 -29.26 -23.96 3.74
N TRP A 316 -28.69 -25.17 3.88
CA TRP A 316 -27.39 -25.31 4.55
C TRP A 316 -26.31 -24.55 3.78
N ASP A 317 -26.29 -24.70 2.45
CA ASP A 317 -25.32 -23.99 1.64
C ASP A 317 -25.55 -22.48 1.69
N TYR A 318 -26.82 -22.05 1.74
CA TYR A 318 -27.10 -20.63 1.83
C TYR A 318 -26.64 -20.07 3.18
N LEU A 319 -26.82 -20.83 4.25
CA LEU A 319 -26.32 -20.40 5.56
C LEU A 319 -24.81 -20.29 5.55
N GLN A 320 -24.14 -21.27 4.93
CA GLN A 320 -22.68 -21.23 4.85
C GLN A 320 -22.20 -20.02 4.05
N LEU A 321 -22.86 -19.74 2.93
CA LEU A 321 -22.51 -18.57 2.13
C LEU A 321 -22.76 -17.28 2.88
N THR A 322 -23.86 -17.21 3.64
CA THR A 322 -24.16 -16.01 4.40
C THR A 322 -23.12 -15.75 5.48
N VAL A 323 -22.71 -16.80 6.19
CA VAL A 323 -21.68 -16.64 7.22
C VAL A 323 -20.35 -16.24 6.58
N ALA A 324 -20.01 -16.87 5.44
CA ALA A 324 -18.76 -16.55 4.77
C ALA A 324 -18.72 -15.11 4.29
N MET A 325 -19.84 -14.61 3.75
CA MET A 325 -19.88 -13.22 3.32
C MET A 325 -19.93 -12.28 4.52
N TYR A 326 -20.50 -12.74 5.64
CA TYR A 326 -20.47 -11.95 6.86
C TYR A 326 -19.04 -11.79 7.38
N ILE A 327 -18.18 -12.77 7.13
CA ILE A 327 -16.78 -12.63 7.53
C ILE A 327 -16.00 -11.91 6.43
N ASN A 328 -15.97 -12.46 5.23
CA ASN A 328 -15.23 -11.89 4.11
C ASN A 328 -16.18 -11.67 2.94
N SER A 329 -16.30 -10.42 2.48
CA SER A 329 -17.32 -10.09 1.50
C SER A 329 -16.94 -10.58 0.10
N ASP A 330 -15.68 -10.42 -0.28
CA ASP A 330 -15.28 -10.73 -1.66
C ASP A 330 -14.95 -12.21 -1.86
N SER A 331 -15.13 -13.04 -0.83
CA SER A 331 -14.87 -14.46 -0.99
C SER A 331 -15.91 -15.14 -1.86
N VAL A 332 -17.15 -14.63 -1.86
CA VAL A 332 -18.25 -15.25 -2.60
C VAL A 332 -18.99 -14.19 -3.39
N ASN A 333 -19.64 -14.65 -4.46
CA ASN A 333 -20.43 -13.76 -5.30
C ASN A 333 -21.77 -13.47 -4.63
N PRO A 334 -22.12 -12.20 -4.43
CA PRO A 334 -23.42 -11.89 -3.79
C PRO A 334 -24.63 -12.37 -4.57
N ALA A 335 -24.50 -12.57 -5.89
CA ALA A 335 -25.61 -13.04 -6.69
C ALA A 335 -26.02 -14.48 -6.36
N MET A 336 -25.14 -15.24 -5.71
CA MET A 336 -25.45 -16.63 -5.41
C MET A 336 -26.51 -16.75 -4.32
N LEU A 337 -26.67 -15.72 -3.49
CA LEU A 337 -27.76 -15.72 -2.53
C LEU A 337 -29.10 -15.51 -3.24
N PRO A 338 -30.19 -16.07 -2.71
CA PRO A 338 -31.51 -15.80 -3.30
C PRO A 338 -31.93 -14.35 -3.19
N GLY A 339 -31.47 -13.63 -2.17
CA GLY A 339 -31.92 -12.25 -1.98
C GLY A 339 -31.46 -11.32 -3.08
N SER A 340 -30.20 -11.44 -3.48
CA SER A 340 -29.64 -10.56 -4.51
C SER A 340 -29.62 -11.26 -5.87
N VAL A 347 -24.89 -4.43 -8.18
CA VAL A 347 -25.11 -4.71 -6.77
C VAL A 347 -23.89 -4.31 -5.95
N LYS A 348 -24.12 -3.52 -4.91
CA LYS A 348 -23.02 -3.06 -4.07
C LYS A 348 -22.58 -4.18 -3.13
N PRO A 349 -21.30 -4.55 -3.11
CA PRO A 349 -20.83 -5.52 -2.13
C PRO A 349 -20.92 -4.96 -0.71
N ILE A 350 -21.22 -5.85 0.24
CA ILE A 350 -21.36 -5.45 1.63
C ILE A 350 -19.97 -5.29 2.24
N ARG A 351 -19.91 -4.71 3.43
CA ARG A 351 -18.65 -4.53 4.15
C ARG A 351 -18.54 -5.56 5.26
N GLY A 352 -17.59 -6.48 5.13
CA GLY A 352 -17.35 -7.49 6.13
C GLY A 352 -16.21 -7.12 7.07
N PHE A 353 -15.95 -8.03 8.01
CA PHE A 353 -14.86 -7.82 8.96
C PHE A 353 -13.50 -7.80 8.27
N CYS A 354 -13.30 -8.71 7.31
CA CYS A 354 -12.06 -8.71 6.54
C CYS A 354 -11.94 -7.43 5.72
N GLN A 355 -13.06 -6.89 5.24
CA GLN A 355 -13.03 -5.61 4.56
C GLN A 355 -12.73 -4.47 5.52
N ARG A 356 -13.18 -4.60 6.77
CA ARG A 356 -12.91 -3.56 7.76
C ARG A 356 -11.48 -3.60 8.28
N LEU A 357 -10.78 -4.72 8.12
CA LEU A 357 -9.42 -4.85 8.61
C LEU A 357 -8.36 -4.70 7.51
N LYS A 358 -8.75 -4.71 6.24
CA LYS A 358 -7.79 -4.65 5.15
C LYS A 358 -7.88 -3.31 4.42
N GLY A 359 -6.84 -3.02 3.65
CA GLY A 359 -6.84 -1.86 2.77
C GLY A 359 -6.24 -0.62 3.42
N LYS A 360 -6.14 0.43 2.61
CA LYS A 360 -5.60 1.70 3.09
C LYS A 360 -6.53 2.38 4.08
N GLN A 361 -7.81 2.00 4.11
CA GLN A 361 -8.77 2.56 5.06
C GLN A 361 -9.16 1.56 6.14
N GLY A 362 -8.46 0.42 6.22
CA GLY A 362 -8.74 -0.54 7.27
C GLY A 362 -8.20 -0.10 8.61
N ARG A 363 -8.43 -0.95 9.62
CA ARG A 363 -8.00 -0.61 10.97
C ARG A 363 -6.49 -0.56 11.07
N PHE A 364 -5.79 -1.44 10.35
CA PHE A 364 -4.35 -1.58 10.55
C PHE A 364 -3.58 -0.43 9.95
N ARG A 365 -3.94 0.00 8.73
CA ARG A 365 -3.23 1.06 8.05
C ARG A 365 -3.95 2.40 8.10
N GLY A 366 -5.11 2.46 8.74
CA GLY A 366 -5.87 3.69 8.75
C GLY A 366 -6.15 4.24 10.13
N ASN A 367 -6.18 3.37 11.14
CA ASN A 367 -6.49 3.78 12.50
C ASN A 367 -5.51 3.28 13.55
N LEU A 368 -4.57 2.42 13.19
CA LEU A 368 -3.63 1.87 14.17
C LEU A 368 -2.20 2.28 13.86
N SER A 369 -1.73 2.08 12.63
CA SER A 369 -0.40 2.54 12.25
C SER A 369 -0.32 4.07 12.29
N GLY A 370 -1.33 4.73 11.77
CA GLY A 370 -1.41 6.17 11.83
C GLY A 370 -2.85 6.60 11.98
N LYS A 371 -3.06 7.74 12.64
CA LYS A 371 -4.40 8.18 12.95
C LYS A 371 -4.43 9.70 13.06
N ARG A 372 -5.63 10.25 12.93
CA ARG A 372 -5.81 11.69 13.07
C ARG A 372 -5.64 12.09 14.54
N VAL A 373 -4.96 13.20 14.77
CA VAL A 373 -4.54 13.60 16.11
C VAL A 373 -5.16 14.94 16.46
N ASP A 374 -5.17 15.23 17.75
CA ASP A 374 -5.63 16.51 18.26
C ASP A 374 -4.48 17.51 18.32
N PHE A 375 -4.85 18.77 18.55
CA PHE A 375 -3.90 19.88 18.70
C PHE A 375 -3.00 20.01 17.48
N SER A 376 -3.63 20.26 16.34
CA SER A 376 -2.91 20.36 15.07
C SER A 376 -3.53 21.45 14.23
N GLY A 377 -2.75 21.96 13.29
CA GLY A 377 -3.22 23.02 12.41
C GLY A 377 -2.54 22.96 11.06
N ARG A 378 -3.30 23.30 10.02
CA ARG A 378 -2.79 23.25 8.66
C ARG A 378 -2.92 24.62 8.03
N THR A 379 -1.81 25.15 7.52
CA THR A 379 -1.85 26.52 7.03
C THR A 379 -0.89 26.68 5.86
N VAL A 380 -1.23 27.60 4.95
CA VAL A 380 -0.32 27.99 3.87
C VAL A 380 0.90 28.69 4.45
N ILE A 381 2.05 28.47 3.83
CA ILE A 381 3.32 28.97 4.32
C ILE A 381 3.78 30.16 3.48
N SER A 382 4.64 30.98 4.08
CA SER A 382 5.23 32.14 3.43
C SER A 382 6.57 32.41 4.10
N PRO A 383 7.54 32.99 3.38
CA PRO A 383 8.88 33.14 3.95
C PRO A 383 8.95 34.23 5.00
N ASP A 384 10.00 34.16 5.83
CA ASP A 384 10.33 35.14 6.85
C ASP A 384 11.81 35.06 7.18
N PRO A 385 12.68 35.83 6.52
CA PRO A 385 14.11 35.71 6.78
C PRO A 385 14.55 36.27 8.12
N ASN A 386 13.79 37.21 8.69
CA ASN A 386 14.14 37.79 9.98
C ASN A 386 13.83 36.87 11.15
N LEU A 387 13.35 35.67 10.88
CA LEU A 387 13.07 34.67 11.90
C LEU A 387 14.25 33.72 11.98
N SER A 388 14.58 33.29 13.19
CA SER A 388 15.69 32.35 13.36
C SER A 388 15.32 30.99 12.77
N ILE A 389 16.34 30.22 12.40
CA ILE A 389 16.11 28.97 11.69
C ILE A 389 15.40 27.95 12.57
N ASP A 390 15.58 28.03 13.88
CA ASP A 390 14.90 27.14 14.81
C ASP A 390 13.56 27.69 15.26
N GLU A 391 13.00 28.65 14.53
CA GLU A 391 11.73 29.27 14.89
C GLU A 391 10.76 29.19 13.72
N VAL A 392 9.49 28.97 14.04
CA VAL A 392 8.40 29.07 13.08
C VAL A 392 7.39 30.07 13.62
N ALA A 393 6.87 30.92 12.74
CA ALA A 393 5.88 31.91 13.12
C ALA A 393 4.50 31.31 12.97
N VAL A 394 3.69 31.46 14.01
CA VAL A 394 2.33 30.92 14.08
C VAL A 394 1.39 32.12 14.11
N PRO A 395 0.27 32.07 13.40
CA PRO A 395 -0.72 33.14 13.53
C PRO A 395 -1.32 33.15 14.93
N ASP A 396 -1.66 34.34 15.40
CA ASP A 396 -2.32 34.45 16.70
C ASP A 396 -3.73 33.87 16.64
N ARG A 397 -4.34 33.87 15.45
CA ARG A 397 -5.65 33.24 15.28
C ARG A 397 -5.58 31.73 15.41
N VAL A 398 -4.39 31.14 15.26
CA VAL A 398 -4.19 29.73 15.54
C VAL A 398 -3.72 29.51 16.97
N ALA A 399 -2.82 30.37 17.45
CA ALA A 399 -2.31 30.27 18.81
C ALA A 399 -3.40 30.47 19.86
N LYS A 400 -4.49 31.14 19.51
CA LYS A 400 -5.62 31.25 20.44
C LYS A 400 -6.41 29.95 20.53
N VAL A 401 -6.21 29.04 19.59
CA VAL A 401 -6.92 27.76 19.58
C VAL A 401 -6.06 26.64 20.11
N LEU A 402 -4.85 26.48 19.58
CA LEU A 402 -3.96 25.42 20.04
C LEU A 402 -3.40 25.78 21.41
N THR A 403 -3.72 24.97 22.41
CA THR A 403 -3.35 25.25 23.78
C THR A 403 -2.38 24.18 24.30
N TYR A 404 -1.50 24.60 25.19
CA TYR A 404 -0.59 23.71 25.88
C TYR A 404 -1.03 23.56 27.32
N PRO A 405 -1.24 22.33 27.80
CA PRO A 405 -1.65 22.13 29.19
C PRO A 405 -0.45 22.18 30.13
N GLU A 406 -0.35 23.24 30.90
CA GLU A 406 0.73 23.42 31.86
C GLU A 406 0.21 23.20 33.26
N LYS A 407 0.94 22.41 34.04
CA LYS A 407 0.59 22.13 35.41
C LYS A 407 1.12 23.24 36.31
N VAL A 408 0.30 23.69 37.25
CA VAL A 408 0.71 24.78 38.14
C VAL A 408 1.75 24.26 39.10
N THR A 409 2.85 25.01 39.24
CA THR A 409 3.91 24.68 40.17
C THR A 409 4.21 25.90 41.03
N ARG A 410 5.22 25.78 41.89
CA ARG A 410 5.66 26.90 42.71
C ARG A 410 6.46 27.93 41.91
N TYR A 411 6.89 27.59 40.70
CA TYR A 411 7.73 28.47 39.90
C TYR A 411 6.95 29.29 38.89
N ASN A 412 5.79 28.83 38.45
CA ASN A 412 5.01 29.53 37.43
C ASN A 412 3.61 29.88 37.90
N ARG A 413 3.39 29.98 39.21
CA ARG A 413 2.05 30.25 39.73
C ARG A 413 1.56 31.63 39.32
N HIS A 414 2.42 32.64 39.43
CA HIS A 414 2.02 33.99 39.08
C HIS A 414 1.74 34.13 37.59
N LYS A 415 2.56 33.49 36.75
CA LYS A 415 2.36 33.55 35.31
C LYS A 415 1.04 32.92 34.92
N LEU A 416 0.72 31.76 35.48
CA LEU A 416 -0.54 31.10 35.12
C LEU A 416 -1.73 31.84 35.71
N GLN A 417 -1.57 32.48 36.87
CA GLN A 417 -2.64 33.33 37.40
C GLN A 417 -2.91 34.50 36.46
N GLU A 418 -1.86 35.13 35.95
CA GLU A 418 -2.04 36.22 35.00
C GLU A 418 -2.69 35.73 33.71
N LEU A 419 -2.29 34.54 33.25
CA LEU A 419 -2.89 33.99 32.04
C LEU A 419 -4.38 33.70 32.24
N ILE A 420 -4.76 33.19 33.41
CA ILE A 420 -6.17 32.94 33.68
C ILE A 420 -6.94 34.24 33.76
N VAL A 421 -6.34 35.28 34.37
CA VAL A 421 -6.98 36.58 34.44
C VAL A 421 -7.22 37.15 33.04
N ASN A 422 -6.25 36.93 32.13
CA ASN A 422 -6.36 37.48 30.78
C ASN A 422 -7.55 36.90 30.03
N GLY A 423 -7.78 35.60 30.14
CA GLY A 423 -8.92 34.98 29.50
C GLY A 423 -8.60 34.44 28.13
N PRO A 424 -9.62 33.93 27.44
CA PRO A 424 -9.41 33.26 26.14
C PRO A 424 -9.55 34.16 24.91
N ASN A 425 -9.66 35.47 25.07
CA ASN A 425 -9.85 36.36 23.93
C ASN A 425 -8.56 37.09 23.56
N VAL A 426 -7.91 37.73 24.54
CA VAL A 426 -6.58 38.28 24.29
C VAL A 426 -5.61 37.12 24.11
N HIS A 427 -4.48 37.39 23.42
CA HIS A 427 -3.62 36.28 23.02
C HIS A 427 -2.92 35.61 24.20
N PRO A 428 -2.09 36.29 25.03
CA PRO A 428 -1.46 35.55 26.12
C PRO A 428 -2.47 35.23 27.21
N GLY A 429 -2.93 33.99 27.25
CA GLY A 429 -4.00 33.63 28.15
C GLY A 429 -4.28 32.15 28.09
N ALA A 430 -5.44 31.76 28.62
CA ALA A 430 -5.80 30.37 28.74
C ALA A 430 -7.24 30.16 28.27
N ASN A 431 -7.53 28.91 27.88
CA ASN A 431 -8.86 28.53 27.44
C ASN A 431 -9.59 27.63 28.41
N TYR A 432 -8.90 26.78 29.16
CA TYR A 432 -9.55 25.88 30.10
C TYR A 432 -8.72 25.76 31.36
N LEU A 433 -9.41 25.42 32.45
CA LEU A 433 -8.79 25.16 33.74
C LEU A 433 -9.34 23.85 34.27
N LEU A 434 -8.47 23.01 34.82
CA LEU A 434 -8.87 21.72 35.39
C LEU A 434 -8.32 21.67 36.80
N LYS A 435 -9.22 21.64 37.79
CA LYS A 435 -8.81 21.63 39.19
C LYS A 435 -8.19 20.30 39.56
N ARG A 436 -7.40 20.30 40.64
CA ARG A 436 -6.66 19.12 41.04
C ARG A 436 -7.60 17.99 41.46
N ASN A 437 -8.53 18.26 42.36
CA ASN A 437 -9.41 17.21 42.85
C ASN A 437 -10.56 16.88 41.89
N GLU A 438 -10.98 17.84 41.06
CA GLU A 438 -12.08 17.59 40.15
C GLU A 438 -11.62 16.69 39.00
N ASP A 439 -12.56 16.34 38.13
CA ASP A 439 -12.30 15.47 36.99
C ASP A 439 -12.72 16.02 35.65
N ALA A 440 -13.66 16.96 35.61
CA ALA A 440 -14.12 17.57 34.36
C ALA A 440 -13.58 18.99 34.29
N ARG A 441 -12.99 19.33 33.15
CA ARG A 441 -12.45 20.67 32.96
C ARG A 441 -13.57 21.70 32.91
N ARG A 442 -13.32 22.86 33.50
CA ARG A 442 -14.28 23.96 33.49
C ARG A 442 -13.80 25.01 32.51
N ASN A 443 -14.70 25.42 31.60
CA ASN A 443 -14.35 26.36 30.55
C ASN A 443 -13.99 27.71 31.16
N LEU A 444 -12.90 28.30 30.68
CA LEU A 444 -12.47 29.60 31.16
C LEU A 444 -13.06 30.73 30.33
N ARG A 445 -14.37 30.68 30.17
CA ARG A 445 -15.12 31.71 29.45
C ARG A 445 -16.38 32.15 30.18
N TYR A 446 -17.05 31.25 30.91
CA TYR A 446 -18.28 31.56 31.60
C TYR A 446 -18.07 31.91 33.07
N GLY A 447 -16.90 31.63 33.63
CA GLY A 447 -16.65 31.88 35.03
C GLY A 447 -16.30 33.33 35.32
N ASP A 448 -15.99 33.59 36.59
CA ASP A 448 -15.61 34.93 37.01
C ASP A 448 -14.22 35.30 36.52
N ARG A 449 -13.34 34.31 36.36
CA ARG A 449 -11.95 34.42 35.91
C ARG A 449 -11.07 35.20 36.88
N MET A 450 -11.59 35.62 38.03
CA MET A 450 -10.77 36.30 39.02
C MET A 450 -10.68 35.51 40.32
N LYS A 451 -11.81 34.99 40.82
CA LYS A 451 -11.76 34.09 41.97
C LYS A 451 -11.11 32.76 41.59
N LEU A 452 -11.19 32.37 40.32
CA LEU A 452 -10.47 31.20 39.86
C LEU A 452 -8.96 31.41 39.92
N ALA A 453 -8.51 32.61 39.58
CA ALA A 453 -7.08 32.91 39.64
C ALA A 453 -6.58 32.97 41.07
N LYS A 454 -7.37 33.55 41.97
CA LYS A 454 -6.95 33.65 43.37
C LYS A 454 -6.93 32.28 44.05
N ASN A 455 -7.83 31.39 43.65
CA ASN A 455 -7.92 30.04 44.23
C ASN A 455 -7.22 29.01 43.36
N LEU A 456 -6.13 29.40 42.70
CA LEU A 456 -5.38 28.47 41.85
C LEU A 456 -4.49 27.60 42.74
N GLN A 457 -4.82 26.32 42.83
CA GLN A 457 -4.05 25.40 43.64
C GLN A 457 -2.72 25.07 42.96
N ILE A 458 -1.91 24.27 43.65
CA ILE A 458 -0.56 23.97 43.20
C ILE A 458 -0.57 22.65 42.42
N GLY A 459 -1.76 22.11 42.17
CA GLY A 459 -1.87 20.87 41.42
C GLY A 459 -2.75 20.97 40.19
N ASP A 460 -3.34 22.14 39.97
CA ASP A 460 -4.26 22.32 38.85
C ASP A 460 -3.51 22.33 37.53
N VAL A 461 -4.24 22.06 36.45
CA VAL A 461 -3.70 22.08 35.11
C VAL A 461 -4.45 23.13 34.31
N VAL A 462 -3.74 24.15 33.83
CA VAL A 462 -4.34 25.22 33.06
C VAL A 462 -3.85 25.11 31.62
N GLU A 463 -4.77 25.19 30.67
CA GLU A 463 -4.40 25.07 29.26
C GLU A 463 -4.16 26.47 28.71
N ARG A 464 -2.88 26.87 28.71
CA ARG A 464 -2.55 28.21 28.27
C ARG A 464 -2.41 28.27 26.76
N HIS A 465 -2.44 29.49 26.24
CA HIS A 465 -2.27 29.69 24.81
C HIS A 465 -0.83 29.39 24.40
N LEU A 466 -0.67 29.01 23.14
CA LEU A 466 0.66 28.76 22.61
C LEU A 466 1.44 30.06 22.52
N GLU A 467 2.55 30.14 23.24
CA GLU A 467 3.29 31.38 23.40
C GLU A 467 4.67 31.23 22.78
N ASP A 468 5.45 32.31 22.86
CA ASP A 468 6.82 32.30 22.35
C ASP A 468 7.69 31.33 23.13
N GLY A 469 8.63 30.70 22.43
CA GLY A 469 9.51 29.74 23.06
C GLY A 469 8.91 28.38 23.27
N ASP A 470 7.74 28.11 22.71
CA ASP A 470 7.10 26.81 22.85
C ASP A 470 7.45 25.91 21.70
N VAL A 471 7.56 24.62 21.99
CA VAL A 471 8.07 23.64 21.03
C VAL A 471 6.92 23.09 20.21
N VAL A 472 7.03 23.17 18.90
CA VAL A 472 6.01 22.67 17.99
C VAL A 472 6.64 21.83 16.89
N LEU A 473 6.04 20.69 16.59
CA LEU A 473 6.42 19.90 15.43
C LEU A 473 5.86 20.54 14.18
N PHE A 474 6.65 20.55 13.11
CA PHE A 474 6.31 21.24 11.89
C PHE A 474 6.64 20.33 10.72
N ASN A 475 5.67 20.10 9.84
CA ASN A 475 5.70 18.96 8.94
C ASN A 475 5.18 19.33 7.56
N ARG A 476 5.73 18.69 6.53
CA ARG A 476 5.17 18.71 5.19
C ARG A 476 4.71 17.32 4.82
N GLN A 477 3.55 17.22 4.18
CA GLN A 477 2.84 15.94 4.09
C GLN A 477 3.59 14.85 3.34
N PRO A 478 4.21 15.08 2.16
CA PRO A 478 5.02 14.00 1.59
C PRO A 478 6.29 13.81 2.41
N SER A 479 6.32 12.74 3.20
CA SER A 479 7.38 12.49 4.16
C SER A 479 8.30 11.42 3.59
N LEU A 480 9.30 11.86 2.84
CA LEU A 480 10.24 10.95 2.22
C LEU A 480 11.36 10.53 3.15
N HIS A 481 11.92 11.47 3.91
CA HIS A 481 12.99 11.19 4.86
C HIS A 481 12.65 11.84 6.18
N ARG A 482 13.47 11.57 7.20
CA ARG A 482 13.15 12.00 8.56
C ARG A 482 13.18 13.51 8.71
N LEU A 483 13.84 14.23 7.81
CA LEU A 483 13.88 15.69 7.90
C LEU A 483 12.63 16.34 7.32
N SER A 484 11.64 15.56 6.91
CA SER A 484 10.37 16.14 6.48
C SER A 484 9.55 16.63 7.66
N ILE A 485 9.81 16.13 8.86
CA ILE A 485 9.18 16.62 10.09
C ILE A 485 10.29 17.09 11.02
N LEU A 486 10.21 18.35 11.44
CA LEU A 486 11.20 18.90 12.34
C LEU A 486 10.49 19.52 13.54
N SER A 487 11.26 20.11 14.44
CA SER A 487 10.72 20.68 15.66
C SER A 487 11.27 22.09 15.84
N HIS A 488 10.39 23.08 15.84
CA HIS A 488 10.77 24.47 15.91
C HIS A 488 10.30 25.09 17.22
N TYR A 489 10.86 26.27 17.50
CA TYR A 489 10.38 27.13 18.57
C TYR A 489 9.32 28.06 18.00
N ALA A 490 8.23 28.24 18.73
CA ALA A 490 7.12 29.03 18.22
C ALA A 490 7.36 30.51 18.45
N LYS A 491 6.97 31.31 17.46
CA LYS A 491 6.84 32.76 17.59
C LYS A 491 5.42 33.10 17.16
N ILE A 492 4.93 34.27 17.60
CA ILE A 492 3.56 34.66 17.31
C ILE A 492 3.58 35.88 16.41
N ARG A 493 2.97 35.76 15.24
CA ARG A 493 2.90 36.87 14.29
C ARG A 493 1.49 36.97 13.72
N PRO A 494 0.98 38.18 13.51
CA PRO A 494 -0.40 38.36 13.03
C PRO A 494 -0.63 38.46 11.52
N TRP A 495 -0.45 37.35 10.80
CA TRP A 495 -0.73 37.38 9.36
C TRP A 495 -1.37 36.13 8.78
N ARG A 496 -1.87 35.20 9.60
CA ARG A 496 -2.69 34.07 9.17
C ARG A 496 -1.92 33.07 8.30
N THR A 497 -0.58 33.14 8.29
CA THR A 497 0.20 32.14 7.56
C THR A 497 1.38 31.71 8.41
N PHE A 498 1.70 30.41 8.35
CA PHE A 498 2.93 29.93 8.95
C PHE A 498 4.12 30.52 8.24
N ARG A 499 5.15 30.88 9.01
CA ARG A 499 6.35 31.45 8.43
C ARG A 499 7.57 30.74 8.98
N LEU A 500 8.44 30.28 8.08
CA LEU A 500 9.68 29.61 8.43
C LEU A 500 10.80 30.20 7.61
N ASN A 501 12.01 30.16 8.17
CA ASN A 501 13.16 30.71 7.48
C ASN A 501 13.47 29.90 6.22
N GLU A 502 13.91 30.60 5.17
CA GLU A 502 14.07 29.96 3.87
C GLU A 502 15.20 28.94 3.87
N CYS A 503 16.16 29.09 4.79
CA CYS A 503 17.22 28.09 4.92
C CYS A 503 16.68 26.74 5.35
N VAL A 504 15.49 26.71 5.97
CA VAL A 504 14.85 25.45 6.36
C VAL A 504 13.94 24.93 5.25
N CYS A 505 13.85 25.64 4.13
CA CYS A 505 12.99 25.20 3.03
C CYS A 505 13.50 23.91 2.40
N THR A 506 14.82 23.78 2.26
CA THR A 506 15.39 22.63 1.53
C THR A 506 15.07 21.28 2.15
N PRO A 507 15.20 21.04 3.46
CA PRO A 507 14.81 19.72 3.98
C PRO A 507 13.32 19.42 3.82
N TYR A 508 12.47 20.44 3.90
CA TYR A 508 11.04 20.22 3.70
C TYR A 508 10.68 20.01 2.23
N ASN A 509 11.58 20.38 1.31
CA ASN A 509 11.28 20.42 -0.11
C ASN A 509 10.03 21.26 -0.39
N ALA A 510 9.95 22.41 0.28
CA ALA A 510 8.79 23.27 0.21
C ALA A 510 9.09 24.51 -0.63
N ASP A 511 8.14 24.89 -1.46
CA ASP A 511 8.20 26.13 -2.22
C ASP A 511 6.97 26.95 -1.93
N PHE A 512 7.14 28.27 -1.83
CA PHE A 512 6.05 29.16 -1.48
C PHE A 512 5.20 29.44 -2.72
N ASP A 513 4.44 28.43 -3.11
CA ASP A 513 3.54 28.52 -4.25
C ASP A 513 2.19 27.92 -3.92
N GLY A 514 1.78 28.04 -2.66
CA GLY A 514 0.55 27.44 -2.19
C GLY A 514 0.73 26.23 -1.31
N ASP A 515 1.93 25.98 -0.79
CA ASP A 515 2.17 24.82 0.03
C ASP A 515 1.43 24.94 1.36
N GLU A 516 0.71 23.89 1.72
CA GLU A 516 0.06 23.79 3.02
C GLU A 516 0.91 22.87 3.90
N MET A 517 1.26 23.35 5.09
CA MET A 517 2.06 22.56 6.01
C MET A 517 1.36 22.44 7.35
N ASN A 518 1.74 21.39 8.08
CA ASN A 518 1.07 20.97 9.30
C ASN A 518 1.89 21.34 10.52
N LEU A 519 1.18 21.58 11.62
CA LEU A 519 1.76 21.98 12.90
C LEU A 519 1.14 21.14 13.98
N HIS A 520 1.97 20.40 14.71
CA HIS A 520 1.55 19.59 15.84
C HIS A 520 2.10 20.18 17.13
N VAL A 521 1.32 20.10 18.19
CA VAL A 521 1.75 20.59 19.49
C VAL A 521 1.73 19.45 20.49
N PRO A 522 2.89 18.98 20.97
CA PRO A 522 2.88 17.91 21.99
C PRO A 522 2.26 18.39 23.28
N GLN A 523 1.63 17.45 23.99
CA GLN A 523 0.83 17.78 25.17
C GLN A 523 1.43 17.25 26.46
N THR A 524 2.64 16.70 26.41
CA THR A 524 3.31 16.23 27.61
C THR A 524 4.74 16.78 27.64
N GLU A 525 5.29 16.89 28.85
CA GLU A 525 6.62 17.44 29.00
C GLU A 525 7.68 16.54 28.38
N GLU A 526 7.53 15.23 28.53
CA GLU A 526 8.50 14.30 27.96
C GLU A 526 8.52 14.39 26.45
N ALA A 527 7.34 14.42 25.82
CA ALA A 527 7.27 14.52 24.37
C ALA A 527 7.83 15.84 23.87
N ARG A 528 7.53 16.93 24.59
CA ARG A 528 8.03 18.24 24.18
C ARG A 528 9.55 18.30 24.27
N ALA A 529 10.13 17.76 25.34
CA ALA A 529 11.57 17.74 25.50
C ALA A 529 12.24 16.87 24.44
N GLU A 530 11.65 15.69 24.17
CA GLU A 530 12.22 14.81 23.16
C GLU A 530 12.15 15.44 21.78
N ALA A 531 11.05 16.13 21.48
CA ALA A 531 10.92 16.81 20.20
C ALA A 531 11.96 17.91 20.05
N ILE A 532 12.17 18.71 21.10
CA ILE A 532 13.08 19.84 20.94
C ILE A 532 14.54 19.38 20.96
N ASN A 533 14.85 18.27 21.62
CA ASN A 533 16.23 17.84 21.74
C ASN A 533 16.60 16.70 20.78
N LEU A 534 15.67 16.25 19.96
CA LEU A 534 15.99 15.28 18.91
C LEU A 534 15.61 15.74 17.52
N MET A 535 14.48 16.45 17.37
CA MET A 535 14.00 16.89 16.06
C MET A 535 14.21 18.38 15.85
N GLY A 536 15.04 19.02 16.67
CA GLY A 536 15.28 20.44 16.51
C GLY A 536 16.05 20.74 15.24
N VAL A 537 15.87 21.96 14.73
CA VAL A 537 16.55 22.36 13.50
C VAL A 537 18.06 22.45 13.72
N LYS A 538 18.46 22.91 14.91
CA LYS A 538 19.89 23.03 15.20
C LYS A 538 20.55 21.66 15.27
N ASN A 539 19.87 20.68 15.85
CA ASN A 539 20.43 19.33 15.97
C ASN A 539 20.25 18.50 14.71
N ASN A 540 19.75 19.08 13.62
CA ASN A 540 19.51 18.34 12.39
C ASN A 540 19.98 19.14 11.19
N LEU A 541 21.15 19.76 11.29
CA LEU A 541 21.69 20.49 10.15
C LEU A 541 22.19 19.56 9.06
N LEU A 542 22.42 18.29 9.37
CA LEU A 542 22.97 17.33 8.42
C LEU A 542 21.93 16.26 8.12
N THR A 543 21.75 15.97 6.83
CA THR A 543 20.91 14.84 6.46
C THR A 543 21.65 13.54 6.77
N PRO A 544 20.95 12.53 7.31
CA PRO A 544 21.63 11.28 7.68
C PRO A 544 21.95 10.40 6.49
N LYS A 545 21.49 10.74 5.29
CA LYS A 545 21.78 9.93 4.11
C LYS A 545 23.27 9.91 3.81
N SER A 546 23.92 11.06 3.87
CA SER A 546 25.34 11.14 3.56
C SER A 546 26.14 11.99 4.53
N GLY A 547 25.50 12.73 5.43
CA GLY A 547 26.21 13.61 6.35
C GLY A 547 26.43 15.02 5.82
N GLU A 548 26.09 15.29 4.57
CA GLU A 548 26.24 16.63 4.03
C GLU A 548 25.19 17.56 4.62
N PRO A 549 25.48 18.85 4.70
CA PRO A 549 24.44 19.81 5.10
C PRO A 549 23.30 19.82 4.10
N ILE A 550 22.08 19.96 4.62
CA ILE A 550 20.90 20.04 3.78
C ILE A 550 20.14 21.30 4.16
N ILE A 551 20.37 21.76 5.39
CA ILE A 551 19.88 23.06 5.84
C ILE A 551 21.02 24.04 5.64
N ALA A 552 20.86 24.94 4.68
CA ALA A 552 21.91 25.89 4.33
C ALA A 552 21.28 27.03 3.53
N ALA A 553 22.14 27.87 2.96
CA ALA A 553 21.68 28.98 2.13
C ALA A 553 21.02 28.47 0.86
N THR A 554 19.74 28.78 0.68
CA THR A 554 19.07 28.48 -0.57
C THR A 554 19.36 29.57 -1.58
N GLN A 555 18.63 29.56 -2.70
CA GLN A 555 18.79 30.60 -3.69
C GLN A 555 18.32 31.94 -3.14
N ASP A 556 18.88 33.02 -3.71
CA ASP A 556 18.72 34.43 -3.38
C ASP A 556 19.44 34.79 -2.08
N PHE A 557 19.96 33.82 -1.33
CA PHE A 557 20.93 34.08 -0.28
C PHE A 557 22.35 33.84 -0.76
N ILE A 558 22.53 32.85 -1.64
CA ILE A 558 23.82 32.62 -2.27
C ILE A 558 24.19 33.80 -3.18
N THR A 559 23.21 34.31 -3.92
CA THR A 559 23.46 35.37 -4.89
C THR A 559 23.92 36.66 -4.20
N GLY A 560 23.19 37.08 -3.17
CA GLY A 560 23.56 38.29 -2.45
C GLY A 560 24.89 38.15 -1.73
N SER A 561 25.14 36.98 -1.15
CA SER A 561 26.41 36.73 -0.49
C SER A 561 27.57 36.77 -1.47
N TYR A 562 27.35 36.23 -2.67
CA TYR A 562 28.35 36.29 -3.72
C TYR A 562 28.61 37.73 -4.15
N LEU A 563 27.54 38.51 -4.29
CA LEU A 563 27.69 39.89 -4.74
C LEU A 563 28.41 40.74 -3.70
N ILE A 564 28.18 40.46 -2.42
CA ILE A 564 28.94 41.15 -1.38
C ILE A 564 30.40 40.72 -1.44
N SER A 565 30.65 39.43 -1.60
CA SER A 565 32.00 38.88 -1.59
C SER A 565 32.66 38.93 -2.97
N HIS A 566 32.11 39.70 -3.90
CA HIS A 566 32.73 39.86 -5.20
C HIS A 566 34.08 40.57 -5.07
N LYS A 567 34.95 40.33 -6.04
CA LYS A 567 36.30 40.88 -5.96
C LYS A 567 36.31 42.40 -6.08
N ASP A 568 35.44 42.96 -6.91
CA ASP A 568 35.46 44.38 -7.23
C ASP A 568 34.41 45.17 -6.45
N SER A 569 34.08 44.71 -5.25
CA SER A 569 33.18 45.44 -4.36
C SER A 569 33.96 45.97 -3.17
N PHE A 570 33.88 47.28 -2.95
CA PHE A 570 34.58 47.92 -1.84
C PHE A 570 33.62 48.83 -1.08
N TYR A 571 33.77 48.86 0.23
CA TYR A 571 32.90 49.62 1.10
C TYR A 571 33.71 50.49 2.04
N ASP A 572 33.22 51.71 2.25
CA ASP A 572 33.81 52.61 3.24
C ASP A 572 33.20 52.32 4.61
N ARG A 573 33.54 53.17 5.59
CA ARG A 573 33.12 52.91 6.97
C ARG A 573 31.61 52.95 7.12
N ALA A 574 30.94 53.90 6.47
CA ALA A 574 29.50 54.05 6.63
C ALA A 574 28.75 52.84 6.09
N THR A 575 29.06 52.44 4.86
CA THR A 575 28.33 51.33 4.25
C THR A 575 28.68 50.00 4.92
N LEU A 576 29.95 49.81 5.29
CA LEU A 576 30.34 48.60 6.01
C LEU A 576 29.63 48.51 7.35
N THR A 577 29.57 49.63 8.08
CA THR A 577 28.90 49.64 9.37
C THR A 577 27.40 49.38 9.21
N GLN A 578 26.79 49.93 8.16
CA GLN A 578 25.39 49.64 7.90
C GLN A 578 25.16 48.17 7.60
N LEU A 579 26.05 47.57 6.80
CA LEU A 579 25.96 46.14 6.51
C LEU A 579 26.06 45.31 7.77
N LEU A 580 27.00 45.67 8.65
CA LEU A 580 27.15 44.94 9.90
C LEU A 580 25.96 45.14 10.83
N SER A 581 25.34 46.31 10.78
CA SER A 581 24.16 46.54 11.61
C SER A 581 22.97 45.74 11.10
N MET A 582 22.87 45.56 9.78
CA MET A 582 21.72 44.82 9.26
C MET A 582 21.81 43.33 9.54
N MET A 583 23.01 42.77 9.64
CA MET A 583 23.13 41.33 9.85
C MET A 583 22.93 40.91 11.29
N SER A 584 22.94 41.85 12.25
CA SER A 584 22.83 41.49 13.65
C SER A 584 21.77 42.29 14.39
N ASP A 585 20.93 43.03 13.67
CA ASP A 585 19.87 43.88 14.22
C ASP A 585 20.40 44.91 15.20
N GLY A 586 21.67 45.30 15.06
CA GLY A 586 22.25 46.25 16.00
C GLY A 586 22.34 45.74 17.42
N ILE A 587 22.58 44.45 17.59
CA ILE A 587 22.70 43.87 18.92
C ILE A 587 24.10 43.32 19.20
N GLU A 588 24.82 42.85 18.19
CA GLU A 588 26.15 42.30 18.40
C GLU A 588 27.19 43.41 18.40
N HIS A 589 28.15 43.33 19.32
CA HIS A 589 29.23 44.29 19.41
C HIS A 589 30.32 43.90 18.42
N PHE A 590 30.53 44.73 17.41
CA PHE A 590 31.55 44.47 16.41
C PHE A 590 32.85 45.16 16.75
N ASP A 591 33.91 44.76 16.07
CA ASP A 591 35.19 45.47 16.11
C ASP A 591 35.74 45.50 14.69
N ILE A 592 35.87 46.69 14.13
CA ILE A 592 36.19 46.81 12.71
C ILE A 592 37.66 46.47 12.49
N PRO A 593 37.97 45.54 11.61
CA PRO A 593 39.37 45.25 11.29
C PRO A 593 39.97 46.37 10.48
N PRO A 594 41.29 46.47 10.40
CA PRO A 594 41.92 47.49 9.56
C PRO A 594 41.55 47.31 8.11
N PRO A 595 41.33 48.41 7.38
CA PRO A 595 40.86 48.29 6.00
C PRO A 595 41.93 47.75 5.07
N ALA A 596 41.47 47.11 4.00
CA ALA A 596 42.38 46.53 3.01
C ALA A 596 43.00 47.59 2.09
N ILE A 597 42.32 48.72 1.90
CA ILE A 597 42.83 49.82 1.08
C ILE A 597 42.83 51.07 1.94
N MET A 598 43.97 51.76 1.98
CA MET A 598 44.12 52.83 2.96
C MET A 598 44.53 54.19 2.37
N LYS A 599 45.41 54.21 1.36
CA LYS A 599 46.00 55.49 0.97
C LYS A 599 45.03 56.42 0.25
N PRO A 600 44.36 56.00 -0.86
CA PRO A 600 43.39 56.93 -1.47
C PRO A 600 42.21 57.17 -0.54
N TYR A 601 41.52 56.10 -0.15
CA TYR A 601 40.43 56.16 0.81
C TYR A 601 40.58 54.99 1.76
N TYR A 602 39.73 54.94 2.79
CA TYR A 602 39.69 53.81 3.71
C TYR A 602 38.55 52.90 3.25
N LEU A 603 38.89 51.92 2.43
CA LEU A 603 37.91 51.04 1.82
C LEU A 603 38.10 49.61 2.33
N TRP A 604 37.01 49.00 2.76
CA TRP A 604 37.00 47.60 3.15
C TRP A 604 36.58 46.73 1.97
N THR A 605 36.76 45.43 2.12
CA THR A 605 36.36 44.47 1.10
C THR A 605 35.21 43.62 1.63
N GLY A 606 34.35 43.14 0.73
CA GLY A 606 33.23 42.31 1.14
C GLY A 606 33.68 41.01 1.80
N LYS A 607 34.86 40.51 1.42
CA LYS A 607 35.41 39.35 2.10
C LYS A 607 35.70 39.65 3.56
N GLN A 608 36.11 40.88 3.88
CA GLN A 608 36.23 41.27 5.27
C GLN A 608 34.87 41.37 5.95
N VAL A 609 33.83 41.74 5.20
CA VAL A 609 32.49 41.75 5.76
C VAL A 609 32.08 40.33 6.16
N PHE A 610 32.39 39.35 5.33
CA PHE A 610 32.07 37.97 5.71
C PHE A 610 33.00 37.45 6.80
N SER A 611 34.23 37.94 6.85
CA SER A 611 35.10 37.61 7.97
C SER A 611 34.50 38.08 9.28
N LEU A 612 33.89 39.27 9.27
CA LEU A 612 33.17 39.74 10.45
C LEU A 612 31.87 38.96 10.67
N LEU A 613 31.26 38.48 9.59
CA LEU A 613 30.05 37.68 9.72
C LEU A 613 30.32 36.39 10.46
N ILE A 614 31.44 35.73 10.15
CA ILE A 614 31.78 34.49 10.84
C ILE A 614 32.16 34.76 12.29
N LYS A 615 33.01 35.75 12.51
CA LYS A 615 33.51 36.08 13.85
C LYS A 615 33.28 37.55 14.12
N PRO A 616 32.14 37.92 14.73
CA PRO A 616 31.84 39.34 14.93
C PRO A 616 32.83 40.07 15.83
N ASN A 617 33.38 39.42 16.85
CA ASN A 617 34.30 40.08 17.76
C ASN A 617 35.20 39.06 18.42
N HIS A 618 36.08 39.53 19.29
CA HIS A 618 37.05 38.66 19.94
C HIS A 618 36.41 37.79 21.01
N ASN A 619 35.25 38.20 21.53
CA ASN A 619 34.56 37.36 22.52
C ASN A 619 33.94 36.14 21.88
N SER A 620 33.66 36.19 20.58
CA SER A 620 33.10 35.03 19.90
C SER A 620 34.18 33.97 19.75
N PRO A 621 33.85 32.69 20.00
CA PRO A 621 34.85 31.63 19.94
C PRO A 621 35.02 30.97 18.58
N VAL A 622 34.30 31.43 17.56
CA VAL A 622 34.30 30.75 16.27
C VAL A 622 35.59 31.09 15.52
N VAL A 623 36.50 30.12 15.44
CA VAL A 623 37.71 30.22 14.65
C VAL A 623 37.76 28.99 13.75
N ILE A 624 37.71 29.20 12.45
CA ILE A 624 37.65 28.10 11.49
C ILE A 624 38.72 28.30 10.42
N ASN A 625 39.13 27.19 9.83
CA ASN A 625 40.08 27.20 8.73
C ASN A 625 39.65 26.14 7.72
N LEU A 626 39.62 26.53 6.44
CA LEU A 626 39.21 25.58 5.42
C LEU A 626 39.69 26.03 4.05
N ASP A 627 40.01 25.05 3.21
CA ASP A 627 40.34 25.28 1.80
C ASP A 627 39.28 24.58 0.97
N ALA A 628 38.64 25.32 0.07
CA ALA A 628 37.56 24.70 -0.69
C ALA A 628 37.50 25.26 -2.11
N LYS A 629 37.03 24.43 -3.02
CA LYS A 629 36.75 24.83 -4.39
C LYS A 629 35.35 25.41 -4.49
N ASN A 630 35.06 26.03 -5.63
CA ASN A 630 33.74 26.55 -5.91
C ASN A 630 33.06 25.73 -7.01
N LYS A 631 31.82 26.11 -7.33
CA LYS A 631 31.08 25.38 -8.35
C LYS A 631 31.73 25.53 -9.71
N VAL A 632 32.16 26.73 -10.06
CA VAL A 632 32.93 26.99 -11.27
C VAL A 632 34.35 27.37 -10.83
N PHE A 633 35.34 26.76 -11.48
CA PHE A 633 36.72 26.91 -11.05
C PHE A 633 37.62 26.86 -12.28
N VAL A 634 38.27 27.97 -12.58
CA VAL A 634 39.21 28.08 -13.69
C VAL A 634 40.61 27.85 -13.14
N PRO A 635 41.39 26.92 -13.70
CA PRO A 635 42.72 26.64 -13.18
C PRO A 635 43.65 27.83 -13.38
N PRO A 636 44.72 27.93 -12.59
CA PRO A 636 45.65 29.07 -12.74
C PRO A 636 46.41 29.06 -14.06
N LYS A 637 47.19 30.12 -14.30
CA LYS A 637 47.87 30.27 -15.58
C LYS A 637 48.98 29.27 -15.79
N SER A 638 49.43 28.59 -14.74
CA SER A 638 50.46 27.56 -14.87
C SER A 638 50.08 26.38 -13.98
N LYS A 639 50.77 25.26 -14.19
CA LYS A 639 50.46 24.01 -13.51
C LYS A 639 51.13 23.91 -12.15
N SER A 640 51.98 24.86 -11.78
CA SER A 640 52.71 24.79 -10.53
C SER A 640 52.14 25.68 -9.44
N LEU A 641 51.29 26.63 -9.78
CA LEU A 641 50.70 27.52 -8.78
C LEU A 641 49.70 26.76 -7.91
N PRO A 642 49.49 27.21 -6.68
CA PRO A 642 48.43 26.63 -5.85
C PRO A 642 47.06 27.02 -6.37
N ASN A 643 46.05 26.31 -5.86
CA ASN A 643 44.69 26.49 -6.37
C ASN A 643 44.12 27.85 -5.98
N GLU A 644 44.63 28.47 -4.92
CA GLU A 644 44.10 29.76 -4.48
C GLU A 644 44.44 30.88 -5.43
N MET A 645 45.40 30.69 -6.34
CA MET A 645 45.79 31.71 -7.30
C MET A 645 45.05 31.59 -8.62
N SER A 646 43.80 31.12 -8.58
CA SER A 646 43.03 30.90 -9.79
C SER A 646 42.67 32.23 -10.45
N GLN A 647 42.30 32.15 -11.73
CA GLN A 647 42.07 33.35 -12.53
C GLN A 647 40.78 34.05 -12.11
N ASN A 648 39.71 33.29 -11.89
CA ASN A 648 38.44 33.86 -11.47
C ASN A 648 38.29 33.88 -9.96
N ASP A 649 39.32 33.47 -9.23
CA ASP A 649 39.29 33.34 -7.77
C ASP A 649 38.14 32.45 -7.31
N GLY A 650 38.16 31.20 -7.76
CA GLY A 650 37.14 30.25 -7.39
C GLY A 650 37.59 29.30 -6.30
N PHE A 651 38.63 29.67 -5.57
CA PHE A 651 39.15 28.87 -4.47
C PHE A 651 39.16 29.71 -3.21
N VAL A 652 38.49 29.23 -2.16
CA VAL A 652 38.36 29.97 -0.92
C VAL A 652 39.32 29.40 0.11
N ILE A 653 40.06 30.28 0.77
CA ILE A 653 40.95 29.93 1.88
C ILE A 653 40.51 30.73 3.09
N ILE A 654 40.23 30.05 4.19
CA ILE A 654 39.86 30.70 5.44
C ILE A 654 40.87 30.31 6.49
N ARG A 655 41.72 31.26 6.87
CA ARG A 655 42.74 31.07 7.89
C ARG A 655 42.49 32.06 9.02
N GLY A 656 42.78 31.64 10.25
CA GLY A 656 42.35 32.41 11.39
C GLY A 656 40.84 32.39 11.44
N SER A 657 40.22 33.51 11.08
CA SER A 657 38.82 33.50 10.69
C SER A 657 38.57 34.36 9.46
N GLN A 658 39.59 35.01 8.93
CA GLN A 658 39.44 35.85 7.75
C GLN A 658 39.26 35.00 6.51
N ILE A 659 38.59 35.56 5.51
CA ILE A 659 38.42 34.92 4.21
C ILE A 659 39.44 35.56 3.28
N LEU A 660 40.51 34.84 2.98
CA LEU A 660 41.63 35.41 2.24
C LEU A 660 41.46 35.32 0.72
N SER A 661 40.57 34.48 0.22
CA SER A 661 40.40 34.31 -1.22
C SER A 661 39.02 33.71 -1.47
N GLY A 662 38.62 33.71 -2.74
CA GLY A 662 37.43 33.02 -3.16
C GLY A 662 36.16 33.82 -2.94
N VAL A 663 35.09 33.36 -3.58
CA VAL A 663 33.78 33.97 -3.49
C VAL A 663 32.80 32.96 -2.92
N MET A 664 31.93 33.42 -2.03
CA MET A 664 30.97 32.55 -1.37
C MET A 664 29.84 32.21 -2.34
N ASP A 665 29.63 30.93 -2.59
CA ASP A 665 28.63 30.46 -3.54
C ASP A 665 28.10 29.12 -3.04
N LYS A 666 27.45 28.37 -3.92
CA LYS A 666 26.89 27.08 -3.51
C LYS A 666 27.97 25.99 -3.54
N SER A 667 29.12 26.28 -2.96
CA SER A 667 30.06 25.26 -2.52
C SER A 667 30.69 25.62 -1.19
N VAL A 668 30.42 26.82 -0.68
CA VAL A 668 30.99 27.30 0.58
C VAL A 668 29.92 27.72 1.57
N LEU A 669 28.75 28.16 1.12
CA LEU A 669 27.64 28.48 1.99
C LEU A 669 26.41 27.62 1.74
N GLY A 670 26.31 26.93 0.61
CA GLY A 670 25.14 26.15 0.28
C GLY A 670 25.18 24.77 0.88
N ASP A 671 24.41 23.86 0.29
CA ASP A 671 24.25 22.51 0.80
C ASP A 671 24.90 21.51 -0.14
N GLY A 672 25.05 20.29 0.34
CA GLY A 672 25.55 19.18 -0.45
C GLY A 672 27.05 19.01 -0.47
N LYS A 673 27.81 19.83 0.25
CA LYS A 673 29.26 19.71 0.28
C LYS A 673 29.74 19.71 1.72
N LYS A 674 30.78 18.93 2.00
CA LYS A 674 31.27 18.73 3.35
C LYS A 674 32.39 19.70 3.74
N HIS A 675 32.61 20.75 2.96
CA HIS A 675 33.62 21.75 3.28
C HIS A 675 33.05 23.16 3.33
N SER A 676 31.74 23.28 3.54
CA SER A 676 31.12 24.59 3.63
C SER A 676 31.50 25.28 4.94
N VAL A 677 31.27 26.59 4.98
CA VAL A 677 31.57 27.37 6.18
C VAL A 677 30.72 26.90 7.35
N PHE A 678 29.43 26.70 7.11
CA PHE A 678 28.52 26.33 8.19
C PHE A 678 28.78 24.92 8.68
N TYR A 679 29.17 24.01 7.78
CA TYR A 679 29.50 22.66 8.21
C TYR A 679 30.75 22.66 9.10
N THR A 680 31.76 23.42 8.71
CA THR A 680 32.97 23.51 9.53
C THR A 680 32.66 24.13 10.89
N ILE A 681 31.85 25.20 10.89
CA ILE A 681 31.47 25.84 12.15
C ILE A 681 30.71 24.88 13.04
N LEU A 682 29.78 24.11 12.45
CA LEU A 682 29.02 23.13 13.21
C LEU A 682 29.94 22.08 13.82
N ARG A 683 30.76 21.42 13.00
CA ARG A 683 31.61 20.33 13.48
C ARG A 683 32.66 20.82 14.47
N ASP A 684 32.99 22.12 14.44
CA ASP A 684 34.01 22.61 15.35
C ASP A 684 33.45 23.20 16.63
N TYR A 685 32.26 23.80 16.61
CA TYR A 685 31.77 24.51 17.80
C TYR A 685 30.29 24.29 18.05
N GLY A 686 29.74 23.12 17.70
CA GLY A 686 28.38 22.83 18.05
C GLY A 686 27.39 23.51 17.13
N PRO A 687 26.10 23.25 17.34
CA PRO A 687 25.08 23.80 16.44
C PRO A 687 24.70 25.25 16.70
N GLN A 688 24.93 25.76 17.91
CA GLN A 688 24.49 27.11 18.24
C GLN A 688 25.23 28.15 17.41
N GLU A 689 26.54 27.99 17.24
CA GLU A 689 27.31 28.95 16.47
C GLU A 689 26.95 28.88 14.99
N ALA A 690 26.70 27.67 14.48
CA ALA A 690 26.26 27.53 13.10
C ALA A 690 24.91 28.21 12.88
N ALA A 691 23.98 28.04 13.82
CA ALA A 691 22.69 28.71 13.70
C ALA A 691 22.83 30.22 13.76
N ASN A 692 23.71 30.73 14.64
CA ASN A 692 23.92 32.17 14.74
C ASN A 692 24.49 32.74 13.45
N ALA A 693 25.52 32.08 12.90
CA ALA A 693 26.10 32.54 11.65
C ALA A 693 25.10 32.46 10.51
N MET A 694 24.26 31.43 10.51
CA MET A 694 23.27 31.26 9.47
C MET A 694 22.22 32.37 9.53
N ASN A 695 21.76 32.70 10.74
CA ASN A 695 20.82 33.80 10.91
C ASN A 695 21.42 35.12 10.48
N ARG A 696 22.69 35.35 10.82
CA ARG A 696 23.35 36.59 10.42
C ARG A 696 23.44 36.70 8.91
N MET A 697 23.83 35.60 8.24
CA MET A 697 23.91 35.62 6.78
C MET A 697 22.54 35.87 6.16
N ALA A 698 21.50 35.20 6.69
CA ALA A 698 20.18 35.35 6.13
C ALA A 698 19.67 36.79 6.26
N LYS A 699 19.88 37.40 7.44
CA LYS A 699 19.45 38.77 7.64
C LYS A 699 20.22 39.73 6.73
N LEU A 700 21.53 39.53 6.60
CA LEU A 700 22.34 40.41 5.75
C LEU A 700 21.91 40.30 4.29
N CYS A 701 21.73 39.09 3.80
CA CYS A 701 21.36 38.93 2.39
C CYS A 701 19.92 39.32 2.13
N ALA A 702 19.08 39.31 3.17
CA ALA A 702 17.71 39.81 3.01
C ALA A 702 17.70 41.33 2.93
N ARG A 703 18.49 42.00 3.76
CA ARG A 703 18.46 43.45 3.81
C ARG A 703 19.43 44.14 2.87
N PHE A 704 20.31 43.39 2.19
CA PHE A 704 21.29 44.03 1.34
C PHE A 704 20.81 44.18 -0.10
N LEU A 705 20.19 43.14 -0.67
CA LEU A 705 19.86 43.16 -2.09
C LEU A 705 18.75 44.16 -2.40
N GLY A 706 18.00 44.60 -1.39
CA GLY A 706 17.07 45.70 -1.60
C GLY A 706 17.77 47.01 -1.87
N ASN A 707 18.85 47.28 -1.15
CA ASN A 707 19.63 48.49 -1.33
C ASN A 707 20.71 48.35 -2.41
N ARG A 708 20.78 47.19 -3.05
CA ARG A 708 21.71 46.96 -4.15
C ARG A 708 20.97 46.09 -5.15
N GLY A 709 20.36 46.71 -6.16
CA GLY A 709 19.45 46.01 -7.03
C GLY A 709 20.14 44.93 -7.84
N PHE A 710 19.38 43.91 -8.21
CA PHE A 710 19.88 42.78 -8.98
C PHE A 710 18.72 42.26 -9.81
N SER A 711 18.78 42.46 -11.12
CA SER A 711 17.64 42.23 -11.99
C SER A 711 18.03 41.42 -13.21
N ILE A 712 17.04 40.78 -13.82
CA ILE A 712 17.20 40.06 -15.07
C ILE A 712 16.22 40.64 -16.08
N GLY A 713 16.69 40.82 -17.32
CA GLY A 713 15.86 41.35 -18.38
C GLY A 713 16.19 40.65 -19.69
N ILE A 714 15.59 41.17 -20.76
CA ILE A 714 15.85 40.59 -22.07
C ILE A 714 17.23 40.98 -22.58
N ASN A 715 17.83 42.03 -22.01
CA ASN A 715 19.18 42.41 -22.40
C ASN A 715 20.20 41.38 -21.92
N ASP A 716 19.86 40.62 -20.89
CA ASP A 716 20.71 39.54 -20.41
C ASP A 716 20.51 38.25 -21.21
N VAL A 717 19.52 38.19 -22.08
CA VAL A 717 19.23 37.00 -22.86
C VAL A 717 19.45 37.21 -24.36
N THR A 718 19.33 38.43 -24.85
CA THR A 718 19.51 38.69 -26.28
C THR A 718 20.94 38.38 -26.71
N PRO A 719 21.15 37.57 -27.73
CA PRO A 719 22.51 37.27 -28.17
C PRO A 719 23.14 38.46 -28.88
N ALA A 720 24.47 38.46 -28.92
CA ALA A 720 25.20 39.50 -29.62
C ALA A 720 25.04 39.33 -31.13
N ASP A 721 25.53 40.32 -31.88
CA ASP A 721 25.40 40.29 -33.33
C ASP A 721 26.24 39.17 -33.94
N ASP A 722 27.43 38.95 -33.42
CA ASP A 722 28.33 37.96 -34.02
C ASP A 722 27.90 36.53 -33.71
N LEU A 723 27.14 36.32 -32.64
CA LEU A 723 26.71 34.97 -32.29
C LEU A 723 25.72 34.43 -33.30
N LYS A 724 24.89 35.31 -33.87
CA LYS A 724 23.89 34.88 -34.84
C LYS A 724 24.53 34.40 -36.14
N GLN A 725 25.80 34.72 -36.39
CA GLN A 725 26.52 34.23 -37.55
C GLN A 725 27.24 32.92 -37.26
N LYS A 726 27.95 32.85 -36.14
CA LYS A 726 28.68 31.63 -35.79
C LYS A 726 27.72 30.47 -35.53
N LYS A 727 26.60 30.74 -34.84
CA LYS A 727 25.61 29.71 -34.60
C LYS A 727 25.03 29.19 -35.90
N GLU A 728 24.72 30.11 -36.82
CA GLU A 728 24.19 29.71 -38.12
C GLU A 728 25.19 28.86 -38.90
N GLU A 729 26.46 29.26 -38.89
CA GLU A 729 27.47 28.50 -39.63
C GLU A 729 27.66 27.10 -39.04
N LEU A 730 27.71 27.02 -37.71
CA LEU A 730 27.92 25.71 -37.07
C LEU A 730 26.73 24.79 -37.31
N VAL A 731 25.50 25.32 -37.16
CA VAL A 731 24.34 24.47 -37.37
C VAL A 731 24.20 24.11 -38.84
N GLU A 732 24.64 24.97 -39.76
CA GLU A 732 24.60 24.63 -41.18
C GLU A 732 25.59 23.54 -41.52
N ILE A 733 26.78 23.58 -40.93
CA ILE A 733 27.77 22.52 -41.15
C ILE A 733 27.25 21.20 -40.60
N ALA A 734 26.65 21.23 -39.41
CA ALA A 734 26.09 20.01 -38.84
C ALA A 734 24.95 19.47 -39.70
N TYR A 735 24.09 20.34 -40.21
CA TYR A 735 23.01 19.92 -41.08
C TYR A 735 23.55 19.30 -42.37
N HIS A 736 24.58 19.90 -42.95
CA HIS A 736 25.13 19.38 -44.20
C HIS A 736 25.77 18.01 -44.01
N LYS A 737 26.54 17.84 -42.92
CA LYS A 737 27.14 16.53 -42.66
C LYS A 737 26.07 15.48 -42.37
N CYS A 738 25.02 15.87 -41.63
CA CYS A 738 23.93 14.93 -41.39
C CYS A 738 23.23 14.55 -42.69
N ASP A 739 23.04 15.51 -43.60
CA ASP A 739 22.43 15.21 -44.89
C ASP A 739 23.30 14.25 -45.70
N GLU A 740 24.62 14.43 -45.64
CA GLU A 740 25.52 13.49 -46.30
C GLU A 740 25.36 12.08 -45.73
N LEU A 741 25.29 11.96 -44.42
CA LEU A 741 25.10 10.64 -43.80
C LEU A 741 23.75 10.03 -44.18
N ILE A 742 22.71 10.86 -44.28
CA ILE A 742 21.40 10.37 -44.69
C ILE A 742 21.44 9.86 -46.13
N THR A 743 22.13 10.58 -47.01
CA THR A 743 22.26 10.13 -48.40
C THR A 743 23.03 8.81 -48.48
N LEU A 744 24.10 8.68 -47.68
CA LEU A 744 24.85 7.42 -47.66
C LEU A 744 23.99 6.27 -47.13
N PHE A 745 23.16 6.53 -46.13
CA PHE A 745 22.26 5.50 -45.62
C PHE A 745 21.21 5.13 -46.67
N ASN A 746 20.70 6.11 -47.40
CA ASN A 746 19.68 5.86 -48.40
C ASN A 746 20.25 5.01 -49.54
N LYS A 747 21.49 5.29 -49.96
CA LYS A 747 22.11 4.45 -50.97
C LYS A 747 22.37 3.04 -50.45
N GLY A 748 22.82 2.92 -49.21
CA GLY A 748 22.98 1.62 -48.60
C GLY A 748 24.38 1.31 -48.11
N GLU A 749 25.37 2.09 -48.54
CA GLU A 749 26.76 1.86 -48.19
C GLU A 749 27.15 2.48 -46.85
N LEU A 750 26.18 2.75 -45.98
CA LEU A 750 26.50 3.24 -44.64
C LEU A 750 27.21 2.15 -43.84
N GLU A 751 28.26 2.55 -43.13
CA GLU A 751 29.10 1.60 -42.39
C GLU A 751 28.58 1.42 -40.98
N THR A 752 28.39 0.17 -40.58
CA THR A 752 27.87 -0.15 -39.25
C THR A 752 29.02 -0.51 -38.30
N GLN A 753 29.78 0.52 -37.93
CA GLN A 753 30.89 0.33 -36.99
C GLN A 753 30.45 -0.15 -35.60
N PRO A 754 29.42 0.40 -34.95
CA PRO A 754 29.09 -0.09 -33.60
C PRO A 754 28.57 -1.52 -33.57
N GLY A 755 28.15 -2.08 -34.70
CA GLY A 755 27.66 -3.43 -34.76
C GLY A 755 26.16 -3.58 -34.85
N CYS A 756 25.41 -2.50 -34.62
CA CYS A 756 23.97 -2.54 -34.80
C CYS A 756 23.62 -2.39 -36.28
N ASN A 757 22.32 -2.41 -36.57
CA ASN A 757 21.87 -2.29 -37.95
C ASN A 757 22.03 -0.84 -38.42
N GLU A 758 21.68 -0.62 -39.69
CA GLU A 758 21.95 0.67 -40.33
C GLU A 758 21.16 1.80 -39.70
N GLU A 759 19.88 1.55 -39.37
CA GLU A 759 19.05 2.59 -38.78
C GLU A 759 19.60 3.05 -37.43
N GLN A 760 20.00 2.09 -36.60
CA GLN A 760 20.49 2.43 -35.26
C GLN A 760 21.80 3.20 -35.32
N THR A 761 22.73 2.78 -36.19
CA THR A 761 24.00 3.49 -36.25
C THR A 761 23.85 4.87 -36.90
N LEU A 762 22.94 5.00 -37.87
CA LEU A 762 22.64 6.33 -38.40
C LEU A 762 22.05 7.22 -37.33
N GLU A 763 21.12 6.69 -36.53
CA GLU A 763 20.53 7.47 -35.46
C GLU A 763 21.57 7.89 -34.43
N ALA A 764 22.48 6.98 -34.07
CA ALA A 764 23.52 7.29 -33.10
C ALA A 764 24.46 8.37 -33.62
N LYS A 765 24.85 8.27 -34.90
CA LYS A 765 25.75 9.27 -35.47
C LYS A 765 25.07 10.64 -35.55
N ILE A 766 23.79 10.66 -35.94
CA ILE A 766 23.07 11.94 -36.01
C ILE A 766 22.94 12.55 -34.62
N GLY A 767 22.61 11.72 -33.62
CA GLY A 767 22.50 12.23 -32.26
C GLY A 767 23.81 12.77 -31.74
N GLY A 768 24.92 12.07 -32.03
CA GLY A 768 26.21 12.57 -31.63
C GLY A 768 26.57 13.88 -32.29
N LEU A 769 26.27 14.00 -33.59
CA LEU A 769 26.55 15.24 -34.31
C LEU A 769 25.75 16.40 -33.76
N LEU A 770 24.47 16.18 -33.45
CA LEU A 770 23.63 17.26 -32.94
C LEU A 770 24.01 17.63 -31.51
N SER A 771 24.38 16.64 -30.69
CA SER A 771 24.87 16.95 -29.35
C SER A 771 26.16 17.75 -29.42
N LYS A 772 27.05 17.40 -30.35
CA LYS A 772 28.29 18.15 -30.51
C LYS A 772 28.03 19.59 -30.94
N VAL A 773 27.10 19.80 -31.87
CA VAL A 773 26.85 21.17 -32.32
C VAL A 773 26.17 21.98 -31.21
N ARG A 774 25.30 21.36 -30.42
CA ARG A 774 24.71 22.07 -29.28
C ARG A 774 25.78 22.45 -28.27
N GLU A 775 26.69 21.52 -27.97
CA GLU A 775 27.76 21.81 -27.02
C GLU A 775 28.67 22.93 -27.51
N GLU A 776 29.00 22.93 -28.81
CA GLU A 776 29.88 23.95 -29.34
C GLU A 776 29.22 25.33 -29.32
N VAL A 777 27.97 25.42 -29.75
CA VAL A 777 27.28 26.71 -29.76
C VAL A 777 27.05 27.20 -28.33
N GLY A 778 26.75 26.29 -27.41
CA GLY A 778 26.61 26.69 -26.02
C GLY A 778 27.91 27.19 -25.43
N ASP A 779 29.03 26.55 -25.77
CA ASP A 779 30.33 26.99 -25.28
C ASP A 779 30.66 28.39 -25.79
N VAL A 780 30.45 28.64 -27.09
CA VAL A 780 30.78 29.96 -27.61
C VAL A 780 29.80 31.01 -27.07
N CYS A 781 28.55 30.63 -26.80
CA CYS A 781 27.59 31.56 -26.21
C CYS A 781 27.99 31.93 -24.79
N ILE A 782 28.40 30.94 -23.98
CA ILE A 782 28.80 31.23 -22.62
C ILE A 782 30.07 32.07 -22.60
N ASN A 783 31.00 31.80 -23.51
CA ASN A 783 32.20 32.60 -23.61
C ASN A 783 31.91 34.04 -24.07
N GLU A 784 30.86 34.24 -24.86
CA GLU A 784 30.57 35.56 -25.40
C GLU A 784 29.70 36.43 -24.50
N LEU A 785 29.35 35.96 -23.30
CA LEU A 785 28.54 36.75 -22.39
C LEU A 785 29.43 37.51 -21.41
N ASP A 786 29.18 38.79 -21.26
CA ASP A 786 29.99 39.63 -20.38
C ASP A 786 29.60 39.41 -18.92
N ASN A 787 30.37 40.03 -18.03
CA ASN A 787 30.01 40.01 -16.62
C ASN A 787 28.79 40.88 -16.38
N TRP A 788 28.22 40.74 -15.17
CA TRP A 788 26.95 41.35 -14.77
C TRP A 788 25.79 40.93 -15.67
N ASN A 789 25.92 39.78 -16.32
CA ASN A 789 24.81 39.15 -17.02
C ASN A 789 24.11 38.26 -16.00
N ALA A 790 22.84 38.54 -15.75
CA ALA A 790 22.15 37.94 -14.61
C ALA A 790 22.07 36.41 -14.67
N PRO A 791 21.69 35.76 -15.78
CA PRO A 791 21.76 34.29 -15.79
C PRO A 791 23.16 33.75 -15.59
N LEU A 792 24.18 34.43 -16.12
CA LEU A 792 25.55 33.98 -15.92
C LEU A 792 25.95 34.09 -14.46
N ILE A 793 25.55 35.17 -13.79
CA ILE A 793 25.84 35.31 -12.36
C ILE A 793 25.11 34.25 -11.55
N MET A 794 23.83 34.02 -11.86
CA MET A 794 23.08 33.01 -11.12
C MET A 794 23.55 31.60 -11.42
N ALA A 795 24.26 31.39 -12.53
CA ALA A 795 24.86 30.08 -12.77
C ALA A 795 26.21 29.95 -12.09
N THR A 796 26.99 31.04 -12.04
CA THR A 796 28.26 31.02 -11.32
C THR A 796 28.04 30.81 -9.83
N CYS A 797 27.02 31.46 -9.27
CA CYS A 797 26.68 31.26 -7.86
C CYS A 797 26.24 29.84 -7.59
N GLY A 798 25.49 29.25 -8.51
CA GLY A 798 24.83 27.99 -8.26
C GLY A 798 23.49 28.11 -7.56
N SER A 799 22.99 29.33 -7.36
CA SER A 799 21.73 29.52 -6.66
C SER A 799 20.56 28.93 -7.46
N LYS A 800 20.49 29.25 -8.74
CA LYS A 800 19.43 28.72 -9.59
C LYS A 800 19.91 28.71 -11.04
N GLY A 801 19.48 27.71 -11.78
CA GLY A 801 19.85 27.58 -13.17
C GLY A 801 21.21 26.93 -13.35
N SER A 802 21.65 26.87 -14.60
CA SER A 802 22.93 26.27 -14.95
C SER A 802 23.37 26.81 -16.30
N THR A 803 24.50 26.28 -16.77
CA THR A 803 25.01 26.68 -18.08
C THR A 803 24.06 26.27 -19.20
N LEU A 804 23.46 25.08 -19.07
CA LEU A 804 22.58 24.57 -20.12
C LEU A 804 21.36 25.46 -20.33
N ASN A 805 20.80 25.99 -19.24
CA ASN A 805 19.62 26.84 -19.37
C ASN A 805 19.94 28.14 -20.10
N VAL A 806 21.08 28.75 -19.78
CA VAL A 806 21.49 29.98 -20.46
C VAL A 806 21.78 29.68 -21.93
N SER A 807 22.42 28.54 -22.20
CA SER A 807 22.68 28.15 -23.58
C SER A 807 21.39 27.92 -24.35
N GLN A 808 20.37 27.39 -23.69
CA GLN A 808 19.10 27.15 -24.36
C GLN A 808 18.36 28.47 -24.62
N MET A 809 18.43 29.42 -23.69
CA MET A 809 17.72 30.67 -23.89
C MET A 809 18.41 31.55 -24.93
N VAL A 810 19.73 31.63 -24.90
CA VAL A 810 20.44 32.56 -25.78
C VAL A 810 20.84 31.90 -27.10
N ALA A 811 21.22 30.64 -27.07
CA ALA A 811 21.73 29.92 -28.23
C ALA A 811 20.78 28.79 -28.59
N VAL A 812 21.23 27.90 -29.48
CA VAL A 812 20.38 26.81 -29.97
C VAL A 812 19.96 25.91 -28.82
N VAL A 813 18.68 25.55 -28.79
CA VAL A 813 18.14 24.76 -27.69
C VAL A 813 18.71 23.35 -27.70
N GLY A 814 18.69 22.69 -28.85
CA GLY A 814 19.26 21.37 -29.00
C GLY A 814 18.21 20.32 -29.32
N GLN A 815 18.70 19.10 -29.50
CA GLN A 815 17.85 18.00 -29.91
C GLN A 815 16.93 17.57 -28.76
N GLN A 816 15.65 17.45 -29.08
CA GLN A 816 14.66 16.95 -28.11
C GLN A 816 14.67 15.42 -28.13
N ILE A 817 14.78 14.82 -26.96
CA ILE A 817 14.94 13.38 -26.82
C ILE A 817 13.73 12.84 -26.07
N ILE A 818 13.05 11.86 -26.68
CA ILE A 818 11.88 11.22 -26.10
C ILE A 818 12.17 9.74 -25.92
N SER A 819 12.11 9.27 -24.67
CA SER A 819 12.36 7.87 -24.30
C SER A 819 13.71 7.38 -24.82
N GLY A 820 14.72 8.25 -24.78
CA GLY A 820 16.06 7.90 -25.18
C GLY A 820 16.35 8.06 -26.66
N ASN A 821 15.34 8.20 -27.49
CA ASN A 821 15.49 8.36 -28.93
C ASN A 821 14.99 9.72 -29.36
N ARG A 822 15.04 9.96 -30.67
CA ARG A 822 14.48 11.17 -31.24
C ARG A 822 12.96 11.06 -31.30
N VAL A 823 12.32 12.02 -31.95
CA VAL A 823 10.85 12.05 -31.98
C VAL A 823 10.34 10.87 -32.80
N PRO A 824 9.45 10.04 -32.25
CA PRO A 824 8.96 8.89 -33.01
C PRO A 824 8.09 9.32 -34.18
N ASP A 825 8.05 8.45 -35.19
CA ASP A 825 7.24 8.70 -36.38
C ASP A 825 5.79 8.49 -36.03
N GLY A 826 5.07 9.58 -35.74
CA GLY A 826 3.66 9.50 -35.43
C GLY A 826 2.76 9.30 -36.62
N PHE A 827 3.29 9.43 -37.83
CA PHE A 827 2.56 9.22 -39.06
C PHE A 827 3.22 8.07 -39.82
N GLN A 828 2.80 7.87 -41.07
CA GLN A 828 3.32 6.75 -41.85
C GLN A 828 4.77 7.02 -42.26
N ASP A 829 5.70 6.57 -41.43
CA ASP A 829 7.15 6.70 -41.64
C ASP A 829 7.53 8.16 -41.87
N ARG A 830 6.98 9.04 -41.03
CA ARG A 830 7.43 10.43 -40.92
C ARG A 830 6.89 10.99 -39.62
N SER A 831 7.51 12.09 -39.18
CA SER A 831 7.13 12.69 -37.91
C SER A 831 5.84 13.51 -38.04
N LEU A 832 5.86 14.51 -38.90
CA LEU A 832 4.73 15.42 -39.08
C LEU A 832 4.44 15.53 -40.57
N PRO A 833 3.20 15.86 -40.94
CA PRO A 833 2.88 16.03 -42.36
C PRO A 833 3.50 17.27 -43.01
N HIS A 834 4.22 18.09 -42.26
CA HIS A 834 4.88 19.25 -42.81
C HIS A 834 6.26 18.93 -43.36
N PHE A 835 6.68 17.68 -43.29
CA PHE A 835 7.97 17.24 -43.81
C PHE A 835 7.76 16.14 -44.83
N PRO A 836 8.63 16.04 -45.83
CA PRO A 836 8.44 15.03 -46.88
C PRO A 836 8.59 13.63 -46.34
N LYS A 837 7.92 12.68 -46.99
CA LYS A 837 7.93 11.30 -46.55
C LYS A 837 9.32 10.70 -46.66
N ASN A 838 9.60 9.75 -45.78
CA ASN A 838 10.86 8.99 -45.75
C ASN A 838 12.06 9.92 -45.58
N SER A 839 12.02 10.73 -44.53
CA SER A 839 13.05 11.71 -44.27
C SER A 839 13.54 11.61 -42.84
N LYS A 840 14.84 11.84 -42.66
CA LYS A 840 15.47 11.80 -41.35
C LYS A 840 16.31 13.05 -41.08
N THR A 841 16.01 14.15 -41.75
CA THR A 841 16.73 15.40 -41.53
C THR A 841 16.49 15.90 -40.10
N PRO A 842 17.49 16.56 -39.50
CA PRO A 842 17.35 16.97 -38.09
C PRO A 842 16.15 17.88 -37.83
N GLN A 843 15.83 18.78 -38.75
CA GLN A 843 14.69 19.67 -38.54
C GLN A 843 13.35 18.94 -38.55
N SER A 844 13.32 17.68 -38.99
CA SER A 844 12.09 16.90 -39.01
C SER A 844 12.03 15.85 -37.90
N LYS A 845 13.17 15.36 -37.44
CA LYS A 845 13.18 14.31 -36.44
C LYS A 845 13.20 14.83 -35.01
N GLY A 846 13.24 16.15 -34.81
CA GLY A 846 13.06 16.68 -33.48
C GLY A 846 14.11 17.67 -33.01
N PHE A 847 14.99 18.10 -33.90
CA PHE A 847 15.99 19.11 -33.53
C PHE A 847 15.43 20.50 -33.78
N VAL A 848 15.65 21.39 -32.82
CA VAL A 848 15.26 22.79 -32.93
C VAL A 848 16.52 23.63 -33.02
N ARG A 849 16.58 24.50 -34.03
CA ARG A 849 17.71 25.39 -34.23
C ARG A 849 17.45 26.80 -33.75
N ASN A 850 16.31 27.04 -33.12
CA ASN A 850 15.90 28.36 -32.69
C ASN A 850 16.09 28.53 -31.20
N SER A 851 16.48 29.74 -30.78
CA SER A 851 16.60 30.03 -29.37
C SER A 851 15.22 30.22 -28.75
N PHE A 852 15.18 30.11 -27.42
CA PHE A 852 13.95 30.45 -26.71
C PHE A 852 13.68 31.95 -26.77
N PHE A 853 14.73 32.76 -26.97
CA PHE A 853 14.52 34.19 -27.16
C PHE A 853 13.98 34.48 -28.55
N SER A 854 14.41 33.70 -29.55
CA SER A 854 14.03 33.95 -30.93
C SER A 854 12.68 33.37 -31.30
N GLY A 855 12.05 32.61 -30.42
CA GLY A 855 10.78 31.99 -30.77
C GLY A 855 10.98 30.66 -31.45
N LEU A 856 9.95 29.83 -31.41
CA LEU A 856 10.01 28.47 -31.93
C LEU A 856 9.05 28.31 -33.10
N SER A 857 9.53 27.66 -34.15
CA SER A 857 8.68 27.29 -35.26
C SER A 857 7.66 26.25 -34.80
N PRO A 858 6.49 26.20 -35.44
CA PRO A 858 5.41 25.30 -34.98
C PRO A 858 5.81 23.83 -34.89
N PRO A 859 6.61 23.27 -35.82
CA PRO A 859 7.08 21.89 -35.58
C PRO A 859 7.98 21.78 -34.36
N GLU A 860 8.89 22.74 -34.19
CA GLU A 860 9.74 22.74 -33.00
C GLU A 860 8.91 22.92 -31.74
N PHE A 861 7.87 23.75 -31.82
CA PHE A 861 6.98 23.92 -30.68
C PHE A 861 6.29 22.62 -30.31
N LEU A 862 5.81 21.88 -31.32
CA LEU A 862 5.17 20.61 -31.02
C LEU A 862 6.14 19.59 -30.43
N PHE A 863 7.36 19.54 -30.96
CA PHE A 863 8.35 18.59 -30.44
C PHE A 863 8.73 18.93 -28.99
N HIS A 864 8.90 20.22 -28.70
CA HIS A 864 9.19 20.62 -27.33
C HIS A 864 8.00 20.35 -26.41
N ALA A 865 6.78 20.49 -26.94
CA ALA A 865 5.60 20.12 -26.17
C ALA A 865 5.60 18.64 -25.83
N ILE A 866 6.01 17.80 -26.78
CA ILE A 866 6.11 16.37 -26.53
C ILE A 866 7.12 16.07 -25.43
N SER A 867 8.28 16.73 -25.49
CA SER A 867 9.31 16.52 -24.46
C SER A 867 8.82 16.96 -23.08
N GLY A 868 8.20 18.14 -23.00
CA GLY A 868 7.65 18.59 -21.74
C GLY A 868 6.55 17.69 -21.21
N ARG A 869 5.73 17.15 -22.12
CA ARG A 869 4.67 16.25 -21.71
C ARG A 869 5.22 14.96 -21.14
N GLU A 870 6.26 14.40 -21.75
CA GLU A 870 6.82 13.17 -21.19
C GLU A 870 7.49 13.43 -19.85
N GLY A 871 8.13 14.59 -19.70
CA GLY A 871 8.68 14.94 -18.39
C GLY A 871 7.61 15.04 -17.32
N LEU A 872 6.50 15.72 -17.65
CA LEU A 872 5.41 15.88 -16.69
C LEU A 872 4.77 14.55 -16.34
N VAL A 873 4.57 13.67 -17.32
CA VAL A 873 3.91 12.40 -17.02
C VAL A 873 4.82 11.49 -16.22
N ASP A 874 6.14 11.53 -16.48
CA ASP A 874 7.06 10.76 -15.66
C ASP A 874 7.05 11.25 -14.22
N THR A 875 7.04 12.58 -14.04
CA THR A 875 6.94 13.15 -12.69
C THR A 875 5.65 12.72 -12.00
N ALA A 876 4.55 12.68 -12.76
CA ALA A 876 3.26 12.31 -12.17
C ALA A 876 3.22 10.84 -11.76
N VAL A 877 3.81 9.95 -12.57
CA VAL A 877 3.61 8.52 -12.33
C VAL A 877 4.75 7.84 -11.57
N LYS A 878 5.86 8.52 -11.32
CA LYS A 878 6.91 7.87 -10.53
C LYS A 878 6.53 7.74 -9.05
N THR A 879 5.63 8.60 -8.57
CA THR A 879 5.41 8.75 -7.13
C THR A 879 4.81 7.50 -6.52
N ALA A 880 3.88 6.84 -7.22
CA ALA A 880 3.23 5.66 -6.66
C ALA A 880 4.23 4.53 -6.40
N GLU A 881 5.02 4.20 -7.41
CA GLU A 881 6.00 3.13 -7.27
C GLU A 881 7.07 3.50 -6.24
N THR A 882 7.51 4.76 -6.24
CA THR A 882 8.56 5.15 -5.29
C THR A 882 8.05 5.08 -3.86
N GLY A 883 6.82 5.54 -3.63
CA GLY A 883 6.25 5.46 -2.29
C GLY A 883 6.02 4.04 -1.83
N TYR A 884 5.57 3.17 -2.74
CA TYR A 884 5.40 1.75 -2.40
C TYR A 884 6.72 1.12 -2.02
N MET A 885 7.78 1.42 -2.78
CA MET A 885 9.10 0.87 -2.46
C MET A 885 9.60 1.40 -1.12
N SER A 886 9.39 2.69 -0.85
CA SER A 886 9.83 3.25 0.42
C SER A 886 9.09 2.62 1.59
N ARG A 887 7.77 2.42 1.45
CA ARG A 887 7.00 1.77 2.51
C ARG A 887 7.46 0.35 2.75
N ARG A 888 7.75 -0.39 1.68
CA ARG A 888 8.24 -1.76 1.84
C ARG A 888 9.58 -1.80 2.55
N LEU A 889 10.50 -0.91 2.15
CA LEU A 889 11.80 -0.85 2.81
C LEU A 889 11.67 -0.50 4.27
N MET A 890 10.80 0.46 4.60
CA MET A 890 10.72 0.90 5.98
C MET A 890 10.02 -0.14 6.85
N LYS A 891 9.03 -0.85 6.30
CA LYS A 891 8.44 -1.96 7.02
C LYS A 891 9.44 -3.10 7.23
N SER A 892 10.37 -3.27 6.30
CA SER A 892 11.38 -4.31 6.49
C SER A 892 12.44 -3.93 7.51
N LEU A 893 12.84 -2.66 7.55
CA LEU A 893 13.99 -2.25 8.36
C LEU A 893 13.61 -1.47 9.61
N GLU A 894 12.35 -1.54 10.05
CA GLU A 894 11.93 -0.71 11.17
C GLU A 894 12.43 -1.21 12.51
N ASP A 895 12.82 -2.48 12.61
CA ASP A 895 13.12 -3.07 13.91
C ASP A 895 14.59 -3.02 14.28
N LEU A 896 15.47 -2.68 13.36
CA LEU A 896 16.90 -2.71 13.66
C LEU A 896 17.29 -1.57 14.59
N SER A 897 18.28 -1.84 15.45
CA SER A 897 18.81 -0.83 16.35
C SER A 897 20.22 -1.23 16.75
N CYS A 898 21.01 -0.25 17.17
CA CYS A 898 22.37 -0.49 17.62
C CYS A 898 22.35 -0.63 19.14
N GLN A 899 22.56 -1.84 19.63
CA GLN A 899 22.54 -2.07 21.06
C GLN A 899 23.81 -1.54 21.72
N TYR A 900 23.82 -1.57 23.04
CA TYR A 900 24.91 -0.97 23.80
C TYR A 900 26.20 -1.77 23.74
N ASP A 901 26.18 -2.98 23.19
CA ASP A 901 27.38 -3.75 22.95
C ASP A 901 27.89 -3.59 21.53
N ASN A 902 27.46 -2.54 20.84
CA ASN A 902 27.90 -2.18 19.49
C ASN A 902 27.60 -3.28 18.47
N THR A 903 26.43 -3.91 18.62
CA THR A 903 25.98 -4.92 17.67
C THR A 903 24.58 -4.58 17.21
N VAL A 904 24.38 -4.55 15.89
CA VAL A 904 23.06 -4.27 15.34
C VAL A 904 22.20 -5.52 15.47
N ARG A 905 21.07 -5.40 16.15
CA ARG A 905 20.21 -6.53 16.44
C ARG A 905 18.78 -6.23 16.02
N THR A 906 18.03 -7.28 15.72
CA THR A 906 16.63 -7.15 15.38
C THR A 906 15.80 -6.95 16.65
N SER A 907 14.48 -6.90 16.48
CA SER A 907 13.59 -6.82 17.63
C SER A 907 13.64 -8.09 18.46
N ALA A 908 13.78 -9.24 17.81
CA ALA A 908 13.83 -10.52 18.48
C ALA A 908 15.23 -10.87 18.98
N ASN A 909 16.11 -9.88 19.12
CA ASN A 909 17.44 -10.03 19.71
C ASN A 909 18.32 -11.00 18.92
N GLY A 910 18.31 -10.88 17.59
CA GLY A 910 19.22 -11.62 16.73
C GLY A 910 20.13 -10.66 15.98
N ILE A 911 21.40 -11.01 15.89
CA ILE A 911 22.39 -10.10 15.31
C ILE A 911 22.35 -10.15 13.80
N VAL A 912 22.24 -8.97 13.18
CA VAL A 912 22.37 -8.84 11.73
C VAL A 912 23.83 -8.58 11.39
N GLN A 913 24.39 -7.51 11.94
CA GLN A 913 25.81 -7.21 11.80
C GLN A 913 26.44 -7.19 13.19
N PHE A 914 27.68 -7.66 13.26
CA PHE A 914 28.39 -7.60 14.53
C PHE A 914 28.86 -6.20 14.85
N THR A 915 29.26 -5.44 13.83
CA THR A 915 29.48 -4.00 13.95
C THR A 915 28.82 -3.34 12.75
N TYR A 916 28.31 -2.13 12.94
CA TYR A 916 27.62 -1.44 11.86
C TYR A 916 28.62 -1.01 10.80
N GLY A 917 28.55 -1.62 9.63
CA GLY A 917 29.43 -1.27 8.54
C GLY A 917 30.85 -1.81 8.65
N GLY A 918 31.12 -2.62 9.68
CA GLY A 918 32.45 -3.15 9.89
C GLY A 918 33.36 -2.27 10.71
N ASP A 919 32.96 -1.04 10.99
CA ASP A 919 33.77 -0.15 11.82
C ASP A 919 32.97 0.65 12.83
N GLY A 920 31.64 0.54 12.83
CA GLY A 920 30.81 1.21 13.80
C GLY A 920 30.84 2.72 13.76
N LEU A 921 30.74 3.29 12.57
CA LEU A 921 30.77 4.74 12.39
C LEU A 921 29.44 5.20 11.80
N ASP A 922 28.82 6.17 12.47
CA ASP A 922 27.59 6.77 11.96
C ASP A 922 27.93 7.63 10.75
N PRO A 923 27.22 7.47 9.61
CA PRO A 923 27.47 8.36 8.47
C PRO A 923 27.15 9.82 8.75
N LEU A 924 26.38 10.12 9.80
CA LEU A 924 26.09 11.51 10.13
C LEU A 924 27.34 12.25 10.58
N GLU A 925 28.19 11.62 11.36
CA GLU A 925 29.34 12.29 11.97
C GLU A 925 30.64 12.09 11.19
N MET A 926 30.61 11.39 10.07
CA MET A 926 31.80 11.22 9.24
C MET A 926 32.05 12.49 8.45
N GLU A 927 33.20 13.13 8.69
CA GLU A 927 33.53 14.40 8.06
C GLU A 927 34.61 14.26 7.00
N GLY A 928 34.63 13.11 6.32
CA GLY A 928 35.57 12.89 5.24
C GLY A 928 35.08 11.81 4.32
N ASN A 929 35.60 11.79 3.10
CA ASN A 929 35.21 10.78 2.13
C ASN A 929 35.74 9.41 2.55
N ALA A 930 34.83 8.56 3.07
CA ALA A 930 35.16 7.24 3.61
C ALA A 930 36.21 7.33 4.71
N GLN A 931 36.11 8.37 5.52
CA GLN A 931 37.02 8.57 6.64
C GLN A 931 36.27 9.30 7.76
N PRO A 932 36.53 8.94 9.01
CA PRO A 932 35.84 9.62 10.12
C PRO A 932 36.39 11.00 10.44
N VAL A 933 37.51 11.39 9.87
CA VAL A 933 38.08 12.72 10.12
C VAL A 933 38.86 13.13 8.87
N ASN A 934 38.76 14.41 8.52
CA ASN A 934 39.53 14.98 7.42
C ASN A 934 40.88 15.42 7.97
N PHE A 935 41.95 14.82 7.46
CA PHE A 935 43.27 15.05 8.05
C PHE A 935 43.82 16.43 7.68
N ASN A 936 43.66 16.85 6.43
CA ASN A 936 44.29 18.10 5.99
C ASN A 936 43.67 19.31 6.68
N ARG A 937 42.34 19.37 6.72
CA ARG A 937 41.67 20.50 7.37
C ARG A 937 41.96 20.52 8.87
N SER A 938 41.99 19.36 9.50
CA SER A 938 42.29 19.29 10.93
C SER A 938 43.72 19.73 11.20
N TRP A 939 44.66 19.34 10.34
CA TRP A 939 46.03 19.79 10.50
C TRP A 939 46.16 21.30 10.33
N ASP A 940 45.44 21.86 9.34
CA ASP A 940 45.46 23.30 9.15
C ASP A 940 44.88 24.03 10.35
N HIS A 941 43.76 23.52 10.88
CA HIS A 941 43.14 24.14 12.05
C HIS A 941 44.04 24.07 13.27
N ALA A 942 44.69 22.92 13.48
CA ALA A 942 45.60 22.79 14.61
C ALA A 942 46.81 23.70 14.47
N TYR A 943 47.33 23.83 13.24
CA TYR A 943 48.47 24.71 13.03
C TYR A 943 48.09 26.17 13.19
N ASN A 944 46.83 26.52 12.91
CA ASN A 944 46.45 27.92 13.02
C ASN A 944 46.12 28.31 14.47
N ILE A 945 45.33 27.50 15.17
CA ILE A 945 44.87 27.91 16.49
C ILE A 945 45.99 27.86 17.53
N THR A 946 47.11 27.20 17.23
CA THR A 946 48.27 27.20 18.11
C THR A 946 49.45 27.92 17.48
N PHE A 947 49.20 28.83 16.54
CA PHE A 947 50.29 29.49 15.84
C PHE A 947 50.99 30.50 16.74
N ASN A 948 52.30 30.59 16.59
CA ASN A 948 53.13 31.52 17.34
C ASN A 948 54.44 31.70 16.59
N ASN A 949 55.13 32.79 16.89
CA ASN A 949 56.44 33.04 16.29
C ASN A 949 57.59 32.71 17.21
N GLN A 950 57.40 32.84 18.53
CA GLN A 950 58.48 32.56 19.46
C GLN A 950 58.68 31.06 19.68
N ASP A 951 57.67 30.25 19.37
CA ASP A 951 57.80 28.81 19.53
C ASP A 951 58.78 28.25 18.50
N LYS A 952 59.61 27.31 18.96
CA LYS A 952 60.64 26.73 18.12
C LYS A 952 60.13 25.45 17.47
N GLY A 953 60.40 25.28 16.19
CA GLY A 953 59.98 24.08 15.49
C GLY A 953 60.78 22.86 15.90
N LEU A 954 60.21 21.69 15.65
CA LEU A 954 60.85 20.44 16.01
C LEU A 954 61.46 19.77 14.78
N LEU A 955 62.52 19.01 15.03
CA LEU A 955 63.08 18.14 14.02
C LEU A 955 62.12 16.98 13.77
N PRO A 956 62.17 16.38 12.56
CA PRO A 956 61.16 15.36 12.22
C PRO A 956 61.13 14.16 13.14
N TYR A 957 62.29 13.74 13.65
CA TYR A 957 62.29 12.62 14.60
C TYR A 957 61.57 12.99 15.88
N ALA A 958 61.64 14.26 16.29
CA ALA A 958 60.87 14.69 17.45
C ALA A 958 59.37 14.65 17.18
N ILE A 959 58.97 14.95 15.94
CA ILE A 959 57.56 14.84 15.57
C ILE A 959 57.10 13.40 15.64
N MET A 960 57.92 12.48 15.11
CA MET A 960 57.61 11.06 15.24
C MET A 960 57.56 10.61 16.69
N GLU A 961 58.47 11.14 17.51
CA GLU A 961 58.50 10.79 18.93
C GLU A 961 57.23 11.24 19.64
N THR A 962 56.79 12.47 19.37
CA THR A 962 55.56 12.97 19.98
C THR A 962 54.35 12.19 19.49
N ALA A 963 54.30 11.88 18.19
CA ALA A 963 53.18 11.12 17.65
C ALA A 963 53.11 9.75 18.27
N ASN A 964 54.24 9.07 18.42
CA ASN A 964 54.24 7.77 19.06
C ASN A 964 53.92 7.87 20.54
N GLU A 965 54.38 8.93 21.20
CA GLU A 965 54.08 9.11 22.62
C GLU A 965 52.58 9.29 22.85
N ILE A 966 51.88 9.91 21.91
CA ILE A 966 50.44 10.04 22.07
C ILE A 966 49.69 8.80 21.59
N LEU A 967 50.17 8.14 20.54
CA LEU A 967 49.43 7.04 19.91
C LEU A 967 49.84 5.66 20.41
N GLY A 968 50.77 5.57 21.36
CA GLY A 968 51.22 4.28 21.84
C GLY A 968 50.18 3.53 22.64
N PRO A 969 49.84 4.05 23.82
CA PRO A 969 48.82 3.38 24.65
C PRO A 969 47.45 3.31 24.01
N LEU A 970 47.16 4.15 23.02
CA LEU A 970 45.87 4.08 22.35
C LEU A 970 45.71 2.80 21.56
N GLU A 971 46.82 2.22 21.09
CA GLU A 971 46.77 0.97 20.34
C GLU A 971 47.41 -0.21 21.06
N GLU A 972 48.13 0.03 22.16
CA GLU A 972 48.64 -1.08 22.95
C GLU A 972 47.52 -1.82 23.67
N ARG A 973 46.49 -1.08 24.09
CA ARG A 973 45.37 -1.70 24.81
C ARG A 973 44.46 -2.52 23.92
N LEU A 974 44.58 -2.39 22.60
CA LEU A 974 43.81 -3.20 21.66
C LEU A 974 44.61 -4.45 21.28
N VAL A 975 44.86 -5.29 22.28
CA VAL A 975 45.64 -6.50 22.07
C VAL A 975 44.81 -7.49 21.25
N ARG A 976 45.47 -8.25 20.40
CA ARG A 976 44.81 -9.16 19.47
C ARG A 976 44.86 -10.57 20.04
N TYR A 977 43.75 -11.02 20.60
CA TYR A 977 43.59 -12.41 20.96
C TYR A 977 43.24 -13.21 19.70
N ASP A 978 43.50 -14.51 19.75
CA ASP A 978 43.08 -15.35 18.64
C ASP A 978 41.60 -15.69 18.80
N ASN A 979 41.12 -16.61 17.95
CA ASN A 979 39.76 -17.06 18.09
C ASN A 979 39.57 -17.94 19.32
N SER A 980 40.66 -18.52 19.84
CA SER A 980 40.59 -19.44 20.97
C SER A 980 40.54 -18.74 22.32
N GLY A 981 40.69 -17.42 22.36
CA GLY A 981 40.79 -16.72 23.61
C GLY A 981 42.18 -16.68 24.20
N CYS A 982 43.21 -16.95 23.40
CA CYS A 982 44.60 -16.89 23.82
C CYS A 982 45.31 -15.79 23.04
N LEU A 983 46.55 -15.51 23.44
CA LEU A 983 47.32 -14.46 22.79
C LEU A 983 47.81 -14.94 21.42
N VAL A 984 48.30 -13.98 20.63
CA VAL A 984 48.84 -14.24 19.31
C VAL A 984 50.28 -13.79 19.29
N LYS A 985 51.18 -14.65 18.83
CA LYS A 985 52.60 -14.35 18.81
C LYS A 985 52.89 -13.20 17.84
N ARG A 986 53.85 -12.36 18.21
CA ARG A 986 54.08 -11.12 17.48
C ARG A 986 54.98 -11.31 16.25
N GLU A 987 54.69 -12.35 15.48
CA GLU A 987 55.36 -12.59 14.21
C GLU A 987 54.40 -12.90 13.08
N ASP A 988 53.14 -13.20 13.36
CA ASP A 988 52.15 -13.52 12.34
C ASP A 988 50.81 -12.89 12.68
N LEU A 989 50.84 -11.63 13.13
CA LEU A 989 49.62 -10.94 13.52
C LEU A 989 48.76 -10.57 12.31
N ASN A 990 49.39 -10.25 11.18
CA ASN A 990 48.70 -9.65 10.06
C ASN A 990 48.05 -10.65 9.12
N LYS A 991 48.11 -11.95 9.42
CA LYS A 991 47.49 -12.93 8.56
C LYS A 991 45.97 -12.87 8.68
N ALA A 992 45.28 -13.29 7.63
CA ALA A 992 43.84 -13.11 7.53
C ALA A 992 43.06 -14.26 8.15
N GLU A 993 43.37 -14.60 9.40
CA GLU A 993 42.54 -15.54 10.14
C GLU A 993 42.38 -15.15 11.61
N TYR A 994 42.93 -14.01 12.03
CA TYR A 994 42.82 -13.55 13.40
C TYR A 994 42.29 -12.12 13.44
N VAL A 995 41.45 -11.75 12.48
CA VAL A 995 40.89 -10.40 12.44
C VAL A 995 39.86 -10.26 13.53
N ASP A 996 39.97 -9.18 14.31
CA ASP A 996 39.06 -8.91 15.42
C ASP A 996 38.19 -7.71 15.09
N GLN A 997 37.30 -7.38 16.03
CA GLN A 997 36.39 -6.25 15.84
C GLN A 997 37.11 -4.91 15.93
N TYR A 998 38.27 -4.86 16.59
CA TYR A 998 38.99 -3.61 16.80
C TYR A 998 39.89 -3.26 15.63
N ASP A 999 39.97 -4.13 14.61
CA ASP A 999 40.97 -3.99 13.55
C ASP A 999 40.84 -2.66 12.82
N ALA A 1000 39.62 -2.25 12.48
CA ALA A 1000 39.41 -0.96 11.82
C ALA A 1000 39.97 0.18 12.66
N GLU A 1001 39.73 0.13 13.98
CA GLU A 1001 40.33 1.12 14.89
C GLU A 1001 41.83 1.15 14.72
N ARG A 1002 42.47 -0.04 14.76
CA ARG A 1002 43.91 -0.11 14.54
C ARG A 1002 44.29 0.51 13.21
N ASP A 1003 43.52 0.18 12.17
CA ASP A 1003 43.76 0.75 10.84
C ASP A 1003 43.78 2.27 10.91
N PHE A 1004 42.78 2.84 11.59
CA PHE A 1004 42.71 4.30 11.72
C PHE A 1004 44.00 4.85 12.29
N TYR A 1005 44.48 4.24 13.39
CA TYR A 1005 45.67 4.75 14.04
C TYR A 1005 46.85 4.71 13.09
N HIS A 1006 46.98 3.61 12.33
CA HIS A 1006 48.08 3.51 11.39
C HIS A 1006 48.01 4.64 10.38
N SER A 1007 46.83 4.87 9.81
CA SER A 1007 46.67 5.96 8.84
C SER A 1007 47.04 7.28 9.47
N LEU A 1008 46.59 7.50 10.72
CA LEU A 1008 46.93 8.72 11.44
C LEU A 1008 48.43 8.89 11.50
N ARG A 1009 49.13 7.85 11.96
CA ARG A 1009 50.59 7.94 12.07
C ARG A 1009 51.19 8.18 10.71
N GLU A 1010 50.67 7.49 9.68
CA GLU A 1010 51.21 7.64 8.34
C GLU A 1010 51.11 9.08 7.88
N TYR A 1011 49.98 9.73 8.17
CA TYR A 1011 49.83 11.12 7.75
C TYR A 1011 50.88 11.99 8.41
N ILE A 1012 51.09 11.80 9.72
CA ILE A 1012 52.11 12.58 10.40
C ILE A 1012 53.47 12.28 9.80
N ASN A 1013 53.70 11.02 9.45
CA ASN A 1013 54.95 10.62 8.80
C ASN A 1013 55.18 11.45 7.55
N GLY A 1014 54.14 11.61 6.73
CA GLY A 1014 54.27 12.40 5.52
C GLY A 1014 54.73 13.81 5.82
N LYS A 1015 54.12 14.44 6.85
CA LYS A 1015 54.52 15.79 7.21
C LYS A 1015 55.98 15.82 7.63
N ALA A 1016 56.40 14.83 8.42
CA ALA A 1016 57.81 14.78 8.83
C ALA A 1016 58.69 14.63 7.61
N THR A 1017 58.29 13.78 6.66
CA THR A 1017 59.06 13.64 5.43
C THR A 1017 59.11 14.96 4.69
N ALA A 1018 57.98 15.67 4.65
CA ALA A 1018 57.92 16.95 3.94
C ALA A 1018 58.86 17.96 4.59
N LEU A 1019 59.16 17.78 5.87
CA LEU A 1019 60.17 18.63 6.48
C LEU A 1019 61.58 18.17 6.11
N ALA A 1020 61.84 16.87 6.24
CA ALA A 1020 63.21 16.37 6.18
C ALA A 1020 63.84 16.62 4.83
N ASN A 1021 63.13 16.31 3.76
CA ASN A 1021 63.65 16.57 2.42
C ASN A 1021 63.94 18.04 2.21
N LEU A 1022 63.12 18.91 2.78
CA LEU A 1022 63.37 20.35 2.67
C LEU A 1022 64.71 20.70 3.29
N ARG A 1023 65.02 20.09 4.44
CA ARG A 1023 66.33 20.30 5.05
C ARG A 1023 67.44 19.79 4.14
N LYS A 1024 67.20 18.66 3.47
CA LYS A 1024 68.19 18.14 2.54
C LYS A 1024 68.29 19.02 1.30
N SER A 1025 67.31 19.89 1.07
CA SER A 1025 67.41 20.85 -0.01
C SER A 1025 68.21 22.08 0.38
N ARG A 1026 68.60 22.22 1.65
CA ARG A 1026 69.35 23.37 2.11
C ARG A 1026 70.78 23.01 2.50
N GLY A 1027 71.24 21.83 2.12
CA GLY A 1027 72.55 21.37 2.55
C GLY A 1027 72.64 21.21 4.05
N MET A 1028 71.60 20.66 4.66
CA MET A 1028 71.48 20.60 6.11
C MET A 1028 71.09 19.18 6.51
N LEU A 1029 71.55 18.78 7.69
CA LEU A 1029 71.43 17.37 8.12
C LEU A 1029 69.99 17.06 8.49
N GLY A 1030 69.27 16.41 7.59
CA GLY A 1030 67.94 15.94 7.92
C GLY A 1030 67.96 14.79 8.91
N LEU A 1031 66.95 14.74 9.77
CA LEU A 1031 66.90 13.76 10.85
C LEU A 1031 65.50 13.14 10.88
N LEU A 1032 65.35 12.00 10.24
CA LEU A 1032 64.09 11.26 10.26
C LEU A 1032 64.12 10.09 11.24
N GLU A 1033 65.26 9.78 11.82
CA GLU A 1033 65.43 8.72 12.79
C GLU A 1033 66.30 9.24 13.92
N PRO A 1034 66.16 8.68 15.12
CA PRO A 1034 66.97 9.15 16.27
C PRO A 1034 68.45 8.96 16.00
N PRO A 1035 69.25 10.04 16.09
CA PRO A 1035 70.66 9.95 15.72
C PRO A 1035 71.49 9.02 16.61
N ALA A 1036 71.49 9.29 17.91
CA ALA A 1036 72.28 8.53 18.88
C ALA A 1036 71.85 8.97 20.28
N LYS A 1037 71.95 8.04 21.23
CA LYS A 1037 71.63 8.36 22.61
C LYS A 1037 72.76 9.08 23.32
N GLU A 1038 73.94 9.15 22.71
CA GLU A 1038 75.09 9.83 23.31
C GLU A 1038 75.17 11.31 22.94
N LEU A 1039 74.35 11.78 22.02
CA LEU A 1039 74.39 13.15 21.55
C LEU A 1039 73.29 13.97 22.21
N GLN A 1040 73.66 15.07 22.86
CA GLN A 1040 72.73 15.94 23.55
C GLN A 1040 72.88 17.36 23.02
N GLY A 1041 72.07 18.26 23.56
CA GLY A 1041 72.07 19.63 23.10
C GLY A 1041 71.42 19.76 21.74
N ILE A 1042 71.61 20.94 21.14
CA ILE A 1042 71.08 21.20 19.81
C ILE A 1042 71.96 20.47 18.79
N ASP A 1043 71.32 19.71 17.91
CA ASP A 1043 72.09 18.92 16.95
C ASP A 1043 72.57 19.77 15.77
N PRO A 1044 71.72 20.55 15.08
CA PRO A 1044 72.30 21.37 13.99
C PRO A 1044 72.77 22.75 14.44
N ASP A 1045 73.93 22.78 15.09
CA ASP A 1045 74.52 24.04 15.55
C ASP A 1045 75.64 24.54 14.68
N GLU A 1046 76.30 23.64 13.92
CA GLU A 1046 77.39 24.04 13.04
C GLU A 1046 76.92 24.62 11.72
N THR A 1047 75.62 24.53 11.41
CA THR A 1047 75.12 25.04 10.15
C THR A 1047 75.01 26.56 10.18
N VAL A 1048 74.60 27.13 9.06
CA VAL A 1048 74.50 28.57 8.90
C VAL A 1048 73.34 29.07 9.77
N PRO A 1049 73.60 29.93 10.75
CA PRO A 1049 72.53 30.35 11.66
C PRO A 1049 71.62 31.43 11.08
N ASP A 1050 72.18 32.35 10.30
CA ASP A 1050 71.44 33.52 9.87
C ASP A 1050 70.78 33.36 8.50
N ASN A 1051 71.10 32.30 7.75
CA ASN A 1051 70.55 32.15 6.41
C ASN A 1051 69.64 30.93 6.29
N VAL A 1052 70.13 29.74 6.62
CA VAL A 1052 69.32 28.56 6.34
C VAL A 1052 68.40 28.22 7.51
N LYS A 1053 68.79 28.55 8.75
CA LYS A 1053 67.92 28.29 9.89
C LYS A 1053 66.66 29.13 9.81
N THR A 1054 66.81 30.43 9.53
CA THR A 1054 65.65 31.30 9.38
C THR A 1054 64.80 30.88 8.19
N SER A 1055 65.44 30.42 7.11
CA SER A 1055 64.70 30.00 5.92
C SER A 1055 63.85 28.76 6.21
N VAL A 1056 64.43 27.76 6.86
CA VAL A 1056 63.67 26.55 7.12
C VAL A 1056 62.64 26.79 8.22
N SER A 1057 62.86 27.76 9.10
CA SER A 1057 61.81 28.10 10.05
C SER A 1057 60.68 28.85 9.36
N GLN A 1058 61.00 29.62 8.32
CA GLN A 1058 59.96 30.29 7.54
C GLN A 1058 59.10 29.29 6.78
N LEU A 1059 59.75 28.38 6.04
CA LEU A 1059 59.00 27.53 5.12
C LEU A 1059 58.21 26.46 5.86
N TYR A 1060 58.80 25.85 6.89
CA TYR A 1060 58.17 24.72 7.56
C TYR A 1060 58.50 24.79 9.04
N ARG A 1061 57.50 25.14 9.86
CA ARG A 1061 57.65 25.12 11.31
C ARG A 1061 56.52 24.30 11.90
N ILE A 1062 56.87 23.22 12.60
CA ILE A 1062 55.91 22.36 13.27
C ILE A 1062 56.30 22.32 14.75
N SER A 1063 55.37 22.70 15.61
CA SER A 1063 55.62 22.78 17.04
C SER A 1063 55.06 21.56 17.75
N GLU A 1064 55.50 21.37 18.99
CA GLU A 1064 54.94 20.32 19.83
C GLU A 1064 53.47 20.56 20.11
N LYS A 1065 53.10 21.82 20.37
CA LYS A 1065 51.70 22.16 20.59
C LYS A 1065 50.86 21.86 19.35
N SER A 1066 51.41 22.12 18.17
CA SER A 1066 50.67 21.89 16.94
C SER A 1066 50.35 20.41 16.75
N VAL A 1067 51.35 19.54 16.88
CA VAL A 1067 51.13 18.12 16.66
C VAL A 1067 50.29 17.52 17.78
N ARG A 1068 50.46 18.01 19.02
CA ARG A 1068 49.63 17.54 20.12
C ARG A 1068 48.17 17.89 19.90
N LYS A 1069 47.91 19.14 19.48
CA LYS A 1069 46.53 19.56 19.23
C LYS A 1069 45.94 18.83 18.04
N PHE A 1070 46.74 18.57 17.01
CA PHE A 1070 46.23 17.83 15.86
C PHE A 1070 45.84 16.41 16.25
N LEU A 1071 46.69 15.74 17.04
CA LEU A 1071 46.37 14.39 17.48
C LEU A 1071 45.14 14.39 18.39
N GLU A 1072 45.03 15.40 19.25
CA GLU A 1072 43.85 15.51 20.11
C GLU A 1072 42.58 15.70 19.29
N ILE A 1073 42.64 16.56 18.27
CA ILE A 1073 41.47 16.81 17.43
C ILE A 1073 41.07 15.55 16.67
N ALA A 1074 42.06 14.85 16.10
CA ALA A 1074 41.76 13.64 15.34
C ALA A 1074 41.16 12.56 16.23
N LEU A 1075 41.73 12.37 17.41
CA LEU A 1075 41.20 11.36 18.33
C LEU A 1075 39.80 11.73 18.80
N PHE A 1076 39.57 13.02 19.08
CA PHE A 1076 38.25 13.45 19.52
C PHE A 1076 37.21 13.25 18.43
N LYS A 1077 37.55 13.58 17.18
CA LYS A 1077 36.62 13.38 16.07
C LYS A 1077 36.30 11.90 15.88
N TYR A 1078 37.33 11.04 15.94
CA TYR A 1078 37.07 9.61 15.76
C TYR A 1078 36.24 9.05 16.91
N ARG A 1079 36.51 9.50 18.14
CA ARG A 1079 35.85 8.91 19.30
C ARG A 1079 34.41 9.39 19.40
N LYS A 1080 34.11 10.60 18.94
CA LYS A 1080 32.73 11.04 18.90
C LYS A 1080 32.02 10.67 17.60
N ALA A 1081 32.74 10.15 16.62
CA ALA A 1081 32.11 9.72 15.36
C ALA A 1081 31.58 8.30 15.40
N ARG A 1082 31.79 7.59 16.51
CA ARG A 1082 31.26 6.23 16.62
C ARG A 1082 29.73 6.27 16.69
N LEU A 1083 29.10 5.23 16.16
CA LEU A 1083 27.64 5.15 16.17
C LEU A 1083 27.12 5.12 17.59
N GLU A 1084 26.14 5.96 17.87
CA GLU A 1084 25.58 6.04 19.21
C GLU A 1084 24.62 4.88 19.45
N PRO A 1085 24.76 4.14 20.55
CA PRO A 1085 23.86 3.03 20.82
C PRO A 1085 22.42 3.50 21.00
N GLY A 1086 21.49 2.65 20.56
CA GLY A 1086 20.08 2.97 20.59
C GLY A 1086 19.55 3.63 19.34
N THR A 1087 20.43 4.00 18.40
CA THR A 1087 20.00 4.63 17.16
C THR A 1087 19.25 3.63 16.29
N ALA A 1088 18.07 4.04 15.81
CA ALA A 1088 17.29 3.20 14.90
C ALA A 1088 17.94 3.26 13.52
N ILE A 1089 19.07 2.55 13.41
CA ILE A 1089 19.89 2.64 12.20
C ILE A 1089 19.20 1.99 11.02
N GLY A 1090 18.36 0.99 11.26
CA GLY A 1090 17.62 0.39 10.16
C GLY A 1090 16.62 1.35 9.55
N ALA A 1091 15.94 2.13 10.39
CA ALA A 1091 15.00 3.14 9.90
C ALA A 1091 15.71 4.19 9.06
N ILE A 1092 16.85 4.67 9.54
CA ILE A 1092 17.62 5.68 8.82
C ILE A 1092 18.12 5.12 7.49
N GLY A 1093 18.60 3.88 7.49
CA GLY A 1093 19.03 3.28 6.24
C GLY A 1093 17.91 3.08 5.25
N ALA A 1094 16.74 2.64 5.74
CA ALA A 1094 15.58 2.45 4.86
C ALA A 1094 15.17 3.77 4.22
N GLN A 1095 15.13 4.83 5.01
CA GLN A 1095 14.80 6.14 4.44
C GLN A 1095 15.88 6.63 3.49
N SER A 1096 17.15 6.39 3.81
CA SER A 1096 18.24 6.91 2.99
C SER A 1096 18.35 6.16 1.67
N ILE A 1097 17.80 4.95 1.61
CA ILE A 1097 17.71 4.27 0.33
C ILE A 1097 16.44 4.68 -0.42
N GLY A 1098 15.35 4.87 0.31
CA GLY A 1098 14.07 5.13 -0.33
C GLY A 1098 13.95 6.52 -0.93
N GLU A 1099 14.26 7.56 -0.16
CA GLU A 1099 13.99 8.92 -0.63
C GLU A 1099 14.82 9.39 -1.83
N PRO A 1100 16.02 8.88 -2.14
CA PRO A 1100 16.62 9.25 -3.43
C PRO A 1100 15.82 8.75 -4.62
N GLY A 1101 14.96 7.74 -4.44
CA GLY A 1101 14.12 7.30 -5.53
C GLY A 1101 13.15 8.36 -6.01
N THR A 1102 12.77 9.28 -5.12
CA THR A 1102 11.91 10.39 -5.54
C THR A 1102 12.63 11.32 -6.51
N GLN A 1103 13.88 11.66 -6.22
CA GLN A 1103 14.63 12.64 -7.01
C GLN A 1103 15.31 12.02 -8.22
N MET A 1104 15.35 10.69 -8.31
CA MET A 1104 16.09 9.99 -9.36
C MET A 1104 15.15 9.76 -10.53
N THR A 1105 15.19 10.69 -11.48
CA THR A 1105 14.36 10.62 -12.67
C THR A 1105 14.92 9.61 -13.67
N LEU A 1106 14.05 9.13 -14.54
CA LEU A 1106 14.47 8.17 -15.56
C LEU A 1106 15.36 8.85 -16.60
N LYS A 1107 16.50 8.22 -16.88
CA LYS A 1107 17.45 8.72 -17.86
C LYS A 1107 18.09 7.53 -18.56
N THR A 1108 18.33 7.68 -19.87
CA THR A 1108 18.83 6.56 -20.67
C THR A 1108 20.29 6.27 -20.33
N PHE A 1109 20.62 4.98 -20.28
CA PHE A 1109 21.95 4.53 -19.86
C PHE A 1109 22.47 3.45 -20.79
N HIS A 1110 23.79 3.45 -20.99
CA HIS A 1110 24.46 2.42 -21.77
C HIS A 1110 25.76 2.08 -21.08
N PHE A 1111 26.22 0.83 -21.29
CA PHE A 1111 27.33 0.27 -20.52
C PHE A 1111 28.63 0.39 -21.31
N ALA A 1112 29.39 1.46 -21.06
CA ALA A 1112 30.78 1.60 -21.48
C ALA A 1112 30.95 1.52 -23.01
N GLY A 1113 30.36 2.49 -23.70
CA GLY A 1113 30.67 2.71 -25.10
C GLY A 1113 29.93 1.86 -26.11
N VAL A 1114 29.00 1.02 -25.67
CA VAL A 1114 28.17 0.22 -26.59
C VAL A 1114 26.72 0.64 -26.38
N ALA A 1115 26.00 0.84 -27.49
CA ALA A 1115 24.72 1.53 -27.42
C ALA A 1115 23.57 0.57 -27.14
N SER A 1116 23.64 -0.65 -27.64
CA SER A 1116 22.49 -1.54 -27.63
C SER A 1116 22.34 -2.33 -26.33
N MET A 1117 23.22 -2.14 -25.34
CA MET A 1117 23.16 -2.96 -24.14
C MET A 1117 22.01 -2.56 -23.24
N ASN A 1118 21.55 -1.31 -23.37
CA ASN A 1118 20.35 -0.71 -22.74
C ASN A 1118 20.05 -1.27 -21.33
N VAL A 1119 21.03 -1.12 -20.45
CA VAL A 1119 20.89 -1.59 -19.07
C VAL A 1119 19.80 -0.78 -18.36
N THR A 1120 18.99 -1.47 -17.55
CA THR A 1120 17.95 -0.81 -16.79
C THR A 1120 18.54 -0.35 -15.46
N LEU A 1121 18.72 0.95 -15.32
CA LEU A 1121 19.20 1.55 -14.07
C LEU A 1121 18.27 2.68 -13.67
N GLY A 1122 17.78 2.64 -12.46
CA GLY A 1122 16.81 3.60 -11.98
C GLY A 1122 15.87 2.95 -11.00
N VAL A 1123 14.66 3.52 -10.90
CA VAL A 1123 13.64 2.97 -10.02
C VAL A 1123 13.32 1.51 -10.34
N PRO A 1124 13.14 1.10 -11.60
CA PRO A 1124 12.97 -0.35 -11.86
C PRO A 1124 14.15 -1.20 -11.43
N ARG A 1125 15.37 -0.68 -11.50
CA ARG A 1125 16.52 -1.50 -11.10
C ARG A 1125 16.54 -1.73 -9.60
N ILE A 1126 16.30 -0.68 -8.81
CA ILE A 1126 16.24 -0.85 -7.36
C ILE A 1126 15.07 -1.75 -6.98
N LYS A 1127 13.92 -1.55 -7.65
CA LYS A 1127 12.77 -2.40 -7.39
C LYS A 1127 13.05 -3.86 -7.75
N GLU A 1128 13.86 -4.09 -8.76
CA GLU A 1128 14.17 -5.43 -9.21
C GLU A 1128 15.27 -6.09 -8.40
N ILE A 1129 16.07 -5.30 -7.68
CA ILE A 1129 17.12 -5.86 -6.84
C ILE A 1129 16.59 -6.14 -5.44
N ILE A 1130 16.04 -5.11 -4.78
CA ILE A 1130 15.64 -5.26 -3.38
C ILE A 1130 14.46 -6.23 -3.26
N ASN A 1131 13.61 -6.28 -4.28
CA ASN A 1131 12.64 -7.36 -4.42
C ASN A 1131 13.32 -8.42 -5.26
N ALA A 1132 13.92 -9.40 -4.59
CA ALA A 1132 14.75 -10.37 -5.27
C ALA A 1132 13.92 -11.25 -6.18
N SER A 1133 13.98 -10.97 -7.48
CA SER A 1133 13.16 -11.65 -8.47
C SER A 1133 14.02 -12.66 -9.22
N LYS A 1134 13.46 -13.84 -9.44
CA LYS A 1134 14.21 -14.91 -10.08
C LYS A 1134 14.50 -14.61 -11.54
N VAL A 1135 13.60 -13.92 -12.23
CA VAL A 1135 13.78 -13.54 -13.62
C VAL A 1135 13.79 -12.02 -13.71
N ILE A 1136 14.77 -11.47 -14.44
CA ILE A 1136 14.93 -10.03 -14.56
C ILE A 1136 15.03 -9.64 -16.02
N SER A 1137 15.23 -8.35 -16.27
CA SER A 1137 15.46 -7.82 -17.62
C SER A 1137 16.90 -7.36 -17.72
N THR A 1138 17.51 -7.61 -18.88
CA THR A 1138 18.91 -7.33 -19.19
C THR A 1138 19.86 -7.95 -18.16
N PRO A 1139 19.96 -9.28 -18.09
CA PRO A 1139 20.92 -9.91 -17.15
C PRO A 1139 22.33 -10.05 -17.74
N ILE A 1140 23.08 -8.96 -17.70
CA ILE A 1140 24.41 -8.95 -18.31
C ILE A 1140 25.39 -9.72 -17.45
N ILE A 1141 26.10 -10.66 -18.07
CA ILE A 1141 27.22 -11.36 -17.46
C ILE A 1141 28.48 -10.80 -18.10
N ASN A 1142 29.35 -10.23 -17.28
CA ASN A 1142 30.61 -9.69 -17.77
C ASN A 1142 31.74 -10.67 -17.48
N ALA A 1143 32.57 -10.93 -18.48
CA ALA A 1143 33.65 -11.90 -18.35
C ALA A 1143 34.95 -11.30 -18.87
N VAL A 1144 36.02 -11.49 -18.11
CA VAL A 1144 37.34 -11.13 -18.57
C VAL A 1144 37.96 -12.34 -19.25
N LEU A 1145 38.95 -12.09 -20.10
CA LEU A 1145 39.57 -13.14 -20.89
C LEU A 1145 41.05 -13.27 -20.52
N VAL A 1146 41.56 -14.49 -20.63
CA VAL A 1146 42.97 -14.74 -20.31
C VAL A 1146 43.88 -14.06 -21.33
N ASN A 1147 43.44 -13.99 -22.59
CA ASN A 1147 44.17 -13.31 -23.65
C ASN A 1147 43.29 -12.18 -24.14
N ASP A 1148 43.39 -11.03 -23.48
CA ASP A 1148 42.50 -9.90 -23.72
C ASP A 1148 43.09 -8.85 -24.64
N ASN A 1149 44.24 -9.13 -25.26
CA ASN A 1149 44.85 -8.17 -26.16
C ASN A 1149 44.98 -8.75 -27.56
N ASP A 1150 43.92 -9.42 -28.03
CA ASP A 1150 43.91 -9.98 -29.37
C ASP A 1150 42.46 -10.13 -29.82
N GLU A 1151 42.13 -9.56 -30.98
CA GLU A 1151 40.76 -9.60 -31.48
C GLU A 1151 40.35 -11.02 -31.86
N ARG A 1152 41.25 -11.80 -32.44
CA ARG A 1152 40.90 -13.15 -32.90
C ARG A 1152 40.60 -14.06 -31.72
N ALA A 1153 41.37 -13.97 -30.64
CA ALA A 1153 41.10 -14.77 -29.46
C ALA A 1153 39.77 -14.39 -28.83
N ALA A 1154 39.45 -13.09 -28.81
CA ALA A 1154 38.16 -12.64 -28.31
C ALA A 1154 37.03 -13.19 -29.16
N ARG A 1155 37.20 -13.19 -30.48
CA ARG A 1155 36.16 -13.72 -31.37
C ARG A 1155 35.97 -15.22 -31.15
N VAL A 1156 37.07 -15.96 -31.00
CA VAL A 1156 36.94 -17.41 -30.90
C VAL A 1156 36.41 -17.81 -29.52
N VAL A 1157 36.65 -16.98 -28.50
CA VAL A 1157 36.05 -17.31 -27.20
C VAL A 1157 34.60 -16.85 -27.16
N LYS A 1158 34.25 -15.85 -27.97
CA LYS A 1158 32.84 -15.51 -28.15
C LYS A 1158 32.11 -16.65 -28.84
N GLY A 1159 32.77 -17.30 -29.80
CA GLY A 1159 32.16 -18.38 -30.54
C GLY A 1159 31.78 -19.59 -29.70
N ARG A 1160 32.39 -19.74 -28.53
CA ARG A 1160 32.04 -20.87 -27.66
C ARG A 1160 30.79 -20.61 -26.86
N VAL A 1161 30.62 -19.39 -26.34
CA VAL A 1161 29.53 -19.11 -25.43
C VAL A 1161 28.30 -18.56 -26.17
N GLU A 1162 28.51 -17.78 -27.22
CA GLU A 1162 27.38 -17.30 -28.01
C GLU A 1162 26.79 -18.45 -28.80
N LYS A 1163 25.51 -18.72 -28.60
CA LYS A 1163 24.88 -19.87 -29.25
C LYS A 1163 24.69 -19.59 -30.73
N THR A 1164 24.98 -20.61 -31.55
CA THR A 1164 24.78 -20.55 -32.99
C THR A 1164 23.79 -21.64 -33.38
N LEU A 1165 22.71 -21.24 -34.04
CA LEU A 1165 21.69 -22.20 -34.42
C LEU A 1165 22.10 -22.94 -35.68
N LEU A 1166 21.35 -24.00 -35.99
CA LEU A 1166 21.57 -24.74 -37.22
C LEU A 1166 21.29 -23.89 -38.46
N SER A 1167 20.45 -22.87 -38.33
CA SER A 1167 20.15 -21.99 -39.46
C SER A 1167 21.34 -21.12 -39.85
N ASP A 1168 22.33 -20.99 -38.98
CA ASP A 1168 23.52 -20.21 -39.28
C ASP A 1168 24.64 -21.03 -39.90
N VAL A 1169 24.43 -22.33 -40.09
CA VAL A 1169 25.51 -23.21 -40.52
C VAL A 1169 25.03 -24.09 -41.68
N ALA A 1170 23.74 -24.07 -41.96
CA ALA A 1170 23.16 -24.92 -43.00
C ALA A 1170 22.82 -24.09 -44.22
N PHE A 1171 23.24 -24.56 -45.40
CA PHE A 1171 22.77 -23.97 -46.65
C PHE A 1171 21.27 -24.11 -46.79
N TYR A 1172 20.74 -25.29 -46.48
CA TYR A 1172 19.31 -25.56 -46.60
C TYR A 1172 18.97 -26.74 -45.71
N VAL A 1173 17.67 -26.91 -45.49
CA VAL A 1173 17.10 -28.13 -44.96
C VAL A 1173 15.99 -28.57 -45.91
N GLN A 1174 15.99 -29.84 -46.29
CA GLN A 1174 15.00 -30.34 -47.23
C GLN A 1174 14.47 -31.68 -46.77
N ASP A 1175 13.30 -32.04 -47.27
CA ASP A 1175 12.67 -33.32 -46.98
C ASP A 1175 12.54 -34.15 -48.25
N VAL A 1176 13.15 -35.34 -48.23
CA VAL A 1176 13.20 -36.21 -49.40
C VAL A 1176 12.44 -37.49 -49.08
N TYR A 1177 11.52 -37.87 -49.97
CA TYR A 1177 10.83 -39.15 -49.90
C TYR A 1177 11.52 -40.11 -50.86
N LYS A 1178 12.00 -41.23 -50.33
CA LYS A 1178 12.47 -42.30 -51.19
C LYS A 1178 11.28 -43.15 -51.64
N ASP A 1179 11.58 -44.28 -52.29
CA ASP A 1179 10.51 -45.17 -52.74
C ASP A 1179 9.73 -45.74 -51.57
N ASN A 1180 10.44 -46.11 -50.50
CA ASN A 1180 9.81 -46.63 -49.28
C ASN A 1180 10.38 -46.00 -48.01
N LEU A 1181 11.12 -44.90 -48.16
CA LEU A 1181 11.74 -44.23 -47.03
C LEU A 1181 11.47 -42.74 -47.09
N SER A 1182 11.58 -42.08 -45.94
CA SER A 1182 11.41 -40.64 -45.84
C SER A 1182 12.45 -40.10 -44.89
N PHE A 1183 13.17 -39.06 -45.32
CA PHE A 1183 14.22 -38.50 -44.48
C PHE A 1183 14.34 -37.01 -44.74
N ILE A 1184 15.16 -36.37 -43.91
CA ILE A 1184 15.43 -34.94 -43.98
C ILE A 1184 16.92 -34.76 -44.18
N GLN A 1185 17.29 -34.04 -45.24
CA GLN A 1185 18.68 -33.79 -45.58
C GLN A 1185 19.07 -32.37 -45.19
N VAL A 1186 20.19 -32.25 -44.49
CA VAL A 1186 20.75 -30.97 -44.08
C VAL A 1186 22.15 -30.85 -44.65
N ARG A 1187 22.43 -29.71 -45.29
CA ARG A 1187 23.74 -29.45 -45.91
C ARG A 1187 24.49 -28.45 -45.04
N ILE A 1188 25.49 -28.93 -44.33
CA ILE A 1188 26.35 -28.09 -43.50
C ILE A 1188 27.62 -27.80 -44.27
N ASP A 1189 27.96 -26.53 -44.41
CA ASP A 1189 29.20 -26.14 -45.08
C ASP A 1189 30.31 -25.99 -44.05
N LEU A 1190 31.47 -26.58 -44.35
CA LEU A 1190 32.65 -26.35 -43.53
C LEU A 1190 33.24 -24.97 -43.74
N GLY A 1191 32.82 -24.26 -44.79
CA GLY A 1191 33.34 -22.93 -45.02
C GLY A 1191 32.96 -21.95 -43.93
N THR A 1192 31.70 -21.99 -43.50
CA THR A 1192 31.26 -21.10 -42.42
C THR A 1192 31.93 -21.45 -41.10
N ILE A 1193 32.11 -22.75 -40.83
CA ILE A 1193 32.83 -23.17 -39.63
C ILE A 1193 34.26 -22.67 -39.65
N ASP A 1194 34.96 -22.82 -40.78
CA ASP A 1194 36.34 -22.37 -40.86
C ASP A 1194 36.44 -20.86 -40.79
N LYS A 1195 35.46 -20.15 -41.36
CA LYS A 1195 35.51 -18.70 -41.39
C LYS A 1195 35.16 -18.11 -40.02
N LEU A 1196 34.33 -18.80 -39.24
CA LEU A 1196 33.98 -18.36 -37.89
C LEU A 1196 34.88 -18.96 -36.82
N GLN A 1197 35.72 -19.94 -37.18
CA GLN A 1197 36.57 -20.68 -36.22
C GLN A 1197 35.74 -21.28 -35.09
N LEU A 1198 34.57 -21.79 -35.41
CA LEU A 1198 33.80 -22.57 -34.46
C LEU A 1198 34.41 -23.96 -34.34
N GLU A 1199 34.56 -24.44 -33.10
CA GLU A 1199 35.08 -25.78 -32.87
C GLU A 1199 33.94 -26.79 -32.99
N LEU A 1200 33.45 -26.93 -34.22
CA LEU A 1200 32.28 -27.74 -34.52
C LEU A 1200 32.59 -28.67 -35.69
N THR A 1201 32.15 -29.93 -35.55
CA THR A 1201 32.29 -30.92 -36.60
C THR A 1201 30.90 -31.46 -36.96
N ILE A 1202 30.88 -32.30 -38.00
CA ILE A 1202 29.61 -32.83 -38.51
C ILE A 1202 28.98 -33.77 -37.48
N GLU A 1203 29.79 -34.66 -36.91
CA GLU A 1203 29.27 -35.57 -35.89
C GLU A 1203 28.87 -34.81 -34.63
N ASP A 1204 29.51 -33.67 -34.36
CA ASP A 1204 29.06 -32.82 -33.27
C ASP A 1204 27.67 -32.28 -33.55
N ILE A 1205 27.40 -31.88 -34.79
CA ILE A 1205 26.06 -31.44 -35.16
C ILE A 1205 25.06 -32.59 -35.03
N ALA A 1206 25.49 -33.79 -35.40
CA ALA A 1206 24.62 -34.96 -35.28
C ALA A 1206 24.24 -35.22 -33.83
N VAL A 1207 25.22 -35.26 -32.94
CA VAL A 1207 24.94 -35.55 -31.54
C VAL A 1207 24.18 -34.40 -30.89
N ALA A 1208 24.38 -33.17 -31.40
CA ALA A 1208 23.59 -32.05 -30.92
C ALA A 1208 22.14 -32.19 -31.34
N ILE A 1209 21.90 -32.70 -32.55
CA ILE A 1209 20.54 -32.97 -32.99
C ILE A 1209 19.90 -34.04 -32.11
N THR A 1210 20.71 -35.04 -31.69
CA THR A 1210 20.17 -36.07 -30.80
C THR A 1210 19.76 -35.51 -29.44
N ARG A 1211 20.39 -34.40 -29.00
CA ARG A 1211 20.10 -33.82 -27.70
C ARG A 1211 18.87 -32.91 -27.71
N ALA A 1212 18.03 -32.98 -28.73
CA ALA A 1212 16.81 -32.19 -28.78
C ALA A 1212 15.65 -32.99 -28.22
N SER A 1213 14.89 -32.38 -27.31
CA SER A 1213 13.85 -33.09 -26.58
C SER A 1213 12.50 -33.06 -27.29
N LYS A 1214 12.14 -31.90 -27.87
CA LYS A 1214 10.82 -31.77 -28.47
C LYS A 1214 10.68 -32.61 -29.74
N LEU A 1215 11.78 -32.81 -30.47
CA LEU A 1215 11.72 -33.62 -31.67
C LEU A 1215 11.52 -35.11 -31.36
N LYS A 1216 11.90 -35.54 -30.16
CA LYS A 1216 11.71 -36.91 -29.67
C LYS A 1216 12.39 -37.94 -30.59
N ILE A 1217 13.49 -37.54 -31.22
CA ILE A 1217 14.25 -38.46 -32.06
C ILE A 1217 15.22 -39.25 -31.20
N GLN A 1218 15.19 -40.57 -31.32
CA GLN A 1218 16.14 -41.41 -30.61
C GLN A 1218 17.50 -41.36 -31.29
N ALA A 1219 18.55 -41.61 -30.52
CA ALA A 1219 19.91 -41.36 -30.98
C ALA A 1219 20.48 -42.49 -31.83
N SER A 1220 19.73 -42.92 -32.84
CA SER A 1220 20.27 -43.86 -33.83
C SER A 1220 19.78 -43.57 -35.24
N ASP A 1221 19.02 -42.51 -35.46
CA ASP A 1221 18.45 -42.22 -36.77
C ASP A 1221 19.33 -41.31 -37.61
N VAL A 1222 20.04 -40.39 -36.98
CA VAL A 1222 20.85 -39.42 -37.72
C VAL A 1222 22.06 -40.13 -38.32
N ASN A 1223 22.26 -39.95 -39.62
CA ASN A 1223 23.35 -40.57 -40.34
C ASN A 1223 24.11 -39.51 -41.13
N ILE A 1224 25.34 -39.83 -41.50
CA ILE A 1224 26.21 -38.91 -42.22
C ILE A 1224 26.36 -39.40 -43.65
N ILE A 1225 26.03 -38.53 -44.60
CA ILE A 1225 26.19 -38.80 -46.03
C ILE A 1225 27.18 -37.79 -46.58
N GLY A 1226 28.26 -38.28 -47.18
CA GLY A 1226 29.30 -37.38 -47.60
C GLY A 1226 30.01 -36.79 -46.39
N LYS A 1227 30.69 -35.68 -46.62
CA LYS A 1227 31.31 -34.93 -45.55
C LYS A 1227 30.49 -33.72 -45.11
N ASP A 1228 29.34 -33.50 -45.75
CA ASP A 1228 28.46 -32.39 -45.42
C ASP A 1228 27.07 -32.84 -45.02
N ARG A 1229 26.48 -33.78 -45.76
CA ARG A 1229 25.07 -34.08 -45.61
C ARG A 1229 24.78 -34.83 -44.32
N ILE A 1230 23.70 -34.45 -43.65
CA ILE A 1230 23.21 -35.14 -42.46
C ILE A 1230 21.77 -35.55 -42.74
N ALA A 1231 21.47 -36.83 -42.55
CA ALA A 1231 20.15 -37.38 -42.82
C ALA A 1231 19.45 -37.73 -41.52
N ILE A 1232 18.21 -37.29 -41.39
CA ILE A 1232 17.37 -37.58 -40.23
C ILE A 1232 16.18 -38.36 -40.76
N ASN A 1233 16.12 -39.65 -40.47
CA ASN A 1233 15.05 -40.50 -40.99
C ASN A 1233 13.95 -40.68 -39.95
N VAL A 1234 12.72 -40.76 -40.44
CA VAL A 1234 11.54 -40.99 -39.61
C VAL A 1234 10.84 -42.24 -40.13
N PHE A 1235 10.56 -43.18 -39.23
CA PHE A 1235 9.93 -44.44 -39.57
C PHE A 1235 8.55 -44.52 -38.92
N PRO A 1236 7.60 -45.24 -39.54
CA PRO A 1236 6.26 -45.43 -38.97
C PRO A 1236 6.26 -46.16 -37.63
N GLU A 1253 -1.38 -44.85 -41.99
CA GLU A 1253 -2.16 -43.63 -41.86
C GLU A 1253 -1.40 -42.43 -42.42
N ASN A 1254 -1.50 -41.30 -41.73
CA ASN A 1254 -0.87 -40.06 -42.17
C ASN A 1254 0.12 -39.48 -41.16
N ASP A 1255 0.58 -40.28 -40.19
CA ASP A 1255 1.41 -39.74 -39.12
C ASP A 1255 2.82 -39.40 -39.60
N VAL A 1256 3.33 -40.10 -40.60
CA VAL A 1256 4.71 -39.88 -41.05
C VAL A 1256 4.87 -38.49 -41.64
N PHE A 1257 3.88 -38.04 -42.44
CA PHE A 1257 3.95 -36.70 -43.01
C PHE A 1257 3.91 -35.63 -41.94
N TYR A 1258 3.02 -35.77 -40.95
CA TYR A 1258 2.92 -34.79 -39.88
C TYR A 1258 4.21 -34.74 -39.07
N ARG A 1259 4.75 -35.90 -38.72
CA ARG A 1259 5.99 -35.92 -37.95
C ARG A 1259 7.13 -35.27 -38.71
N MET A 1260 7.30 -35.61 -39.98
CA MET A 1260 8.48 -35.11 -40.67
C MET A 1260 8.31 -33.63 -41.02
N GLN A 1261 7.07 -33.18 -41.23
CA GLN A 1261 6.81 -31.75 -41.39
C GLN A 1261 7.15 -30.98 -40.12
N GLN A 1262 6.77 -31.53 -38.96
CA GLN A 1262 7.14 -30.90 -37.70
C GLN A 1262 8.66 -30.84 -37.55
N LEU A 1263 9.35 -31.93 -37.88
CA LEU A 1263 10.80 -31.95 -37.81
C LEU A 1263 11.42 -30.94 -38.77
N ARG A 1264 10.87 -30.82 -39.98
CA ARG A 1264 11.42 -29.89 -40.96
C ARG A 1264 11.24 -28.45 -40.49
N ARG A 1265 10.09 -28.13 -39.90
CA ARG A 1265 9.88 -26.75 -39.47
C ARG A 1265 10.64 -26.42 -38.20
N ALA A 1266 10.92 -27.42 -37.35
CA ALA A 1266 11.57 -27.14 -36.09
C ALA A 1266 13.08 -27.39 -36.10
N LEU A 1267 13.59 -28.07 -37.11
CA LEU A 1267 15.02 -28.42 -37.14
C LEU A 1267 15.96 -27.22 -37.23
N PRO A 1268 15.77 -26.22 -38.12
CA PRO A 1268 16.75 -25.14 -38.18
C PRO A 1268 16.74 -24.19 -36.99
N ASP A 1269 15.97 -24.48 -35.94
CA ASP A 1269 15.96 -23.68 -34.72
C ASP A 1269 16.60 -24.42 -33.55
N VAL A 1270 17.41 -25.43 -33.82
CA VAL A 1270 18.05 -26.23 -32.77
C VAL A 1270 19.41 -25.62 -32.44
N VAL A 1271 19.81 -25.75 -31.18
CA VAL A 1271 21.12 -25.26 -30.75
C VAL A 1271 22.16 -26.35 -31.01
N VAL A 1272 23.26 -25.96 -31.65
CA VAL A 1272 24.31 -26.90 -31.97
C VAL A 1272 25.64 -26.58 -31.30
N LYS A 1273 25.86 -25.35 -30.85
CA LYS A 1273 27.11 -24.99 -30.19
C LYS A 1273 26.88 -23.72 -29.39
N GLY A 1274 27.02 -23.81 -28.08
CA GLY A 1274 26.86 -22.67 -27.21
C GLY A 1274 26.04 -23.04 -25.99
N LEU A 1275 25.52 -22.02 -25.32
CA LEU A 1275 24.73 -22.20 -24.12
C LEU A 1275 23.28 -21.80 -24.38
N PRO A 1276 22.32 -22.56 -23.85
CA PRO A 1276 20.91 -22.31 -24.20
C PRO A 1276 20.39 -20.96 -23.77
N ASP A 1277 20.85 -20.44 -22.63
CA ASP A 1277 20.29 -19.21 -22.07
C ASP A 1277 21.00 -17.94 -22.52
N ILE A 1278 22.13 -18.05 -23.20
CA ILE A 1278 22.88 -16.87 -23.62
C ILE A 1278 22.28 -16.36 -24.92
N SER A 1279 21.65 -15.19 -24.85
CA SER A 1279 20.98 -14.64 -26.03
C SER A 1279 21.99 -14.16 -27.07
N ARG A 1280 22.98 -13.39 -26.64
CA ARG A 1280 23.97 -12.84 -27.56
C ARG A 1280 25.21 -12.45 -26.78
N ALA A 1281 26.33 -12.32 -27.49
CA ALA A 1281 27.61 -11.97 -26.90
C ALA A 1281 28.25 -10.83 -27.69
N VAL A 1282 28.77 -9.84 -26.97
CA VAL A 1282 29.40 -8.68 -27.58
C VAL A 1282 30.79 -8.52 -26.97
N ILE A 1283 31.79 -8.38 -27.83
CA ILE A 1283 33.16 -8.11 -27.40
C ILE A 1283 33.31 -6.62 -27.22
N ASN A 1284 33.73 -6.20 -26.03
CA ASN A 1284 33.88 -4.79 -25.72
C ASN A 1284 35.34 -4.52 -25.34
N ILE A 1285 35.73 -3.26 -25.47
CA ILE A 1285 37.06 -2.80 -25.10
C ILE A 1285 36.95 -1.90 -23.88
N ARG A 1286 37.78 -2.16 -22.88
CA ARG A 1286 37.87 -1.27 -21.73
C ARG A 1286 38.81 -0.11 -22.06
N ASP A 1287 38.82 0.90 -21.18
CA ASP A 1287 39.56 2.12 -21.45
C ASP A 1287 41.07 1.88 -21.52
N ASP A 1288 41.57 0.87 -20.82
CA ASP A 1288 42.99 0.54 -20.88
C ASP A 1288 43.35 -0.26 -22.13
N GLY A 1289 42.37 -0.66 -22.94
CA GLY A 1289 42.61 -1.37 -24.17
C GLY A 1289 42.35 -2.86 -24.09
N LYS A 1290 42.25 -3.42 -22.89
CA LYS A 1290 41.99 -4.84 -22.75
C LYS A 1290 40.56 -5.16 -23.16
N ARG A 1291 40.35 -6.37 -23.66
CA ARG A 1291 39.06 -6.78 -24.21
C ARG A 1291 38.32 -7.68 -23.22
N GLU A 1292 37.01 -7.46 -23.11
CA GLU A 1292 36.14 -8.24 -22.27
C GLU A 1292 34.94 -8.70 -23.09
N LEU A 1293 34.17 -9.63 -22.53
CA LEU A 1293 33.03 -10.21 -23.21
C LEU A 1293 31.78 -10.01 -22.37
N LEU A 1294 30.76 -9.40 -22.97
CA LEU A 1294 29.49 -9.17 -22.30
C LEU A 1294 28.43 -10.06 -22.94
N VAL A 1295 27.83 -10.94 -22.16
CA VAL A 1295 26.77 -11.79 -22.68
C VAL A 1295 25.49 -11.45 -21.95
N GLU A 1296 24.36 -11.82 -22.57
CA GLU A 1296 23.04 -11.50 -22.02
C GLU A 1296 22.30 -12.81 -21.78
N GLY A 1297 22.45 -13.36 -20.58
CA GLY A 1297 21.83 -14.63 -20.28
C GLY A 1297 21.94 -14.93 -18.80
N TYR A 1298 21.54 -16.15 -18.45
CA TYR A 1298 21.49 -16.57 -17.05
C TYR A 1298 22.46 -17.71 -16.74
N GLY A 1299 23.20 -18.21 -17.72
CA GLY A 1299 24.13 -19.28 -17.47
C GLY A 1299 25.47 -18.79 -16.94
N LEU A 1300 25.51 -18.39 -15.67
CA LEU A 1300 26.74 -17.87 -15.10
C LEU A 1300 27.80 -18.97 -14.97
N ARG A 1301 27.41 -20.13 -14.43
CA ARG A 1301 28.37 -21.20 -14.20
C ARG A 1301 28.94 -21.73 -15.51
N ASP A 1302 28.10 -21.86 -16.53
CA ASP A 1302 28.57 -22.33 -17.83
C ASP A 1302 29.52 -21.33 -18.46
N VAL A 1303 29.24 -20.03 -18.31
CA VAL A 1303 30.14 -19.01 -18.86
C VAL A 1303 31.48 -19.04 -18.15
N MET A 1304 31.47 -19.12 -16.82
CA MET A 1304 32.72 -19.04 -16.07
C MET A 1304 33.46 -20.38 -16.00
N CYS A 1305 32.87 -21.47 -16.49
CA CYS A 1305 33.56 -22.74 -16.53
C CYS A 1305 34.16 -23.05 -17.89
N THR A 1306 33.77 -22.33 -18.95
CA THR A 1306 34.34 -22.56 -20.27
C THR A 1306 35.80 -22.12 -20.28
N ASP A 1307 36.61 -22.85 -21.04
CA ASP A 1307 38.02 -22.53 -21.14
C ASP A 1307 38.23 -21.23 -21.92
N GLY A 1308 39.27 -20.50 -21.54
CA GLY A 1308 39.59 -19.22 -22.14
C GLY A 1308 39.06 -18.02 -21.36
N VAL A 1309 38.07 -18.23 -20.50
CA VAL A 1309 37.50 -17.19 -19.66
C VAL A 1309 38.01 -17.41 -18.25
N ILE A 1310 38.56 -16.36 -17.64
CA ILE A 1310 39.05 -16.47 -16.27
C ILE A 1310 37.87 -16.72 -15.34
N GLY A 1311 37.92 -17.81 -14.60
CA GLY A 1311 36.85 -18.20 -13.72
C GLY A 1311 36.87 -17.60 -12.34
N SER A 1312 37.79 -16.67 -12.08
CA SER A 1312 37.88 -16.04 -10.78
C SER A 1312 37.35 -14.61 -10.75
N ARG A 1313 37.31 -13.92 -11.89
CA ARG A 1313 36.89 -12.53 -11.94
C ARG A 1313 35.64 -12.32 -12.78
N THR A 1314 34.92 -13.40 -13.11
CA THR A 1314 33.68 -13.27 -13.86
C THR A 1314 32.52 -13.02 -12.92
N THR A 1315 31.74 -11.99 -13.21
CA THR A 1315 30.62 -11.59 -12.36
C THR A 1315 29.40 -11.35 -13.24
N THR A 1316 28.26 -11.10 -12.60
CA THR A 1316 27.04 -10.76 -13.32
C THR A 1316 26.17 -9.86 -12.44
N ASN A 1317 25.35 -9.05 -13.10
CA ASN A 1317 24.50 -8.11 -12.36
C ASN A 1317 23.33 -8.82 -11.69
N HIS A 1318 22.90 -9.96 -12.22
CA HIS A 1318 21.84 -10.72 -11.59
C HIS A 1318 22.35 -11.28 -10.26
N VAL A 1319 21.48 -11.27 -9.26
CA VAL A 1319 21.92 -11.61 -7.90
C VAL A 1319 21.55 -13.04 -7.53
N LEU A 1320 20.45 -13.58 -8.05
CA LEU A 1320 20.09 -14.95 -7.72
C LEU A 1320 21.07 -15.94 -8.34
N GLU A 1321 21.56 -15.65 -9.54
CA GLU A 1321 22.59 -16.49 -10.13
C GLU A 1321 23.87 -16.45 -9.30
N VAL A 1322 24.27 -15.27 -8.85
CA VAL A 1322 25.44 -15.14 -8.00
C VAL A 1322 25.25 -15.93 -6.71
N PHE A 1323 24.06 -15.86 -6.13
CA PHE A 1323 23.77 -16.64 -4.94
C PHE A 1323 23.93 -18.14 -5.20
N SER A 1324 23.16 -18.66 -6.16
CA SER A 1324 23.13 -20.10 -6.41
C SER A 1324 24.47 -20.64 -6.90
N VAL A 1325 25.34 -19.79 -7.42
CA VAL A 1325 26.64 -20.27 -7.89
C VAL A 1325 27.72 -20.13 -6.82
N LEU A 1326 27.75 -19.00 -6.09
CA LEU A 1326 28.90 -18.67 -5.27
C LEU A 1326 28.57 -18.39 -3.81
N GLY A 1327 27.40 -18.78 -3.32
CA GLY A 1327 27.13 -18.65 -1.90
C GLY A 1327 26.50 -17.33 -1.48
N ILE A 1328 26.03 -17.33 -0.24
CA ILE A 1328 25.26 -16.22 0.28
C ILE A 1328 26.13 -14.98 0.48
N GLU A 1329 27.41 -15.16 0.79
CA GLU A 1329 28.29 -14.02 0.98
C GLU A 1329 28.57 -13.31 -0.35
N ALA A 1330 28.77 -14.09 -1.42
CA ALA A 1330 28.92 -13.50 -2.73
C ALA A 1330 27.62 -12.85 -3.18
N ALA A 1331 26.48 -13.42 -2.79
CA ALA A 1331 25.20 -12.76 -3.07
C ALA A 1331 25.11 -11.41 -2.39
N ARG A 1332 25.57 -11.34 -1.13
CA ARG A 1332 25.57 -10.07 -0.39
C ARG A 1332 26.48 -9.05 -1.08
N TYR A 1333 27.65 -9.49 -1.51
CA TYR A 1333 28.56 -8.58 -2.22
C TYR A 1333 27.95 -8.09 -3.52
N SER A 1334 27.26 -8.98 -4.24
CA SER A 1334 26.60 -8.58 -5.48
C SER A 1334 25.49 -7.57 -5.22
N ILE A 1335 24.72 -7.76 -4.15
CA ILE A 1335 23.67 -6.81 -3.77
C ILE A 1335 24.28 -5.44 -3.50
N ILE A 1336 25.34 -5.40 -2.69
CA ILE A 1336 25.96 -4.14 -2.32
C ILE A 1336 26.51 -3.43 -3.55
N ARG A 1337 27.22 -4.18 -4.40
CA ARG A 1337 27.82 -3.58 -5.58
C ARG A 1337 26.76 -3.07 -6.55
N GLU A 1338 25.69 -3.84 -6.78
CA GLU A 1338 24.66 -3.42 -7.71
C GLU A 1338 23.92 -2.19 -7.23
N ILE A 1339 23.55 -2.15 -5.95
CA ILE A 1339 22.83 -0.99 -5.42
C ILE A 1339 23.74 0.24 -5.44
N ASN A 1340 25.02 0.07 -5.08
CA ASN A 1340 25.94 1.21 -5.10
C ASN A 1340 26.16 1.73 -6.51
N TYR A 1341 26.26 0.82 -7.49
CA TYR A 1341 26.43 1.26 -8.88
C TYR A 1341 25.21 2.00 -9.39
N THR A 1342 24.02 1.49 -9.08
CA THR A 1342 22.80 2.17 -9.51
C THR A 1342 22.66 3.53 -8.85
N MET A 1343 23.00 3.64 -7.57
CA MET A 1343 22.90 4.92 -6.87
C MET A 1343 23.93 5.91 -7.37
N SER A 1344 25.17 5.46 -7.60
CA SER A 1344 26.22 6.37 -8.06
C SER A 1344 26.08 6.73 -9.53
N ASN A 1345 25.27 5.97 -10.30
CA ASN A 1345 25.03 6.34 -11.69
C ASN A 1345 24.28 7.65 -11.79
N HIS A 1346 23.32 7.87 -10.90
CA HIS A 1346 22.58 9.13 -10.86
C HIS A 1346 23.27 10.20 -10.04
N GLY A 1347 24.36 9.86 -9.35
CA GLY A 1347 25.07 10.84 -8.54
C GLY A 1347 24.29 11.34 -7.35
N MET A 1348 23.59 10.44 -6.66
CA MET A 1348 22.80 10.84 -5.50
C MET A 1348 23.57 10.82 -4.20
N SER A 1349 24.77 10.22 -4.18
CA SER A 1349 25.70 10.27 -3.04
C SER A 1349 25.07 9.71 -1.77
N VAL A 1350 24.75 8.42 -1.82
CA VAL A 1350 24.27 7.69 -0.66
C VAL A 1350 25.44 6.98 -0.01
N ASP A 1351 25.56 7.11 1.31
CA ASP A 1351 26.67 6.49 2.02
C ASP A 1351 26.57 4.97 1.91
N PRO A 1352 27.68 4.28 1.66
CA PRO A 1352 27.61 2.82 1.43
C PRO A 1352 27.26 2.02 2.66
N ARG A 1353 27.29 2.61 3.86
CA ARG A 1353 26.96 1.85 5.06
C ARG A 1353 25.49 1.45 5.09
N HIS A 1354 24.61 2.33 4.60
CA HIS A 1354 23.20 1.96 4.49
C HIS A 1354 23.01 0.81 3.51
N ILE A 1355 23.77 0.82 2.42
CA ILE A 1355 23.70 -0.24 1.44
C ILE A 1355 24.17 -1.55 2.04
N GLN A 1356 25.25 -1.51 2.83
CA GLN A 1356 25.74 -2.69 3.52
C GLN A 1356 24.71 -3.22 4.50
N LEU A 1357 24.02 -2.32 5.20
CA LEU A 1357 22.97 -2.75 6.13
C LEU A 1357 21.83 -3.44 5.38
N LEU A 1358 21.41 -2.88 4.25
CA LEU A 1358 20.34 -3.51 3.48
C LEU A 1358 20.77 -4.87 2.95
N GLY A 1359 22.02 -4.98 2.48
CA GLY A 1359 22.52 -6.27 2.03
C GLY A 1359 22.58 -7.29 3.13
N ASP A 1360 22.97 -6.87 4.33
CA ASP A 1360 22.97 -7.79 5.48
C ASP A 1360 21.56 -8.17 5.89
N VAL A 1361 20.58 -7.31 5.64
CA VAL A 1361 19.20 -7.67 5.95
C VAL A 1361 18.67 -8.72 4.98
N MET A 1362 18.87 -8.52 3.67
CA MET A 1362 18.31 -9.47 2.73
C MET A 1362 19.05 -10.81 2.76
N THR A 1363 20.33 -10.81 3.11
CA THR A 1363 21.10 -12.04 3.28
C THR A 1363 21.26 -12.40 4.75
N TYR A 1364 20.21 -12.19 5.54
CA TYR A 1364 20.24 -12.51 6.97
C TYR A 1364 19.99 -13.98 7.23
N LYS A 1365 18.88 -14.51 6.73
CA LYS A 1365 18.41 -15.83 7.14
C LYS A 1365 19.04 -16.96 6.33
N GLY A 1366 20.16 -16.71 5.66
CA GLY A 1366 20.84 -17.71 4.88
C GLY A 1366 20.54 -17.69 3.40
N GLU A 1367 19.43 -17.06 3.00
CA GLU A 1367 19.03 -16.99 1.62
C GLU A 1367 18.58 -15.57 1.29
N VAL A 1368 18.68 -15.22 0.01
CA VAL A 1368 18.26 -13.90 -0.44
C VAL A 1368 16.74 -13.88 -0.47
N LEU A 1369 16.14 -13.31 0.57
CA LEU A 1369 14.69 -13.34 0.73
C LEU A 1369 13.98 -12.12 0.13
N GLY A 1370 14.67 -10.99 0.00
CA GLY A 1370 14.11 -9.83 -0.64
C GLY A 1370 13.13 -9.07 0.23
N ILE A 1371 12.69 -7.93 -0.28
CA ILE A 1371 11.78 -7.06 0.45
C ILE A 1371 10.42 -7.07 -0.23
N THR A 1372 9.53 -7.95 0.21
CA THR A 1372 8.19 -8.06 -0.32
C THR A 1372 7.32 -8.78 0.69
N ARG A 1373 6.05 -8.98 0.33
CA ARG A 1373 5.15 -9.67 1.24
C ARG A 1373 5.52 -11.14 1.39
N PHE A 1374 6.19 -11.72 0.40
CA PHE A 1374 6.66 -13.09 0.49
C PHE A 1374 8.01 -13.21 1.19
N GLY A 1375 8.68 -12.09 1.46
CA GLY A 1375 9.96 -12.12 2.12
C GLY A 1375 9.88 -11.74 3.58
N LEU A 1376 9.03 -10.76 3.89
CA LEU A 1376 8.81 -10.39 5.28
C LEU A 1376 8.14 -11.53 6.05
N SER A 1377 7.31 -12.32 5.37
CA SER A 1377 6.68 -13.46 6.02
C SER A 1377 7.68 -14.55 6.39
N LYS A 1378 8.88 -14.51 5.83
CA LYS A 1378 9.94 -15.46 6.17
C LYS A 1378 10.99 -14.86 7.10
N MET A 1379 11.35 -13.59 6.90
CA MET A 1379 12.36 -12.98 7.76
C MET A 1379 11.84 -12.79 9.18
N ARG A 1380 10.61 -12.30 9.32
CA ARG A 1380 10.09 -11.86 10.59
C ARG A 1380 8.94 -12.77 11.04
N ASP A 1381 8.96 -13.14 12.32
CA ASP A 1381 7.95 -14.00 12.90
C ASP A 1381 6.90 -13.24 13.69
N SER A 1382 6.93 -11.91 13.68
CA SER A 1382 5.95 -11.12 14.40
C SER A 1382 4.61 -11.16 13.68
N VAL A 1383 3.55 -11.53 14.41
CA VAL A 1383 2.23 -11.64 13.79
C VAL A 1383 1.69 -10.26 13.42
N LEU A 1384 1.77 -9.32 14.37
CA LEU A 1384 1.08 -8.05 14.19
C LEU A 1384 1.71 -7.21 13.08
N GLN A 1385 3.04 -7.22 12.98
CA GLN A 1385 3.70 -6.44 11.93
C GLN A 1385 3.35 -6.97 10.55
N LEU A 1386 3.41 -8.29 10.37
CA LEU A 1386 3.06 -8.88 9.09
C LEU A 1386 1.58 -8.67 8.77
N ALA A 1387 0.73 -8.69 9.78
CA ALA A 1387 -0.68 -8.39 9.57
C ALA A 1387 -0.86 -6.94 9.13
N SER A 1388 -0.15 -6.01 9.75
CA SER A 1388 -0.29 -4.60 9.41
C SER A 1388 0.32 -4.27 8.05
N PHE A 1389 1.27 -5.06 7.56
CA PHE A 1389 1.91 -4.71 6.30
C PHE A 1389 1.02 -5.10 5.11
N GLU A 1390 0.82 -6.39 4.89
CA GLU A 1390 0.02 -6.89 3.78
C GLU A 1390 -0.59 -8.22 4.19
N LYS A 1391 -1.67 -8.59 3.51
CA LYS A 1391 -2.41 -9.82 3.76
C LYS A 1391 -2.86 -9.92 5.21
N THR A 1392 -3.73 -8.97 5.60
CA THR A 1392 -4.17 -8.88 6.99
C THR A 1392 -4.94 -10.13 7.40
N THR A 1393 -5.95 -10.48 6.61
CA THR A 1393 -6.86 -11.57 6.96
C THR A 1393 -6.15 -12.90 6.98
N ASP A 1394 -5.37 -13.20 5.95
CA ASP A 1394 -4.70 -14.50 5.85
C ASP A 1394 -3.69 -14.68 6.97
N HIS A 1395 -2.88 -13.65 7.24
CA HIS A 1395 -1.89 -13.76 8.30
C HIS A 1395 -2.55 -13.89 9.67
N LEU A 1396 -3.61 -13.11 9.92
CA LEU A 1396 -4.28 -13.19 11.22
C LEU A 1396 -4.92 -14.55 11.42
N PHE A 1397 -5.58 -15.09 10.38
CA PHE A 1397 -6.23 -16.39 10.53
C PHE A 1397 -5.22 -17.51 10.67
N ASP A 1398 -4.09 -17.44 9.94
CA ASP A 1398 -3.05 -18.45 10.10
C ASP A 1398 -2.44 -18.38 11.49
N ALA A 1399 -2.23 -17.17 12.02
CA ALA A 1399 -1.71 -17.03 13.38
C ALA A 1399 -2.69 -17.60 14.40
N ALA A 1400 -3.99 -17.37 14.19
CA ALA A 1400 -4.98 -17.95 15.09
C ALA A 1400 -4.98 -19.47 15.02
N PHE A 1401 -4.85 -20.03 13.82
CA PHE A 1401 -4.92 -21.47 13.66
C PHE A 1401 -3.70 -22.16 14.25
N TYR A 1402 -2.51 -21.65 13.96
CA TYR A 1402 -1.30 -22.29 14.44
C TYR A 1402 -0.99 -21.97 15.89
N MET A 1403 -1.76 -21.08 16.52
CA MET A 1403 -1.63 -20.73 17.93
C MET A 1403 -0.23 -20.22 18.26
N LYS A 1404 0.29 -19.37 17.38
CA LYS A 1404 1.65 -18.85 17.53
C LYS A 1404 1.64 -17.65 18.45
N LYS A 1405 2.40 -17.73 19.54
CA LYS A 1405 2.52 -16.60 20.44
C LYS A 1405 3.35 -15.49 19.81
N ASP A 1406 2.94 -14.25 20.03
CA ASP A 1406 3.64 -13.09 19.51
C ASP A 1406 4.20 -12.30 20.68
N ALA A 1407 5.52 -12.11 20.69
CA ALA A 1407 6.16 -11.32 21.72
C ALA A 1407 6.17 -9.85 21.29
N VAL A 1408 5.65 -8.98 22.16
CA VAL A 1408 5.60 -7.57 21.84
C VAL A 1408 6.98 -6.97 22.12
N GLU A 1409 7.83 -6.97 21.10
CA GLU A 1409 9.19 -6.47 21.25
C GLU A 1409 9.53 -5.54 20.10
N GLY A 1410 8.79 -5.65 19.00
CA GLY A 1410 9.03 -4.82 17.85
C GLY A 1410 8.56 -3.40 18.05
N VAL A 1411 8.49 -2.67 16.94
CA VAL A 1411 8.05 -1.29 17.01
C VAL A 1411 6.59 -1.15 16.61
N SER A 1412 6.16 -1.85 15.56
CA SER A 1412 4.77 -1.82 15.15
C SER A 1412 3.86 -2.39 16.23
N GLU A 1413 4.30 -3.45 16.91
CA GLU A 1413 3.53 -4.01 18.01
C GLU A 1413 3.37 -2.99 19.14
N CYS A 1414 4.45 -2.28 19.47
CA CYS A 1414 4.40 -1.31 20.55
C CYS A 1414 3.50 -0.13 20.19
N ILE A 1415 3.49 0.26 18.91
CA ILE A 1415 2.62 1.34 18.48
C ILE A 1415 1.16 0.92 18.50
N ILE A 1416 0.87 -0.30 18.02
CA ILE A 1416 -0.50 -0.78 17.99
C ILE A 1416 -1.04 -0.94 19.41
N LEU A 1417 -0.25 -1.55 20.30
CA LEU A 1417 -0.69 -1.79 21.66
C LEU A 1417 -0.47 -0.60 22.58
N GLY A 1418 0.09 0.49 22.08
CA GLY A 1418 0.21 1.70 22.86
C GLY A 1418 1.11 1.62 24.07
N GLN A 1419 2.29 1.05 23.92
CA GLN A 1419 3.30 1.08 24.97
C GLN A 1419 4.63 1.48 24.36
N THR A 1420 5.56 1.90 25.23
CA THR A 1420 6.81 2.46 24.77
C THR A 1420 7.67 1.40 24.07
N MET A 1421 8.41 1.84 23.06
CA MET A 1421 9.23 0.93 22.27
C MET A 1421 10.59 0.72 22.94
N SER A 1422 11.38 -0.18 22.35
CA SER A 1422 12.65 -0.59 22.91
C SER A 1422 13.85 0.03 22.19
N ILE A 1423 13.61 0.97 21.28
CA ILE A 1423 14.69 1.62 20.56
C ILE A 1423 14.59 3.12 20.78
N GLY A 1424 15.69 3.81 20.47
CA GLY A 1424 15.72 5.25 20.67
C GLY A 1424 15.82 5.58 22.15
N THR A 1425 14.98 6.52 22.59
CA THR A 1425 14.97 6.90 24.00
C THR A 1425 14.41 5.81 24.90
N GLY A 1426 13.74 4.81 24.33
CA GLY A 1426 13.23 3.69 25.09
C GLY A 1426 14.20 2.55 25.25
N SER A 1427 15.45 2.71 24.83
CA SER A 1427 16.43 1.65 24.87
C SER A 1427 17.14 1.53 26.22
N PHE A 1428 16.62 2.20 27.24
CA PHE A 1428 17.20 2.14 28.58
C PHE A 1428 16.13 2.52 29.58
N LYS A 1429 16.39 2.21 30.85
CA LYS A 1429 15.49 2.56 31.93
C LYS A 1429 16.15 3.60 32.82
N VAL A 1430 15.45 4.70 33.07
CA VAL A 1430 15.96 5.78 33.89
C VAL A 1430 15.62 5.48 35.35
N VAL A 1431 16.61 5.58 36.21
CA VAL A 1431 16.48 5.24 37.62
C VAL A 1431 16.87 6.46 38.45
N LYS A 1432 16.05 6.77 39.45
CA LYS A 1432 16.35 7.84 40.39
C LYS A 1432 17.07 7.25 41.59
N GLY A 1433 18.25 7.78 41.91
CA GLY A 1433 18.98 7.30 43.05
C GLY A 1433 18.31 7.68 44.36
N THR A 1434 18.60 6.88 45.38
CA THR A 1434 18.11 7.15 46.73
C THR A 1434 19.30 7.26 47.67
N ASN A 1435 19.13 8.08 48.71
CA ASN A 1435 20.22 8.42 49.62
C ASN A 1435 20.17 7.63 50.92
N ILE A 1436 19.74 6.37 50.86
CA ILE A 1436 19.70 5.50 52.04
C ILE A 1436 20.96 4.65 52.04
N SER A 1437 21.76 4.79 53.09
CA SER A 1437 22.90 3.92 53.30
C SER A 1437 22.48 2.67 54.07
N GLU A 1438 23.31 1.64 54.01
CA GLU A 1438 23.00 0.40 54.70
C GLU A 1438 23.05 0.58 56.21
N LYS A 1439 23.92 1.48 56.69
CA LYS A 1439 24.01 1.74 58.11
C LYS A 1439 22.81 2.49 58.67
N ASP A 1440 21.96 3.03 57.80
CA ASP A 1440 20.68 3.59 58.22
C ASP A 1440 19.58 2.55 58.26
N LEU A 1441 19.85 1.33 57.79
CA LEU A 1441 18.86 0.26 57.73
C LEU A 1441 19.16 -0.85 58.74
N VAL A 1442 19.87 -0.55 59.82
CA VAL A 1442 20.03 -1.56 60.86
C VAL A 1442 18.67 -1.82 61.51
N PRO A 1443 18.25 -3.08 61.65
CA PRO A 1443 16.94 -3.36 62.25
C PRO A 1443 16.88 -2.90 63.70
N LYS A 1444 15.73 -2.35 64.08
CA LYS A 1444 15.52 -1.99 65.47
C LYS A 1444 15.47 -3.25 66.32
N ARG A 1445 16.00 -3.17 67.54
CA ARG A 1445 16.14 -4.34 68.38
C ARG A 1445 14.78 -4.87 68.81
N CYS A 1446 14.65 -6.19 68.84
CA CYS A 1446 13.48 -6.87 69.38
C CYS A 1446 13.80 -7.20 70.83
N LEU A 1447 13.28 -6.39 71.76
CA LEU A 1447 13.68 -6.52 73.16
C LEU A 1447 13.26 -7.85 73.75
N PHE A 1448 12.04 -8.30 73.45
CA PHE A 1448 11.55 -9.55 74.04
C PHE A 1448 12.34 -10.74 73.53
N GLU A 1449 12.57 -10.82 72.22
CA GLU A 1449 13.29 -11.95 71.66
C GLU A 1449 14.75 -11.95 72.11
N SER A 1450 15.33 -10.77 72.31
CA SER A 1450 16.67 -10.70 72.86
C SER A 1450 16.71 -11.19 74.30
N LEU A 1451 15.73 -10.79 75.11
CA LEU A 1451 15.69 -11.17 76.51
C LEU A 1451 15.11 -12.55 76.76
N SER A 1452 14.47 -13.15 75.76
CA SER A 1452 13.90 -14.49 75.94
C SER A 1452 15.00 -15.54 75.85
N ASN A 1453 15.03 -16.43 76.84
CA ASN A 1453 15.99 -17.52 76.84
C ASN A 1453 15.38 -18.68 77.61
N GLU A 1454 15.70 -19.90 77.18
CA GLU A 1454 15.11 -21.12 77.73
C GLU A 1454 16.17 -21.90 78.47
N ALA A 1455 15.99 -22.06 79.78
CA ALA A 1455 16.85 -22.92 80.58
C ALA A 1455 15.99 -23.85 81.43
N ALA A 1456 14.80 -23.39 81.82
CA ALA A 1456 13.92 -24.18 82.65
C ALA A 1456 13.22 -25.30 81.88
N LEU A 1457 13.17 -25.20 80.56
CA LEU A 1457 12.61 -26.25 79.71
C LEU A 1457 13.70 -26.70 78.74
N LYS A 1458 14.19 -27.92 78.95
CA LYS A 1458 15.25 -28.53 78.14
C LYS A 1458 16.51 -27.66 78.09
N ILE B 38 -4.25 45.78 -52.14
CA ILE B 38 -3.56 46.17 -50.92
C ILE B 38 -3.37 44.96 -50.00
N ASN B 39 -4.35 44.06 -49.99
CA ASN B 39 -4.28 42.89 -49.15
C ASN B 39 -3.30 41.87 -49.73
N THR B 40 -2.76 41.04 -48.85
CA THR B 40 -1.80 40.02 -49.23
C THR B 40 -2.26 38.66 -48.73
N ALA B 41 -1.51 37.63 -49.08
CA ALA B 41 -1.86 36.27 -48.65
C ALA B 41 -1.54 36.03 -47.19
N GLN B 42 -0.58 36.75 -46.61
CA GLN B 42 -0.18 36.55 -45.22
C GLN B 42 -1.30 36.87 -44.24
N ASP B 43 -2.29 37.66 -44.64
CA ASP B 43 -3.47 37.91 -43.83
C ASP B 43 -4.62 36.97 -44.17
N LYS B 44 -4.32 35.75 -44.61
CA LYS B 44 -5.36 34.75 -44.83
C LYS B 44 -5.96 34.24 -43.53
N TRP B 45 -5.37 34.58 -42.38
CA TRP B 45 -5.90 34.17 -41.08
C TRP B 45 -7.32 34.67 -40.85
N HIS B 46 -7.80 35.60 -41.68
CA HIS B 46 -9.17 36.07 -41.62
C HIS B 46 -10.19 35.00 -41.99
N LEU B 47 -9.76 33.86 -42.52
CA LEU B 47 -10.68 32.73 -42.62
C LEU B 47 -11.07 32.20 -41.24
N LEU B 48 -10.21 32.37 -40.24
CA LEU B 48 -10.51 31.85 -38.91
C LEU B 48 -11.70 32.51 -38.23
N PRO B 49 -11.84 33.85 -38.17
CA PRO B 49 -13.05 34.40 -37.54
C PRO B 49 -14.33 34.04 -38.25
N ALA B 50 -14.33 34.05 -39.59
CA ALA B 50 -15.52 33.67 -40.34
C ALA B 50 -15.90 32.23 -40.05
N PHE B 51 -14.91 31.35 -39.94
CA PHE B 51 -15.16 29.96 -39.54
C PHE B 51 -15.81 29.91 -38.16
N LEU B 52 -15.47 30.85 -37.29
CA LEU B 52 -16.09 30.90 -35.97
C LEU B 52 -17.36 31.74 -35.95
N LYS B 53 -17.67 32.44 -37.04
CA LYS B 53 -18.85 33.30 -37.03
C LYS B 53 -20.14 32.52 -37.16
N VAL B 54 -20.12 31.43 -37.92
CA VAL B 54 -21.32 30.65 -38.21
C VAL B 54 -21.30 29.30 -37.49
N LYS B 55 -20.15 28.63 -37.47
CA LYS B 55 -20.08 27.31 -36.87
C LYS B 55 -20.20 27.36 -35.35
N GLY B 56 -19.45 28.25 -34.72
CA GLY B 56 -19.42 28.34 -33.28
C GLY B 56 -18.30 27.50 -32.68
N LEU B 57 -17.89 27.89 -31.48
CA LEU B 57 -16.81 27.21 -30.78
C LEU B 57 -17.30 26.00 -29.99
N VAL B 58 -18.58 25.95 -29.64
CA VAL B 58 -19.12 24.89 -28.80
C VAL B 58 -20.10 24.14 -29.69
N LYS B 59 -19.79 24.09 -30.99
CA LYS B 59 -20.64 23.41 -31.95
C LYS B 59 -20.65 21.90 -31.79
N GLN B 60 -19.65 21.35 -31.10
CA GLN B 60 -19.56 19.90 -30.96
C GLN B 60 -20.76 19.33 -30.23
N HIS B 61 -21.17 19.98 -29.15
CA HIS B 61 -22.39 19.56 -28.46
C HIS B 61 -23.63 19.99 -29.22
N LEU B 62 -23.64 21.22 -29.76
CA LEU B 62 -24.86 21.81 -30.29
C LEU B 62 -25.32 21.09 -31.55
N ASP B 63 -24.40 20.85 -32.49
CA ASP B 63 -24.77 20.17 -33.72
C ASP B 63 -25.24 18.74 -33.45
N SER B 64 -24.59 18.06 -32.52
CA SER B 64 -24.98 16.70 -32.18
C SER B 64 -26.37 16.66 -31.56
N PHE B 65 -26.66 17.59 -30.64
CA PHE B 65 -27.97 17.61 -30.02
C PHE B 65 -29.06 17.99 -31.01
N ASN B 66 -28.76 18.94 -31.91
CA ASN B 66 -29.72 19.32 -32.93
C ASN B 66 -30.00 18.15 -33.87
N TYR B 67 -28.96 17.41 -34.27
CA TYR B 67 -29.17 16.24 -35.10
C TYR B 67 -29.98 15.18 -34.38
N PHE B 68 -29.72 15.00 -33.08
CA PHE B 68 -30.50 14.06 -32.28
C PHE B 68 -31.98 14.42 -32.31
N VAL B 69 -32.30 15.67 -31.97
CA VAL B 69 -33.69 16.11 -31.90
C VAL B 69 -34.35 16.01 -33.27
N ASP B 70 -33.63 16.36 -34.34
CA ASP B 70 -34.24 16.38 -35.66
C ASP B 70 -34.49 14.97 -36.21
N THR B 71 -33.50 14.08 -36.11
CA THR B 71 -33.57 12.81 -36.82
C THR B 71 -33.63 11.58 -35.93
N ASP B 72 -32.91 11.57 -34.80
CA ASP B 72 -32.81 10.33 -34.04
C ASP B 72 -34.10 10.02 -33.31
N LEU B 73 -34.90 11.04 -33.00
CA LEU B 73 -36.24 10.77 -32.47
C LEU B 73 -37.08 10.02 -33.49
N LYS B 74 -37.05 10.47 -34.75
CA LYS B 74 -37.79 9.79 -35.81
C LYS B 74 -37.27 8.37 -36.00
N LYS B 75 -35.96 8.19 -35.95
CA LYS B 75 -35.39 6.85 -36.10
C LYS B 75 -35.81 5.93 -34.96
N ILE B 76 -35.78 6.44 -33.73
CA ILE B 76 -36.14 5.63 -32.57
C ILE B 76 -37.61 5.23 -32.63
N ILE B 77 -38.48 6.16 -33.03
CA ILE B 77 -39.89 5.80 -33.20
C ILE B 77 -40.05 4.78 -34.32
N LYS B 78 -39.36 5.00 -35.45
CA LYS B 78 -39.54 4.12 -36.60
C LYS B 78 -39.00 2.71 -36.32
N ALA B 79 -38.11 2.57 -35.34
CA ALA B 79 -37.61 1.24 -35.00
C ALA B 79 -38.71 0.35 -34.43
N ASN B 80 -39.44 0.85 -33.43
CA ASN B 80 -40.40 0.03 -32.70
C ASN B 80 -41.72 0.79 -32.48
N GLN B 81 -42.26 1.37 -33.54
CA GLN B 81 -43.50 2.14 -33.42
C GLN B 81 -44.70 1.26 -33.13
N LEU B 82 -44.64 -0.02 -33.48
CA LEU B 82 -45.82 -0.88 -33.47
C LEU B 82 -45.90 -1.67 -32.17
N ILE B 83 -47.06 -1.64 -31.53
CA ILE B 83 -47.31 -2.37 -30.29
C ILE B 83 -48.59 -3.18 -30.47
N LEU B 84 -48.51 -4.48 -30.20
CA LEU B 84 -49.67 -5.37 -30.28
C LEU B 84 -49.88 -6.07 -28.96
N SER B 85 -51.14 -6.40 -28.68
CA SER B 85 -51.50 -7.16 -27.50
C SER B 85 -51.36 -8.65 -27.80
N ASP B 86 -51.29 -9.44 -26.72
CA ASP B 86 -51.17 -10.89 -26.83
C ASP B 86 -52.44 -11.64 -26.47
N VAL B 87 -53.34 -11.03 -25.70
CA VAL B 87 -54.57 -11.68 -25.30
C VAL B 87 -55.69 -11.46 -26.33
N ASP B 88 -55.83 -10.22 -26.81
CA ASP B 88 -56.84 -9.88 -27.81
C ASP B 88 -56.11 -9.36 -29.04
N PRO B 89 -55.81 -10.23 -30.00
CA PRO B 89 -55.02 -9.82 -31.17
C PRO B 89 -55.79 -8.97 -32.17
N GLU B 90 -56.37 -7.86 -31.71
CA GLU B 90 -56.94 -6.86 -32.61
C GLU B 90 -56.57 -5.44 -32.22
N PHE B 91 -56.05 -5.22 -31.01
CA PHE B 91 -55.66 -3.89 -30.55
C PHE B 91 -54.22 -3.62 -30.96
N TYR B 92 -54.03 -2.66 -31.88
CA TYR B 92 -52.70 -2.25 -32.29
C TYR B 92 -52.54 -0.76 -32.03
N LEU B 93 -51.37 -0.40 -31.49
CA LEU B 93 -51.05 0.96 -31.11
C LEU B 93 -49.76 1.37 -31.80
N LYS B 94 -49.83 2.39 -32.64
CA LYS B 94 -48.70 2.77 -33.49
C LYS B 94 -48.43 4.26 -33.39
N TYR B 95 -47.20 4.62 -33.06
CA TYR B 95 -46.76 6.00 -33.11
C TYR B 95 -46.41 6.36 -34.55
N VAL B 96 -46.87 7.53 -35.00
CA VAL B 96 -46.64 7.98 -36.36
C VAL B 96 -45.55 9.02 -36.45
N ASP B 97 -45.66 10.09 -35.67
CA ASP B 97 -44.69 11.18 -35.71
C ASP B 97 -44.38 11.64 -34.29
N ILE B 98 -43.19 12.21 -34.13
CA ILE B 98 -42.74 12.71 -32.84
C ILE B 98 -42.04 14.05 -33.05
N ARG B 99 -42.12 14.91 -32.04
CA ARG B 99 -41.43 16.20 -32.07
C ARG B 99 -41.28 16.69 -30.63
N VAL B 100 -40.44 17.70 -30.47
CA VAL B 100 -40.14 18.27 -29.16
C VAL B 100 -40.44 19.76 -29.20
N GLY B 101 -41.37 20.19 -28.35
CA GLY B 101 -41.68 21.60 -28.23
C GLY B 101 -42.53 22.18 -29.32
N LYS B 102 -43.07 21.37 -30.24
CA LYS B 102 -43.92 21.84 -31.33
C LYS B 102 -45.26 21.13 -31.23
N LYS B 103 -46.31 21.90 -30.96
CA LYS B 103 -47.66 21.37 -31.07
C LYS B 103 -48.07 21.30 -32.53
N SER B 104 -48.84 20.27 -32.88
CA SER B 104 -49.25 20.10 -34.28
C SER B 104 -50.28 21.14 -34.68
N SER B 105 -51.19 21.48 -33.77
CA SER B 105 -52.28 22.39 -34.12
C SER B 105 -51.79 23.83 -34.30
N SER B 106 -50.86 24.26 -33.46
CA SER B 106 -50.37 25.64 -33.46
C SER B 106 -48.99 25.71 -34.09
N SER B 107 -48.82 26.65 -35.02
CA SER B 107 -47.51 26.85 -35.64
C SER B 107 -46.48 27.34 -34.64
N THR B 108 -46.88 28.23 -33.74
CA THR B 108 -45.96 28.73 -32.73
C THR B 108 -45.61 27.64 -31.72
N LYS B 109 -44.34 27.61 -31.32
CA LYS B 109 -43.88 26.63 -30.35
C LYS B 109 -44.44 26.95 -28.97
N ASP B 110 -44.51 25.92 -28.13
CA ASP B 110 -45.13 26.05 -26.82
C ASP B 110 -44.24 26.86 -25.88
N TYR B 111 -44.84 27.30 -24.78
CA TYR B 111 -44.13 28.13 -23.81
C TYR B 111 -43.19 27.28 -22.97
N LEU B 112 -41.96 27.76 -22.82
CA LEU B 112 -40.95 27.14 -21.97
C LEU B 112 -40.50 28.14 -20.92
N THR B 113 -40.17 27.64 -19.74
CA THR B 113 -39.62 28.51 -18.72
C THR B 113 -38.25 29.01 -19.16
N PRO B 114 -37.89 30.26 -18.87
CA PRO B 114 -36.57 30.76 -19.22
C PRO B 114 -35.50 30.02 -18.47
N PRO B 115 -34.30 29.88 -19.04
CA PRO B 115 -33.23 29.11 -18.39
C PRO B 115 -32.84 29.63 -17.01
N HIS B 116 -32.81 30.95 -16.83
CA HIS B 116 -32.41 31.48 -15.54
C HIS B 116 -33.49 31.26 -14.49
N GLU B 117 -34.77 31.29 -14.90
CA GLU B 117 -35.84 30.95 -13.99
C GLU B 117 -35.71 29.51 -13.52
N CYS B 118 -35.33 28.61 -14.43
CA CYS B 118 -35.10 27.22 -14.06
C CYS B 118 -33.90 27.10 -13.12
N ARG B 119 -32.85 27.89 -13.36
CA ARG B 119 -31.68 27.86 -12.49
C ARG B 119 -32.04 28.33 -11.08
N LEU B 120 -32.86 29.36 -10.97
CA LEU B 120 -33.22 29.88 -9.66
C LEU B 120 -34.20 28.95 -8.93
N ARG B 121 -35.21 28.45 -9.64
CA ARG B 121 -36.29 27.69 -9.04
C ARG B 121 -35.97 26.22 -8.85
N ASP B 122 -34.78 25.78 -9.26
CA ASP B 122 -34.34 24.40 -9.13
C ASP B 122 -35.27 23.42 -9.85
N MET B 123 -35.67 23.77 -11.07
CA MET B 123 -36.32 22.80 -11.94
C MET B 123 -35.33 22.29 -12.99
N THR B 124 -35.85 21.58 -13.97
CA THR B 124 -35.10 21.11 -15.12
C THR B 124 -35.64 21.80 -16.37
N TYR B 125 -34.78 22.52 -17.08
CA TYR B 125 -35.16 23.16 -18.34
C TYR B 125 -35.46 22.10 -19.39
N SER B 126 -36.71 22.05 -19.85
CA SER B 126 -37.15 20.92 -20.66
C SER B 126 -38.31 21.35 -21.53
N ALA B 127 -38.60 20.52 -22.54
CA ALA B 127 -39.79 20.67 -23.37
C ALA B 127 -40.53 19.34 -23.42
N PRO B 128 -41.85 19.38 -23.51
CA PRO B 128 -42.61 18.12 -23.63
C PRO B 128 -42.34 17.42 -24.96
N ILE B 129 -42.44 16.10 -24.93
CA ILE B 129 -42.23 15.26 -26.10
C ILE B 129 -43.61 14.94 -26.66
N TYR B 130 -43.99 15.61 -27.75
CA TYR B 130 -45.27 15.35 -28.39
C TYR B 130 -45.12 14.21 -29.39
N VAL B 131 -46.08 13.30 -29.40
CA VAL B 131 -46.05 12.15 -30.28
C VAL B 131 -47.44 11.92 -30.85
N ASP B 132 -47.52 11.67 -32.16
CA ASP B 132 -48.78 11.30 -32.79
C ASP B 132 -49.05 9.82 -32.55
N ILE B 133 -50.32 9.48 -32.35
CA ILE B 133 -50.72 8.12 -32.03
C ILE B 133 -51.89 7.70 -32.90
N GLU B 134 -51.88 6.44 -33.32
CA GLU B 134 -52.99 5.82 -34.03
C GLU B 134 -53.30 4.51 -33.35
N TYR B 135 -54.52 4.39 -32.82
CA TYR B 135 -54.90 3.17 -32.10
C TYR B 135 -56.35 2.85 -32.43
N THR B 136 -56.86 1.82 -31.77
CA THR B 136 -58.22 1.34 -32.03
C THR B 136 -59.07 1.54 -30.78
N ARG B 137 -60.16 2.29 -30.94
CA ARG B 137 -61.19 2.43 -29.92
C ARG B 137 -62.37 1.57 -30.36
N GLY B 138 -62.50 0.39 -29.75
CA GLY B 138 -63.43 -0.59 -30.23
C GLY B 138 -63.00 -1.08 -31.61
N ARG B 139 -63.72 -0.65 -32.64
CA ARG B 139 -63.33 -0.89 -34.02
C ARG B 139 -62.90 0.38 -34.74
N ASN B 140 -63.06 1.54 -34.11
CA ASN B 140 -62.72 2.80 -34.75
C ASN B 140 -61.23 3.01 -34.78
N ILE B 141 -60.71 3.40 -35.94
CA ILE B 141 -59.27 3.65 -36.11
C ILE B 141 -59.05 5.12 -35.71
N ILE B 142 -58.85 5.32 -34.41
CA ILE B 142 -58.74 6.67 -33.87
C ILE B 142 -57.32 7.17 -34.05
N MET B 143 -57.18 8.29 -34.77
CA MET B 143 -55.92 9.02 -34.90
C MET B 143 -55.97 10.19 -33.93
N HIS B 144 -55.14 10.14 -32.90
CA HIS B 144 -55.07 11.21 -31.91
C HIS B 144 -53.69 11.84 -31.95
N LYS B 145 -53.64 13.13 -31.65
CA LYS B 145 -52.41 13.91 -31.78
C LYS B 145 -52.10 14.62 -30.48
N ASP B 146 -50.81 14.88 -30.29
CA ASP B 146 -50.29 15.65 -29.15
C ASP B 146 -50.65 15.01 -27.82
N VAL B 147 -50.11 13.81 -27.60
CA VAL B 147 -50.12 13.17 -26.29
C VAL B 147 -48.71 13.27 -25.73
N GLU B 148 -48.61 13.70 -24.47
CA GLU B 148 -47.32 13.95 -23.86
C GLU B 148 -46.78 12.66 -23.25
N ILE B 149 -45.54 12.32 -23.59
CA ILE B 149 -44.89 11.13 -23.07
C ILE B 149 -43.72 11.46 -22.17
N GLY B 150 -43.61 12.72 -21.72
CA GLY B 150 -42.54 13.10 -20.83
C GLY B 150 -41.85 14.38 -21.22
N ARG B 151 -40.99 14.90 -20.34
CA ARG B 151 -40.26 16.13 -20.60
C ARG B 151 -38.81 15.80 -20.94
N MET B 152 -38.41 16.16 -22.14
CA MET B 152 -37.04 15.97 -22.59
C MET B 152 -36.25 17.23 -22.23
N PRO B 153 -35.17 17.12 -21.46
CA PRO B 153 -34.43 18.31 -21.02
C PRO B 153 -33.66 18.93 -22.18
N ILE B 154 -34.07 20.14 -22.57
CA ILE B 154 -33.43 20.84 -23.68
C ILE B 154 -32.04 21.24 -23.28
N MET B 155 -31.12 21.21 -24.23
CA MET B 155 -29.80 21.78 -24.05
C MET B 155 -29.83 23.23 -24.50
N LEU B 156 -29.14 24.10 -23.74
CA LEU B 156 -29.20 25.52 -24.00
C LEU B 156 -28.59 25.88 -25.34
N ARG B 157 -29.17 26.91 -25.98
CA ARG B 157 -28.73 27.44 -27.27
C ARG B 157 -28.80 26.39 -28.39
N SER B 158 -29.70 25.43 -28.26
CA SER B 158 -29.98 24.51 -29.35
C SER B 158 -31.00 25.13 -30.29
N ASN B 159 -31.43 24.36 -31.29
CA ASN B 159 -32.48 24.85 -32.17
C ASN B 159 -33.86 24.79 -31.53
N LYS B 160 -34.00 24.10 -30.40
CA LYS B 160 -35.25 24.03 -29.67
C LYS B 160 -35.29 24.93 -28.46
N CYS B 161 -34.16 25.52 -28.07
CA CYS B 161 -34.12 26.37 -26.90
C CYS B 161 -34.67 27.76 -27.20
N ILE B 162 -34.98 28.49 -26.13
CA ILE B 162 -35.51 29.85 -26.27
C ILE B 162 -34.43 30.87 -26.56
N LEU B 163 -33.16 30.50 -26.41
CA LEU B 163 -32.05 31.42 -26.64
C LEU B 163 -31.50 31.35 -28.06
N TYR B 164 -32.10 30.56 -28.93
CA TYR B 164 -31.64 30.46 -30.31
C TYR B 164 -31.87 31.77 -31.05
N ASP B 165 -30.84 32.21 -31.79
CA ASP B 165 -30.80 33.43 -32.60
C ASP B 165 -31.39 34.65 -31.91
N ALA B 166 -31.25 34.74 -30.59
CA ALA B 166 -31.82 35.83 -29.82
C ALA B 166 -30.81 36.97 -29.73
N ASP B 167 -31.25 38.18 -30.06
CA ASP B 167 -30.41 39.35 -29.91
C ASP B 167 -30.18 39.64 -28.43
N GLU B 168 -29.16 40.44 -28.15
CA GLU B 168 -28.77 40.69 -26.76
C GLU B 168 -29.83 41.45 -25.97
N SER B 169 -30.75 42.17 -26.64
CA SER B 169 -31.85 42.78 -25.92
C SER B 169 -32.81 41.75 -25.37
N LYS B 170 -33.26 40.80 -26.21
CA LYS B 170 -34.14 39.75 -25.73
C LYS B 170 -33.39 38.79 -24.82
N MET B 171 -32.09 38.63 -25.03
CA MET B 171 -31.29 37.82 -24.12
C MET B 171 -31.18 38.49 -22.75
N ALA B 172 -31.16 39.82 -22.73
CA ALA B 172 -31.18 40.53 -21.45
C ALA B 172 -32.56 40.49 -20.81
N LYS B 173 -33.60 40.37 -21.64
CA LYS B 173 -34.96 40.25 -21.10
C LYS B 173 -35.14 38.95 -20.31
N LEU B 174 -34.43 37.90 -20.69
CA LEU B 174 -34.59 36.59 -20.07
C LEU B 174 -33.52 36.31 -19.01
N ASN B 175 -32.83 37.36 -18.54
CA ASN B 175 -31.85 37.25 -17.46
C ASN B 175 -30.73 36.27 -17.80
N GLU B 176 -30.34 36.22 -19.06
CA GLU B 176 -29.30 35.33 -19.53
C GLU B 176 -28.16 36.12 -20.15
N CYS B 177 -26.93 35.71 -19.87
CA CYS B 177 -25.77 36.37 -20.45
C CYS B 177 -25.67 36.04 -21.93
N PRO B 178 -25.42 37.03 -22.78
CA PRO B 178 -25.26 36.75 -24.21
C PRO B 178 -23.92 36.10 -24.52
N LEU B 179 -22.92 36.37 -23.68
CA LEU B 179 -21.60 35.76 -23.84
C LEU B 179 -21.49 34.48 -23.02
N ASP B 180 -22.44 33.58 -23.21
CA ASP B 180 -22.43 32.29 -22.54
C ASP B 180 -22.39 31.19 -23.60
N PRO B 181 -21.51 30.20 -23.46
CA PRO B 181 -21.37 29.19 -24.53
C PRO B 181 -22.61 28.35 -24.73
N GLY B 182 -23.44 28.18 -23.71
CA GLY B 182 -24.54 27.24 -23.85
C GLY B 182 -24.01 25.82 -23.86
N GLY B 183 -24.81 24.92 -24.39
CA GLY B 183 -24.38 23.54 -24.54
C GLY B 183 -24.46 22.68 -23.31
N TYR B 184 -25.09 23.16 -22.24
CA TYR B 184 -25.21 22.41 -21.01
C TYR B 184 -26.67 22.23 -20.65
N PHE B 185 -26.95 21.21 -19.86
CA PHE B 185 -28.31 20.89 -19.44
C PHE B 185 -28.55 21.39 -18.02
N ILE B 186 -29.59 22.19 -17.84
CA ILE B 186 -30.01 22.59 -16.50
C ILE B 186 -30.97 21.53 -15.98
N VAL B 187 -30.52 20.75 -15.00
CA VAL B 187 -31.36 19.74 -14.36
C VAL B 187 -31.34 19.96 -12.86
N ASN B 188 -32.52 19.95 -12.25
CA ASN B 188 -32.70 20.06 -10.79
C ASN B 188 -32.02 21.30 -10.21
N GLY B 189 -31.90 22.35 -11.01
CA GLY B 189 -31.21 23.55 -10.60
C GLY B 189 -29.75 23.62 -10.99
N THR B 190 -29.05 22.49 -10.91
CA THR B 190 -27.65 22.49 -11.30
C THR B 190 -27.54 22.49 -12.83
N GLU B 191 -26.35 22.81 -13.32
CA GLU B 191 -26.07 22.79 -14.74
C GLU B 191 -24.95 21.79 -15.01
N LYS B 192 -25.24 20.80 -15.84
CA LYS B 192 -24.36 19.67 -16.09
C LYS B 192 -23.95 19.64 -17.55
N VAL B 193 -22.76 19.10 -17.80
CA VAL B 193 -22.18 19.02 -19.13
C VAL B 193 -21.84 17.57 -19.42
N ILE B 194 -22.33 17.07 -20.55
CA ILE B 194 -21.92 15.75 -21.03
C ILE B 194 -20.61 15.93 -21.79
N LEU B 195 -19.51 15.51 -21.16
CA LEU B 195 -18.20 15.67 -21.79
C LEU B 195 -18.06 14.74 -22.98
N VAL B 196 -17.34 15.21 -23.99
CA VAL B 196 -17.14 14.43 -25.21
C VAL B 196 -16.25 13.24 -24.89
N GLN B 197 -16.75 12.04 -25.16
CA GLN B 197 -16.02 10.81 -24.85
C GLN B 197 -15.18 10.40 -26.05
N GLU B 198 -14.06 9.73 -25.78
CA GLU B 198 -13.17 9.25 -26.81
C GLU B 198 -13.00 7.75 -26.66
N GLN B 199 -13.15 7.02 -27.77
CA GLN B 199 -13.06 5.57 -27.72
C GLN B 199 -12.20 5.10 -28.89
N LEU B 200 -11.69 3.88 -28.75
CA LEU B 200 -11.06 3.22 -29.89
C LEU B 200 -12.08 3.04 -31.00
N SER B 201 -11.62 3.21 -32.24
CA SER B 201 -12.53 3.27 -33.37
C SER B 201 -13.33 1.99 -33.51
N LYS B 202 -14.64 2.13 -33.62
CA LYS B 202 -15.50 0.97 -33.81
C LYS B 202 -15.36 0.45 -35.23
N ASN B 203 -15.51 -0.86 -35.36
CA ASN B 203 -15.53 -1.57 -36.64
C ASN B 203 -14.22 -1.36 -37.41
N ARG B 204 -13.12 -1.59 -36.71
CA ARG B 204 -11.79 -1.41 -37.28
C ARG B 204 -10.89 -2.52 -36.77
N ILE B 205 -9.92 -2.91 -37.59
CA ILE B 205 -8.98 -3.97 -37.26
C ILE B 205 -7.77 -3.34 -36.60
N ILE B 206 -7.51 -3.72 -35.35
CA ILE B 206 -6.35 -3.21 -34.61
C ILE B 206 -5.43 -4.38 -34.32
N VAL B 207 -4.19 -4.28 -34.78
CA VAL B 207 -3.21 -5.35 -34.65
C VAL B 207 -2.17 -4.95 -33.61
N GLU B 208 -2.03 -5.76 -32.57
CA GLU B 208 -1.08 -5.48 -31.51
C GLU B 208 -0.23 -6.70 -31.21
N ALA B 209 1.00 -6.46 -30.77
CA ALA B 209 1.97 -7.50 -30.51
C ALA B 209 2.44 -7.43 -29.07
N ASP B 210 2.59 -8.60 -28.44
CA ASP B 210 3.10 -8.74 -27.09
C ASP B 210 4.43 -9.49 -27.22
N GLU B 211 5.53 -8.75 -27.10
CA GLU B 211 6.85 -9.33 -27.35
C GLU B 211 7.34 -10.16 -26.18
N LYS B 212 7.05 -9.72 -24.95
CA LYS B 212 7.47 -10.48 -23.78
C LYS B 212 6.74 -11.83 -23.71
N LYS B 213 5.48 -11.85 -24.10
CA LYS B 213 4.73 -13.09 -24.26
C LYS B 213 4.87 -13.68 -25.65
N GLY B 214 5.13 -12.85 -26.66
CA GLY B 214 5.30 -13.32 -28.02
C GLY B 214 4.02 -13.75 -28.73
N ILE B 215 2.93 -13.00 -28.54
CA ILE B 215 1.67 -13.27 -29.23
C ILE B 215 1.27 -12.00 -29.99
N VAL B 216 0.98 -12.16 -31.28
CA VAL B 216 0.37 -11.09 -32.06
C VAL B 216 -1.12 -11.41 -32.23
N GLN B 217 -1.94 -10.36 -32.20
CA GLN B 217 -3.37 -10.53 -32.34
C GLN B 217 -3.95 -9.35 -33.10
N ALA B 218 -5.12 -9.58 -33.67
CA ALA B 218 -5.90 -8.55 -34.34
C ALA B 218 -7.30 -8.56 -33.73
N SER B 219 -7.75 -7.41 -33.27
CA SER B 219 -9.03 -7.27 -32.59
C SER B 219 -9.97 -6.43 -33.45
N VAL B 220 -11.25 -6.83 -33.45
CA VAL B 220 -12.30 -6.06 -34.09
C VAL B 220 -13.46 -5.96 -33.12
N THR B 221 -13.85 -4.73 -32.78
CA THR B 221 -14.97 -4.48 -31.86
C THR B 221 -16.16 -4.10 -32.72
N SER B 222 -16.93 -5.11 -33.13
CA SER B 222 -18.10 -4.86 -33.97
C SER B 222 -19.24 -4.37 -33.10
N SER B 223 -19.64 -3.12 -33.32
CA SER B 223 -20.70 -2.49 -32.55
C SER B 223 -21.85 -2.14 -33.49
N THR B 224 -23.06 -2.52 -33.11
CA THR B 224 -24.25 -2.21 -33.89
C THR B 224 -25.44 -2.11 -32.93
N HIS B 225 -26.63 -2.02 -33.52
CA HIS B 225 -27.83 -1.79 -32.72
C HIS B 225 -28.19 -3.01 -31.87
N GLU B 226 -27.86 -4.21 -32.33
CA GLU B 226 -28.23 -5.41 -31.58
C GLU B 226 -27.13 -5.78 -30.58
N ARG B 227 -25.89 -5.86 -31.02
CA ARG B 227 -24.81 -6.35 -30.16
C ARG B 227 -23.57 -5.50 -30.35
N LYS B 228 -22.70 -5.55 -29.33
CA LYS B 228 -21.37 -4.94 -29.38
C LYS B 228 -20.39 -6.02 -28.92
N SER B 229 -19.82 -6.76 -29.86
CA SER B 229 -19.02 -7.93 -29.56
C SER B 229 -17.61 -7.77 -30.11
N LYS B 230 -16.63 -8.31 -29.37
CA LYS B 230 -15.23 -8.23 -29.74
C LYS B 230 -14.75 -9.57 -30.25
N THR B 231 -14.08 -9.56 -31.40
CA THR B 231 -13.53 -10.75 -32.03
C THR B 231 -12.02 -10.65 -32.06
N TYR B 232 -11.33 -11.68 -31.58
CA TYR B 232 -9.89 -11.71 -31.56
C TYR B 232 -9.38 -12.77 -32.53
N VAL B 233 -8.31 -12.46 -33.24
CA VAL B 233 -7.55 -13.43 -34.02
C VAL B 233 -6.15 -13.41 -33.44
N ILE B 234 -5.79 -14.43 -32.68
CA ILE B 234 -4.54 -14.45 -31.94
C ILE B 234 -3.63 -15.49 -32.54
N THR B 235 -2.36 -15.44 -32.17
CA THR B 235 -1.41 -16.49 -32.53
C THR B 235 -0.97 -17.23 -31.27
N LYS B 236 -1.23 -18.55 -31.24
CA LYS B 236 -0.90 -19.40 -30.11
C LYS B 236 -0.08 -20.56 -30.62
N ASN B 237 1.11 -20.76 -30.03
CA ASN B 237 2.03 -21.85 -30.38
C ASN B 237 2.41 -21.82 -31.86
N GLY B 238 2.44 -20.63 -32.45
CA GLY B 238 2.75 -20.50 -33.86
C GLY B 238 1.59 -20.75 -34.79
N LYS B 239 0.40 -21.03 -34.28
CA LYS B 239 -0.77 -21.28 -35.10
C LYS B 239 -1.79 -20.16 -34.91
N ILE B 240 -2.46 -19.79 -36.00
CA ILE B 240 -3.43 -18.70 -35.98
C ILE B 240 -4.77 -19.24 -35.54
N TYR B 241 -5.26 -18.75 -34.39
CA TYR B 241 -6.54 -19.16 -33.84
C TYR B 241 -7.47 -17.96 -33.81
N LEU B 242 -8.78 -18.23 -33.87
CA LEU B 242 -9.81 -17.21 -33.78
C LEU B 242 -10.63 -17.48 -32.53
N LYS B 243 -10.84 -16.44 -31.72
CA LYS B 243 -11.60 -16.58 -30.49
C LYS B 243 -12.64 -15.47 -30.36
N HIS B 244 -13.74 -15.83 -29.70
CA HIS B 244 -14.89 -14.97 -29.51
C HIS B 244 -15.47 -15.30 -28.14
N ASN B 245 -16.15 -14.32 -27.54
CA ASN B 245 -16.69 -14.51 -26.19
C ASN B 245 -17.76 -15.60 -26.16
N SER B 246 -18.58 -15.67 -27.21
CA SER B 246 -19.62 -16.69 -27.25
C SER B 246 -19.03 -18.08 -27.45
N ILE B 247 -18.00 -18.20 -28.29
CA ILE B 247 -17.45 -19.51 -28.62
C ILE B 247 -16.67 -20.06 -27.44
N ALA B 248 -16.87 -21.35 -27.15
CA ALA B 248 -16.22 -21.97 -25.99
C ALA B 248 -14.74 -22.18 -26.22
N GLU B 249 -14.35 -22.61 -27.43
CA GLU B 249 -12.97 -22.98 -27.71
C GLU B 249 -12.43 -22.11 -28.83
N GLU B 250 -11.11 -22.03 -28.91
CA GLU B 250 -10.45 -21.25 -29.95
C GLU B 250 -10.49 -22.03 -31.26
N ILE B 251 -11.30 -21.57 -32.20
CA ILE B 251 -11.45 -22.27 -33.48
C ILE B 251 -10.18 -22.08 -34.32
N PRO B 252 -9.66 -23.13 -34.95
CA PRO B 252 -8.58 -22.92 -35.93
C PRO B 252 -9.07 -22.09 -37.10
N ILE B 253 -8.16 -21.28 -37.65
CA ILE B 253 -8.55 -20.30 -38.65
C ILE B 253 -8.92 -20.97 -39.96
N ALA B 254 -8.29 -22.10 -40.27
CA ALA B 254 -8.62 -22.81 -41.50
C ALA B 254 -10.04 -23.34 -41.46
N ILE B 255 -10.50 -23.75 -40.26
CA ILE B 255 -11.86 -24.26 -40.12
C ILE B 255 -12.89 -23.19 -40.43
N VAL B 256 -12.70 -21.99 -39.88
CA VAL B 256 -13.68 -20.93 -40.08
C VAL B 256 -13.60 -20.39 -41.51
N LEU B 257 -12.40 -20.37 -42.09
CA LEU B 257 -12.29 -19.98 -43.50
C LEU B 257 -12.98 -20.99 -44.42
N LYS B 258 -12.87 -22.28 -44.11
CA LYS B 258 -13.61 -23.28 -44.87
C LYS B 258 -15.11 -23.12 -44.67
N ALA B 259 -15.54 -22.86 -43.44
CA ALA B 259 -16.96 -22.71 -43.15
C ALA B 259 -17.55 -21.45 -43.78
N CYS B 260 -16.74 -20.45 -44.06
CA CYS B 260 -17.22 -19.17 -44.58
C CYS B 260 -17.21 -19.14 -46.11
N GLY B 261 -17.36 -20.30 -46.75
CA GLY B 261 -17.54 -20.37 -48.18
C GLY B 261 -16.31 -20.66 -49.01
N ILE B 262 -15.12 -20.61 -48.42
CA ILE B 262 -13.89 -20.86 -49.16
C ILE B 262 -13.54 -22.32 -48.94
N LEU B 263 -14.03 -23.18 -49.84
CA LEU B 263 -13.87 -24.63 -49.67
C LEU B 263 -12.43 -25.06 -49.94
N SER B 264 -11.84 -24.56 -51.02
CA SER B 264 -10.50 -24.99 -51.41
C SER B 264 -9.44 -24.36 -50.52
N ASP B 265 -8.34 -25.09 -50.32
CA ASP B 265 -7.27 -24.60 -49.46
C ASP B 265 -6.25 -23.77 -50.21
N LEU B 266 -6.08 -24.01 -51.51
CA LEU B 266 -5.22 -23.16 -52.31
C LEU B 266 -5.74 -21.74 -52.36
N GLU B 267 -7.07 -21.58 -52.44
CA GLU B 267 -7.67 -20.25 -52.37
C GLU B 267 -7.42 -19.60 -51.02
N ILE B 268 -7.50 -20.38 -49.94
CA ILE B 268 -7.22 -19.85 -48.60
C ILE B 268 -5.78 -19.33 -48.52
N MET B 269 -4.84 -20.14 -49.00
CA MET B 269 -3.43 -19.75 -48.94
C MET B 269 -3.14 -18.55 -49.84
N GLN B 270 -3.79 -18.48 -51.00
CA GLN B 270 -3.58 -17.34 -51.89
C GLN B 270 -4.20 -16.07 -51.31
N LEU B 271 -5.33 -16.20 -50.60
CA LEU B 271 -5.95 -15.03 -49.98
C LEU B 271 -5.11 -14.51 -48.83
N VAL B 272 -4.68 -15.42 -47.94
CA VAL B 272 -3.97 -14.99 -46.74
C VAL B 272 -2.57 -14.48 -47.09
N CYS B 273 -1.86 -15.23 -47.94
CA CYS B 273 -0.45 -14.95 -48.20
C CYS B 273 -0.20 -14.24 -49.52
N GLY B 274 -0.84 -14.67 -50.59
CA GLY B 274 -0.50 -14.15 -51.88
C GLY B 274 0.80 -14.77 -52.38
N ASN B 275 1.29 -14.21 -53.49
CA ASN B 275 2.52 -14.71 -54.09
C ASN B 275 3.72 -14.24 -53.28
N ASP B 276 3.94 -14.86 -52.12
CA ASP B 276 5.04 -14.50 -51.23
C ASP B 276 5.59 -15.77 -50.59
N SER B 277 6.87 -15.73 -50.25
CA SER B 277 7.55 -16.91 -49.71
C SER B 277 7.39 -17.01 -48.20
N SER B 278 7.80 -15.97 -47.48
CA SER B 278 7.85 -16.03 -46.02
C SER B 278 6.46 -16.18 -45.40
N TYR B 279 5.46 -15.51 -45.99
CA TYR B 279 4.10 -15.62 -45.48
C TYR B 279 3.58 -17.05 -45.60
N GLN B 280 3.85 -17.72 -46.71
CA GLN B 280 3.45 -19.11 -46.87
C GLN B 280 4.18 -20.01 -45.88
N ASP B 281 5.46 -19.72 -45.63
CA ASP B 281 6.23 -20.50 -44.68
C ASP B 281 5.66 -20.37 -43.28
N ILE B 282 5.17 -19.17 -42.92
CA ILE B 282 4.52 -19.01 -41.63
C ILE B 282 3.16 -19.70 -41.61
N PHE B 283 2.41 -19.63 -42.71
CA PHE B 283 0.99 -19.98 -42.70
C PHE B 283 0.70 -21.46 -42.99
N ALA B 284 1.67 -22.23 -43.52
CA ALA B 284 1.39 -23.60 -43.92
C ALA B 284 0.93 -24.49 -42.76
N VAL B 285 1.32 -24.14 -41.54
CA VAL B 285 0.92 -24.92 -40.37
C VAL B 285 -0.60 -24.88 -40.20
N ASN B 286 -1.21 -23.73 -40.48
CA ASN B 286 -2.65 -23.60 -40.32
C ASN B 286 -3.40 -24.39 -41.39
N LEU B 287 -2.84 -24.50 -42.59
CA LEU B 287 -3.41 -25.39 -43.59
C LEU B 287 -3.32 -26.84 -43.14
N GLU B 288 -2.18 -27.22 -42.54
CA GLU B 288 -2.02 -28.58 -42.04
C GLU B 288 -3.00 -28.88 -40.90
N GLU B 289 -3.33 -27.88 -40.10
CA GLU B 289 -4.20 -28.09 -38.94
C GLU B 289 -5.60 -28.55 -39.34
N SER B 290 -6.13 -28.02 -40.44
CA SER B 290 -7.43 -28.47 -40.93
C SER B 290 -7.38 -29.92 -41.37
N SER B 291 -6.30 -30.32 -42.03
CA SER B 291 -6.15 -31.71 -42.47
C SER B 291 -6.00 -32.64 -41.29
N LYS B 292 -5.41 -32.17 -40.19
CA LYS B 292 -5.29 -33.00 -39.01
C LYS B 292 -6.64 -33.34 -38.39
N LEU B 293 -7.62 -32.45 -38.54
CA LEU B 293 -8.93 -32.63 -37.95
C LEU B 293 -9.97 -33.16 -38.94
N ASP B 294 -9.52 -33.67 -40.09
CA ASP B 294 -10.35 -34.31 -41.12
C ASP B 294 -11.58 -33.48 -41.49
N ILE B 295 -11.40 -32.18 -41.62
CA ILE B 295 -12.44 -31.27 -42.08
C ILE B 295 -12.11 -30.85 -43.50
N TYR B 296 -13.01 -31.17 -44.43
CA TYR B 296 -12.79 -30.84 -45.83
C TYR B 296 -13.97 -30.23 -46.55
N THR B 297 -15.19 -30.31 -46.00
CA THR B 297 -16.36 -29.72 -46.62
C THR B 297 -16.90 -28.63 -45.72
N GLN B 298 -17.80 -27.81 -46.28
CA GLN B 298 -18.36 -26.69 -45.54
C GLN B 298 -19.23 -27.17 -44.40
N GLN B 299 -19.98 -28.26 -44.60
CA GLN B 299 -20.83 -28.79 -43.55
C GLN B 299 -20.02 -29.27 -42.35
N GLN B 300 -18.88 -29.90 -42.61
CA GLN B 300 -18.02 -30.38 -41.52
C GLN B 300 -17.53 -29.23 -40.67
N ALA B 301 -17.01 -28.17 -41.30
CA ALA B 301 -16.52 -27.03 -40.54
C ALA B 301 -17.66 -26.31 -39.81
N LEU B 302 -18.81 -26.20 -40.46
CA LEU B 302 -19.95 -25.54 -39.84
C LEU B 302 -20.42 -26.28 -38.61
N GLU B 303 -20.51 -27.61 -38.68
CA GLU B 303 -20.93 -28.36 -37.50
C GLU B 303 -19.85 -28.37 -36.44
N TYR B 304 -18.58 -28.36 -36.83
CA TYR B 304 -17.49 -28.27 -35.86
C TYR B 304 -17.55 -26.96 -35.09
N ILE B 305 -17.85 -25.85 -35.78
CA ILE B 305 -17.97 -24.57 -35.10
C ILE B 305 -19.22 -24.54 -34.24
N GLY B 306 -20.35 -25.05 -34.77
CA GLY B 306 -21.59 -25.02 -34.01
C GLY B 306 -21.57 -25.90 -32.79
N ALA B 307 -20.71 -26.91 -32.76
CA ALA B 307 -20.55 -27.70 -31.54
C ALA B 307 -19.91 -26.91 -30.42
N LYS B 308 -19.18 -25.84 -30.74
CA LYS B 308 -18.49 -25.06 -29.73
C LYS B 308 -19.26 -23.84 -29.26
N VAL B 309 -20.39 -23.52 -29.90
CA VAL B 309 -21.13 -22.30 -29.57
C VAL B 309 -21.88 -22.52 -28.26
N LYS B 310 -21.62 -21.64 -27.29
CA LYS B 310 -22.16 -21.81 -25.94
C LYS B 310 -23.50 -21.14 -25.72
N THR B 311 -24.00 -20.34 -26.65
CA THR B 311 -25.18 -19.52 -26.42
C THR B 311 -26.48 -20.19 -26.87
N MET B 312 -26.55 -21.52 -26.85
CA MET B 312 -27.75 -22.19 -27.33
C MET B 312 -28.93 -21.91 -26.40
N ARG B 313 -30.05 -21.50 -27.00
CA ARG B 313 -31.28 -21.15 -26.28
C ARG B 313 -32.45 -21.37 -27.23
N ARG B 314 -33.64 -20.90 -26.81
CA ARG B 314 -34.79 -20.59 -27.66
C ARG B 314 -35.16 -21.72 -28.63
N GLN B 315 -35.14 -22.95 -28.12
CA GLN B 315 -35.46 -24.16 -28.89
C GLN B 315 -34.55 -24.27 -30.11
N LYS B 316 -33.27 -24.54 -29.80
CA LYS B 316 -32.20 -24.46 -30.78
C LYS B 316 -32.45 -25.41 -31.95
N LEU B 317 -31.86 -25.07 -33.09
CA LEU B 317 -31.95 -25.86 -34.30
C LEU B 317 -30.79 -26.85 -34.34
N THR B 318 -30.55 -27.43 -35.50
CA THR B 318 -29.46 -28.38 -35.66
C THR B 318 -28.11 -27.71 -35.45
N ILE B 319 -27.09 -28.54 -35.25
CA ILE B 319 -25.74 -28.03 -35.01
C ILE B 319 -25.23 -27.27 -36.22
N LEU B 320 -25.55 -27.77 -37.43
CA LEU B 320 -25.13 -27.10 -38.65
C LEU B 320 -25.76 -25.71 -38.78
N GLN B 321 -27.05 -25.60 -38.45
CA GLN B 321 -27.71 -24.31 -38.52
C GLN B 321 -27.24 -23.36 -37.43
N GLU B 322 -26.92 -23.90 -36.25
CA GLU B 322 -26.34 -23.05 -35.20
C GLU B 322 -24.97 -22.52 -35.62
N GLY B 323 -24.16 -23.35 -36.26
CA GLY B 323 -22.89 -22.88 -36.78
C GLY B 323 -23.06 -21.85 -37.89
N ILE B 324 -24.08 -22.05 -38.74
CA ILE B 324 -24.38 -21.06 -39.78
C ILE B 324 -24.73 -19.72 -39.16
N GLU B 325 -25.57 -19.74 -38.11
CA GLU B 325 -25.95 -18.51 -37.44
C GLU B 325 -24.75 -17.86 -36.77
N ALA B 326 -23.88 -18.66 -36.14
CA ALA B 326 -22.70 -18.12 -35.48
C ALA B 326 -21.76 -17.46 -36.47
N ILE B 327 -21.53 -18.08 -37.62
CA ILE B 327 -20.67 -17.47 -38.63
C ILE B 327 -21.36 -16.26 -39.25
N ALA B 328 -22.69 -16.29 -39.37
CA ALA B 328 -23.39 -15.21 -40.04
C ALA B 328 -23.45 -13.95 -39.18
N THR B 329 -23.59 -14.10 -37.88
CA THR B 329 -23.79 -12.92 -37.06
C THR B 329 -22.78 -12.80 -35.92
N THR B 330 -22.44 -13.90 -35.25
CA THR B 330 -21.74 -13.80 -33.98
C THR B 330 -20.27 -13.42 -34.15
N VAL B 331 -19.59 -13.99 -35.15
CA VAL B 331 -18.13 -13.84 -35.23
C VAL B 331 -17.75 -12.40 -35.59
N ILE B 332 -18.40 -11.81 -36.59
CA ILE B 332 -18.22 -10.40 -36.92
C ILE B 332 -19.59 -9.78 -37.09
N ALA B 333 -20.02 -9.00 -36.09
CA ALA B 333 -21.41 -8.57 -36.03
C ALA B 333 -21.76 -7.54 -37.10
N HIS B 334 -20.85 -6.61 -37.38
CA HIS B 334 -21.20 -5.49 -38.25
C HIS B 334 -21.29 -5.90 -39.72
N LEU B 335 -20.66 -6.99 -40.12
CA LEU B 335 -20.83 -7.54 -41.45
C LEU B 335 -21.79 -8.72 -41.33
N THR B 336 -23.02 -8.51 -41.78
CA THR B 336 -24.05 -9.54 -41.73
C THR B 336 -24.29 -10.07 -43.13
N VAL B 337 -24.46 -11.38 -43.23
CA VAL B 337 -24.67 -12.04 -44.51
C VAL B 337 -26.12 -12.47 -44.59
N GLU B 338 -26.75 -12.24 -45.75
CA GLU B 338 -28.16 -12.51 -45.94
C GLU B 338 -28.41 -13.72 -46.83
N ALA B 339 -27.79 -13.75 -48.02
CA ALA B 339 -27.98 -14.83 -48.97
C ALA B 339 -27.01 -15.97 -48.67
N LEU B 340 -26.92 -16.92 -49.59
CA LEU B 340 -25.97 -18.01 -49.47
C LEU B 340 -24.54 -17.58 -49.72
N ASP B 341 -24.33 -16.40 -50.33
CA ASP B 341 -23.00 -15.99 -50.72
C ASP B 341 -22.25 -15.43 -49.52
N PHE B 342 -21.18 -16.11 -49.11
CA PHE B 342 -20.40 -15.78 -47.93
C PHE B 342 -19.09 -15.08 -48.28
N ARG B 343 -19.05 -14.31 -49.38
CA ARG B 343 -17.78 -13.82 -49.89
C ARG B 343 -17.20 -12.72 -49.00
N GLU B 344 -18.00 -11.72 -48.64
CA GLU B 344 -17.45 -10.54 -47.99
C GLU B 344 -16.93 -10.86 -46.59
N LYS B 345 -17.61 -11.73 -45.86
CA LYS B 345 -17.16 -12.13 -44.54
C LYS B 345 -15.86 -12.91 -44.62
N ALA B 346 -15.76 -13.80 -45.61
CA ALA B 346 -14.54 -14.58 -45.80
C ALA B 346 -13.36 -13.69 -46.16
N LEU B 347 -13.57 -12.71 -47.04
CA LEU B 347 -12.47 -11.80 -47.39
C LEU B 347 -12.10 -10.91 -46.22
N TYR B 348 -13.07 -10.53 -45.38
CA TYR B 348 -12.74 -9.75 -44.19
C TYR B 348 -11.84 -10.53 -43.25
N ILE B 349 -12.21 -11.78 -42.96
CA ILE B 349 -11.38 -12.59 -42.06
C ILE B 349 -10.04 -12.89 -42.70
N ALA B 350 -10.01 -13.08 -44.02
CA ALA B 350 -8.75 -13.32 -44.72
C ALA B 350 -7.81 -12.12 -44.62
N MET B 351 -8.35 -10.90 -44.77
CA MET B 351 -7.52 -9.71 -44.65
C MET B 351 -7.04 -9.52 -43.23
N MET B 352 -7.88 -9.84 -42.25
CA MET B 352 -7.45 -9.76 -40.85
C MET B 352 -6.30 -10.72 -40.59
N THR B 353 -6.39 -11.95 -41.12
CA THR B 353 -5.31 -12.90 -40.93
C THR B 353 -4.07 -12.52 -41.72
N ARG B 354 -4.23 -11.86 -42.87
CA ARG B 354 -3.07 -11.35 -43.60
C ARG B 354 -2.34 -10.29 -42.79
N ARG B 355 -3.10 -9.42 -42.12
CA ARG B 355 -2.49 -8.47 -41.19
C ARG B 355 -1.75 -9.19 -40.07
N VAL B 356 -2.35 -10.27 -39.55
CA VAL B 356 -1.71 -11.03 -38.48
C VAL B 356 -0.39 -11.65 -38.96
N VAL B 357 -0.40 -12.23 -40.16
CA VAL B 357 0.81 -12.85 -40.71
C VAL B 357 1.89 -11.79 -40.95
N MET B 358 1.49 -10.62 -41.46
CA MET B 358 2.45 -9.53 -41.62
C MET B 358 3.03 -9.13 -40.28
N ALA B 359 2.23 -9.17 -39.21
CA ALA B 359 2.76 -8.93 -37.88
C ALA B 359 3.76 -10.00 -37.47
N MET B 360 3.48 -11.26 -37.81
CA MET B 360 4.41 -12.34 -37.50
C MET B 360 5.75 -12.17 -38.22
N TYR B 361 5.73 -11.70 -39.47
CA TYR B 361 6.97 -11.60 -40.22
C TYR B 361 7.93 -10.59 -39.57
N ASN B 362 7.42 -9.40 -39.26
CA ASN B 362 8.18 -8.42 -38.50
C ASN B 362 7.21 -7.65 -37.63
N PRO B 363 7.57 -7.37 -36.37
CA PRO B 363 6.66 -6.67 -35.45
C PRO B 363 6.66 -5.16 -35.56
N LYS B 364 7.22 -4.60 -36.64
CA LYS B 364 7.24 -3.16 -36.84
C LYS B 364 6.00 -2.67 -37.58
N MET B 365 5.26 -3.56 -38.24
CA MET B 365 4.11 -3.18 -39.05
C MET B 365 2.79 -3.33 -38.31
N ILE B 366 2.77 -3.04 -37.01
CA ILE B 366 1.56 -3.07 -36.21
C ILE B 366 1.07 -1.64 -36.04
N ASP B 367 -0.21 -1.41 -36.30
CA ASP B 367 -0.77 -0.09 -36.13
C ASP B 367 -0.84 0.29 -34.65
N ASP B 368 -0.62 1.57 -34.38
CA ASP B 368 -0.58 2.07 -33.01
C ASP B 368 -1.99 2.31 -32.51
N ARG B 369 -2.30 1.75 -31.34
CA ARG B 369 -3.62 1.95 -30.74
C ARG B 369 -3.84 3.40 -30.35
N ASP B 370 -2.78 4.10 -29.98
CA ASP B 370 -2.90 5.46 -29.47
C ASP B 370 -2.95 6.49 -30.57
N TYR B 371 -2.86 6.07 -31.83
CA TYR B 371 -2.95 6.97 -32.97
C TYR B 371 -4.30 7.67 -32.98
N VAL B 372 -4.29 8.96 -33.31
CA VAL B 372 -5.51 9.76 -33.26
C VAL B 372 -6.51 9.29 -34.31
N GLY B 373 -6.01 8.85 -35.47
CA GLY B 373 -6.89 8.37 -36.52
C GLY B 373 -7.66 7.11 -36.16
N ASN B 374 -7.20 6.38 -35.15
CA ASN B 374 -7.89 5.19 -34.68
C ASN B 374 -8.80 5.47 -33.49
N LYS B 375 -9.07 6.74 -33.21
CA LYS B 375 -9.93 7.13 -32.09
C LYS B 375 -11.09 7.96 -32.60
N ARG B 376 -12.29 7.65 -32.10
CA ARG B 376 -13.51 8.34 -32.48
C ARG B 376 -14.13 9.00 -31.26
N LEU B 377 -14.78 10.14 -31.50
CA LEU B 377 -15.28 11.00 -30.44
C LEU B 377 -16.81 10.90 -30.41
N GLU B 378 -17.33 10.24 -29.37
CA GLU B 378 -18.76 10.20 -29.13
C GLU B 378 -19.20 11.46 -28.43
N LEU B 379 -20.23 12.10 -28.96
CA LEU B 379 -20.71 13.38 -28.47
C LEU B 379 -21.96 13.19 -27.62
N ALA B 380 -22.53 14.30 -27.16
CA ALA B 380 -23.67 14.22 -26.25
C ALA B 380 -24.92 13.70 -26.94
N GLY B 381 -25.09 14.02 -28.23
CA GLY B 381 -26.29 13.61 -28.93
C GLY B 381 -26.44 12.10 -29.03
N GLN B 382 -25.34 11.41 -29.31
CA GLN B 382 -25.39 9.96 -29.46
C GLN B 382 -25.71 9.28 -28.14
N LEU B 383 -25.09 9.73 -27.05
CA LEU B 383 -25.35 9.16 -25.74
C LEU B 383 -26.79 9.42 -25.29
N ILE B 384 -27.28 10.64 -25.55
CA ILE B 384 -28.66 10.95 -25.20
C ILE B 384 -29.62 10.11 -26.03
N SER B 385 -29.30 9.88 -27.30
CA SER B 385 -30.14 9.04 -28.15
C SER B 385 -30.18 7.61 -27.63
N LEU B 386 -29.02 7.08 -27.21
CA LEU B 386 -28.97 5.71 -26.69
C LEU B 386 -29.77 5.58 -25.40
N LEU B 387 -29.62 6.55 -24.50
CA LEU B 387 -30.38 6.54 -23.25
C LEU B 387 -31.87 6.65 -23.50
N PHE B 388 -32.27 7.53 -24.44
CA PHE B 388 -33.67 7.64 -24.78
C PHE B 388 -34.20 6.36 -25.42
N GLU B 389 -33.37 5.66 -26.19
CA GLU B 389 -33.77 4.37 -26.75
C GLU B 389 -34.10 3.38 -25.65
N ASP B 390 -33.21 3.26 -24.66
CA ASP B 390 -33.46 2.34 -23.55
C ASP B 390 -34.71 2.73 -22.78
N LEU B 391 -34.86 4.03 -22.49
CA LEU B 391 -36.02 4.49 -21.73
C LEU B 391 -37.31 4.25 -22.48
N PHE B 392 -37.32 4.52 -23.80
CA PHE B 392 -38.53 4.32 -24.57
C PHE B 392 -38.88 2.85 -24.71
N LYS B 393 -37.87 1.98 -24.83
CA LYS B 393 -38.15 0.55 -24.86
C LYS B 393 -38.78 0.08 -23.54
N LYS B 394 -38.24 0.56 -22.41
CA LYS B 394 -38.85 0.21 -21.13
C LYS B 394 -40.27 0.76 -21.02
N PHE B 395 -40.49 1.99 -21.50
CA PHE B 395 -41.81 2.60 -21.45
C PHE B 395 -42.83 1.81 -22.27
N ASN B 396 -42.44 1.42 -23.48
CA ASN B 396 -43.36 0.65 -24.33
C ASN B 396 -43.62 -0.72 -23.74
N ASN B 397 -42.61 -1.36 -23.16
CA ASN B 397 -42.81 -2.67 -22.55
C ASN B 397 -43.78 -2.59 -21.38
N ASP B 398 -43.61 -1.58 -20.51
CA ASP B 398 -44.51 -1.45 -19.37
C ASP B 398 -45.91 -1.05 -19.79
N PHE B 399 -46.02 -0.21 -20.83
CA PHE B 399 -47.33 0.16 -21.35
C PHE B 399 -48.06 -1.04 -21.93
N LYS B 400 -47.34 -1.89 -22.67
CA LYS B 400 -47.93 -3.11 -23.19
C LYS B 400 -48.35 -4.05 -22.07
N LEU B 401 -47.53 -4.14 -21.01
CA LEU B 401 -47.89 -4.99 -19.88
C LEU B 401 -49.17 -4.51 -19.20
N SER B 402 -49.31 -3.19 -19.02
CA SER B 402 -50.52 -2.67 -18.39
C SER B 402 -51.74 -2.84 -19.29
N ILE B 403 -51.58 -2.62 -20.60
CA ILE B 403 -52.68 -2.80 -21.53
C ILE B 403 -53.13 -4.26 -21.56
N ASP B 404 -52.18 -5.19 -21.55
CA ASP B 404 -52.55 -6.60 -21.48
C ASP B 404 -53.18 -6.96 -20.15
N LYS B 405 -52.73 -6.33 -19.06
CA LYS B 405 -53.33 -6.57 -17.76
C LYS B 405 -54.79 -6.15 -17.72
N VAL B 406 -55.13 -5.05 -18.38
CA VAL B 406 -56.51 -4.56 -18.40
C VAL B 406 -57.36 -5.32 -19.41
N LEU B 407 -56.88 -5.48 -20.64
CA LEU B 407 -57.69 -6.06 -21.71
C LEU B 407 -57.85 -7.57 -21.59
N LYS B 408 -57.08 -8.23 -20.72
CA LYS B 408 -57.28 -9.66 -20.52
C LYS B 408 -58.65 -9.93 -19.89
N LYS B 409 -59.09 -9.07 -18.99
CA LYS B 409 -60.39 -9.20 -18.39
C LYS B 409 -61.49 -8.92 -19.41
N PRO B 410 -62.62 -9.63 -19.33
CA PRO B 410 -63.71 -9.40 -20.31
C PRO B 410 -64.33 -8.01 -20.21
N ASN B 411 -64.34 -7.39 -19.04
CA ASN B 411 -65.00 -6.11 -18.81
C ASN B 411 -64.17 -4.96 -19.39
N ARG B 412 -64.22 -4.81 -20.71
CA ARG B 412 -63.52 -3.75 -21.42
C ARG B 412 -64.53 -2.77 -22.00
N ALA B 413 -64.26 -1.48 -21.83
CA ALA B 413 -65.12 -0.42 -22.34
C ALA B 413 -64.30 0.46 -23.29
N MET B 414 -64.64 0.40 -24.58
CA MET B 414 -63.94 1.15 -25.64
C MET B 414 -62.44 0.85 -25.66
N GLU B 415 -62.10 -0.41 -25.38
CA GLU B 415 -60.75 -0.96 -25.49
C GLU B 415 -59.73 -0.26 -24.61
N TYR B 416 -60.18 0.47 -23.58
CA TYR B 416 -59.32 1.04 -22.53
C TYR B 416 -58.27 1.96 -23.14
N ASP B 417 -58.78 3.12 -23.61
CA ASP B 417 -58.02 4.08 -24.41
C ASP B 417 -56.64 4.36 -23.83
N ALA B 418 -55.68 4.62 -24.74
CA ALA B 418 -54.29 4.77 -24.35
C ALA B 418 -54.06 6.03 -23.52
N LEU B 419 -54.71 7.13 -23.89
CA LEU B 419 -54.43 8.42 -23.24
C LEU B 419 -54.84 8.41 -21.77
N LEU B 420 -55.73 7.50 -21.38
CA LEU B 420 -56.08 7.38 -19.97
C LEU B 420 -54.93 6.79 -19.17
N SER B 421 -54.21 5.83 -19.74
CA SER B 421 -53.19 5.07 -19.02
C SER B 421 -51.79 5.26 -19.57
N ILE B 422 -51.44 6.45 -20.03
CA ILE B 422 -50.13 6.66 -20.63
C ILE B 422 -49.30 7.64 -19.81
N ASN B 423 -49.97 8.47 -19.01
CA ASN B 423 -49.27 9.53 -18.29
C ASN B 423 -48.46 8.98 -17.13
N VAL B 424 -49.01 8.01 -16.39
CA VAL B 424 -48.29 7.38 -15.30
C VAL B 424 -47.06 6.66 -15.83
N HIS B 425 -47.13 6.15 -17.06
CA HIS B 425 -45.95 5.60 -17.71
C HIS B 425 -45.11 6.69 -18.36
N SER B 426 -45.72 7.83 -18.68
CA SER B 426 -44.99 8.93 -19.30
C SER B 426 -44.00 9.54 -18.32
N ASN B 427 -44.38 9.60 -17.03
CA ASN B 427 -43.50 10.23 -16.04
C ASN B 427 -42.18 9.47 -15.89
N ASN B 428 -42.19 8.16 -16.17
CA ASN B 428 -40.96 7.37 -16.03
C ASN B 428 -39.90 7.79 -17.03
N ILE B 429 -40.31 8.23 -18.22
CA ILE B 429 -39.36 8.67 -19.24
C ILE B 429 -38.57 9.87 -18.74
N THR B 430 -39.27 10.90 -18.27
CA THR B 430 -38.57 12.10 -17.83
C THR B 430 -37.84 11.86 -16.52
N SER B 431 -38.36 10.98 -15.66
CA SER B 431 -37.63 10.64 -14.44
C SER B 431 -36.31 9.96 -14.76
N GLY B 432 -36.32 9.02 -15.71
CA GLY B 432 -35.09 8.37 -16.10
C GLY B 432 -34.09 9.31 -16.75
N LEU B 433 -34.58 10.17 -17.65
CA LEU B 433 -33.68 11.14 -18.30
C LEU B 433 -33.05 12.08 -17.28
N ASN B 434 -33.86 12.63 -16.37
CA ASN B 434 -33.34 13.55 -15.38
C ASN B 434 -32.36 12.87 -14.44
N ARG B 435 -32.68 11.65 -14.00
CA ARG B 435 -31.78 10.94 -13.09
C ARG B 435 -30.47 10.60 -13.78
N ALA B 436 -30.52 10.16 -15.04
CA ALA B 436 -29.30 9.79 -15.74
C ALA B 436 -28.41 11.00 -16.00
N ILE B 437 -29.02 12.14 -16.33
CA ILE B 437 -28.21 13.34 -16.56
C ILE B 437 -27.65 13.87 -15.23
N SER B 438 -28.46 13.87 -14.18
CA SER B 438 -28.06 14.48 -12.91
C SER B 438 -27.02 13.65 -12.18
N THR B 439 -27.32 12.38 -11.91
CA THR B 439 -26.41 11.58 -11.10
C THR B 439 -25.10 11.27 -11.82
N GLY B 440 -25.08 11.32 -13.14
CA GLY B 440 -23.91 10.96 -13.90
C GLY B 440 -23.75 9.48 -14.15
N ASN B 441 -24.55 8.64 -13.47
CA ASN B 441 -24.54 7.21 -13.72
C ASN B 441 -25.25 6.93 -15.03
N TRP B 442 -24.79 5.88 -15.72
CA TRP B 442 -25.23 5.59 -17.09
C TRP B 442 -25.37 4.08 -17.16
N SER B 443 -26.58 3.59 -16.93
CA SER B 443 -26.85 2.15 -16.82
C SER B 443 -27.87 1.78 -17.89
N LEU B 444 -27.39 1.18 -18.98
CA LEU B 444 -28.25 0.65 -20.03
C LEU B 444 -28.06 -0.86 -20.09
N LYS B 445 -29.12 -1.59 -19.70
CA LYS B 445 -29.04 -3.05 -19.66
C LYS B 445 -29.16 -3.67 -21.05
N ARG B 446 -29.92 -3.04 -21.96
CA ARG B 446 -30.11 -3.62 -23.28
C ARG B 446 -28.81 -3.71 -24.06
N PHE B 447 -27.98 -2.68 -23.96
CA PHE B 447 -26.67 -2.69 -24.60
C PHE B 447 -25.57 -3.16 -23.66
N LYS B 448 -25.93 -3.61 -22.46
CA LYS B 448 -25.01 -4.17 -21.47
C LYS B 448 -23.92 -3.16 -21.06
N MET B 449 -24.20 -1.87 -21.20
CA MET B 449 -23.18 -0.86 -21.02
C MET B 449 -23.29 -0.20 -19.65
N GLU B 450 -22.13 0.02 -19.03
CA GLU B 450 -22.05 0.64 -17.71
C GLU B 450 -21.04 1.78 -17.81
N ARG B 451 -21.50 3.01 -17.57
CA ARG B 451 -20.62 4.17 -17.58
C ARG B 451 -20.88 4.99 -16.34
N ALA B 452 -19.80 5.60 -15.82
CA ALA B 452 -19.89 6.50 -14.68
C ALA B 452 -19.04 7.73 -14.98
N GLY B 453 -19.43 8.85 -14.37
CA GLY B 453 -18.76 10.10 -14.64
C GLY B 453 -18.94 10.60 -16.06
N VAL B 454 -20.17 10.51 -16.59
CA VAL B 454 -20.43 11.02 -17.93
C VAL B 454 -20.61 12.53 -17.90
N THR B 455 -21.48 13.01 -17.02
CA THR B 455 -21.75 14.44 -16.88
C THR B 455 -20.97 15.02 -15.70
N HIS B 456 -20.60 16.28 -15.84
CA HIS B 456 -19.87 17.00 -14.79
C HIS B 456 -20.53 18.34 -14.53
N VAL B 457 -20.41 18.81 -13.30
CA VAL B 457 -20.97 20.10 -12.93
C VAL B 457 -20.14 21.21 -13.57
N LEU B 458 -20.79 22.07 -14.33
CA LEU B 458 -20.09 23.13 -15.04
C LEU B 458 -19.48 24.11 -14.04
N SER B 459 -18.15 24.20 -14.05
CA SER B 459 -17.42 24.99 -13.06
C SER B 459 -17.45 26.47 -13.47
N ARG B 460 -18.18 27.27 -12.71
CA ARG B 460 -18.26 28.71 -12.95
C ARG B 460 -17.29 29.45 -12.03
N LEU B 461 -16.00 29.17 -12.21
CA LEU B 461 -14.96 29.92 -11.52
C LEU B 461 -14.46 31.09 -12.33
N SER B 462 -14.54 30.99 -13.66
CA SER B 462 -14.20 32.08 -14.56
C SER B 462 -14.93 31.81 -15.87
N TYR B 463 -15.04 32.87 -16.68
CA TYR B 463 -15.62 32.70 -18.01
C TYR B 463 -14.77 31.76 -18.87
N ILE B 464 -13.45 31.92 -18.80
CA ILE B 464 -12.56 31.04 -19.56
C ILE B 464 -12.62 29.63 -19.00
N SER B 465 -12.85 29.47 -17.69
CA SER B 465 -13.00 28.12 -17.14
C SER B 465 -14.28 27.47 -17.64
N ALA B 466 -15.37 28.23 -17.70
CA ALA B 466 -16.62 27.69 -18.22
C ALA B 466 -16.50 27.32 -19.69
N LEU B 467 -15.76 28.11 -20.46
CA LEU B 467 -15.53 27.77 -21.85
C LEU B 467 -14.63 26.54 -21.98
N GLY B 468 -13.61 26.44 -21.14
CA GLY B 468 -12.67 25.35 -21.25
C GLY B 468 -13.18 24.04 -20.71
N MET B 469 -14.23 24.08 -19.88
CA MET B 469 -14.89 22.84 -19.49
C MET B 469 -15.53 22.18 -20.71
N MET B 470 -16.12 22.97 -21.59
CA MET B 470 -16.50 22.46 -22.89
C MET B 470 -15.25 22.29 -23.74
N THR B 471 -15.42 21.57 -24.85
CA THR B 471 -14.32 21.14 -25.71
C THR B 471 -13.26 20.39 -24.89
N ARG B 472 -13.72 19.52 -23.98
CA ARG B 472 -12.86 18.67 -23.19
C ARG B 472 -13.16 17.22 -23.54
N ILE B 473 -12.12 16.45 -23.81
CA ILE B 473 -12.23 15.06 -24.23
C ILE B 473 -11.69 14.18 -23.11
N SER B 474 -12.50 13.22 -22.67
CA SER B 474 -12.12 12.29 -21.62
C SER B 474 -11.80 10.93 -22.23
N SER B 475 -10.65 10.37 -21.87
CA SER B 475 -10.22 9.11 -22.46
C SER B 475 -11.03 7.94 -21.91
N GLN B 476 -10.86 6.79 -22.55
CA GLN B 476 -11.74 5.65 -22.29
C GLN B 476 -11.43 4.98 -20.95
N PHE B 477 -10.16 4.82 -20.61
CA PHE B 477 -9.79 4.19 -19.34
C PHE B 477 -9.00 5.16 -18.47
N GLU B 478 -9.12 4.98 -17.16
CA GLU B 478 -8.44 5.81 -16.19
C GLU B 478 -7.54 5.03 -15.24
N LYS B 479 -7.65 3.70 -15.20
CA LYS B 479 -6.90 2.90 -14.23
C LYS B 479 -5.43 2.80 -14.61
N SER B 480 -5.13 2.65 -15.90
CA SER B 480 -3.78 2.34 -16.34
C SER B 480 -2.83 3.52 -16.08
N ARG B 481 -1.62 3.17 -15.64
CA ARG B 481 -0.56 4.16 -15.41
C ARG B 481 0.58 3.99 -16.41
N LYS B 482 0.27 3.52 -17.62
CA LYS B 482 1.29 3.19 -18.61
C LYS B 482 1.93 4.46 -19.14
N VAL B 483 3.16 4.74 -18.70
CA VAL B 483 3.91 5.87 -19.23
C VAL B 483 4.24 5.58 -20.69
N SER B 484 4.34 6.66 -21.49
CA SER B 484 4.60 6.58 -22.93
C SER B 484 3.52 5.80 -23.67
N GLY B 485 2.29 5.86 -23.16
CA GLY B 485 1.16 5.22 -23.79
C GLY B 485 0.13 6.23 -24.22
N PRO B 486 -1.08 6.13 -23.66
CA PRO B 486 -2.11 7.16 -23.92
C PRO B 486 -1.78 8.51 -23.34
N ARG B 487 -0.91 8.57 -22.34
CA ARG B 487 -0.61 9.83 -21.68
C ARG B 487 0.36 10.68 -22.49
N ALA B 488 1.27 10.06 -23.21
CA ALA B 488 2.25 10.80 -23.98
C ALA B 488 1.59 11.53 -25.15
N LEU B 489 2.13 12.70 -25.47
CA LEU B 489 1.57 13.56 -26.51
C LEU B 489 2.05 13.05 -27.87
N GLN B 490 1.19 12.32 -28.56
CA GLN B 490 1.54 11.81 -29.88
C GLN B 490 1.56 12.96 -30.89
N PRO B 491 2.48 12.93 -31.86
CA PRO B 491 2.51 14.01 -32.87
C PRO B 491 1.33 13.99 -33.82
N SER B 492 0.45 12.99 -33.74
CA SER B 492 -0.67 12.88 -34.65
C SER B 492 -1.76 13.91 -34.39
N GLN B 493 -1.72 14.62 -33.26
CA GLN B 493 -2.77 15.55 -32.89
C GLN B 493 -2.39 17.00 -33.17
N PHE B 494 -1.52 17.24 -34.16
CA PHE B 494 -1.18 18.61 -34.54
C PHE B 494 -2.40 19.26 -35.17
N GLY B 495 -2.99 20.22 -34.46
CA GLY B 495 -4.12 20.97 -34.96
C GLY B 495 -5.48 20.33 -34.70
N MET B 496 -5.51 19.11 -34.17
CA MET B 496 -6.77 18.46 -33.83
C MET B 496 -7.05 18.48 -32.34
N LEU B 497 -6.02 18.41 -31.51
CA LEU B 497 -6.15 18.52 -30.07
C LEU B 497 -5.09 19.49 -29.57
N CYS B 498 -5.37 20.12 -28.43
CA CYS B 498 -4.45 21.12 -27.90
C CYS B 498 -3.14 20.47 -27.46
N THR B 499 -2.03 21.11 -27.80
CA THR B 499 -0.70 20.57 -27.53
C THR B 499 -0.16 21.01 -26.18
N ALA B 500 -0.87 21.85 -25.44
CA ALA B 500 -0.40 22.34 -24.16
C ALA B 500 -1.40 22.21 -23.03
N ASP B 501 -2.71 22.14 -23.31
CA ASP B 501 -3.72 22.14 -22.27
C ASP B 501 -4.02 20.70 -21.86
N THR B 502 -3.67 20.36 -20.63
CA THR B 502 -4.02 19.11 -19.98
C THR B 502 -3.88 19.35 -18.49
N PRO B 503 -4.75 18.78 -17.66
CA PRO B 503 -4.64 18.99 -16.22
C PRO B 503 -3.37 18.34 -15.67
N GLU B 504 -2.70 19.05 -14.78
CA GLU B 504 -1.53 18.51 -14.11
C GLU B 504 -1.97 17.48 -13.07
N GLY B 505 -1.07 16.54 -12.79
CA GLY B 505 -1.34 15.54 -11.77
C GLY B 505 -1.59 14.16 -12.31
N GLU B 506 -2.50 13.42 -11.66
CA GLU B 506 -2.70 12.01 -11.99
C GLU B 506 -3.39 11.83 -13.34
N ALA B 507 -4.17 12.81 -13.76
CA ALA B 507 -4.89 12.74 -15.03
C ALA B 507 -4.12 13.39 -16.18
N CYS B 508 -2.81 13.59 -16.03
CA CYS B 508 -2.04 14.29 -17.04
C CYS B 508 -1.94 13.45 -18.32
N GLY B 509 -2.57 13.95 -19.38
CA GLY B 509 -2.56 13.30 -20.66
C GLY B 509 -3.81 12.52 -20.98
N LEU B 510 -4.60 12.16 -19.98
CA LEU B 510 -5.84 11.43 -20.23
C LEU B 510 -7.00 12.35 -20.56
N VAL B 511 -7.00 13.57 -20.05
CA VAL B 511 -8.03 14.56 -20.34
C VAL B 511 -7.42 15.60 -21.27
N LYS B 512 -7.96 15.70 -22.48
CA LYS B 512 -7.42 16.58 -23.50
C LYS B 512 -8.43 17.66 -23.85
N ASN B 513 -8.02 18.60 -24.70
CA ASN B 513 -8.90 19.67 -25.13
C ASN B 513 -8.84 19.82 -26.64
N LEU B 514 -9.98 20.16 -27.24
CA LEU B 514 -10.05 20.35 -28.67
C LEU B 514 -9.32 21.62 -29.09
N ALA B 515 -8.76 21.59 -30.29
CA ALA B 515 -8.10 22.77 -30.84
C ALA B 515 -9.13 23.82 -31.23
N LEU B 516 -8.65 25.01 -31.56
CA LEU B 516 -9.54 26.13 -31.83
C LEU B 516 -10.35 25.92 -33.10
N MET B 517 -9.72 25.41 -34.15
CA MET B 517 -10.36 25.28 -35.46
C MET B 517 -10.42 23.79 -35.82
N THR B 518 -11.49 23.13 -35.37
CA THR B 518 -11.72 21.73 -35.70
C THR B 518 -13.17 21.55 -36.09
N HIS B 519 -13.51 20.31 -36.46
CA HIS B 519 -14.89 19.95 -36.74
C HIS B 519 -14.99 18.43 -36.64
N ILE B 520 -15.87 17.95 -35.76
CA ILE B 520 -16.10 16.53 -35.61
C ILE B 520 -17.15 16.10 -36.63
N THR B 521 -16.87 15.02 -37.36
CA THR B 521 -17.71 14.60 -38.46
C THR B 521 -19.06 14.07 -37.97
N THR B 522 -19.93 13.80 -38.92
CA THR B 522 -21.25 13.25 -38.66
C THR B 522 -21.43 11.99 -39.50
N ASP B 523 -22.25 11.07 -38.99
CA ASP B 523 -22.42 9.78 -39.66
C ASP B 523 -23.18 9.96 -40.97
N ASP B 524 -22.74 9.25 -42.00
CA ASP B 524 -23.33 9.34 -43.32
C ASP B 524 -23.62 7.94 -43.84
N GLU B 525 -24.59 7.86 -44.75
CA GLU B 525 -24.91 6.59 -45.39
C GLU B 525 -23.76 6.16 -46.30
N GLU B 526 -23.62 4.84 -46.46
CA GLU B 526 -22.49 4.27 -47.17
C GLU B 526 -22.83 3.66 -48.52
N GLU B 527 -24.10 3.29 -48.74
CA GLU B 527 -24.47 2.69 -50.01
C GLU B 527 -24.26 3.59 -51.24
N PRO B 528 -24.61 4.89 -51.22
CA PRO B 528 -24.23 5.72 -52.38
C PRO B 528 -22.73 5.81 -52.62
N ILE B 529 -21.93 5.77 -51.55
CA ILE B 529 -20.48 5.74 -51.73
C ILE B 529 -20.06 4.44 -52.39
N LYS B 530 -20.71 3.34 -52.04
CA LYS B 530 -20.43 2.05 -52.66
C LYS B 530 -20.76 2.09 -54.15
N LYS B 531 -21.91 2.67 -54.52
CA LYS B 531 -22.27 2.80 -55.92
C LYS B 531 -21.30 3.70 -56.67
N LEU B 532 -20.87 4.79 -56.04
CA LEU B 532 -19.90 5.68 -56.67
C LEU B 532 -18.57 4.98 -56.88
N CYS B 533 -18.17 4.14 -55.92
CA CYS B 533 -16.96 3.34 -56.09
C CYS B 533 -17.07 2.41 -57.27
N TYR B 534 -18.20 1.68 -57.37
CA TYR B 534 -18.37 0.74 -58.47
C TYR B 534 -18.43 1.46 -59.81
N VAL B 535 -18.95 2.69 -59.83
CA VAL B 535 -18.95 3.46 -61.06
C VAL B 535 -17.53 3.90 -61.44
N LEU B 536 -16.76 4.37 -60.45
CA LEU B 536 -15.46 4.97 -60.74
C LEU B 536 -14.41 3.96 -61.17
N GLY B 537 -14.66 2.66 -61.07
CA GLY B 537 -13.71 1.69 -61.57
C GLY B 537 -13.32 0.61 -60.60
N VAL B 538 -14.08 0.46 -59.52
CA VAL B 538 -13.82 -0.59 -58.54
C VAL B 538 -14.54 -1.85 -59.00
N GLU B 539 -13.77 -2.90 -59.24
CA GLU B 539 -14.34 -4.19 -59.60
C GLU B 539 -14.75 -4.94 -58.34
N ASP B 540 -15.97 -5.49 -58.34
CA ASP B 540 -16.56 -6.05 -57.14
C ASP B 540 -15.83 -7.33 -56.73
N ILE B 541 -16.03 -7.72 -55.46
CA ILE B 541 -15.33 -8.88 -54.91
C ILE B 541 -15.94 -10.17 -55.42
N THR B 542 -17.20 -10.15 -55.83
CA THR B 542 -17.89 -11.36 -56.26
C THR B 542 -17.64 -11.68 -57.72
N LEU B 543 -16.72 -10.96 -58.38
CA LEU B 543 -16.42 -11.22 -59.78
C LEU B 543 -14.93 -11.15 -60.09
N ILE B 544 -14.06 -11.05 -59.09
CA ILE B 544 -12.62 -10.94 -59.33
C ILE B 544 -11.93 -12.17 -58.77
N ASP B 545 -10.69 -12.37 -59.23
CA ASP B 545 -9.91 -13.52 -58.81
C ASP B 545 -9.47 -13.37 -57.35
N SER B 546 -9.47 -14.49 -56.64
CA SER B 546 -8.91 -14.52 -55.30
C SER B 546 -7.38 -14.57 -55.34
N ALA B 547 -6.82 -15.24 -56.35
CA ALA B 547 -5.38 -15.42 -56.40
C ALA B 547 -4.66 -14.14 -56.81
N SER B 548 -5.24 -13.37 -57.74
CA SER B 548 -4.62 -12.14 -58.21
C SER B 548 -5.01 -10.93 -57.37
N LEU B 549 -5.78 -11.15 -56.30
CA LEU B 549 -6.33 -10.04 -55.51
C LEU B 549 -5.24 -9.15 -54.91
N HIS B 550 -4.12 -9.74 -54.51
CA HIS B 550 -3.02 -8.99 -53.93
C HIS B 550 -2.00 -8.52 -54.97
N LEU B 551 -2.30 -8.70 -56.26
CA LEU B 551 -1.45 -8.17 -57.31
C LEU B 551 -1.83 -6.76 -57.72
N ASN B 552 -2.80 -6.15 -57.04
CA ASN B 552 -3.22 -4.79 -57.30
C ASN B 552 -3.93 -4.24 -56.06
N TYR B 553 -4.12 -2.92 -56.04
CA TYR B 553 -4.65 -2.26 -54.86
C TYR B 553 -6.09 -2.65 -54.61
N GLY B 554 -6.45 -2.75 -53.32
CA GLY B 554 -7.80 -3.07 -52.91
C GLY B 554 -8.44 -1.89 -52.20
N VAL B 555 -9.75 -1.73 -52.40
CA VAL B 555 -10.51 -0.62 -51.84
C VAL B 555 -11.22 -1.11 -50.59
N TYR B 556 -11.12 -0.34 -49.51
CA TYR B 556 -11.81 -0.62 -48.27
C TYR B 556 -12.81 0.49 -47.99
N LEU B 557 -14.02 0.12 -47.62
CA LEU B 557 -15.05 1.05 -47.18
C LEU B 557 -15.29 0.78 -45.70
N ASN B 558 -14.96 1.78 -44.87
CA ASN B 558 -15.10 1.70 -43.42
C ASN B 558 -14.37 0.49 -42.82
N GLY B 559 -13.28 0.09 -43.45
CA GLY B 559 -12.50 -1.04 -42.99
C GLY B 559 -12.91 -2.39 -43.56
N THR B 560 -13.97 -2.45 -44.36
CA THR B 560 -14.42 -3.69 -44.97
C THR B 560 -14.05 -3.67 -46.44
N LEU B 561 -13.44 -4.75 -46.92
CA LEU B 561 -12.97 -4.78 -48.29
C LEU B 561 -14.16 -4.79 -49.24
N ILE B 562 -14.10 -3.95 -50.28
CA ILE B 562 -15.24 -3.72 -51.15
C ILE B 562 -14.94 -4.03 -52.61
N GLY B 563 -13.69 -4.19 -52.99
CA GLY B 563 -13.36 -4.46 -54.37
C GLY B 563 -11.90 -4.16 -54.65
N SER B 564 -11.56 -4.23 -55.93
CA SER B 564 -10.19 -4.01 -56.38
C SER B 564 -10.16 -2.87 -57.39
N ILE B 565 -9.05 -2.14 -57.40
CA ILE B 565 -8.86 -1.01 -58.29
C ILE B 565 -7.57 -1.22 -59.06
N ARG B 566 -7.62 -0.96 -60.38
CA ARG B 566 -6.42 -1.10 -61.20
C ARG B 566 -5.43 0.02 -60.92
N PHE B 567 -5.87 1.27 -61.08
CA PHE B 567 -5.00 2.42 -60.87
C PHE B 567 -5.45 3.15 -59.61
N PRO B 568 -4.73 3.03 -58.49
CA PRO B 568 -5.21 3.66 -57.26
C PRO B 568 -5.00 5.17 -57.22
N THR B 569 -3.92 5.67 -57.85
CA THR B 569 -3.63 7.09 -57.79
C THR B 569 -4.69 7.90 -58.52
N LYS B 570 -5.08 7.47 -59.72
CA LYS B 570 -6.10 8.18 -60.47
C LYS B 570 -7.46 8.08 -59.80
N PHE B 571 -7.75 6.93 -59.18
CA PHE B 571 -9.00 6.78 -58.43
C PHE B 571 -9.05 7.74 -57.25
N VAL B 572 -7.93 7.87 -56.53
CA VAL B 572 -7.86 8.78 -55.39
C VAL B 572 -8.04 10.22 -55.86
N THR B 573 -7.37 10.59 -56.95
CA THR B 573 -7.48 11.95 -57.48
C THR B 573 -8.90 12.25 -57.93
N GLN B 574 -9.56 11.31 -58.60
CA GLN B 574 -10.93 11.52 -59.04
C GLN B 574 -11.88 11.63 -57.84
N PHE B 575 -11.68 10.81 -56.82
CA PHE B 575 -12.53 10.90 -55.63
C PHE B 575 -12.35 12.24 -54.93
N ARG B 576 -11.11 12.71 -54.84
CA ARG B 576 -10.85 14.02 -54.25
C ARG B 576 -11.51 15.13 -55.06
N HIS B 577 -11.45 15.04 -56.39
CA HIS B 577 -12.06 16.07 -57.22
C HIS B 577 -13.57 16.09 -57.07
N LEU B 578 -14.20 14.91 -56.99
CA LEU B 578 -15.64 14.87 -56.75
C LEU B 578 -16.00 15.38 -55.36
N ARG B 579 -15.14 15.14 -54.38
CA ARG B 579 -15.39 15.72 -53.05
C ARG B 579 -15.29 17.24 -53.08
N ARG B 580 -14.28 17.76 -53.78
CA ARG B 580 -14.06 19.21 -53.79
C ARG B 580 -15.10 19.93 -54.63
N THR B 581 -15.65 19.27 -55.66
CA THR B 581 -16.69 19.89 -56.45
C THR B 581 -17.95 20.10 -55.62
N GLY B 582 -18.31 19.12 -54.80
CA GLY B 582 -19.50 19.23 -53.97
C GLY B 582 -20.53 18.17 -54.31
N LYS B 583 -20.14 17.17 -55.08
CA LYS B 583 -21.04 16.10 -55.48
C LYS B 583 -21.10 14.97 -54.47
N VAL B 584 -20.31 15.03 -53.40
CA VAL B 584 -20.37 14.08 -52.30
C VAL B 584 -19.99 14.85 -51.04
N SER B 585 -20.38 14.30 -49.88
CA SER B 585 -20.18 14.99 -48.62
C SER B 585 -18.71 15.23 -48.35
N GLU B 586 -18.39 16.43 -47.85
CA GLU B 586 -17.01 16.86 -47.68
C GLU B 586 -16.30 16.14 -46.54
N PHE B 587 -17.02 15.42 -45.70
CA PHE B 587 -16.41 14.70 -44.59
C PHE B 587 -15.98 13.29 -44.95
N ILE B 588 -16.27 12.83 -46.18
CA ILE B 588 -15.80 11.53 -46.63
C ILE B 588 -14.31 11.62 -46.91
N SER B 589 -13.54 10.72 -46.30
CA SER B 589 -12.09 10.81 -46.41
C SER B 589 -11.53 9.67 -47.25
N ILE B 590 -10.52 9.97 -48.05
CA ILE B 590 -9.89 9.04 -48.98
C ILE B 590 -8.37 9.07 -48.76
N TYR B 591 -7.78 7.90 -48.50
CA TYR B 591 -6.34 7.89 -48.35
C TYR B 591 -5.76 6.54 -48.74
N SER B 592 -4.58 6.58 -49.37
CA SER B 592 -3.94 5.39 -49.92
C SER B 592 -2.77 4.99 -49.04
N ASN B 593 -2.85 3.79 -48.47
CA ASN B 593 -1.78 3.23 -47.65
C ASN B 593 -0.98 2.28 -48.52
N SER B 594 0.27 2.67 -48.82
CA SER B 594 1.09 1.89 -49.73
C SER B 594 1.64 0.63 -49.09
N HIS B 595 1.87 0.63 -47.78
CA HIS B 595 2.42 -0.54 -47.12
C HIS B 595 1.46 -1.71 -47.15
N GLN B 596 0.16 -1.44 -46.93
CA GLN B 596 -0.86 -2.45 -47.10
C GLN B 596 -1.32 -2.58 -48.56
N MET B 597 -0.84 -1.69 -49.43
CA MET B 597 -1.24 -1.64 -50.84
C MET B 597 -2.75 -1.52 -50.99
N ALA B 598 -3.34 -0.69 -50.14
CA ALA B 598 -4.79 -0.54 -50.12
C ALA B 598 -5.16 0.94 -50.15
N VAL B 599 -6.43 1.20 -50.40
CA VAL B 599 -6.98 2.56 -50.36
C VAL B 599 -8.25 2.54 -49.52
N HIS B 600 -8.34 3.45 -48.56
CA HIS B 600 -9.42 3.46 -47.58
C HIS B 600 -10.33 4.65 -47.80
N ILE B 601 -11.62 4.42 -47.61
CA ILE B 601 -12.63 5.46 -47.53
C ILE B 601 -13.24 5.41 -46.13
N ALA B 602 -13.18 6.52 -45.42
CA ALA B 602 -13.82 6.65 -44.11
C ALA B 602 -15.07 7.51 -44.27
N THR B 603 -16.16 7.05 -43.67
CA THR B 603 -17.47 7.66 -43.82
C THR B 603 -18.08 7.96 -42.45
N ASP B 604 -17.85 7.07 -41.49
CA ASP B 604 -18.51 7.16 -40.19
C ASP B 604 -18.08 8.42 -39.43
N GLY B 605 -18.99 8.92 -38.60
CA GLY B 605 -18.73 10.09 -37.82
C GLY B 605 -17.85 9.80 -36.61
N GLY B 606 -17.48 10.88 -35.93
CA GLY B 606 -16.60 10.80 -34.79
C GLY B 606 -15.14 11.08 -35.11
N ARG B 607 -14.77 11.12 -36.38
CA ARG B 607 -13.41 11.46 -36.76
C ARG B 607 -13.17 12.95 -36.58
N ILE B 608 -12.05 13.30 -35.97
CA ILE B 608 -11.73 14.70 -35.75
C ILE B 608 -11.02 15.24 -37.00
N CYS B 609 -11.39 16.44 -37.42
CA CYS B 609 -10.91 17.00 -38.68
C CYS B 609 -10.36 18.41 -38.45
N ARG B 610 -9.80 18.97 -39.53
CA ARG B 610 -9.27 20.32 -39.53
C ARG B 610 -9.38 20.86 -40.95
N PRO B 611 -9.88 22.08 -41.12
CA PRO B 611 -9.93 22.67 -42.46
C PRO B 611 -8.60 23.27 -42.87
N LEU B 612 -8.28 23.10 -44.16
CA LEU B 612 -7.01 23.56 -44.71
C LEU B 612 -7.23 24.10 -46.11
N ILE B 613 -6.25 24.88 -46.56
CA ILE B 613 -6.29 25.51 -47.88
C ILE B 613 -5.58 24.61 -48.87
N ILE B 614 -6.25 24.30 -49.98
CA ILE B 614 -5.65 23.50 -51.03
C ILE B 614 -4.65 24.34 -51.80
N VAL B 615 -3.44 23.81 -51.99
CA VAL B 615 -2.44 24.41 -52.86
C VAL B 615 -2.21 23.47 -54.04
N SER B 616 -2.20 24.04 -55.25
CA SER B 616 -2.05 23.27 -56.46
C SER B 616 -1.07 23.97 -57.38
N ASP B 617 -0.14 23.18 -57.96
CA ASP B 617 0.89 23.68 -58.87
C ASP B 617 1.77 24.73 -58.23
N GLY B 618 1.95 24.67 -56.92
CA GLY B 618 2.76 25.63 -56.20
C GLY B 618 2.07 26.95 -55.91
N GLN B 619 0.80 27.11 -56.27
CA GLN B 619 0.04 28.32 -56.02
C GLN B 619 -1.14 28.00 -55.13
N SER B 620 -1.31 28.77 -54.07
CA SER B 620 -2.45 28.57 -53.18
C SER B 620 -3.75 28.92 -53.90
N ARG B 621 -4.76 28.06 -53.73
CA ARG B 621 -6.02 28.26 -54.45
C ARG B 621 -6.81 29.44 -53.92
N VAL B 622 -6.46 29.98 -52.76
CA VAL B 622 -7.12 31.14 -52.20
C VAL B 622 -6.27 32.36 -52.56
N LYS B 623 -6.72 33.12 -53.55
CA LYS B 623 -6.01 34.32 -53.97
C LYS B 623 -6.48 35.53 -53.17
N ASP B 624 -5.89 36.68 -53.49
CA ASP B 624 -6.22 37.92 -52.76
C ASP B 624 -7.63 38.40 -53.07
N ILE B 625 -8.15 38.09 -54.25
CA ILE B 625 -9.50 38.51 -54.60
C ILE B 625 -10.53 37.83 -53.72
N HIS B 626 -10.30 36.55 -53.41
CA HIS B 626 -11.20 35.84 -52.51
C HIS B 626 -11.15 36.42 -51.10
N LEU B 627 -9.95 36.79 -50.64
CA LEU B 627 -9.82 37.40 -49.32
C LEU B 627 -10.52 38.75 -49.27
N ARG B 628 -10.40 39.55 -50.33
CA ARG B 628 -11.10 40.83 -50.38
C ARG B 628 -12.61 40.63 -50.39
N LYS B 629 -13.09 39.62 -51.12
CA LYS B 629 -14.52 39.32 -51.13
C LYS B 629 -15.00 38.89 -49.75
N LEU B 630 -14.20 38.10 -49.05
CA LEU B 630 -14.55 37.69 -47.69
C LEU B 630 -14.58 38.87 -46.74
N LEU B 631 -13.60 39.75 -46.83
CA LEU B 631 -13.53 40.89 -45.91
C LEU B 631 -14.61 41.92 -46.22
N ASP B 632 -15.07 41.98 -47.47
CA ASP B 632 -16.12 42.94 -47.82
C ASP B 632 -17.47 42.55 -47.26
N GLY B 633 -17.67 41.29 -46.88
CA GLY B 633 -18.92 40.87 -46.27
C GLY B 633 -19.53 39.63 -46.87
N GLU B 634 -19.42 39.48 -48.19
CA GLU B 634 -19.95 38.31 -48.87
C GLU B 634 -18.93 37.18 -48.83
N LEU B 635 -19.28 36.05 -49.46
CA LEU B 635 -18.38 34.91 -49.66
C LEU B 635 -17.87 34.37 -48.33
N ASP B 636 -18.81 33.81 -47.56
CA ASP B 636 -18.48 33.25 -46.25
C ASP B 636 -17.71 31.95 -46.41
N PHE B 637 -17.46 31.28 -45.27
CA PHE B 637 -16.57 30.13 -45.26
C PHE B 637 -17.16 28.95 -46.04
N ASP B 638 -18.48 28.76 -45.97
CA ASP B 638 -19.10 27.69 -46.73
C ASP B 638 -18.97 27.93 -48.23
N ASP B 639 -18.95 29.20 -48.66
CA ASP B 639 -18.67 29.48 -50.06
C ASP B 639 -17.23 29.14 -50.41
N PHE B 640 -16.30 29.27 -49.46
CA PHE B 640 -14.94 28.78 -49.69
C PHE B 640 -14.93 27.27 -49.84
N LEU B 641 -15.80 26.58 -49.08
CA LEU B 641 -15.90 25.13 -49.23
C LEU B 641 -16.50 24.75 -50.59
N LYS B 642 -17.48 25.51 -51.06
CA LYS B 642 -18.19 25.14 -52.28
C LYS B 642 -17.35 25.32 -53.53
N LEU B 643 -16.45 26.31 -53.52
CA LEU B 643 -15.60 26.56 -54.69
C LEU B 643 -14.32 25.74 -54.66
N GLY B 644 -14.17 24.81 -53.73
CA GLY B 644 -12.99 23.98 -53.70
C GLY B 644 -11.74 24.69 -53.23
N LEU B 645 -11.88 25.78 -52.49
CA LEU B 645 -10.73 26.52 -51.99
C LEU B 645 -10.19 25.95 -50.70
N VAL B 646 -11.07 25.52 -49.79
CA VAL B 646 -10.66 24.89 -48.53
C VAL B 646 -11.38 23.55 -48.41
N GLU B 647 -10.78 22.65 -47.64
CA GLU B 647 -11.37 21.33 -47.45
C GLU B 647 -10.92 20.77 -46.11
N TYR B 648 -11.68 19.79 -45.62
CA TYR B 648 -11.45 19.20 -44.31
C TYR B 648 -10.60 17.95 -44.45
N LEU B 649 -9.56 17.84 -43.62
CA LEU B 649 -8.73 16.65 -43.55
C LEU B 649 -8.78 16.10 -42.14
N ASP B 650 -8.97 14.79 -42.00
CA ASP B 650 -8.77 14.16 -40.71
C ASP B 650 -7.33 13.68 -40.63
N VAL B 651 -7.02 12.86 -39.63
CA VAL B 651 -5.63 12.45 -39.41
C VAL B 651 -5.18 11.49 -40.52
N ASN B 652 -6.03 10.53 -40.87
CA ASN B 652 -5.70 9.58 -41.93
C ASN B 652 -5.54 10.27 -43.27
N GLU B 653 -6.39 11.26 -43.56
CA GLU B 653 -6.22 12.06 -44.76
C GLU B 653 -4.92 12.85 -44.71
N GLU B 654 -4.60 13.41 -43.53
CA GLU B 654 -3.36 14.16 -43.38
C GLU B 654 -2.14 13.29 -43.61
N ASN B 655 -2.26 11.98 -43.35
CA ASN B 655 -1.14 11.06 -43.58
C ASN B 655 -0.73 11.03 -45.05
N ASP B 656 -1.66 11.28 -45.97
CA ASP B 656 -1.38 11.27 -47.40
C ASP B 656 -1.05 12.64 -47.96
N SER B 657 -1.03 13.68 -47.14
CA SER B 657 -0.85 15.04 -47.61
C SER B 657 0.57 15.51 -47.29
N TYR B 658 0.85 16.76 -47.70
CA TYR B 658 2.15 17.40 -47.46
C TYR B 658 1.85 18.90 -47.29
N ILE B 659 1.72 19.32 -46.05
CA ILE B 659 1.20 20.64 -45.72
C ILE B 659 2.35 21.62 -45.50
N ALA B 660 2.26 22.78 -46.13
CA ALA B 660 3.17 23.87 -45.88
C ALA B 660 2.64 24.76 -44.76
N LEU B 661 3.56 25.47 -44.10
CA LEU B 661 3.20 26.29 -42.96
C LEU B 661 3.05 27.77 -43.30
N TYR B 662 3.67 28.24 -44.38
CA TYR B 662 3.59 29.64 -44.76
C TYR B 662 3.63 29.73 -46.29
N GLU B 663 3.65 30.96 -46.80
CA GLU B 663 3.81 31.16 -48.24
C GLU B 663 5.25 30.91 -48.66
N LYS B 664 6.21 31.26 -47.81
CA LYS B 664 7.62 31.09 -48.14
C LYS B 664 8.03 29.63 -48.22
N ASP B 665 7.28 28.73 -47.59
CA ASP B 665 7.62 27.32 -47.54
C ASP B 665 7.01 26.51 -48.68
N ILE B 666 6.33 27.18 -49.62
CA ILE B 666 5.62 26.45 -50.67
C ILE B 666 6.59 25.93 -51.71
N VAL B 667 6.50 24.64 -52.01
CA VAL B 667 7.27 23.99 -53.06
C VAL B 667 6.31 23.26 -53.98
N PRO B 668 6.72 22.96 -55.21
CA PRO B 668 5.80 22.29 -56.15
C PRO B 668 5.29 20.93 -55.68
N SER B 669 5.93 20.29 -54.70
CA SER B 669 5.45 19.03 -54.17
C SER B 669 4.42 19.19 -53.06
N MET B 670 4.08 20.42 -52.68
CA MET B 670 3.13 20.64 -51.60
C MET B 670 1.72 20.22 -52.00
N THR B 671 0.94 19.82 -51.01
CA THR B 671 -0.44 19.39 -51.21
C THR B 671 -1.45 20.31 -50.55
N HIS B 672 -1.19 20.78 -49.33
CA HIS B 672 -2.11 21.68 -48.65
C HIS B 672 -1.31 22.80 -48.00
N LEU B 673 -2.02 23.84 -47.58
CA LEU B 673 -1.43 24.98 -46.90
C LEU B 673 -2.22 25.24 -45.62
N GLU B 674 -1.50 25.40 -44.51
CA GLU B 674 -2.15 25.70 -43.24
C GLU B 674 -2.75 27.10 -43.29
N ILE B 675 -3.99 27.23 -42.79
CA ILE B 675 -4.64 28.54 -42.76
C ILE B 675 -3.89 29.48 -41.83
N GLU B 676 -3.58 29.01 -40.63
CA GLU B 676 -2.85 29.73 -39.59
C GLU B 676 -2.42 28.75 -38.52
N PRO B 677 -1.20 28.87 -38.01
CA PRO B 677 -0.66 27.80 -37.16
C PRO B 677 -1.13 27.84 -35.72
N PHE B 678 -1.39 29.03 -35.17
CA PHE B 678 -1.72 29.14 -33.75
C PHE B 678 -3.08 28.56 -33.40
N THR B 679 -3.75 27.89 -34.34
CA THR B 679 -4.90 27.06 -33.98
C THR B 679 -4.49 25.81 -33.23
N ILE B 680 -3.21 25.44 -33.26
CA ILE B 680 -2.80 24.21 -32.58
C ILE B 680 -2.90 24.36 -31.07
N LEU B 681 -2.91 25.60 -30.58
CA LEU B 681 -3.21 25.85 -29.17
C LEU B 681 -4.72 26.00 -29.00
N GLY B 682 -5.23 25.50 -27.87
CA GLY B 682 -6.64 25.53 -27.62
C GLY B 682 -7.13 26.90 -27.18
N ALA B 683 -8.37 26.92 -26.68
CA ALA B 683 -8.97 28.17 -26.22
C ALA B 683 -8.26 28.70 -24.99
N VAL B 684 -8.01 27.83 -24.00
CA VAL B 684 -7.32 28.26 -22.79
C VAL B 684 -5.88 28.63 -23.08
N ALA B 685 -5.19 27.80 -23.88
CA ALA B 685 -3.80 28.06 -24.23
C ALA B 685 -3.62 29.35 -24.99
N GLY B 686 -4.68 29.90 -25.57
CA GLY B 686 -4.61 31.17 -26.24
C GLY B 686 -4.39 32.35 -25.31
N LEU B 687 -4.66 32.19 -24.01
CA LEU B 687 -4.45 33.30 -23.09
C LEU B 687 -2.98 33.66 -22.95
N ILE B 688 -2.09 32.70 -23.17
CA ILE B 688 -0.65 32.94 -22.91
C ILE B 688 -0.08 33.85 -23.99
N PRO B 689 0.56 34.95 -23.63
CA PRO B 689 1.23 35.78 -24.64
C PRO B 689 2.61 35.24 -24.94
N TYR B 690 2.94 35.17 -26.22
CA TYR B 690 4.19 34.59 -26.70
C TYR B 690 4.45 33.20 -26.14
N PRO B 691 3.58 32.23 -26.43
CA PRO B 691 3.78 30.89 -25.86
C PRO B 691 4.96 30.16 -26.45
N HIS B 692 5.38 30.52 -27.66
CA HIS B 692 6.49 29.82 -28.30
C HIS B 692 7.84 30.24 -27.75
N HIS B 693 7.89 31.25 -26.89
CA HIS B 693 9.13 31.63 -26.22
C HIS B 693 9.28 30.98 -24.85
N ASN B 694 8.30 30.20 -24.41
CA ASN B 694 8.29 29.59 -23.09
C ASN B 694 8.60 28.10 -23.18
N GLN B 695 9.13 27.56 -22.09
CA GLN B 695 9.22 26.12 -21.96
C GLN B 695 7.82 25.53 -21.87
N SER B 696 7.64 24.37 -22.50
CA SER B 696 6.30 23.77 -22.58
C SER B 696 5.64 23.45 -21.23
N PRO B 697 6.34 22.94 -20.20
CA PRO B 697 5.66 22.74 -18.92
C PRO B 697 5.09 24.02 -18.32
N ARG B 698 5.73 25.16 -18.55
CA ARG B 698 5.16 26.42 -18.08
C ARG B 698 3.85 26.74 -18.80
N ASN B 699 3.79 26.47 -20.10
CA ASN B 699 2.56 26.64 -20.84
C ASN B 699 1.46 25.73 -20.31
N THR B 700 1.81 24.48 -20.01
CA THR B 700 0.81 23.55 -19.47
C THR B 700 0.33 24.00 -18.09
N TYR B 701 1.25 24.50 -17.25
CA TYR B 701 0.87 25.00 -15.94
C TYR B 701 -0.07 26.19 -16.05
N GLN B 702 0.19 27.08 -17.00
CA GLN B 702 -0.72 28.22 -17.19
C GLN B 702 -2.06 27.76 -17.73
N CYS B 703 -2.06 26.77 -18.63
CA CYS B 703 -3.33 26.21 -19.11
C CYS B 703 -4.14 25.63 -17.96
N ALA B 704 -3.47 25.01 -17.00
CA ALA B 704 -4.17 24.43 -15.86
C ALA B 704 -4.65 25.50 -14.88
N MET B 705 -3.85 26.55 -14.68
CA MET B 705 -4.11 27.51 -13.61
C MET B 705 -4.80 28.78 -14.08
N GLY B 706 -5.08 28.92 -15.37
CA GLY B 706 -5.90 30.03 -15.82
C GLY B 706 -7.38 29.79 -15.65
N LYS B 707 -7.77 28.57 -15.33
CA LYS B 707 -9.16 28.23 -15.05
C LYS B 707 -9.54 28.46 -13.61
N GLN B 708 -8.60 28.90 -12.77
CA GLN B 708 -8.87 29.27 -11.39
C GLN B 708 -8.80 30.78 -11.19
N ALA B 709 -8.72 31.56 -12.26
CA ALA B 709 -8.57 33.01 -12.13
C ALA B 709 -9.86 33.63 -11.61
N ILE B 710 -9.71 34.65 -10.77
CA ILE B 710 -10.85 35.38 -10.24
C ILE B 710 -11.14 36.54 -11.17
N GLY B 711 -12.39 36.65 -11.61
CA GLY B 711 -12.77 37.72 -12.51
C GLY B 711 -14.25 37.65 -12.79
N ALA B 712 -14.68 38.51 -13.73
CA ALA B 712 -16.09 38.56 -14.09
C ALA B 712 -16.53 37.26 -14.72
N ILE B 713 -17.69 36.77 -14.31
CA ILE B 713 -18.19 35.48 -14.79
C ILE B 713 -19.08 35.65 -16.02
N ALA B 714 -20.05 36.55 -15.93
CA ALA B 714 -21.01 36.74 -17.02
C ALA B 714 -21.63 38.11 -16.86
N TYR B 715 -22.40 38.51 -17.89
CA TYR B 715 -23.07 39.81 -17.84
C TYR B 715 -24.17 39.81 -16.79
N ASN B 716 -24.75 38.65 -16.50
CA ASN B 716 -25.79 38.53 -15.49
C ASN B 716 -25.27 37.89 -14.21
N GLN B 717 -24.01 38.16 -13.85
CA GLN B 717 -23.41 37.48 -12.71
C GLN B 717 -24.01 37.95 -11.39
N PHE B 718 -24.75 39.05 -11.40
CA PHE B 718 -25.38 39.52 -10.17
C PHE B 718 -26.79 38.97 -10.00
N LYS B 719 -27.42 38.52 -11.06
CA LYS B 719 -28.73 37.89 -10.95
C LYS B 719 -28.65 36.40 -10.66
N ARG B 720 -27.45 35.84 -10.62
CA ARG B 720 -27.26 34.41 -10.36
C ARG B 720 -27.08 34.17 -8.87
N ILE B 721 -27.56 33.00 -8.42
CA ILE B 721 -27.34 32.54 -7.06
C ILE B 721 -26.69 31.17 -7.19
N ASP B 722 -25.36 31.14 -7.16
CA ASP B 722 -24.59 29.91 -7.32
C ASP B 722 -23.97 29.50 -6.00
N THR B 723 -23.58 28.22 -5.92
CA THR B 723 -23.12 27.67 -4.65
C THR B 723 -21.81 28.28 -4.19
N LEU B 724 -20.97 28.72 -5.12
CA LEU B 724 -19.71 29.38 -4.77
C LEU B 724 -19.24 30.15 -5.98
N LEU B 725 -19.13 31.47 -5.86
CA LEU B 725 -18.81 32.32 -6.99
C LEU B 725 -17.77 33.35 -6.56
N TYR B 726 -16.78 33.60 -7.41
CA TYR B 726 -15.71 34.54 -7.12
C TYR B 726 -15.79 35.68 -8.12
N LEU B 727 -15.79 36.91 -7.62
CA LEU B 727 -15.85 38.09 -8.47
C LEU B 727 -14.72 39.04 -8.11
N MET B 728 -14.34 39.86 -9.08
CA MET B 728 -13.28 40.86 -8.90
C MET B 728 -13.87 42.25 -9.09
N THR B 729 -13.42 43.20 -8.26
CA THR B 729 -14.01 44.53 -8.26
C THR B 729 -13.64 45.31 -9.51
N TYR B 730 -12.36 45.31 -9.89
CA TYR B 730 -11.86 46.10 -11.02
C TYR B 730 -11.03 45.22 -11.95
N PRO B 731 -11.68 44.43 -12.81
CA PRO B 731 -10.94 43.71 -13.84
C PRO B 731 -10.45 44.65 -14.92
N GLN B 732 -9.36 44.25 -15.58
CA GLN B 732 -8.75 45.06 -16.62
C GLN B 732 -8.40 44.19 -17.83
N GLN B 733 -8.34 44.82 -18.99
CA GLN B 733 -7.90 44.13 -20.19
C GLN B 733 -6.43 43.77 -20.09
N PRO B 734 -6.02 42.69 -20.74
CA PRO B 734 -4.58 42.42 -20.87
C PRO B 734 -3.91 43.47 -21.72
N MET B 735 -2.73 43.91 -21.29
CA MET B 735 -1.92 44.79 -22.13
C MET B 735 -1.46 44.08 -23.38
N VAL B 736 -1.05 42.83 -23.26
CA VAL B 736 -0.65 42.02 -24.40
C VAL B 736 -1.75 41.01 -24.65
N LYS B 737 -2.47 41.18 -25.75
CA LYS B 737 -3.59 40.32 -26.07
C LYS B 737 -3.13 39.16 -26.95
N THR B 738 -4.09 38.41 -27.49
CA THR B 738 -3.84 37.32 -28.42
C THR B 738 -5.07 37.25 -29.32
N LYS B 739 -4.85 36.80 -30.57
CA LYS B 739 -5.98 36.64 -31.48
C LYS B 739 -6.97 35.63 -30.94
N THR B 740 -6.48 34.58 -30.27
CA THR B 740 -7.38 33.62 -29.64
C THR B 740 -8.21 34.27 -28.54
N ILE B 741 -7.62 35.24 -27.82
CA ILE B 741 -8.38 35.99 -26.82
C ILE B 741 -9.48 36.80 -27.49
N GLU B 742 -9.18 37.42 -28.63
CA GLU B 742 -10.17 38.22 -29.34
C GLU B 742 -11.32 37.36 -29.85
N LEU B 743 -11.02 36.16 -30.34
CA LEU B 743 -12.08 35.32 -30.90
C LEU B 743 -13.00 34.74 -29.84
N ILE B 744 -12.48 34.40 -28.66
CA ILE B 744 -13.30 33.74 -27.65
C ILE B 744 -13.96 34.76 -26.74
N ASP B 745 -13.78 36.05 -27.05
CA ASP B 745 -14.36 37.16 -26.29
C ASP B 745 -13.95 37.14 -24.82
N TYR B 746 -12.72 36.70 -24.54
CA TYR B 746 -12.15 36.91 -23.22
C TYR B 746 -11.88 38.38 -22.95
N ASP B 747 -11.83 39.20 -23.99
CA ASP B 747 -11.56 40.62 -23.84
C ASP B 747 -12.69 41.31 -23.08
N LYS B 748 -13.94 40.89 -23.29
CA LYS B 748 -15.07 41.56 -22.66
C LYS B 748 -15.19 41.23 -21.18
N LEU B 749 -14.81 40.01 -20.78
CA LEU B 749 -14.94 39.55 -19.40
C LEU B 749 -13.60 39.04 -18.91
N PRO B 750 -12.68 39.94 -18.57
CA PRO B 750 -11.34 39.50 -18.17
C PRO B 750 -11.33 38.96 -16.75
N ALA B 751 -10.15 38.47 -16.36
CA ALA B 751 -9.93 37.96 -15.01
C ALA B 751 -8.47 38.25 -14.66
N GLY B 752 -8.24 39.38 -14.00
CA GLY B 752 -6.90 39.78 -13.66
C GLY B 752 -6.66 41.26 -13.89
N GLN B 753 -5.58 41.79 -13.31
CA GLN B 753 -5.26 43.20 -13.43
C GLN B 753 -3.81 43.34 -13.88
N ASN B 754 -3.53 44.43 -14.60
CA ASN B 754 -2.16 44.74 -14.98
C ASN B 754 -1.45 45.38 -13.80
N ALA B 755 -0.28 44.84 -13.45
CA ALA B 755 0.48 45.34 -12.32
C ALA B 755 1.83 45.82 -12.81
N THR B 756 2.26 46.97 -12.31
CA THR B 756 3.60 47.46 -12.56
C THR B 756 4.58 46.63 -11.75
N VAL B 757 5.28 45.70 -12.40
CA VAL B 757 6.20 44.80 -11.74
C VAL B 757 7.63 45.26 -12.00
N ALA B 758 8.45 45.15 -10.97
CA ALA B 758 9.89 45.42 -11.03
C ALA B 758 10.59 44.12 -10.67
N VAL B 759 11.16 43.46 -11.67
CA VAL B 759 11.82 42.18 -11.44
C VAL B 759 13.13 42.42 -10.72
N MET B 760 13.13 42.26 -9.39
CA MET B 760 14.32 42.48 -8.59
C MET B 760 14.12 41.77 -7.25
N SER B 761 15.22 41.67 -6.49
CA SER B 761 15.17 41.04 -5.17
C SER B 761 15.06 42.15 -4.14
N TYR B 762 13.81 42.53 -3.82
CA TYR B 762 13.60 43.65 -2.92
C TYR B 762 13.90 43.29 -1.48
N SER B 763 13.50 42.11 -1.03
CA SER B 763 13.74 41.71 0.34
C SER B 763 13.95 40.21 0.38
N GLY B 764 14.12 39.68 1.58
CA GLY B 764 14.21 38.25 1.73
C GLY B 764 12.89 37.53 1.66
N TYR B 765 11.78 38.26 1.52
CA TYR B 765 10.46 37.67 1.54
C TYR B 765 9.96 37.25 0.17
N ASP B 766 10.77 37.37 -0.88
CA ASP B 766 10.37 36.93 -2.21
C ASP B 766 11.06 35.64 -2.63
N ILE B 767 11.81 35.01 -1.72
CA ILE B 767 12.53 33.80 -2.06
C ILE B 767 11.53 32.65 -2.27
N GLU B 768 11.85 31.79 -3.24
CA GLU B 768 11.07 30.60 -3.57
C GLU B 768 9.65 30.98 -4.01
N ASP B 769 9.59 31.75 -5.09
CA ASP B 769 8.41 32.11 -5.88
C ASP B 769 7.51 33.12 -5.18
N ALA B 770 7.80 33.54 -3.95
CA ALA B 770 6.94 34.48 -3.26
C ALA B 770 7.03 35.87 -3.89
N LEU B 771 5.93 36.62 -3.77
CA LEU B 771 5.82 37.96 -4.33
C LEU B 771 5.74 38.99 -3.22
N VAL B 772 6.03 40.24 -3.57
CA VAL B 772 6.02 41.36 -2.64
C VAL B 772 4.96 42.33 -3.11
N LEU B 773 3.79 42.30 -2.48
CA LEU B 773 2.71 43.21 -2.83
C LEU B 773 3.01 44.61 -2.30
N ASN B 774 2.17 45.55 -2.71
CA ASN B 774 2.26 46.94 -2.28
C ASN B 774 1.04 47.27 -1.43
N LYS B 775 1.27 47.83 -0.24
CA LYS B 775 0.15 48.12 0.66
C LYS B 775 -0.76 49.20 0.09
N SER B 776 -0.18 50.27 -0.45
CA SER B 776 -0.99 51.35 -0.99
C SER B 776 -1.75 50.89 -2.22
N SER B 777 -1.13 50.04 -3.04
CA SER B 777 -1.82 49.50 -4.21
C SER B 777 -3.02 48.65 -3.81
N ILE B 778 -2.87 47.83 -2.76
CA ILE B 778 -3.98 47.04 -2.26
C ILE B 778 -5.06 47.95 -1.69
N ASP B 779 -4.66 49.02 -1.00
CA ASP B 779 -5.62 49.96 -0.45
C ASP B 779 -6.43 50.65 -1.54
N ARG B 780 -5.80 50.98 -2.66
CA ARG B 780 -6.51 51.66 -3.73
C ARG B 780 -7.36 50.73 -4.58
N GLY B 781 -7.25 49.41 -4.40
CA GLY B 781 -8.17 48.50 -5.06
C GLY B 781 -7.54 47.41 -5.90
N PHE B 782 -6.23 47.23 -5.80
CA PHE B 782 -5.56 46.19 -6.56
C PHE B 782 -5.85 44.83 -5.95
N GLY B 783 -6.34 43.90 -6.77
CA GLY B 783 -6.59 42.55 -6.29
C GLY B 783 -7.76 42.41 -5.34
N ARG B 784 -8.66 43.41 -5.30
CA ARG B 784 -9.83 43.33 -4.44
C ARG B 784 -10.81 42.32 -5.00
N CYS B 785 -11.28 41.41 -4.16
CA CYS B 785 -12.16 40.35 -4.64
C CYS B 785 -13.32 40.16 -3.67
N GLU B 786 -14.34 39.45 -4.13
CA GLU B 786 -15.47 39.12 -3.28
C GLU B 786 -15.92 37.70 -3.58
N THR B 787 -16.47 37.06 -2.56
CA THR B 787 -16.96 35.69 -2.68
C THR B 787 -18.43 35.66 -2.32
N ARG B 788 -19.22 34.97 -3.13
CA ARG B 788 -20.66 34.81 -2.93
C ARG B 788 -20.98 33.34 -2.74
N ARG B 789 -21.67 33.03 -1.65
CA ARG B 789 -22.09 31.67 -1.33
C ARG B 789 -23.61 31.63 -1.20
N LYS B 790 -24.17 30.46 -1.49
CA LYS B 790 -25.62 30.28 -1.47
C LYS B 790 -26.00 29.24 -0.44
N THR B 791 -26.96 29.58 0.41
CA THR B 791 -27.57 28.64 1.34
C THR B 791 -29.02 28.44 0.95
N THR B 792 -29.39 27.19 0.71
CA THR B 792 -30.74 26.85 0.27
C THR B 792 -31.45 26.06 1.36
N THR B 793 -32.77 26.21 1.40
CA THR B 793 -33.58 25.42 2.32
C THR B 793 -34.95 25.19 1.69
N VAL B 794 -35.54 24.06 2.05
CA VAL B 794 -36.83 23.62 1.52
C VAL B 794 -37.75 23.32 2.69
N LEU B 795 -38.91 23.95 2.72
CA LEU B 795 -39.93 23.65 3.71
C LEU B 795 -40.71 22.44 3.22
N LYS B 796 -40.29 21.26 3.64
CA LYS B 796 -40.95 20.03 3.21
C LYS B 796 -42.34 19.93 3.81
N ARG B 797 -43.30 19.51 2.98
CA ARG B 797 -44.67 19.28 3.42
C ARG B 797 -44.82 17.80 3.68
N TYR B 798 -44.81 17.42 4.95
CA TYR B 798 -44.74 16.02 5.34
C TYR B 798 -46.08 15.32 5.07
N ALA B 799 -46.03 13.99 5.11
CA ALA B 799 -47.20 13.17 4.81
C ALA B 799 -48.25 13.21 5.92
N ASN B 800 -47.92 13.76 7.09
CA ASN B 800 -48.87 13.86 8.19
C ASN B 800 -49.69 15.14 8.14
N HIS B 801 -49.83 15.74 6.94
CA HIS B 801 -50.50 17.03 6.75
C HIS B 801 -49.87 18.12 7.63
N THR B 802 -48.55 18.06 7.76
CA THR B 802 -47.78 19.03 8.53
C THR B 802 -46.64 19.54 7.67
N GLN B 803 -46.31 20.82 7.83
CA GLN B 803 -45.28 21.46 7.04
C GLN B 803 -44.39 22.29 7.93
N ASP B 804 -43.16 22.51 7.47
CA ASP B 804 -42.21 23.32 8.21
C ASP B 804 -42.60 24.80 8.11
N ILE B 805 -42.09 25.59 9.04
CA ILE B 805 -42.42 27.01 9.13
C ILE B 805 -41.14 27.82 9.14
N ILE B 806 -41.23 29.05 8.65
CA ILE B 806 -40.08 29.96 8.63
C ILE B 806 -40.16 30.98 9.77
N GLY B 807 -41.35 31.50 10.05
CA GLY B 807 -41.46 32.65 10.92
C GLY B 807 -41.02 32.37 12.35
N GLY B 808 -40.55 33.42 13.02
CA GLY B 808 -40.04 33.31 14.37
C GLY B 808 -39.01 34.37 14.65
N MET B 809 -39.10 34.99 15.83
CA MET B 809 -38.21 36.08 16.21
C MET B 809 -38.39 36.31 17.71
N ARG B 810 -37.29 36.66 18.38
CA ARG B 810 -37.31 36.90 19.82
C ARG B 810 -36.77 38.29 20.08
N VAL B 811 -37.52 39.07 20.86
CA VAL B 811 -37.23 40.48 21.09
C VAL B 811 -37.04 40.70 22.58
N ASP B 812 -36.01 41.45 22.94
CA ASP B 812 -35.77 41.84 24.33
C ASP B 812 -36.77 42.93 24.74
N GLU B 813 -36.83 43.18 26.05
CA GLU B 813 -37.81 44.13 26.57
C GLU B 813 -37.52 45.56 26.14
N ASN B 814 -36.25 45.88 25.87
CA ASN B 814 -35.87 47.24 25.52
C ASN B 814 -36.29 47.63 24.10
N GLY B 815 -36.77 46.69 23.30
CA GLY B 815 -37.10 46.95 21.92
C GLY B 815 -36.10 46.45 20.91
N ASP B 816 -35.06 45.75 21.34
CA ASP B 816 -34.03 45.14 20.52
C ASP B 816 -34.24 43.63 20.44
N PRO B 817 -33.92 43.01 19.31
CA PRO B 817 -34.00 41.55 19.24
C PRO B 817 -32.83 40.91 19.96
N ILE B 818 -32.95 39.59 20.16
CA ILE B 818 -31.85 38.84 20.76
C ILE B 818 -30.67 38.84 19.80
N TRP B 819 -29.46 38.70 20.37
CA TRP B 819 -28.24 38.83 19.57
C TRP B 819 -28.15 37.78 18.47
N GLN B 820 -28.61 36.56 18.75
CA GLN B 820 -28.61 35.53 17.73
C GLN B 820 -29.57 35.84 16.59
N HIS B 821 -30.56 36.70 16.82
CA HIS B 821 -31.49 37.14 15.79
C HIS B 821 -31.30 38.61 15.44
N GLN B 822 -30.08 39.13 15.61
CA GLN B 822 -29.84 40.56 15.44
C GLN B 822 -30.08 41.02 14.01
N SER B 823 -29.85 40.15 13.04
CA SER B 823 -30.03 40.47 11.62
C SER B 823 -30.97 39.47 10.99
N LEU B 824 -32.08 39.19 11.66
CA LEU B 824 -33.02 38.19 11.20
C LEU B 824 -34.27 38.78 10.54
N GLY B 825 -34.74 39.93 10.99
CA GLY B 825 -35.91 40.55 10.41
C GLY B 825 -37.20 39.96 10.93
N PRO B 826 -38.33 40.58 10.61
CA PRO B 826 -39.62 40.14 11.15
C PRO B 826 -40.23 38.96 10.41
N ASP B 827 -39.63 38.49 9.32
CA ASP B 827 -40.19 37.38 8.56
C ASP B 827 -39.31 36.13 8.66
N GLY B 828 -38.39 36.09 9.61
CA GLY B 828 -37.58 34.91 9.81
C GLY B 828 -36.51 34.66 8.77
N LEU B 829 -36.35 35.56 7.81
CA LEU B 829 -35.33 35.45 6.79
C LEU B 829 -34.46 36.70 6.82
N GLY B 830 -33.15 36.49 6.80
CA GLY B 830 -32.18 37.56 7.02
C GLY B 830 -32.35 38.79 6.15
N GLU B 831 -32.26 39.96 6.76
CA GLU B 831 -32.51 41.21 6.07
C GLU B 831 -31.42 41.47 5.04
N VAL B 832 -31.82 41.94 3.86
CA VAL B 832 -30.87 42.18 2.77
C VAL B 832 -30.01 43.38 3.11
N GLY B 833 -28.69 43.19 3.05
CA GLY B 833 -27.73 44.24 3.32
C GLY B 833 -27.25 44.32 4.75
N MET B 834 -27.68 43.40 5.61
CA MET B 834 -27.28 43.42 7.01
C MET B 834 -26.11 42.48 7.25
N LYS B 835 -25.17 42.91 8.09
CA LYS B 835 -24.01 42.10 8.44
C LYS B 835 -24.43 40.88 9.24
N VAL B 836 -23.77 39.75 8.96
CA VAL B 836 -23.98 38.51 9.69
C VAL B 836 -22.65 38.06 10.27
N GLN B 837 -22.55 38.03 11.59
CA GLN B 837 -21.34 37.60 12.26
C GLN B 837 -21.41 36.09 12.53
N SER B 838 -20.39 35.57 13.19
CA SER B 838 -20.36 34.14 13.52
C SER B 838 -21.34 33.85 14.65
N GLY B 839 -22.20 32.86 14.45
CA GLY B 839 -23.17 32.47 15.43
C GLY B 839 -24.57 33.03 15.21
N GLN B 840 -24.71 34.04 14.37
CA GLN B 840 -26.02 34.62 14.10
C GLN B 840 -26.83 33.71 13.20
N ILE B 841 -28.11 34.02 13.05
CA ILE B 841 -29.05 33.24 12.26
C ILE B 841 -29.63 34.12 11.17
N TYR B 842 -29.62 33.59 9.94
CA TYR B 842 -30.22 34.28 8.80
C TYR B 842 -31.40 33.55 8.19
N ILE B 843 -31.54 32.25 8.43
CA ILE B 843 -32.73 31.50 8.06
C ILE B 843 -33.25 30.81 9.31
N ASN B 844 -34.47 31.12 9.71
CA ASN B 844 -35.08 30.54 10.90
C ASN B 844 -36.04 29.44 10.48
N LYS B 845 -35.88 28.27 11.08
CA LYS B 845 -36.70 27.11 10.74
C LYS B 845 -37.22 26.45 12.01
N SER B 846 -38.37 25.79 11.89
CA SER B 846 -38.94 25.03 12.97
C SER B 846 -39.73 23.88 12.36
N VAL B 847 -39.30 22.65 12.61
CA VAL B 847 -39.92 21.49 11.99
C VAL B 847 -40.91 20.86 12.97
N PRO B 848 -41.97 20.21 12.48
CA PRO B 848 -42.88 19.51 13.38
C PRO B 848 -42.18 18.36 14.08
N THR B 849 -42.57 18.13 15.34
CA THR B 849 -41.94 17.13 16.18
C THR B 849 -42.65 15.78 16.15
N ASN B 850 -43.69 15.64 15.34
CA ASN B 850 -44.54 14.44 15.33
C ASN B 850 -44.62 13.84 13.94
N SER B 851 -43.47 13.72 13.27
CA SER B 851 -43.43 13.11 11.95
C SER B 851 -42.12 12.35 11.74
N GLN B 863 -53.19 20.63 18.09
CA GLN B 863 -52.25 21.34 17.24
C GLN B 863 -50.90 20.63 17.19
N THR B 864 -49.96 21.20 16.45
CA THR B 864 -48.64 20.61 16.25
C THR B 864 -47.57 21.53 16.81
N GLN B 865 -46.70 20.98 17.67
CA GLN B 865 -45.59 21.73 18.20
C GLN B 865 -44.43 21.72 17.22
N TYR B 866 -43.47 22.62 17.45
CA TYR B 866 -42.33 22.78 16.57
C TYR B 866 -41.04 22.70 17.36
N ARG B 867 -40.02 22.10 16.77
CA ARG B 867 -38.67 22.13 17.32
C ARG B 867 -37.78 22.96 16.40
N GLU B 868 -36.83 23.67 17.01
CA GLU B 868 -36.04 24.65 16.28
C GLU B 868 -34.85 23.99 15.58
N ALA B 869 -34.72 24.24 14.29
CA ALA B 869 -33.56 23.82 13.50
C ALA B 869 -33.07 24.99 12.68
N PRO B 870 -32.50 26.01 13.31
CA PRO B 870 -32.11 27.21 12.57
C PRO B 870 -30.85 26.99 11.75
N VAL B 871 -30.71 27.81 10.72
CA VAL B 871 -29.52 27.77 9.85
C VAL B 871 -28.54 28.82 10.34
N ILE B 872 -27.63 28.41 11.22
CA ILE B 872 -26.70 29.32 11.87
C ILE B 872 -25.49 29.51 10.98
N TYR B 873 -25.14 30.77 10.72
CA TYR B 873 -23.94 31.08 9.96
C TYR B 873 -22.70 30.84 10.81
N ARG B 874 -21.69 30.21 10.22
CA ARG B 874 -20.42 29.99 10.90
C ARG B 874 -19.29 30.26 9.93
N GLY B 875 -18.33 31.07 10.38
CA GLY B 875 -17.20 31.44 9.56
C GLY B 875 -16.22 32.30 10.34
N PRO B 876 -15.01 32.47 9.79
CA PRO B 876 -14.00 33.24 10.51
C PRO B 876 -14.12 34.75 10.35
N GLU B 877 -14.86 35.23 9.36
CA GLU B 877 -15.03 36.66 9.12
C GLU B 877 -16.49 36.95 8.85
N PRO B 878 -16.96 38.14 9.19
CA PRO B 878 -18.36 38.49 8.93
C PRO B 878 -18.65 38.60 7.44
N SER B 879 -19.89 38.30 7.08
CA SER B 879 -20.37 38.38 5.72
C SER B 879 -21.50 39.41 5.64
N HIS B 880 -22.10 39.52 4.47
CA HIS B 880 -23.25 40.39 4.25
C HIS B 880 -24.24 39.69 3.35
N ILE B 881 -25.52 39.79 3.69
CA ILE B 881 -26.57 39.17 2.88
C ILE B 881 -26.79 40.02 1.65
N ASP B 882 -26.79 39.38 0.49
CA ASP B 882 -26.96 40.08 -0.78
C ASP B 882 -28.36 39.94 -1.35
N GLN B 883 -28.91 38.72 -1.36
CA GLN B 883 -30.26 38.50 -1.88
C GLN B 883 -30.92 37.41 -1.05
N VAL B 884 -32.25 37.53 -0.90
CA VAL B 884 -33.05 36.50 -0.27
C VAL B 884 -34.23 36.19 -1.19
N MET B 885 -34.18 35.04 -1.83
CA MET B 885 -35.14 34.65 -2.85
C MET B 885 -36.09 33.60 -2.27
N MET B 886 -37.39 33.87 -2.37
CA MET B 886 -38.43 32.91 -2.01
C MET B 886 -39.12 32.44 -3.28
N SER B 887 -39.42 31.15 -3.33
CA SER B 887 -40.14 30.60 -4.48
C SER B 887 -40.82 29.31 -4.05
N VAL B 888 -41.47 28.67 -5.02
CA VAL B 888 -42.06 27.35 -4.84
C VAL B 888 -41.71 26.51 -6.05
N SER B 889 -41.43 25.23 -5.85
CA SER B 889 -41.14 24.32 -6.94
C SER B 889 -42.46 23.75 -7.48
N ASP B 890 -42.37 22.76 -8.36
CA ASP B 890 -43.56 22.14 -8.92
C ASP B 890 -44.31 21.31 -7.87
N ASN B 891 -43.59 20.67 -6.96
CA ASN B 891 -44.20 19.82 -5.95
C ASN B 891 -44.73 20.61 -4.75
N ASP B 892 -44.81 21.94 -4.86
CA ASP B 892 -45.40 22.81 -3.84
C ASP B 892 -44.67 22.72 -2.50
N GLN B 893 -43.38 23.02 -2.52
CA GLN B 893 -42.61 23.25 -1.30
C GLN B 893 -41.96 24.61 -1.39
N ALA B 894 -41.98 25.35 -0.30
CA ALA B 894 -41.33 26.65 -0.27
C ALA B 894 -39.82 26.47 -0.32
N LEU B 895 -39.18 27.21 -1.23
CA LEU B 895 -37.74 27.12 -1.47
C LEU B 895 -37.15 28.49 -1.22
N ILE B 896 -36.20 28.57 -0.29
CA ILE B 896 -35.60 29.84 0.11
C ILE B 896 -34.10 29.76 -0.12
N LYS B 897 -33.56 30.71 -0.89
CA LYS B 897 -32.14 30.78 -1.18
C LYS B 897 -31.60 32.11 -0.70
N VAL B 898 -30.55 32.07 0.11
CA VAL B 898 -29.94 33.28 0.66
C VAL B 898 -28.51 33.35 0.15
N LEU B 899 -28.15 34.49 -0.44
CA LEU B 899 -26.83 34.71 -1.00
C LEU B 899 -26.03 35.63 -0.09
N LEU B 900 -24.93 35.12 0.45
CA LEU B 900 -24.04 35.87 1.32
C LEU B 900 -22.78 36.23 0.55
N ARG B 901 -22.44 37.52 0.53
CA ARG B 901 -21.23 37.98 -0.11
C ARG B 901 -20.29 38.54 0.94
N GLN B 902 -18.99 38.32 0.74
CA GLN B 902 -18.01 38.96 1.60
C GLN B 902 -16.85 39.48 0.78
N ASN B 903 -16.31 40.61 1.21
CA ASN B 903 -15.21 41.29 0.52
C ASN B 903 -13.89 40.89 1.14
N ARG B 904 -12.96 40.47 0.29
CA ARG B 904 -11.62 40.09 0.71
C ARG B 904 -10.59 40.90 -0.05
N ARG B 905 -9.62 41.45 0.68
CA ARG B 905 -8.45 42.10 0.15
C ARG B 905 -7.26 41.15 0.23
N PRO B 906 -6.27 41.31 -0.64
CA PRO B 906 -5.09 40.43 -0.58
C PRO B 906 -4.33 40.59 0.73
N GLU B 907 -3.83 39.47 1.24
CA GLU B 907 -2.99 39.46 2.42
C GLU B 907 -1.93 38.39 2.22
N LEU B 908 -1.24 38.03 3.30
CA LEU B 908 -0.22 37.00 3.19
C LEU B 908 -0.87 35.64 2.96
N GLY B 909 -0.37 34.91 1.97
CA GLY B 909 -0.87 33.60 1.63
C GLY B 909 -1.75 33.55 0.41
N ASP B 910 -2.23 34.69 -0.08
CA ASP B 910 -3.06 34.69 -1.28
C ASP B 910 -2.20 34.41 -2.50
N LYS B 911 -2.66 33.49 -3.34
CA LYS B 911 -1.89 33.06 -4.49
C LYS B 911 -2.10 34.02 -5.66
N PHE B 912 -1.01 34.35 -6.35
CA PHE B 912 -1.04 35.22 -7.52
C PHE B 912 -0.26 34.55 -8.64
N SER B 913 -0.94 34.32 -9.76
CA SER B 913 -0.31 33.70 -10.92
C SER B 913 0.29 34.80 -11.80
N SER B 914 0.79 34.40 -12.97
CA SER B 914 1.44 35.38 -13.83
C SER B 914 1.15 35.19 -15.32
N ARG B 915 0.28 34.26 -15.70
CA ARG B 915 -0.06 33.90 -17.08
C ARG B 915 1.14 33.33 -17.84
N HIS B 916 2.21 32.94 -17.13
CA HIS B 916 3.30 32.16 -17.68
C HIS B 916 3.73 31.09 -16.68
N GLY B 917 2.76 30.48 -16.01
CA GLY B 917 3.09 29.76 -14.80
C GLY B 917 3.48 30.75 -13.75
N GLN B 918 4.68 30.61 -13.17
CA GLN B 918 5.27 31.60 -12.27
C GLN B 918 4.35 31.93 -11.10
N LYS B 919 3.71 30.90 -10.55
CA LYS B 919 2.80 31.10 -9.44
C LYS B 919 3.57 31.50 -8.19
N GLY B 920 2.85 32.11 -7.26
CA GLY B 920 3.45 32.52 -6.00
C GLY B 920 2.41 33.04 -5.05
N VAL B 921 2.84 33.23 -3.81
CA VAL B 921 1.99 33.77 -2.75
C VAL B 921 2.59 35.07 -2.27
N CYS B 922 1.75 35.89 -1.63
CA CYS B 922 2.19 37.18 -1.12
C CYS B 922 2.99 36.99 0.15
N GLY B 923 4.32 37.05 0.04
CA GLY B 923 5.15 36.81 1.21
C GLY B 923 5.18 37.95 2.20
N ILE B 924 4.98 39.18 1.74
CA ILE B 924 5.01 40.36 2.62
C ILE B 924 4.20 41.45 1.96
N ILE B 925 3.70 42.39 2.77
CA ILE B 925 3.03 43.58 2.29
C ILE B 925 3.75 44.78 2.88
N VAL B 926 4.36 45.58 2.01
CA VAL B 926 5.19 46.70 2.45
C VAL B 926 4.56 48.00 1.98
N LYS B 927 4.80 49.06 2.75
CA LYS B 927 4.27 50.37 2.42
C LYS B 927 4.96 50.94 1.19
N GLN B 928 4.26 51.83 0.48
CA GLN B 928 4.75 52.29 -0.81
C GLN B 928 5.93 53.24 -0.70
N GLU B 929 6.20 53.77 0.49
CA GLU B 929 7.39 54.60 0.65
C GLU B 929 8.65 53.79 0.78
N ASP B 930 8.55 52.47 0.95
CA ASP B 930 9.71 51.60 1.03
C ASP B 930 10.09 50.97 -0.29
N MET B 931 9.16 50.88 -1.24
CA MET B 931 9.45 50.28 -2.52
C MET B 931 10.30 51.20 -3.38
N PRO B 932 10.99 50.66 -4.38
CA PRO B 932 11.73 51.52 -5.31
C PRO B 932 10.79 52.42 -6.12
N PHE B 933 11.41 53.34 -6.84
CA PHE B 933 10.64 54.27 -7.67
C PHE B 933 11.54 54.82 -8.76
N ASN B 934 10.97 55.05 -9.93
CA ASN B 934 11.72 55.62 -11.04
C ASN B 934 11.66 57.14 -11.00
N ASP B 935 12.15 57.78 -12.05
CA ASP B 935 12.24 59.24 -12.09
C ASP B 935 10.86 59.89 -12.07
N GLN B 936 9.91 59.30 -12.80
CA GLN B 936 8.57 59.86 -12.83
C GLN B 936 7.78 59.62 -11.56
N GLY B 937 8.30 58.80 -10.64
CA GLY B 937 7.64 58.55 -9.38
C GLY B 937 6.75 57.32 -9.34
N ILE B 938 6.83 56.46 -10.34
CA ILE B 938 6.00 55.26 -10.39
C ILE B 938 6.58 54.22 -9.44
N VAL B 939 5.74 53.73 -8.54
CA VAL B 939 6.13 52.71 -7.55
C VAL B 939 5.56 51.38 -8.01
N PRO B 940 6.37 50.33 -8.10
CA PRO B 940 5.85 49.03 -8.54
C PRO B 940 4.83 48.47 -7.56
N ASP B 941 3.89 47.71 -8.10
CA ASP B 941 2.86 47.07 -7.28
C ASP B 941 3.29 45.72 -6.75
N ILE B 942 3.91 44.89 -7.59
CA ILE B 942 4.35 43.56 -7.18
C ILE B 942 5.79 43.37 -7.62
N ILE B 943 6.64 42.96 -6.70
CA ILE B 943 8.05 42.72 -6.96
C ILE B 943 8.30 41.22 -6.90
N MET B 944 8.82 40.66 -7.99
CA MET B 944 9.07 39.23 -8.06
C MET B 944 10.56 38.93 -8.07
N ASN B 945 10.90 37.75 -7.57
CA ASN B 945 12.28 37.31 -7.50
C ASN B 945 12.79 36.98 -8.90
N PRO B 946 13.95 37.53 -9.30
CA PRO B 946 14.52 37.18 -10.62
C PRO B 946 14.86 35.71 -10.77
N HIS B 947 15.15 35.01 -9.68
CA HIS B 947 15.62 33.63 -9.76
C HIS B 947 14.60 32.67 -10.33
N GLY B 948 13.33 33.07 -10.44
CA GLY B 948 12.35 32.22 -11.09
C GLY B 948 12.46 32.18 -12.60
N PHE B 949 13.22 33.09 -13.20
CA PHE B 949 13.38 33.08 -14.64
C PHE B 949 14.39 32.05 -15.18
N PRO B 950 15.66 32.02 -14.72
CA PRO B 950 16.65 31.18 -15.43
C PRO B 950 16.36 29.69 -15.42
N SER B 951 15.80 29.16 -14.34
CA SER B 951 15.48 27.73 -14.32
C SER B 951 14.23 27.41 -15.10
N ARG B 952 13.22 28.28 -15.05
CA ARG B 952 11.96 28.03 -15.72
C ARG B 952 11.95 28.54 -17.16
N MET B 953 12.89 29.41 -17.52
CA MET B 953 13.22 29.71 -18.91
C MET B 953 12.04 30.35 -19.65
N THR B 954 11.41 31.33 -19.00
CA THR B 954 10.25 32.02 -19.56
C THR B 954 10.66 33.36 -20.16
N VAL B 955 11.25 33.31 -21.36
CA VAL B 955 11.60 34.53 -22.07
C VAL B 955 10.34 35.25 -22.54
N GLY B 956 9.25 34.50 -22.75
CA GLY B 956 8.00 35.11 -23.14
C GLY B 956 7.49 36.12 -22.11
N LYS B 957 7.84 35.94 -20.85
CA LYS B 957 7.46 36.89 -19.83
C LYS B 957 8.16 38.24 -20.03
N MET B 958 9.47 38.21 -20.32
CA MET B 958 10.19 39.46 -20.59
C MET B 958 9.66 40.12 -21.84
N ILE B 959 9.37 39.33 -22.87
CA ILE B 959 8.82 39.89 -24.11
C ILE B 959 7.44 40.51 -23.83
N GLU B 960 6.64 39.86 -22.98
CA GLU B 960 5.33 40.40 -22.63
C GLU B 960 5.47 41.71 -21.86
N LEU B 961 6.43 41.79 -20.94
CA LEU B 961 6.63 43.03 -20.20
C LEU B 961 7.01 44.18 -21.13
N ILE B 962 7.97 43.95 -22.03
CA ILE B 962 8.40 45.02 -22.92
C ILE B 962 7.29 45.39 -23.88
N SER B 963 6.55 44.41 -24.40
CA SER B 963 5.44 44.69 -25.30
C SER B 963 4.36 45.49 -24.60
N GLY B 964 4.05 45.16 -23.35
CA GLY B 964 3.06 45.92 -22.60
C GLY B 964 3.52 47.34 -22.32
N LYS B 965 4.79 47.51 -21.97
CA LYS B 965 5.30 48.86 -21.71
C LYS B 965 5.25 49.71 -22.96
N ALA B 966 5.69 49.18 -24.09
CA ALA B 966 5.66 49.94 -25.34
C ALA B 966 4.23 50.20 -25.78
N GLY B 967 3.32 49.25 -25.54
CA GLY B 967 1.94 49.46 -25.92
C GLY B 967 1.27 50.54 -25.10
N VAL B 968 1.49 50.52 -23.78
CA VAL B 968 0.84 51.52 -22.93
C VAL B 968 1.46 52.89 -23.15
N LEU B 969 2.75 52.95 -23.49
CA LEU B 969 3.34 54.24 -23.81
C LEU B 969 2.82 54.76 -25.15
N ASN B 970 2.70 53.87 -26.14
CA ASN B 970 2.12 54.26 -27.41
C ASN B 970 0.61 54.44 -27.32
N GLY B 971 -0.04 53.81 -26.35
CA GLY B 971 -1.46 53.95 -26.16
C GLY B 971 -2.32 52.89 -26.81
N THR B 972 -1.73 51.92 -27.49
CA THR B 972 -2.49 50.88 -28.18
C THR B 972 -2.13 49.52 -27.63
N LEU B 973 -3.12 48.65 -27.50
CA LEU B 973 -2.87 47.28 -27.09
C LEU B 973 -2.05 46.56 -28.16
N GLU B 974 -1.13 45.71 -27.73
CA GLU B 974 -0.20 45.04 -28.61
C GLU B 974 -0.44 43.54 -28.58
N TYR B 975 -0.38 42.92 -29.75
CA TYR B 975 -0.79 41.53 -29.92
C TYR B 975 0.39 40.60 -29.70
N GLY B 976 0.17 39.57 -28.87
CA GLY B 976 1.18 38.56 -28.60
C GLY B 976 0.75 37.20 -29.08
N THR B 977 0.16 37.15 -30.27
CA THR B 977 -0.35 35.91 -30.82
C THR B 977 0.77 34.89 -31.01
N CYS B 978 0.47 33.63 -30.73
CA CYS B 978 1.43 32.55 -30.88
C CYS B 978 1.90 32.44 -32.34
N PHE B 979 3.17 32.10 -32.50
CA PHE B 979 3.83 32.02 -33.81
C PHE B 979 3.69 33.33 -34.57
N GLY B 980 4.02 34.42 -33.91
CA GLY B 980 3.90 35.73 -34.52
C GLY B 980 3.80 36.84 -33.49
N GLY B 981 2.79 37.69 -33.64
CA GLY B 981 2.60 38.79 -32.72
C GLY B 981 3.50 39.96 -33.05
N SER B 982 3.40 40.99 -32.21
CA SER B 982 4.20 42.20 -32.41
C SER B 982 5.64 41.93 -31.99
N LYS B 983 6.57 42.25 -32.88
CA LYS B 983 7.97 41.89 -32.69
C LYS B 983 8.62 42.76 -31.63
N LEU B 984 9.80 42.30 -31.18
CA LEU B 984 10.53 43.01 -30.13
C LEU B 984 11.14 44.30 -30.65
N GLU B 985 11.57 44.33 -31.92
CA GLU B 985 12.28 45.49 -32.44
C GLU B 985 11.38 46.72 -32.49
N ASP B 986 10.10 46.54 -32.85
CA ASP B 986 9.17 47.66 -32.83
C ASP B 986 8.94 48.16 -31.42
N MET B 987 8.90 47.25 -30.44
CA MET B 987 8.79 47.66 -29.04
C MET B 987 9.99 48.48 -28.61
N SER B 988 11.20 48.06 -29.00
CA SER B 988 12.39 48.81 -28.68
C SER B 988 12.37 50.19 -29.33
N LYS B 989 11.92 50.27 -30.58
CA LYS B 989 11.84 51.55 -31.27
C LYS B 989 10.85 52.48 -30.57
N ILE B 990 9.69 51.96 -30.18
CA ILE B 990 8.69 52.79 -29.51
C ILE B 990 9.20 53.25 -28.15
N LEU B 991 9.85 52.35 -27.41
CA LEU B 991 10.39 52.71 -26.11
C LEU B 991 11.48 53.77 -26.22
N VAL B 992 12.35 53.66 -27.23
CA VAL B 992 13.39 54.65 -27.44
C VAL B 992 12.77 56.00 -27.82
N ASP B 993 11.76 55.97 -28.69
CA ASP B 993 11.09 57.22 -29.06
C ASP B 993 10.32 57.84 -27.90
N GLN B 994 9.93 57.04 -26.91
CA GLN B 994 9.25 57.57 -25.74
C GLN B 994 10.21 58.01 -24.62
N GLY B 995 11.50 57.72 -24.75
CA GLY B 995 12.48 58.17 -23.79
C GLY B 995 12.94 57.15 -22.78
N PHE B 996 12.51 55.90 -22.88
CA PHE B 996 12.93 54.85 -21.97
C PHE B 996 14.06 54.04 -22.59
N ASN B 997 14.53 53.04 -21.84
CA ASN B 997 15.59 52.17 -22.35
C ASN B 997 15.02 51.19 -23.38
N TYR B 998 15.89 50.75 -24.28
CA TYR B 998 15.45 49.87 -25.36
C TYR B 998 15.09 48.48 -24.87
N SER B 999 15.65 48.06 -23.74
CA SER B 999 15.37 46.74 -23.18
C SER B 999 14.42 46.81 -21.99
N GLY B 1000 13.86 47.97 -21.69
CA GLY B 1000 12.91 48.11 -20.61
C GLY B 1000 13.49 48.17 -19.22
N LYS B 1001 14.82 48.12 -19.09
CA LYS B 1001 15.47 48.19 -17.78
C LYS B 1001 15.71 49.65 -17.44
N ASP B 1002 15.01 50.14 -16.42
CA ASP B 1002 15.13 51.52 -15.98
C ASP B 1002 16.03 51.60 -14.75
N MET B 1003 16.29 52.84 -14.32
CA MET B 1003 17.04 53.10 -13.11
C MET B 1003 16.06 53.47 -12.00
N LEU B 1004 16.02 52.66 -10.95
CA LEU B 1004 15.15 52.92 -9.82
C LEU B 1004 15.97 53.34 -8.62
N TYR B 1005 15.48 54.34 -7.90
CA TYR B 1005 16.04 54.72 -6.62
C TYR B 1005 15.47 53.82 -5.53
N SER B 1006 16.33 53.39 -4.62
CA SER B 1006 15.87 52.54 -3.53
C SER B 1006 14.97 53.33 -2.59
N GLY B 1007 13.95 52.65 -2.06
CA GLY B 1007 13.02 53.34 -1.18
C GLY B 1007 13.51 53.47 0.24
N ILE B 1008 14.41 52.59 0.67
CA ILE B 1008 14.88 52.58 2.05
C ILE B 1008 16.08 53.49 2.21
N THR B 1009 17.17 53.17 1.52
CA THR B 1009 18.39 53.97 1.64
C THR B 1009 18.35 55.22 0.78
N GLY B 1010 17.42 55.31 -0.17
CA GLY B 1010 17.20 56.53 -0.91
C GLY B 1010 18.13 56.76 -2.09
N GLU B 1011 19.20 55.99 -2.22
CA GLU B 1011 20.20 56.24 -3.24
C GLU B 1011 19.91 55.42 -4.50
N CYS B 1012 20.75 55.63 -5.51
CA CYS B 1012 20.61 54.90 -6.76
C CYS B 1012 20.90 53.43 -6.56
N LEU B 1013 20.08 52.58 -7.16
CA LEU B 1013 20.37 51.15 -7.19
C LEU B 1013 21.55 50.89 -8.11
N GLN B 1014 22.44 50.01 -7.66
CA GLN B 1014 23.69 49.77 -8.40
C GLN B 1014 23.47 49.00 -9.70
N ALA B 1015 22.28 48.47 -9.94
CA ALA B 1015 21.99 47.81 -11.20
C ALA B 1015 20.61 48.24 -11.68
N TYR B 1016 20.43 48.27 -12.98
CA TYR B 1016 19.14 48.62 -13.56
C TYR B 1016 18.11 47.55 -13.24
N ILE B 1017 16.84 47.95 -13.17
CA ILE B 1017 15.76 47.07 -12.76
C ILE B 1017 14.77 46.94 -13.91
N PHE B 1018 14.46 45.71 -14.28
CA PHE B 1018 13.51 45.43 -15.34
C PHE B 1018 12.11 45.81 -14.85
N PHE B 1019 11.44 46.68 -15.60
CA PHE B 1019 10.31 47.45 -15.07
C PHE B 1019 9.20 47.55 -16.11
N GLY B 1020 7.98 47.17 -15.74
CA GLY B 1020 6.87 47.36 -16.66
C GLY B 1020 5.58 46.65 -16.27
N PRO B 1021 4.56 46.76 -17.11
CA PRO B 1021 3.27 46.14 -16.80
C PRO B 1021 3.23 44.67 -17.17
N ILE B 1022 2.71 43.85 -16.25
CA ILE B 1022 2.48 42.42 -16.50
C ILE B 1022 1.10 42.08 -15.94
N TYR B 1023 0.34 41.31 -16.71
CA TYR B 1023 -1.04 40.95 -16.36
C TYR B 1023 -1.02 39.80 -15.35
N TYR B 1024 -1.33 40.10 -14.08
CA TYR B 1024 -1.50 39.05 -13.08
C TYR B 1024 -2.96 38.70 -12.86
N GLN B 1025 -3.16 37.50 -12.32
CA GLN B 1025 -4.48 37.00 -11.95
C GLN B 1025 -4.43 36.56 -10.50
N LYS B 1026 -5.47 36.90 -9.74
CA LYS B 1026 -5.63 36.41 -8.39
C LYS B 1026 -6.40 35.09 -8.44
N LEU B 1027 -5.91 34.09 -7.74
CA LEU B 1027 -6.49 32.76 -7.79
C LEU B 1027 -7.35 32.49 -6.57
N LYS B 1028 -8.18 31.45 -6.67
CA LYS B 1028 -9.20 31.17 -5.67
C LYS B 1028 -8.65 30.54 -4.40
N HIS B 1029 -7.36 30.20 -4.36
CA HIS B 1029 -6.77 29.58 -3.17
C HIS B 1029 -6.32 30.68 -2.21
N MET B 1030 -7.29 31.26 -1.52
CA MET B 1030 -6.98 32.25 -0.51
C MET B 1030 -6.85 31.59 0.86
N VAL B 1031 -6.13 32.27 1.76
CA VAL B 1031 -5.77 31.68 3.03
C VAL B 1031 -6.96 31.63 3.99
N LEU B 1032 -8.02 32.38 3.72
CA LEU B 1032 -9.20 32.35 4.58
C LEU B 1032 -9.84 30.97 4.60
N ASP B 1033 -9.85 30.27 3.47
CA ASP B 1033 -10.45 28.96 3.36
C ASP B 1033 -9.46 27.83 3.65
N LYS B 1034 -8.22 28.14 3.99
CA LYS B 1034 -7.20 27.13 4.21
C LYS B 1034 -6.75 27.00 5.66
N MET B 1035 -6.75 28.10 6.41
CA MET B 1035 -6.31 28.04 7.80
C MET B 1035 -7.29 27.22 8.63
N HIS B 1036 -6.73 26.43 9.55
CA HIS B 1036 -7.53 25.51 10.34
C HIS B 1036 -6.74 25.12 11.59
N ALA B 1037 -7.44 24.92 12.69
CA ALA B 1037 -6.84 24.46 13.93
C ALA B 1037 -7.91 23.75 14.74
N ARG B 1038 -7.54 22.67 15.42
CA ARG B 1038 -8.51 21.81 16.07
C ARG B 1038 -8.53 21.95 17.59
N ALA B 1039 -7.39 21.75 18.24
CA ALA B 1039 -7.29 21.56 19.70
C ALA B 1039 -8.17 20.36 20.04
N ARG B 1040 -9.24 20.52 20.82
CA ARG B 1040 -10.16 19.42 21.11
C ARG B 1040 -11.49 19.69 20.42
N GLY B 1041 -12.02 18.69 19.72
CA GLY B 1041 -13.25 18.84 18.99
C GLY B 1041 -14.05 17.56 18.90
N PRO B 1042 -14.88 17.45 17.87
CA PRO B 1042 -15.72 16.27 17.70
C PRO B 1042 -14.91 15.03 17.38
N ARG B 1043 -15.52 13.88 17.62
CA ARG B 1043 -14.86 12.58 17.44
C ARG B 1043 -15.79 11.65 16.69
N ALA B 1044 -15.19 10.73 15.93
CA ALA B 1044 -15.96 9.74 15.21
C ALA B 1044 -16.55 8.71 16.17
N VAL B 1045 -17.76 8.24 15.86
CA VAL B 1045 -18.45 7.33 16.77
C VAL B 1045 -17.79 5.96 16.78
N LEU B 1046 -17.43 5.44 15.60
CA LEU B 1046 -16.96 4.06 15.51
C LEU B 1046 -15.56 3.89 16.07
N THR B 1047 -14.64 4.79 15.72
CA THR B 1047 -13.25 4.64 16.08
C THR B 1047 -12.82 5.48 17.28
N ARG B 1048 -13.67 6.42 17.72
CA ARG B 1048 -13.36 7.34 18.83
C ARG B 1048 -12.06 8.09 18.55
N GLN B 1049 -11.95 8.61 17.34
CA GLN B 1049 -10.80 9.36 16.86
C GLN B 1049 -11.28 10.67 16.28
N PRO B 1050 -10.42 11.68 16.19
CA PRO B 1050 -10.84 12.96 15.62
C PRO B 1050 -11.29 12.82 14.17
N THR B 1051 -12.27 13.64 13.80
CA THR B 1051 -12.91 13.55 12.49
C THR B 1051 -11.98 14.12 11.42
N GLU B 1052 -12.49 14.22 10.19
CA GLU B 1052 -11.70 14.68 9.06
C GLU B 1052 -12.41 15.83 8.36
N GLY B 1053 -11.63 16.69 7.71
CA GLY B 1053 -12.18 17.81 7.00
C GLY B 1053 -12.42 19.00 7.91
N ARG B 1054 -11.98 20.18 7.49
CA ARG B 1054 -12.17 21.37 8.33
C ARG B 1054 -13.61 21.84 8.34
N SER B 1055 -14.44 21.37 7.41
CA SER B 1055 -15.87 21.66 7.47
C SER B 1055 -16.49 21.03 8.70
N ARG B 1056 -16.09 19.81 9.04
CA ARG B 1056 -16.53 19.13 10.24
C ARG B 1056 -15.57 19.34 11.41
N ASP B 1057 -14.72 20.36 11.32
CA ASP B 1057 -13.74 20.71 12.36
C ASP B 1057 -12.83 19.52 12.67
N GLY B 1058 -12.37 18.84 11.64
CA GLY B 1058 -11.53 17.68 11.80
C GLY B 1058 -10.11 18.03 12.16
N GLY B 1059 -9.30 16.99 12.34
CA GLY B 1059 -7.91 17.17 12.69
C GLY B 1059 -6.97 16.54 11.70
N LEU B 1060 -5.71 16.96 11.73
CA LEU B 1060 -4.74 16.48 10.75
C LEU B 1060 -4.33 15.05 11.06
N ARG B 1061 -3.98 14.34 10.00
CA ARG B 1061 -3.66 12.91 10.07
C ARG B 1061 -2.15 12.73 10.08
N LEU B 1062 -1.64 12.04 11.10
CA LEU B 1062 -0.24 11.66 11.14
C LEU B 1062 -0.16 10.28 10.49
N GLY B 1063 0.21 10.26 9.22
CA GLY B 1063 0.17 9.05 8.44
C GLY B 1063 1.28 8.08 8.78
N GLU B 1064 1.39 7.05 7.94
CA GLU B 1064 2.37 5.99 8.18
C GLU B 1064 3.79 6.51 8.08
N MET B 1065 4.07 7.36 7.09
CA MET B 1065 5.46 7.81 6.91
C MET B 1065 5.87 8.85 7.95
N GLU B 1066 4.92 9.63 8.47
CA GLU B 1066 5.24 10.51 9.59
C GLU B 1066 5.59 9.69 10.82
N ARG B 1067 4.85 8.60 11.06
CA ARG B 1067 5.20 7.65 12.10
C ARG B 1067 6.58 7.05 11.85
N ASP B 1068 6.89 6.76 10.59
CA ASP B 1068 8.20 6.23 10.23
C ASP B 1068 9.32 7.21 10.53
N CYS B 1069 9.11 8.49 10.21
CA CYS B 1069 10.13 9.50 10.49
C CYS B 1069 10.33 9.67 11.99
N VAL B 1070 9.24 9.66 12.75
CA VAL B 1070 9.37 9.77 14.20
C VAL B 1070 10.10 8.56 14.78
N ILE B 1071 9.88 7.37 14.18
CA ILE B 1071 10.68 6.20 14.53
C ILE B 1071 12.15 6.45 14.23
N ALA B 1072 12.43 7.01 13.05
CA ALA B 1072 13.81 7.22 12.62
C ALA B 1072 14.55 8.15 13.56
N TYR B 1073 13.85 9.16 14.10
CA TYR B 1073 14.47 9.97 15.15
C TYR B 1073 14.67 9.20 16.43
N GLY B 1074 13.86 8.20 16.70
CA GLY B 1074 13.96 7.44 17.94
C GLY B 1074 13.20 8.02 19.11
N ALA B 1075 12.41 9.07 18.91
CA ALA B 1075 11.66 9.69 19.99
C ALA B 1075 10.48 8.79 20.33
N SER B 1076 10.68 7.93 21.33
CA SER B 1076 9.63 6.98 21.72
C SER B 1076 8.48 7.70 22.41
N GLN B 1077 8.79 8.59 23.35
CA GLN B 1077 7.74 9.24 24.14
C GLN B 1077 6.88 10.15 23.27
N LEU B 1078 7.50 10.86 22.33
CA LEU B 1078 6.72 11.73 21.45
C LEU B 1078 5.79 10.92 20.56
N LEU B 1079 6.25 9.79 20.04
CA LEU B 1079 5.39 8.94 19.22
C LEU B 1079 4.24 8.38 20.04
N LEU B 1080 4.53 7.98 21.27
CA LEU B 1080 3.48 7.46 22.14
C LEU B 1080 2.45 8.54 22.47
N GLU B 1081 2.92 9.78 22.70
CA GLU B 1081 1.99 10.87 22.97
C GLU B 1081 1.15 11.20 21.75
N ARG B 1082 1.75 11.19 20.56
CA ARG B 1082 1.04 11.62 19.37
C ARG B 1082 0.03 10.58 18.91
N LEU B 1083 0.38 9.29 19.00
CA LEU B 1083 -0.49 8.25 18.47
C LEU B 1083 -1.38 7.60 19.51
N MET B 1084 -1.13 7.80 20.80
CA MET B 1084 -1.98 7.21 21.83
C MET B 1084 -2.65 8.24 22.72
N ILE B 1085 -1.89 9.14 23.35
CA ILE B 1085 -2.45 9.98 24.40
C ILE B 1085 -3.34 11.06 23.82
N SER B 1086 -2.89 11.72 22.76
CA SER B 1086 -3.59 12.88 22.23
C SER B 1086 -4.68 12.53 21.23
N SER B 1087 -4.83 11.26 20.85
CA SER B 1087 -5.83 10.90 19.85
C SER B 1087 -6.94 10.01 20.39
N ASP B 1088 -6.62 8.83 20.92
CA ASP B 1088 -7.67 7.85 21.22
C ASP B 1088 -7.37 7.04 22.47
N ALA B 1089 -6.73 7.64 23.48
CA ALA B 1089 -6.40 6.90 24.71
C ALA B 1089 -7.66 6.40 25.40
N PHE B 1090 -7.58 5.20 25.96
CA PHE B 1090 -8.76 4.55 26.53
C PHE B 1090 -8.30 3.60 27.63
N GLU B 1091 -8.86 3.78 28.83
CA GLU B 1091 -8.57 2.91 29.95
C GLU B 1091 -9.49 1.70 29.91
N VAL B 1092 -8.91 0.51 29.94
CA VAL B 1092 -9.66 -0.74 29.82
C VAL B 1092 -9.18 -1.66 30.94
N ASP B 1093 -10.01 -2.64 31.28
CA ASP B 1093 -9.70 -3.64 32.29
C ASP B 1093 -9.51 -4.98 31.60
N VAL B 1094 -8.35 -5.59 31.79
CA VAL B 1094 -8.02 -6.87 31.17
C VAL B 1094 -7.76 -7.89 32.27
N CYS B 1095 -8.21 -9.12 32.06
CA CYS B 1095 -8.06 -10.18 33.03
C CYS B 1095 -6.70 -10.84 32.87
N ASP B 1096 -6.02 -11.07 34.00
CA ASP B 1096 -4.70 -11.68 33.93
C ASP B 1096 -4.78 -13.18 33.66
N LYS B 1097 -5.87 -13.83 34.10
CA LYS B 1097 -5.95 -15.28 33.97
C LYS B 1097 -6.21 -15.71 32.53
N CYS B 1098 -7.14 -15.04 31.85
CA CYS B 1098 -7.52 -15.46 30.51
C CYS B 1098 -7.06 -14.52 29.41
N GLY B 1099 -6.63 -13.31 29.75
CA GLY B 1099 -6.10 -12.39 28.76
C GLY B 1099 -7.11 -11.61 27.97
N LEU B 1100 -8.41 -11.83 28.20
CA LEU B 1100 -9.44 -11.10 27.47
C LEU B 1100 -9.69 -9.75 28.13
N MET B 1101 -10.77 -9.09 27.74
CA MET B 1101 -11.10 -7.76 28.24
C MET B 1101 -12.42 -7.80 28.99
N GLY B 1102 -12.54 -6.93 29.99
CA GLY B 1102 -13.72 -6.86 30.81
C GLY B 1102 -14.24 -5.43 30.89
N TYR B 1103 -15.31 -5.27 31.68
CA TYR B 1103 -15.94 -3.98 31.87
C TYR B 1103 -16.08 -3.69 33.35
N SER B 1104 -15.71 -2.48 33.75
CA SER B 1104 -15.93 -1.96 35.10
C SER B 1104 -15.32 -2.87 36.17
N GLY B 1105 -14.10 -3.33 35.91
CA GLY B 1105 -13.41 -4.18 36.87
C GLY B 1105 -14.05 -5.54 37.06
N TRP B 1106 -14.46 -6.18 35.97
CA TRP B 1106 -15.13 -7.48 36.05
C TRP B 1106 -14.87 -8.25 34.77
N CYS B 1107 -14.35 -9.46 34.91
CA CYS B 1107 -14.11 -10.33 33.76
C CYS B 1107 -15.39 -11.12 33.49
N THR B 1108 -15.93 -10.97 32.28
CA THR B 1108 -17.19 -11.61 31.94
C THR B 1108 -17.05 -13.10 31.69
N THR B 1109 -15.83 -13.63 31.58
CA THR B 1109 -15.60 -15.05 31.39
C THR B 1109 -15.30 -15.78 32.70
N CYS B 1110 -14.30 -15.31 33.44
CA CYS B 1110 -13.92 -15.95 34.69
C CYS B 1110 -14.93 -15.69 35.80
N LYS B 1111 -15.83 -14.72 35.63
CA LYS B 1111 -16.84 -14.35 36.62
C LYS B 1111 -16.20 -14.00 37.97
N SER B 1112 -15.09 -13.28 37.93
CA SER B 1112 -14.37 -12.89 39.12
C SER B 1112 -13.62 -11.60 38.84
N ALA B 1113 -13.19 -10.94 39.91
CA ALA B 1113 -12.50 -9.66 39.79
C ALA B 1113 -11.17 -9.65 40.53
N GLU B 1114 -10.63 -10.81 40.88
CA GLU B 1114 -9.36 -10.85 41.59
C GLU B 1114 -8.16 -10.71 40.65
N ASN B 1115 -8.35 -10.86 39.35
CA ASN B 1115 -7.25 -10.82 38.40
C ASN B 1115 -7.47 -9.76 37.32
N ILE B 1116 -8.10 -8.65 37.67
CA ILE B 1116 -8.35 -7.58 36.73
C ILE B 1116 -7.27 -6.51 36.89
N ILE B 1117 -6.63 -6.16 35.78
CA ILE B 1117 -5.61 -5.13 35.75
C ILE B 1117 -6.10 -4.03 34.81
N LYS B 1118 -6.04 -2.79 35.27
CA LYS B 1118 -6.46 -1.65 34.46
C LYS B 1118 -5.26 -1.10 33.72
N MET B 1119 -5.36 -1.05 32.39
CA MET B 1119 -4.31 -0.50 31.56
C MET B 1119 -4.91 0.54 30.63
N THR B 1120 -4.06 1.15 29.82
CA THR B 1120 -4.49 2.14 28.83
C THR B 1120 -4.00 1.69 27.47
N ILE B 1121 -4.92 1.68 26.49
CA ILE B 1121 -4.59 1.33 25.12
C ILE B 1121 -5.27 2.31 24.18
N PRO B 1122 -4.80 2.41 22.95
CA PRO B 1122 -5.57 3.14 21.93
C PRO B 1122 -6.93 2.47 21.73
N TYR B 1123 -7.95 3.30 21.48
CA TYR B 1123 -9.28 2.76 21.26
C TYR B 1123 -9.35 1.94 19.98
N ALA B 1124 -8.47 2.24 19.02
CA ALA B 1124 -8.39 1.42 17.82
C ALA B 1124 -7.92 0.01 18.16
N ALA B 1125 -7.05 -0.13 19.16
CA ALA B 1125 -6.62 -1.46 19.60
C ALA B 1125 -7.79 -2.23 20.21
N LYS B 1126 -8.61 -1.57 21.02
CA LYS B 1126 -9.79 -2.23 21.58
C LYS B 1126 -10.77 -2.61 20.49
N LEU B 1127 -10.96 -1.73 19.50
CA LEU B 1127 -11.84 -2.04 18.38
C LEU B 1127 -11.33 -3.24 17.61
N LEU B 1128 -10.01 -3.29 17.38
CA LEU B 1128 -9.41 -4.43 16.68
C LEU B 1128 -9.58 -5.71 17.47
N PHE B 1129 -9.39 -5.66 18.79
CA PHE B 1129 -9.53 -6.86 19.60
C PHE B 1129 -10.95 -7.38 19.60
N GLN B 1130 -11.94 -6.48 19.71
CA GLN B 1130 -13.33 -6.92 19.68
C GLN B 1130 -13.71 -7.44 18.30
N GLU B 1131 -13.20 -6.81 17.24
CA GLU B 1131 -13.46 -7.29 15.89
C GLU B 1131 -12.88 -8.68 15.68
N LEU B 1132 -11.64 -8.90 16.14
CA LEU B 1132 -11.02 -10.21 16.01
C LEU B 1132 -11.77 -11.26 16.82
N LEU B 1133 -12.20 -10.91 18.04
CA LEU B 1133 -12.99 -11.84 18.84
C LEU B 1133 -14.30 -12.17 18.17
N SER B 1134 -14.88 -11.23 17.42
CA SER B 1134 -16.04 -11.56 16.61
C SER B 1134 -15.70 -12.49 15.45
N MET B 1135 -14.45 -12.44 14.98
CA MET B 1135 -13.99 -13.26 13.87
C MET B 1135 -13.50 -14.63 14.33
N ASN B 1136 -13.81 -15.04 15.56
CA ASN B 1136 -13.35 -16.29 16.16
C ASN B 1136 -11.83 -16.36 16.23
N ILE B 1137 -11.17 -15.22 16.37
CA ILE B 1137 -9.76 -15.12 16.69
C ILE B 1137 -9.64 -14.51 18.06
N ALA B 1138 -8.89 -15.14 18.96
CA ALA B 1138 -8.84 -14.72 20.35
C ALA B 1138 -7.47 -14.14 20.68
N PRO B 1139 -7.31 -12.82 20.65
CA PRO B 1139 -6.06 -12.24 21.12
C PRO B 1139 -6.03 -12.17 22.64
N ARG B 1140 -5.27 -13.06 23.26
CA ARG B 1140 -5.16 -13.10 24.71
C ARG B 1140 -3.89 -12.37 25.11
N LEU B 1141 -4.05 -11.29 25.88
CA LEU B 1141 -2.92 -10.46 26.29
C LEU B 1141 -2.31 -11.03 27.55
N ARG B 1142 -1.00 -11.24 27.52
CA ARG B 1142 -0.25 -11.70 28.69
C ARG B 1142 0.51 -10.52 29.27
N LEU B 1143 0.42 -10.34 30.59
CA LEU B 1143 0.95 -9.16 31.25
C LEU B 1143 2.08 -9.55 32.20
N GLU B 1144 3.02 -8.62 32.36
CA GLU B 1144 4.09 -8.75 33.33
C GLU B 1144 4.34 -7.38 33.96
N ASP B 1145 4.96 -7.40 35.13
CA ASP B 1145 5.19 -6.16 35.86
C ASP B 1145 6.22 -5.30 35.15
N ILE B 1146 6.02 -3.98 35.21
CA ILE B 1146 7.00 -3.05 34.66
C ILE B 1146 8.29 -3.11 35.47
N PHE B 1147 8.17 -3.29 36.78
CA PHE B 1147 9.32 -3.38 37.68
C PHE B 1147 9.52 -4.85 38.04
N GLN B 1148 10.65 -5.41 37.60
CA GLN B 1148 10.87 -6.85 37.72
C GLN B 1148 11.11 -7.26 39.18
N GLN B 1149 11.64 -6.36 39.99
CA GLN B 1149 11.95 -6.70 41.38
C GLN B 1149 10.69 -6.82 42.22
N SER C 2 34.25 62.41 -7.76
CA SER C 2 33.89 63.17 -6.57
C SER C 2 32.49 62.82 -6.10
N ASN C 3 31.51 63.60 -6.57
CA ASN C 3 30.11 63.38 -6.20
C ASN C 3 29.25 63.06 -7.41
N ILE C 4 29.85 62.53 -8.48
CA ILE C 4 29.14 62.21 -9.71
C ILE C 4 28.98 60.69 -9.76
N VAL C 5 27.74 60.22 -9.68
CA VAL C 5 27.46 58.80 -9.86
C VAL C 5 27.46 58.49 -11.35
N GLY C 6 28.41 57.66 -11.78
CA GLY C 6 28.55 57.37 -13.19
C GLY C 6 27.51 56.38 -13.67
N ILE C 7 27.21 56.44 -14.96
CA ILE C 7 26.25 55.55 -15.59
C ILE C 7 26.97 54.79 -16.67
N GLU C 8 26.92 53.46 -16.60
CA GLU C 8 27.53 52.60 -17.60
C GLU C 8 26.44 51.80 -18.32
N TYR C 9 26.86 51.05 -19.33
CA TYR C 9 25.91 50.28 -20.13
C TYR C 9 25.33 49.09 -19.37
N ASN C 10 25.95 48.67 -18.28
CA ASN C 10 25.47 47.52 -17.52
C ASN C 10 25.35 47.76 -16.02
N ARG C 11 26.12 48.68 -15.44
CA ARG C 11 26.15 48.86 -14.00
C ARG C 11 26.09 50.35 -13.67
N VAL C 12 25.78 50.64 -12.41
CA VAL C 12 25.81 52.00 -11.88
C VAL C 12 26.83 52.03 -10.77
N THR C 13 27.87 52.83 -10.92
CA THR C 13 29.00 52.85 -10.01
C THR C 13 28.99 54.11 -9.16
N ASN C 14 29.57 54.00 -7.96
CA ASN C 14 29.73 55.12 -7.02
C ASN C 14 28.38 55.73 -6.66
N THR C 15 27.56 54.92 -6.00
CA THR C 15 26.19 55.31 -5.66
C THR C 15 26.00 55.64 -4.19
N THR C 16 27.07 55.74 -3.41
CA THR C 16 26.97 55.97 -1.98
C THR C 16 27.63 57.27 -1.58
N SER C 17 27.16 57.85 -0.48
CA SER C 17 27.72 59.09 0.03
C SER C 17 29.08 58.85 0.65
N THR C 18 30.01 59.77 0.39
CA THR C 18 31.38 59.61 0.86
C THR C 18 31.90 60.89 1.52
N ASP C 19 31.04 61.60 2.23
CA ASP C 19 31.41 62.85 2.90
C ASP C 19 31.28 62.72 4.42
N PHE C 20 32.29 62.10 5.03
CA PHE C 20 32.33 61.93 6.47
C PHE C 20 33.75 61.62 6.92
N PRO C 21 34.15 62.04 8.13
CA PRO C 21 35.48 61.68 8.61
C PRO C 21 35.58 60.17 8.83
N GLY C 22 36.78 59.64 8.62
CA GLY C 22 36.99 58.23 8.58
C GLY C 22 36.94 57.64 7.19
N PHE C 23 36.40 58.37 6.22
CA PHE C 23 36.46 57.95 4.83
C PHE C 23 37.85 58.14 4.24
N SER C 24 38.64 59.05 4.78
CA SER C 24 39.98 59.31 4.28
C SER C 24 40.88 59.69 5.44
N LYS C 25 42.18 59.71 5.16
CA LYS C 25 43.17 59.97 6.21
C LYS C 25 43.05 61.38 6.76
N ASP C 26 42.80 62.37 5.88
CA ASP C 26 42.75 63.76 6.32
C ASP C 26 41.54 64.03 7.20
N ALA C 27 40.51 63.19 7.12
CA ALA C 27 39.34 63.22 8.00
C ALA C 27 38.64 64.57 7.98
N GLU C 28 38.37 65.06 6.79
CA GLU C 28 37.63 66.30 6.59
C GLU C 28 36.16 65.98 6.41
N ASN C 29 35.38 67.01 6.03
CA ASN C 29 33.93 66.91 5.87
C ASN C 29 33.24 66.46 7.16
N GLU C 30 33.61 67.07 8.27
CA GLU C 30 32.86 66.88 9.50
C GLU C 30 31.54 67.65 9.41
N TRP C 31 30.71 67.52 10.43
CA TRP C 31 29.45 68.24 10.47
C TRP C 31 29.68 69.62 11.09
N ASN C 32 29.64 70.64 10.24
CA ASN C 32 29.70 72.03 10.69
C ASN C 32 28.53 72.75 10.05
N VAL C 33 27.61 73.24 10.86
CA VAL C 33 26.35 73.79 10.34
C VAL C 33 26.59 75.07 9.56
N GLU C 34 27.70 75.76 9.80
CA GLU C 34 28.03 76.94 9.02
C GLU C 34 28.32 76.56 7.57
N LYS C 35 29.10 75.50 7.36
CA LYS C 35 29.41 75.05 6.01
C LYS C 35 28.16 74.58 5.28
N PHE C 36 27.30 73.83 5.97
CA PHE C 36 26.06 73.36 5.36
C PHE C 36 25.13 74.52 5.01
N LYS C 37 25.05 75.52 5.89
CA LYS C 37 24.24 76.69 5.60
C LYS C 37 24.81 77.48 4.42
N LYS C 38 26.14 77.49 4.28
CA LYS C 38 26.76 78.19 3.17
C LYS C 38 26.53 77.47 1.85
N ASP C 39 26.53 76.13 1.86
CA ASP C 39 26.54 75.39 0.60
C ASP C 39 25.15 74.99 0.12
N PHE C 40 24.22 74.69 1.03
CA PHE C 40 22.91 74.20 0.65
C PHE C 40 22.11 75.27 -0.07
N GLU C 41 21.35 74.86 -1.10
CA GLU C 41 20.64 75.83 -1.92
C GLU C 41 19.32 75.23 -2.38
N VAL C 42 18.35 76.10 -2.67
CA VAL C 42 17.04 75.72 -3.18
C VAL C 42 16.71 76.60 -4.38
N ASN C 43 16.34 75.98 -5.50
CA ASN C 43 15.93 76.70 -6.69
C ASN C 43 14.55 76.20 -7.12
N ILE C 44 13.52 77.03 -6.98
CA ILE C 44 12.17 76.64 -7.35
C ILE C 44 11.97 76.98 -8.83
N SER C 45 12.06 75.98 -9.69
CA SER C 45 12.00 76.23 -11.12
C SER C 45 10.59 76.51 -11.60
N SER C 46 9.59 75.86 -11.00
CA SER C 46 8.20 76.05 -11.39
C SER C 46 7.30 75.80 -10.20
N LEU C 47 6.13 76.44 -10.22
CA LEU C 47 5.17 76.29 -9.13
C LEU C 47 3.78 76.63 -9.68
N ASP C 48 2.90 75.64 -9.70
CA ASP C 48 1.51 75.81 -10.06
C ASP C 48 0.64 75.70 -8.82
N ALA C 49 -0.68 75.73 -9.02
CA ALA C 49 -1.60 75.58 -7.90
C ALA C 49 -1.68 74.15 -7.39
N ARG C 50 -1.16 73.16 -8.13
CA ARG C 50 -1.22 71.77 -7.70
C ARG C 50 0.08 71.01 -7.95
N GLU C 51 1.17 71.68 -8.29
CA GLU C 51 2.42 70.98 -8.59
C GLU C 51 3.59 71.92 -8.35
N ALA C 52 4.62 71.40 -7.69
CA ALA C 52 5.85 72.15 -7.45
C ALA C 52 7.04 71.36 -7.99
N ASN C 53 8.05 72.10 -8.43
CA ASN C 53 9.27 71.53 -9.00
C ASN C 53 10.44 72.38 -8.52
N PHE C 54 11.14 71.88 -7.50
CA PHE C 54 12.24 72.62 -6.90
C PHE C 54 13.46 71.71 -6.75
N ASP C 55 14.63 72.32 -6.84
CA ASP C 55 15.90 71.63 -6.75
C ASP C 55 16.56 71.94 -5.41
N LEU C 56 16.98 70.90 -4.71
CA LEU C 56 17.80 71.01 -3.52
C LEU C 56 19.24 70.67 -3.90
N ILE C 57 20.18 71.52 -3.49
CA ILE C 57 21.57 71.41 -3.89
C ILE C 57 22.43 71.33 -2.65
N ASN C 58 23.39 70.38 -2.65
CA ASN C 58 24.35 70.14 -1.58
C ASN C 58 23.67 69.63 -0.31
N ILE C 59 22.68 68.76 -0.48
CA ILE C 59 22.03 68.07 0.62
C ILE C 59 22.25 66.57 0.43
N ASP C 60 22.36 65.84 1.53
CA ASP C 60 22.65 64.41 1.44
C ASP C 60 21.41 63.64 0.99
N THR C 61 21.65 62.44 0.46
CA THR C 61 20.56 61.61 -0.04
C THR C 61 19.61 61.19 1.07
N SER C 62 20.13 60.95 2.27
CA SER C 62 19.30 60.47 3.38
C SER C 62 18.23 61.49 3.75
N ILE C 63 18.61 62.78 3.81
CA ILE C 63 17.66 63.82 4.20
C ILE C 63 16.57 63.97 3.15
N ALA C 64 16.95 63.96 1.87
CA ALA C 64 15.96 64.09 0.80
C ALA C 64 15.01 62.91 0.78
N ASN C 65 15.54 61.70 0.99
CA ASN C 65 14.68 60.52 1.03
C ASN C 65 13.75 60.57 2.24
N ALA C 66 14.24 61.09 3.37
CA ALA C 66 13.38 61.26 4.53
C ALA C 66 12.26 62.25 4.25
N PHE C 67 12.57 63.35 3.56
CA PHE C 67 11.54 64.30 3.18
C PHE C 67 10.50 63.65 2.27
N ARG C 68 10.96 62.86 1.29
CA ARG C 68 10.04 62.20 0.37
C ARG C 68 9.13 61.22 1.10
N ARG C 69 9.70 60.41 2.00
CA ARG C 69 8.91 59.42 2.73
C ARG C 69 7.91 60.10 3.65
N ILE C 70 8.32 61.18 4.32
CA ILE C 70 7.41 61.88 5.21
C ILE C 70 6.30 62.57 4.44
N MET C 71 6.62 63.09 3.26
CA MET C 71 5.58 63.67 2.39
C MET C 71 4.58 62.60 1.96
N ILE C 72 5.07 61.41 1.62
CA ILE C 72 4.18 60.36 1.12
C ILE C 72 3.29 59.82 2.22
N SER C 73 3.87 59.51 3.39
CA SER C 73 3.11 58.72 4.36
C SER C 73 3.22 59.25 5.79
N GLU C 74 3.44 60.55 5.97
CA GLU C 74 3.39 61.10 7.32
C GLU C 74 2.61 62.40 7.45
N VAL C 75 2.42 63.17 6.38
CA VAL C 75 1.63 64.39 6.45
C VAL C 75 0.16 64.00 6.54
N PRO C 76 -0.56 64.43 7.57
CA PRO C 76 -1.96 64.04 7.70
C PRO C 76 -2.85 64.75 6.69
N SER C 77 -3.96 64.10 6.38
CA SER C 77 -4.95 64.66 5.47
C SER C 77 -6.30 64.05 5.79
N VAL C 78 -7.35 64.72 5.33
CA VAL C 78 -8.72 64.32 5.65
C VAL C 78 -9.27 63.46 4.52
N ALA C 79 -9.84 62.32 4.87
CA ALA C 79 -10.48 61.44 3.89
C ALA C 79 -11.67 60.78 4.54
N ALA C 80 -12.62 60.36 3.71
CA ALA C 80 -13.85 59.74 4.19
C ALA C 80 -13.56 58.41 4.87
N GLU C 81 -13.76 58.36 6.19
CA GLU C 81 -13.43 57.15 6.94
C GLU C 81 -14.63 56.23 7.09
N TYR C 82 -15.72 56.72 7.67
CA TYR C 82 -16.88 55.88 7.92
C TYR C 82 -18.02 56.26 6.99
N VAL C 83 -18.76 55.26 6.52
CA VAL C 83 -19.92 55.48 5.67
C VAL C 83 -21.12 54.77 6.29
N TYR C 84 -22.23 55.49 6.41
CA TYR C 84 -23.50 54.95 6.88
C TYR C 84 -24.49 54.98 5.73
N PHE C 85 -25.14 53.84 5.49
CA PHE C 85 -25.96 53.64 4.31
C PHE C 85 -27.43 53.58 4.67
N PHE C 86 -28.27 54.28 3.89
CA PHE C 86 -29.70 54.08 3.90
C PHE C 86 -30.14 53.80 2.48
N ASN C 87 -30.67 52.60 2.24
CA ASN C 87 -31.35 52.24 1.00
C ASN C 87 -30.44 52.43 -0.22
N ASN C 88 -29.39 51.62 -0.28
CA ASN C 88 -28.50 51.57 -1.44
C ASN C 88 -28.94 50.41 -2.31
N THR C 89 -29.72 50.70 -3.35
CA THR C 89 -30.23 49.69 -4.27
C THR C 89 -29.45 49.64 -5.57
N SER C 90 -28.29 50.27 -5.63
CA SER C 90 -27.52 50.30 -6.87
C SER C 90 -26.88 48.94 -7.13
N VAL C 91 -26.38 48.77 -8.36
CA VAL C 91 -25.65 47.56 -8.71
C VAL C 91 -24.32 47.51 -7.98
N ILE C 92 -23.64 48.66 -7.86
CA ILE C 92 -22.43 48.74 -7.09
C ILE C 92 -22.73 48.45 -5.63
N GLN C 93 -22.02 47.47 -5.06
CA GLN C 93 -22.31 46.99 -3.72
C GLN C 93 -21.95 48.05 -2.68
N ASP C 94 -22.37 47.78 -1.44
CA ASP C 94 -22.13 48.73 -0.36
C ASP C 94 -20.65 48.90 -0.07
N GLU C 95 -19.91 47.80 -0.03
CA GLU C 95 -18.48 47.87 0.28
C GLU C 95 -17.72 48.63 -0.79
N VAL C 96 -18.00 48.32 -2.06
CA VAL C 96 -17.31 48.97 -3.17
C VAL C 96 -17.62 50.46 -3.20
N LEU C 97 -18.90 50.81 -3.01
CA LEU C 97 -19.29 52.22 -3.02
C LEU C 97 -18.66 52.97 -1.86
N ALA C 98 -18.62 52.36 -0.68
CA ALA C 98 -17.98 52.98 0.47
C ALA C 98 -16.48 53.19 0.22
N HIS C 99 -15.83 52.21 -0.39
CA HIS C 99 -14.42 52.34 -0.73
C HIS C 99 -14.20 53.48 -1.71
N ARG C 100 -15.05 53.58 -2.73
CA ARG C 100 -14.90 54.63 -3.73
C ARG C 100 -15.12 56.01 -3.12
N ILE C 101 -16.07 56.12 -2.19
CA ILE C 101 -16.28 57.38 -1.49
C ILE C 101 -15.08 57.70 -0.60
N GLY C 102 -14.50 56.68 0.02
CA GLY C 102 -13.32 56.90 0.83
C GLY C 102 -12.12 57.34 0.03
N LEU C 103 -12.07 56.98 -1.25
CA LEU C 103 -10.91 57.30 -2.07
C LEU C 103 -10.92 58.71 -2.65
N VAL C 104 -12.01 59.46 -2.53
CA VAL C 104 -12.01 60.78 -3.16
C VAL C 104 -11.21 61.75 -2.29
N PRO C 105 -10.54 62.74 -2.87
CA PRO C 105 -9.88 63.76 -2.05
C PRO C 105 -10.87 64.85 -1.67
N LEU C 106 -10.58 65.52 -0.56
CA LEU C 106 -11.44 66.57 -0.02
C LEU C 106 -10.63 67.85 0.15
N LYS C 107 -11.18 68.96 -0.33
CA LYS C 107 -10.48 70.25 -0.31
C LYS C 107 -10.79 70.94 1.03
N VAL C 108 -10.14 70.46 2.08
CA VAL C 108 -10.20 71.10 3.38
C VAL C 108 -8.78 71.24 3.91
N ASP C 109 -8.59 72.19 4.81
CA ASP C 109 -7.31 72.33 5.50
C ASP C 109 -7.36 71.52 6.79
N PRO C 110 -6.54 70.46 6.92
CA PRO C 110 -6.62 69.63 8.13
C PRO C 110 -6.04 70.30 9.37
N ASP C 111 -5.48 71.50 9.25
CA ASP C 111 -5.07 72.26 10.43
C ASP C 111 -6.25 72.79 11.21
N MET C 112 -7.46 72.77 10.63
CA MET C 112 -8.67 73.19 11.33
C MET C 112 -9.39 72.05 12.02
N LEU C 113 -8.80 70.85 12.03
CA LEU C 113 -9.42 69.69 12.65
C LEU C 113 -8.45 69.09 13.67
N THR C 114 -8.95 68.14 14.45
CA THR C 114 -8.22 67.54 15.54
C THR C 114 -8.23 66.03 15.38
N TRP C 115 -7.17 65.38 15.82
CA TRP C 115 -7.07 63.92 15.71
C TRP C 115 -8.15 63.24 16.53
N VAL C 116 -8.54 62.04 16.09
CA VAL C 116 -9.66 61.31 16.66
C VAL C 116 -9.12 60.28 17.64
N ASP C 117 -9.63 60.31 18.87
CA ASP C 117 -9.32 59.28 19.84
C ASP C 117 -10.15 58.04 19.57
N SER C 118 -9.55 56.86 19.74
CA SER C 118 -10.21 55.61 19.45
C SER C 118 -10.76 54.91 20.69
N ASN C 119 -10.16 55.14 21.86
CA ASN C 119 -10.56 54.43 23.07
C ASN C 119 -11.92 54.88 23.58
N LEU C 120 -12.37 56.08 23.23
CA LEU C 120 -13.69 56.52 23.62
C LEU C 120 -14.77 55.73 22.89
N PRO C 121 -15.96 55.59 23.48
CA PRO C 121 -17.02 54.84 22.80
C PRO C 121 -17.50 55.55 21.54
N ASP C 122 -18.22 54.78 20.72
CA ASP C 122 -18.65 55.27 19.41
C ASP C 122 -19.61 56.45 19.53
N ASP C 123 -20.36 56.52 20.61
CA ASP C 123 -21.29 57.63 20.81
C ASP C 123 -20.62 58.89 21.32
N GLU C 124 -19.34 58.83 21.68
CA GLU C 124 -18.59 60.00 22.14
C GLU C 124 -17.32 60.26 21.35
N LYS C 125 -16.91 59.32 20.49
CA LYS C 125 -15.66 59.49 19.74
C LYS C 125 -15.75 60.66 18.77
N PHE C 126 -16.87 60.79 18.07
CA PHE C 126 -17.04 61.81 17.05
C PHE C 126 -17.59 63.08 17.68
N THR C 127 -16.92 64.20 17.45
CA THR C 127 -17.35 65.50 17.93
C THR C 127 -17.36 66.47 16.75
N ASP C 128 -17.53 67.76 17.05
CA ASP C 128 -17.49 68.77 16.01
C ASP C 128 -16.08 69.28 15.71
N GLU C 129 -15.09 68.90 16.51
CA GLU C 129 -13.72 69.32 16.29
C GLU C 129 -12.93 68.38 15.39
N ASN C 130 -13.49 67.22 15.03
CA ASN C 130 -12.70 66.22 14.34
C ASN C 130 -13.36 65.57 13.13
N THR C 131 -14.66 65.69 12.95
CA THR C 131 -15.35 65.02 11.86
C THR C 131 -16.00 66.04 10.93
N ILE C 132 -16.06 65.68 9.65
CA ILE C 132 -16.82 66.42 8.65
C ILE C 132 -17.85 65.48 8.06
N VAL C 133 -19.10 65.89 8.04
CA VAL C 133 -20.18 65.04 7.59
C VAL C 133 -20.52 65.40 6.15
N LEU C 134 -20.48 64.40 5.28
CA LEU C 134 -20.91 64.54 3.89
C LEU C 134 -22.19 63.74 3.68
N SER C 135 -23.10 64.30 2.89
CA SER C 135 -24.37 63.67 2.60
C SER C 135 -24.50 63.46 1.10
N LEU C 136 -24.81 62.23 0.69
CA LEU C 136 -25.11 61.92 -0.69
C LEU C 136 -26.51 61.36 -0.74
N ASN C 137 -27.34 61.90 -1.64
CA ASN C 137 -28.73 61.47 -1.75
C ASN C 137 -29.14 61.65 -3.20
N VAL C 138 -29.07 60.58 -3.97
CA VAL C 138 -29.38 60.61 -5.40
C VAL C 138 -30.39 59.52 -5.70
N LYS C 139 -31.51 59.91 -6.29
CA LYS C 139 -32.54 58.97 -6.73
C LYS C 139 -32.71 59.11 -8.24
N CYS C 140 -32.60 58.00 -8.95
CA CYS C 140 -32.74 58.00 -10.39
C CYS C 140 -34.19 57.78 -10.79
N THR C 141 -34.53 58.29 -11.99
CA THR C 141 -35.89 58.17 -12.49
C THR C 141 -35.85 58.25 -14.01
N ARG C 142 -36.85 57.64 -14.65
CA ARG C 142 -36.94 57.67 -16.10
C ARG C 142 -37.33 59.06 -16.58
N ASN C 143 -36.54 59.61 -17.49
CA ASN C 143 -36.83 60.93 -18.04
C ASN C 143 -37.91 60.80 -19.10
N PRO C 144 -39.07 61.44 -18.93
CA PRO C 144 -40.16 61.23 -19.91
C PRO C 144 -39.91 61.91 -21.24
N ASP C 145 -39.40 63.14 -21.24
CA ASP C 145 -39.23 63.90 -22.48
C ASP C 145 -37.80 63.76 -22.99
N ALA C 146 -37.54 62.61 -23.60
CA ALA C 146 -36.26 62.30 -24.20
C ALA C 146 -36.39 62.14 -25.71
N PRO C 147 -35.37 62.53 -26.47
CA PRO C 147 -35.41 62.31 -27.93
C PRO C 147 -35.39 60.82 -28.25
N LYS C 148 -36.30 60.40 -29.11
CA LYS C 148 -36.49 58.98 -29.39
C LYS C 148 -35.39 58.41 -30.27
N GLY C 149 -34.67 59.24 -31.02
CA GLY C 149 -33.64 58.76 -31.91
C GLY C 149 -32.27 58.55 -31.28
N SER C 150 -32.15 58.72 -29.97
CA SER C 150 -30.87 58.61 -29.29
C SER C 150 -30.99 57.65 -28.12
N THR C 151 -29.85 57.06 -27.75
CA THR C 151 -29.77 56.11 -26.65
C THR C 151 -28.69 56.52 -25.65
N ASP C 152 -28.40 57.82 -25.57
CA ASP C 152 -27.38 58.30 -24.65
C ASP C 152 -27.88 58.16 -23.22
N PRO C 153 -27.11 57.52 -22.33
CA PRO C 153 -27.55 57.41 -20.93
C PRO C 153 -27.71 58.75 -20.22
N LYS C 154 -27.01 59.79 -20.67
CA LYS C 154 -27.20 61.11 -20.10
C LYS C 154 -28.56 61.71 -20.44
N GLU C 155 -29.21 61.24 -21.49
CA GLU C 155 -30.47 61.80 -21.94
C GLU C 155 -31.67 60.93 -21.59
N LEU C 156 -31.50 59.61 -21.53
CA LEU C 156 -32.61 58.72 -21.23
C LEU C 156 -33.09 58.87 -19.79
N TYR C 157 -32.19 59.23 -18.88
CA TYR C 157 -32.50 59.29 -17.46
C TYR C 157 -32.09 60.65 -16.91
N ASN C 158 -32.38 60.87 -15.63
CA ASN C 158 -32.13 62.16 -15.01
C ASN C 158 -30.91 62.17 -14.11
N ASN C 159 -30.60 61.05 -13.44
CA ASN C 159 -29.46 60.98 -12.54
C ASN C 159 -28.68 59.70 -12.80
N ALA C 160 -28.38 59.43 -14.07
CA ALA C 160 -27.71 58.20 -14.45
C ALA C 160 -26.31 58.11 -13.87
N HIS C 161 -25.58 59.22 -13.90
CA HIS C 161 -24.20 59.25 -13.41
C HIS C 161 -24.16 59.98 -12.08
N VAL C 162 -23.93 59.24 -11.00
CA VAL C 162 -23.76 59.82 -9.67
C VAL C 162 -22.30 60.25 -9.56
N TYR C 163 -22.05 61.55 -9.63
CA TYR C 163 -20.71 62.12 -9.60
C TYR C 163 -20.25 62.33 -8.17
N ALA C 164 -19.07 62.92 -8.02
CA ALA C 164 -18.52 63.17 -6.70
C ALA C 164 -19.00 64.50 -6.11
N ARG C 165 -19.39 65.46 -6.95
CA ARG C 165 -19.89 66.73 -6.45
C ARG C 165 -21.24 66.62 -5.79
N ASP C 166 -21.91 65.48 -5.91
CA ASP C 166 -23.17 65.25 -5.19
C ASP C 166 -22.96 65.06 -3.70
N LEU C 167 -21.72 64.90 -3.24
CA LEU C 167 -21.43 64.79 -1.82
C LEU C 167 -21.49 66.18 -1.20
N LYS C 168 -22.69 66.56 -0.78
CA LYS C 168 -22.87 67.85 -0.13
C LYS C 168 -22.28 67.81 1.27
N PHE C 169 -21.99 69.00 1.81
CA PHE C 169 -21.39 69.13 3.13
C PHE C 169 -22.46 69.55 4.13
N GLU C 170 -22.58 68.79 5.22
CA GLU C 170 -23.59 69.06 6.24
C GLU C 170 -22.88 69.53 7.51
N PRO C 171 -22.93 70.83 7.83
CA PRO C 171 -22.24 71.32 9.04
C PRO C 171 -22.88 70.77 10.31
N GLN C 172 -22.05 70.62 11.34
CA GLN C 172 -22.49 70.14 12.64
C GLN C 172 -21.92 71.06 13.72
N GLY C 173 -22.78 71.87 14.33
CA GLY C 173 -22.33 72.74 15.40
C GLY C 173 -21.48 73.89 14.89
N ARG C 174 -20.35 74.10 15.58
CA ARG C 174 -19.53 75.28 15.34
C ARG C 174 -18.89 75.28 13.96
N GLN C 175 -18.94 74.16 13.24
CA GLN C 175 -18.48 74.13 11.85
C GLN C 175 -19.29 75.07 10.97
N SER C 176 -20.51 75.42 11.39
CA SER C 176 -21.29 76.41 10.67
C SER C 176 -20.65 77.79 10.68
N THR C 177 -19.74 78.05 11.63
CA THR C 177 -19.07 79.33 11.73
C THR C 177 -17.67 79.31 11.13
N THR C 178 -16.85 78.33 11.49
CA THR C 178 -15.45 78.31 11.07
C THR C 178 -15.26 77.89 9.62
N PHE C 179 -16.28 77.30 8.99
CA PHE C 179 -16.22 76.91 7.58
C PHE C 179 -17.04 77.84 6.70
N ALA C 180 -17.04 79.14 6.99
CA ALA C 180 -17.87 80.08 6.24
C ALA C 180 -17.34 80.29 4.84
N ASP C 181 -16.12 80.80 4.71
CA ASP C 181 -15.53 81.11 3.42
C ASP C 181 -14.80 79.92 2.80
N CYS C 182 -14.72 78.80 3.50
CA CYS C 182 -14.05 77.60 3.00
C CYS C 182 -14.95 76.39 3.16
N PRO C 183 -15.97 76.26 2.31
CA PRO C 183 -16.85 75.09 2.41
C PRO C 183 -16.14 73.83 1.94
N VAL C 184 -16.62 72.70 2.46
CA VAL C 184 -16.06 71.40 2.10
C VAL C 184 -16.53 71.03 0.70
N VAL C 185 -15.59 70.62 -0.14
CA VAL C 185 -15.88 70.26 -1.53
C VAL C 185 -14.86 69.22 -1.97
N PRO C 186 -15.25 68.22 -2.76
CA PRO C 186 -14.25 67.32 -3.35
C PRO C 186 -13.28 68.09 -4.22
N ALA C 187 -12.01 67.68 -4.18
CA ALA C 187 -10.98 68.36 -4.95
C ALA C 187 -11.24 68.22 -6.44
N ASP C 188 -11.61 67.02 -6.89
CA ASP C 188 -12.04 66.81 -8.27
C ASP C 188 -13.52 66.46 -8.26
N PRO C 189 -14.40 67.39 -8.68
CA PRO C 189 -15.85 67.12 -8.60
C PRO C 189 -16.37 66.19 -9.67
N ASP C 190 -15.55 65.81 -10.65
CA ASP C 190 -16.01 65.01 -11.78
C ASP C 190 -15.74 63.52 -11.61
N ILE C 191 -15.37 63.09 -10.40
CA ILE C 191 -15.14 61.67 -10.16
C ILE C 191 -16.46 60.92 -10.26
N LEU C 192 -16.48 59.86 -11.06
CA LEU C 192 -17.69 59.09 -11.31
C LEU C 192 -17.86 58.09 -10.18
N LEU C 193 -18.68 58.43 -9.18
CA LEU C 193 -18.86 57.55 -8.05
C LEU C 193 -19.70 56.32 -8.42
N ALA C 194 -20.80 56.52 -9.15
CA ALA C 194 -21.68 55.39 -9.40
C ALA C 194 -22.47 55.63 -10.68
N LYS C 195 -23.10 54.57 -11.17
CA LYS C 195 -24.01 54.63 -12.31
C LYS C 195 -25.34 54.02 -11.91
N LEU C 196 -26.43 54.63 -12.38
CA LEU C 196 -27.77 54.26 -11.93
C LEU C 196 -28.69 54.03 -13.11
N ARG C 197 -29.81 53.40 -12.82
CA ARG C 197 -30.92 53.15 -13.73
C ARG C 197 -32.20 53.42 -12.96
N PRO C 198 -33.31 53.69 -13.64
CA PRO C 198 -34.54 54.07 -12.93
C PRO C 198 -35.00 53.01 -11.93
N GLY C 199 -35.48 53.49 -10.79
CA GLY C 199 -35.86 52.62 -9.70
C GLY C 199 -34.79 52.42 -8.64
N GLN C 200 -33.62 53.03 -8.79
CA GLN C 200 -32.51 52.85 -7.88
C GLN C 200 -32.19 54.15 -7.16
N GLU C 201 -31.69 54.02 -5.94
CA GLU C 201 -31.44 55.17 -5.07
C GLU C 201 -30.21 54.90 -4.22
N ILE C 202 -29.42 55.94 -3.97
CA ILE C 202 -28.26 55.87 -3.09
C ILE C 202 -28.35 57.02 -2.10
N SER C 203 -28.38 56.70 -0.81
CA SER C 203 -28.38 57.72 0.24
C SER C 203 -27.43 57.28 1.34
N LEU C 204 -26.59 58.20 1.79
CA LEU C 204 -25.52 57.84 2.72
C LEU C 204 -24.95 59.08 3.37
N LYS C 205 -24.42 58.89 4.57
CA LYS C 205 -23.70 59.92 5.32
C LYS C 205 -22.29 59.42 5.60
N ALA C 206 -21.30 60.22 5.23
CA ALA C 206 -19.90 59.87 5.40
C ALA C 206 -19.30 60.73 6.50
N HIS C 207 -18.78 60.08 7.53
CA HIS C 207 -18.00 60.74 8.56
C HIS C 207 -16.54 60.76 8.13
N CYS C 208 -15.96 61.96 8.11
CA CYS C 208 -14.63 62.21 7.56
C CYS C 208 -13.72 62.63 8.69
N ILE C 209 -12.62 61.89 8.87
CA ILE C 209 -11.61 62.22 9.88
C ILE C 209 -10.28 62.38 9.15
N LEU C 210 -9.21 62.64 9.89
CA LEU C 210 -7.89 62.81 9.29
C LEU C 210 -6.95 61.74 9.82
N GLY C 211 -6.16 61.16 8.92
CA GLY C 211 -5.19 60.14 9.27
C GLY C 211 -3.93 60.30 8.44
N ILE C 212 -2.98 59.41 8.69
CA ILE C 212 -1.70 59.45 8.00
C ILE C 212 -1.72 58.43 6.87
N GLY C 213 -0.77 58.58 5.94
CA GLY C 213 -0.74 57.70 4.79
C GLY C 213 -0.28 56.30 5.11
N GLY C 214 0.41 56.12 6.24
CA GLY C 214 0.83 54.80 6.63
C GLY C 214 -0.32 53.89 6.99
N ASP C 215 -1.37 54.45 7.61
CA ASP C 215 -2.54 53.67 7.95
C ASP C 215 -3.30 53.24 6.71
N HIS C 216 -3.50 54.17 5.76
CA HIS C 216 -4.20 53.86 4.53
C HIS C 216 -3.73 54.81 3.45
N ALA C 217 -3.82 54.37 2.19
CA ALA C 217 -3.34 55.18 1.09
C ALA C 217 -4.26 56.34 0.76
N LYS C 218 -5.50 56.31 1.27
CA LYS C 218 -6.43 57.40 0.98
C LYS C 218 -6.07 58.68 1.74
N PHE C 219 -5.23 58.57 2.77
CA PHE C 219 -4.85 59.73 3.57
C PHE C 219 -3.61 60.44 3.06
N SER C 220 -2.95 59.91 2.04
CA SER C 220 -1.74 60.54 1.53
C SER C 220 -2.10 61.84 0.82
N PRO C 221 -1.54 62.98 1.23
CA PRO C 221 -1.94 64.26 0.64
C PRO C 221 -1.29 64.54 -0.71
N VAL C 222 -0.32 63.74 -1.14
CA VAL C 222 0.34 63.92 -2.41
C VAL C 222 -0.12 62.82 -3.37
N SER C 223 -0.53 63.23 -4.57
CA SER C 223 -0.68 62.27 -5.65
C SER C 223 0.67 61.72 -6.08
N THR C 224 1.70 62.54 -6.05
CA THR C 224 3.04 62.10 -6.40
C THR C 224 4.04 62.93 -5.62
N ALA C 225 5.06 62.27 -5.06
CA ALA C 225 6.13 62.98 -4.37
C ALA C 225 7.41 62.17 -4.58
N SER C 226 8.24 62.63 -5.51
CA SER C 226 9.43 61.88 -5.87
C SER C 226 10.48 62.83 -6.40
N TYR C 227 11.74 62.41 -6.31
CA TYR C 227 12.87 63.22 -6.72
C TYR C 227 13.71 62.43 -7.73
N ARG C 228 14.45 63.18 -8.54
CA ARG C 228 15.40 62.57 -9.46
C ARG C 228 16.69 63.37 -9.41
N LEU C 229 17.82 62.67 -9.51
CA LEU C 229 19.10 63.35 -9.57
C LEU C 229 19.25 64.08 -10.90
N LEU C 230 19.89 65.24 -10.86
CA LEU C 230 20.10 66.01 -12.08
C LEU C 230 21.10 65.31 -12.97
N PRO C 231 20.74 64.98 -14.20
CA PRO C 231 21.69 64.29 -15.09
C PRO C 231 22.81 65.21 -15.54
N GLN C 232 23.86 64.60 -16.07
CA GLN C 232 25.04 65.32 -16.52
C GLN C 232 25.70 64.52 -17.62
N ILE C 233 25.99 65.18 -18.73
CA ILE C 233 26.56 64.54 -19.91
C ILE C 233 27.92 65.17 -20.18
N ASN C 234 28.95 64.34 -20.27
CA ASN C 234 30.31 64.81 -20.50
C ASN C 234 30.75 64.35 -21.89
N ILE C 235 30.93 65.31 -22.80
CA ILE C 235 31.42 65.02 -24.14
C ILE C 235 32.93 65.23 -24.13
N LEU C 236 33.68 64.13 -24.20
CA LEU C 236 35.13 64.21 -24.05
C LEU C 236 35.79 64.64 -25.35
N GLN C 237 35.65 63.82 -26.39
CA GLN C 237 36.17 64.18 -27.71
C GLN C 237 35.06 64.81 -28.52
N PRO C 238 35.26 66.01 -29.09
CA PRO C 238 34.19 66.66 -29.85
C PRO C 238 33.76 65.81 -31.05
N ILE C 239 32.46 65.81 -31.29
CA ILE C 239 31.85 64.96 -32.31
C ILE C 239 31.41 65.85 -33.46
N LYS C 240 31.85 65.51 -34.68
CA LYS C 240 31.66 66.36 -35.84
C LYS C 240 30.79 65.67 -36.88
N GLY C 241 30.04 66.47 -37.62
CA GLY C 241 29.39 66.00 -38.83
C GLY C 241 28.18 65.12 -38.59
N GLU C 242 27.96 64.20 -39.54
CA GLU C 242 26.72 63.44 -39.62
C GLU C 242 26.47 62.61 -38.37
N SER C 243 27.53 61.99 -37.83
CA SER C 243 27.39 61.18 -36.62
C SER C 243 26.86 62.00 -35.46
N ALA C 244 27.20 63.29 -35.41
CA ALA C 244 26.69 64.16 -34.37
C ALA C 244 25.17 64.21 -34.39
N ARG C 245 24.58 64.24 -35.59
CA ARG C 245 23.13 64.16 -35.70
C ARG C 245 22.60 62.85 -35.14
N ARG C 246 23.29 61.74 -35.41
CA ARG C 246 22.95 60.48 -34.77
C ARG C 246 23.07 60.61 -33.25
N PHE C 247 24.09 61.33 -32.79
CA PHE C 247 24.22 61.64 -31.37
C PHE C 247 22.99 62.41 -30.89
N GLN C 248 22.53 63.38 -31.69
CA GLN C 248 21.32 64.11 -31.35
C GLN C 248 20.11 63.19 -31.31
N LYS C 249 20.14 62.11 -32.10
CA LYS C 249 19.04 61.17 -32.08
C LYS C 249 19.09 60.24 -30.87
N CYS C 250 20.21 60.19 -30.16
CA CYS C 250 20.33 59.28 -29.03
C CYS C 250 19.73 59.83 -27.75
N PHE C 251 19.20 61.05 -27.78
CA PHE C 251 18.72 61.74 -26.60
C PHE C 251 17.36 62.37 -26.90
N PRO C 252 16.59 62.72 -25.88
CA PRO C 252 15.33 63.44 -26.09
C PRO C 252 15.56 64.75 -26.82
N PRO C 253 14.54 65.25 -27.54
CA PRO C 253 14.79 66.34 -28.52
C PRO C 253 15.38 67.61 -27.93
N GLY C 254 15.01 67.98 -26.71
CA GLY C 254 15.52 69.21 -26.14
C GLY C 254 16.84 69.11 -25.42
N VAL C 255 17.50 67.95 -25.46
CA VAL C 255 18.66 67.72 -24.61
C VAL C 255 19.94 68.28 -25.24
N ILE C 256 20.32 67.76 -26.40
CA ILE C 256 21.62 68.05 -27.00
C ILE C 256 21.40 68.69 -28.36
N GLY C 257 22.03 69.85 -28.58
CA GLY C 257 21.91 70.58 -29.81
C GLY C 257 23.21 70.57 -30.60
N ILE C 258 23.15 71.22 -31.76
CA ILE C 258 24.27 71.28 -32.70
C ILE C 258 24.63 72.74 -32.93
N ASP C 259 25.91 73.03 -32.97
CA ASP C 259 26.41 74.39 -33.19
C ASP C 259 26.65 74.58 -34.68
N GLU C 260 25.85 75.45 -35.30
CA GLU C 260 25.96 75.66 -36.74
C GLU C 260 27.27 76.32 -37.15
N GLY C 261 27.97 76.98 -36.21
CA GLY C 261 29.27 77.54 -36.52
C GLY C 261 30.38 76.52 -36.58
N SER C 262 30.15 75.32 -36.05
CA SER C 262 31.17 74.28 -36.07
C SER C 262 30.64 72.90 -36.47
N ASP C 263 29.32 72.72 -36.59
CA ASP C 263 28.71 71.42 -36.88
C ASP C 263 29.13 70.35 -35.87
N GLU C 264 29.15 70.73 -34.60
CA GLU C 264 29.51 69.82 -33.52
C GLU C 264 28.42 69.83 -32.45
N ALA C 265 28.34 68.74 -31.71
CA ALA C 265 27.29 68.57 -30.72
C ALA C 265 27.70 69.18 -29.39
N TYR C 266 26.74 69.85 -28.75
CA TYR C 266 26.93 70.39 -27.41
C TYR C 266 25.67 70.15 -26.60
N VAL C 267 25.83 70.12 -25.28
CA VAL C 267 24.74 69.81 -24.37
C VAL C 267 23.94 71.09 -24.17
N LYS C 268 22.80 71.18 -24.85
CA LYS C 268 21.93 72.35 -24.70
C LYS C 268 21.32 72.40 -23.30
N ASP C 269 20.81 71.27 -22.83
CA ASP C 269 20.25 71.18 -21.49
C ASP C 269 20.27 69.73 -21.05
N ALA C 270 20.53 69.52 -19.75
CA ALA C 270 20.55 68.18 -19.18
C ALA C 270 19.31 67.84 -18.37
N ARG C 271 18.57 68.85 -17.90
CA ARG C 271 17.41 68.59 -17.06
C ARG C 271 16.28 67.90 -17.81
N LYS C 272 16.25 68.02 -19.13
CA LYS C 272 15.23 67.37 -19.94
C LYS C 272 15.57 65.93 -20.28
N ASP C 273 16.70 65.44 -19.80
CA ASP C 273 17.21 64.12 -20.20
C ASP C 273 16.81 63.09 -19.16
N THR C 274 15.76 62.34 -19.44
CA THR C 274 15.56 61.07 -18.76
C THR C 274 16.66 60.13 -19.21
N VAL C 275 17.41 59.57 -18.26
CA VAL C 275 18.59 58.79 -18.61
C VAL C 275 18.14 57.50 -19.29
N SER C 276 18.33 57.45 -20.61
CA SER C 276 18.01 56.28 -21.40
C SER C 276 19.24 55.50 -21.81
N ARG C 277 20.43 56.09 -21.67
CA ARG C 277 21.74 55.56 -22.08
C ARG C 277 21.68 54.80 -23.39
N GLU C 278 20.92 55.32 -24.35
CA GLU C 278 20.92 54.77 -25.70
C GLU C 278 22.24 55.06 -26.40
N VAL C 279 22.93 56.14 -26.00
CA VAL C 279 24.20 56.49 -26.62
C VAL C 279 25.27 55.46 -26.29
N LEU C 280 25.08 54.69 -25.22
CA LEU C 280 26.05 53.66 -24.86
C LEU C 280 25.87 52.39 -25.68
N ARG C 281 24.81 52.29 -26.47
CA ARG C 281 24.62 51.10 -27.29
C ARG C 281 25.60 51.04 -28.44
N TYR C 282 25.96 52.19 -29.01
CA TYR C 282 26.75 52.25 -30.23
C TYR C 282 28.22 52.41 -29.89
N GLU C 283 29.06 51.64 -30.61
CA GLU C 283 30.50 51.70 -30.38
C GLU C 283 31.13 52.97 -30.91
N GLU C 284 30.49 53.65 -31.88
CA GLU C 284 31.04 54.85 -32.46
C GLU C 284 31.08 56.03 -31.50
N PHE C 285 30.39 55.94 -30.36
CA PHE C 285 30.45 56.96 -29.32
C PHE C 285 31.17 56.48 -28.07
N ALA C 286 31.66 55.25 -28.06
CA ALA C 286 32.38 54.73 -26.90
C ALA C 286 33.67 55.50 -26.70
N ASP C 287 33.99 55.79 -25.44
CA ASP C 287 35.15 56.58 -25.04
C ASP C 287 35.15 57.96 -25.67
N LYS C 288 33.98 58.50 -25.95
CA LYS C 288 33.79 59.86 -26.44
C LYS C 288 32.83 60.65 -25.59
N VAL C 289 31.77 60.02 -25.08
CA VAL C 289 30.79 60.66 -24.22
C VAL C 289 30.52 59.74 -23.05
N LYS C 290 30.36 60.33 -21.86
CA LYS C 290 30.02 59.56 -20.67
C LYS C 290 28.87 60.23 -19.95
N LEU C 291 28.16 59.43 -19.16
CA LEU C 291 26.92 59.85 -18.53
C LEU C 291 27.04 59.76 -17.02
N GLY C 292 26.38 60.68 -16.32
CA GLY C 292 26.40 60.62 -14.88
C GLY C 292 25.22 61.37 -14.31
N ARG C 293 25.12 61.32 -12.99
CA ARG C 293 24.12 62.08 -12.26
C ARG C 293 24.80 62.71 -11.05
N VAL C 294 24.31 63.88 -10.65
CA VAL C 294 24.89 64.58 -9.52
C VAL C 294 24.23 64.05 -8.24
N ARG C 295 25.04 63.47 -7.35
CA ARG C 295 24.52 62.76 -6.20
C ARG C 295 23.93 63.67 -5.13
N ASN C 296 24.14 64.98 -5.23
CA ASN C 296 23.61 65.93 -4.26
C ASN C 296 22.94 67.09 -4.97
N HIS C 297 22.10 66.77 -5.95
CA HIS C 297 21.32 67.75 -6.70
C HIS C 297 19.99 67.08 -7.04
N PHE C 298 18.99 67.31 -6.20
CA PHE C 298 17.73 66.60 -6.27
C PHE C 298 16.67 67.51 -6.86
N ILE C 299 16.02 67.05 -7.93
CA ILE C 299 14.87 67.75 -8.50
C ILE C 299 13.63 67.03 -7.98
N PHE C 300 12.89 67.69 -7.09
CA PHE C 300 11.64 67.14 -6.62
C PHE C 300 10.53 67.41 -7.64
N ASN C 301 9.44 66.67 -7.50
CA ASN C 301 8.25 66.93 -8.32
C ASN C 301 7.05 66.55 -7.47
N VAL C 302 6.48 67.53 -6.77
CA VAL C 302 5.42 67.29 -5.81
C VAL C 302 4.09 67.65 -6.46
N GLU C 303 3.31 66.64 -6.83
CA GLU C 303 1.96 66.82 -7.33
C GLU C 303 1.00 66.50 -6.21
N SER C 304 0.23 67.51 -5.79
CA SER C 304 -0.67 67.38 -4.65
C SER C 304 -1.97 66.70 -5.08
N ALA C 305 -2.75 66.30 -4.08
CA ALA C 305 -4.05 65.69 -4.29
C ALA C 305 -5.18 66.71 -4.26
N GLY C 306 -4.86 67.99 -4.13
CA GLY C 306 -5.85 69.04 -4.11
C GLY C 306 -6.14 69.60 -2.74
N ALA C 307 -5.78 68.87 -1.67
CA ALA C 307 -6.07 69.34 -0.33
C ALA C 307 -5.11 70.46 0.09
N MET C 308 -3.89 70.45 -0.43
CA MET C 308 -2.88 71.41 -0.02
C MET C 308 -2.16 71.96 -1.24
N THR C 309 -1.54 73.11 -1.06
CA THR C 309 -0.51 73.54 -1.98
C THR C 309 0.75 72.69 -1.77
N PRO C 310 1.48 72.38 -2.83
CA PRO C 310 2.63 71.46 -2.67
C PRO C 310 3.75 72.01 -1.80
N GLU C 311 4.00 73.33 -1.84
CA GLU C 311 5.01 73.90 -0.97
C GLU C 311 4.63 73.76 0.50
N GLU C 312 3.33 73.84 0.79
CA GLU C 312 2.85 73.57 2.14
C GLU C 312 3.15 72.14 2.55
N ILE C 313 3.01 71.19 1.62
CA ILE C 313 3.28 69.79 1.94
C ILE C 313 4.77 69.59 2.22
N PHE C 314 5.64 70.19 1.41
CA PHE C 314 7.08 70.04 1.65
C PHE C 314 7.48 70.68 2.98
N PHE C 315 6.93 71.86 3.28
CA PHE C 315 7.22 72.51 4.56
C PHE C 315 6.70 71.67 5.73
N LYS C 316 5.52 71.07 5.56
CA LYS C 316 4.98 70.20 6.61
C LYS C 316 5.87 69.00 6.82
N SER C 317 6.42 68.43 5.74
CA SER C 317 7.33 67.30 5.89
C SER C 317 8.60 67.69 6.63
N VAL C 318 9.16 68.86 6.30
CA VAL C 318 10.36 69.31 6.99
C VAL C 318 10.08 69.54 8.47
N ARG C 319 8.96 70.18 8.77
CA ARG C 319 8.59 70.43 10.16
C ARG C 319 8.31 69.14 10.92
N ILE C 320 7.73 68.13 10.25
CA ILE C 320 7.47 66.86 10.91
C ILE C 320 8.77 66.13 11.23
N LEU C 321 9.74 66.17 10.30
CA LEU C 321 11.04 65.56 10.60
C LEU C 321 11.73 66.28 11.76
N LYS C 322 11.66 67.61 11.78
CA LYS C 322 12.25 68.36 12.89
C LYS C 322 11.56 68.02 14.21
N ASN C 323 10.24 67.87 14.19
CA ASN C 323 9.51 67.53 15.42
C ASN C 323 9.85 66.12 15.88
N LYS C 324 10.05 65.20 14.95
CA LYS C 324 10.51 63.86 15.30
C LYS C 324 11.87 63.91 16.01
N ALA C 325 12.79 64.69 15.44
CA ALA C 325 14.12 64.81 16.05
C ALA C 325 14.03 65.44 17.43
N GLU C 326 13.21 66.48 17.58
CA GLU C 326 13.06 67.15 18.87
C GLU C 326 12.43 66.23 19.91
N TYR C 327 11.43 65.44 19.50
CA TYR C 327 10.80 64.52 20.43
C TYR C 327 11.78 63.44 20.90
N LEU C 328 12.57 62.90 19.99
CA LEU C 328 13.58 61.92 20.40
C LEU C 328 14.64 62.56 21.28
N LYS C 329 15.01 63.81 21.01
CA LYS C 329 16.01 64.47 21.84
C LYS C 329 15.50 64.71 23.26
N ASN C 330 14.24 65.14 23.39
CA ASN C 330 13.72 65.50 24.70
C ASN C 330 13.28 64.31 25.53
N CYS C 331 13.11 63.14 24.92
CA CYS C 331 12.69 61.96 25.68
C CYS C 331 13.83 61.44 26.55
N PRO C 332 13.51 60.91 27.73
CA PRO C 332 14.55 60.32 28.58
C PRO C 332 14.95 58.94 28.06
N ILE C 333 16.11 58.49 28.52
CA ILE C 333 16.66 57.20 28.16
C ILE C 333 16.60 56.29 29.38
N THR C 334 15.98 55.13 29.23
CA THR C 334 15.78 54.20 30.33
C THR C 334 16.33 52.83 29.97
N GLN C 335 16.65 52.05 31.00
CA GLN C 335 17.19 50.71 30.80
C GLN C 335 16.09 49.66 30.81
N MET D 1 2.66 -6.30 46.85
CA MET D 1 2.58 -6.79 48.21
C MET D 1 2.78 -8.30 48.26
N LYS D 2 3.63 -8.75 49.17
CA LYS D 2 3.92 -10.17 49.31
C LYS D 2 4.45 -10.40 50.73
N VAL D 3 3.68 -11.10 51.55
CA VAL D 3 4.07 -11.35 52.93
C VAL D 3 5.18 -12.39 52.93
N LEU D 4 6.39 -11.98 53.30
CA LEU D 4 7.51 -12.92 53.34
C LEU D 4 7.30 -13.96 54.44
N GLU D 5 6.81 -13.54 55.59
CA GLU D 5 6.51 -14.47 56.67
C GLU D 5 5.46 -13.83 57.58
N GLU D 6 4.56 -14.66 58.09
CA GLU D 6 3.50 -14.17 58.97
C GLU D 6 4.05 -13.64 60.28
N ARG D 7 5.11 -14.27 60.79
CA ARG D 7 5.68 -13.91 62.08
C ARG D 7 7.19 -13.83 61.97
N ASN D 8 7.74 -12.67 62.29
CA ASN D 8 9.19 -12.51 62.33
C ASN D 8 9.75 -12.57 63.74
N ALA D 9 8.99 -12.14 64.73
CA ALA D 9 9.39 -12.14 66.13
C ALA D 9 8.13 -11.91 66.96
N PHE D 10 8.32 -11.70 68.26
CA PHE D 10 7.25 -11.30 69.15
C PHE D 10 7.54 -9.91 69.70
N LEU D 11 6.48 -9.18 70.03
CA LEU D 11 6.59 -7.86 70.62
C LEU D 11 5.81 -7.82 71.92
N SER D 12 6.49 -7.54 73.03
CA SER D 12 5.80 -7.27 74.27
C SER D 12 5.09 -5.94 74.19
N ASP D 13 4.10 -5.74 75.06
CA ASP D 13 3.33 -4.51 75.02
C ASP D 13 4.16 -3.30 75.42
N TYR D 14 5.24 -3.50 76.20
CA TYR D 14 6.14 -2.39 76.47
C TYR D 14 6.78 -1.89 75.18
N GLU D 15 7.17 -2.81 74.29
CA GLU D 15 7.83 -2.42 73.05
C GLU D 15 6.90 -1.57 72.19
N VAL D 16 5.66 -2.02 72.00
CA VAL D 16 4.72 -1.28 71.16
C VAL D 16 4.33 0.04 71.84
N LEU D 17 4.21 0.03 73.18
CA LEU D 17 3.85 1.26 73.88
C LEU D 17 4.95 2.31 73.76
N LYS D 18 6.20 1.90 73.97
CA LYS D 18 7.32 2.81 73.84
C LYS D 18 7.49 3.30 72.42
N PHE D 19 7.35 2.40 71.43
CA PHE D 19 7.46 2.81 70.04
C PHE D 19 6.36 3.80 69.67
N LEU D 20 5.13 3.54 70.12
CA LEU D 20 4.03 4.44 69.80
C LEU D 20 4.19 5.79 70.48
N THR D 21 4.63 5.83 71.74
CA THR D 21 4.79 7.13 72.37
C THR D 21 5.99 7.90 71.81
N ASP D 22 7.01 7.19 71.33
CA ASP D 22 8.07 7.86 70.59
C ASP D 22 7.54 8.44 69.28
N LEU D 23 6.63 7.71 68.63
CA LEU D 23 5.99 8.26 67.44
C LEU D 23 5.17 9.51 67.75
N GLU D 24 4.45 9.49 68.87
CA GLU D 24 3.69 10.68 69.28
C GLU D 24 4.61 11.86 69.55
N LYS D 25 5.73 11.61 70.23
CA LYS D 25 6.68 12.68 70.55
C LYS D 25 7.33 13.23 69.30
N LYS D 26 7.71 12.36 68.34
CA LYS D 26 8.36 12.82 67.13
C LYS D 26 7.40 13.53 66.20
N HIS D 27 6.14 13.10 66.18
CA HIS D 27 5.14 13.69 65.28
C HIS D 27 4.32 14.77 65.96
N LEU D 28 4.61 15.09 67.22
CA LEU D 28 3.90 16.13 67.99
C LEU D 28 2.40 15.83 68.06
N TRP D 29 2.07 14.69 68.68
CA TRP D 29 0.70 14.23 68.79
C TRP D 29 0.23 13.98 70.21
N ASP D 30 1.11 14.06 71.20
CA ASP D 30 0.73 13.78 72.58
C ASP D 30 -0.20 14.85 73.11
N GLN D 31 -0.91 14.51 74.19
CA GLN D 31 -1.87 15.44 74.79
C GLN D 31 -1.18 16.71 75.26
N LYS D 32 0.08 16.59 75.72
CA LYS D 32 0.83 17.77 76.15
C LYS D 32 1.04 18.74 74.99
N SER D 33 1.47 18.23 73.84
CA SER D 33 1.79 19.11 72.71
C SER D 33 0.54 19.78 72.16
N LEU D 34 -0.55 19.01 71.97
CA LEU D 34 -1.77 19.59 71.43
C LEU D 34 -2.42 20.54 72.43
N ALA D 35 -2.36 20.21 73.72
CA ALA D 35 -2.92 21.10 74.74
C ALA D 35 -2.04 22.32 74.95
N ALA D 36 -0.78 22.29 74.53
CA ALA D 36 0.09 23.44 74.65
C ALA D 36 0.02 24.35 73.43
N LEU D 37 -0.19 23.79 72.24
CA LEU D 37 -0.19 24.60 71.01
C LEU D 37 -1.60 24.92 70.53
N LYS D 38 -2.41 23.89 70.25
CA LYS D 38 -3.74 24.14 69.71
C LYS D 38 -4.71 24.61 70.79
N LYS D 39 -4.57 24.10 72.01
CA LYS D 39 -5.45 24.44 73.12
C LYS D 39 -4.71 25.30 74.13
N SER D 40 -5.49 25.88 75.05
CA SER D 40 -5.02 26.61 76.23
C SER D 40 -4.32 27.92 75.89
N ARG D 41 -4.13 28.21 74.61
CA ARG D 41 -3.49 29.42 74.11
C ARG D 41 -3.57 29.39 72.58
N SER D 42 -3.32 30.54 71.97
CA SER D 42 -3.29 30.66 70.53
C SER D 42 -1.89 30.36 70.01
N LYS D 43 -1.83 29.70 68.85
CA LYS D 43 -0.55 29.36 68.25
C LYS D 43 0.13 30.61 67.70
N GLY D 44 1.41 30.79 68.04
CA GLY D 44 2.20 31.87 67.50
C GLY D 44 3.36 31.36 66.68
N LYS D 45 3.88 30.19 67.07
CA LYS D 45 4.96 29.58 66.30
C LYS D 45 4.46 28.95 65.01
N GLN D 46 3.18 28.57 64.97
CA GLN D 46 2.55 27.87 63.85
C GLN D 46 3.31 26.57 63.53
N ASN D 47 3.31 25.67 64.52
CA ASN D 47 4.06 24.42 64.44
C ASN D 47 3.08 23.31 64.03
N ARG D 48 2.82 23.25 62.73
CA ARG D 48 1.89 22.24 62.22
C ARG D 48 2.54 20.85 62.24
N PRO D 49 1.88 19.87 62.83
CA PRO D 49 2.45 18.52 62.92
C PRO D 49 2.08 17.67 61.71
N TYR D 50 2.61 16.45 61.71
CA TYR D 50 2.31 15.47 60.67
C TYR D 50 0.83 15.10 60.70
N ASN D 51 0.24 15.00 59.51
CA ASN D 51 -1.20 14.87 59.36
C ASN D 51 -1.50 13.51 58.76
N HIS D 52 -2.17 12.65 59.52
CA HIS D 52 -2.61 11.35 59.04
C HIS D 52 -3.78 10.86 59.88
N PRO D 53 -5.03 11.06 59.43
CA PRO D 53 -6.18 10.80 60.32
C PRO D 53 -6.36 9.34 60.70
N GLU D 54 -6.14 8.41 59.75
CA GLU D 54 -6.22 7.00 60.08
C GLU D 54 -5.17 6.61 61.10
N LEU D 55 -3.95 7.15 60.94
CA LEU D 55 -2.89 6.86 61.90
C LEU D 55 -3.19 7.50 63.25
N GLN D 56 -3.79 8.71 63.25
CA GLN D 56 -4.30 9.29 64.49
C GLN D 56 -5.22 8.33 65.20
N GLY D 57 -6.23 7.82 64.49
CA GLY D 57 -7.21 6.95 65.12
C GLY D 57 -6.58 5.68 65.68
N ILE D 58 -5.76 5.00 64.87
CA ILE D 58 -5.25 3.71 65.30
C ILE D 58 -4.23 3.88 66.44
N THR D 59 -3.32 4.85 66.33
CA THR D 59 -2.31 5.00 67.39
C THR D 59 -2.94 5.52 68.68
N ARG D 60 -3.89 6.45 68.57
CA ARG D 60 -4.57 6.97 69.75
C ARG D 60 -5.33 5.85 70.46
N ASN D 61 -6.04 5.03 69.69
CA ASN D 61 -6.81 3.92 70.27
C ASN D 61 -5.89 2.91 70.95
N VAL D 62 -4.77 2.56 70.30
CA VAL D 62 -3.90 1.54 70.87
C VAL D 62 -3.20 2.08 72.13
N VAL D 63 -2.77 3.34 72.11
CA VAL D 63 -2.10 3.86 73.29
C VAL D 63 -3.09 4.05 74.45
N ASN D 64 -4.35 4.34 74.15
CA ASN D 64 -5.35 4.40 75.21
C ASN D 64 -5.63 3.03 75.79
N TYR D 65 -5.73 2.01 74.92
CA TYR D 65 -6.02 0.66 75.42
C TYR D 65 -4.84 0.10 76.21
N LEU D 66 -3.61 0.41 75.82
CA LEU D 66 -2.46 -0.06 76.58
C LEU D 66 -2.17 0.78 77.80
N SER D 67 -2.67 2.03 77.86
CA SER D 67 -2.45 2.85 79.04
C SER D 67 -3.33 2.43 80.21
N ILE D 68 -4.57 2.04 79.92
CA ILE D 68 -5.51 1.70 80.98
C ILE D 68 -5.13 0.37 81.62
N ASN D 69 -5.50 0.20 82.89
CA ASN D 69 -5.24 -1.04 83.59
C ASN D 69 -6.01 -2.21 82.97
N LYS D 70 -5.47 -3.41 83.14
CA LYS D 70 -6.08 -4.60 82.59
C LYS D 70 -7.08 -5.17 83.59
N ASN D 71 -7.58 -6.38 83.32
CA ASN D 71 -8.61 -7.02 84.14
C ASN D 71 -7.95 -7.66 85.35
N PHE D 72 -7.56 -6.82 86.30
CA PHE D 72 -7.06 -7.31 87.58
C PHE D 72 -7.58 -6.53 88.77
N ILE D 73 -8.35 -5.47 88.57
CA ILE D 73 -8.89 -4.66 89.66
C ILE D 73 -10.12 -3.95 89.16
N ASN D 74 -11.08 -3.71 90.04
CA ASN D 74 -12.30 -2.99 89.70
C ASN D 74 -12.38 -1.63 90.38
N GLU D 91 -4.65 1.90 88.78
CA GLU D 91 -5.60 2.58 87.90
C GLU D 91 -5.10 2.58 86.47
N LYS D 92 -3.80 2.40 86.29
CA LYS D 92 -3.17 2.32 84.99
C LYS D 92 -2.55 0.94 84.81
N SER D 93 -2.02 0.69 83.60
CA SER D 93 -1.57 -0.65 83.25
C SER D 93 -0.35 -1.06 84.05
N GLY D 94 0.53 -0.12 84.39
CA GLY D 94 1.79 -0.42 85.03
C GLY D 94 2.90 -0.58 84.02
N ILE D 95 2.57 -1.07 82.83
CA ILE D 95 3.53 -1.07 81.72
C ILE D 95 3.94 0.35 81.37
N SER D 96 2.98 1.28 81.38
CA SER D 96 3.30 2.69 81.19
C SER D 96 4.03 3.29 82.38
N LYS D 97 4.12 2.58 83.50
CA LYS D 97 4.78 3.06 84.70
C LYS D 97 6.05 2.28 85.02
N MET D 98 6.71 1.74 83.99
CA MET D 98 7.90 0.91 84.19
C MET D 98 8.84 1.10 83.02
N SER D 99 10.14 1.00 83.29
CA SER D 99 11.18 1.39 82.35
C SER D 99 11.85 0.17 81.73
N ASP D 100 12.89 0.42 80.92
CA ASP D 100 13.59 -0.65 80.22
C ASP D 100 14.33 -1.56 81.19
N GLU D 101 14.99 -0.98 82.21
CA GLU D 101 15.74 -1.77 83.17
C GLU D 101 14.82 -2.65 83.99
N SER D 102 13.61 -2.16 84.30
CA SER D 102 12.62 -2.99 84.98
C SER D 102 12.20 -4.17 84.10
N PHE D 103 12.06 -3.95 82.80
CA PHE D 103 11.76 -5.05 81.88
C PHE D 103 12.89 -6.06 81.85
N ALA D 104 14.14 -5.60 81.80
CA ALA D 104 15.28 -6.50 81.83
C ALA D 104 15.29 -7.32 83.12
N GLU D 105 15.04 -6.67 84.24
CA GLU D 105 14.96 -7.36 85.53
C GLU D 105 13.86 -8.41 85.53
N LEU D 106 12.69 -8.06 84.98
CA LEU D 106 11.57 -8.97 84.97
C LEU D 106 11.85 -10.22 84.14
N MET D 107 12.48 -10.06 82.97
CA MET D 107 12.79 -11.24 82.17
C MET D 107 13.94 -12.05 82.77
N THR D 108 14.92 -11.40 83.41
CA THR D 108 15.93 -12.19 84.11
C THR D 108 15.31 -12.98 85.26
N LYS D 109 14.28 -12.42 85.91
CA LYS D 109 13.56 -13.17 86.92
C LYS D 109 12.78 -14.32 86.32
N LEU D 110 12.10 -14.09 85.20
CA LEU D 110 11.18 -15.07 84.65
C LEU D 110 11.86 -16.15 83.81
N ASN D 111 13.11 -15.94 83.40
CA ASN D 111 13.77 -16.91 82.53
C ASN D 111 14.01 -18.24 83.24
N SER D 112 14.44 -18.17 84.50
CA SER D 112 14.79 -19.39 85.25
C SER D 112 13.57 -20.19 85.66
N PHE D 113 12.37 -19.69 85.46
CA PHE D 113 11.15 -20.31 85.94
C PHE D 113 10.51 -21.12 84.82
N LYS D 114 9.80 -22.17 85.19
CA LYS D 114 9.29 -23.15 84.22
C LYS D 114 8.12 -22.53 83.45
N LEU D 115 8.47 -21.70 82.47
CA LEU D 115 7.49 -21.04 81.62
C LEU D 115 7.95 -21.08 80.17
N PHE D 116 6.99 -21.05 79.27
CA PHE D 116 7.27 -20.98 77.84
C PHE D 116 7.26 -19.53 77.37
N LYS D 117 7.66 -19.33 76.11
CA LYS D 117 7.74 -17.98 75.55
C LYS D 117 6.37 -17.33 75.49
N ALA D 118 5.34 -18.08 75.07
CA ALA D 118 4.00 -17.53 75.00
C ALA D 118 3.46 -17.17 76.39
N GLU D 119 3.72 -18.03 77.37
CA GLU D 119 3.26 -17.76 78.73
C GLU D 119 3.95 -16.54 79.33
N LYS D 120 5.27 -16.43 79.12
CA LYS D 120 5.99 -15.25 79.58
C LYS D 120 5.48 -13.99 78.90
N LEU D 121 5.20 -14.08 77.60
CA LEU D 121 4.61 -12.95 76.87
C LEU D 121 3.27 -12.54 77.47
N GLN D 122 2.42 -13.51 77.76
CA GLN D 122 1.09 -13.19 78.28
C GLN D 122 1.18 -12.56 79.67
N ILE D 123 2.07 -13.07 80.52
CA ILE D 123 2.13 -12.56 81.88
C ILE D 123 2.83 -11.20 81.92
N VAL D 124 3.72 -10.92 80.96
CA VAL D 124 4.29 -9.58 80.93
C VAL D 124 3.34 -8.61 80.24
N ASN D 125 2.47 -9.12 79.37
CA ASN D 125 1.51 -8.26 78.69
C ASN D 125 0.37 -7.85 79.62
N GLN D 126 -0.06 -8.76 80.49
CA GLN D 126 -1.22 -8.49 81.33
C GLN D 126 -0.86 -8.06 82.75
N LEU D 127 0.27 -8.56 83.29
CA LEU D 127 0.71 -8.31 84.66
C LEU D 127 -0.40 -8.64 85.66
N PRO D 128 -0.69 -9.92 85.89
CA PRO D 128 -1.82 -10.28 86.74
C PRO D 128 -1.61 -9.84 88.19
N ALA D 129 -2.69 -9.39 88.82
CA ALA D 129 -2.71 -9.13 90.25
C ALA D 129 -3.60 -10.11 90.98
N ASN D 130 -4.25 -11.02 90.28
CA ASN D 130 -5.20 -11.97 90.86
C ASN D 130 -4.71 -13.39 90.63
N MET D 131 -4.91 -14.23 91.65
CA MET D 131 -4.52 -15.64 91.59
C MET D 131 -5.24 -16.37 90.46
N VAL D 132 -6.55 -16.15 90.34
CA VAL D 132 -7.34 -16.84 89.33
C VAL D 132 -6.89 -16.42 87.92
N HIS D 133 -6.46 -15.16 87.78
CA HIS D 133 -5.90 -14.71 86.50
C HIS D 133 -4.63 -15.49 86.15
N LEU D 134 -3.76 -15.71 87.13
CA LEU D 134 -2.53 -16.45 86.88
C LEU D 134 -2.83 -17.88 86.47
N TYR D 135 -3.74 -18.55 87.18
CA TYR D 135 -4.13 -19.89 86.74
C TYR D 135 -4.87 -19.89 85.41
N SER D 136 -5.48 -18.76 85.03
CA SER D 136 -6.12 -18.69 83.73
C SER D 136 -5.09 -18.64 82.61
N ILE D 137 -4.01 -17.87 82.81
CA ILE D 137 -3.01 -17.73 81.76
C ILE D 137 -2.25 -19.04 81.53
N VAL D 138 -1.55 -19.51 82.56
CA VAL D 138 -0.78 -20.73 82.41
C VAL D 138 -1.72 -21.93 82.31
N GLU D 139 -1.24 -22.98 81.65
CA GLU D 139 -2.03 -24.17 81.37
C GLU D 139 -1.57 -25.31 82.26
N GLU D 140 -2.52 -25.88 83.02
CA GLU D 140 -2.26 -26.98 83.95
C GLU D 140 -1.15 -26.64 84.94
N CYS D 141 -1.41 -25.59 85.72
CA CYS D 141 -0.41 -25.11 86.67
C CYS D 141 -0.14 -26.13 87.77
N ASP D 142 -1.19 -26.80 88.24
CA ASP D 142 -1.02 -27.77 89.31
C ASP D 142 -0.24 -29.00 88.85
N ALA D 143 -0.24 -29.28 87.55
CA ALA D 143 0.52 -30.41 87.02
C ALA D 143 2.00 -30.08 86.81
N ARG D 144 2.40 -28.82 86.98
CA ARG D 144 3.78 -28.40 86.82
C ARG D 144 4.36 -27.73 88.06
N PHE D 145 3.54 -26.99 88.80
CA PHE D 145 4.03 -26.14 89.88
C PHE D 145 3.58 -26.64 91.25
N ASP D 146 4.13 -26.01 92.27
CA ASP D 146 3.67 -26.14 93.64
C ASP D 146 3.45 -24.74 94.23
N GLU D 147 2.75 -24.70 95.37
CA GLU D 147 2.10 -23.47 95.84
C GLU D 147 3.10 -22.33 96.04
N LYS D 148 4.33 -22.65 96.44
CA LYS D 148 5.33 -21.60 96.65
C LYS D 148 5.72 -20.94 95.35
N THR D 149 5.74 -21.68 94.24
CA THR D 149 6.01 -21.07 92.94
C THR D 149 4.91 -20.10 92.54
N ILE D 150 3.65 -20.46 92.77
CA ILE D 150 2.56 -19.52 92.49
C ILE D 150 2.69 -18.27 93.37
N GLU D 151 3.00 -18.46 94.65
CA GLU D 151 3.18 -17.32 95.54
C GLU D 151 4.28 -16.39 95.02
N GLU D 152 5.43 -16.97 94.65
CA GLU D 152 6.55 -16.13 94.22
C GLU D 152 6.27 -15.48 92.87
N MET D 153 5.48 -16.13 92.01
CA MET D 153 4.90 -15.45 90.86
C MET D 153 4.15 -14.19 91.30
N LEU D 154 3.32 -14.32 92.33
CA LEU D 154 2.54 -13.17 92.77
C LEU D 154 3.41 -12.01 93.26
N GLU D 155 4.46 -12.27 94.05
CA GLU D 155 5.22 -11.08 94.45
C GLU D 155 6.15 -10.57 93.34
N ILE D 156 6.63 -11.43 92.41
CA ILE D 156 7.49 -10.87 91.38
C ILE D 156 6.68 -10.06 90.38
N ILE D 157 5.44 -10.48 90.09
CA ILE D 157 4.60 -9.70 89.19
C ILE D 157 4.07 -8.45 89.90
N SER D 158 3.71 -8.58 91.18
CA SER D 158 3.14 -7.45 91.92
C SER D 158 4.17 -6.34 92.12
N GLY D 159 5.45 -6.67 92.09
CA GLY D 159 6.48 -5.64 92.15
C GLY D 159 6.71 -4.91 90.84
N TYR D 160 6.03 -5.32 89.77
CA TYR D 160 6.11 -4.69 88.44
C TYR D 160 7.53 -4.69 87.89
N ALA D 161 8.32 -5.70 88.27
CA ALA D 161 9.72 -5.77 87.84
C ALA D 161 10.21 -7.21 87.82
N MET E 1 37.75 -37.39 -32.02
CA MET E 1 38.36 -36.13 -32.44
C MET E 1 38.86 -35.35 -31.24
N ASP E 2 39.48 -34.19 -31.50
CA ASP E 2 40.02 -33.37 -30.42
C ASP E 2 38.90 -32.78 -29.56
N GLN E 3 37.78 -32.41 -30.19
CA GLN E 3 36.71 -31.75 -29.45
C GLN E 3 36.06 -32.70 -28.45
N GLU E 4 35.86 -33.96 -28.83
CA GLU E 4 35.22 -34.91 -27.95
C GLU E 4 36.15 -35.48 -26.89
N ASN E 5 37.47 -35.31 -27.06
CA ASN E 5 38.44 -35.98 -26.20
C ASN E 5 39.25 -35.01 -25.34
N GLU E 6 39.93 -34.04 -25.96
CA GLU E 6 40.86 -33.20 -25.22
C GLU E 6 40.11 -32.26 -24.27
N ARG E 7 38.96 -31.75 -24.69
CA ARG E 7 38.17 -30.89 -23.81
C ARG E 7 37.66 -31.67 -22.60
N ASN E 8 37.23 -32.91 -22.82
CA ASN E 8 36.81 -33.75 -21.70
C ASN E 8 37.97 -34.04 -20.76
N ILE E 9 39.16 -34.30 -21.31
CA ILE E 9 40.34 -34.54 -20.49
C ILE E 9 40.69 -33.31 -19.67
N SER E 10 40.64 -32.12 -20.29
CA SER E 10 40.95 -30.89 -19.57
C SER E 10 39.93 -30.62 -18.47
N ARG E 11 38.64 -30.84 -18.76
CA ARG E 11 37.61 -30.64 -17.74
C ARG E 11 37.81 -31.60 -16.57
N LEU E 12 38.12 -32.87 -16.86
CA LEU E 12 38.35 -33.83 -15.79
C LEU E 12 39.59 -33.46 -14.98
N TRP E 13 40.64 -32.96 -15.64
CA TRP E 13 41.85 -32.57 -14.94
C TRP E 13 41.58 -31.39 -14.01
N ARG E 14 40.84 -30.39 -14.48
CA ARG E 14 40.53 -29.24 -13.63
C ARG E 14 39.60 -29.65 -12.50
N ALA E 15 38.68 -30.58 -12.74
CA ALA E 15 37.84 -31.09 -11.67
C ALA E 15 38.67 -31.82 -10.62
N PHE E 16 39.67 -32.59 -11.06
CA PHE E 16 40.56 -33.26 -10.13
C PHE E 16 41.34 -32.25 -9.29
N ARG E 17 41.82 -31.18 -9.93
CA ARG E 17 42.55 -30.15 -9.20
C ARG E 17 41.65 -29.45 -8.18
N THR E 18 40.40 -29.18 -8.55
CA THR E 18 39.48 -28.53 -7.63
C THR E 18 39.13 -29.44 -6.45
N VAL E 19 38.96 -30.73 -6.72
CA VAL E 19 38.71 -31.69 -5.63
C VAL E 19 39.91 -31.77 -4.70
N LYS E 20 41.12 -31.73 -5.26
CA LYS E 20 42.32 -31.74 -4.42
C LYS E 20 42.38 -30.50 -3.54
N GLU E 21 42.06 -29.33 -4.11
CA GLU E 21 42.03 -28.10 -3.32
C GLU E 21 40.96 -28.17 -2.24
N MET E 22 39.80 -28.73 -2.58
CA MET E 22 38.71 -28.86 -1.62
C MET E 22 39.11 -29.75 -0.45
N VAL E 23 39.77 -30.87 -0.74
CA VAL E 23 40.18 -31.78 0.33
C VAL E 23 41.28 -31.15 1.17
N LYS E 24 42.19 -30.40 0.54
CA LYS E 24 43.23 -29.72 1.31
C LYS E 24 42.64 -28.65 2.22
N ASP E 25 41.62 -27.93 1.75
CA ASP E 25 41.05 -26.84 2.53
C ASP E 25 40.31 -27.34 3.76
N ARG E 26 39.78 -28.57 3.72
CA ARG E 26 39.10 -29.13 4.88
C ARG E 26 40.05 -29.47 6.01
N GLY E 27 41.36 -29.42 5.79
CA GLY E 27 42.34 -29.76 6.80
C GLY E 27 43.05 -31.07 6.56
N TYR E 28 42.70 -31.79 5.50
CA TYR E 28 43.35 -33.06 5.21
C TYR E 28 44.73 -32.84 4.60
N PHE E 29 45.55 -33.89 4.65
CA PHE E 29 46.96 -33.79 4.29
C PHE E 29 47.13 -34.00 2.79
N ILE E 30 47.37 -32.91 2.07
CA ILE E 30 47.71 -32.95 0.66
C ILE E 30 48.87 -31.99 0.44
N THR E 31 49.96 -32.48 -0.14
CA THR E 31 51.12 -31.63 -0.37
C THR E 31 50.87 -30.69 -1.54
N GLN E 32 51.68 -29.63 -1.61
CA GLN E 32 51.55 -28.66 -2.68
C GLN E 32 52.01 -29.21 -4.03
N GLU E 33 52.80 -30.28 -4.03
CA GLU E 33 53.26 -30.88 -5.27
C GLU E 33 52.21 -31.79 -5.91
N GLU E 34 51.19 -32.20 -5.16
CA GLU E 34 50.08 -32.95 -5.73
C GLU E 34 49.00 -32.05 -6.32
N VAL E 35 48.75 -30.89 -5.70
CA VAL E 35 47.71 -30.00 -6.18
C VAL E 35 48.14 -29.23 -7.42
N GLU E 36 49.45 -29.05 -7.62
CA GLU E 36 49.97 -28.35 -8.79
C GLU E 36 50.33 -29.32 -9.92
N LEU E 37 49.60 -30.42 -10.03
CA LEU E 37 49.85 -31.41 -11.07
C LEU E 37 49.54 -30.82 -12.43
N PRO E 38 50.50 -30.75 -13.35
CA PRO E 38 50.22 -30.16 -14.67
C PRO E 38 49.43 -31.12 -15.55
N LEU E 39 49.00 -30.60 -16.69
CA LEU E 39 48.16 -31.37 -17.61
C LEU E 39 48.91 -32.57 -18.18
N GLU E 40 50.20 -32.39 -18.48
CA GLU E 40 50.98 -33.46 -19.12
C GLU E 40 51.11 -34.68 -18.22
N ASP E 41 51.41 -34.45 -16.93
CA ASP E 41 51.53 -35.57 -16.00
C ASP E 41 50.19 -36.26 -15.80
N PHE E 42 49.11 -35.49 -15.76
CA PHE E 42 47.78 -36.09 -15.63
C PHE E 42 47.45 -36.96 -16.83
N LYS E 43 47.75 -36.48 -18.04
CA LYS E 43 47.51 -37.29 -19.23
C LYS E 43 48.41 -38.51 -19.26
N ALA E 44 49.62 -38.40 -18.72
CA ALA E 44 50.53 -39.52 -18.70
C ALA E 44 50.07 -40.61 -17.74
N LYS E 45 49.58 -40.21 -16.56
CA LYS E 45 49.31 -41.17 -15.50
C LYS E 45 47.85 -41.59 -15.40
N TYR E 46 46.93 -40.63 -15.36
CA TYR E 46 45.53 -40.94 -15.10
C TYR E 46 44.71 -41.16 -16.36
N CYS E 47 45.35 -41.16 -17.53
CA CYS E 47 44.63 -41.30 -18.80
C CYS E 47 45.11 -42.55 -19.53
N ASP E 48 44.20 -43.11 -20.34
CA ASP E 48 44.50 -44.31 -21.10
C ASP E 48 45.43 -43.97 -22.27
N SER E 49 46.00 -45.02 -22.88
CA SER E 49 46.92 -44.85 -23.99
C SER E 49 46.22 -44.21 -25.19
N MET E 50 44.99 -44.61 -25.47
CA MET E 50 44.24 -44.08 -26.59
C MET E 50 43.44 -42.83 -26.22
N GLY E 51 43.81 -42.15 -25.14
CA GLY E 51 43.20 -40.89 -24.77
C GLY E 51 41.93 -40.97 -23.95
N ARG E 52 41.42 -42.18 -23.69
CA ARG E 52 40.21 -42.31 -22.91
C ARG E 52 40.49 -41.98 -21.44
N PRO E 53 39.57 -41.28 -20.75
CA PRO E 53 39.76 -41.05 -19.32
C PRO E 53 39.22 -42.22 -18.50
N GLN E 54 40.04 -42.75 -17.62
CA GLN E 54 39.62 -43.77 -16.67
C GLN E 54 39.49 -43.12 -15.30
N ARG E 55 38.45 -43.50 -14.55
CA ARG E 55 38.13 -42.86 -13.29
C ARG E 55 38.24 -43.80 -12.10
N LYS E 56 38.25 -45.12 -12.34
CA LYS E 56 38.49 -46.07 -11.27
C LYS E 56 39.93 -46.02 -10.78
N MET E 57 40.85 -45.48 -11.57
CA MET E 57 42.22 -45.25 -11.16
C MET E 57 42.43 -43.86 -10.59
N MET E 58 41.36 -43.07 -10.47
CA MET E 58 41.46 -41.70 -9.99
C MET E 58 41.06 -41.53 -8.53
N SER E 59 40.20 -42.40 -8.01
CA SER E 59 39.74 -42.30 -6.63
C SER E 59 40.90 -42.46 -5.67
N PHE E 60 40.83 -41.75 -4.54
CA PHE E 60 41.93 -41.81 -3.59
C PHE E 60 41.43 -41.49 -2.18
N GLN E 61 42.26 -41.87 -1.21
CA GLN E 61 41.99 -41.68 0.21
C GLN E 61 42.77 -40.48 0.74
N ALA E 62 42.17 -39.80 1.71
CA ALA E 62 42.79 -38.64 2.34
C ALA E 62 42.71 -38.77 3.84
N ASN E 63 43.83 -38.49 4.51
CA ASN E 63 44.03 -38.59 5.95
C ASN E 63 44.20 -37.20 6.58
N PRO E 64 43.83 -37.04 7.85
CA PRO E 64 43.93 -35.72 8.48
C PRO E 64 45.37 -35.27 8.68
N THR E 65 45.56 -33.96 8.66
CA THR E 65 46.84 -33.35 9.01
C THR E 65 47.01 -33.39 10.53
N GLU E 66 48.27 -33.38 10.97
CA GLU E 66 48.55 -33.35 12.40
C GLU E 66 48.00 -32.10 13.05
N GLU E 67 48.11 -30.96 12.38
CA GLU E 67 47.55 -29.72 12.91
C GLU E 67 46.03 -29.80 13.01
N SER E 68 45.39 -30.39 11.98
CA SER E 68 43.94 -30.50 11.99
C SER E 68 43.46 -31.45 13.09
N ILE E 69 44.14 -32.58 13.25
CA ILE E 69 43.74 -33.53 14.28
C ILE E 69 44.09 -32.99 15.66
N SER E 70 45.02 -32.04 15.74
CA SER E 70 45.27 -31.37 17.02
C SER E 70 44.14 -30.40 17.34
N LYS E 71 43.75 -29.57 16.38
CA LYS E 71 42.70 -28.59 16.65
C LYS E 71 41.33 -29.26 16.73
N PHE E 72 41.02 -30.14 15.78
CA PHE E 72 39.74 -30.82 15.77
C PHE E 72 39.85 -32.12 16.55
N PRO E 73 38.99 -32.37 17.54
CA PRO E 73 39.08 -33.62 18.33
C PRO E 73 38.97 -34.88 17.49
N ASP E 74 37.88 -35.04 16.75
CA ASP E 74 37.67 -36.21 15.90
C ASP E 74 37.59 -35.81 14.43
N MET E 75 38.34 -36.52 13.61
CA MET E 75 38.33 -36.29 12.17
C MET E 75 38.95 -37.51 11.50
N GLY E 76 38.20 -38.14 10.60
CA GLY E 76 38.64 -39.38 9.98
C GLY E 76 39.20 -39.20 8.58
N SER E 77 39.17 -40.27 7.80
CA SER E 77 39.72 -40.29 6.45
C SER E 77 38.59 -40.31 5.43
N LEU E 78 38.75 -39.57 4.35
CA LEU E 78 37.76 -39.67 3.27
C LEU E 78 38.28 -40.57 2.16
N TRP E 79 37.35 -41.02 1.32
CA TRP E 79 37.65 -41.79 0.12
C TRP E 79 36.88 -41.13 -1.01
N VAL E 80 37.53 -40.21 -1.72
CA VAL E 80 36.87 -39.51 -2.81
C VAL E 80 36.95 -40.36 -4.08
N GLU E 81 35.82 -40.53 -4.74
CA GLU E 81 35.68 -41.45 -5.86
C GLU E 81 34.98 -40.76 -7.01
N PHE E 82 35.37 -41.12 -8.23
CA PHE E 82 34.75 -40.64 -9.45
C PHE E 82 34.09 -41.82 -10.14
N CYS E 83 32.78 -41.71 -10.38
CA CYS E 83 32.07 -42.80 -11.04
C CYS E 83 32.29 -42.76 -12.54
N ASP E 84 32.47 -43.94 -13.13
CA ASP E 84 32.67 -44.03 -14.58
C ASP E 84 31.38 -43.85 -15.36
N GLU E 85 30.25 -44.28 -14.80
CA GLU E 85 28.99 -44.18 -15.50
C GLU E 85 28.55 -42.72 -15.62
N PRO E 86 27.92 -42.36 -16.73
CA PRO E 86 27.46 -40.97 -16.91
C PRO E 86 26.23 -40.66 -16.08
N SER E 87 25.33 -41.64 -15.95
CA SER E 87 24.11 -41.50 -15.17
C SER E 87 24.13 -42.60 -14.11
N VAL E 88 24.41 -42.21 -12.86
CA VAL E 88 24.55 -43.19 -11.80
C VAL E 88 23.18 -43.74 -11.42
N GLY E 89 23.13 -45.06 -11.21
CA GLY E 89 21.91 -45.70 -10.76
C GLY E 89 21.91 -45.94 -9.26
N VAL E 90 20.81 -46.52 -8.77
CA VAL E 90 20.71 -46.86 -7.37
C VAL E 90 21.68 -47.98 -7.02
N LYS E 91 21.94 -48.89 -7.96
CA LYS E 91 22.83 -50.03 -7.70
C LYS E 91 24.25 -49.56 -7.42
N THR E 92 24.78 -48.64 -8.24
CA THR E 92 26.16 -48.21 -8.04
C THR E 92 26.29 -47.31 -6.82
N MET E 93 25.26 -46.53 -6.50
CA MET E 93 25.28 -45.73 -5.27
C MET E 93 25.25 -46.62 -4.04
N LYS E 94 24.44 -47.69 -4.07
CA LYS E 94 24.43 -48.66 -2.98
C LYS E 94 25.78 -49.35 -2.86
N THR E 95 26.41 -49.68 -4.00
CA THR E 95 27.75 -50.25 -3.97
C THR E 95 28.75 -49.30 -3.34
N PHE E 96 28.65 -48.01 -3.69
CA PHE E 96 29.57 -47.02 -3.13
C PHE E 96 29.40 -46.87 -1.63
N VAL E 97 28.15 -46.81 -1.16
CA VAL E 97 27.92 -46.62 0.27
C VAL E 97 28.30 -47.89 1.04
N ILE E 98 28.12 -49.06 0.42
CA ILE E 98 28.56 -50.31 1.04
C ILE E 98 30.08 -50.33 1.16
N HIS E 99 30.77 -49.86 0.12
CA HIS E 99 32.23 -49.74 0.15
C HIS E 99 32.68 -48.82 1.28
N ILE E 100 32.01 -47.67 1.41
CA ILE E 100 32.40 -46.69 2.43
C ILE E 100 32.18 -47.25 3.82
N GLN E 101 31.04 -47.90 4.04
CA GLN E 101 30.78 -48.51 5.34
C GLN E 101 31.76 -49.64 5.65
N GLU E 102 32.05 -50.48 4.65
CA GLU E 102 32.89 -51.64 4.87
C GLU E 102 34.33 -51.23 5.19
N LYS E 103 34.85 -50.21 4.50
CA LYS E 103 36.23 -49.83 4.73
C LYS E 103 36.41 -48.91 5.94
N ASN E 104 35.32 -48.59 6.65
CA ASN E 104 35.35 -47.82 7.90
C ASN E 104 35.98 -46.44 7.67
N PHE E 105 35.29 -45.65 6.85
CA PHE E 105 35.69 -44.28 6.57
C PHE E 105 34.68 -43.31 7.16
N GLN E 106 35.18 -42.19 7.69
CA GLN E 106 34.31 -41.24 8.36
C GLN E 106 33.48 -40.41 7.39
N THR E 107 33.96 -40.20 6.16
CA THR E 107 33.18 -39.47 5.18
C THR E 107 33.58 -39.93 3.79
N GLY E 108 32.70 -39.66 2.83
CA GLY E 108 32.96 -40.03 1.45
C GLY E 108 32.40 -39.02 0.47
N ILE E 109 33.09 -38.82 -0.64
CA ILE E 109 32.68 -37.86 -1.66
C ILE E 109 32.47 -38.62 -2.96
N PHE E 110 31.28 -38.48 -3.54
CA PHE E 110 30.91 -39.20 -4.76
C PHE E 110 30.73 -38.18 -5.88
N VAL E 111 31.74 -38.09 -6.75
CA VAL E 111 31.72 -37.15 -7.86
C VAL E 111 31.04 -37.83 -9.04
N TYR E 112 29.78 -37.47 -9.28
CA TYR E 112 29.06 -38.02 -10.41
C TYR E 112 29.32 -37.17 -11.66
N GLN E 113 28.79 -37.62 -12.79
CA GLN E 113 29.09 -37.01 -14.09
C GLN E 113 28.01 -36.07 -14.60
N ASN E 114 26.80 -36.57 -14.82
CA ASN E 114 25.78 -35.81 -15.52
C ASN E 114 24.56 -35.53 -14.65
N ASN E 115 23.93 -36.58 -14.13
CA ASN E 115 22.76 -36.39 -13.28
C ASN E 115 22.61 -37.63 -12.40
N ILE E 116 22.05 -37.41 -11.23
CA ILE E 116 21.78 -38.48 -10.26
C ILE E 116 20.29 -38.49 -9.96
N THR E 117 19.68 -39.66 -10.07
CA THR E 117 18.25 -39.79 -9.86
C THR E 117 17.90 -39.58 -8.38
N PRO E 118 16.71 -39.05 -8.10
CA PRO E 118 16.30 -38.91 -6.70
C PRO E 118 16.22 -40.23 -5.95
N SER E 119 15.98 -41.34 -6.66
CA SER E 119 16.04 -42.65 -6.01
C SER E 119 17.44 -42.98 -5.52
N ALA E 120 18.46 -42.35 -6.09
CA ALA E 120 19.81 -42.45 -5.57
C ALA E 120 20.16 -41.30 -4.63
N MET E 121 19.49 -40.15 -4.76
CA MET E 121 19.63 -39.09 -3.78
C MET E 121 19.14 -39.51 -2.41
N LYS E 122 18.06 -40.28 -2.34
CA LYS E 122 17.46 -40.61 -1.06
C LYS E 122 18.30 -41.62 -0.27
N LEU E 123 19.35 -42.18 -0.85
CA LEU E 123 20.10 -43.24 -0.19
C LEU E 123 21.47 -42.80 0.31
N VAL E 124 21.91 -41.57 0.04
CA VAL E 124 23.19 -41.10 0.60
C VAL E 124 23.17 -41.00 2.12
N PRO E 125 22.08 -40.50 2.81
CA PRO E 125 22.10 -40.67 4.27
C PRO E 125 21.63 -42.07 4.63
N SER E 126 22.56 -42.96 4.93
CA SER E 126 22.23 -44.31 5.37
C SER E 126 23.14 -44.82 6.47
N ILE E 127 24.24 -44.12 6.76
CA ILE E 127 25.30 -44.61 7.64
C ILE E 127 25.39 -43.66 8.81
N PRO E 128 25.27 -44.13 10.05
CA PRO E 128 25.27 -43.19 11.21
C PRO E 128 26.55 -42.39 11.46
N PRO E 129 27.78 -42.95 11.68
CA PRO E 129 28.88 -42.01 11.93
C PRO E 129 29.60 -41.54 10.67
N ALA E 130 29.02 -41.76 9.50
CA ALA E 130 29.63 -41.34 8.26
C ALA E 130 28.65 -40.55 7.41
N THR E 131 29.18 -39.70 6.53
CA THR E 131 28.37 -38.85 5.68
C THR E 131 28.89 -38.94 4.24
N ILE E 132 27.98 -38.72 3.30
CA ILE E 132 28.27 -38.81 1.87
C ILE E 132 27.88 -37.48 1.22
N GLU E 133 28.81 -36.92 0.45
CA GLU E 133 28.57 -35.68 -0.28
C GLU E 133 28.74 -35.93 -1.76
N THR E 134 27.83 -35.38 -2.57
CA THR E 134 27.84 -35.56 -4.01
C THR E 134 28.17 -34.23 -4.68
N PHE E 135 29.03 -34.29 -5.71
CA PHE E 135 29.46 -33.11 -6.44
C PHE E 135 29.35 -33.37 -7.94
N ASN E 136 28.76 -32.43 -8.65
CA ASN E 136 28.67 -32.52 -10.10
C ASN E 136 30.01 -32.08 -10.68
N GLU E 137 30.37 -32.66 -11.83
CA GLU E 137 31.63 -32.31 -12.47
C GLU E 137 31.65 -30.87 -12.92
N ALA E 138 30.55 -30.38 -13.50
CA ALA E 138 30.46 -28.99 -13.91
C ALA E 138 30.51 -28.05 -12.71
N ALA E 139 30.11 -28.53 -11.54
CA ALA E 139 30.24 -27.78 -10.30
C ALA E 139 31.65 -27.83 -9.75
N LEU E 140 32.58 -28.52 -10.42
CA LEU E 140 33.95 -28.64 -9.97
C LEU E 140 34.97 -28.17 -10.99
N VAL E 141 34.53 -27.57 -12.10
CA VAL E 141 35.48 -27.10 -13.10
C VAL E 141 36.29 -25.93 -12.56
N VAL E 142 35.61 -24.97 -11.91
CA VAL E 142 36.25 -23.78 -11.36
C VAL E 142 36.04 -23.78 -9.85
N ASN E 143 37.11 -23.51 -9.11
CA ASN E 143 37.01 -23.42 -7.66
C ASN E 143 36.29 -22.14 -7.28
N ILE E 144 35.28 -22.26 -6.41
CA ILE E 144 34.49 -21.10 -6.04
C ILE E 144 35.11 -20.26 -4.94
N THR E 145 36.02 -20.81 -4.16
CA THR E 145 36.67 -20.03 -3.10
C THR E 145 37.73 -19.11 -3.66
N HIS E 146 38.30 -19.42 -4.83
CA HIS E 146 39.25 -18.52 -5.47
C HIS E 146 38.57 -17.33 -6.13
N HIS E 147 37.25 -17.32 -6.22
CA HIS E 147 36.54 -16.19 -6.80
C HIS E 147 36.70 -14.95 -5.95
N GLU E 148 36.67 -13.78 -6.61
CA GLU E 148 36.86 -12.53 -5.89
C GLU E 148 35.68 -12.20 -5.00
N LEU E 149 34.46 -12.50 -5.45
CA LEU E 149 33.28 -12.15 -4.67
C LEU E 149 33.08 -13.03 -3.45
N VAL E 150 33.81 -14.13 -3.33
CA VAL E 150 33.68 -15.04 -2.19
C VAL E 150 34.85 -14.81 -1.26
N PRO E 151 34.65 -14.25 -0.08
CA PRO E 151 35.76 -14.04 0.85
C PRO E 151 36.10 -15.33 1.59
N LYS E 152 37.13 -15.24 2.43
CA LYS E 152 37.66 -16.43 3.08
C LYS E 152 36.73 -16.89 4.19
N HIS E 153 36.30 -18.15 4.10
CA HIS E 153 35.55 -18.84 5.13
C HIS E 153 36.49 -19.75 5.92
N ILE E 154 36.29 -19.79 7.24
CA ILE E 154 37.12 -20.63 8.11
C ILE E 154 36.20 -21.30 9.13
N ARG E 155 36.13 -22.61 9.11
CA ARG E 155 35.32 -23.32 10.08
C ARG E 155 35.94 -23.22 11.47
N LEU E 156 35.11 -23.35 12.50
CA LEU E 156 35.56 -23.26 13.88
C LEU E 156 35.16 -24.53 14.63
N SER E 157 36.04 -24.98 15.52
CA SER E 157 35.73 -26.16 16.32
C SER E 157 34.70 -25.83 17.38
N SER E 158 34.27 -26.86 18.11
CA SER E 158 33.25 -26.68 19.13
C SER E 158 33.74 -25.77 20.26
N ASP E 159 35.01 -25.93 20.66
CA ASP E 159 35.57 -25.03 21.65
C ASP E 159 35.64 -23.61 21.12
N GLU E 160 35.97 -23.45 19.84
CA GLU E 160 36.05 -22.13 19.23
C GLU E 160 34.68 -21.46 19.22
N LYS E 161 33.65 -22.21 18.84
CA LYS E 161 32.28 -21.72 18.87
C LYS E 161 31.86 -21.35 20.28
N ARG E 162 32.21 -22.19 21.26
CA ARG E 162 31.84 -21.89 22.65
C ARG E 162 32.51 -20.61 23.13
N GLU E 163 33.78 -20.40 22.75
CA GLU E 163 34.47 -19.17 23.14
C GLU E 163 33.81 -17.95 22.49
N LEU E 164 33.42 -18.06 21.23
CA LEU E 164 32.75 -16.95 20.56
C LEU E 164 31.41 -16.63 21.23
N LEU E 165 30.64 -17.68 21.54
CA LEU E 165 29.36 -17.50 22.20
C LEU E 165 29.52 -16.86 23.58
N LYS E 166 30.55 -17.28 24.31
CA LYS E 166 30.81 -16.68 25.63
C LYS E 166 31.23 -15.22 25.50
N ARG E 167 32.05 -14.90 24.51
CA ARG E 167 32.53 -13.52 24.35
C ARG E 167 31.38 -12.59 23.98
N TYR E 168 30.54 -12.99 23.02
CA TYR E 168 29.44 -12.12 22.62
C TYR E 168 28.19 -12.33 23.45
N ARG E 169 28.21 -13.30 24.38
CA ARG E 169 27.13 -13.52 25.34
C ARG E 169 25.79 -13.76 24.66
N LEU E 170 25.75 -14.76 23.78
CA LEU E 170 24.57 -15.04 22.99
C LEU E 170 24.43 -16.54 22.76
N LYS E 171 23.21 -16.97 22.46
CA LYS E 171 22.92 -18.36 22.18
C LYS E 171 23.07 -18.65 20.68
N GLU E 172 23.09 -19.94 20.36
CA GLU E 172 23.41 -20.37 19.00
C GLU E 172 22.42 -19.83 17.96
N SER E 173 21.17 -19.65 18.33
CA SER E 173 20.14 -19.26 17.37
C SER E 173 20.18 -17.78 17.01
N GLN E 174 21.04 -16.99 17.66
CA GLN E 174 21.09 -15.55 17.39
C GLN E 174 22.07 -15.19 16.29
N LEU E 175 23.01 -16.07 15.95
CA LEU E 175 23.95 -15.78 14.89
C LEU E 175 23.25 -15.77 13.53
N PRO E 176 23.79 -15.04 12.56
CA PRO E 176 23.21 -15.08 11.20
C PRO E 176 23.42 -16.44 10.58
N ARG E 177 22.33 -17.10 10.20
CA ARG E 177 22.39 -18.48 9.76
C ARG E 177 22.86 -18.57 8.31
N ILE E 178 23.46 -19.70 7.98
CA ILE E 178 23.82 -20.06 6.61
C ILE E 178 23.26 -21.45 6.32
N GLN E 179 22.61 -21.60 5.18
CA GLN E 179 22.03 -22.89 4.83
C GLN E 179 23.12 -23.88 4.46
N ARG E 180 22.92 -25.14 4.83
CA ARG E 180 23.68 -26.18 4.17
C ARG E 180 23.13 -26.38 2.77
N ALA E 181 23.91 -27.07 1.93
CA ALA E 181 23.80 -27.19 0.48
C ALA E 181 24.12 -25.87 -0.21
N ASP E 182 24.54 -24.85 0.54
CA ASP E 182 25.18 -23.70 -0.07
C ASP E 182 26.50 -24.13 -0.70
N PRO E 183 26.88 -23.55 -1.84
CA PRO E 183 28.13 -23.97 -2.49
C PRO E 183 29.37 -23.83 -1.64
N VAL E 184 29.49 -22.73 -0.88
CA VAL E 184 30.65 -22.57 -0.01
C VAL E 184 30.57 -23.53 1.17
N ALA E 185 29.37 -23.71 1.73
CA ALA E 185 29.20 -24.67 2.82
C ALA E 185 29.45 -26.09 2.34
N LEU E 186 29.03 -26.41 1.11
CA LEU E 186 29.35 -27.72 0.54
C LEU E 186 30.84 -27.87 0.33
N TYR E 187 31.52 -26.79 -0.06
CA TYR E 187 32.97 -26.81 -0.17
C TYR E 187 33.62 -27.15 1.16
N LEU E 188 33.15 -26.52 2.23
CA LEU E 188 33.75 -26.76 3.54
C LEU E 188 33.20 -28.00 4.24
N GLY E 189 32.05 -28.51 3.81
CA GLY E 189 31.44 -29.65 4.47
C GLY E 189 31.04 -29.35 5.89
N LEU E 190 30.05 -28.50 6.08
CA LEU E 190 29.63 -28.04 7.40
C LEU E 190 28.44 -28.84 7.90
N LYS E 191 28.50 -29.24 9.17
CA LYS E 191 27.40 -29.93 9.83
C LYS E 191 26.51 -28.94 10.56
N ARG E 192 25.40 -29.44 11.09
CA ARG E 192 24.47 -28.61 11.83
C ARG E 192 25.13 -28.07 13.09
N GLY E 193 24.98 -26.76 13.30
CA GLY E 193 25.54 -26.11 14.46
C GLY E 193 27.00 -25.72 14.34
N GLU E 194 27.64 -25.98 13.21
CA GLU E 194 29.05 -25.62 13.03
C GLU E 194 29.15 -24.18 12.56
N VAL E 195 30.06 -23.42 13.16
CA VAL E 195 30.15 -21.98 12.97
C VAL E 195 31.35 -21.66 12.10
N VAL E 196 31.13 -20.89 11.05
CA VAL E 196 32.17 -20.46 10.12
C VAL E 196 32.39 -18.96 10.28
N LYS E 197 33.65 -18.57 10.40
CA LYS E 197 34.05 -17.17 10.48
C LYS E 197 34.44 -16.69 9.09
N ILE E 198 33.89 -15.54 8.68
CA ILE E 198 34.08 -15.00 7.34
C ILE E 198 34.91 -13.74 7.45
N ILE E 199 35.93 -13.62 6.61
CA ILE E 199 36.75 -12.42 6.61
C ILE E 199 36.40 -11.57 5.40
N ARG E 200 35.54 -10.58 5.59
CA ARG E 200 35.15 -9.70 4.50
C ARG E 200 36.16 -8.59 4.32
N LYS E 201 36.30 -8.13 3.08
CA LYS E 201 37.22 -7.05 2.72
C LYS E 201 36.45 -6.00 1.95
N SER E 202 36.04 -4.94 2.65
CA SER E 202 35.40 -3.79 2.02
C SER E 202 36.44 -2.71 1.79
N GLU E 203 36.21 -1.92 0.74
CA GLU E 203 37.16 -0.86 0.40
C GLU E 203 37.16 0.24 1.46
N THR E 204 36.00 0.57 2.01
CA THR E 204 35.90 1.66 2.97
C THR E 204 36.54 1.31 4.30
N SER E 205 36.24 0.11 4.83
CA SER E 205 36.63 -0.23 6.19
C SER E 205 37.84 -1.15 6.28
N GLY E 206 38.23 -1.79 5.18
CA GLY E 206 39.33 -2.73 5.20
C GLY E 206 38.85 -4.15 5.44
N ARG E 207 39.56 -4.89 6.30
CA ARG E 207 39.19 -6.26 6.63
C ARG E 207 38.42 -6.29 7.93
N TYR E 208 37.29 -6.99 7.93
CA TYR E 208 36.55 -7.18 9.18
C TYR E 208 35.89 -8.56 9.15
N ALA E 209 35.65 -9.10 10.33
CA ALA E 209 35.22 -10.48 10.49
C ALA E 209 33.74 -10.53 10.86
N SER E 210 33.01 -11.39 10.17
CA SER E 210 31.63 -11.73 10.51
C SER E 210 31.57 -13.22 10.84
N TYR E 211 30.42 -13.66 11.32
CA TYR E 211 30.26 -15.05 11.71
C TYR E 211 28.93 -15.59 11.17
N ARG E 212 28.89 -16.90 10.95
CA ARG E 212 27.69 -17.54 10.46
C ARG E 212 27.60 -18.94 11.05
N ILE E 213 26.39 -19.46 11.14
CA ILE E 213 26.13 -20.77 11.73
C ILE E 213 25.34 -21.59 10.72
N CYS E 214 25.74 -22.85 10.53
CA CYS E 214 25.07 -23.71 9.56
C CYS E 214 23.67 -24.06 10.04
N MET E 215 22.74 -24.12 9.09
CA MET E 215 21.31 -24.37 9.35
C MET E 215 20.72 -23.41 10.36
N GLU F 71 22.47 -8.70 41.98
CA GLU F 71 21.84 -9.63 41.06
C GLU F 71 22.61 -9.72 39.75
N LYS F 72 22.08 -9.07 38.73
CA LYS F 72 22.73 -9.01 37.41
C LYS F 72 23.44 -7.69 37.18
N ALA F 73 23.60 -6.87 38.20
CA ALA F 73 24.25 -5.57 38.04
C ALA F 73 25.75 -5.74 37.88
N ILE F 74 26.28 -5.20 36.80
CA ILE F 74 27.74 -5.17 36.62
C ILE F 74 28.35 -4.23 37.65
N PRO F 75 29.44 -4.61 38.33
CA PRO F 75 30.04 -3.72 39.34
C PRO F 75 30.60 -2.43 38.75
N LYS F 76 31.01 -1.51 39.62
CA LYS F 76 31.40 -0.16 39.23
C LYS F 76 32.80 -0.08 38.63
N ASP F 77 33.41 -1.21 38.27
CA ASP F 77 34.71 -1.21 37.63
C ASP F 77 34.78 -2.04 36.36
N GLN F 78 33.96 -3.09 36.23
CA GLN F 78 33.93 -3.91 35.03
C GLN F 78 33.02 -3.35 33.95
N ARG F 79 32.70 -2.06 33.99
CA ARG F 79 31.82 -1.47 33.00
C ARG F 79 32.52 -1.37 31.65
N ALA F 80 31.89 -1.93 30.61
CA ALA F 80 32.47 -2.01 29.28
C ALA F 80 31.57 -1.33 28.26
N THR F 81 30.95 -0.22 28.64
CA THR F 81 30.12 0.58 27.76
C THR F 81 30.74 1.97 27.73
N THR F 82 30.50 2.71 26.64
CA THR F 82 31.15 4.00 26.44
C THR F 82 30.76 4.97 27.55
N PRO F 83 31.71 5.77 28.06
CA PRO F 83 31.38 6.73 29.12
C PRO F 83 30.72 8.00 28.61
N TYR F 84 30.57 8.15 27.29
CA TYR F 84 29.90 9.30 26.73
C TYR F 84 28.39 9.16 26.87
N MET F 85 27.71 10.30 26.89
CA MET F 85 26.28 10.36 27.08
C MET F 85 25.64 10.67 25.74
N THR F 86 24.89 9.71 25.21
CA THR F 86 24.33 9.83 23.87
C THR F 86 23.18 10.82 23.84
N LYS F 87 22.76 11.17 22.63
CA LYS F 87 21.70 12.17 22.45
C LYS F 87 20.36 11.68 22.99
N TYR F 88 20.07 10.38 22.82
CA TYR F 88 18.81 9.85 23.31
C TYR F 88 18.75 9.86 24.83
N GLU F 89 19.88 9.55 25.48
CA GLU F 89 19.92 9.64 26.93
C GLU F 89 19.72 11.08 27.40
N ARG F 90 20.30 12.03 26.68
CA ARG F 90 20.10 13.44 27.02
C ARG F 90 18.64 13.83 26.90
N ALA F 91 17.99 13.42 25.80
CA ALA F 91 16.59 13.75 25.60
C ALA F 91 15.71 13.14 26.68
N ARG F 92 15.96 11.88 27.03
CA ARG F 92 15.14 11.22 28.04
C ARG F 92 15.38 11.80 29.43
N ILE F 93 16.64 12.15 29.75
CA ILE F 93 16.94 12.74 31.04
C ILE F 93 16.27 14.09 31.19
N LEU F 94 16.36 14.93 30.15
CA LEU F 94 15.70 16.23 30.21
C LEU F 94 14.19 16.10 30.25
N GLY F 95 13.63 15.13 29.52
CA GLY F 95 12.19 14.92 29.58
C GLY F 95 11.70 14.51 30.96
N THR F 96 12.40 13.55 31.57
CA THR F 96 12.02 13.09 32.89
C THR F 96 12.19 14.19 33.93
N ARG F 97 13.29 14.95 33.85
CA ARG F 97 13.51 16.02 34.81
C ARG F 97 12.48 17.14 34.64
N ALA F 98 12.13 17.47 33.40
CA ALA F 98 11.10 18.49 33.17
C ALA F 98 9.75 18.02 33.68
N LEU F 99 9.42 16.74 33.50
CA LEU F 99 8.17 16.22 34.03
C LEU F 99 8.15 16.27 35.56
N GLN F 100 9.28 15.92 36.18
CA GLN F 100 9.37 15.97 37.63
C GLN F 100 9.21 17.40 38.15
N ILE F 101 9.84 18.36 37.48
CA ILE F 101 9.70 19.76 37.87
C ILE F 101 8.26 20.22 37.69
N SER F 102 7.63 19.83 36.58
CA SER F 102 6.23 20.19 36.35
C SER F 102 5.30 19.53 37.35
N MET F 103 5.74 18.46 38.01
CA MET F 103 5.01 17.91 39.14
C MET F 103 5.49 18.49 40.48
N ASN F 104 6.02 19.72 40.46
CA ASN F 104 6.38 20.48 41.66
C ASN F 104 7.48 19.79 42.45
N ALA F 105 8.56 19.48 41.79
CA ALA F 105 9.72 18.97 42.50
C ALA F 105 10.71 20.11 42.79
N PRO F 106 11.51 20.02 43.84
CA PRO F 106 12.51 21.05 44.09
C PRO F 106 13.61 21.04 43.04
N VAL F 107 14.22 22.20 42.85
CA VAL F 107 15.30 22.38 41.90
C VAL F 107 16.56 22.78 42.65
N PHE F 108 17.70 22.30 42.18
CA PHE F 108 18.97 22.54 42.84
C PHE F 108 19.77 23.67 42.19
N VAL F 109 19.19 24.38 41.23
CA VAL F 109 19.84 25.50 40.57
C VAL F 109 19.02 26.75 40.87
N ASP F 110 19.70 27.89 40.98
CA ASP F 110 19.00 29.15 41.21
C ASP F 110 18.37 29.71 39.94
N LEU F 111 17.06 29.48 39.79
CA LEU F 111 16.33 30.03 38.66
C LEU F 111 16.23 31.54 38.79
N GLU F 112 16.22 32.21 37.64
CA GLU F 112 16.18 33.67 37.61
C GLU F 112 14.87 34.15 37.01
N GLY F 113 13.77 33.54 37.42
CA GLY F 113 12.47 33.88 36.88
C GLY F 113 12.01 33.01 35.74
N GLU F 114 12.75 31.95 35.41
CA GLU F 114 12.28 31.02 34.39
C GLU F 114 11.08 30.24 34.91
N THR F 115 10.03 30.19 34.10
CA THR F 115 8.75 29.61 34.49
C THR F 115 8.38 28.44 33.61
N ASP F 116 9.36 27.79 32.99
CA ASP F 116 9.12 26.64 32.15
C ASP F 116 9.96 25.49 32.69
N PRO F 117 9.35 24.32 32.95
CA PRO F 117 10.13 23.21 33.51
C PRO F 117 11.27 22.75 32.62
N LEU F 118 11.11 22.84 31.30
CA LEU F 118 12.14 22.33 30.40
C LEU F 118 13.39 23.20 30.43
N ARG F 119 13.24 24.52 30.48
CA ARG F 119 14.42 25.38 30.53
C ARG F 119 15.11 25.27 31.89
N ILE F 120 14.35 25.07 32.96
CA ILE F 120 14.94 24.82 34.27
C ILE F 120 15.71 23.51 34.26
N ALA F 121 15.18 22.49 33.59
CA ALA F 121 15.89 21.22 33.48
C ALA F 121 17.17 21.39 32.66
N MET F 122 17.12 22.20 31.61
CA MET F 122 18.33 22.49 30.84
C MET F 122 19.38 23.18 31.70
N LYS F 123 18.96 24.15 32.51
CA LYS F 123 19.89 24.82 33.40
C LYS F 123 20.48 23.86 34.42
N GLU F 124 19.66 22.93 34.92
CA GLU F 124 20.16 21.92 35.85
C GLU F 124 21.20 21.03 35.18
N LEU F 125 20.95 20.63 33.93
CA LEU F 125 21.92 19.81 33.21
C LEU F 125 23.22 20.56 32.96
N ALA F 126 23.13 21.88 32.74
CA ALA F 126 24.30 22.65 32.34
C ALA F 126 25.42 22.60 33.38
N GLU F 127 25.09 22.43 34.65
CA GLU F 127 26.11 22.23 35.68
C GLU F 127 25.93 20.91 36.43
N LYS F 128 25.27 19.93 35.82
CA LYS F 128 25.22 18.54 36.29
C LYS F 128 24.65 18.44 37.72
N LYS F 129 23.39 18.81 37.85
CA LYS F 129 22.70 18.74 39.14
C LYS F 129 21.52 17.78 39.14
N ILE F 130 21.26 17.10 38.04
CA ILE F 130 20.15 16.15 37.98
C ILE F 130 20.53 14.88 38.75
N PRO F 131 19.73 14.44 39.71
CA PRO F 131 20.08 13.26 40.51
C PRO F 131 19.78 11.92 39.86
N LEU F 132 19.34 11.90 38.61
CA LEU F 132 18.94 10.67 37.95
C LEU F 132 20.18 9.87 37.52
N VAL F 133 19.99 8.56 37.35
CA VAL F 133 21.03 7.69 36.80
C VAL F 133 20.40 6.89 35.66
N ILE F 134 21.27 6.34 34.82
CA ILE F 134 20.87 5.65 33.59
C ILE F 134 21.27 4.19 33.70
N ARG F 135 20.33 3.30 33.43
CA ARG F 135 20.57 1.86 33.38
C ARG F 135 20.70 1.45 31.92
N ARG F 136 21.93 1.17 31.49
CA ARG F 136 22.18 0.76 30.11
C ARG F 136 22.05 -0.75 30.03
N TYR F 137 20.86 -1.23 29.67
CA TYR F 137 20.59 -2.65 29.56
C TYR F 137 21.33 -3.23 28.36
N LEU F 138 22.36 -4.02 28.62
CA LEU F 138 22.99 -4.79 27.55
C LEU F 138 22.02 -5.84 27.04
N PRO F 139 22.12 -6.22 25.76
CA PRO F 139 21.08 -7.10 25.19
C PRO F 139 21.23 -8.56 25.57
N ASP F 140 21.43 -8.83 26.86
CA ASP F 140 21.40 -10.20 27.37
C ASP F 140 20.80 -10.31 28.77
N GLY F 141 20.32 -9.21 29.35
CA GLY F 141 19.77 -9.23 30.68
C GLY F 141 20.80 -8.93 31.75
N SER F 142 21.56 -7.85 31.56
CA SER F 142 22.55 -7.43 32.55
C SER F 142 22.72 -5.92 32.39
N PHE F 143 22.11 -5.15 33.29
CA PHE F 143 22.12 -3.71 33.16
C PHE F 143 23.44 -3.14 33.69
N GLU F 144 23.54 -1.82 33.66
CA GLU F 144 24.83 -1.15 33.88
C GLU F 144 24.54 0.28 34.32
N ASP F 145 24.87 0.59 35.57
CA ASP F 145 24.51 1.89 36.14
C ASP F 145 25.51 2.97 35.73
N TRP F 146 24.99 4.15 35.41
CA TRP F 146 25.81 5.31 35.10
C TRP F 146 25.14 6.55 35.68
N SER F 147 25.79 7.21 36.62
CA SER F 147 25.24 8.44 37.16
C SER F 147 25.38 9.56 36.13
N VAL F 148 24.38 10.44 36.08
CA VAL F 148 24.38 11.54 35.11
C VAL F 148 25.57 12.47 35.37
N GLU F 149 25.92 12.67 36.64
CA GLU F 149 27.08 13.49 36.97
C GLU F 149 28.39 12.87 36.49
N GLU F 150 28.41 11.57 36.22
CA GLU F 150 29.62 10.91 35.76
C GLU F 150 29.78 10.90 34.25
N LEU F 151 28.67 10.93 33.51
CA LEU F 151 28.75 10.95 32.06
C LEU F 151 29.35 12.26 31.57
N ILE F 152 30.06 12.18 30.44
CA ILE F 152 30.92 13.28 30.02
C ILE F 152 30.14 14.39 29.34
N VAL F 153 29.39 14.05 28.29
CA VAL F 153 28.70 14.98 27.37
C VAL F 153 29.42 16.30 27.12
N MET G 1 0.36 -10.52 71.63
CA MET G 1 -0.79 -9.81 71.11
C MET G 1 -0.43 -9.06 69.84
N PHE G 2 0.82 -8.58 69.78
CA PHE G 2 1.33 -7.86 68.63
C PHE G 2 2.54 -8.59 68.07
N ILE G 3 2.62 -8.67 66.75
CA ILE G 3 3.70 -9.39 66.07
C ILE G 3 4.37 -8.46 65.07
N LEU G 4 5.55 -8.89 64.61
CA LEU G 4 6.26 -8.21 63.55
C LEU G 4 6.14 -9.02 62.27
N SER G 5 5.65 -8.39 61.21
CA SER G 5 5.50 -9.05 59.91
C SER G 5 6.44 -8.40 58.92
N LYS G 6 7.18 -9.23 58.20
CA LYS G 6 8.11 -8.78 57.17
C LYS G 6 7.42 -8.84 55.82
N ILE G 7 7.23 -7.68 55.20
CA ILE G 7 6.48 -7.56 53.95
C ILE G 7 7.33 -6.84 52.93
N ALA G 8 7.41 -7.41 51.73
CA ALA G 8 8.01 -6.74 50.57
C ALA G 8 6.91 -6.08 49.76
N ASP G 9 7.17 -4.87 49.29
CA ASP G 9 6.14 -4.05 48.68
C ASP G 9 6.75 -3.07 47.70
N LEU G 10 5.89 -2.45 46.90
CA LEU G 10 6.30 -1.46 45.91
C LEU G 10 5.61 -0.14 46.26
N VAL G 11 6.41 0.87 46.57
CA VAL G 11 5.89 2.17 46.99
C VAL G 11 6.15 3.19 45.88
N ARG G 12 5.27 4.19 45.81
CA ARG G 12 5.35 5.25 44.83
C ARG G 12 5.49 6.57 45.56
N ILE G 13 6.58 7.28 45.28
CA ILE G 13 6.87 8.58 45.89
C ILE G 13 6.60 9.65 44.83
N PRO G 14 5.64 10.55 45.05
CA PRO G 14 5.40 11.61 44.09
C PRO G 14 6.57 12.59 44.08
N PRO G 15 6.78 13.30 42.97
CA PRO G 15 7.95 14.19 42.88
C PRO G 15 7.93 15.36 43.85
N ASP G 16 6.76 15.71 44.39
CA ASP G 16 6.71 16.83 45.32
C ASP G 16 7.27 16.47 46.69
N GLN G 17 7.52 15.20 46.97
CA GLN G 17 8.02 14.77 48.27
C GLN G 17 9.50 14.39 48.21
N PHE G 18 10.23 14.93 47.24
CA PHE G 18 11.68 14.71 47.21
C PHE G 18 12.41 15.57 48.23
N HIS G 19 11.79 16.65 48.70
CA HIS G 19 12.42 17.46 49.74
C HIS G 19 12.39 16.77 51.09
N ARG G 20 11.34 15.99 51.34
CA ARG G 20 11.30 15.19 52.55
C ARG G 20 12.35 14.10 52.51
N ASP G 21 12.78 13.65 53.68
CA ASP G 21 13.72 12.54 53.75
C ASP G 21 13.10 11.29 53.15
N THR G 22 13.90 10.55 52.38
CA THR G 22 13.36 9.43 51.60
C THR G 22 12.90 8.29 52.51
N ILE G 23 13.54 8.11 53.66
CA ILE G 23 13.03 7.15 54.63
C ILE G 23 11.67 7.61 55.14
N SER G 24 11.53 8.90 55.44
CA SER G 24 10.26 9.44 55.89
C SER G 24 9.19 9.35 54.80
N ALA G 25 9.58 9.57 53.54
CA ALA G 25 8.62 9.47 52.44
C ALA G 25 8.14 8.03 52.25
N ILE G 26 9.06 7.06 52.34
CA ILE G 26 8.67 5.66 52.25
C ILE G 26 7.75 5.28 53.40
N THR G 27 8.07 5.77 54.60
CA THR G 27 7.23 5.49 55.77
C THR G 27 5.83 6.09 55.60
N HIS G 28 5.76 7.32 55.08
CA HIS G 28 4.45 7.96 54.88
C HIS G 28 3.62 7.22 53.84
N GLN G 29 4.25 6.79 52.74
CA GLN G 29 3.50 6.06 51.72
C GLN G 29 3.04 4.71 52.23
N LEU G 30 3.90 4.01 52.97
CA LEU G 30 3.51 2.72 53.53
C LEU G 30 2.42 2.90 54.60
N ASN G 31 2.42 4.03 55.29
CA ASN G 31 1.36 4.31 56.24
C ASN G 31 0.04 4.61 55.54
N ASN G 32 0.11 5.28 54.39
CA ASN G 32 -1.10 5.47 53.58
C ASN G 32 -1.64 4.12 53.11
N LYS G 33 -0.75 3.19 52.77
CA LYS G 33 -1.20 1.90 52.28
C LYS G 33 -1.76 1.02 53.40
N PHE G 34 -1.08 0.97 54.55
CA PHE G 34 -1.26 -0.12 55.50
C PHE G 34 -1.82 0.24 56.86
N ALA G 35 -1.80 1.51 57.25
CA ALA G 35 -2.18 1.85 58.63
C ALA G 35 -3.67 1.63 58.85
N ASN G 36 -3.99 0.86 59.90
CA ASN G 36 -5.35 0.50 60.28
C ASN G 36 -6.10 -0.15 59.11
N LYS G 37 -5.52 -1.24 58.63
CA LYS G 37 -6.14 -2.00 57.55
C LYS G 37 -5.81 -3.48 57.73
N ILE G 38 -6.66 -4.32 57.15
CA ILE G 38 -6.55 -5.77 57.32
C ILE G 38 -5.63 -6.31 56.24
N ILE G 39 -4.50 -6.86 56.64
CA ILE G 39 -3.66 -7.65 55.74
C ILE G 39 -4.27 -9.05 55.73
N PRO G 40 -4.72 -9.53 54.56
CA PRO G 40 -5.41 -10.83 54.52
C PRO G 40 -4.49 -11.96 54.93
N ASN G 41 -5.05 -12.91 55.68
CA ASN G 41 -4.36 -14.06 56.25
C ASN G 41 -3.23 -13.67 57.19
N VAL G 42 -3.17 -12.41 57.63
CA VAL G 42 -2.11 -11.95 58.52
C VAL G 42 -2.72 -11.31 59.75
N GLY G 43 -3.57 -10.32 59.56
CA GLY G 43 -4.18 -9.68 60.71
C GLY G 43 -4.51 -8.23 60.40
N LEU G 44 -4.35 -7.38 61.43
CA LEU G 44 -4.63 -5.96 61.33
C LEU G 44 -3.33 -5.19 61.52
N CYS G 45 -2.92 -4.45 60.50
CA CYS G 45 -1.71 -3.65 60.58
C CYS G 45 -1.98 -2.38 61.38
N ILE G 46 -0.93 -1.86 62.02
CA ILE G 46 -1.04 -0.66 62.82
C ILE G 46 -0.04 0.39 62.35
N THR G 47 1.25 0.02 62.36
CA THR G 47 2.31 0.93 62.02
C THR G 47 3.44 0.13 61.38
N ILE G 48 4.27 0.81 60.60
CA ILE G 48 5.48 0.21 60.05
C ILE G 48 6.59 0.39 61.09
N TYR G 49 7.07 -0.73 61.64
CA TYR G 49 8.09 -0.67 62.67
C TYR G 49 9.39 -0.10 62.12
N ASP G 50 9.90 -0.65 61.02
CA ASP G 50 11.11 -0.13 60.38
C ASP G 50 11.21 -0.71 58.98
N LEU G 51 12.25 -0.29 58.27
CA LEU G 51 12.57 -0.79 56.94
C LEU G 51 13.88 -1.57 57.01
N LEU G 52 13.98 -2.63 56.20
CA LEU G 52 15.16 -3.46 56.16
C LEU G 52 16.01 -3.23 54.90
N THR G 53 15.41 -3.38 53.72
CA THR G 53 16.12 -3.18 52.47
C THR G 53 15.34 -2.21 51.59
N VAL G 54 16.08 -1.39 50.85
CA VAL G 54 15.52 -0.50 49.83
C VAL G 54 16.35 -0.63 48.57
N GLU G 55 15.68 -0.59 47.42
CA GLU G 55 16.35 -0.64 46.14
C GLU G 55 16.29 0.72 45.47
N GLU G 56 16.96 0.83 44.33
CA GLU G 56 17.02 2.08 43.60
C GLU G 56 15.65 2.43 43.03
N GLY G 57 15.33 3.71 43.00
CA GLY G 57 14.04 4.16 42.53
C GLY G 57 13.89 4.08 41.03
N GLN G 58 12.95 3.26 40.56
CA GLN G 58 12.73 3.08 39.14
C GLN G 58 11.61 3.99 38.67
N LEU G 59 11.79 4.55 37.47
CA LEU G 59 10.85 5.52 36.91
C LEU G 59 10.09 4.90 35.75
N LYS G 60 8.77 4.94 35.83
CA LYS G 60 7.93 4.48 34.74
C LYS G 60 7.87 5.54 33.63
N PRO G 61 8.04 5.15 32.37
CA PRO G 61 7.90 6.11 31.27
C PRO G 61 6.47 6.63 31.19
N GLY G 62 6.33 7.96 31.18
CA GLY G 62 5.04 8.59 31.23
C GLY G 62 4.64 9.12 32.58
N ASP G 63 5.50 9.03 33.58
CA ASP G 63 5.23 9.57 34.90
C ASP G 63 6.56 9.90 35.58
N GLY G 64 6.53 10.89 36.45
CA GLY G 64 7.73 11.35 37.11
C GLY G 64 7.94 10.78 38.50
N SER G 65 6.90 10.16 39.06
CA SER G 65 7.00 9.61 40.41
C SER G 65 7.96 8.44 40.44
N SER G 66 8.61 8.25 41.58
CA SER G 66 9.66 7.24 41.74
C SER G 66 9.10 6.00 42.42
N TYR G 67 9.35 4.83 41.85
CA TYR G 67 8.87 3.57 42.39
C TYR G 67 10.02 2.81 43.04
N ILE G 68 9.81 2.35 44.27
CA ILE G 68 10.85 1.71 45.07
C ILE G 68 10.32 0.40 45.62
N ASN G 69 11.10 -0.66 45.44
CA ASN G 69 10.82 -1.94 46.10
C ASN G 69 11.43 -1.92 47.49
N VAL G 70 10.58 -1.96 48.51
CA VAL G 70 11.01 -1.82 49.90
C VAL G 70 10.51 -3.02 50.70
N THR G 71 11.38 -3.56 51.55
CA THR G 71 11.02 -4.59 52.51
C THR G 71 10.98 -3.96 53.89
N PHE G 72 9.90 -4.20 54.62
CA PHE G 72 9.72 -3.52 55.89
C PHE G 72 9.11 -4.46 56.92
N ARG G 73 9.45 -4.23 58.17
CA ARG G 73 8.82 -4.92 59.30
C ARG G 73 7.77 -3.99 59.88
N ALA G 74 6.54 -4.50 60.01
CA ALA G 74 5.41 -3.73 60.49
C ALA G 74 4.75 -4.44 61.66
N VAL G 75 4.25 -3.66 62.63
CA VAL G 75 3.54 -4.22 63.76
C VAL G 75 2.13 -4.60 63.32
N VAL G 76 1.69 -5.79 63.70
CA VAL G 76 0.39 -6.30 63.34
C VAL G 76 -0.31 -6.82 64.59
N PHE G 77 -1.57 -6.42 64.78
CA PHE G 77 -2.40 -6.93 65.86
C PHE G 77 -2.98 -8.27 65.42
N LYS G 78 -2.53 -9.34 66.06
CA LYS G 78 -2.97 -10.69 65.73
C LYS G 78 -2.81 -11.58 66.95
N PRO G 79 -3.84 -11.68 67.79
CA PRO G 79 -3.77 -12.59 68.94
C PRO G 79 -3.73 -14.04 68.48
N PHE G 80 -2.71 -14.76 68.94
CA PHE G 80 -2.57 -16.16 68.60
C PHE G 80 -3.62 -16.99 69.34
N LEU G 81 -3.89 -18.18 68.80
CA LEU G 81 -4.84 -19.10 69.41
C LEU G 81 -4.31 -19.57 70.76
N GLY G 82 -4.96 -19.14 71.84
CA GLY G 82 -4.55 -19.47 73.20
C GLY G 82 -4.38 -18.25 74.09
N GLU G 83 -4.12 -17.09 73.50
CA GLU G 83 -3.98 -15.87 74.28
C GLU G 83 -5.32 -15.44 74.86
N ILE G 84 -5.30 -14.99 76.11
CA ILE G 84 -6.47 -14.42 76.74
C ILE G 84 -6.27 -12.91 76.84
N VAL G 85 -7.32 -12.16 76.49
CA VAL G 85 -7.25 -10.70 76.48
C VAL G 85 -8.53 -10.14 77.08
N THR G 86 -8.44 -8.89 77.53
CA THR G 86 -9.57 -8.18 78.09
C THR G 86 -10.19 -7.26 77.05
N GLY G 87 -11.41 -6.83 77.33
CA GLY G 87 -12.15 -5.98 76.42
C GLY G 87 -13.34 -5.35 77.11
N TRP G 88 -14.09 -4.58 76.35
CA TRP G 88 -15.29 -3.89 76.84
C TRP G 88 -16.51 -4.44 76.11
N ILE G 89 -17.51 -4.87 76.87
CA ILE G 89 -18.72 -5.43 76.27
C ILE G 89 -19.49 -4.33 75.56
N SER G 90 -19.86 -4.57 74.30
CA SER G 90 -20.56 -3.59 73.48
C SER G 90 -22.03 -3.92 73.32
N LYS G 91 -22.37 -5.11 72.85
CA LYS G 91 -23.76 -5.47 72.61
C LYS G 91 -23.96 -6.95 72.89
N CYS G 92 -25.21 -7.31 73.12
CA CYS G 92 -25.62 -8.68 73.36
C CYS G 92 -26.79 -9.02 72.45
N THR G 93 -26.90 -10.30 72.09
CA THR G 93 -27.98 -10.77 71.22
C THR G 93 -28.41 -12.14 71.70
N ALA G 94 -29.21 -12.81 70.87
CA ALA G 94 -29.67 -14.16 71.18
C ALA G 94 -28.74 -15.24 70.66
N GLU G 95 -27.59 -14.86 70.09
CA GLU G 95 -26.62 -15.81 69.58
C GLU G 95 -25.25 -15.69 70.21
N GLY G 96 -25.00 -14.65 71.00
CA GLY G 96 -23.71 -14.48 71.63
C GLY G 96 -23.59 -13.09 72.23
N ILE G 97 -22.35 -12.76 72.57
CA ILE G 97 -22.02 -11.46 73.17
C ILE G 97 -20.90 -10.81 72.37
N LYS G 98 -21.03 -9.51 72.12
CA LYS G 98 -20.07 -8.75 71.33
C LYS G 98 -19.19 -7.94 72.26
N VAL G 99 -17.88 -8.02 72.05
CA VAL G 99 -16.91 -7.28 72.86
C VAL G 99 -15.93 -6.58 71.95
N SER G 100 -15.62 -5.32 72.27
CA SER G 100 -14.66 -4.52 71.54
C SER G 100 -13.40 -4.33 72.38
N LEU G 101 -12.37 -3.78 71.74
CA LEU G 101 -11.11 -3.48 72.40
C LEU G 101 -10.87 -1.98 72.49
N LEU G 102 -11.95 -1.24 72.80
CA LEU G 102 -11.93 0.22 72.91
C LEU G 102 -11.44 0.88 71.61
N GLY G 103 -11.99 0.41 70.49
CA GLY G 103 -11.75 1.01 69.20
C GLY G 103 -10.64 0.38 68.39
N ILE G 104 -9.78 -0.42 69.02
CA ILE G 104 -8.74 -1.14 68.26
C ILE G 104 -9.39 -2.13 67.32
N PHE G 105 -10.30 -2.96 67.84
CA PHE G 105 -10.92 -4.01 67.05
C PHE G 105 -12.22 -4.40 67.75
N ASP G 106 -13.35 -4.10 67.12
CA ASP G 106 -14.65 -4.34 67.71
C ASP G 106 -15.30 -5.62 67.21
N ASP G 107 -14.61 -6.40 66.40
CA ASP G 107 -15.20 -7.60 65.79
C ASP G 107 -14.80 -8.86 66.56
N ILE G 108 -15.22 -8.93 67.82
CA ILE G 108 -15.05 -10.11 68.66
C ILE G 108 -16.43 -10.53 69.15
N PHE G 109 -16.79 -11.78 68.88
CA PHE G 109 -18.15 -12.26 69.10
C PHE G 109 -18.10 -13.63 69.74
N ILE G 110 -18.34 -13.69 71.05
CA ILE G 110 -18.36 -14.96 71.78
C ILE G 110 -19.69 -15.65 71.54
N PRO G 111 -19.70 -16.86 71.00
CA PRO G 111 -20.95 -17.50 70.58
C PRO G 111 -21.65 -18.20 71.74
N GLN G 112 -22.78 -18.84 71.41
CA GLN G 112 -23.54 -19.64 72.35
C GLN G 112 -22.85 -20.97 72.66
N ASN G 113 -22.14 -21.52 71.68
CA ASN G 113 -21.60 -22.88 71.82
C ASN G 113 -20.50 -22.95 72.88
N MET G 114 -19.73 -21.88 73.04
CA MET G 114 -18.61 -21.92 73.97
C MET G 114 -18.81 -20.96 75.14
N LEU G 115 -20.01 -20.95 75.70
CA LEU G 115 -20.29 -20.21 76.92
C LEU G 115 -20.59 -21.18 78.06
N PHE G 116 -20.84 -20.63 79.24
CA PHE G 116 -21.11 -21.45 80.41
C PHE G 116 -22.45 -22.16 80.27
N GLU G 117 -22.53 -23.37 80.82
CA GLU G 117 -23.79 -24.12 80.82
C GLU G 117 -24.78 -23.43 81.75
N GLY G 118 -26.00 -23.22 81.25
CA GLY G 118 -27.01 -22.52 82.01
C GLY G 118 -27.09 -21.04 81.76
N CYS G 119 -26.30 -20.50 80.84
CA CYS G 119 -26.41 -19.10 80.46
C CYS G 119 -27.76 -18.84 79.81
N TYR G 120 -28.35 -17.67 80.07
CA TYR G 120 -29.59 -17.32 79.39
C TYR G 120 -29.68 -15.81 79.23
N TYR G 121 -30.55 -15.39 78.31
CA TYR G 121 -30.61 -14.03 77.82
C TYR G 121 -31.85 -13.33 78.38
N THR G 122 -31.65 -12.15 78.97
CA THR G 122 -32.73 -11.29 79.41
C THR G 122 -32.87 -10.14 78.42
N PRO G 123 -33.93 -10.10 77.62
CA PRO G 123 -34.03 -9.06 76.57
C PRO G 123 -34.45 -7.70 77.09
N GLU G 124 -35.26 -7.67 78.17
CA GLU G 124 -35.72 -6.39 78.69
C GLU G 124 -34.57 -5.56 79.26
N GLU G 125 -33.56 -6.21 79.84
CA GLU G 125 -32.33 -5.57 80.20
C GLU G 125 -31.20 -5.84 79.20
N SER G 126 -31.41 -6.80 78.29
CA SER G 126 -30.43 -7.19 77.27
C SER G 126 -29.09 -7.57 77.90
N ALA G 127 -29.12 -8.61 78.73
CA ALA G 127 -27.92 -9.06 79.40
C ALA G 127 -27.92 -10.59 79.46
N TRP G 128 -26.75 -11.14 79.75
CA TRP G 128 -26.59 -12.59 79.85
C TRP G 128 -26.32 -12.96 81.29
N ILE G 129 -27.09 -13.93 81.80
CA ILE G 129 -27.06 -14.30 83.21
C ILE G 129 -26.68 -15.77 83.32
N TRP G 130 -25.80 -16.07 84.28
CA TRP G 130 -25.34 -17.44 84.53
C TRP G 130 -25.08 -17.67 86.01
N PRO G 131 -25.83 -18.56 86.65
CA PRO G 131 -25.50 -19.00 88.01
C PRO G 131 -24.64 -20.25 88.01
N MET G 132 -24.07 -20.54 89.17
CA MET G 132 -23.41 -21.83 89.39
C MET G 132 -24.15 -22.71 90.38
N ASP G 133 -24.49 -22.20 91.57
CA ASP G 133 -25.40 -22.90 92.47
C ASP G 133 -26.64 -22.06 92.77
N GLU G 134 -26.47 -20.84 93.29
CA GLU G 134 -27.58 -19.95 93.59
C GLU G 134 -27.31 -18.50 93.25
N GLU G 135 -26.12 -18.15 92.78
CA GLU G 135 -25.75 -16.76 92.53
C GLU G 135 -26.26 -16.35 91.14
N THR G 136 -27.49 -15.85 91.11
CA THR G 136 -28.10 -15.35 89.89
C THR G 136 -27.70 -13.91 89.59
N LYS G 137 -26.94 -13.27 90.49
CA LYS G 137 -26.56 -11.87 90.32
C LYS G 137 -25.55 -11.66 89.19
N LEU G 138 -24.95 -12.73 88.66
CA LEU G 138 -23.97 -12.59 87.59
C LEU G 138 -24.62 -12.10 86.29
N TYR G 139 -24.33 -10.87 85.91
CA TYR G 139 -24.89 -10.26 84.70
C TYR G 139 -23.77 -9.89 83.74
N PHE G 140 -23.98 -10.16 82.45
CA PHE G 140 -23.06 -9.73 81.41
C PHE G 140 -23.48 -8.33 80.94
N ASP G 141 -23.24 -7.36 81.82
CA ASP G 141 -23.73 -6.01 81.59
C ASP G 141 -22.91 -5.31 80.50
N VAL G 142 -23.54 -4.31 79.89
CA VAL G 142 -22.93 -3.55 78.80
C VAL G 142 -21.95 -2.54 79.38
N ASN G 143 -20.87 -2.29 78.62
CA ASN G 143 -19.84 -1.31 78.96
C ASN G 143 -19.10 -1.68 80.24
N GLU G 144 -18.90 -2.98 80.45
CA GLU G 144 -18.17 -3.48 81.60
C GLU G 144 -17.02 -4.37 81.12
N LYS G 145 -15.88 -4.25 81.79
CA LYS G 145 -14.68 -4.97 81.37
C LYS G 145 -14.84 -6.48 81.53
N ILE G 146 -14.42 -7.22 80.51
CA ILE G 146 -14.54 -8.67 80.48
C ILE G 146 -13.19 -9.25 80.05
N ARG G 147 -12.97 -10.51 80.38
CA ARG G 147 -11.83 -11.28 79.92
C ARG G 147 -12.33 -12.41 79.04
N PHE G 148 -11.54 -12.76 78.02
CA PHE G 148 -11.96 -13.86 77.15
C PHE G 148 -10.73 -14.45 76.46
N ARG G 149 -10.85 -15.74 76.13
CA ARG G 149 -9.79 -16.49 75.49
C ARG G 149 -10.11 -16.70 74.02
N ILE G 150 -9.12 -16.44 73.16
CA ILE G 150 -9.29 -16.59 71.73
C ILE G 150 -9.30 -18.07 71.38
N GLU G 151 -10.30 -18.49 70.62
CA GLU G 151 -10.44 -19.89 70.25
C GLU G 151 -10.41 -20.14 68.74
N ARG G 152 -10.86 -19.19 67.93
CA ARG G 152 -10.89 -19.40 66.49
C ARG G 152 -10.93 -18.04 65.79
N GLU G 153 -9.94 -17.80 64.93
CA GLU G 153 -9.92 -16.60 64.10
C GLU G 153 -10.21 -16.99 62.65
N VAL G 154 -11.04 -16.20 62.00
CA VAL G 154 -11.53 -16.48 60.65
C VAL G 154 -11.18 -15.34 59.72
N PHE G 155 -10.73 -15.71 58.52
CA PHE G 155 -10.45 -14.79 57.43
C PHE G 155 -11.45 -15.08 56.31
N VAL G 156 -12.09 -14.04 55.78
CA VAL G 156 -12.94 -14.17 54.61
C VAL G 156 -12.62 -13.06 53.63
N ASP G 157 -12.59 -13.39 52.34
CA ASP G 157 -12.36 -12.41 51.30
C ASP G 157 -13.65 -11.69 50.97
N VAL G 158 -13.53 -10.46 50.47
CA VAL G 158 -14.71 -9.66 50.13
C VAL G 158 -15.47 -10.28 48.97
N LYS G 159 -14.75 -10.68 47.91
CA LYS G 159 -15.28 -11.27 46.69
C LYS G 159 -16.41 -10.44 46.11
N PRO G 160 -16.11 -9.29 45.48
CA PRO G 160 -17.17 -8.43 44.96
C PRO G 160 -17.99 -9.13 43.88
N LYS G 161 -19.26 -8.78 43.82
CA LYS G 161 -20.21 -9.46 42.95
C LYS G 161 -20.22 -8.81 41.57
N SER G 162 -21.18 -9.22 40.73
CA SER G 162 -21.28 -8.70 39.38
C SER G 162 -21.67 -7.22 39.41
N PRO G 163 -21.18 -6.43 38.44
CA PRO G 163 -21.55 -5.01 38.40
C PRO G 163 -23.04 -4.77 38.26
N LYS G 164 -23.75 -5.61 37.50
CA LYS G 164 -25.20 -5.49 37.46
C LYS G 164 -25.81 -5.85 38.81
N GLU G 165 -25.28 -6.89 39.46
CA GLU G 165 -25.80 -7.26 40.78
C GLU G 165 -25.43 -6.23 41.83
N ARG G 166 -24.22 -5.67 41.75
CA ARG G 166 -23.83 -4.61 42.67
C ARG G 166 -24.70 -3.37 42.47
N GLU G 167 -25.00 -3.04 41.22
CA GLU G 167 -25.89 -1.91 40.94
C GLU G 167 -27.30 -2.16 41.46
N LEU G 168 -27.81 -3.39 41.30
CA LEU G 168 -29.14 -3.73 41.78
C LEU G 168 -29.19 -3.66 43.31
N GLU G 169 -28.15 -4.16 43.99
CA GLU G 169 -28.11 -4.08 45.44
C GLU G 169 -28.00 -2.63 45.91
N GLU G 170 -27.22 -1.81 45.20
CA GLU G 170 -27.12 -0.40 45.55
C GLU G 170 -28.47 0.31 45.37
N ARG G 171 -29.18 -0.01 44.29
CA ARG G 171 -30.50 0.60 44.08
C ARG G 171 -31.50 0.14 45.14
N ALA G 172 -31.44 -1.14 45.53
CA ALA G 172 -32.35 -1.65 46.54
C ALA G 172 -31.99 -1.19 47.95
N GLN G 173 -30.74 -0.77 48.17
CA GLN G 173 -30.34 -0.30 49.49
C GLN G 173 -30.50 1.22 49.65
N LEU G 174 -30.28 1.99 48.60
CA LEU G 174 -30.47 3.43 48.67
C LEU G 174 -31.93 3.85 48.55
N GLU G 175 -32.81 2.93 48.19
CA GLU G 175 -34.24 3.23 48.16
C GLU G 175 -34.81 3.26 49.57
N GLU G 189 -23.68 -5.90 56.48
CA GLU G 189 -24.08 -6.29 55.14
C GLU G 189 -23.14 -7.36 54.58
N LYS G 190 -21.90 -7.36 55.07
CA LYS G 190 -20.90 -8.34 54.71
C LYS G 190 -20.11 -8.74 55.96
N PRO G 191 -19.64 -9.99 56.02
CA PRO G 191 -18.86 -10.40 57.20
C PRO G 191 -17.54 -9.67 57.24
N PRO G 192 -17.03 -9.37 58.44
CA PRO G 192 -15.70 -8.76 58.53
C PRO G 192 -14.63 -9.69 58.02
N ALA G 193 -13.66 -9.13 57.29
CA ALA G 193 -12.61 -9.93 56.68
C ALA G 193 -11.69 -10.58 57.71
N TYR G 194 -11.70 -10.09 58.94
CA TYR G 194 -10.90 -10.64 60.02
C TYR G 194 -11.76 -10.69 61.26
N ALA G 195 -11.89 -11.86 61.88
CA ALA G 195 -12.72 -11.92 63.08
C ALA G 195 -12.14 -12.95 64.03
N LEU G 196 -12.43 -12.76 65.32
CA LEU G 196 -12.00 -13.69 66.37
C LEU G 196 -13.18 -14.05 67.24
N LEU G 197 -13.26 -15.32 67.62
CA LEU G 197 -14.32 -15.82 68.50
C LEU G 197 -13.71 -16.08 69.87
N GLY G 198 -14.17 -15.32 70.87
CA GLY G 198 -13.75 -15.53 72.24
C GLY G 198 -14.56 -16.61 72.93
N SER G 199 -14.18 -16.90 74.17
CA SER G 199 -14.87 -17.90 74.96
C SER G 199 -14.70 -17.60 76.44
N CYS G 200 -15.65 -18.09 77.22
CA CYS G 200 -15.63 -17.93 78.68
C CYS G 200 -16.05 -19.28 79.28
N GLN G 201 -15.07 -20.08 79.69
CA GLN G 201 -15.33 -21.45 80.11
C GLN G 201 -14.89 -21.74 81.54
N THR G 202 -13.78 -21.21 81.99
CA THR G 202 -13.25 -21.47 83.33
C THR G 202 -13.36 -20.22 84.19
N ASP G 203 -12.83 -20.32 85.40
CA ASP G 203 -12.80 -19.17 86.30
C ASP G 203 -11.82 -18.12 85.78
N GLY G 204 -12.14 -16.86 86.05
CA GLY G 204 -11.36 -15.75 85.55
C GLY G 204 -11.71 -15.31 84.15
N MET G 205 -12.60 -16.02 83.47
CA MET G 205 -13.05 -15.64 82.13
C MET G 205 -14.30 -14.79 82.17
N GLY G 206 -14.75 -14.38 83.33
CA GLY G 206 -15.95 -13.56 83.47
C GLY G 206 -15.67 -12.09 83.43
N LEU G 207 -16.37 -11.34 84.27
CA LEU G 207 -16.28 -9.89 84.28
C LEU G 207 -15.02 -9.44 85.04
N VAL G 208 -14.92 -8.13 85.25
CA VAL G 208 -13.77 -7.59 85.96
C VAL G 208 -14.00 -7.59 87.47
N SER G 209 -15.26 -7.41 87.89
CA SER G 209 -15.60 -7.29 89.30
C SER G 209 -15.99 -8.63 89.92
N TRP G 210 -15.54 -9.74 89.35
CA TRP G 210 -15.94 -11.06 89.84
C TRP G 210 -14.85 -11.72 90.67
N TRP G 211 -13.62 -11.83 90.15
CA TRP G 211 -12.49 -12.33 90.92
C TRP G 211 -11.57 -11.18 91.23
N GLU G 212 -11.13 -11.09 92.49
CA GLU G 212 -10.26 -10.01 92.94
C GLU G 212 -9.12 -10.55 93.79
N SER H 2 64.86 50.80 10.20
CA SER H 2 63.50 51.07 9.76
C SER H 2 62.63 49.83 9.82
N ASN H 3 61.32 50.03 9.71
CA ASN H 3 60.37 48.93 9.70
C ASN H 3 60.21 48.31 8.32
N THR H 4 60.92 48.82 7.32
CA THR H 4 60.83 48.28 5.97
C THR H 4 61.36 46.85 5.93
N LEU H 5 60.68 45.99 5.18
CA LEU H 5 61.06 44.60 5.03
C LEU H 5 61.47 44.22 3.62
N PHE H 6 60.95 44.89 2.61
CA PHE H 6 61.24 44.57 1.22
C PHE H 6 60.98 45.81 0.38
N ASP H 7 61.84 46.06 -0.61
CA ASP H 7 61.76 47.29 -1.37
C ASP H 7 62.44 47.09 -2.72
N ASP H 8 61.68 47.24 -3.79
CA ASP H 8 62.25 47.07 -5.14
C ASP H 8 61.47 47.91 -6.14
N ILE H 9 61.95 47.88 -7.38
CA ILE H 9 61.34 48.59 -8.50
C ILE H 9 60.96 47.54 -9.54
N PHE H 10 59.72 47.58 -10.00
CA PHE H 10 59.18 46.56 -10.89
C PHE H 10 58.72 47.19 -12.18
N GLN H 11 59.01 46.51 -13.28
CA GLN H 11 58.48 46.84 -14.60
C GLN H 11 57.29 45.92 -14.85
N VAL H 12 56.12 46.52 -15.09
CA VAL H 12 54.92 45.72 -15.30
C VAL H 12 54.88 45.24 -16.75
N SER H 13 54.68 43.95 -16.93
CA SER H 13 54.64 43.37 -18.27
C SER H 13 53.21 43.19 -18.77
N GLU H 14 52.34 42.56 -17.99
CA GLU H 14 50.98 42.26 -18.40
C GLU H 14 49.99 42.80 -17.37
N VAL H 15 48.85 43.27 -17.86
CA VAL H 15 47.74 43.69 -17.03
C VAL H 15 46.48 43.00 -17.56
N ASP H 16 45.83 42.22 -16.71
CA ASP H 16 44.67 41.44 -17.13
C ASP H 16 43.42 41.97 -16.45
N PRO H 17 42.55 42.69 -17.15
CA PRO H 17 41.29 43.17 -16.56
C PRO H 17 40.13 42.19 -16.65
N GLY H 18 40.40 40.91 -16.89
CA GLY H 18 39.37 39.93 -17.16
C GLY H 18 38.31 39.76 -16.09
N ARG H 19 37.04 39.76 -16.52
CA ARG H 19 35.86 39.47 -15.70
C ARG H 19 35.62 40.48 -14.59
N TYR H 20 36.36 41.59 -14.55
CA TYR H 20 36.18 42.59 -13.53
C TYR H 20 36.20 43.96 -14.18
N ASN H 21 35.95 45.00 -13.36
CA ASN H 21 35.99 46.38 -13.83
C ASN H 21 36.79 47.30 -12.94
N LYS H 22 36.99 46.98 -11.67
CA LYS H 22 37.79 47.81 -10.78
C LYS H 22 39.07 47.15 -10.31
N VAL H 23 39.22 45.83 -10.43
CA VAL H 23 40.38 45.11 -9.93
C VAL H 23 41.08 44.45 -11.11
N CYS H 24 42.37 44.73 -11.25
CA CYS H 24 43.18 44.17 -12.32
C CYS H 24 44.37 43.42 -11.74
N ARG H 25 44.74 42.33 -12.40
CA ARG H 25 45.85 41.48 -11.97
C ARG H 25 47.08 41.83 -12.80
N ILE H 26 48.04 42.48 -12.18
CA ILE H 26 49.29 42.85 -12.83
C ILE H 26 50.31 41.75 -12.62
N GLU H 27 51.20 41.57 -13.60
CA GLU H 27 52.36 40.71 -13.49
C GLU H 27 53.58 41.56 -13.80
N ALA H 28 54.57 41.54 -12.92
CA ALA H 28 55.70 42.44 -13.01
C ALA H 28 57.00 41.69 -12.77
N ALA H 29 58.06 42.18 -13.40
CA ALA H 29 59.41 41.66 -13.22
C ALA H 29 60.30 42.76 -12.66
N SER H 30 61.11 42.41 -11.68
CA SER H 30 61.93 43.42 -11.01
C SER H 30 63.06 43.90 -11.92
N THR H 31 63.48 45.13 -11.69
CA THR H 31 64.71 45.66 -12.26
C THR H 31 65.82 45.57 -11.22
N THR H 32 67.06 45.45 -11.71
CA THR H 32 68.27 45.13 -10.95
C THR H 32 68.18 43.80 -10.21
N GLN H 33 67.16 42.99 -10.49
CA GLN H 33 66.98 41.66 -9.93
C GLN H 33 66.24 40.83 -10.96
N ASP H 34 66.72 39.62 -11.22
CA ASP H 34 66.15 38.81 -12.28
C ASP H 34 65.37 37.60 -11.79
N GLN H 35 65.58 37.16 -10.54
CA GLN H 35 64.83 36.04 -10.00
C GLN H 35 63.57 36.47 -9.27
N CYS H 36 63.42 37.76 -8.98
CA CYS H 36 62.30 38.26 -8.19
C CYS H 36 61.21 38.78 -9.13
N LYS H 37 60.05 38.13 -9.13
CA LYS H 37 58.91 38.61 -9.91
C LYS H 37 57.63 38.51 -9.10
N LEU H 38 56.64 39.32 -9.48
CA LEU H 38 55.50 39.63 -8.65
C LEU H 38 54.21 39.51 -9.46
N THR H 39 53.13 39.13 -8.79
CA THR H 39 51.79 39.07 -9.38
C THR H 39 50.80 39.59 -8.36
N LEU H 40 50.10 40.66 -8.69
CA LEU H 40 49.34 41.40 -7.69
C LEU H 40 47.96 41.74 -8.22
N ASP H 41 47.00 41.91 -7.31
CA ASP H 41 45.69 42.46 -7.63
C ASP H 41 45.61 43.89 -7.12
N ILE H 42 45.24 44.81 -8.01
CA ILE H 42 45.17 46.24 -7.68
C ILE H 42 43.78 46.76 -8.01
N ASN H 43 43.22 47.55 -7.09
CA ASN H 43 42.03 48.33 -7.40
C ASN H 43 42.41 49.44 -8.36
N VAL H 44 42.25 49.19 -9.66
CA VAL H 44 42.81 50.08 -10.68
C VAL H 44 42.06 51.41 -10.70
N GLU H 45 40.82 51.44 -10.18
CA GLU H 45 40.07 52.68 -10.15
C GLU H 45 40.74 53.72 -9.27
N LEU H 46 41.27 53.30 -8.12
CA LEU H 46 41.99 54.21 -7.24
C LEU H 46 43.44 54.40 -7.65
N PHE H 47 43.96 53.57 -8.55
CA PHE H 47 45.37 53.62 -8.93
C PHE H 47 45.51 53.04 -10.33
N PRO H 48 45.40 53.88 -11.35
CA PRO H 48 45.48 53.38 -12.73
C PRO H 48 46.88 52.88 -13.05
N VAL H 49 46.95 51.71 -13.67
CA VAL H 49 48.21 51.08 -14.04
C VAL H 49 48.15 50.74 -15.53
N ALA H 50 49.12 51.23 -16.28
CA ALA H 50 49.24 50.92 -17.70
C ALA H 50 50.34 49.91 -17.92
N ALA H 51 50.33 49.28 -19.09
CA ALA H 51 51.36 48.33 -19.45
C ALA H 51 52.70 49.03 -19.61
N GLN H 52 53.78 48.29 -19.33
CA GLN H 52 55.15 48.78 -19.42
C GLN H 52 55.37 50.01 -18.55
N ASP H 53 54.78 49.99 -17.35
CA ASP H 53 54.94 51.07 -16.38
C ASP H 53 55.87 50.62 -15.27
N SER H 54 56.70 51.53 -14.79
CA SER H 54 57.67 51.25 -13.73
C SER H 54 57.13 51.77 -12.41
N LEU H 55 57.19 50.95 -11.38
CA LEU H 55 56.60 51.32 -10.09
C LEU H 55 57.37 50.68 -8.93
N THR H 56 57.42 51.41 -7.83
CA THR H 56 58.12 50.97 -6.63
C THR H 56 57.18 50.22 -5.70
N VAL H 57 57.65 49.06 -5.23
CA VAL H 57 56.90 48.19 -4.32
C VAL H 57 57.68 48.10 -3.02
N THR H 58 57.00 48.36 -1.90
CA THR H 58 57.59 48.32 -0.58
C THR H 58 56.66 47.56 0.36
N ILE H 59 57.24 46.88 1.34
CA ILE H 59 56.46 46.17 2.36
C ILE H 59 56.98 46.60 3.72
N ALA H 60 56.06 47.02 4.59
CA ALA H 60 56.42 47.52 5.91
C ALA H 60 55.65 46.77 6.98
N SER H 61 56.33 46.49 8.10
CA SER H 61 55.64 45.89 9.24
C SER H 61 54.66 46.88 9.85
N SER H 62 55.04 48.15 9.93
CA SER H 62 54.17 49.20 10.43
C SER H 62 54.51 50.50 9.73
N LEU H 63 53.54 51.40 9.66
CA LEU H 63 53.72 52.67 8.97
C LEU H 63 54.22 53.78 9.89
N ASN H 64 54.48 53.47 11.16
CA ASN H 64 54.92 54.49 12.10
C ASN H 64 56.34 54.93 11.76
N LEU H 65 56.65 56.18 12.07
CA LEU H 65 57.88 56.86 11.63
C LEU H 65 58.07 56.75 10.12
N THR H 76 41.23 51.33 23.15
CA THR H 76 40.09 50.75 22.43
C THR H 76 40.45 49.37 21.86
N ARG H 77 39.46 48.74 21.23
CA ARG H 77 39.63 47.41 20.65
C ARG H 77 39.52 47.41 19.13
N SER H 78 38.68 48.26 18.56
CA SER H 78 38.51 48.34 17.12
C SER H 78 39.65 49.13 16.50
N TRP H 79 39.56 49.41 15.21
CA TRP H 79 40.63 50.09 14.48
C TRP H 79 40.33 51.58 14.39
N ARG H 80 41.31 52.40 14.74
CA ARG H 80 41.19 53.85 14.70
C ARG H 80 42.18 54.41 13.69
N PRO H 81 41.74 55.21 12.72
CA PRO H 81 42.68 55.76 11.76
C PRO H 81 43.59 56.77 12.43
N PRO H 82 44.81 56.97 11.92
CA PRO H 82 45.69 58.01 12.46
C PRO H 82 45.12 59.39 12.17
N GLN H 83 45.42 60.32 13.09
CA GLN H 83 44.96 61.69 12.92
C GLN H 83 45.67 62.36 11.75
N ALA H 84 44.99 63.34 11.15
CA ALA H 84 45.55 64.05 10.01
C ALA H 84 46.76 64.87 10.42
N GLY H 85 47.73 64.94 9.52
CA GLY H 85 48.95 65.68 9.77
C GLY H 85 50.03 64.92 10.50
N ASP H 86 49.77 63.68 10.90
CA ASP H 86 50.77 62.87 11.57
C ASP H 86 51.71 62.26 10.53
N ARG H 87 53.01 62.43 10.76
CA ARG H 87 53.98 61.89 9.82
C ARG H 87 53.98 60.37 9.85
N SER H 88 54.01 59.77 8.66
CA SER H 88 53.97 58.32 8.54
C SER H 88 54.63 57.93 7.23
N LEU H 89 54.94 56.62 7.13
CA LEU H 89 55.54 56.12 5.90
C LEU H 89 54.58 56.23 4.72
N ALA H 90 53.28 56.15 4.98
CA ALA H 90 52.27 56.29 3.93
C ALA H 90 51.89 57.76 3.72
N ASP H 91 52.91 58.61 3.55
CA ASP H 91 52.70 60.02 3.25
C ASP H 91 53.31 60.43 1.92
N ASP H 92 54.13 59.59 1.30
CA ASP H 92 54.73 59.88 0.00
C ASP H 92 54.50 58.75 -0.99
N TYR H 93 53.56 57.85 -0.70
CA TYR H 93 53.22 56.75 -1.59
C TYR H 93 51.82 56.96 -2.13
N ASP H 94 51.50 56.22 -3.20
CA ASP H 94 50.25 56.44 -3.92
C ASP H 94 49.22 55.33 -3.71
N TYR H 95 49.60 54.18 -3.17
CA TYR H 95 48.62 53.12 -2.96
C TYR H 95 49.10 52.23 -1.82
N VAL H 96 48.40 52.27 -0.69
CA VAL H 96 48.78 51.52 0.49
C VAL H 96 47.70 50.50 0.81
N MET H 97 48.10 49.25 0.95
CA MET H 97 47.21 48.14 1.22
C MET H 97 47.66 47.45 2.51
N TYR H 98 46.72 46.81 3.19
CA TYR H 98 47.01 46.14 4.46
C TYR H 98 46.54 44.70 4.37
N GLY H 99 47.35 43.77 4.86
CA GLY H 99 46.94 42.38 4.80
C GLY H 99 47.84 41.50 5.63
N THR H 100 47.77 40.20 5.34
CA THR H 100 48.55 39.21 6.08
C THR H 100 49.16 38.21 5.12
N ALA H 101 50.34 37.71 5.47
CA ALA H 101 50.93 36.59 4.76
C ALA H 101 50.32 35.30 5.27
N TYR H 102 50.15 34.33 4.36
CA TYR H 102 49.56 33.07 4.77
C TYR H 102 50.22 31.85 4.13
N LYS H 103 51.27 32.03 3.34
CA LYS H 103 51.94 30.89 2.73
C LYS H 103 53.34 31.28 2.30
N PHE H 104 54.31 30.45 2.66
CA PHE H 104 55.69 30.55 2.20
C PHE H 104 56.02 29.20 1.58
N GLU H 105 56.01 29.10 0.26
CA GLU H 105 56.28 27.81 -0.38
C GLU H 105 57.55 27.90 -1.21
N GLU H 106 57.97 26.74 -1.70
CA GLU H 106 59.19 26.61 -2.47
C GLU H 106 58.85 26.45 -3.95
N VAL H 107 59.73 26.97 -4.81
CA VAL H 107 59.59 26.77 -6.24
C VAL H 107 60.71 25.87 -6.77
N SER H 108 61.94 26.21 -6.42
CA SER H 108 63.09 25.37 -6.72
C SER H 108 64.14 25.64 -5.64
N LYS H 109 65.36 25.16 -5.86
CA LYS H 109 66.44 25.49 -4.96
C LYS H 109 66.76 26.97 -5.05
N ASP H 110 66.93 27.60 -3.89
CA ASP H 110 67.24 29.03 -3.77
C ASP H 110 66.19 29.91 -4.45
N LEU H 111 64.92 29.52 -4.30
CA LEU H 111 63.83 30.28 -4.92
C LEU H 111 62.55 29.96 -4.16
N ILE H 112 62.01 30.94 -3.44
CA ILE H 112 60.80 30.75 -2.66
C ILE H 112 59.76 31.80 -3.06
N ALA H 113 58.51 31.49 -2.76
CA ALA H 113 57.37 32.35 -3.07
C ALA H 113 56.59 32.65 -1.80
N VAL H 114 56.16 33.89 -1.66
CA VAL H 114 55.42 34.37 -0.50
C VAL H 114 54.05 34.86 -0.98
N TYR H 115 53.00 34.46 -0.28
CA TYR H 115 51.63 34.76 -0.67
C TYR H 115 51.01 35.70 0.36
N TYR H 116 50.56 36.86 -0.10
CA TYR H 116 49.89 37.85 0.73
C TYR H 116 48.45 38.00 0.25
N SER H 117 47.54 38.19 1.20
CA SER H 117 46.14 38.38 0.89
C SER H 117 45.62 39.60 1.63
N PHE H 118 45.47 40.71 0.92
CA PHE H 118 44.98 41.94 1.51
C PHE H 118 43.45 41.98 1.42
N GLY H 119 42.83 41.08 2.19
CA GLY H 119 41.39 40.98 2.19
C GLY H 119 40.81 40.53 0.87
N GLY H 120 41.41 39.53 0.25
CA GLY H 120 40.92 39.01 -1.00
C GLY H 120 41.83 39.32 -2.17
N LEU H 121 42.37 40.53 -2.21
CA LEU H 121 43.32 40.91 -3.24
C LEU H 121 44.64 40.21 -3.00
N LEU H 122 45.09 39.43 -3.97
CA LEU H 122 46.23 38.54 -3.77
C LEU H 122 47.53 39.20 -4.22
N MET H 123 48.63 38.65 -3.72
CA MET H 123 49.97 39.11 -4.08
C MET H 123 50.93 37.94 -3.92
N ARG H 124 51.35 37.36 -5.03
CA ARG H 124 52.36 36.31 -5.04
C ARG H 124 53.69 36.94 -5.43
N LEU H 125 54.65 36.92 -4.52
CA LEU H 125 55.96 37.52 -4.75
C LEU H 125 57.01 36.43 -4.58
N GLU H 126 57.76 36.13 -5.65
CA GLU H 126 58.76 35.08 -5.54
C GLU H 126 60.13 35.61 -5.92
N GLY H 127 61.14 34.96 -5.38
CA GLY H 127 62.51 35.36 -5.64
C GLY H 127 63.47 34.52 -4.83
N ASN H 128 64.73 34.96 -4.84
CA ASN H 128 65.77 34.26 -4.09
C ASN H 128 65.55 34.52 -2.61
N TYR H 129 65.75 33.49 -1.79
CA TYR H 129 65.43 33.58 -0.38
C TYR H 129 66.44 34.39 0.43
N ARG H 130 67.57 34.80 -0.17
CA ARG H 130 68.49 35.67 0.54
C ARG H 130 67.94 37.09 0.67
N ASN H 131 66.93 37.44 -0.13
CA ASN H 131 66.30 38.75 -0.07
C ASN H 131 64.97 38.74 0.67
N LEU H 132 64.27 37.62 0.70
CA LEU H 132 62.98 37.50 1.36
C LEU H 132 63.10 36.85 2.72
N ASN H 133 64.19 37.11 3.44
CA ASN H 133 64.41 36.52 4.75
C ASN H 133 63.79 37.33 5.88
N ASN H 134 63.12 38.45 5.56
CA ASN H 134 62.57 39.30 6.59
C ASN H 134 61.07 39.14 6.80
N LEU H 135 60.37 38.52 5.85
CA LEU H 135 58.94 38.31 5.99
C LEU H 135 58.67 37.19 6.98
N LYS H 136 57.81 37.44 7.96
CA LYS H 136 57.66 36.54 9.12
C LYS H 136 56.25 36.00 9.29
N GLN H 137 55.44 36.00 8.23
CA GLN H 137 54.07 35.48 8.27
C GLN H 137 53.23 36.21 9.33
N GLU H 138 53.03 37.50 9.10
CA GLU H 138 52.23 38.33 9.99
C GLU H 138 51.57 39.43 9.18
N ASN H 139 50.87 40.31 9.88
CA ASN H 139 50.25 41.44 9.22
C ASN H 139 51.31 42.40 8.69
N ALA H 140 51.12 42.85 7.46
CA ALA H 140 52.07 43.73 6.79
C ALA H 140 51.35 44.62 5.80
N TYR H 141 52.01 45.71 5.45
CA TYR H 141 51.48 46.68 4.50
C TYR H 141 52.15 46.48 3.15
N LEU H 142 51.56 47.11 2.14
CA LEU H 142 52.10 47.07 0.79
C LEU H 142 51.94 48.47 0.21
N LEU H 143 53.06 49.12 -0.07
CA LEU H 143 53.08 50.50 -0.54
C LEU H 143 53.57 50.52 -1.98
N ILE H 144 52.75 51.06 -2.87
CA ILE H 144 53.03 51.11 -4.30
C ILE H 144 53.08 52.57 -4.72
N ARG H 145 54.16 52.96 -5.39
CA ARG H 145 54.33 54.32 -5.86
C ARG H 145 54.67 54.31 -7.35
N ARG H 146 54.04 55.19 -8.11
CA ARG H 146 54.33 55.28 -9.54
C ARG H 146 55.70 55.90 -9.77
N MET I 1 6.90 -29.86 -47.66
CA MET I 1 6.07 -30.30 -48.77
C MET I 1 4.80 -29.46 -48.85
N LEU I 2 4.66 -28.72 -49.94
CA LEU I 2 3.54 -27.79 -50.16
C LEU I 2 2.90 -28.06 -51.51
N SER I 3 2.64 -29.33 -51.81
CA SER I 3 1.98 -29.69 -53.05
C SER I 3 0.47 -29.50 -52.94
N PHE I 4 -0.13 -29.01 -54.01
CA PHE I 4 -1.55 -28.69 -54.04
C PHE I 4 -2.26 -29.50 -55.11
N CYS I 5 -3.52 -29.86 -54.83
CA CYS I 5 -4.24 -30.81 -55.66
C CYS I 5 -4.64 -30.17 -56.99
N PRO I 6 -4.61 -30.93 -58.08
CA PRO I 6 -5.10 -30.39 -59.36
C PRO I 6 -6.57 -30.60 -59.61
N SER I 7 -7.29 -31.27 -58.71
CA SER I 7 -8.73 -31.46 -58.84
C SER I 7 -9.52 -30.51 -57.95
N CYS I 8 -9.28 -30.55 -56.65
CA CYS I 8 -10.02 -29.72 -55.69
C CYS I 8 -9.16 -28.65 -55.04
N ASN I 9 -7.88 -28.54 -55.43
CA ASN I 9 -6.97 -27.52 -54.92
C ASN I 9 -6.83 -27.58 -53.41
N ASN I 10 -6.46 -28.77 -52.91
CA ASN I 10 -6.29 -29.00 -51.48
C ASN I 10 -4.88 -29.50 -51.20
N MET I 11 -4.58 -29.67 -49.91
CA MET I 11 -3.27 -30.12 -49.48
C MET I 11 -3.09 -31.61 -49.71
N LEU I 12 -1.93 -31.98 -50.24
CA LEU I 12 -1.59 -33.38 -50.47
C LEU I 12 -0.92 -33.94 -49.21
N LEU I 13 -1.52 -34.99 -48.66
CA LEU I 13 -0.97 -35.69 -47.52
C LEU I 13 -0.30 -36.96 -48.04
N ILE I 14 0.94 -37.19 -47.65
CA ILE I 14 1.61 -38.41 -48.09
C ILE I 14 1.29 -39.52 -47.09
N THR I 15 0.76 -40.62 -47.60
CA THR I 15 0.40 -41.76 -46.78
C THR I 15 1.05 -43.02 -47.35
N SER I 16 1.25 -44.00 -46.46
CA SER I 16 1.83 -45.28 -46.85
C SER I 16 0.77 -46.33 -47.14
N GLY I 17 -0.47 -46.09 -46.74
CA GLY I 17 -1.50 -47.12 -46.89
C GLY I 17 -1.17 -48.29 -45.99
N ASP I 18 -1.04 -49.47 -46.61
CA ASP I 18 -0.58 -50.65 -45.91
C ASP I 18 0.47 -51.44 -46.67
N SER I 19 0.67 -51.18 -47.96
CA SER I 19 1.67 -51.90 -48.73
C SER I 19 3.08 -51.37 -48.53
N GLY I 20 3.25 -50.19 -47.94
CA GLY I 20 4.56 -49.67 -47.64
C GLY I 20 5.13 -48.67 -48.61
N VAL I 21 4.35 -48.19 -49.57
CA VAL I 21 4.80 -47.21 -50.55
C VAL I 21 4.12 -45.87 -50.24
N TYR I 22 4.90 -44.80 -50.24
CA TYR I 22 4.36 -43.47 -49.98
C TYR I 22 3.72 -42.89 -51.22
N THR I 23 2.53 -42.32 -51.04
CA THR I 23 1.75 -41.74 -52.12
C THR I 23 1.23 -40.38 -51.69
N LEU I 24 1.14 -39.47 -52.66
CA LEU I 24 0.63 -38.11 -52.47
C LEU I 24 -0.91 -38.13 -52.44
N ALA I 25 -1.45 -38.79 -51.43
CA ALA I 25 -2.89 -38.99 -51.36
C ALA I 25 -3.60 -37.69 -51.02
N CYS I 26 -4.84 -37.55 -51.49
CA CYS I 26 -5.69 -36.42 -51.18
C CYS I 26 -6.98 -36.98 -50.58
N ARG I 27 -7.32 -36.53 -49.38
CA ARG I 27 -8.49 -37.06 -48.69
C ARG I 27 -9.78 -36.33 -49.04
N SER I 28 -9.69 -35.25 -49.82
CA SER I 28 -10.89 -34.52 -50.23
C SER I 28 -11.48 -35.03 -51.53
N CYS I 29 -10.70 -35.73 -52.34
CA CYS I 29 -11.15 -36.23 -53.64
C CYS I 29 -10.29 -37.42 -54.01
N PRO I 30 -10.78 -38.30 -54.87
CA PRO I 30 -9.94 -39.42 -55.30
C PRO I 30 -8.82 -38.97 -56.22
N TYR I 31 -7.61 -38.90 -55.67
CA TYR I 31 -6.41 -38.49 -56.41
C TYR I 31 -5.20 -38.80 -55.57
N GLU I 32 -4.19 -39.42 -56.18
CA GLU I 32 -2.87 -39.52 -55.56
C GLU I 32 -1.83 -39.59 -56.66
N PHE I 33 -0.58 -39.53 -56.25
CA PHE I 33 0.57 -39.54 -57.15
C PHE I 33 1.68 -40.38 -56.53
N PRO I 34 1.86 -41.62 -57.00
CA PRO I 34 2.97 -42.44 -56.49
C PRO I 34 4.32 -41.83 -56.83
N ILE I 35 5.31 -42.14 -55.99
CA ILE I 35 6.63 -41.53 -56.10
C ILE I 35 7.65 -42.59 -56.55
N GLU I 36 7.18 -43.58 -57.32
CA GLU I 36 8.08 -44.58 -57.89
C GLU I 36 9.01 -43.93 -58.90
N GLY I 37 10.24 -44.46 -58.97
CA GLY I 37 11.21 -43.93 -59.90
C GLY I 37 11.84 -42.63 -59.42
N ILE I 38 11.44 -41.51 -60.01
CA ILE I 38 11.96 -40.22 -59.60
C ILE I 38 11.46 -39.89 -58.20
N GLU I 39 12.30 -39.20 -57.43
CA GLU I 39 11.96 -38.81 -56.07
C GLU I 39 11.62 -37.33 -56.03
N ILE I 40 10.82 -36.95 -55.04
CA ILE I 40 10.39 -35.57 -54.87
C ILE I 40 11.06 -35.00 -53.63
N TYR I 41 11.25 -33.68 -53.63
CA TYR I 41 11.88 -33.02 -52.50
C TYR I 41 11.46 -31.56 -52.48
N ASP I 42 11.40 -30.99 -51.28
CA ASP I 42 11.10 -29.58 -51.07
C ASP I 42 12.24 -28.97 -50.27
N ARG I 43 12.97 -28.05 -50.88
CA ARG I 43 14.11 -27.41 -50.25
C ARG I 43 13.75 -26.00 -49.81
N LYS I 44 13.98 -25.69 -48.53
CA LYS I 44 13.83 -24.35 -48.01
C LYS I 44 15.22 -23.75 -47.87
N LYS I 45 15.50 -22.71 -48.66
CA LYS I 45 16.83 -22.12 -48.69
C LYS I 45 16.99 -21.20 -47.47
N LEU I 46 17.82 -21.63 -46.52
CA LEU I 46 18.12 -20.82 -45.36
C LEU I 46 18.92 -19.58 -45.79
N PRO I 47 18.75 -18.47 -45.07
CA PRO I 47 19.47 -17.25 -45.45
C PRO I 47 20.97 -17.40 -45.23
N ARG I 48 21.74 -16.70 -46.05
CA ARG I 48 23.19 -16.68 -45.98
C ARG I 48 23.63 -15.24 -45.70
N LYS I 49 24.09 -14.99 -44.48
CA LYS I 49 24.52 -13.67 -44.07
C LYS I 49 26.06 -13.60 -44.02
N GLU I 50 26.55 -12.36 -44.07
CA GLU I 50 27.99 -12.11 -44.01
C GLU I 50 28.39 -11.96 -42.54
N VAL I 51 28.95 -13.03 -41.97
CA VAL I 51 29.37 -13.02 -40.58
C VAL I 51 30.78 -12.46 -40.48
N ASP I 52 31.19 -12.14 -39.26
CA ASP I 52 32.44 -11.44 -39.02
C ASP I 52 33.63 -12.38 -39.19
N ASP I 53 34.65 -11.92 -39.90
CA ASP I 53 35.88 -12.68 -40.06
C ASP I 53 36.67 -12.73 -38.75
N VAL I 54 37.37 -13.84 -38.54
CA VAL I 54 38.22 -14.03 -37.38
C VAL I 54 39.68 -14.20 -37.76
N LEU I 55 39.97 -14.88 -38.87
CA LEU I 55 41.34 -15.04 -39.36
C LEU I 55 41.54 -14.36 -40.71
N GLY I 56 40.82 -13.26 -40.95
CA GLY I 56 41.00 -12.50 -42.16
C GLY I 56 42.35 -11.83 -42.22
N GLY I 57 43.23 -12.33 -43.08
CA GLY I 57 44.57 -11.78 -43.18
C GLY I 57 45.43 -12.00 -41.95
N GLY I 58 45.38 -13.19 -41.36
CA GLY I 58 46.19 -13.50 -40.20
C GLY I 58 47.51 -14.17 -40.49
N TRP I 59 47.94 -14.17 -41.76
CA TRP I 59 49.13 -14.87 -42.19
C TRP I 59 49.95 -14.05 -43.17
N ASP I 60 49.94 -12.72 -43.02
CA ASP I 60 50.65 -11.82 -43.91
C ASP I 60 52.02 -11.49 -43.33
N ASN I 61 53.06 -11.69 -44.14
CA ASN I 61 54.45 -11.44 -43.76
C ASN I 61 54.84 -12.21 -42.49
N VAL I 62 54.37 -13.45 -42.40
CA VAL I 62 54.64 -14.30 -41.25
C VAL I 62 55.64 -15.37 -41.66
N ASP I 63 56.24 -15.99 -40.66
CA ASP I 63 57.20 -17.06 -40.89
C ASP I 63 56.48 -18.30 -41.39
N GLN I 64 57.23 -19.16 -42.10
CA GLN I 64 56.69 -20.37 -42.69
C GLN I 64 57.41 -21.58 -42.11
N THR I 65 56.64 -22.55 -41.62
CA THR I 65 57.20 -23.73 -40.98
C THR I 65 57.17 -24.92 -41.93
N LYS I 66 57.81 -26.01 -41.51
CA LYS I 66 57.90 -27.24 -42.29
C LYS I 66 57.05 -28.31 -41.61
N THR I 67 55.80 -28.43 -42.05
CA THR I 67 54.87 -29.42 -41.51
C THR I 67 54.20 -30.15 -42.66
N GLN I 68 53.95 -31.44 -42.48
CA GLN I 68 53.25 -32.22 -43.48
C GLN I 68 51.76 -31.88 -43.47
N CYS I 69 51.22 -31.57 -44.65
CA CYS I 69 49.80 -31.25 -44.76
C CYS I 69 48.98 -32.53 -44.72
N PRO I 70 47.82 -32.52 -44.04
CA PRO I 70 46.98 -33.72 -43.99
C PRO I 70 46.45 -34.14 -45.35
N ASN I 71 46.17 -33.20 -46.24
CA ASN I 71 45.66 -33.52 -47.56
C ASN I 71 46.83 -33.80 -48.50
N TYR I 72 47.03 -35.07 -48.84
CA TYR I 72 48.07 -35.48 -49.77
C TYR I 72 47.51 -35.95 -51.11
N ASP I 73 46.20 -35.82 -51.31
CA ASP I 73 45.58 -36.15 -52.59
C ASP I 73 45.53 -34.96 -53.54
N THR I 74 45.87 -33.76 -53.07
CA THR I 74 45.82 -32.56 -53.89
C THR I 74 47.17 -31.89 -54.06
N CYS I 75 47.89 -31.68 -52.97
CA CYS I 75 49.15 -30.93 -53.00
C CYS I 75 50.23 -31.68 -52.23
N GLY I 76 51.47 -31.47 -52.65
CA GLY I 76 52.60 -32.05 -51.97
C GLY I 76 53.44 -31.01 -51.23
N GLY I 77 52.83 -29.88 -50.91
CA GLY I 77 53.55 -28.82 -50.25
C GLY I 77 53.91 -29.16 -48.82
N GLU I 78 55.11 -28.75 -48.42
CA GLU I 78 55.60 -28.98 -47.08
C GLU I 78 55.89 -27.71 -46.30
N SER I 79 55.67 -26.54 -46.90
CA SER I 79 55.82 -25.26 -46.23
C SER I 79 54.44 -24.71 -45.89
N ALA I 80 54.23 -24.38 -44.61
CA ALA I 80 52.92 -24.02 -44.12
C ALA I 80 52.99 -22.69 -43.39
N TYR I 81 51.98 -21.85 -43.62
CA TYR I 81 51.89 -20.59 -42.89
C TYR I 81 51.29 -20.82 -41.51
N PHE I 82 52.01 -20.40 -40.47
CA PHE I 82 51.61 -20.69 -39.10
C PHE I 82 51.49 -19.40 -38.30
N PHE I 83 50.67 -19.46 -37.26
CA PHE I 83 50.45 -18.35 -36.36
C PHE I 83 50.14 -18.88 -34.97
N GLN I 84 50.83 -18.34 -33.97
CA GLN I 84 50.67 -18.73 -32.57
C GLN I 84 49.63 -17.83 -31.93
N LEU I 85 48.59 -18.42 -31.35
CA LEU I 85 47.54 -17.65 -30.71
C LEU I 85 47.10 -18.36 -29.43
N GLN I 86 47.09 -17.62 -28.32
CA GLN I 86 46.64 -18.14 -27.04
C GLN I 86 45.12 -18.20 -27.05
N ILE I 87 44.59 -19.42 -27.01
CA ILE I 87 43.15 -19.63 -27.13
C ILE I 87 42.55 -20.25 -25.86
N ARG I 88 43.29 -21.08 -25.16
CA ARG I 88 42.83 -21.74 -23.94
C ARG I 88 43.36 -20.98 -22.73
N SER I 89 43.16 -21.57 -21.55
CA SER I 89 43.59 -20.95 -20.31
C SER I 89 45.11 -20.93 -20.20
N ALA I 90 45.61 -20.13 -19.25
CA ALA I 90 47.05 -19.89 -19.13
C ALA I 90 47.81 -21.11 -18.65
N ASP I 91 47.14 -22.10 -18.08
CA ASP I 91 47.80 -23.30 -17.60
C ASP I 91 47.88 -24.41 -18.66
N GLU I 92 47.38 -24.15 -19.86
CA GLU I 92 47.36 -25.14 -20.93
C GLU I 92 48.30 -24.73 -22.06
N PRO I 93 48.75 -25.70 -22.88
CA PRO I 93 49.65 -25.38 -23.99
C PRO I 93 49.03 -24.38 -24.97
N MET I 94 49.89 -23.55 -25.55
CA MET I 94 49.48 -22.51 -26.47
C MET I 94 49.18 -23.14 -27.83
N THR I 95 47.94 -22.97 -28.30
CA THR I 95 47.54 -23.55 -29.57
C THR I 95 48.08 -22.71 -30.72
N THR I 96 48.07 -23.30 -31.93
CA THR I 96 48.52 -22.61 -33.12
C THR I 96 47.68 -23.05 -34.31
N PHE I 97 47.62 -22.16 -35.30
CA PHE I 97 46.84 -22.34 -36.51
C PHE I 97 47.76 -22.26 -37.72
N TYR I 98 47.69 -23.24 -38.61
CA TYR I 98 48.59 -23.23 -39.76
C TYR I 98 47.93 -23.92 -40.95
N LYS I 99 48.32 -23.46 -42.13
CA LYS I 99 47.64 -23.83 -43.37
C LYS I 99 48.66 -24.12 -44.47
N CYS I 100 48.20 -24.92 -45.44
CA CYS I 100 49.00 -25.28 -46.60
C CYS I 100 49.21 -24.09 -47.51
N VAL I 101 50.28 -24.15 -48.30
CA VAL I 101 50.59 -23.07 -49.23
C VAL I 101 49.78 -23.18 -50.52
N ASN I 102 49.28 -24.38 -50.85
CA ASN I 102 48.63 -24.61 -52.13
C ASN I 102 47.11 -24.74 -52.02
N CYS I 103 46.64 -25.69 -51.20
CA CYS I 103 45.24 -26.08 -51.18
C CYS I 103 44.47 -25.48 -50.01
N GLY I 104 45.09 -24.60 -49.23
CA GLY I 104 44.41 -24.04 -48.07
C GLY I 104 44.18 -25.11 -47.02
N HIS I 105 42.92 -25.30 -46.64
CA HIS I 105 42.48 -26.31 -45.68
C HIS I 105 43.20 -26.14 -44.34
N ARG I 106 42.92 -25.01 -43.70
CA ARG I 106 43.59 -24.63 -42.45
C ARG I 106 43.34 -25.66 -41.36
N TRP I 107 44.35 -25.89 -40.52
CA TRP I 107 44.16 -26.78 -39.38
C TRP I 107 45.01 -26.31 -38.21
N LYS I 108 44.59 -26.72 -37.02
CA LYS I 108 45.16 -26.22 -35.77
C LYS I 108 45.70 -27.38 -34.94
N GLU I 109 46.64 -27.05 -34.06
CA GLU I 109 47.12 -28.02 -33.08
C GLU I 109 47.31 -27.35 -31.74
N ASN I 110 47.14 -28.14 -30.68
CA ASN I 110 47.26 -27.66 -29.31
C ASN I 110 48.53 -28.19 -28.66
N MET J 1 -15.65 46.40 -13.56
CA MET J 1 -16.96 46.96 -13.27
C MET J 1 -17.02 48.43 -13.67
N ILE J 2 -16.39 49.28 -12.87
CA ILE J 2 -16.40 50.72 -13.08
C ILE J 2 -14.97 51.22 -12.95
N VAL J 3 -14.73 52.44 -13.45
CA VAL J 3 -13.38 52.99 -13.47
C VAL J 3 -12.89 53.20 -12.04
N PRO J 4 -11.65 52.85 -11.71
CA PRO J 4 -11.14 53.10 -10.36
C PRO J 4 -11.00 54.59 -10.09
N VAL J 5 -11.15 54.95 -8.82
CA VAL J 5 -11.05 56.36 -8.43
C VAL J 5 -9.61 56.84 -8.55
N ARG J 6 -8.66 56.01 -8.13
CA ARG J 6 -7.26 56.39 -8.12
C ARG J 6 -6.42 55.34 -8.84
N CYS J 7 -5.28 55.79 -9.36
CA CYS J 7 -4.35 54.88 -10.01
C CYS J 7 -3.65 54.02 -8.96
N PHE J 8 -3.48 52.73 -9.29
CA PHE J 8 -2.95 51.79 -8.31
C PHE J 8 -1.51 52.09 -7.93
N SER J 9 -0.69 52.45 -8.91
CA SER J 9 0.75 52.52 -8.66
C SER J 9 1.15 53.82 -7.97
N CYS J 10 0.70 54.96 -8.48
CA CYS J 10 1.12 56.25 -7.97
C CYS J 10 0.07 56.89 -7.07
N GLY J 11 -1.18 57.00 -7.54
CA GLY J 11 -2.23 57.54 -6.72
C GLY J 11 -2.93 58.73 -7.31
N LYS J 12 -2.67 59.03 -8.58
CA LYS J 12 -3.33 60.13 -9.25
C LYS J 12 -4.81 59.85 -9.43
N VAL J 13 -5.64 60.87 -9.28
CA VAL J 13 -7.07 60.72 -9.44
C VAL J 13 -7.38 60.63 -10.93
N VAL J 14 -7.85 59.47 -11.36
CA VAL J 14 -8.17 59.21 -12.77
C VAL J 14 -9.62 58.86 -12.99
N GLY J 15 -10.45 58.87 -11.94
CA GLY J 15 -11.85 58.56 -12.13
C GLY J 15 -12.57 59.59 -12.97
N ASP J 16 -12.16 60.84 -12.86
CA ASP J 16 -12.79 61.91 -13.63
C ASP J 16 -12.33 61.93 -15.08
N LYS J 17 -11.20 61.31 -15.40
CA LYS J 17 -10.67 61.36 -16.76
C LYS J 17 -11.34 60.37 -17.71
N TRP J 18 -12.17 59.47 -17.20
CA TRP J 18 -12.72 58.41 -18.04
C TRP J 18 -13.75 58.97 -19.03
N GLU J 19 -14.66 59.80 -18.54
CA GLU J 19 -15.68 60.40 -19.41
C GLU J 19 -15.03 61.31 -20.46
N SER J 20 -14.03 62.09 -20.05
CA SER J 20 -13.33 62.94 -20.99
C SER J 20 -12.57 62.11 -22.03
N TYR J 21 -12.00 60.98 -21.61
CA TYR J 21 -11.31 60.11 -22.55
C TYR J 21 -12.28 59.53 -23.57
N LEU J 22 -13.46 59.11 -23.11
CA LEU J 22 -14.47 58.60 -24.04
C LEU J 22 -14.92 59.69 -25.01
N ASN J 23 -15.12 60.90 -24.50
CA ASN J 23 -15.56 62.01 -25.36
C ASN J 23 -14.49 62.35 -26.40
N LEU J 24 -13.22 62.36 -25.98
CA LEU J 24 -12.14 62.61 -26.92
C LEU J 24 -12.00 61.49 -27.94
N LEU J 25 -12.38 60.26 -27.56
CA LEU J 25 -12.36 59.16 -28.51
C LEU J 25 -13.48 59.28 -29.53
N GLN J 26 -14.66 59.74 -29.11
CA GLN J 26 -15.83 59.64 -29.98
C GLN J 26 -15.99 60.88 -30.87
N GLU J 27 -16.16 62.06 -30.28
CA GLU J 27 -16.49 63.23 -31.08
C GLU J 27 -15.25 63.92 -31.64
N ASP J 28 -14.08 63.69 -31.05
CA ASP J 28 -12.85 64.28 -31.56
C ASP J 28 -12.07 63.36 -32.49
N GLU J 29 -12.48 62.09 -32.58
CA GLU J 29 -11.92 61.06 -33.50
C GLU J 29 -10.39 61.05 -33.46
N LEU J 30 -9.85 61.08 -32.26
CA LEU J 30 -8.41 61.02 -32.03
C LEU J 30 -8.02 59.61 -31.58
N ASP J 31 -6.81 59.20 -31.95
CA ASP J 31 -6.26 57.96 -31.42
C ASP J 31 -6.04 58.11 -29.92
N GLU J 32 -6.22 57.00 -29.19
CA GLU J 32 -6.16 57.05 -27.74
C GLU J 32 -4.78 57.41 -27.21
N GLY J 33 -3.72 57.15 -27.99
CA GLY J 33 -2.38 57.50 -27.57
C GLY J 33 -2.15 58.98 -27.37
N THR J 34 -2.93 59.81 -28.06
CA THR J 34 -2.89 61.26 -27.86
C THR J 34 -3.92 61.72 -26.85
N ALA J 35 -5.09 61.07 -26.80
CA ALA J 35 -6.13 61.46 -25.86
C ALA J 35 -5.69 61.22 -24.42
N LEU J 36 -4.92 60.15 -24.19
CA LEU J 36 -4.38 59.91 -22.85
C LEU J 36 -3.45 61.03 -22.42
N SER J 37 -2.59 61.47 -23.32
CA SER J 37 -1.63 62.52 -22.98
C SER J 37 -2.30 63.89 -22.86
N ARG J 38 -3.42 64.09 -23.55
CA ARG J 38 -4.11 65.37 -23.45
C ARG J 38 -4.72 65.59 -22.07
N LEU J 39 -5.17 64.50 -21.43
CA LEU J 39 -5.84 64.60 -20.14
C LEU J 39 -4.87 64.63 -18.97
N GLY J 40 -3.59 64.91 -19.21
CA GLY J 40 -2.62 65.01 -18.14
C GLY J 40 -2.10 63.69 -17.62
N LEU J 41 -2.43 62.58 -18.27
CA LEU J 41 -1.93 61.27 -17.86
C LEU J 41 -0.52 61.12 -18.42
N LYS J 42 0.47 61.56 -17.64
CA LYS J 42 1.85 61.53 -18.11
C LYS J 42 2.48 60.17 -17.86
N ARG J 43 2.48 59.71 -16.62
CA ARG J 43 3.06 58.42 -16.28
C ARG J 43 2.24 57.30 -16.92
N TYR J 44 2.91 56.19 -17.24
CA TYR J 44 2.21 55.12 -17.93
C TYR J 44 1.32 54.30 -16.99
N CYS J 45 1.50 54.44 -15.69
CA CYS J 45 0.58 53.79 -14.75
C CYS J 45 -0.82 54.37 -14.87
N CYS J 46 -0.93 55.70 -14.89
CA CYS J 46 -2.23 56.32 -15.09
C CYS J 46 -2.75 56.05 -16.50
N ARG J 47 -1.86 55.82 -17.46
CA ARG J 47 -2.30 55.46 -18.80
C ARG J 47 -2.95 54.08 -18.82
N ARG J 48 -2.30 53.11 -18.19
CA ARG J 48 -2.86 51.76 -18.16
C ARG J 48 -4.05 51.67 -17.24
N MET J 49 -4.23 52.66 -16.36
CA MET J 49 -5.38 52.65 -15.47
C MET J 49 -6.70 52.76 -16.22
N ILE J 50 -6.77 53.55 -17.28
CA ILE J 50 -8.00 53.69 -18.04
C ILE J 50 -7.88 53.18 -19.47
N LEU J 51 -6.68 52.91 -19.97
CA LEU J 51 -6.56 52.30 -21.30
C LEU J 51 -7.01 50.84 -21.28
N THR J 52 -6.76 50.15 -20.17
CA THR J 52 -7.06 48.73 -20.05
C THR J 52 -8.38 48.45 -19.36
N HIS J 53 -9.12 49.48 -18.96
CA HIS J 53 -10.33 49.26 -18.18
C HIS J 53 -11.48 48.78 -19.07
N VAL J 54 -12.29 47.90 -18.53
CA VAL J 54 -13.50 47.43 -19.17
C VAL J 54 -14.70 48.06 -18.47
N ASP J 55 -15.58 48.69 -19.24
CA ASP J 55 -16.75 49.37 -18.69
C ASP J 55 -17.87 48.34 -18.53
N LEU J 56 -17.74 47.49 -17.52
CA LEU J 56 -18.67 46.40 -17.31
C LEU J 56 -19.96 46.82 -16.62
N ILE J 57 -20.02 48.02 -16.06
CA ILE J 57 -21.24 48.46 -15.38
C ILE J 57 -22.37 48.68 -16.39
N GLU J 58 -22.02 49.14 -17.61
CA GLU J 58 -23.03 49.29 -18.65
C GLU J 58 -23.64 47.95 -19.03
N LYS J 59 -22.81 46.90 -19.13
CA LYS J 59 -23.34 45.58 -19.43
C LYS J 59 -24.14 45.02 -18.27
N PHE J 60 -23.72 45.32 -17.04
CA PHE J 60 -24.44 44.82 -15.88
C PHE J 60 -25.80 45.49 -15.71
N LEU J 61 -25.91 46.76 -16.10
CA LEU J 61 -27.12 47.52 -15.80
C LEU J 61 -28.30 47.15 -16.67
N ARG J 62 -28.11 46.33 -17.71
CA ARG J 62 -29.25 45.84 -18.48
C ARG J 62 -30.13 44.93 -17.63
N TYR J 63 -29.53 44.20 -16.70
CA TYR J 63 -30.27 43.27 -15.84
C TYR J 63 -30.57 43.96 -14.51
N ASN J 64 -31.46 44.95 -14.59
CA ASN J 64 -31.82 45.73 -13.41
C ASN J 64 -33.16 45.20 -12.90
N PRO J 65 -33.20 44.55 -11.74
CA PRO J 65 -34.48 44.03 -11.23
C PRO J 65 -35.41 45.11 -10.70
N LEU J 66 -34.96 46.35 -10.59
CA LEU J 66 -35.79 47.41 -10.04
C LEU J 66 -36.72 48.04 -11.08
N GLU J 67 -36.65 47.61 -12.33
CA GLU J 67 -37.48 48.16 -13.38
C GLU J 67 -37.68 47.11 -14.46
N LYS J 68 -38.88 47.12 -15.06
CA LYS J 68 -39.22 46.10 -16.04
C LYS J 68 -38.37 46.22 -17.30
N ARG J 69 -37.77 45.11 -17.71
CA ARG J 69 -36.88 45.10 -18.86
C ARG J 69 -37.67 45.19 -20.16
N GLU K 41 5.27 62.06 33.46
CA GLU K 41 4.82 62.76 32.26
C GLU K 41 5.56 62.37 30.95
N PRO K 42 6.90 62.33 30.92
CA PRO K 42 7.57 61.93 29.68
C PRO K 42 7.30 60.47 29.33
N ASP K 43 7.27 60.19 28.03
CA ASP K 43 6.98 58.86 27.53
C ASP K 43 8.23 58.02 27.77
N ARG K 44 8.25 57.30 28.89
CA ARG K 44 9.40 56.46 29.22
C ARG K 44 9.51 55.25 28.31
N GLU K 45 8.45 54.90 27.58
CA GLU K 45 8.46 53.75 26.69
C GLU K 45 8.84 54.11 25.27
N LYS K 46 9.21 55.37 25.00
CA LYS K 46 9.55 55.77 23.64
C LYS K 46 10.90 55.20 23.22
N ILE K 47 11.96 55.57 23.94
CA ILE K 47 13.31 55.13 23.62
C ILE K 47 13.91 54.46 24.84
N LYS K 48 14.47 53.28 24.64
CA LYS K 48 15.12 52.51 25.69
C LYS K 48 16.57 52.26 25.32
N LEU K 49 17.38 51.91 26.31
CA LEU K 49 18.77 51.53 26.12
C LEU K 49 18.89 50.05 26.46
N LEU K 50 19.19 49.23 25.45
CA LEU K 50 19.30 47.79 25.64
C LEU K 50 20.57 47.48 26.43
N THR K 51 20.39 47.03 27.67
CA THR K 51 21.53 46.81 28.55
C THR K 51 22.29 45.53 28.22
N GLN K 52 21.69 44.62 27.45
CA GLN K 52 22.36 43.36 27.15
C GLN K 52 23.47 43.55 26.13
N ALA K 53 23.44 44.64 25.37
CA ALA K 53 24.40 44.86 24.30
C ALA K 53 25.39 45.98 24.57
N THR K 54 25.07 46.91 25.47
CA THR K 54 25.94 48.03 25.73
C THR K 54 27.19 47.60 26.48
N SER K 55 28.29 48.30 26.26
CA SER K 55 29.50 48.06 27.01
C SER K 55 29.35 48.60 28.43
N GLU K 56 30.14 48.05 29.34
CA GLU K 56 30.01 48.42 30.75
C GLU K 56 30.49 49.84 31.00
N ASP K 57 31.44 50.35 30.21
CA ASP K 57 31.96 51.69 30.40
C ASP K 57 31.25 52.73 29.53
N GLY K 58 30.22 52.33 28.78
CA GLY K 58 29.39 53.27 28.07
C GLY K 58 29.89 53.73 26.71
N THR K 59 31.03 53.21 26.25
CA THR K 59 31.54 53.65 24.95
C THR K 59 30.77 53.05 23.78
N SER K 60 29.89 52.09 24.03
CA SER K 60 29.06 51.50 22.98
C SER K 60 27.66 51.29 23.53
N ALA K 61 26.66 51.40 22.66
CA ALA K 61 25.28 51.23 23.09
C ALA K 61 24.42 50.83 21.91
N SER K 62 23.24 50.30 22.22
CA SER K 62 22.28 49.86 21.22
C SER K 62 20.90 50.30 21.67
N PHE K 63 20.48 51.48 21.23
CA PHE K 63 19.21 52.07 21.61
C PHE K 63 18.07 51.47 20.81
N GLN K 64 16.89 51.44 21.43
CA GLN K 64 15.68 50.88 20.84
C GLN K 64 14.61 51.96 20.81
N ILE K 65 14.10 52.26 19.63
CA ILE K 65 13.13 53.33 19.43
C ILE K 65 11.82 52.72 18.97
N VAL K 66 10.74 53.09 19.64
CA VAL K 66 9.41 52.56 19.35
C VAL K 66 8.68 53.54 18.44
N GLU K 67 7.87 52.98 17.53
CA GLU K 67 7.01 53.76 16.62
C GLU K 67 7.83 54.64 15.68
N GLU K 68 8.86 54.04 15.09
CA GLU K 68 9.65 54.73 14.07
C GLU K 68 10.06 53.72 13.00
N ASP K 69 10.63 54.23 11.93
CA ASP K 69 11.00 53.42 10.77
C ASP K 69 12.22 54.07 10.11
N HIS K 70 12.47 53.71 8.85
CA HIS K 70 13.68 54.15 8.16
C HIS K 70 13.77 55.67 8.02
N THR K 71 12.63 56.36 8.00
CA THR K 71 12.64 57.78 7.68
C THR K 71 13.35 58.62 8.75
N LEU K 72 13.44 58.10 9.98
CA LEU K 72 14.28 58.70 10.99
C LEU K 72 15.64 58.04 11.10
N GLY K 73 15.68 56.71 10.96
CA GLY K 73 16.92 55.98 11.15
C GLY K 73 17.99 56.35 10.14
N ASN K 74 17.61 56.55 8.87
CA ASN K 74 18.60 56.89 7.86
C ASN K 74 19.19 58.26 8.09
N ALA K 75 18.35 59.25 8.40
CA ALA K 75 18.82 60.60 8.68
C ALA K 75 19.70 60.61 9.91
N LEU K 76 19.29 59.90 10.97
CA LEU K 76 20.08 59.86 12.19
C LEU K 76 21.42 59.18 11.96
N ARG K 77 21.44 58.10 11.17
CA ARG K 77 22.68 57.41 10.86
C ARG K 77 23.62 58.31 10.09
N TYR K 78 23.10 59.00 9.06
CA TYR K 78 23.94 59.90 8.28
C TYR K 78 24.50 61.03 9.13
N VAL K 79 23.69 61.58 10.03
CA VAL K 79 24.16 62.69 10.86
C VAL K 79 25.20 62.19 11.86
N ILE K 80 24.94 61.05 12.50
CA ILE K 80 25.85 60.56 13.54
C ILE K 80 27.18 60.13 12.93
N MET K 81 27.17 59.59 11.72
CA MET K 81 28.44 59.24 11.07
C MET K 81 29.30 60.45 10.76
N LYS K 82 28.74 61.65 10.78
CA LYS K 82 29.53 62.86 10.63
C LYS K 82 30.13 63.35 11.94
N ASN K 83 29.83 62.71 13.06
CA ASN K 83 30.53 62.99 14.30
C ASN K 83 31.93 62.38 14.21
N PRO K 84 32.99 63.16 14.35
CA PRO K 84 34.34 62.60 14.20
C PRO K 84 34.70 61.54 15.24
N ASP K 85 34.01 61.52 16.38
CA ASP K 85 34.31 60.55 17.42
C ASP K 85 33.44 59.30 17.34
N VAL K 86 32.59 59.17 16.32
CA VAL K 86 31.73 58.01 16.17
C VAL K 86 32.41 57.03 15.22
N GLU K 87 32.62 55.81 15.69
CA GLU K 87 33.30 54.76 14.94
C GLU K 87 32.34 53.77 14.33
N PHE K 88 31.11 53.68 14.84
CA PHE K 88 30.12 52.72 14.37
C PHE K 88 28.75 53.33 14.60
N CYS K 89 27.92 53.38 13.56
CA CYS K 89 26.54 53.82 13.71
C CYS K 89 25.69 53.14 12.66
N GLY K 90 24.69 52.36 13.11
CA GLY K 90 23.83 51.68 12.16
C GLY K 90 22.47 51.34 12.70
N TYR K 91 21.43 51.46 11.86
CA TYR K 91 20.08 51.17 12.27
C TYR K 91 19.61 49.88 11.63
N SER K 92 18.50 49.35 12.13
CA SER K 92 17.89 48.16 11.58
C SER K 92 16.45 48.06 12.07
N ILE K 93 15.63 47.38 11.27
CA ILE K 93 14.28 47.01 11.67
C ILE K 93 14.28 45.51 11.93
N PRO K 94 14.20 45.07 13.19
CA PRO K 94 14.28 43.62 13.46
C PRO K 94 13.17 42.81 12.84
N HIS K 95 11.98 43.37 12.69
CA HIS K 95 10.88 42.68 12.05
C HIS K 95 9.87 43.69 11.54
N PRO K 96 9.52 43.66 10.25
CA PRO K 96 8.62 44.69 9.71
C PRO K 96 7.19 44.60 10.22
N SER K 97 6.78 43.46 10.78
CA SER K 97 5.42 43.34 11.28
C SER K 97 5.21 44.12 12.58
N GLU K 98 6.28 44.50 13.26
CA GLU K 98 6.19 45.30 14.47
C GLU K 98 6.88 46.64 14.23
N ASN K 99 6.35 47.69 14.85
CA ASN K 99 6.89 49.04 14.67
C ASN K 99 8.00 49.24 15.69
N LEU K 100 9.24 49.05 15.26
CA LEU K 100 10.36 49.09 16.17
C LEU K 100 11.62 49.39 15.37
N LEU K 101 12.63 49.96 16.02
CA LEU K 101 13.87 50.30 15.36
C LEU K 101 15.02 50.14 16.33
N ASN K 102 16.10 49.50 15.90
CA ASN K 102 17.28 49.32 16.74
C ASN K 102 18.45 50.05 16.10
N ILE K 103 19.05 50.98 16.85
CA ILE K 103 20.17 51.76 16.34
C ILE K 103 21.35 51.55 17.28
N ARG K 104 22.49 51.17 16.72
CA ARG K 104 23.69 50.86 17.49
C ARG K 104 24.76 51.90 17.20
N ILE K 105 25.34 52.45 18.27
CA ILE K 105 26.37 53.48 18.19
C ILE K 105 27.55 53.07 19.05
N GLN K 106 28.74 53.01 18.45
CA GLN K 106 29.98 52.78 19.16
C GLN K 106 30.94 53.92 18.85
N THR K 107 31.56 54.47 19.88
CA THR K 107 32.49 55.57 19.75
C THR K 107 33.89 55.11 20.10
N TYR K 108 34.85 56.03 20.00
CA TYR K 108 36.20 55.78 20.48
C TYR K 108 36.23 56.01 22.00
N GLY K 109 37.41 55.93 22.59
CA GLY K 109 37.52 56.03 24.03
C GLY K 109 37.61 57.45 24.56
N GLU K 110 36.79 58.34 24.03
CA GLU K 110 36.82 59.73 24.49
C GLU K 110 35.45 60.23 24.91
N THR K 111 34.38 59.76 24.26
CA THR K 111 33.03 60.15 24.61
C THR K 111 32.14 58.92 24.65
N THR K 112 31.02 59.05 25.34
CA THR K 112 30.08 57.94 25.48
C THR K 112 29.20 57.86 24.22
N ALA K 113 28.20 56.99 24.25
CA ALA K 113 27.31 56.82 23.11
C ALA K 113 26.05 57.66 23.23
N VAL K 114 25.56 57.86 24.46
CA VAL K 114 24.38 58.71 24.65
C VAL K 114 24.67 60.14 24.22
N ASP K 115 25.89 60.62 24.49
CA ASP K 115 26.27 61.95 24.03
C ASP K 115 26.29 62.02 22.51
N ALA K 116 26.75 60.95 21.86
CA ALA K 116 26.74 60.91 20.40
C ALA K 116 25.32 60.96 19.87
N LEU K 117 24.40 60.22 20.51
CA LEU K 117 23.02 60.22 20.05
C LEU K 117 22.37 61.59 20.22
N GLN K 118 22.59 62.24 21.37
CA GLN K 118 22.00 63.55 21.59
C GLN K 118 22.60 64.59 20.64
N LYS K 119 23.91 64.51 20.40
CA LYS K 119 24.53 65.45 19.45
C LYS K 119 24.01 65.24 18.04
N GLY K 120 23.82 63.97 17.65
CA GLY K 120 23.25 63.70 16.34
C GLY K 120 21.83 64.21 16.20
N LEU K 121 21.02 64.05 17.25
CA LEU K 121 19.65 64.58 17.20
C LEU K 121 19.65 66.10 17.13
N LYS K 122 20.52 66.76 17.89
CA LYS K 122 20.62 68.21 17.82
C LYS K 122 21.07 68.68 16.43
N ASP K 123 22.03 67.97 15.84
CA ASP K 123 22.49 68.33 14.50
C ASP K 123 21.40 68.12 13.46
N LEU K 124 20.60 67.06 13.62
CA LEU K 124 19.48 66.83 12.71
C LEU K 124 18.44 67.94 12.83
N MET K 125 18.18 68.39 14.06
CA MET K 125 17.28 69.52 14.26
C MET K 125 17.81 70.77 13.58
N ASP K 126 19.11 71.04 13.72
CA ASP K 126 19.69 72.22 13.09
C ASP K 126 19.65 72.13 11.57
N LEU K 127 19.91 70.94 11.02
CA LEU K 127 19.87 70.76 9.57
C LEU K 127 18.46 70.99 9.04
N CYS K 128 17.45 70.45 9.73
CA CYS K 128 16.07 70.69 9.33
C CYS K 128 15.73 72.17 9.43
N ASP K 129 16.25 72.86 10.45
CA ASP K 129 16.02 74.29 10.56
C ASP K 129 16.61 75.06 9.40
N VAL K 130 17.84 74.71 8.98
CA VAL K 130 18.47 75.39 7.86
C VAL K 130 17.69 75.16 6.57
N VAL K 131 17.26 73.91 6.34
CA VAL K 131 16.49 73.61 5.14
C VAL K 131 15.18 74.38 5.14
N GLU K 132 14.52 74.43 6.30
CA GLU K 132 13.27 75.16 6.44
C GLU K 132 13.45 76.65 6.15
N SER K 133 14.52 77.24 6.69
CA SER K 133 14.76 78.67 6.48
C SER K 133 15.06 78.97 5.01
N LYS K 134 15.87 78.13 4.36
CA LYS K 134 16.17 78.35 2.95
C LYS K 134 14.92 78.22 2.08
N PHE K 135 14.08 77.22 2.37
CA PHE K 135 12.86 77.05 1.60
C PHE K 135 11.90 78.22 1.82
N THR K 136 11.81 78.72 3.05
CA THR K 136 10.96 79.86 3.33
C THR K 136 11.44 81.10 2.58
N GLU K 137 12.75 81.34 2.58
CA GLU K 137 13.29 82.51 1.88
C GLU K 137 13.05 82.39 0.38
N LYS K 138 13.24 81.20 -0.19
CA LYS K 138 13.08 81.07 -1.64
C LYS K 138 11.61 81.08 -2.06
N ILE K 139 10.71 80.62 -1.19
CA ILE K 139 9.30 80.71 -1.55
C ILE K 139 8.79 82.13 -1.36
N LYS K 140 9.40 82.90 -0.46
CA LYS K 140 9.08 84.32 -0.37
C LYS K 140 9.64 85.07 -1.57
N SER K 141 10.75 84.59 -2.14
CA SER K 141 11.33 85.24 -3.31
C SER K 141 10.41 85.16 -4.51
N MET K 142 9.79 84.02 -4.73
CA MET K 142 8.90 83.85 -5.88
C MET K 142 7.54 84.52 -5.63
N THR L 26 -46.22 48.11 4.79
CA THR L 26 -44.80 47.79 4.76
C THR L 26 -44.44 46.95 3.54
N LEU L 27 -43.98 47.61 2.48
CA LEU L 27 -43.54 46.91 1.29
C LEU L 27 -42.24 46.17 1.56
N LYS L 28 -42.21 44.88 1.23
CA LYS L 28 -41.06 44.06 1.58
C LYS L 28 -40.55 43.15 0.47
N TYR L 29 -41.32 42.91 -0.59
CA TYR L 29 -40.92 41.94 -1.61
C TYR L 29 -41.05 42.56 -2.99
N ILE L 30 -40.17 42.16 -3.89
CA ILE L 30 -40.15 42.65 -5.27
C ILE L 30 -40.23 41.46 -6.20
N CYS L 31 -41.14 41.52 -7.17
CA CYS L 31 -41.18 40.50 -8.20
C CYS L 31 -39.93 40.60 -9.08
N ALA L 32 -39.52 39.46 -9.63
CA ALA L 32 -38.27 39.42 -10.37
C ALA L 32 -38.36 40.19 -11.68
N GLU L 33 -39.42 39.94 -12.46
CA GLU L 33 -39.49 40.46 -13.82
C GLU L 33 -40.33 41.72 -13.95
N CYS L 34 -41.47 41.79 -13.25
CA CYS L 34 -42.33 42.96 -13.41
C CYS L 34 -41.89 44.12 -12.52
N SER L 35 -41.19 43.83 -11.42
CA SER L 35 -40.69 44.83 -10.47
C SER L 35 -41.84 45.67 -9.90
N SER L 36 -42.73 44.99 -9.18
CA SER L 36 -43.83 45.63 -8.48
C SER L 36 -43.70 45.30 -7.00
N LYS L 37 -43.38 46.30 -6.19
CA LYS L 37 -43.19 46.09 -4.76
C LYS L 37 -44.54 45.78 -4.11
N LEU L 38 -44.57 44.69 -3.33
CA LEU L 38 -45.80 44.24 -2.71
C LEU L 38 -45.46 43.51 -1.42
N SER L 39 -46.44 43.44 -0.52
CA SER L 39 -46.28 42.81 0.78
C SER L 39 -47.10 41.52 0.82
N LEU L 40 -46.50 40.45 1.32
CA LEU L 40 -47.16 39.16 1.39
C LEU L 40 -47.92 39.06 2.72
N SER L 41 -49.23 38.85 2.64
CA SER L 41 -49.96 38.42 3.81
C SER L 41 -49.63 36.95 4.10
N ARG L 42 -49.78 36.55 5.36
CA ARG L 42 -49.34 35.23 5.76
C ARG L 42 -50.19 34.14 5.11
N THR L 43 -51.47 34.42 4.85
CA THR L 43 -52.35 33.47 4.17
C THR L 43 -52.40 33.71 2.66
N ASP L 44 -51.24 33.82 2.03
CA ASP L 44 -51.20 34.07 0.60
C ASP L 44 -49.96 33.35 0.05
N ALA L 45 -50.04 32.97 -1.22
CA ALA L 45 -49.01 32.14 -1.84
C ALA L 45 -47.80 32.96 -2.27
N VAL L 46 -46.72 32.27 -2.59
CA VAL L 46 -45.51 32.91 -3.10
C VAL L 46 -45.75 33.12 -4.59
N ARG L 47 -46.33 34.28 -4.92
CA ARG L 47 -46.72 34.61 -6.27
C ARG L 47 -46.97 36.11 -6.36
N CYS L 48 -46.44 36.73 -7.40
CA CYS L 48 -46.76 38.13 -7.68
C CYS L 48 -48.20 38.24 -8.16
N LYS L 49 -48.86 39.36 -7.81
CA LYS L 49 -50.26 39.55 -8.18
C LYS L 49 -50.43 40.40 -9.42
N ASP L 50 -49.37 40.99 -9.96
CA ASP L 50 -49.46 41.73 -11.22
C ASP L 50 -49.12 40.87 -12.43
N CYS L 51 -48.63 39.65 -12.22
CA CYS L 51 -48.32 38.72 -13.30
C CYS L 51 -48.36 37.31 -12.71
N GLY L 52 -47.83 36.35 -13.45
CA GLY L 52 -47.79 34.98 -12.99
C GLY L 52 -46.45 34.52 -12.45
N HIS L 53 -45.50 35.43 -12.27
CA HIS L 53 -44.16 35.06 -11.86
C HIS L 53 -44.14 34.58 -10.41
N ARG L 54 -43.26 33.62 -10.13
CA ARG L 54 -43.15 33.01 -8.81
C ARG L 54 -41.76 33.17 -8.21
N ILE L 55 -41.03 34.22 -8.56
CA ILE L 55 -39.76 34.57 -7.92
C ILE L 55 -39.93 35.90 -7.22
N LEU L 56 -39.66 35.91 -5.91
CA LEU L 56 -39.76 37.14 -5.13
C LEU L 56 -38.43 37.37 -4.44
N LEU L 57 -37.83 38.53 -4.66
CA LEU L 57 -36.61 38.94 -3.99
C LEU L 57 -36.97 39.89 -2.86
N LYS L 58 -36.47 39.60 -1.67
CA LYS L 58 -36.75 40.46 -0.53
C LYS L 58 -36.07 41.81 -0.70
N ALA L 59 -36.81 42.88 -0.38
CA ALA L 59 -36.30 44.23 -0.56
C ALA L 59 -35.22 44.53 0.47
N ARG L 60 -34.40 45.53 0.16
CA ARG L 60 -33.32 45.94 1.05
C ARG L 60 -33.89 46.48 2.35
N THR L 61 -33.21 46.17 3.46
CA THR L 61 -33.68 46.59 4.77
C THR L 61 -33.63 48.11 4.90
N LYS L 62 -34.47 48.63 5.79
CA LYS L 62 -34.48 50.05 6.10
C LYS L 62 -33.57 50.39 7.27
N ARG L 63 -32.99 49.39 7.92
CA ARG L 63 -32.12 49.62 9.05
C ARG L 63 -30.77 50.15 8.61
N LEU L 64 -30.12 50.91 9.49
CA LEU L 64 -28.81 51.47 9.20
C LEU L 64 -27.75 50.38 9.22
N VAL L 65 -26.84 50.42 8.25
CA VAL L 65 -25.67 49.56 8.22
C VAL L 65 -24.45 50.42 7.92
N GLN L 66 -23.36 50.18 8.62
CA GLN L 66 -22.17 51.01 8.50
C GLN L 66 -21.03 50.23 7.85
N PHE L 67 -20.10 50.97 7.27
CA PHE L 67 -18.98 50.37 6.56
C PHE L 67 -17.74 51.24 6.73
N GLU L 68 -16.62 50.60 7.02
CA GLU L 68 -15.35 51.31 7.04
C GLU L 68 -14.78 51.38 5.63
N ALA L 69 -14.27 52.54 5.24
CA ALA L 69 -13.72 52.72 3.91
C ALA L 69 -12.27 52.22 3.89
N ARG L 70 -12.03 51.13 3.18
CA ARG L 70 -10.69 50.57 3.07
C ARG L 70 -10.31 50.34 1.62
N ASP M 68 -4.64 13.63 -80.34
CA ASP M 68 -5.95 14.23 -80.07
C ASP M 68 -7.11 13.72 -80.96
N PRO M 69 -7.03 13.79 -82.29
CA PRO M 69 -8.18 13.41 -83.10
C PRO M 69 -8.27 11.90 -83.26
N VAL M 70 -9.40 11.46 -83.82
CA VAL M 70 -9.73 10.04 -83.93
C VAL M 70 -9.38 9.54 -85.34
N ILE M 71 -8.85 8.33 -85.40
CA ILE M 71 -8.56 7.66 -86.67
C ILE M 71 -9.67 6.71 -87.07
N GLU M 72 -10.25 5.98 -86.12
CA GLU M 72 -11.29 5.01 -86.42
C GLU M 72 -12.12 4.76 -85.17
N GLU M 73 -13.43 4.62 -85.36
CA GLU M 73 -14.38 4.46 -84.27
C GLU M 73 -14.91 3.04 -84.25
N PHE M 74 -14.99 2.45 -83.07
CA PHE M 74 -15.47 1.08 -82.92
C PHE M 74 -16.82 1.16 -82.23
N PRO M 75 -17.93 1.10 -82.98
CA PRO M 75 -19.24 1.42 -82.38
C PRO M 75 -19.70 0.36 -81.39
N LEU M 76 -20.21 0.84 -80.25
CA LEU M 76 -20.95 -0.02 -79.34
C LEU M 76 -22.32 -0.33 -79.91
N LYS M 77 -22.94 -1.37 -79.40
CA LYS M 77 -24.31 -1.69 -79.81
C LYS M 77 -24.92 -2.60 -78.75
N ILE M 78 -25.88 -2.08 -77.99
CA ILE M 78 -26.45 -2.77 -76.84
C ILE M 78 -27.69 -3.51 -77.27
N SER M 79 -27.76 -4.81 -76.96
CA SER M 79 -28.93 -5.62 -77.28
C SER M 79 -28.97 -6.81 -76.33
N GLY M 80 -30.04 -7.60 -76.44
CA GLY M 80 -30.19 -8.77 -75.62
C GLY M 80 -30.63 -8.44 -74.21
N GLU M 81 -31.73 -7.69 -74.09
CA GLU M 81 -32.22 -7.27 -72.79
C GLU M 81 -33.08 -8.33 -72.11
N GLU M 82 -33.27 -9.49 -72.72
CA GLU M 82 -34.09 -10.54 -72.13
C GLU M 82 -33.46 -11.92 -72.20
N GLU M 83 -32.24 -12.06 -72.74
CA GLU M 83 -31.66 -13.39 -72.90
C GLU M 83 -31.18 -13.97 -71.58
N SER M 84 -30.83 -13.11 -70.62
CA SER M 84 -30.44 -13.52 -69.26
C SER M 84 -29.24 -14.46 -69.26
N LEU M 85 -28.10 -13.92 -69.70
CA LEU M 85 -26.86 -14.67 -69.76
C LEU M 85 -26.27 -14.83 -68.36
N HIS M 86 -25.51 -15.91 -68.19
CA HIS M 86 -24.80 -16.20 -66.95
C HIS M 86 -23.35 -16.55 -67.26
N VAL M 87 -22.47 -16.32 -66.30
CA VAL M 87 -21.05 -16.62 -66.44
C VAL M 87 -20.61 -17.36 -65.19
N PHE M 88 -20.02 -18.54 -65.37
CA PHE M 88 -19.34 -19.21 -64.26
C PHE M 88 -17.89 -18.80 -64.20
N GLN M 89 -17.33 -18.90 -62.99
CA GLN M 89 -15.94 -18.56 -62.72
C GLN M 89 -15.38 -19.74 -61.92
N TYR M 90 -14.71 -20.66 -62.62
CA TYR M 90 -14.10 -21.80 -61.96
C TYR M 90 -12.99 -21.32 -61.04
N ALA M 91 -13.01 -21.78 -59.80
CA ALA M 91 -12.04 -21.37 -58.79
C ALA M 91 -10.94 -22.40 -58.58
N ASN M 92 -10.82 -23.38 -59.47
CA ASN M 92 -9.87 -24.45 -59.27
C ASN M 92 -9.06 -24.83 -60.52
N ARG M 93 -9.23 -24.14 -61.64
CA ARG M 93 -8.44 -24.45 -62.83
C ARG M 93 -7.86 -23.17 -63.40
N PRO M 94 -6.59 -23.17 -63.79
CA PRO M 94 -5.98 -21.96 -64.36
C PRO M 94 -6.52 -21.64 -65.74
N ARG M 95 -6.49 -20.35 -66.07
CA ARG M 95 -6.89 -19.91 -67.41
C ARG M 95 -5.90 -20.41 -68.47
N LEU M 96 -4.62 -20.39 -68.15
CA LEU M 96 -3.57 -20.83 -69.06
C LEU M 96 -2.66 -21.84 -68.37
N VAL M 97 -2.28 -22.87 -69.11
CA VAL M 97 -1.19 -23.76 -68.73
C VAL M 97 -0.02 -23.45 -69.67
N GLY M 98 1.13 -23.12 -69.09
CA GLY M 98 2.19 -22.55 -69.89
C GLY M 98 1.75 -21.21 -70.49
N ARG M 99 2.31 -20.91 -71.66
CA ARG M 99 1.80 -19.76 -72.43
C ARG M 99 0.58 -20.13 -73.25
N LYS M 100 0.30 -21.42 -73.43
CA LYS M 100 -0.82 -21.86 -74.23
C LYS M 100 -2.12 -21.77 -73.44
N PRO M 101 -3.25 -21.56 -74.13
CA PRO M 101 -4.54 -21.59 -73.44
C PRO M 101 -4.88 -22.98 -72.93
N ALA M 102 -5.69 -23.02 -71.89
CA ALA M 102 -6.08 -24.29 -71.28
C ALA M 102 -7.19 -24.96 -72.10
N GLU M 103 -7.54 -26.17 -71.69
CA GLU M 103 -8.59 -26.95 -72.35
C GLU M 103 -9.83 -27.00 -71.46
N HIS M 104 -10.96 -26.65 -72.03
CA HIS M 104 -12.20 -26.62 -71.27
C HIS M 104 -12.62 -28.06 -70.93
N PRO M 105 -13.10 -28.30 -69.70
CA PRO M 105 -13.53 -29.65 -69.35
C PRO M 105 -14.80 -30.05 -70.09
N PHE M 106 -14.91 -31.35 -70.37
CA PHE M 106 -16.15 -31.89 -70.89
C PHE M 106 -17.22 -31.82 -69.82
N ILE M 107 -18.46 -31.54 -70.23
CA ILE M 107 -19.55 -31.30 -69.30
C ILE M 107 -20.48 -32.50 -69.31
N SER M 108 -20.84 -32.99 -68.12
CA SER M 108 -21.75 -34.12 -68.00
C SER M 108 -23.17 -33.69 -67.64
N ALA M 109 -23.33 -32.97 -66.53
CA ALA M 109 -24.66 -32.61 -66.06
C ALA M 109 -24.60 -31.33 -65.25
N ALA M 110 -25.76 -30.71 -65.07
CA ALA M 110 -25.85 -29.46 -64.33
C ALA M 110 -27.23 -29.34 -63.69
N ARG M 111 -27.30 -28.49 -62.67
CA ARG M 111 -28.53 -28.22 -61.95
C ARG M 111 -28.58 -26.75 -61.56
N TYR M 112 -29.76 -26.16 -61.67
CA TYR M 112 -29.99 -24.77 -61.26
C TYR M 112 -31.17 -24.76 -60.31
N LYS M 113 -30.95 -24.24 -59.10
CA LYS M 113 -32.05 -24.03 -58.17
C LYS M 113 -32.73 -22.70 -58.48
N PRO M 114 -34.05 -22.67 -58.69
CA PRO M 114 -34.68 -21.41 -59.11
C PRO M 114 -34.75 -20.37 -58.01
N LYS M 115 -35.11 -20.77 -56.79
CA LYS M 115 -35.27 -19.79 -55.71
C LYS M 115 -33.91 -19.30 -55.20
N SER M 116 -32.98 -20.23 -54.96
CA SER M 116 -31.71 -19.89 -54.33
C SER M 116 -30.61 -19.52 -55.32
N HIS M 117 -30.86 -19.69 -56.62
CA HIS M 117 -29.91 -19.35 -57.69
C HIS M 117 -28.58 -20.08 -57.51
N LEU M 118 -28.65 -21.35 -57.12
CA LEU M 118 -27.47 -22.19 -57.02
C LEU M 118 -27.23 -22.94 -58.31
N TRP M 119 -25.95 -23.04 -58.68
CA TRP M 119 -25.49 -23.79 -59.83
C TRP M 119 -24.66 -24.98 -59.36
N GLU M 120 -24.92 -26.15 -59.93
CA GLU M 120 -24.10 -27.34 -59.72
C GLU M 120 -23.68 -27.89 -61.07
N ILE M 121 -22.38 -28.13 -61.24
CA ILE M 121 -21.84 -28.67 -62.48
C ILE M 121 -21.06 -29.95 -62.14
N ASP M 122 -21.33 -31.02 -62.88
CA ASP M 122 -20.64 -32.28 -62.69
C ASP M 122 -19.64 -32.49 -63.83
N ILE M 123 -18.39 -32.77 -63.48
CA ILE M 123 -17.32 -32.99 -64.44
C ILE M 123 -16.84 -34.42 -64.27
N PRO M 124 -16.91 -35.26 -65.30
CA PRO M 124 -16.34 -36.62 -65.20
C PRO M 124 -14.83 -36.58 -65.25
N LEU M 125 -14.20 -36.83 -64.11
CA LEU M 125 -12.74 -36.75 -64.03
C LEU M 125 -12.11 -38.01 -64.63
N ASP M 126 -10.81 -37.91 -64.91
CA ASP M 126 -10.10 -38.97 -65.60
C ASP M 126 -9.98 -40.21 -64.73
N GLU M 127 -10.09 -41.38 -65.38
CA GLU M 127 -10.02 -42.66 -64.69
C GLU M 127 -8.82 -43.50 -65.05
N GLN M 128 -8.12 -43.21 -66.14
CA GLN M 128 -7.03 -44.06 -66.58
C GLN M 128 -5.75 -43.86 -65.78
N ALA M 129 -5.64 -42.75 -65.04
CA ALA M 129 -4.41 -42.50 -64.29
C ALA M 129 -4.75 -41.70 -63.03
N PHE M 130 -3.95 -41.95 -61.98
CA PHE M 130 -4.01 -41.21 -60.72
C PHE M 130 -5.40 -41.30 -60.07
N TYR M 131 -6.05 -42.45 -60.19
CA TYR M 131 -7.35 -42.64 -59.54
C TYR M 131 -7.27 -43.74 -58.48
N ASN M 132 -6.93 -44.98 -58.86
CA ASN M 132 -7.01 -46.15 -57.98
C ASN M 132 -8.40 -46.23 -57.33
N LYS M 133 -9.36 -46.63 -58.17
CA LYS M 133 -10.77 -46.71 -57.78
C LYS M 133 -11.03 -47.54 -56.52
N ASP M 134 -10.05 -48.30 -56.02
CA ASP M 134 -10.29 -49.15 -54.86
C ASP M 134 -10.65 -48.33 -53.63
N LYS M 135 -9.97 -47.21 -53.42
CA LYS M 135 -10.31 -46.33 -52.30
C LYS M 135 -11.72 -45.76 -52.43
N ALA M 136 -12.06 -45.32 -53.65
CA ALA M 136 -13.37 -44.70 -53.89
C ALA M 136 -14.49 -45.70 -53.68
N GLU M 137 -14.31 -46.95 -54.14
CA GLU M 137 -15.34 -47.94 -53.85
C GLU M 137 -15.28 -48.41 -52.40
N SER M 138 -14.15 -48.24 -51.72
CA SER M 138 -14.05 -48.69 -50.34
C SER M 138 -14.83 -47.79 -49.39
N GLU M 139 -14.70 -46.47 -49.55
CA GLU M 139 -15.39 -45.59 -48.61
C GLU M 139 -16.20 -44.45 -49.21
N TRP M 140 -16.16 -44.25 -50.53
CA TRP M 140 -16.92 -43.17 -51.15
C TRP M 140 -17.93 -43.70 -52.17
N ASN M 141 -18.23 -45.00 -52.12
CA ASN M 141 -19.21 -45.65 -53.01
C ASN M 141 -18.87 -45.44 -54.48
N GLY M 142 -17.58 -45.47 -54.80
CA GLY M 142 -17.12 -45.40 -56.18
C GLY M 142 -17.46 -44.12 -56.90
N VAL M 143 -17.21 -42.97 -56.26
CA VAL M 143 -17.45 -41.69 -56.91
C VAL M 143 -16.48 -41.49 -58.06
N ASN M 144 -16.98 -40.96 -59.17
CA ASN M 144 -16.17 -40.78 -60.38
C ASN M 144 -16.34 -39.42 -61.03
N VAL M 145 -17.17 -38.54 -60.50
CA VAL M 145 -17.37 -37.21 -61.04
C VAL M 145 -17.12 -36.19 -59.93
N GLN M 146 -16.51 -35.07 -60.29
CA GLN M 146 -16.28 -33.98 -59.35
C GLN M 146 -17.32 -32.90 -59.58
N THR M 147 -17.93 -32.42 -58.50
CA THR M 147 -18.99 -31.44 -58.60
C THR M 147 -18.52 -30.08 -58.11
N LEU M 148 -18.97 -29.04 -58.80
CA LEU M 148 -18.66 -27.66 -58.48
C LEU M 148 -19.97 -26.94 -58.21
N LYS M 149 -20.07 -26.32 -57.03
CA LYS M 149 -21.25 -25.57 -56.63
C LYS M 149 -20.91 -24.10 -56.56
N GLY M 150 -21.82 -23.26 -57.06
CA GLY M 150 -21.60 -21.83 -57.09
C GLY M 150 -22.90 -21.08 -56.85
N VAL M 151 -22.75 -19.84 -56.41
CA VAL M 151 -23.88 -18.96 -56.13
C VAL M 151 -23.91 -17.89 -57.20
N GLY M 152 -25.03 -17.77 -57.90
CA GLY M 152 -25.19 -16.69 -58.84
C GLY M 152 -25.52 -15.39 -58.13
N VAL M 153 -24.60 -14.43 -58.16
CA VAL M 153 -24.79 -13.15 -57.50
C VAL M 153 -24.98 -12.07 -58.56
N GLU M 154 -25.88 -11.14 -58.28
CA GLU M 154 -26.17 -10.06 -59.21
C GLU M 154 -24.99 -9.09 -59.30
N ASN M 155 -24.70 -8.65 -60.52
CA ASN M 155 -23.65 -7.65 -60.73
C ASN M 155 -24.06 -6.79 -61.93
N ASN M 156 -24.72 -5.68 -61.63
CA ASN M 156 -25.08 -4.72 -62.66
C ASN M 156 -23.85 -3.99 -63.18
N GLY M 157 -23.97 -3.46 -64.39
CA GLY M 157 -22.84 -2.85 -65.06
C GLY M 157 -21.93 -3.83 -65.77
N GLN M 158 -22.35 -5.08 -65.93
CA GLN M 158 -21.55 -6.12 -66.58
C GLN M 158 -22.17 -6.45 -67.93
N TYR M 159 -21.32 -6.45 -68.96
CA TYR M 159 -21.77 -6.75 -70.32
C TYR M 159 -20.76 -7.69 -70.97
N ALA M 160 -21.25 -8.82 -71.46
CA ALA M 160 -20.43 -9.70 -72.28
C ALA M 160 -20.46 -9.21 -73.72
N ALA M 161 -19.29 -9.07 -74.33
CA ALA M 161 -19.18 -8.45 -75.64
C ALA M 161 -18.42 -9.35 -76.60
N PHE M 162 -18.80 -9.27 -77.87
CA PHE M 162 -18.07 -9.90 -78.95
C PHE M 162 -17.87 -8.89 -80.08
N VAL M 163 -17.13 -9.30 -81.09
CA VAL M 163 -16.80 -8.45 -82.22
C VAL M 163 -17.28 -9.12 -83.50
N LYS M 164 -18.11 -8.41 -84.26
CA LYS M 164 -18.60 -8.87 -85.56
C LYS M 164 -18.36 -7.75 -86.56
N ASP M 165 -17.49 -8.02 -87.54
CA ASP M 165 -17.19 -7.10 -88.64
C ASP M 165 -16.78 -5.72 -88.13
N MET M 166 -15.81 -5.72 -87.20
CA MET M 166 -15.23 -4.52 -86.60
C MET M 166 -16.26 -3.77 -85.74
N GLN M 167 -17.42 -4.37 -85.50
CA GLN M 167 -18.48 -3.75 -84.70
C GLN M 167 -18.61 -4.52 -83.39
N VAL M 168 -18.54 -3.81 -82.27
CA VAL M 168 -18.57 -4.42 -80.95
C VAL M 168 -20.01 -4.51 -80.46
N TYR M 169 -20.44 -5.72 -80.10
CA TYR M 169 -21.78 -5.97 -79.61
C TYR M 169 -21.73 -6.41 -78.16
N LEU M 170 -22.64 -5.87 -77.35
CA LEU M 170 -22.66 -6.10 -75.91
C LEU M 170 -24.02 -6.64 -75.50
N VAL M 171 -24.03 -7.46 -74.45
CA VAL M 171 -25.27 -8.04 -73.93
C VAL M 171 -25.14 -8.18 -72.41
N PRO M 172 -26.15 -7.80 -71.63
CA PRO M 172 -26.01 -7.83 -70.17
C PRO M 172 -25.83 -9.23 -69.60
N ILE M 173 -25.03 -9.30 -68.54
CA ILE M 173 -24.85 -10.52 -67.76
C ILE M 173 -25.68 -10.37 -66.49
N GLU M 174 -26.65 -11.26 -66.31
CA GLU M 174 -27.53 -11.15 -65.15
C GLU M 174 -26.80 -11.44 -63.85
N ARG M 175 -26.09 -12.58 -63.79
CA ARG M 175 -25.43 -13.01 -62.57
C ARG M 175 -24.06 -13.57 -62.89
N VAL M 176 -23.21 -13.63 -61.86
CA VAL M 176 -21.90 -14.24 -61.94
C VAL M 176 -21.81 -15.32 -60.87
N ALA M 177 -21.28 -16.49 -61.23
CA ALA M 177 -21.19 -17.62 -60.32
C ALA M 177 -19.74 -17.98 -60.06
N GLN M 178 -19.42 -18.23 -58.80
CA GLN M 178 -18.09 -18.68 -58.37
C GLN M 178 -18.19 -20.18 -58.08
N LEU M 179 -17.93 -21.00 -59.10
CA LEU M 179 -17.96 -22.44 -58.89
C LEU M 179 -16.78 -22.88 -58.05
N LYS M 180 -17.06 -23.60 -56.97
CA LYS M 180 -16.04 -24.10 -56.07
C LYS M 180 -16.28 -25.59 -55.86
N PRO M 181 -15.22 -26.36 -55.63
CA PRO M 181 -15.39 -27.81 -55.45
C PRO M 181 -16.28 -28.15 -54.26
N PHE M 182 -17.12 -29.16 -54.45
CA PHE M 182 -18.07 -29.59 -53.42
C PHE M 182 -17.93 -31.10 -53.30
N PHE M 183 -18.19 -31.62 -52.10
CA PHE M 183 -18.03 -33.04 -51.82
C PHE M 183 -19.34 -33.55 -51.22
N LYS M 184 -20.26 -33.97 -52.10
CA LYS M 184 -21.53 -34.55 -51.65
C LYS M 184 -21.32 -35.85 -50.91
N TYR M 185 -20.40 -36.68 -51.42
CA TYR M 185 -20.16 -38.00 -50.84
C TYR M 185 -19.55 -37.95 -49.44
N ILE M 186 -18.77 -36.90 -49.13
CA ILE M 186 -18.32 -36.73 -47.74
C ILE M 186 -19.51 -36.49 -46.82
N ASP M 187 -20.45 -35.64 -47.24
CA ASP M 187 -21.66 -35.42 -46.46
C ASP M 187 -22.49 -36.69 -46.35
N ASP M 188 -22.52 -37.50 -47.42
CA ASP M 188 -23.26 -38.76 -47.40
C ASP M 188 -22.66 -39.73 -46.39
N ALA M 189 -21.33 -39.86 -46.39
CA ALA M 189 -20.67 -40.72 -45.42
C ALA M 189 -20.87 -40.20 -44.00
N ASN M 190 -20.83 -38.87 -43.83
CA ASN M 190 -21.03 -38.28 -42.52
C ASN M 190 -22.44 -38.55 -42.00
N VAL M 191 -23.45 -38.41 -42.84
CA VAL M 191 -24.82 -38.62 -42.38
C VAL M 191 -25.09 -40.11 -42.18
N THR M 192 -24.47 -41.00 -42.96
CA THR M 192 -24.60 -42.42 -42.71
C THR M 192 -23.97 -42.80 -41.37
N ARG M 193 -22.79 -42.25 -41.07
CA ARG M 193 -22.15 -42.48 -39.78
C ARG M 193 -23.00 -41.91 -38.63
N LYS M 194 -23.61 -40.74 -38.84
CA LYS M 194 -24.47 -40.15 -37.83
C LYS M 194 -25.68 -41.03 -37.56
N GLN M 195 -26.29 -41.58 -38.61
CA GLN M 195 -27.38 -42.52 -38.42
C GLN M 195 -26.91 -43.77 -37.68
N GLU M 196 -25.71 -44.26 -38.01
CA GLU M 196 -25.21 -45.49 -37.39
C GLU M 196 -24.96 -45.30 -35.90
N ASP M 197 -24.39 -44.16 -35.50
CA ASP M 197 -24.12 -43.95 -34.08
C ASP M 197 -25.24 -43.23 -33.34
N ALA M 198 -26.32 -42.84 -34.02
CA ALA M 198 -27.48 -42.26 -33.36
C ALA M 198 -28.62 -43.24 -33.17
N ARG M 199 -28.89 -44.09 -34.17
CA ARG M 199 -29.96 -45.08 -34.03
C ARG M 199 -29.54 -46.26 -33.17
N ARG M 200 -28.23 -46.45 -32.95
CA ARG M 200 -27.76 -47.56 -32.14
C ARG M 200 -28.13 -47.36 -30.67
N ASN M 201 -27.99 -46.14 -30.17
CA ASN M 201 -28.35 -45.80 -28.80
C ASN M 201 -28.91 -44.39 -28.77
N PRO M 202 -30.01 -44.17 -28.04
CA PRO M 202 -30.60 -42.81 -28.00
C PRO M 202 -29.71 -41.80 -27.29
N ASN M 203 -29.13 -42.16 -26.14
CA ASN M 203 -28.27 -41.30 -25.33
C ASN M 203 -28.94 -39.97 -24.98
N SER M 223 -45.66 -18.39 -32.16
CA SER M 223 -45.62 -19.39 -33.22
C SER M 223 -44.36 -20.24 -33.13
N GLN M 224 -44.05 -20.94 -34.22
CA GLN M 224 -42.87 -21.79 -34.30
C GLN M 224 -41.89 -21.33 -35.38
N ASN M 225 -42.04 -20.10 -35.87
CA ASN M 225 -41.18 -19.56 -36.92
C ASN M 225 -40.30 -18.48 -36.32
N ARG M 226 -38.99 -18.74 -36.26
CA ARG M 226 -38.02 -17.76 -35.78
C ARG M 226 -36.81 -17.61 -36.68
N LEU M 227 -36.58 -18.50 -37.64
CA LEU M 227 -35.37 -18.45 -38.45
C LEU M 227 -35.41 -17.31 -39.46
N THR M 228 -34.32 -16.54 -39.52
CA THR M 228 -34.16 -15.44 -40.46
C THR M 228 -32.74 -15.46 -40.99
N GLY M 229 -32.38 -14.39 -41.70
CA GLY M 229 -31.01 -14.23 -42.16
C GLY M 229 -30.64 -15.25 -43.23
N SER M 230 -29.47 -15.84 -43.08
CA SER M 230 -29.03 -16.87 -44.03
C SER M 230 -29.64 -18.22 -43.72
N LEU M 231 -30.26 -18.38 -42.56
CA LEU M 231 -30.91 -19.65 -42.22
C LEU M 231 -32.07 -19.94 -43.16
N LEU M 232 -32.89 -18.92 -43.45
CA LEU M 232 -34.01 -19.10 -44.35
C LEU M 232 -33.54 -19.41 -45.77
N ALA M 233 -32.46 -18.76 -46.20
CA ALA M 233 -31.93 -19.01 -47.53
C ALA M 233 -31.37 -20.42 -47.64
N HIS M 234 -30.68 -20.90 -46.59
CA HIS M 234 -30.19 -22.28 -46.60
C HIS M 234 -31.34 -23.27 -46.57
N LYS M 235 -32.39 -22.99 -45.79
CA LYS M 235 -33.55 -23.88 -45.77
C LYS M 235 -34.25 -23.92 -47.12
N VAL M 236 -34.35 -22.77 -47.80
CA VAL M 236 -34.92 -22.73 -49.14
C VAL M 236 -34.05 -23.54 -50.11
N ALA M 237 -32.73 -23.40 -50.00
CA ALA M 237 -31.85 -24.16 -50.88
C ALA M 237 -31.91 -25.66 -50.60
N ASP M 238 -32.24 -26.05 -49.37
CA ASP M 238 -32.35 -27.47 -49.06
C ASP M 238 -33.67 -28.06 -49.52
N GLU M 239 -34.79 -27.46 -49.08
CA GLU M 239 -36.11 -28.05 -49.34
C GLU M 239 -36.68 -27.70 -50.71
N GLU M 240 -35.90 -27.06 -51.59
CA GLU M 240 -36.36 -26.83 -52.94
C GLU M 240 -36.26 -28.12 -53.76
N ALA M 241 -36.72 -28.05 -55.00
CA ALA M 241 -36.67 -29.18 -55.92
C ALA M 241 -35.74 -28.83 -57.08
N ASN M 242 -34.64 -29.58 -57.21
CA ASN M 242 -33.67 -29.32 -58.26
C ASN M 242 -34.27 -29.52 -59.64
N ILE M 243 -33.80 -28.71 -60.59
CA ILE M 243 -34.23 -28.79 -61.98
C ILE M 243 -33.04 -29.27 -62.80
N GLU M 244 -33.25 -30.37 -63.53
CA GLU M 244 -32.18 -30.93 -64.36
C GLU M 244 -32.16 -30.21 -65.71
N LEU M 245 -30.98 -29.73 -66.09
CA LEU M 245 -30.83 -28.94 -67.31
C LEU M 245 -30.16 -29.77 -68.40
N THR M 246 -30.25 -29.26 -69.62
CA THR M 246 -29.64 -29.89 -70.78
C THR M 246 -28.52 -29.00 -71.30
N TRP M 247 -27.43 -29.62 -71.73
CA TRP M 247 -26.24 -28.90 -72.17
C TRP M 247 -26.12 -28.97 -73.68
N ALA M 248 -25.93 -27.81 -74.31
CA ALA M 248 -25.81 -27.72 -75.76
C ALA M 248 -24.59 -26.87 -76.12
N GLU M 249 -24.00 -27.19 -77.25
CA GLU M 249 -22.84 -26.47 -77.76
C GLU M 249 -23.06 -26.15 -79.23
N GLY M 250 -22.32 -25.16 -79.72
CA GLY M 250 -22.52 -24.67 -81.07
C GLY M 250 -23.68 -23.71 -81.22
N THR M 251 -24.29 -23.29 -80.11
CA THR M 251 -25.39 -22.34 -80.12
C THR M 251 -24.91 -20.92 -80.42
N PHE M 252 -23.59 -20.70 -80.41
CA PHE M 252 -23.03 -19.36 -80.55
C PHE M 252 -23.43 -18.70 -81.86
N GLU M 253 -23.56 -19.49 -82.93
CA GLU M 253 -23.94 -18.91 -84.22
C GLU M 253 -25.37 -18.38 -84.21
N GLN M 254 -26.30 -19.20 -83.70
CA GLN M 254 -27.70 -18.76 -83.63
C GLN M 254 -27.85 -17.61 -82.65
N PHE M 255 -27.13 -17.65 -81.53
CA PHE M 255 -27.20 -16.55 -80.56
C PHE M 255 -26.66 -15.27 -81.16
N LYS M 256 -25.55 -15.35 -81.88
CA LYS M 256 -24.98 -14.17 -82.54
C LYS M 256 -25.93 -13.61 -83.59
N ASP M 257 -26.57 -14.49 -84.37
CA ASP M 257 -27.52 -14.03 -85.37
C ASP M 257 -28.72 -13.34 -84.72
N THR M 258 -29.24 -13.91 -83.63
CA THR M 258 -30.37 -13.28 -82.94
C THR M 258 -29.97 -11.94 -82.34
N ILE M 259 -28.76 -11.86 -81.77
CA ILE M 259 -28.29 -10.61 -81.18
C ILE M 259 -28.14 -9.53 -82.24
N VAL M 260 -27.51 -9.87 -83.38
CA VAL M 260 -27.31 -8.86 -84.41
C VAL M 260 -28.63 -8.48 -85.08
N LYS M 261 -29.59 -9.41 -85.14
CA LYS M 261 -30.90 -9.05 -85.69
C LYS M 261 -31.65 -8.12 -84.74
N GLU M 262 -31.57 -8.38 -83.43
CA GLU M 262 -32.14 -7.46 -82.45
C GLU M 262 -31.40 -6.13 -82.40
N ALA M 263 -30.15 -6.09 -82.86
CA ALA M 263 -29.32 -4.90 -82.78
C ALA M 263 -29.49 -3.95 -83.96
N GLU M 264 -29.38 -4.48 -85.19
CA GLU M 264 -29.14 -3.64 -86.36
C GLU M 264 -30.29 -2.67 -86.65
N ASP M 265 -31.49 -2.98 -86.17
CA ASP M 265 -32.67 -2.19 -86.52
C ASP M 265 -32.68 -0.80 -85.89
N LYS M 266 -31.93 -0.56 -84.82
CA LYS M 266 -32.08 0.65 -84.04
C LYS M 266 -30.75 1.39 -83.86
N THR M 267 -30.79 2.71 -84.00
CA THR M 267 -29.69 3.61 -83.65
C THR M 267 -30.29 4.78 -82.87
N LEU M 268 -29.69 5.10 -81.73
CA LEU M 268 -30.29 6.01 -80.76
C LEU M 268 -29.59 7.35 -80.76
N VAL M 269 -30.32 8.38 -80.34
CA VAL M 269 -29.85 9.75 -80.31
C VAL M 269 -29.76 10.22 -78.86
N ALA M 270 -28.72 10.99 -78.56
CA ALA M 270 -28.47 11.46 -77.20
C ALA M 270 -29.54 12.46 -76.77
N LEU M 271 -29.75 12.53 -75.45
CA LEU M 271 -30.71 13.44 -74.85
C LEU M 271 -30.09 14.55 -74.02
N GLU M 272 -29.18 14.20 -73.10
CA GLU M 272 -28.61 15.17 -72.17
C GLU M 272 -27.14 15.39 -72.48
N LYS M 273 -26.63 16.55 -72.08
CA LYS M 273 -25.25 16.92 -72.33
C LYS M 273 -24.31 16.15 -71.40
N GLN M 274 -23.01 16.30 -71.66
CA GLN M 274 -21.99 15.69 -70.81
C GLN M 274 -22.03 16.25 -69.40
N GLU M 275 -22.21 17.57 -69.27
CA GLU M 275 -22.20 18.22 -67.97
C GLU M 275 -23.35 17.73 -67.09
N ASP M 276 -24.46 17.32 -67.71
CA ASP M 276 -25.57 16.79 -66.93
C ASP M 276 -25.28 15.42 -66.35
N TYR M 277 -24.24 14.73 -66.82
CA TYR M 277 -23.88 13.43 -66.27
C TYR M 277 -23.15 13.56 -64.94
N ILE M 278 -22.40 14.63 -64.75
CA ILE M 278 -21.48 14.73 -63.62
C ILE M 278 -22.24 14.88 -62.30
N ASP M 279 -23.25 15.75 -62.28
CA ASP M 279 -23.84 16.20 -61.02
C ASP M 279 -24.69 15.15 -60.32
N ASN M 280 -25.00 14.03 -60.97
CA ASN M 280 -25.88 13.01 -60.39
C ASN M 280 -25.30 11.62 -60.65
N LEU M 281 -24.59 11.08 -59.67
CA LEU M 281 -23.99 9.74 -59.73
C LEU M 281 -23.09 9.61 -60.95
N VAL M 282 -21.99 10.37 -60.92
CA VAL M 282 -21.04 10.43 -62.02
C VAL M 282 -20.44 9.06 -62.34
N ARG N 195 -3.58 -33.66 -70.61
CA ARG N 195 -4.15 -34.41 -69.51
C ARG N 195 -3.06 -34.81 -68.50
N ILE N 196 -1.84 -34.97 -69.00
CA ILE N 196 -0.72 -35.30 -68.12
C ILE N 196 -0.36 -34.12 -67.22
N GLU N 197 -0.40 -32.91 -67.77
CA GLU N 197 -0.14 -31.72 -66.95
C GLU N 197 -1.36 -31.31 -66.16
N GLN N 198 -2.56 -31.65 -66.64
CA GLN N 198 -3.78 -31.33 -65.89
C GLN N 198 -3.83 -32.09 -64.57
N LEU N 199 -3.39 -33.35 -64.58
CA LEU N 199 -3.36 -34.14 -63.36
C LEU N 199 -2.01 -34.09 -62.65
N PHE N 200 -1.03 -33.38 -63.21
CA PHE N 200 0.25 -33.21 -62.54
C PHE N 200 0.04 -32.34 -61.29
N PRO N 201 0.58 -32.73 -60.14
CA PRO N 201 0.35 -31.95 -58.92
C PRO N 201 0.96 -30.56 -59.03
N VAL N 202 0.14 -29.55 -58.73
CA VAL N 202 0.51 -28.16 -58.96
C VAL N 202 1.32 -27.64 -57.78
N ARG N 203 2.44 -27.03 -58.07
CA ARG N 203 3.25 -26.32 -57.08
C ARG N 203 2.88 -24.85 -57.10
N PRO N 204 2.49 -24.28 -55.96
CA PRO N 204 2.01 -22.91 -55.95
C PRO N 204 3.11 -21.91 -56.22
N VAL N 205 2.69 -20.71 -56.63
CA VAL N 205 3.63 -19.65 -56.95
C VAL N 205 4.32 -19.16 -55.68
N ARG N 206 5.65 -19.14 -55.70
CA ARG N 206 6.44 -18.68 -54.57
C ARG N 206 7.38 -17.58 -55.03
N VAL N 207 7.34 -16.45 -54.34
CA VAL N 207 8.16 -15.30 -54.64
C VAL N 207 8.81 -14.82 -53.34
N ARG N 208 10.11 -14.53 -53.40
CA ARG N 208 10.82 -14.05 -52.22
C ARG N 208 10.27 -12.69 -51.79
N HIS N 209 10.36 -12.44 -50.47
CA HIS N 209 9.72 -11.26 -49.90
C HIS N 209 10.36 -9.97 -50.37
N GLU N 210 11.67 -9.98 -50.63
CA GLU N 210 12.37 -8.75 -51.00
C GLU N 210 11.92 -8.24 -52.36
N ASP N 211 11.73 -9.14 -53.33
CA ASP N 211 11.47 -8.75 -54.70
C ASP N 211 10.05 -9.10 -55.15
N VAL N 212 9.08 -9.06 -54.23
CA VAL N 212 7.69 -9.28 -54.60
C VAL N 212 7.16 -8.11 -55.43
N GLU N 213 7.60 -6.89 -55.12
CA GLU N 213 7.12 -5.72 -55.85
C GLU N 213 7.78 -5.62 -57.23
N THR N 214 9.03 -6.08 -57.34
CA THR N 214 9.73 -5.98 -58.62
C THR N 214 9.14 -6.91 -59.66
N VAL N 215 8.76 -8.13 -59.24
CA VAL N 215 8.16 -9.10 -60.17
C VAL N 215 6.68 -8.89 -60.36
N LYS N 216 6.11 -7.83 -59.77
CA LYS N 216 4.69 -7.54 -59.95
C LYS N 216 4.34 -7.28 -61.41
N ARG N 217 5.17 -6.49 -62.09
CA ARG N 217 4.96 -6.21 -63.50
C ARG N 217 5.12 -7.48 -64.34
N GLU N 218 6.10 -8.32 -63.99
CA GLU N 218 6.32 -9.56 -64.73
C GLU N 218 5.13 -10.51 -64.59
N ILE N 219 4.59 -10.64 -63.38
CA ILE N 219 3.44 -11.50 -63.17
C ILE N 219 2.21 -10.93 -63.87
N GLN N 220 2.07 -9.61 -63.89
CA GLN N 220 0.96 -8.99 -64.61
C GLN N 220 1.07 -9.23 -66.11
N GLU N 221 2.28 -9.16 -66.67
CA GLU N 221 2.47 -9.32 -68.10
C GLU N 221 2.47 -10.77 -68.57
N ALA N 222 2.82 -11.72 -67.70
CA ALA N 222 2.99 -13.10 -68.13
C ALA N 222 1.67 -13.74 -68.53
N LEU N 223 0.59 -13.46 -67.80
CA LEU N 223 -0.66 -14.15 -68.04
C LEU N 223 -1.36 -13.67 -69.30
N SER N 224 -1.35 -12.36 -69.54
CA SER N 224 -1.97 -11.79 -70.74
C SER N 224 -1.36 -10.45 -71.09
N GLY N 273 4.05 11.85 -58.81
CA GLY N 273 5.18 11.88 -59.72
C GLY N 273 5.63 10.51 -60.18
N LYS N 274 6.23 9.76 -59.26
CA LYS N 274 6.69 8.40 -59.57
C LYS N 274 5.50 7.49 -59.84
N GLU N 275 4.51 7.51 -58.94
CA GLU N 275 3.31 6.71 -59.15
C GLU N 275 2.51 7.23 -60.34
N ALA N 276 2.55 8.54 -60.60
CA ALA N 276 1.86 9.08 -61.76
C ALA N 276 2.51 8.62 -63.07
N ALA N 277 3.85 8.61 -63.10
CA ALA N 277 4.55 8.12 -64.28
C ALA N 277 4.30 6.63 -64.50
N ALA N 278 4.28 5.86 -63.42
CA ALA N 278 3.96 4.44 -63.53
C ALA N 278 2.53 4.26 -64.03
N GLU N 279 1.59 5.07 -63.55
CA GLU N 279 0.22 4.98 -64.00
C GLU N 279 0.09 5.32 -65.48
N LEU N 280 0.84 6.32 -65.94
CA LEU N 280 0.84 6.65 -67.36
C LEU N 280 1.41 5.50 -68.19
N GLU N 281 2.49 4.87 -67.71
CA GLU N 281 3.08 3.75 -68.43
C GLU N 281 2.11 2.58 -68.53
N LEU N 282 1.45 2.24 -67.42
CA LEU N 282 0.44 1.19 -67.46
C LEU N 282 -0.74 1.57 -68.35
N LEU N 283 -1.15 2.84 -68.36
CA LEU N 283 -2.25 3.25 -69.23
C LEU N 283 -1.89 3.09 -70.69
N ASN N 284 -0.69 3.50 -71.09
CA ASN N 284 -0.28 3.39 -72.49
C ASN N 284 -0.15 1.93 -72.90
N ALA N 285 0.51 1.11 -72.07
CA ALA N 285 0.67 -0.31 -72.39
C ALA N 285 -0.69 -1.01 -72.45
N ASP N 286 -1.59 -0.65 -71.52
CA ASP N 286 -2.92 -1.24 -71.52
C ASP N 286 -3.71 -0.84 -72.75
N HIS N 287 -3.61 0.42 -73.17
CA HIS N 287 -4.33 0.86 -74.36
C HIS N 287 -3.84 0.11 -75.59
N GLN N 288 -2.53 -0.06 -75.74
CA GLN N 288 -2.00 -0.82 -76.85
C GLN N 288 -2.46 -2.28 -76.78
N HIS N 289 -2.47 -2.87 -75.58
CA HIS N 289 -2.89 -4.25 -75.42
C HIS N 289 -4.36 -4.44 -75.77
N ILE N 290 -5.21 -3.49 -75.35
CA ILE N 290 -6.64 -3.59 -75.66
C ILE N 290 -6.88 -3.44 -77.15
N LEU N 291 -6.16 -2.52 -77.80
CA LEU N 291 -6.33 -2.37 -79.25
C LEU N 291 -5.90 -3.64 -79.98
N ARG N 292 -4.77 -4.23 -79.58
CA ARG N 292 -4.32 -5.47 -80.20
C ARG N 292 -5.30 -6.61 -79.96
N LYS N 293 -5.88 -6.67 -78.74
CA LYS N 293 -6.85 -7.70 -78.42
C LYS N 293 -8.12 -7.55 -79.23
N LEU N 294 -8.56 -6.32 -79.45
CA LEU N 294 -9.75 -6.08 -80.27
C LEU N 294 -9.49 -6.44 -81.73
N LYS N 295 -8.28 -6.14 -82.22
CA LYS N 295 -7.95 -6.56 -83.58
C LYS N 295 -7.80 -8.07 -83.69
N LYS N 296 -7.45 -8.76 -82.59
CA LYS N 296 -7.21 -10.19 -82.65
C LYS N 296 -8.50 -10.97 -82.89
N MET N 297 -9.55 -10.66 -82.13
CA MET N 297 -10.77 -11.47 -82.14
C MET N 297 -11.82 -10.97 -83.14
N ASN N 298 -11.38 -10.29 -84.19
CA ASN N 298 -12.31 -9.89 -85.25
C ASN N 298 -12.89 -11.11 -85.95
N ASN N 299 -14.20 -11.32 -85.77
CA ASN N 299 -14.94 -12.43 -86.38
C ASN N 299 -14.37 -13.79 -85.97
N LYS N 300 -14.16 -13.96 -84.66
CA LYS N 300 -13.68 -15.22 -84.14
C LYS N 300 -14.72 -15.86 -83.23
N PRO N 301 -15.02 -17.13 -83.39
CA PRO N 301 -16.05 -17.76 -82.56
C PRO N 301 -15.57 -18.00 -81.15
N GLU N 302 -16.54 -18.10 -80.23
CA GLU N 302 -16.34 -18.44 -78.82
C GLU N 302 -15.40 -17.47 -78.10
N ARG N 303 -15.27 -16.24 -78.60
CA ARG N 303 -14.38 -15.24 -78.03
C ARG N 303 -15.19 -14.11 -77.44
N PHE N 304 -14.90 -13.76 -76.19
CA PHE N 304 -15.70 -12.77 -75.47
C PHE N 304 -14.78 -11.92 -74.60
N MET N 305 -15.18 -10.67 -74.41
CA MET N 305 -14.58 -9.79 -73.41
C MET N 305 -15.70 -9.11 -72.63
N VAL N 306 -15.50 -8.98 -71.32
CA VAL N 306 -16.52 -8.40 -70.46
C VAL N 306 -16.24 -6.93 -70.26
N PHE N 307 -17.22 -6.09 -70.60
CA PHE N 307 -17.17 -4.66 -70.33
C PHE N 307 -17.65 -4.39 -68.91
N GLN N 308 -16.91 -3.55 -68.19
CA GLN N 308 -17.40 -3.00 -66.92
C GLN N 308 -17.80 -1.55 -67.20
N LEU N 309 -19.08 -1.36 -67.48
CA LEU N 309 -19.67 -0.07 -67.77
C LEU N 309 -20.37 0.49 -66.55
N PRO N 310 -20.56 1.81 -66.48
CA PRO N 310 -21.31 2.38 -65.35
C PRO N 310 -22.73 1.84 -65.27
N THR N 311 -23.17 1.62 -64.02
CA THR N 311 -24.47 1.00 -63.81
C THR N 311 -25.62 1.93 -64.18
N ARG N 312 -25.36 3.24 -64.16
CA ARG N 312 -26.37 4.23 -64.54
C ARG N 312 -25.87 4.89 -65.82
N LEU N 313 -26.26 4.34 -66.95
CA LEU N 313 -25.90 4.88 -68.25
C LEU N 313 -26.61 6.21 -68.48
N PRO N 314 -26.08 7.06 -69.36
CA PRO N 314 -26.80 8.29 -69.72
C PRO N 314 -28.17 7.98 -70.33
N ALA N 315 -29.14 8.83 -70.02
CA ALA N 315 -30.51 8.62 -70.48
C ALA N 315 -30.65 9.03 -71.95
N PHE N 316 -31.75 8.61 -72.56
CA PHE N 316 -32.01 8.87 -73.97
C PHE N 316 -33.50 9.07 -74.16
N GLU N 317 -33.89 9.32 -75.41
CA GLU N 317 -35.28 9.56 -75.79
C GLU N 317 -35.84 8.34 -76.50
N ARG N 318 -37.02 7.91 -76.10
CA ARG N 318 -37.66 6.77 -76.75
C ARG N 318 -38.14 7.17 -78.14
N PRO N 319 -37.79 6.40 -79.19
CA PRO N 319 -38.23 6.67 -80.56
C PRO N 319 -39.73 6.53 -80.74
N ALA N 350 -40.52 12.51 -69.91
CA ALA N 350 -39.61 11.58 -70.57
C ALA N 350 -39.33 10.37 -69.68
N LEU N 351 -39.53 9.17 -70.22
CA LEU N 351 -39.28 7.94 -69.48
C LEU N 351 -37.79 7.60 -69.37
N SER N 352 -36.93 8.36 -70.07
CA SER N 352 -35.48 8.31 -69.93
C SER N 352 -34.84 7.02 -70.45
N THR N 353 -35.66 6.07 -70.91
CA THR N 353 -35.22 4.81 -71.52
C THR N 353 -34.20 4.08 -70.66
N ARG N 354 -34.68 3.61 -69.50
CA ARG N 354 -33.82 2.90 -68.56
C ARG N 354 -33.21 1.65 -69.19
N GLU N 355 -34.00 0.86 -69.91
CA GLU N 355 -33.50 -0.31 -70.62
C GLU N 355 -33.08 0.11 -72.02
N LEU N 356 -31.86 -0.24 -72.39
CA LEU N 356 -31.23 0.26 -73.61
C LEU N 356 -31.29 -0.75 -74.73
N ALA N 357 -31.26 -0.24 -75.97
CA ALA N 357 -31.22 -1.08 -77.16
C ALA N 357 -30.59 -0.27 -78.29
N GLY N 358 -30.00 -0.98 -79.25
CA GLY N 358 -29.39 -0.34 -80.39
C GLY N 358 -28.01 0.21 -80.10
N LYS N 359 -27.44 0.86 -81.12
CA LYS N 359 -26.13 1.46 -80.99
C LYS N 359 -26.18 2.66 -80.06
N VAL N 360 -25.26 2.70 -79.09
CA VAL N 360 -25.21 3.75 -78.09
C VAL N 360 -23.94 4.59 -78.20
N GLY N 361 -22.78 3.95 -78.36
CA GLY N 361 -21.53 4.67 -78.37
C GLY N 361 -20.52 4.04 -79.30
N SER N 362 -19.28 4.49 -79.17
CA SER N 362 -18.18 4.02 -80.00
C SER N 362 -16.87 4.00 -79.22
N ILE N 363 -16.05 2.97 -79.46
CA ILE N 363 -14.66 2.96 -78.97
C ILE N 363 -13.83 3.70 -80.01
N ARG N 364 -13.54 4.96 -79.71
CA ARG N 364 -12.65 5.71 -80.59
C ARG N 364 -11.21 5.59 -80.10
N VAL N 365 -10.28 5.63 -81.06
CA VAL N 365 -8.85 5.55 -80.78
C VAL N 365 -8.16 6.72 -81.45
N HIS N 366 -7.19 7.31 -80.76
CA HIS N 366 -6.58 8.54 -81.19
C HIS N 366 -5.22 8.28 -81.85
N LYS N 367 -4.67 9.34 -82.45
CA LYS N 367 -3.38 9.23 -83.15
C LYS N 367 -2.24 8.94 -82.19
N SER N 368 -2.34 9.40 -80.94
CA SER N 368 -1.28 9.23 -79.96
C SER N 368 -1.28 7.85 -79.31
N GLY N 369 -2.01 6.88 -79.87
CA GLY N 369 -2.05 5.56 -79.29
C GLY N 369 -2.91 5.43 -78.05
N LYS N 370 -3.81 6.37 -77.82
CA LYS N 370 -4.72 6.33 -76.68
C LYS N 370 -6.13 6.04 -77.15
N LEU N 371 -6.95 5.55 -76.21
CA LEU N 371 -8.30 5.13 -76.51
C LEU N 371 -9.29 5.81 -75.57
N SER N 372 -10.51 6.01 -76.06
CA SER N 372 -11.59 6.52 -75.23
C SER N 372 -12.90 5.97 -75.78
N VAL N 373 -13.92 5.98 -74.94
CA VAL N 373 -15.22 5.42 -75.30
C VAL N 373 -16.25 6.53 -75.18
N LYS N 374 -16.93 6.85 -76.28
CA LYS N 374 -17.95 7.89 -76.28
C LYS N 374 -19.31 7.20 -76.24
N ILE N 375 -19.98 7.32 -75.10
CA ILE N 375 -21.34 6.80 -74.93
C ILE N 375 -22.30 7.98 -75.07
N GLY N 376 -23.08 7.99 -76.14
CA GLY N 376 -23.97 9.11 -76.38
C GLY N 376 -23.17 10.37 -76.63
N ASN N 377 -23.16 11.26 -75.64
CA ASN N 377 -22.37 12.48 -75.68
C ASN N 377 -21.39 12.58 -74.53
N VAL N 378 -21.06 11.47 -73.87
CA VAL N 378 -20.16 11.47 -72.71
C VAL N 378 -18.91 10.67 -73.07
N VAL N 379 -17.76 11.30 -72.92
CA VAL N 379 -16.48 10.62 -73.14
C VAL N 379 -16.02 9.96 -71.85
N MET N 380 -15.47 8.75 -71.96
CA MET N 380 -15.04 7.99 -70.81
C MET N 380 -13.72 7.30 -71.11
N ASP N 381 -12.96 7.04 -70.05
CA ASP N 381 -11.65 6.41 -70.16
C ASP N 381 -11.78 4.89 -70.08
N ILE N 382 -10.81 4.19 -70.64
CA ILE N 382 -10.86 2.74 -70.77
C ILE N 382 -9.56 2.14 -70.21
N GLY N 383 -9.65 0.90 -69.74
CA GLY N 383 -8.50 0.17 -69.21
C GLY N 383 -8.84 -1.30 -69.09
N LYS N 384 -7.95 -2.13 -68.53
CA LYS N 384 -8.26 -3.55 -68.42
C LYS N 384 -8.65 -3.99 -67.02
N GLY N 385 -8.25 -3.25 -65.98
CA GLY N 385 -8.59 -3.64 -64.63
C GLY N 385 -7.84 -4.88 -64.19
N ALA N 386 -8.41 -5.55 -63.18
CA ALA N 386 -7.81 -6.75 -62.63
C ALA N 386 -7.80 -7.89 -63.63
N GLU N 387 -6.70 -8.63 -63.67
CA GLU N 387 -6.53 -9.72 -64.62
C GLU N 387 -6.74 -11.05 -63.89
N THR N 388 -7.53 -11.93 -64.51
CA THR N 388 -7.94 -13.17 -63.87
C THR N 388 -6.93 -14.28 -64.13
N THR N 389 -6.91 -15.25 -63.21
CA THR N 389 -6.02 -16.40 -63.30
C THR N 389 -6.78 -17.71 -63.43
N PHE N 390 -7.99 -17.68 -63.99
CA PHE N 390 -8.80 -18.88 -64.09
C PHE N 390 -9.67 -18.82 -65.32
N LEU N 391 -10.17 -19.99 -65.72
CA LEU N 391 -10.99 -20.11 -66.91
C LEU N 391 -12.35 -19.46 -66.71
N GLN N 392 -12.81 -18.75 -67.74
CA GLN N 392 -14.11 -18.09 -67.70
C GLN N 392 -14.85 -18.41 -68.99
N ASP N 393 -16.18 -18.41 -68.92
CA ASP N 393 -17.01 -18.71 -70.08
C ASP N 393 -18.36 -18.06 -69.90
N VAL N 394 -19.03 -17.82 -71.03
CA VAL N 394 -20.32 -17.15 -71.06
C VAL N 394 -21.40 -18.13 -71.50
N ILE N 395 -22.51 -18.15 -70.77
CA ILE N 395 -23.54 -19.17 -70.89
C ILE N 395 -24.91 -18.52 -70.88
N ALA N 396 -25.74 -18.86 -71.86
CA ALA N 396 -27.11 -18.38 -71.95
C ALA N 396 -28.05 -19.42 -71.35
N LEU N 397 -29.00 -18.96 -70.54
CA LEU N 397 -29.93 -19.84 -69.83
C LEU N 397 -31.36 -19.53 -70.24
N SER N 398 -32.10 -20.58 -70.57
CA SER N 398 -33.53 -20.48 -70.88
C SER N 398 -34.28 -21.38 -69.93
N ILE N 399 -35.22 -20.82 -69.17
CA ILE N 399 -35.96 -21.55 -68.16
C ILE N 399 -37.43 -21.59 -68.54
N ALA N 400 -37.96 -22.81 -68.65
CA ALA N 400 -39.39 -23.04 -68.85
C ALA N 400 -39.72 -24.42 -68.34
N ASP N 401 -40.97 -24.61 -67.93
CA ASP N 401 -41.38 -25.88 -67.36
C ASP N 401 -41.36 -27.00 -68.39
N ASP N 402 -41.79 -26.72 -69.62
CA ASP N 402 -41.84 -27.76 -70.65
C ASP N 402 -40.46 -28.12 -71.15
N ALA N 403 -39.59 -27.13 -71.33
CA ALA N 403 -38.25 -27.38 -71.85
C ALA N 403 -37.26 -26.40 -71.22
N SER N 404 -36.06 -26.89 -70.95
CA SER N 404 -35.00 -26.08 -70.37
C SER N 404 -33.69 -26.44 -71.03
N SER N 405 -32.84 -25.44 -71.26
CA SER N 405 -31.57 -25.66 -71.94
C SER N 405 -30.56 -24.60 -71.53
N ALA N 406 -29.35 -25.05 -71.19
CA ALA N 406 -28.24 -24.17 -70.89
C ALA N 406 -27.16 -24.37 -71.96
N GLU N 407 -26.75 -23.28 -72.61
CA GLU N 407 -25.87 -23.34 -73.77
C GLU N 407 -24.56 -22.63 -73.47
N LEU N 408 -23.44 -23.28 -73.79
CA LEU N 408 -22.12 -22.66 -73.67
C LEU N 408 -21.88 -21.82 -74.92
N LEU N 409 -22.02 -20.51 -74.78
CA LEU N 409 -21.83 -19.62 -75.92
C LEU N 409 -20.36 -19.46 -76.30
N GLY N 410 -19.45 -19.54 -75.35
CA GLY N 410 -18.05 -19.40 -75.67
C GLY N 410 -17.23 -19.10 -74.44
N ARG N 411 -15.95 -18.86 -74.68
CA ARG N 411 -14.98 -18.57 -73.64
C ARG N 411 -14.81 -17.06 -73.47
N VAL N 412 -14.71 -16.64 -72.22
CA VAL N 412 -14.46 -15.24 -71.88
C VAL N 412 -12.95 -15.04 -71.78
N ASP N 413 -12.40 -14.22 -72.66
CA ASP N 413 -10.95 -14.03 -72.77
C ASP N 413 -10.65 -12.60 -72.34
N GLY N 414 -10.45 -12.41 -71.03
CA GLY N 414 -10.10 -11.12 -70.50
C GLY N 414 -11.32 -10.25 -70.19
N LYS N 415 -11.05 -9.18 -69.45
CA LYS N 415 -12.07 -8.23 -69.05
C LYS N 415 -11.49 -6.82 -69.16
N ILE N 416 -12.34 -5.85 -69.51
CA ILE N 416 -11.94 -4.46 -69.57
C ILE N 416 -12.95 -3.60 -68.81
N VAL N 417 -12.52 -2.40 -68.46
CA VAL N 417 -13.24 -1.50 -67.57
C VAL N 417 -13.31 -0.12 -68.21
N VAL N 418 -14.46 0.54 -68.10
CA VAL N 418 -14.65 1.89 -68.64
C VAL N 418 -15.16 2.77 -67.51
N THR N 419 -14.43 3.84 -67.21
CA THR N 419 -14.72 4.74 -66.11
C THR N 419 -15.06 6.14 -66.62
N PRO N 420 -15.97 6.85 -65.94
CA PRO N 420 -16.29 8.22 -66.36
C PRO N 420 -15.10 9.15 -66.24
N GLN N 421 -14.97 10.05 -67.21
CA GLN N 421 -13.89 11.03 -67.21
C GLN N 421 -14.42 12.34 -66.65
N ILE N 422 -13.67 12.91 -65.70
CA ILE N 422 -14.09 14.14 -65.05
C ILE N 422 -13.20 15.30 -65.49
N SER O 22 -38.46 -24.66 27.77
CA SER O 22 -38.57 -23.84 28.98
C SER O 22 -39.58 -22.71 28.78
N GLU O 23 -39.93 -22.05 29.88
CA GLU O 23 -40.87 -20.92 29.84
C GLU O 23 -40.19 -19.56 29.87
N LYS O 24 -38.96 -19.47 30.37
CA LYS O 24 -38.23 -18.22 30.45
C LYS O 24 -36.90 -18.37 29.73
N LEU O 25 -36.38 -17.25 29.25
CA LEU O 25 -35.08 -17.27 28.60
C LEU O 25 -33.99 -17.63 29.59
N VAL O 26 -32.99 -18.35 29.12
CA VAL O 26 -31.90 -18.84 29.97
C VAL O 26 -30.64 -18.08 29.58
N THR O 27 -30.13 -17.28 30.51
CA THR O 27 -28.94 -16.49 30.27
C THR O 27 -27.72 -17.38 30.14
N PRO O 28 -26.69 -16.94 29.41
CA PRO O 28 -25.46 -17.75 29.28
C PRO O 28 -24.77 -18.02 30.60
N GLU O 29 -24.94 -17.16 31.61
CA GLU O 29 -24.44 -17.48 32.93
C GLU O 29 -25.11 -18.73 33.49
N ASP O 30 -26.43 -18.84 33.32
CA ASP O 30 -27.14 -20.03 33.75
C ASP O 30 -26.72 -21.25 32.94
N VAL O 31 -26.47 -21.07 31.64
CA VAL O 31 -26.03 -22.18 30.80
C VAL O 31 -24.67 -22.69 31.25
N MET O 32 -23.75 -21.77 31.55
CA MET O 32 -22.42 -22.19 31.97
C MET O 32 -22.42 -22.68 33.41
N THR O 33 -23.44 -22.35 34.19
CA THR O 33 -23.46 -22.77 35.60
C THR O 33 -23.96 -24.20 35.74
N ILE O 34 -25.19 -24.48 35.32
CA ILE O 34 -25.81 -25.77 35.60
C ILE O 34 -25.60 -26.76 34.46
N SER O 35 -25.60 -26.30 33.21
CA SER O 35 -25.42 -27.21 32.10
C SER O 35 -23.95 -27.55 31.92
N SER O 36 -23.69 -28.71 31.33
CA SER O 36 -22.32 -29.19 31.15
C SER O 36 -21.78 -28.78 29.79
N LEU O 37 -21.81 -27.46 29.54
CA LEU O 37 -21.27 -26.95 28.28
C LEU O 37 -19.74 -26.89 28.29
N GLU O 38 -19.15 -26.65 29.46
CA GLU O 38 -17.70 -26.63 29.56
C GLU O 38 -17.10 -28.01 29.26
N GLN O 39 -17.76 -29.07 29.70
CA GLN O 39 -17.24 -30.42 29.53
C GLN O 39 -17.35 -30.94 28.10
N ARG O 40 -18.18 -30.31 27.27
CA ARG O 40 -18.37 -30.78 25.89
C ARG O 40 -17.19 -30.45 24.99
N THR O 41 -16.28 -29.58 25.41
CA THR O 41 -15.15 -29.19 24.58
C THR O 41 -13.91 -30.02 24.84
N LEU O 42 -14.01 -31.06 25.66
CA LEU O 42 -12.86 -31.88 26.02
C LEU O 42 -12.82 -33.14 25.16
N ASN O 43 -11.61 -33.56 24.83
CA ASN O 43 -11.42 -34.85 24.16
C ASN O 43 -11.88 -35.96 25.08
N PRO O 44 -12.79 -36.84 24.65
CA PRO O 44 -13.29 -37.89 25.55
C PRO O 44 -12.22 -38.80 26.12
N ASP O 45 -11.19 -39.13 25.34
CA ASP O 45 -10.10 -39.95 25.86
C ASP O 45 -9.38 -39.25 27.00
N LEU O 46 -8.95 -38.01 26.76
CA LEU O 46 -8.24 -37.23 27.78
C LEU O 46 -9.14 -36.98 28.98
N PHE O 47 -10.40 -36.65 28.74
CA PHE O 47 -11.34 -36.39 29.83
C PHE O 47 -11.51 -37.62 30.71
N LEU O 48 -11.76 -38.78 30.10
CA LEU O 48 -11.98 -39.99 30.87
C LEU O 48 -10.73 -40.40 31.64
N TYR O 49 -9.56 -40.39 30.98
CA TYR O 49 -8.35 -40.85 31.64
C TYR O 49 -7.94 -39.91 32.76
N LYS O 50 -8.01 -38.60 32.52
CA LYS O 50 -7.67 -37.62 33.54
C LYS O 50 -8.63 -37.72 34.73
N GLU O 51 -9.93 -37.88 34.45
CA GLU O 51 -10.88 -37.97 35.55
C GLU O 51 -10.68 -39.24 36.37
N LEU O 52 -10.40 -40.36 35.71
CA LEU O 52 -10.16 -41.61 36.43
C LEU O 52 -8.92 -41.50 37.32
N VAL O 53 -7.83 -40.97 36.77
CA VAL O 53 -6.60 -40.85 37.56
C VAL O 53 -6.80 -39.85 38.70
N LYS O 54 -7.49 -38.74 38.44
CA LYS O 54 -7.72 -37.75 39.48
C LYS O 54 -8.59 -38.30 40.60
N ALA O 55 -9.59 -39.11 40.25
CA ALA O 55 -10.45 -39.69 41.27
C ALA O 55 -9.72 -40.74 42.08
N HIS O 56 -8.89 -41.56 41.44
CA HIS O 56 -8.27 -42.67 42.15
C HIS O 56 -6.89 -42.32 42.71
N LEU O 57 -6.03 -41.73 41.90
CA LEU O 57 -4.74 -41.25 42.37
C LEU O 57 -4.83 -39.75 42.62
N GLY O 58 -3.70 -39.12 42.90
CA GLY O 58 -3.67 -37.72 43.23
C GLY O 58 -3.83 -36.82 42.02
N GLU O 59 -3.79 -35.51 42.28
CA GLU O 59 -3.92 -34.53 41.22
C GLU O 59 -2.64 -34.39 40.40
N ARG O 60 -1.47 -34.61 41.01
CA ARG O 60 -0.23 -34.57 40.25
C ARG O 60 -0.16 -35.70 39.24
N ALA O 61 -0.63 -36.90 39.61
CA ALA O 61 -0.73 -37.99 38.66
C ALA O 61 -1.72 -37.65 37.56
N ALA O 62 -2.81 -36.96 37.90
CA ALA O 62 -3.78 -36.54 36.90
C ALA O 62 -3.15 -35.58 35.89
N SER O 63 -2.35 -34.63 36.38
CA SER O 63 -1.70 -33.70 35.47
C SER O 63 -0.66 -34.40 34.59
N VAL O 64 0.07 -35.36 35.16
CA VAL O 64 1.06 -36.10 34.38
C VAL O 64 0.37 -36.90 33.28
N ILE O 65 -0.73 -37.58 33.62
CA ILE O 65 -1.46 -38.36 32.63
C ILE O 65 -2.07 -37.44 31.58
N GLY O 66 -2.53 -36.26 32.00
CA GLY O 66 -3.07 -35.31 31.03
C GLY O 66 -2.04 -34.84 30.03
N MET O 67 -0.84 -34.51 30.52
CA MET O 67 0.22 -34.10 29.60
C MET O 67 0.66 -35.24 28.69
N LEU O 68 0.72 -36.46 29.23
CA LEU O 68 1.11 -37.61 28.42
C LEU O 68 0.08 -37.89 27.33
N VAL O 69 -1.21 -37.74 27.65
CA VAL O 69 -2.24 -37.94 26.63
C VAL O 69 -2.22 -36.82 25.61
N ALA O 70 -2.02 -35.58 26.06
CA ALA O 70 -2.10 -34.43 25.16
C ALA O 70 -0.92 -34.38 24.20
N LEU O 71 0.27 -34.77 24.66
CA LEU O 71 1.48 -34.60 23.85
C LEU O 71 2.19 -35.92 23.55
N GLY O 72 1.50 -37.04 23.67
CA GLY O 72 2.13 -38.31 23.36
C GLY O 72 3.22 -38.67 24.35
N ARG O 73 4.23 -39.38 23.86
CA ARG O 73 5.35 -39.74 24.72
C ARG O 73 6.15 -38.50 25.08
N LEU O 74 6.69 -38.48 26.31
CA LEU O 74 7.41 -37.33 26.81
C LEU O 74 8.51 -37.81 27.75
N SER O 75 9.64 -37.12 27.71
CA SER O 75 10.72 -37.40 28.64
C SER O 75 10.39 -36.79 30.00
N VAL O 76 11.20 -37.16 31.00
CA VAL O 76 11.00 -36.61 32.34
C VAL O 76 11.33 -35.12 32.37
N ARG O 77 12.36 -34.71 31.63
CA ARG O 77 12.69 -33.29 31.51
C ARG O 77 11.58 -32.52 30.81
N GLU O 78 11.01 -33.11 29.76
CA GLU O 78 9.88 -32.48 29.07
C GLU O 78 8.67 -32.39 29.98
N LEU O 79 8.44 -33.42 30.80
CA LEU O 79 7.33 -33.37 31.75
C LEU O 79 7.54 -32.28 32.79
N VAL O 80 8.79 -32.09 33.22
CA VAL O 80 9.10 -31.00 34.15
C VAL O 80 8.84 -29.65 33.49
N GLU O 81 9.26 -29.49 32.24
CA GLU O 81 9.14 -28.20 31.57
C GLU O 81 7.68 -27.87 31.27
N LYS O 82 6.88 -28.86 30.89
CA LYS O 82 5.50 -28.59 30.50
C LYS O 82 4.58 -28.35 31.68
N ILE O 83 4.83 -29.03 32.81
CA ILE O 83 3.97 -28.92 33.98
C ILE O 83 4.62 -27.93 34.94
N ASP O 84 4.02 -26.76 35.06
CA ASP O 84 4.51 -25.76 36.00
C ASP O 84 4.13 -26.14 37.43
N GLY O 85 4.92 -25.67 38.38
CA GLY O 85 4.66 -25.92 39.78
C GLY O 85 5.17 -27.24 40.30
N MET O 86 5.80 -28.06 39.46
CA MET O 86 6.33 -29.35 39.87
C MET O 86 7.79 -29.43 39.43
N ASP O 87 8.66 -29.81 40.36
CA ASP O 87 10.09 -29.92 40.07
C ASP O 87 10.40 -31.33 39.55
N VAL O 88 11.70 -31.64 39.42
CA VAL O 88 12.10 -32.95 38.90
C VAL O 88 11.76 -34.05 39.90
N ASP O 89 11.89 -33.77 41.20
CA ASP O 89 11.63 -34.77 42.21
C ASP O 89 10.17 -35.17 42.25
N SER O 90 9.27 -34.18 42.18
CA SER O 90 7.84 -34.48 42.18
C SER O 90 7.43 -35.25 40.95
N VAL O 91 7.98 -34.86 39.79
CA VAL O 91 7.67 -35.59 38.55
C VAL O 91 8.16 -37.03 38.64
N LYS O 92 9.36 -37.24 39.18
CA LYS O 92 9.90 -38.59 39.27
C LYS O 92 9.10 -39.46 40.23
N THR O 93 8.74 -38.93 41.40
CA THR O 93 7.98 -39.76 42.33
C THR O 93 6.56 -40.01 41.82
N THR O 94 5.99 -39.04 41.09
CA THR O 94 4.70 -39.25 40.46
C THR O 94 4.77 -40.33 39.40
N LEU O 95 5.86 -40.34 38.62
CA LEU O 95 6.03 -41.37 37.61
C LEU O 95 6.21 -42.73 38.25
N VAL O 96 6.92 -42.81 39.38
CA VAL O 96 7.03 -44.07 40.10
C VAL O 96 5.66 -44.55 40.57
N SER O 97 4.86 -43.64 41.12
CA SER O 97 3.53 -43.99 41.61
C SER O 97 2.65 -44.50 40.47
N LEU O 98 2.73 -43.86 39.30
CA LEU O 98 1.94 -44.31 38.16
C LEU O 98 2.46 -45.63 37.60
N THR O 99 3.79 -45.82 37.62
CA THR O 99 4.37 -47.04 37.09
C THR O 99 4.05 -48.25 37.94
N GLN O 100 3.90 -48.05 39.26
CA GLN O 100 3.56 -49.18 40.13
C GLN O 100 2.19 -49.75 39.80
N LEU O 101 1.22 -48.90 39.51
CA LEU O 101 -0.12 -49.36 39.15
C LEU O 101 -0.28 -49.63 37.67
N ARG O 102 0.84 -49.73 36.94
CA ARG O 102 0.85 -50.12 35.52
C ARG O 102 0.06 -49.14 34.65
N CYS O 103 0.01 -47.87 35.06
CA CYS O 103 -0.70 -46.86 34.29
C CYS O 103 0.20 -46.08 33.33
N VAL O 104 1.50 -46.35 33.34
CA VAL O 104 2.44 -45.67 32.44
C VAL O 104 3.42 -46.71 31.88
N LYS O 105 3.54 -46.74 30.56
CA LYS O 105 4.56 -47.55 29.90
C LYS O 105 5.78 -46.69 29.61
N TYR O 106 6.96 -47.28 29.76
CA TYR O 106 8.21 -46.58 29.56
C TYR O 106 9.06 -47.30 28.54
N LEU O 107 10.01 -46.58 27.96
CA LEU O 107 10.95 -47.17 27.02
C LEU O 107 12.24 -46.37 27.01
N GLN O 108 13.36 -47.08 26.96
CA GLN O 108 14.67 -46.47 26.93
C GLN O 108 15.16 -46.36 25.49
N GLU O 109 15.59 -45.16 25.11
CA GLU O 109 16.10 -44.91 23.76
C GLU O 109 17.51 -44.36 23.86
N THR O 110 18.40 -44.89 23.02
CA THR O 110 19.77 -44.46 22.94
C THR O 110 19.96 -43.61 21.69
N ALA O 111 20.51 -42.41 21.86
CA ALA O 111 20.76 -41.55 20.73
C ALA O 111 21.94 -42.06 19.90
N ILE O 112 22.09 -41.50 18.71
CA ILE O 112 23.20 -41.88 17.84
C ILE O 112 24.53 -41.50 18.48
N SER O 113 24.60 -40.31 19.08
CA SER O 113 25.82 -39.87 19.74
C SER O 113 26.13 -40.74 20.95
N GLY O 114 25.11 -41.13 21.70
CA GLY O 114 25.33 -41.96 22.88
C GLY O 114 24.49 -41.53 24.07
N LYS O 115 23.63 -40.53 23.87
CA LYS O 115 22.77 -40.06 24.94
C LYS O 115 21.68 -41.07 25.25
N LYS O 116 21.36 -41.20 26.53
CA LYS O 116 20.33 -42.11 27.02
C LYS O 116 19.12 -41.30 27.46
N THR O 117 17.94 -41.68 26.98
CA THR O 117 16.71 -41.00 27.36
C THR O 117 15.65 -42.04 27.68
N THR O 118 14.69 -41.64 28.51
CA THR O 118 13.57 -42.49 28.90
C THR O 118 12.28 -41.77 28.53
N TYR O 119 11.46 -42.41 27.69
CA TYR O 119 10.19 -41.85 27.27
C TYR O 119 9.07 -42.61 27.94
N TYR O 120 8.16 -41.89 28.59
CA TYR O 120 7.02 -42.48 29.27
C TYR O 120 5.78 -42.30 28.41
N TYR O 121 5.09 -43.40 28.15
CA TYR O 121 3.86 -43.39 27.37
C TYR O 121 2.65 -43.41 28.32
N TYR O 122 1.48 -43.55 27.73
CA TYR O 122 0.27 -43.91 28.46
C TYR O 122 -0.27 -45.19 27.86
N ASN O 123 -0.82 -46.06 28.69
CA ASN O 123 -1.41 -47.32 28.22
C ASN O 123 -2.82 -47.46 28.76
N GLU O 124 -3.72 -47.91 27.91
CA GLU O 124 -5.09 -48.13 28.31
C GLU O 124 -5.26 -49.30 29.27
N GLU O 125 -4.21 -50.12 29.44
CA GLU O 125 -4.31 -51.30 30.29
C GLU O 125 -4.59 -50.92 31.74
N GLY O 126 -3.68 -50.16 32.35
CA GLY O 126 -3.85 -49.80 33.75
C GLY O 126 -5.06 -48.91 33.99
N ILE O 127 -5.35 -48.02 33.03
CA ILE O 127 -6.50 -47.14 33.18
C ILE O 127 -7.80 -47.93 33.13
N HIS O 128 -7.89 -48.90 32.22
CA HIS O 128 -9.06 -49.76 32.18
C HIS O 128 -9.14 -50.65 33.41
N ILE O 129 -7.99 -51.03 33.97
CA ILE O 129 -7.98 -51.79 35.22
C ILE O 129 -8.58 -50.96 36.34
N LEU O 130 -8.21 -49.69 36.40
CA LEU O 130 -8.84 -48.77 37.35
C LEU O 130 -10.33 -48.61 37.06
N LEU O 131 -10.70 -48.65 35.78
CA LEU O 131 -12.09 -48.42 35.40
C LEU O 131 -12.97 -49.62 35.70
N TYR O 132 -12.46 -50.84 35.46
CA TYR O 132 -13.23 -52.06 35.60
C TYR O 132 -13.11 -52.71 36.97
N SER O 133 -12.75 -51.94 38.00
CA SER O 133 -12.24 -52.52 39.25
C SER O 133 -13.29 -53.37 39.95
N GLY O 134 -14.44 -52.77 40.27
CA GLY O 134 -15.50 -53.53 40.92
C GLY O 134 -16.03 -54.63 40.02
N LEU O 135 -16.12 -54.35 38.72
CA LEU O 135 -16.53 -55.37 37.76
C LEU O 135 -15.55 -56.54 37.75
N ILE O 136 -14.25 -56.24 37.81
CA ILE O 136 -13.24 -57.30 37.84
C ILE O 136 -13.37 -58.13 39.11
N ILE O 137 -13.57 -57.46 40.25
CA ILE O 137 -13.69 -58.19 41.51
C ILE O 137 -14.90 -59.10 41.49
N ASP O 138 -16.04 -58.59 41.00
CA ASP O 138 -17.25 -59.41 40.93
C ASP O 138 -17.08 -60.57 39.95
N GLU O 139 -16.39 -60.32 38.83
CA GLU O 139 -16.16 -61.39 37.86
C GLU O 139 -15.29 -62.49 38.45
N ILE O 140 -14.26 -62.10 39.21
CA ILE O 140 -13.42 -63.11 39.86
C ILE O 140 -14.23 -63.90 40.87
N ILE O 141 -15.07 -63.22 41.65
CA ILE O 141 -15.89 -63.90 42.65
C ILE O 141 -16.84 -64.90 41.99
N THR O 142 -17.49 -64.47 40.91
CA THR O 142 -18.48 -65.33 40.26
C THR O 142 -17.86 -66.47 39.48
N GLN O 143 -16.78 -66.23 38.75
CA GLN O 143 -16.30 -67.16 37.73
C GLN O 143 -15.45 -68.30 38.26
N MET O 144 -15.15 -68.34 39.56
CA MET O 144 -14.38 -69.43 40.12
C MET O 144 -15.19 -70.28 41.10
N ARG O 145 -16.51 -70.29 40.92
CA ARG O 145 -17.51 -71.04 41.67
C ARG O 145 -17.20 -71.10 43.19
N VAL O 146 -17.08 -69.91 43.76
CA VAL O 146 -16.94 -69.76 45.21
C VAL O 146 -18.21 -69.03 45.65
N ASN O 147 -19.32 -69.32 44.97
CA ASN O 147 -20.60 -68.77 45.35
C ASN O 147 -21.22 -69.48 46.55
N ASP O 148 -20.54 -70.49 47.11
CA ASP O 148 -21.08 -71.23 48.25
C ASP O 148 -20.07 -71.38 49.39
N GLU O 149 -18.92 -70.72 49.33
CA GLU O 149 -17.92 -70.77 50.40
C GLU O 149 -17.59 -69.33 50.78
N GLU O 150 -18.17 -68.87 51.89
CA GLU O 150 -18.10 -67.45 52.25
C GLU O 150 -16.69 -67.05 52.65
N GLU O 151 -15.97 -67.90 53.39
CA GLU O 151 -14.63 -67.56 53.83
C GLU O 151 -13.68 -67.46 52.64
N HIS O 152 -13.75 -68.42 51.72
CA HIS O 152 -12.93 -68.35 50.52
C HIS O 152 -13.35 -67.19 49.63
N LYS O 153 -14.65 -66.87 49.62
CA LYS O 153 -15.11 -65.69 48.87
C LYS O 153 -14.49 -64.41 49.42
N GLN O 154 -14.48 -64.28 50.75
CA GLN O 154 -13.90 -63.10 51.38
C GLN O 154 -12.39 -63.02 51.10
N LEU O 155 -11.70 -64.15 51.19
CA LEU O 155 -10.27 -64.16 50.91
C LEU O 155 -9.98 -63.82 49.45
N VAL O 156 -10.78 -64.35 48.52
CA VAL O 156 -10.58 -64.05 47.10
C VAL O 156 -10.83 -62.58 46.83
N ALA O 157 -11.88 -62.02 47.41
CA ALA O 157 -12.15 -60.59 47.24
C ALA O 157 -11.00 -59.76 47.81
N GLU O 158 -10.48 -60.14 48.98
CA GLU O 158 -9.38 -59.40 49.58
C GLU O 158 -8.13 -59.44 48.72
N ILE O 159 -7.77 -60.63 48.23
CA ILE O 159 -6.53 -60.76 47.47
C ILE O 159 -6.65 -60.05 46.12
N VAL O 160 -7.82 -60.12 45.49
CA VAL O 160 -7.98 -59.46 44.20
C VAL O 160 -8.00 -57.95 44.36
N GLN O 161 -8.66 -57.45 45.41
CA GLN O 161 -8.65 -56.02 45.68
C GLN O 161 -7.24 -55.53 45.97
N ASN O 162 -6.47 -56.30 46.74
CA ASN O 162 -5.09 -55.91 47.03
C ASN O 162 -4.23 -55.94 45.76
N VAL O 163 -4.46 -56.92 44.89
CA VAL O 163 -3.71 -57.01 43.65
C VAL O 163 -3.99 -55.80 42.76
N ILE O 164 -5.26 -55.42 42.64
CA ILE O 164 -5.60 -54.27 41.81
C ILE O 164 -5.10 -52.97 42.43
N SER O 165 -5.17 -52.87 43.76
CA SER O 165 -4.75 -51.64 44.43
C SER O 165 -3.25 -51.43 44.35
N LEU O 166 -2.47 -52.49 44.59
CA LEU O 166 -1.02 -52.40 44.54
C LEU O 166 -0.46 -52.65 43.15
N GLY O 167 -1.30 -53.00 42.18
CA GLY O 167 -0.85 -53.21 40.82
C GLY O 167 -0.20 -54.55 40.61
N SER O 168 1.02 -54.70 41.11
CA SER O 168 1.76 -55.95 40.99
C SER O 168 2.43 -56.25 42.33
N LEU O 169 2.24 -57.46 42.84
CA LEU O 169 2.76 -57.78 44.17
C LEU O 169 3.38 -59.17 44.17
N THR O 170 4.29 -59.37 45.11
CA THR O 170 4.91 -60.67 45.33
C THR O 170 4.10 -61.47 46.34
N VAL O 171 4.06 -62.79 46.15
CA VAL O 171 3.23 -63.64 46.98
C VAL O 171 3.77 -63.73 48.40
N GLU O 172 5.09 -63.85 48.54
CA GLU O 172 5.68 -64.06 49.86
C GLU O 172 5.51 -62.82 50.75
N ASP O 173 5.61 -61.63 50.16
CA ASP O 173 5.45 -60.43 50.98
C ASP O 173 3.99 -60.20 51.34
N TYR O 174 3.06 -60.68 50.51
CA TYR O 174 1.66 -60.70 50.93
C TYR O 174 1.44 -61.69 52.06
N LEU O 175 2.09 -62.86 51.98
CA LEU O 175 1.94 -63.87 53.02
C LEU O 175 2.57 -63.42 54.33
N SER O 176 3.54 -62.51 54.25
CA SER O 176 4.14 -61.95 55.47
C SER O 176 3.15 -61.12 56.27
N SER O 177 2.02 -60.73 55.67
CA SER O 177 0.97 -60.00 56.38
C SER O 177 -0.09 -60.93 56.97
N VAL O 178 0.08 -62.24 56.84
CA VAL O 178 -0.85 -63.23 57.37
C VAL O 178 -0.17 -63.96 58.51
N THR O 179 -0.84 -64.03 59.66
CA THR O 179 -0.26 -64.58 60.88
C THR O 179 -0.90 -65.88 61.32
N SER O 180 -1.66 -66.55 60.44
CA SER O 180 -2.26 -67.84 60.75
C SER O 180 -1.84 -68.85 59.69
N ASP O 181 -1.42 -70.04 60.13
CA ASP O 181 -0.91 -71.04 59.21
C ASP O 181 -2.01 -71.58 58.30
N SER O 182 -3.20 -71.83 58.86
CA SER O 182 -4.32 -72.29 58.03
C SER O 182 -4.72 -71.22 57.02
N MET O 183 -4.73 -69.96 57.44
CA MET O 183 -5.01 -68.86 56.51
C MET O 183 -3.96 -68.78 55.43
N LYS O 184 -2.68 -68.99 55.80
CA LYS O 184 -1.61 -68.98 54.80
C LYS O 184 -1.80 -70.10 53.78
N TYR O 185 -2.17 -71.30 54.26
CA TYR O 185 -2.38 -72.42 53.36
C TYR O 185 -3.55 -72.15 52.41
N THR O 186 -4.65 -71.62 52.95
CA THR O 186 -5.80 -71.32 52.10
C THR O 186 -5.50 -70.23 51.09
N ILE O 187 -4.74 -69.21 51.50
CA ILE O 187 -4.38 -68.13 50.58
C ILE O 187 -3.47 -68.65 49.47
N SER O 188 -2.51 -69.51 49.83
CA SER O 188 -1.65 -70.11 48.81
C SER O 188 -2.45 -70.97 47.83
N SER O 189 -3.41 -71.74 48.35
CA SER O 189 -4.26 -72.55 47.48
C SER O 189 -5.09 -71.67 46.55
N LEU O 190 -5.61 -70.56 47.07
CA LEU O 190 -6.40 -69.66 46.25
C LEU O 190 -5.54 -68.98 45.19
N PHE O 191 -4.29 -68.64 45.53
CA PHE O 191 -3.39 -68.07 44.54
C PHE O 191 -3.09 -69.07 43.43
N VAL O 192 -2.86 -70.33 43.79
CA VAL O 192 -2.62 -71.36 42.78
C VAL O 192 -3.85 -71.54 41.91
N GLN O 193 -5.04 -71.52 42.52
CA GLN O 193 -6.27 -71.65 41.74
C GLN O 193 -6.46 -70.48 40.78
N LEU O 194 -6.15 -69.26 41.24
CA LEU O 194 -6.29 -68.09 40.37
C LEU O 194 -5.30 -68.15 39.21
N CYS O 195 -4.06 -68.55 39.49
CA CYS O 195 -3.07 -68.68 38.42
C CYS O 195 -3.47 -69.78 37.44
N GLU O 196 -4.05 -70.87 37.94
CA GLU O 196 -4.50 -71.95 37.07
C GLU O 196 -5.65 -71.49 36.18
N MET O 197 -6.57 -70.70 36.72
CA MET O 197 -7.71 -70.21 35.96
C MET O 197 -7.31 -69.13 34.96
N GLY O 198 -6.16 -68.48 35.16
CA GLY O 198 -5.67 -67.50 34.23
C GLY O 198 -6.02 -66.06 34.54
N TYR O 199 -6.29 -65.74 35.79
CA TYR O 199 -6.63 -64.38 36.19
C TYR O 199 -5.44 -63.63 36.76
N LEU O 200 -4.30 -64.28 36.94
CA LEU O 200 -3.10 -63.62 37.44
C LEU O 200 -1.91 -64.10 36.63
N ILE O 201 -1.06 -63.16 36.21
CA ILE O 201 0.10 -63.50 35.38
C ILE O 201 1.34 -62.81 35.94
N GLN O 202 2.49 -63.34 35.55
CA GLN O 202 3.77 -62.76 35.95
C GLN O 202 4.01 -61.48 35.18
N ILE O 203 4.10 -60.36 35.90
CA ILE O 203 4.36 -59.08 35.26
C ILE O 203 5.83 -59.01 34.86
N SER O 204 6.10 -58.39 33.72
CA SER O 204 7.46 -58.28 33.20
C SER O 204 7.61 -56.95 32.48
N LYS O 205 8.79 -56.76 31.88
CA LYS O 205 9.01 -55.56 31.08
C LYS O 205 8.16 -55.55 29.82
N LEU O 206 7.70 -56.72 29.37
CA LEU O 206 6.83 -56.79 28.20
C LEU O 206 5.54 -56.01 28.43
N HIS O 207 5.00 -56.07 29.65
CA HIS O 207 3.81 -55.31 29.98
C HIS O 207 4.06 -53.81 30.04
N TYR O 208 5.33 -53.38 30.02
CA TYR O 208 5.65 -51.96 30.10
C TYR O 208 6.23 -51.40 28.80
N THR O 209 6.33 -52.20 27.76
CA THR O 209 6.81 -51.66 26.50
C THR O 209 5.67 -51.53 25.51
N PRO O 210 5.61 -50.44 24.74
CA PRO O 210 4.57 -50.29 23.73
C PRO O 210 4.72 -51.34 22.64
N ILE O 211 3.58 -51.77 22.10
CA ILE O 211 3.58 -52.84 21.11
C ILE O 211 4.21 -52.38 19.81
N GLU O 212 3.97 -51.12 19.43
CA GLU O 212 4.53 -50.58 18.19
C GLU O 212 6.06 -50.57 18.25
N ASP O 213 6.62 -50.12 19.38
CA ASP O 213 8.07 -50.05 19.49
C ASP O 213 8.68 -51.44 19.62
N LEU O 214 7.98 -52.38 20.25
CA LEU O 214 8.45 -53.75 20.32
C LEU O 214 8.52 -54.37 18.93
N TRP O 215 7.48 -54.15 18.12
CA TRP O 215 7.52 -54.69 16.77
C TRP O 215 8.59 -54.00 15.93
N GLN O 216 8.79 -52.70 16.12
CA GLN O 216 9.86 -52.01 15.39
C GLN O 216 11.22 -52.58 15.77
N PHE O 217 11.46 -52.82 17.05
CA PHE O 217 12.74 -53.36 17.50
C PHE O 217 12.97 -54.76 16.94
N LEU O 218 11.95 -55.62 17.01
CA LEU O 218 12.10 -56.98 16.50
C LEU O 218 12.30 -56.99 14.99
N TYR O 219 11.55 -56.15 14.27
CA TYR O 219 11.67 -56.07 12.82
C TYR O 219 13.06 -55.60 12.42
N GLU O 220 13.59 -54.57 13.11
CA GLU O 220 14.92 -54.08 12.78
C GLU O 220 15.98 -55.10 13.12
N LYS O 221 15.82 -55.81 14.24
CA LYS O 221 16.81 -56.81 14.62
C LYS O 221 16.85 -57.95 13.61
N HIS O 222 15.68 -58.42 13.17
CA HIS O 222 15.65 -59.50 12.20
C HIS O 222 15.87 -59.02 10.77
N TYR O 223 15.89 -57.71 10.53
CA TYR O 223 16.22 -57.20 9.22
C TYR O 223 17.72 -56.97 9.07
N LYS O 224 18.35 -56.36 10.07
CA LYS O 224 19.79 -56.16 10.01
C LYS O 224 20.54 -57.47 10.13
N ASN O 225 19.90 -58.50 10.68
CA ASN O 225 20.53 -59.83 10.75
C ASN O 225 20.73 -60.42 9.36
N ILE O 226 19.90 -60.04 8.40
CA ILE O 226 20.10 -60.47 7.01
C ILE O 226 21.37 -59.81 6.48
N PRO O 227 22.33 -60.57 5.97
CA PRO O 227 23.59 -59.96 5.52
C PRO O 227 23.40 -59.08 4.29
N ARG O 228 24.23 -58.04 4.20
CA ARG O 228 24.16 -57.14 3.07
C ARG O 228 24.71 -57.81 1.80
N ASN O 229 24.31 -57.26 0.65
CA ASN O 229 24.58 -57.85 -0.66
C ASN O 229 24.06 -59.28 -0.76
N SER O 230 22.93 -59.54 -0.12
CA SER O 230 22.31 -60.85 -0.23
C SER O 230 21.62 -60.98 -1.59
N PRO O 231 21.59 -62.19 -2.15
CA PRO O 231 21.05 -62.38 -3.51
C PRO O 231 19.54 -62.54 -3.55
N LEU O 232 18.83 -61.49 -3.12
CA LEU O 232 17.38 -61.46 -3.24
C LEU O 232 16.91 -60.01 -3.22
N SER O 233 15.70 -59.80 -3.70
CA SER O 233 15.15 -58.45 -3.85
C SER O 233 14.82 -57.84 -2.50
N ASP O 234 14.75 -56.50 -2.49
CA ASP O 234 14.51 -55.77 -1.24
C ASP O 234 13.12 -56.07 -0.67
N LEU O 235 12.12 -56.20 -1.54
CA LEU O 235 10.80 -56.58 -1.08
C LEU O 235 10.82 -57.96 -0.43
N LYS O 236 11.55 -58.90 -1.04
CA LYS O 236 11.70 -60.23 -0.44
C LYS O 236 12.44 -60.16 0.89
N LYS O 237 13.45 -59.28 0.97
CA LYS O 237 14.17 -59.10 2.24
C LYS O 237 13.23 -58.62 3.34
N ARG O 238 12.44 -57.59 3.03
CA ARG O 238 11.51 -57.06 4.03
C ARG O 238 10.44 -58.09 4.40
N SER O 239 9.96 -58.85 3.41
CA SER O 239 8.95 -59.86 3.69
C SER O 239 9.47 -60.95 4.60
N GLN O 240 10.67 -61.47 4.29
CA GLN O 240 11.27 -62.51 5.14
C GLN O 240 11.55 -61.97 6.54
N ALA O 241 12.04 -60.74 6.63
CA ALA O 241 12.31 -60.13 7.92
C ALA O 241 11.03 -59.97 8.73
N LYS O 242 9.93 -59.58 8.08
CA LYS O 242 8.69 -59.39 8.83
C LYS O 242 8.05 -60.72 9.20
N MET O 243 8.25 -61.78 8.42
CA MET O 243 7.79 -63.10 8.85
C MET O 243 8.55 -63.58 10.08
N ASN O 244 9.88 -63.42 10.06
CA ASN O 244 10.68 -63.81 11.22
C ASN O 244 10.31 -62.96 12.44
N ALA O 245 10.11 -61.66 12.25
CA ALA O 245 9.72 -60.78 13.34
C ALA O 245 8.34 -61.14 13.87
N LYS O 246 7.42 -61.53 12.97
CA LYS O 246 6.09 -61.94 13.41
C LYS O 246 6.15 -63.20 14.26
N THR O 247 6.97 -64.17 13.85
CA THR O 247 7.12 -65.39 14.65
C THR O 247 7.72 -65.09 16.01
N ASP O 248 8.77 -64.25 16.04
CA ASP O 248 9.41 -63.90 17.31
C ASP O 248 8.47 -63.11 18.21
N PHE O 249 7.68 -62.22 17.61
CA PHE O 249 6.73 -61.42 18.39
C PHE O 249 5.62 -62.29 18.96
N ALA O 250 5.15 -63.27 18.19
CA ALA O 250 4.16 -64.21 18.70
C ALA O 250 4.74 -65.05 19.83
N LYS O 251 6.03 -65.39 19.74
CA LYS O 251 6.66 -66.11 20.85
C LYS O 251 6.81 -65.22 22.08
N ILE O 252 7.07 -63.93 21.87
CA ILE O 252 7.26 -63.02 23.00
C ILE O 252 5.93 -62.77 23.71
N ILE O 253 4.85 -62.60 22.96
CA ILE O 253 3.58 -62.13 23.53
C ILE O 253 3.01 -63.15 24.51
N ASN O 254 2.98 -64.42 24.14
CA ASN O 254 2.33 -65.43 24.97
C ASN O 254 3.23 -65.93 26.10
N LYS O 255 4.30 -65.22 26.43
CA LYS O 255 5.15 -65.61 27.56
C LYS O 255 4.42 -65.63 28.90
N PRO O 256 3.59 -64.65 29.27
CA PRO O 256 2.82 -64.79 30.52
C PRO O 256 1.84 -65.95 30.53
N ASN O 257 1.46 -66.47 29.37
CA ASN O 257 0.54 -67.60 29.30
C ASN O 257 1.26 -68.95 29.36
N GLU O 258 2.57 -68.97 29.60
CA GLU O 258 3.32 -70.22 29.62
C GLU O 258 3.02 -71.06 30.85
N LEU O 259 2.42 -70.47 31.89
CA LEU O 259 2.08 -71.15 33.14
C LEU O 259 3.31 -71.79 33.80
N SER O 260 4.38 -70.99 33.92
CA SER O 260 5.56 -71.38 34.67
C SER O 260 5.62 -70.73 36.04
N GLN O 261 4.56 -70.04 36.45
CA GLN O 261 4.55 -69.33 37.72
C GLN O 261 4.26 -70.25 38.90
N ILE O 262 3.76 -71.45 38.65
CA ILE O 262 3.41 -72.39 39.70
C ILE O 262 4.22 -73.68 39.61
N LEU O 263 5.34 -73.63 38.88
CA LEU O 263 6.15 -74.83 38.68
C LEU O 263 6.87 -75.27 39.96
N THR O 264 7.05 -74.37 40.92
CA THR O 264 7.68 -74.76 42.17
C THR O 264 6.78 -75.71 42.94
N VAL O 265 7.23 -76.95 43.09
CA VAL O 265 6.46 -78.00 43.73
C VAL O 265 7.26 -78.57 44.89
N ASP O 266 6.63 -79.51 45.60
CA ASP O 266 7.19 -80.23 46.74
C ASP O 266 7.75 -79.33 47.84
N PRO O 267 6.96 -78.42 48.45
CA PRO O 267 7.34 -77.96 49.79
C PRO O 267 7.03 -79.00 50.84
N LYS O 268 5.86 -79.61 50.74
CA LYS O 268 5.47 -80.82 51.47
C LYS O 268 5.18 -81.91 50.45
N THR O 269 4.64 -83.03 50.93
CA THR O 269 4.43 -84.20 50.08
C THR O 269 3.35 -83.91 49.04
N SER O 270 3.75 -83.85 47.77
CA SER O 270 2.85 -83.72 46.62
C SER O 270 2.02 -82.44 46.69
N LEU O 271 2.70 -81.30 46.81
CA LEU O 271 2.06 -80.00 46.82
C LEU O 271 2.65 -79.13 45.72
N ARG O 272 1.78 -78.43 44.99
CA ARG O 272 2.19 -77.43 44.01
C ARG O 272 1.81 -76.06 44.52
N ILE O 273 2.74 -75.11 44.43
CA ILE O 273 2.53 -73.75 44.90
C ILE O 273 3.05 -72.78 43.85
N VAL O 274 2.59 -71.54 43.96
CA VAL O 274 3.13 -70.46 43.13
C VAL O 274 4.57 -70.19 43.54
N LYS O 275 5.37 -69.69 42.61
CA LYS O 275 6.73 -69.31 42.93
C LYS O 275 6.71 -68.16 43.94
N PRO O 276 7.61 -68.16 44.91
CA PRO O 276 7.54 -67.15 45.97
C PRO O 276 8.02 -65.78 45.54
N THR O 277 9.05 -65.72 44.69
CA THR O 277 9.70 -64.46 44.36
C THR O 277 9.13 -63.77 43.13
N VAL O 278 8.20 -64.40 42.42
CA VAL O 278 7.64 -63.77 41.23
C VAL O 278 6.64 -62.70 41.61
N SER O 279 6.41 -61.77 40.70
CA SER O 279 5.47 -60.67 40.89
C SER O 279 4.23 -60.93 40.06
N LEU O 280 3.10 -61.14 40.73
CA LEU O 280 1.83 -61.39 40.06
C LEU O 280 1.05 -60.09 39.85
N THR O 281 0.30 -60.06 38.76
CA THR O 281 -0.55 -58.93 38.42
C THR O 281 -1.83 -59.43 37.78
N ILE O 282 -2.84 -58.57 37.79
CA ILE O 282 -4.13 -58.89 37.18
C ILE O 282 -3.99 -58.90 35.66
N ASN O 283 -4.63 -59.87 35.03
CA ASN O 283 -4.59 -60.02 33.58
C ASN O 283 -5.85 -59.39 33.00
N LEU O 284 -5.69 -58.28 32.27
CA LEU O 284 -6.84 -57.58 31.72
C LEU O 284 -7.47 -58.35 30.56
N ASP O 285 -6.64 -59.01 29.76
CA ASP O 285 -7.13 -59.65 28.53
C ASP O 285 -8.08 -60.80 28.85
N ARG O 286 -7.78 -61.58 29.88
CA ARG O 286 -8.66 -62.66 30.28
C ARG O 286 -10.01 -62.12 30.77
N PHE O 287 -9.97 -61.02 31.52
CA PHE O 287 -11.20 -60.40 31.99
C PHE O 287 -12.04 -59.89 30.83
N MET O 288 -11.40 -59.28 29.84
CA MET O 288 -12.14 -58.80 28.68
C MET O 288 -12.68 -59.96 27.85
N LYS O 289 -11.97 -61.10 27.85
CA LYS O 289 -12.52 -62.31 27.24
C LYS O 289 -13.79 -62.75 27.96
N GLY O 290 -13.77 -62.70 29.29
CA GLY O 290 -14.97 -63.01 30.05
C GLY O 290 -16.11 -62.05 29.76
N ARG O 291 -15.79 -60.77 29.60
CA ARG O 291 -16.83 -59.79 29.26
C ARG O 291 -17.39 -60.04 27.86
N ARG O 292 -16.53 -60.44 26.92
CA ARG O 292 -17.02 -60.85 25.60
C ARG O 292 -17.95 -62.04 25.70
N SER O 293 -17.60 -63.01 26.54
CA SER O 293 -18.46 -64.17 26.74
C SER O 293 -19.82 -63.77 27.30
N LYS O 294 -19.81 -62.87 28.30
CA LYS O 294 -21.07 -62.42 28.88
C LYS O 294 -21.91 -61.64 27.89
N GLN O 295 -21.26 -60.82 27.04
CA GLN O 295 -21.99 -60.09 26.00
C GLN O 295 -22.61 -61.06 24.99
N LEU O 296 -21.88 -62.10 24.62
CA LEU O 296 -22.42 -63.09 23.70
C LEU O 296 -23.59 -63.85 24.32
N ILE O 297 -23.51 -64.14 25.61
CA ILE O 297 -24.63 -64.81 26.29
C ILE O 297 -25.84 -63.90 26.33
N ASN O 298 -25.64 -62.61 26.59
CA ASN O 298 -26.76 -61.66 26.58
C ASN O 298 -27.38 -61.54 25.19
N LEU O 299 -26.54 -61.59 24.15
CA LEU O 299 -27.07 -61.59 22.78
C LEU O 299 -27.88 -62.86 22.50
N ALA O 300 -27.38 -64.01 22.95
CA ALA O 300 -28.06 -65.27 22.70
C ALA O 300 -29.35 -65.38 23.48
N LYS O 301 -29.45 -64.70 24.63
CA LYS O 301 -30.66 -64.77 25.44
C LYS O 301 -31.88 -64.18 24.75
N THR O 302 -31.68 -63.35 23.73
CA THR O 302 -32.77 -62.67 23.06
C THR O 302 -33.09 -63.26 21.69
N ARG O 303 -32.47 -64.37 21.32
CA ARG O 303 -32.73 -64.98 20.02
C ARG O 303 -33.31 -66.38 20.12
N VAL O 304 -32.67 -67.28 20.87
CA VAL O 304 -33.12 -68.66 20.96
C VAL O 304 -33.26 -69.06 22.43
N GLY O 305 -34.44 -69.54 22.79
CA GLY O 305 -34.69 -70.20 24.05
C GLY O 305 -34.38 -69.44 25.33
N SER O 306 -34.45 -70.14 26.45
CA SER O 306 -34.01 -69.67 27.75
C SER O 306 -33.04 -70.64 28.41
N VAL O 307 -33.22 -71.95 28.20
CA VAL O 307 -32.25 -72.92 28.67
C VAL O 307 -31.18 -73.16 27.60
N THR O 308 -31.51 -72.86 26.34
CA THR O 308 -30.50 -72.87 25.29
C THR O 308 -29.41 -71.87 25.58
N ALA O 309 -29.80 -70.70 26.12
CA ALA O 309 -28.82 -69.71 26.55
C ALA O 309 -27.94 -70.25 27.67
N GLN O 310 -28.52 -71.05 28.58
CA GLN O 310 -27.72 -71.63 29.65
C GLN O 310 -26.74 -72.66 29.11
N VAL O 311 -27.16 -73.46 28.14
CA VAL O 311 -26.24 -74.41 27.51
C VAL O 311 -25.11 -73.68 26.79
N TYR O 312 -25.45 -72.60 26.07
CA TYR O 312 -24.44 -71.76 25.44
C TYR O 312 -23.51 -71.16 26.48
N LYS O 313 -24.05 -70.77 27.63
CA LYS O 313 -23.24 -70.19 28.69
C LYS O 313 -22.23 -71.20 29.24
N ILE O 314 -22.69 -72.44 29.45
CA ILE O 314 -21.78 -73.50 29.90
C ILE O 314 -20.70 -73.75 28.85
N ALA O 315 -21.09 -73.77 27.57
CA ALA O 315 -20.13 -74.02 26.51
C ALA O 315 -19.08 -72.91 26.43
N LEU O 316 -19.50 -71.65 26.59
CA LEU O 316 -18.55 -70.55 26.50
C LEU O 316 -17.66 -70.48 27.73
N ARG O 317 -18.22 -70.70 28.93
CA ARG O 317 -17.39 -70.66 30.13
C ARG O 317 -16.44 -71.85 30.19
N LEU O 318 -16.77 -72.94 29.49
CA LEU O 318 -15.85 -74.08 29.44
C LEU O 318 -14.60 -73.74 28.62
N THR O 319 -14.77 -73.12 27.46
CA THR O 319 -13.67 -72.80 26.56
C THR O 319 -13.30 -71.33 26.59
N GLU O 320 -13.55 -70.64 27.71
CA GLU O 320 -13.28 -69.21 27.78
C GLU O 320 -11.78 -68.93 27.80
N GLN O 321 -11.03 -69.72 28.58
CA GLN O 321 -9.61 -69.44 28.77
C GLN O 321 -8.80 -69.64 27.49
N LYS O 322 -9.21 -70.59 26.65
CA LYS O 322 -8.50 -70.87 25.41
C LYS O 322 -8.97 -70.00 24.24
N SER O 323 -9.92 -69.10 24.47
CA SER O 323 -10.46 -68.27 23.42
C SER O 323 -9.40 -67.27 22.94
N PRO O 324 -9.43 -66.88 21.65
CA PRO O 324 -8.49 -65.87 21.17
C PRO O 324 -8.74 -64.52 21.82
N LYS O 325 -7.69 -63.70 21.86
CA LYS O 325 -7.73 -62.45 22.59
C LYS O 325 -8.69 -61.46 21.94
N ILE O 326 -9.07 -60.44 22.73
CA ILE O 326 -10.01 -59.43 22.26
C ILE O 326 -9.42 -58.63 21.10
N ARG O 327 -8.21 -58.13 21.29
CA ARG O 327 -7.53 -57.34 20.27
C ARG O 327 -6.29 -58.10 19.82
N ASP O 328 -6.21 -58.37 18.52
CA ASP O 328 -5.00 -58.94 17.96
C ASP O 328 -3.90 -57.89 18.04
N PRO O 329 -2.91 -58.05 18.92
CA PRO O 329 -1.92 -56.98 19.13
C PRO O 329 -1.10 -56.67 17.91
N LEU O 330 -0.91 -57.64 17.01
CA LEU O 330 -0.18 -57.40 15.77
C LEU O 330 -0.85 -56.31 14.94
N THR O 331 -2.19 -56.27 14.96
CA THR O 331 -2.93 -55.23 14.23
C THR O 331 -2.59 -53.84 14.77
N GLN O 332 -2.24 -53.74 16.04
CA GLN O 332 -1.87 -52.44 16.61
C GLN O 332 -0.42 -52.08 16.35
N THR O 333 0.30 -52.87 15.55
CA THR O 333 1.68 -52.59 15.22
C THR O 333 1.84 -51.71 14.00
N GLY O 334 0.74 -51.25 13.41
CA GLY O 334 0.83 -50.46 12.19
C GLY O 334 1.21 -51.27 10.99
N LEU O 335 0.96 -52.57 11.01
CA LEU O 335 1.28 -53.45 9.90
C LEU O 335 0.12 -53.58 8.92
N LEU O 336 -1.01 -52.93 9.18
CA LEU O 336 -2.18 -53.03 8.33
C LEU O 336 -2.09 -52.16 7.09
N GLN O 337 -0.98 -51.45 6.88
CA GLN O 337 -0.82 -50.63 5.69
C GLN O 337 -0.74 -51.47 4.42
N ASP O 338 -0.43 -52.76 4.54
CA ASP O 338 -0.42 -53.68 3.41
C ASP O 338 -1.72 -54.47 3.41
N LEU O 339 -2.38 -54.53 2.25
CA LEU O 339 -3.62 -55.30 2.14
C LEU O 339 -3.37 -56.78 2.33
N GLU O 340 -2.21 -57.26 1.87
CA GLU O 340 -1.84 -58.67 2.05
C GLU O 340 -1.75 -59.01 3.53
N GLU O 341 -1.14 -58.13 4.32
CA GLU O 341 -1.04 -58.36 5.75
C GLU O 341 -2.41 -58.33 6.41
N ALA O 342 -3.31 -57.47 5.91
CA ALA O 342 -4.66 -57.40 6.46
C ALA O 342 -5.42 -58.70 6.23
N LYS O 343 -5.40 -59.20 4.99
CA LYS O 343 -6.10 -60.46 4.73
C LYS O 343 -5.43 -61.64 5.40
N SER O 344 -4.10 -61.58 5.57
CA SER O 344 -3.42 -62.63 6.34
C SER O 344 -3.84 -62.61 7.79
N PHE O 345 -4.00 -61.42 8.38
CA PHE O 345 -4.51 -61.32 9.74
C PHE O 345 -5.91 -61.89 9.84
N GLN O 346 -6.77 -61.58 8.87
CA GLN O 346 -8.13 -62.11 8.88
C GLN O 346 -8.13 -63.63 8.80
N ASP O 347 -7.33 -64.19 7.88
CA ASP O 347 -7.28 -65.64 7.72
C ASP O 347 -6.72 -66.33 8.96
N GLU O 348 -5.67 -65.76 9.56
CA GLU O 348 -5.09 -66.36 10.75
C GLU O 348 -6.06 -66.30 11.93
N ALA O 349 -6.78 -65.18 12.07
CA ALA O 349 -7.76 -65.06 13.14
C ALA O 349 -8.91 -66.04 12.94
N GLU O 350 -9.31 -66.27 11.68
CA GLU O 350 -10.35 -67.26 11.41
C GLU O 350 -9.85 -68.67 11.70
N LEU O 351 -8.57 -68.93 11.45
CA LEU O 351 -8.05 -70.28 11.63
C LEU O 351 -7.79 -70.62 13.10
N VAL O 352 -7.33 -69.66 13.89
CA VAL O 352 -6.93 -69.97 15.26
C VAL O 352 -8.14 -70.32 16.11
N GLU O 353 -9.27 -69.65 15.87
CA GLU O 353 -10.48 -69.94 16.62
C GLU O 353 -11.08 -71.29 16.28
N GLU O 354 -10.63 -71.92 15.20
CA GLU O 354 -11.17 -73.19 14.74
C GLU O 354 -10.25 -74.38 15.02
N LYS O 355 -8.94 -74.22 14.81
CA LYS O 355 -8.02 -75.34 14.92
C LYS O 355 -7.32 -75.43 16.26
N THR O 356 -7.61 -74.53 17.19
CA THR O 356 -7.06 -74.66 18.54
C THR O 356 -7.72 -75.85 19.22
N PRO O 357 -6.94 -76.79 19.77
CA PRO O 357 -7.54 -78.02 20.32
C PRO O 357 -8.49 -77.79 21.48
N GLY O 358 -8.26 -76.74 22.28
CA GLY O 358 -9.12 -76.51 23.42
C GLY O 358 -10.53 -76.09 23.05
N LEU O 359 -10.68 -75.34 21.95
CA LEU O 359 -11.95 -74.69 21.66
C LEU O 359 -13.01 -75.67 21.18
N THR O 360 -12.62 -76.68 20.41
CA THR O 360 -13.60 -77.62 19.88
C THR O 360 -14.18 -78.47 21.00
N PHE O 361 -15.47 -78.82 20.86
CA PHE O 361 -16.16 -79.59 21.87
C PHE O 361 -17.33 -80.33 21.21
N ASN O 362 -17.73 -81.44 21.83
CA ASN O 362 -18.89 -82.20 21.42
C ASN O 362 -20.01 -82.02 22.44
N ALA O 363 -21.10 -82.76 22.24
CA ALA O 363 -22.20 -82.72 23.20
C ALA O 363 -21.82 -83.38 24.52
N ILE O 364 -20.93 -84.36 24.47
CA ILE O 364 -20.58 -85.12 25.67
C ILE O 364 -19.81 -84.26 26.66
N ASP O 365 -18.93 -83.37 26.15
CA ASP O 365 -18.08 -82.59 27.04
C ASP O 365 -18.87 -81.58 27.87
N LEU O 366 -20.08 -81.22 27.42
CA LEU O 366 -20.90 -80.29 28.19
C LEU O 366 -21.72 -81.00 29.27
N ALA O 367 -21.78 -82.33 29.24
CA ALA O 367 -22.60 -83.05 30.22
C ALA O 367 -21.96 -83.01 31.61
N ARG O 368 -20.63 -83.01 31.67
CA ARG O 368 -19.95 -83.04 32.97
C ARG O 368 -20.18 -81.75 33.74
N HIS O 369 -19.96 -80.61 33.09
CA HIS O 369 -20.05 -79.31 33.75
C HIS O 369 -21.46 -78.77 33.83
N LEU O 370 -22.43 -79.47 33.25
CA LEU O 370 -23.80 -78.99 33.25
C LEU O 370 -24.37 -79.04 34.66
N PRO O 371 -24.98 -77.97 35.15
CA PRO O 371 -25.52 -78.00 36.52
C PRO O 371 -26.69 -78.96 36.64
N ALA O 372 -26.87 -79.50 37.85
CA ALA O 372 -27.91 -80.48 38.07
C ALA O 372 -29.30 -79.85 38.06
N GLU O 373 -29.39 -78.53 38.22
CA GLU O 373 -30.69 -77.88 38.25
C GLU O 373 -31.36 -77.86 36.89
N LEU O 374 -30.56 -77.90 35.81
CA LEU O 374 -31.15 -77.92 34.48
C LEU O 374 -31.83 -79.26 34.21
N ASP O 375 -32.96 -79.20 33.51
CA ASP O 375 -33.76 -80.40 33.24
C ASP O 375 -33.54 -80.93 31.83
N LEU O 376 -33.75 -80.09 30.81
CA LEU O 376 -33.59 -80.42 29.39
C LEU O 376 -34.51 -81.53 28.91
N ARG O 377 -35.45 -81.97 29.74
CA ARG O 377 -36.32 -83.08 29.36
C ARG O 377 -37.42 -82.63 28.42
N GLY O 378 -38.27 -81.72 28.87
CA GLY O 378 -39.36 -81.19 28.07
C GLY O 378 -39.03 -79.90 27.35
N SER O 379 -37.76 -79.59 27.17
CA SER O 379 -37.37 -78.31 26.58
C SER O 379 -37.73 -78.23 25.10
N LEU O 380 -37.63 -79.35 24.40
CA LEU O 380 -37.84 -79.38 22.95
C LEU O 380 -38.94 -80.37 22.59
N LEU O 381 -39.79 -79.98 21.65
CA LEU O 381 -40.83 -80.85 21.10
C LEU O 381 -40.50 -81.09 19.63
N SER O 382 -40.15 -82.33 19.30
CA SER O 382 -39.71 -82.63 17.94
C SER O 382 -40.87 -82.74 16.95
N ARG O 383 -42.06 -83.14 17.42
CA ARG O 383 -43.14 -83.45 16.49
C ARG O 383 -43.85 -82.19 16.01
N LYS O 384 -44.49 -81.46 16.93
CA LYS O 384 -45.27 -80.28 16.58
C LYS O 384 -45.59 -79.45 17.81
N PRO O 447 -32.23 -86.31 32.29
CA PRO O 447 -31.11 -86.52 33.19
C PRO O 447 -29.76 -86.23 32.54
N HIS O 448 -29.57 -84.97 32.11
CA HIS O 448 -28.36 -84.52 31.42
C HIS O 448 -28.07 -85.37 30.19
N SER O 449 -29.11 -85.62 29.39
CA SER O 449 -28.97 -86.50 28.23
C SER O 449 -28.09 -85.85 27.17
N ALA O 450 -27.19 -86.66 26.60
CA ALA O 450 -26.26 -86.14 25.61
C ALA O 450 -26.96 -85.78 24.31
N SER O 451 -28.01 -86.52 23.95
CA SER O 451 -28.75 -86.22 22.72
C SER O 451 -29.46 -84.87 22.83
N LEU O 452 -30.02 -84.56 24.00
CA LEU O 452 -30.66 -83.27 24.19
C LEU O 452 -29.64 -82.13 24.11
N ILE O 453 -28.45 -82.35 24.66
CA ILE O 453 -27.37 -81.37 24.55
C ILE O 453 -26.98 -81.18 23.09
N ASN O 454 -26.92 -82.27 22.33
CA ASN O 454 -26.61 -82.17 20.91
C ASN O 454 -27.68 -81.39 20.16
N SER O 455 -28.95 -81.61 20.49
CA SER O 455 -30.02 -80.85 19.86
C SER O 455 -29.93 -79.36 20.21
N HIS O 456 -29.59 -79.06 21.46
CA HIS O 456 -29.42 -77.66 21.86
C HIS O 456 -28.27 -77.00 21.10
N LEU O 457 -27.16 -77.72 20.96
CA LEU O 457 -26.03 -77.17 20.21
C LEU O 457 -26.39 -77.00 18.74
N LYS O 458 -27.21 -77.91 18.20
CA LYS O 458 -27.62 -77.81 16.81
C LYS O 458 -28.53 -76.60 16.58
N ILE O 459 -29.50 -76.39 17.46
CA ILE O 459 -30.40 -75.25 17.29
C ILE O 459 -29.66 -73.95 17.53
N LEU O 460 -28.64 -73.98 18.38
CA LEU O 460 -27.76 -72.81 18.50
C LEU O 460 -26.99 -72.58 17.20
N ALA O 461 -26.54 -73.66 16.56
CA ALA O 461 -25.83 -73.51 15.29
C ALA O 461 -26.77 -73.18 14.15
N SER O 462 -28.02 -73.64 14.20
CA SER O 462 -28.97 -73.46 13.11
C SER O 462 -29.82 -72.20 13.27
N SER O 463 -29.31 -71.19 13.95
CA SER O 463 -29.98 -69.91 14.08
C SER O 463 -29.49 -68.95 13.01
N ASN O 464 -30.20 -67.81 12.89
CA ASN O 464 -29.79 -66.80 11.93
C ASN O 464 -28.46 -66.17 12.32
N PHE O 465 -28.31 -65.84 13.59
CA PHE O 465 -27.03 -65.33 14.06
C PHE O 465 -26.07 -66.50 14.27
N PRO O 466 -24.88 -66.46 13.69
CA PRO O 466 -23.97 -67.62 13.80
C PRO O 466 -23.34 -67.76 15.17
N PHE O 467 -24.10 -68.29 16.13
CA PHE O 467 -23.54 -68.51 17.46
C PHE O 467 -22.57 -69.68 17.48
N LEU O 468 -22.77 -70.68 16.63
CA LEU O 468 -21.94 -71.87 16.59
C LEU O 468 -21.83 -72.35 15.16
N ASN O 469 -20.88 -73.25 14.93
CA ASN O 469 -20.69 -73.84 13.61
C ASN O 469 -20.19 -75.27 13.77
N GLU O 470 -20.37 -76.06 12.73
CA GLU O 470 -19.97 -77.47 12.71
C GLU O 470 -18.82 -77.65 11.73
N THR O 471 -17.62 -77.91 12.26
CA THR O 471 -16.52 -78.35 11.41
C THR O 471 -16.77 -79.75 10.90
N LYS O 472 -17.13 -80.66 11.80
CA LYS O 472 -17.56 -82.01 11.50
C LYS O 472 -18.82 -82.27 12.31
N PRO O 473 -19.67 -83.19 11.87
CA PRO O 473 -20.89 -83.50 12.64
C PRO O 473 -20.57 -83.97 14.04
N GLY O 474 -21.33 -83.45 15.01
CA GLY O 474 -21.07 -83.70 16.42
C GLY O 474 -20.02 -82.80 17.03
N VAL O 475 -19.44 -81.87 16.27
CA VAL O 475 -18.37 -81.01 16.74
C VAL O 475 -18.81 -79.56 16.56
N TYR O 476 -18.66 -78.76 17.62
CA TYR O 476 -19.07 -77.36 17.61
C TYR O 476 -17.96 -76.48 18.14
N TYR O 477 -17.93 -75.24 17.66
CA TYR O 477 -16.98 -74.24 18.12
C TYR O 477 -17.58 -72.85 17.88
N VAL O 478 -17.08 -71.88 18.64
CA VAL O 478 -17.63 -70.52 18.61
C VAL O 478 -16.87 -69.74 17.55
N PRO O 479 -17.52 -69.29 16.48
CA PRO O 479 -16.86 -68.50 15.43
C PRO O 479 -16.84 -67.00 15.74
N TYR O 480 -15.86 -66.60 16.56
CA TYR O 480 -15.82 -65.23 17.06
C TYR O 480 -15.66 -64.22 15.94
N SER O 481 -14.87 -64.56 14.92
CA SER O 481 -14.60 -63.62 13.83
C SER O 481 -15.86 -63.29 13.04
N LYS O 482 -16.72 -64.28 12.82
CA LYS O 482 -17.96 -64.05 12.10
C LYS O 482 -19.12 -63.67 13.00
N LEU O 483 -18.96 -63.80 14.32
CA LEU O 483 -20.03 -63.47 15.26
C LEU O 483 -19.94 -62.06 15.80
N MET O 484 -18.72 -61.56 16.04
CA MET O 484 -18.59 -60.28 16.73
C MET O 484 -19.09 -59.08 15.94
N PRO O 485 -18.87 -58.94 14.62
CA PRO O 485 -19.54 -57.86 13.89
C PRO O 485 -21.05 -57.91 13.98
N VAL O 486 -21.64 -59.12 14.02
CA VAL O 486 -23.08 -59.23 14.21
C VAL O 486 -23.48 -58.69 15.58
N LEU O 487 -22.68 -59.00 16.62
CA LEU O 487 -22.96 -58.50 17.95
C LEU O 487 -22.88 -56.97 18.00
N LYS O 488 -21.85 -56.40 17.38
CA LYS O 488 -21.72 -54.95 17.35
C LYS O 488 -22.89 -54.31 16.60
N SER O 489 -23.29 -54.91 15.47
CA SER O 489 -24.40 -54.37 14.71
C SER O 489 -25.70 -54.42 15.50
N SER O 490 -25.95 -55.53 16.20
CA SER O 490 -27.18 -55.65 16.98
C SER O 490 -27.19 -54.67 18.14
N VAL O 491 -26.07 -54.53 18.85
CA VAL O 491 -26.02 -53.62 19.99
C VAL O 491 -26.20 -52.17 19.53
N TYR O 492 -25.52 -51.81 18.43
CA TYR O 492 -25.65 -50.44 17.92
C TYR O 492 -27.06 -50.16 17.43
N GLU O 493 -27.67 -51.13 16.74
CA GLU O 493 -29.03 -50.94 16.25
C GLU O 493 -30.01 -50.80 17.39
N TYR O 494 -29.85 -51.56 18.46
CA TYR O 494 -30.78 -51.44 19.57
C TYR O 494 -30.53 -50.17 20.38
N VAL O 495 -29.29 -49.69 20.43
CA VAL O 495 -29.03 -48.38 21.03
C VAL O 495 -29.74 -47.29 20.23
N ILE O 496 -29.61 -47.35 18.91
CA ILE O 496 -30.28 -46.38 18.03
C ILE O 496 -31.80 -46.46 18.23
N ALA O 497 -32.33 -47.67 18.35
CA ALA O 497 -33.76 -47.84 18.56
C ALA O 497 -34.20 -47.22 19.87
N SER O 498 -33.54 -47.57 20.97
CA SER O 498 -33.96 -47.08 22.28
C SER O 498 -33.70 -45.60 22.46
N THR O 499 -32.87 -45.00 21.62
CA THR O 499 -32.74 -43.54 21.68
C THR O 499 -33.77 -42.84 20.80
N LEU O 500 -33.89 -43.23 19.54
CA LEU O 500 -34.61 -42.46 18.53
C LEU O 500 -35.85 -43.18 18.01
N GLY O 501 -36.46 -44.06 18.81
CA GLY O 501 -37.67 -44.71 18.38
C GLY O 501 -37.38 -45.88 17.46
N PRO O 502 -38.34 -46.81 17.34
CA PRO O 502 -38.14 -47.94 16.41
C PRO O 502 -38.09 -47.53 14.95
N SER O 503 -38.64 -46.36 14.59
CA SER O 503 -38.61 -45.93 13.21
C SER O 503 -37.18 -45.65 12.75
N ALA O 504 -36.36 -45.07 13.62
CA ALA O 504 -34.96 -44.85 13.28
C ALA O 504 -34.23 -46.16 13.06
N MET O 505 -34.50 -47.17 13.90
CA MET O 505 -33.90 -48.49 13.71
C MET O 505 -34.34 -49.09 12.38
N ARG O 506 -35.63 -48.96 12.05
CA ARG O 506 -36.12 -49.51 10.79
C ARG O 506 -35.46 -48.84 9.59
N LEU O 507 -35.33 -47.51 9.62
CA LEU O 507 -34.68 -46.81 8.52
C LEU O 507 -33.21 -47.16 8.44
N SER O 508 -32.55 -47.30 9.58
CA SER O 508 -31.13 -47.66 9.59
C SER O 508 -30.91 -49.04 8.99
N ARG O 509 -31.76 -50.00 9.36
CA ARG O 509 -31.63 -51.35 8.82
C ARG O 509 -31.98 -51.38 7.33
N CYS O 510 -32.96 -50.57 6.91
CA CYS O 510 -33.30 -50.52 5.50
C CYS O 510 -32.17 -49.92 4.67
N ILE O 511 -31.51 -48.90 5.20
CA ILE O 511 -30.36 -48.32 4.49
C ILE O 511 -29.19 -49.29 4.49
N ARG O 512 -28.99 -50.03 5.59
CA ARG O 512 -27.91 -51.02 5.61
C ARG O 512 -28.15 -52.14 4.61
N ASP O 513 -29.41 -52.58 4.47
CA ASP O 513 -29.71 -53.67 3.55
C ASP O 513 -29.48 -53.24 2.10
N ASN O 514 -30.06 -52.10 1.70
CA ASN O 514 -29.84 -51.55 0.36
C ASN O 514 -28.72 -50.53 0.47
N LYS O 515 -27.50 -50.95 0.11
CA LYS O 515 -26.28 -50.30 0.58
C LYS O 515 -26.22 -48.83 0.20
N LEU O 516 -26.65 -48.48 -1.01
CA LEU O 516 -26.77 -47.09 -1.42
C LEU O 516 -28.16 -46.89 -1.99
N VAL O 517 -29.01 -46.18 -1.25
CA VAL O 517 -30.43 -46.10 -1.54
C VAL O 517 -30.86 -44.65 -1.61
N SER O 518 -31.72 -44.33 -2.57
CA SER O 518 -32.25 -42.99 -2.70
C SER O 518 -33.38 -42.77 -1.69
N GLU O 519 -33.95 -41.57 -1.71
CA GLU O 519 -35.04 -41.25 -0.79
C GLU O 519 -36.34 -41.91 -1.23
N LYS O 520 -36.61 -41.93 -2.53
CA LYS O 520 -37.85 -42.52 -3.03
C LYS O 520 -37.87 -44.03 -2.83
N ILE O 521 -36.72 -44.68 -3.00
CA ILE O 521 -36.65 -46.12 -2.76
C ILE O 521 -36.83 -46.43 -1.28
N ILE O 522 -36.35 -45.55 -0.40
CA ILE O 522 -36.64 -45.69 1.02
C ILE O 522 -38.13 -45.53 1.28
N ASN O 523 -38.77 -44.56 0.61
CA ASN O 523 -40.20 -44.33 0.77
C ASN O 523 -41.00 -45.55 0.36
N SER O 524 -40.63 -46.18 -0.76
CA SER O 524 -41.35 -47.36 -1.23
C SER O 524 -41.06 -48.56 -0.34
N THR O 525 -39.79 -48.79 -0.02
CA THR O 525 -39.34 -50.01 0.65
C THR O 525 -39.55 -49.95 2.16
N ALA O 526 -39.77 -48.77 2.74
CA ALA O 526 -40.15 -48.63 4.14
C ALA O 526 -41.52 -47.96 4.18
N LEU O 527 -42.48 -48.61 4.84
CA LEU O 527 -43.88 -48.21 4.73
C LEU O 527 -44.25 -47.25 5.85
N MET O 528 -43.97 -45.97 5.62
CA MET O 528 -44.48 -44.88 6.44
C MET O 528 -44.46 -43.61 5.60
N LYS O 529 -44.95 -42.52 6.19
CA LYS O 529 -45.06 -41.26 5.46
C LYS O 529 -43.68 -40.68 5.18
N GLU O 530 -43.61 -39.92 4.08
CA GLU O 530 -42.32 -39.40 3.61
C GLU O 530 -41.77 -38.35 4.55
N LYS O 531 -42.63 -37.54 5.17
CA LYS O 531 -42.15 -36.52 6.10
C LYS O 531 -41.59 -37.16 7.36
N ASP O 532 -42.15 -38.30 7.78
CA ASP O 532 -41.58 -39.06 8.89
C ASP O 532 -40.18 -39.53 8.55
N ILE O 533 -39.98 -40.03 7.33
CA ILE O 533 -38.64 -40.43 6.88
C ILE O 533 -37.68 -39.25 6.90
N ARG O 534 -38.12 -38.11 6.37
CA ARG O 534 -37.25 -36.95 6.30
C ARG O 534 -36.82 -36.51 7.70
N SER O 535 -37.79 -36.46 8.63
CA SER O 535 -37.48 -36.04 9.99
C SER O 535 -36.55 -37.04 10.69
N THR O 536 -36.83 -38.33 10.56
CA THR O 536 -36.03 -39.30 11.30
C THR O 536 -34.64 -39.45 10.72
N LEU O 537 -34.48 -39.28 9.40
CA LEU O 537 -33.12 -39.35 8.87
C LEU O 537 -32.36 -38.06 9.16
N ALA O 538 -33.05 -36.92 9.21
CA ALA O 538 -32.40 -35.69 9.65
C ALA O 538 -31.91 -35.82 11.08
N SER O 539 -32.68 -36.51 11.92
CA SER O 539 -32.20 -36.84 13.26
C SER O 539 -31.00 -37.78 13.20
N LEU O 540 -31.05 -38.76 12.30
CA LEU O 540 -30.04 -39.81 12.28
C LEU O 540 -28.71 -39.33 11.72
N ILE O 541 -28.71 -38.27 10.91
CA ILE O 541 -27.46 -37.76 10.33
C ILE O 541 -26.51 -37.27 11.41
N ARG O 542 -27.04 -36.74 12.52
CA ARG O 542 -26.22 -36.07 13.52
C ARG O 542 -25.26 -37.02 14.23
N TYR O 543 -25.42 -38.33 14.09
CA TYR O 543 -24.64 -39.29 14.87
C TYR O 543 -23.83 -40.23 13.98
N ASN O 544 -23.51 -39.79 12.76
CA ASN O 544 -22.79 -40.59 11.76
C ASN O 544 -23.47 -41.92 11.45
N SER O 545 -24.77 -42.02 11.71
CA SER O 545 -25.48 -43.26 11.39
C SER O 545 -25.67 -43.42 9.89
N VAL O 546 -26.00 -42.33 9.20
CA VAL O 546 -26.25 -42.37 7.76
C VAL O 546 -25.39 -41.30 7.10
N GLU O 547 -24.82 -41.64 5.94
CA GLU O 547 -23.94 -40.76 5.21
C GLU O 547 -24.64 -40.28 3.95
N ILE O 548 -24.60 -38.98 3.70
CA ILE O 548 -25.17 -38.38 2.51
C ILE O 548 -24.15 -38.44 1.39
N GLN O 549 -24.52 -39.07 0.28
CA GLN O 549 -23.70 -39.11 -0.92
C GLN O 549 -24.33 -38.20 -1.96
N GLU O 550 -23.59 -37.18 -2.39
CA GLU O 550 -24.12 -36.19 -3.31
C GLU O 550 -23.76 -36.56 -4.74
N VAL O 551 -24.76 -36.62 -5.60
CA VAL O 551 -24.57 -36.89 -7.01
C VAL O 551 -24.94 -35.62 -7.77
N PRO O 552 -23.95 -34.85 -8.23
CA PRO O 552 -24.25 -33.61 -8.93
C PRO O 552 -24.40 -33.80 -10.43
N ARG O 553 -25.50 -33.27 -10.98
CA ARG O 553 -25.77 -33.35 -12.41
C ARG O 553 -25.38 -32.08 -13.14
N THR O 554 -24.40 -31.35 -12.61
CA THR O 554 -23.95 -30.11 -13.23
C THR O 554 -22.52 -29.83 -12.79
N ALA O 555 -21.85 -28.94 -13.53
CA ALA O 555 -20.45 -28.63 -13.25
C ALA O 555 -20.31 -27.93 -11.92
N ASP O 556 -21.08 -26.87 -11.69
CA ASP O 556 -21.07 -26.13 -10.43
C ASP O 556 -22.03 -26.83 -9.49
N ARG O 557 -21.49 -27.63 -8.58
CA ARG O 557 -22.30 -28.44 -7.69
C ARG O 557 -23.21 -27.57 -6.82
N SER O 558 -24.49 -27.95 -6.77
CA SER O 558 -25.46 -27.22 -5.98
C SER O 558 -26.58 -28.17 -5.62
N ALA O 559 -27.23 -27.90 -4.48
CA ALA O 559 -28.29 -28.79 -4.01
C ALA O 559 -29.56 -28.67 -4.83
N SER O 560 -29.72 -27.59 -5.60
CA SER O 560 -30.90 -27.45 -6.43
C SER O 560 -30.87 -28.35 -7.66
N ARG O 561 -29.68 -28.72 -8.12
CA ARG O 561 -29.51 -29.53 -9.33
C ARG O 561 -28.71 -30.80 -9.08
N ALA O 562 -28.92 -31.43 -7.93
CA ALA O 562 -28.23 -32.66 -7.57
C ALA O 562 -29.20 -33.60 -6.88
N VAL O 563 -28.82 -34.87 -6.79
CA VAL O 563 -29.62 -35.88 -6.09
C VAL O 563 -28.79 -36.45 -4.95
N PHE O 564 -29.41 -36.59 -3.79
CA PHE O 564 -28.73 -37.04 -2.58
C PHE O 564 -29.17 -38.47 -2.26
N LEU O 565 -28.21 -39.38 -2.23
CA LEU O 565 -28.44 -40.75 -1.81
C LEU O 565 -27.93 -40.95 -0.40
N PHE O 566 -28.32 -42.06 0.21
CA PHE O 566 -27.95 -42.34 1.59
C PHE O 566 -27.27 -43.70 1.67
N ARG O 567 -26.22 -43.78 2.50
CA ARG O 567 -25.55 -45.04 2.75
C ARG O 567 -25.31 -45.16 4.24
N CYS O 568 -24.76 -46.30 4.66
CA CYS O 568 -24.47 -46.55 6.06
C CYS O 568 -23.11 -47.21 6.18
N LYS O 569 -22.18 -46.55 6.86
CA LYS O 569 -20.84 -47.07 7.09
C LYS O 569 -20.75 -47.53 8.53
N GLU O 570 -20.35 -48.79 8.72
CA GLU O 570 -20.27 -49.34 10.07
C GLU O 570 -19.20 -48.64 10.91
N THR O 571 -18.03 -48.38 10.32
CA THR O 571 -16.90 -47.89 11.12
C THR O 571 -17.13 -46.48 11.64
N HIS O 572 -17.74 -45.60 10.83
CA HIS O 572 -18.02 -44.24 11.28
C HIS O 572 -18.97 -44.24 12.46
N SER O 573 -20.08 -44.96 12.34
CA SER O 573 -21.08 -45.01 13.40
C SER O 573 -20.52 -45.66 14.66
N TYR O 574 -19.76 -46.74 14.50
CA TYR O 574 -19.20 -47.42 15.68
C TYR O 574 -18.21 -46.52 16.41
N ASN O 575 -17.34 -45.83 15.67
CA ASN O 575 -16.37 -44.94 16.31
C ASN O 575 -17.08 -43.79 17.02
N PHE O 576 -18.10 -43.21 16.37
CA PHE O 576 -18.81 -42.11 17.00
C PHE O 576 -19.56 -42.56 18.25
N MET O 577 -20.18 -43.74 18.20
CA MET O 577 -20.89 -44.24 19.38
C MET O 577 -19.92 -44.55 20.51
N ARG O 578 -18.75 -45.09 20.18
CA ARG O 578 -17.74 -45.36 21.20
C ARG O 578 -17.29 -44.06 21.86
N GLN O 579 -17.04 -43.02 21.06
CA GLN O 579 -16.63 -41.74 21.63
C GLN O 579 -17.74 -41.12 22.48
N ASN O 580 -18.99 -41.23 22.02
CA ASN O 580 -20.11 -40.67 22.78
C ASN O 580 -20.27 -41.36 24.12
N LEU O 581 -20.19 -42.70 24.14
CA LEU O 581 -20.30 -43.42 25.40
C LEU O 581 -19.12 -43.13 26.32
N GLU O 582 -17.92 -42.97 25.75
CA GLU O 582 -16.77 -42.62 26.56
C GLU O 582 -16.95 -41.25 27.21
N TRP O 583 -17.46 -40.28 26.46
CA TRP O 583 -17.69 -38.96 27.02
C TRP O 583 -18.77 -39.00 28.09
N ASN O 584 -19.81 -39.82 27.89
CA ASN O 584 -20.85 -39.91 28.91
C ASN O 584 -20.31 -40.53 30.20
N MET O 585 -19.45 -41.54 30.07
CA MET O 585 -18.79 -42.13 31.24
C MET O 585 -17.95 -41.09 31.97
N ALA O 586 -17.16 -40.31 31.21
CA ALA O 586 -16.32 -39.30 31.82
C ALA O 586 -17.14 -38.22 32.50
N ASN O 587 -18.26 -37.82 31.88
CA ASN O 587 -19.13 -36.82 32.47
C ASN O 587 -19.76 -37.32 33.76
N LEU O 588 -20.17 -38.59 33.79
CA LEU O 588 -20.71 -39.16 35.02
C LEU O 588 -19.68 -39.18 36.12
N LEU O 589 -18.44 -39.56 35.80
CA LEU O 589 -17.38 -39.54 36.81
C LEU O 589 -17.10 -38.13 37.30
N PHE O 590 -17.14 -37.15 36.39
CA PHE O 590 -16.90 -35.77 36.79
C PHE O 590 -18.00 -35.26 37.72
N LYS O 591 -19.26 -35.57 37.41
CA LYS O 591 -20.36 -35.18 38.29
C LYS O 591 -20.22 -35.83 39.66
N LYS O 592 -19.83 -37.11 39.69
CA LYS O 592 -19.63 -37.78 40.97
C LYS O 592 -18.53 -37.11 41.78
N GLU O 593 -17.41 -36.78 41.13
CA GLU O 593 -16.30 -36.17 41.85
C GLU O 593 -16.68 -34.79 42.38
N LYS O 594 -17.42 -34.01 41.59
CA LYS O 594 -17.89 -32.71 42.07
C LYS O 594 -18.83 -32.86 43.25
N LEU O 595 -19.73 -33.84 43.20
CA LEU O 595 -20.66 -34.07 44.30
C LEU O 595 -19.93 -34.45 45.57
N LYS O 596 -18.92 -35.32 45.47
CA LYS O 596 -18.15 -35.69 46.65
C LYS O 596 -17.27 -34.54 47.13
N GLN O 597 -16.87 -33.64 46.23
CA GLN O 597 -16.02 -32.52 46.63
C GLN O 597 -16.81 -31.45 47.38
N GLU O 598 -18.03 -31.14 46.91
CA GLU O 598 -18.75 -30.03 47.53
C GLU O 598 -19.37 -30.40 48.87
N ASN O 599 -19.36 -31.69 49.24
CA ASN O 599 -19.84 -32.15 50.54
C ASN O 599 -18.71 -32.79 51.33
N SER O 600 -17.54 -32.14 51.34
CA SER O 600 -16.35 -32.76 51.91
C SER O 600 -16.45 -32.94 53.41
N THR O 601 -17.00 -31.95 54.12
CA THR O 601 -17.00 -31.98 55.59
C THR O 601 -17.88 -33.11 56.11
N LEU O 602 -19.12 -33.19 55.63
CA LEU O 602 -20.04 -34.20 56.12
C LEU O 602 -19.57 -35.60 55.73
N LEU O 603 -19.06 -35.76 54.51
CA LEU O 603 -18.56 -37.06 54.08
C LEU O 603 -17.34 -37.48 54.89
N LYS O 604 -16.46 -36.52 55.20
CA LYS O 604 -15.28 -36.80 56.02
C LYS O 604 -15.69 -37.21 57.42
N LYS O 605 -16.69 -36.54 58.00
CA LYS O 605 -17.18 -36.93 59.32
C LYS O 605 -17.85 -38.30 59.28
N ALA O 606 -18.48 -38.64 58.15
CA ALA O 606 -19.21 -39.90 58.06
C ALA O 606 -18.27 -41.10 57.99
N ASN O 607 -17.24 -41.03 57.16
CA ASN O 607 -16.36 -42.18 56.94
C ASN O 607 -15.20 -42.21 57.94
N ARG O 608 -15.52 -42.09 59.22
CA ARG O 608 -14.54 -42.19 60.30
C ARG O 608 -14.77 -43.49 61.05
N ASP O 609 -13.68 -44.01 61.64
CA ASP O 609 -13.76 -45.31 62.31
C ASP O 609 -14.72 -45.29 63.48
N ASP O 610 -14.70 -44.21 64.27
CA ASP O 610 -15.61 -44.12 65.41
C ASP O 610 -17.04 -43.79 64.97
N VAL O 611 -17.18 -42.92 63.97
CA VAL O 611 -18.52 -42.47 63.57
C VAL O 611 -19.27 -43.57 62.84
N LYS O 612 -18.57 -44.40 62.06
CA LYS O 612 -19.22 -45.45 61.30
C LYS O 612 -19.87 -46.46 62.23
N GLY O 613 -21.05 -46.94 61.84
CA GLY O 613 -21.88 -47.77 62.68
C GLY O 613 -22.77 -47.00 63.64
N ARG O 614 -22.31 -45.84 64.10
CA ARG O 614 -23.05 -45.00 65.02
C ARG O 614 -23.50 -43.71 64.33
N GLU O 615 -23.92 -43.83 63.06
CA GLU O 615 -24.33 -42.65 62.30
C GLU O 615 -25.60 -42.02 62.86
N ASN O 616 -26.55 -42.85 63.31
CA ASN O 616 -27.78 -42.33 63.86
C ASN O 616 -27.54 -41.55 65.14
N GLU O 617 -26.58 -42.01 65.96
CA GLU O 617 -26.33 -41.40 67.25
C GLU O 617 -25.56 -40.09 67.14
N LEU O 618 -24.64 -39.98 66.18
CA LEU O 618 -23.65 -38.92 66.16
C LEU O 618 -23.94 -37.84 65.13
N LEU O 619 -25.11 -37.84 64.49
CA LEU O 619 -25.39 -36.89 63.42
C LEU O 619 -26.74 -36.23 63.63
N LEU O 620 -26.82 -34.96 63.26
CA LEU O 620 -28.08 -34.25 63.23
C LEU O 620 -28.97 -34.85 62.13
N PRO O 621 -30.30 -34.90 62.34
CA PRO O 621 -31.16 -35.60 61.36
C PRO O 621 -31.08 -35.06 59.94
N SER O 622 -30.97 -33.74 59.77
CA SER O 622 -30.82 -33.19 58.42
C SER O 622 -29.45 -33.56 57.84
N GLU O 623 -28.41 -33.57 58.68
CA GLU O 623 -27.10 -34.00 58.22
C GLU O 623 -27.10 -35.47 57.81
N LEU O 624 -27.78 -36.31 58.60
CA LEU O 624 -27.91 -37.72 58.24
C LEU O 624 -28.67 -37.90 56.94
N ASN O 625 -29.73 -37.13 56.74
CA ASN O 625 -30.48 -37.21 55.49
C ASN O 625 -29.63 -36.74 54.30
N GLN O 626 -28.84 -35.68 54.50
CA GLN O 626 -27.92 -35.24 53.45
C GLN O 626 -26.91 -36.32 53.11
N LEU O 627 -26.42 -37.03 54.13
CA LEU O 627 -25.56 -38.18 53.89
C LEU O 627 -26.27 -39.24 53.08
N LYS O 628 -27.55 -39.49 53.40
CA LYS O 628 -28.32 -40.51 52.67
C LYS O 628 -28.47 -40.15 51.20
N MET O 629 -28.83 -38.88 50.91
CA MET O 629 -28.95 -38.47 49.52
C MET O 629 -27.60 -38.51 48.79
N VAL O 630 -26.52 -38.08 49.45
CA VAL O 630 -25.21 -38.08 48.82
C VAL O 630 -24.80 -39.52 48.46
N ASN O 631 -24.96 -40.45 49.40
CA ASN O 631 -24.59 -41.83 49.14
C ASN O 631 -25.49 -42.45 48.08
N GLU O 632 -26.79 -42.15 48.11
CA GLU O 632 -27.69 -42.71 47.11
C GLU O 632 -27.33 -42.22 45.70
N ARG O 633 -26.98 -40.93 45.59
CA ARG O 633 -26.54 -40.40 44.31
C ARG O 633 -25.25 -41.06 43.84
N GLU O 634 -24.29 -41.29 44.75
CA GLU O 634 -23.04 -41.93 44.37
C GLU O 634 -23.28 -43.36 43.89
N LEU O 635 -24.15 -44.10 44.58
CA LEU O 635 -24.47 -45.46 44.18
C LEU O 635 -25.18 -45.50 42.83
N ASN O 636 -26.09 -44.55 42.58
CA ASN O 636 -26.70 -44.48 41.25
C ASN O 636 -25.67 -44.16 40.19
N VAL O 637 -24.69 -43.31 40.51
CA VAL O 637 -23.64 -42.97 39.56
C VAL O 637 -22.84 -44.21 39.17
N PHE O 638 -22.44 -45.00 40.18
CA PHE O 638 -21.68 -46.21 39.87
C PHE O 638 -22.52 -47.26 39.14
N ALA O 639 -23.81 -47.37 39.46
CA ALA O 639 -24.66 -48.28 38.71
C ALA O 639 -24.77 -47.87 37.24
N ARG O 640 -24.98 -46.58 36.99
CA ARG O 640 -25.08 -46.11 35.62
C ARG O 640 -23.76 -46.25 34.89
N LEU O 641 -22.64 -46.10 35.62
CA LEU O 641 -21.33 -46.32 35.00
C LEU O 641 -21.13 -47.77 34.63
N SER O 642 -21.59 -48.70 35.47
CA SER O 642 -21.50 -50.12 35.12
C SER O 642 -22.34 -50.43 33.89
N ARG O 643 -23.54 -49.86 33.82
CA ARG O 643 -24.38 -50.07 32.64
C ARG O 643 -23.73 -49.48 31.38
N LEU O 644 -23.12 -48.29 31.52
CA LEU O 644 -22.40 -47.69 30.41
C LEU O 644 -21.22 -48.55 29.96
N LEU O 645 -20.51 -49.14 30.93
CA LEU O 645 -19.38 -50.01 30.58
C LEU O 645 -19.86 -51.24 29.84
N SER O 646 -21.00 -51.80 30.26
CA SER O 646 -21.57 -52.94 29.54
C SER O 646 -21.97 -52.56 28.13
N LEU O 647 -22.51 -51.35 27.96
CA LEU O 647 -22.88 -50.89 26.62
C LEU O 647 -21.69 -50.48 25.77
N TRP O 648 -20.57 -50.15 26.39
CA TRP O 648 -19.42 -49.57 25.70
C TRP O 648 -18.35 -50.58 25.35
N GLU O 649 -18.19 -51.65 26.13
CA GLU O 649 -17.14 -52.62 25.86
C GLU O 649 -17.38 -53.40 24.57
N VAL O 650 -18.60 -53.37 24.03
CA VAL O 650 -18.87 -54.04 22.77
C VAL O 650 -18.12 -53.37 21.63
N PHE O 651 -18.00 -52.04 21.66
CA PHE O 651 -17.33 -51.33 20.58
C PHE O 651 -15.82 -51.29 20.73
N GLN O 652 -15.27 -51.80 21.82
CA GLN O 652 -13.82 -51.86 22.01
C GLN O 652 -13.20 -53.13 21.44
N MET O 653 -14.00 -54.00 20.85
CA MET O 653 -13.55 -55.31 20.44
C MET O 653 -12.92 -55.29 19.06
N GLY P 162 -47.65 -50.28 -6.13
CA GLY P 162 -48.18 -50.84 -4.91
C GLY P 162 -49.55 -50.31 -4.56
N PRO P 163 -50.46 -51.21 -4.17
CA PRO P 163 -51.83 -50.79 -3.84
C PRO P 163 -51.97 -50.11 -2.49
N TRP P 164 -50.88 -49.88 -1.76
CA TRP P 164 -50.98 -49.18 -0.50
C TRP P 164 -51.31 -47.72 -0.71
N PHE P 165 -50.88 -47.15 -1.84
CA PHE P 165 -50.94 -45.72 -2.06
C PHE P 165 -52.38 -45.27 -2.25
N THR P 166 -52.90 -44.53 -1.28
CA THR P 166 -54.22 -43.92 -1.36
C THR P 166 -54.06 -42.42 -1.17
N ASP P 167 -54.65 -41.65 -2.08
CA ASP P 167 -54.57 -40.19 -2.12
C ASP P 167 -53.11 -39.72 -2.20
N GLY P 168 -52.32 -40.31 -3.09
CA GLY P 168 -50.98 -39.85 -3.37
C GLY P 168 -49.93 -40.26 -2.35
N GLU P 169 -50.32 -40.86 -1.24
CA GLU P 169 -49.39 -41.27 -0.20
C GLU P 169 -49.84 -42.60 0.39
N LEU P 170 -49.12 -43.06 1.41
CA LEU P 170 -49.44 -44.30 2.08
C LEU P 170 -50.36 -44.05 3.26
N ASP P 171 -51.21 -45.04 3.56
CA ASP P 171 -52.09 -45.00 4.73
C ASP P 171 -51.52 -45.88 5.84
N ILE P 172 -51.19 -45.24 6.97
CA ILE P 172 -50.33 -45.88 7.97
C ILE P 172 -51.10 -46.92 8.77
N GLU P 173 -52.38 -46.65 9.07
CA GLU P 173 -53.15 -47.55 9.92
C GLU P 173 -53.34 -48.92 9.26
N PHE P 174 -53.62 -48.92 7.95
CA PHE P 174 -53.78 -50.17 7.23
C PHE P 174 -52.47 -50.96 7.23
N ILE P 175 -51.35 -50.27 7.03
CA ILE P 175 -50.04 -50.92 7.06
C ILE P 175 -49.76 -51.53 8.43
N ASN P 176 -50.05 -50.78 9.50
CA ASN P 176 -49.78 -51.30 10.85
C ASN P 176 -50.64 -52.50 11.16
N SER P 177 -51.92 -52.47 10.74
CA SER P 177 -52.78 -53.63 10.94
C SER P 177 -52.26 -54.84 10.18
N LEU P 178 -51.77 -54.62 8.95
CA LEU P 178 -51.25 -55.73 8.15
C LEU P 178 -49.99 -56.32 8.77
N LEU P 179 -49.08 -55.46 9.24
CA LEU P 179 -47.90 -55.94 9.96
C LEU P 179 -48.30 -56.77 11.17
N THR P 180 -49.26 -56.28 11.96
CA THR P 180 -49.64 -56.99 13.18
C THR P 180 -50.24 -58.35 12.86
N ILE P 181 -51.13 -58.42 11.87
CA ILE P 181 -51.79 -59.70 11.59
C ILE P 181 -50.82 -60.70 10.95
N VAL P 182 -49.91 -60.22 10.08
CA VAL P 182 -48.92 -61.12 9.49
C VAL P 182 -47.99 -61.66 10.55
N TRP P 183 -47.54 -60.77 11.46
CA TRP P 183 -46.68 -61.20 12.55
C TRP P 183 -47.40 -62.19 13.46
N ARG P 184 -48.71 -61.98 13.69
CA ARG P 184 -49.49 -62.91 14.50
C ARG P 184 -49.54 -64.29 13.84
N PHE P 185 -49.81 -64.33 12.54
CA PHE P 185 -49.89 -65.62 11.84
C PHE P 185 -48.55 -66.36 11.87
N ILE P 186 -47.46 -65.64 11.62
CA ILE P 186 -46.16 -66.29 11.60
C ILE P 186 -45.75 -66.73 13.00
N SER P 187 -46.11 -65.94 14.02
CA SER P 187 -45.85 -66.34 15.40
C SER P 187 -46.64 -67.59 15.78
N GLU P 188 -47.86 -67.72 15.29
CA GLU P 188 -48.61 -68.96 15.47
C GLU P 188 -47.89 -70.13 14.81
N ASN P 189 -47.34 -69.89 13.61
CA ASN P 189 -46.65 -70.97 12.90
C ASN P 189 -45.38 -71.43 13.61
N THR P 190 -44.62 -70.48 14.18
CA THR P 190 -43.28 -70.81 14.66
C THR P 190 -43.30 -71.61 15.96
N PHE P 191 -44.24 -71.31 16.85
CA PHE P 191 -44.17 -71.87 18.19
C PHE P 191 -45.31 -72.85 18.46
N PRO P 192 -45.16 -73.77 19.43
CA PRO P 192 -46.20 -74.80 19.65
C PRO P 192 -47.57 -74.24 19.97
N ASN P 193 -47.69 -73.45 21.03
CA ASN P 193 -48.99 -72.92 21.45
C ASN P 193 -49.20 -71.48 21.01
N GLY P 194 -48.33 -70.95 20.16
CA GLY P 194 -48.44 -69.55 19.77
C GLY P 194 -48.13 -68.65 20.95
N PHE P 195 -48.96 -67.63 21.13
CA PHE P 195 -48.77 -66.71 22.25
C PHE P 195 -49.16 -67.34 23.57
N LYS P 196 -49.97 -68.41 23.51
CA LYS P 196 -50.39 -69.09 24.74
C LYS P 196 -49.21 -69.83 25.38
N ASN P 197 -48.18 -70.14 24.58
CA ASN P 197 -46.97 -70.74 25.14
C ASN P 197 -46.28 -69.78 26.09
N PHE P 198 -46.24 -68.50 25.74
CA PHE P 198 -45.44 -67.54 26.50
C PHE P 198 -46.20 -66.95 27.69
N GLU P 199 -47.44 -67.37 27.91
CA GLU P 199 -48.11 -67.04 29.16
C GLU P 199 -47.46 -67.79 30.30
N ASN P 200 -46.97 -67.05 31.31
CA ASN P 200 -46.03 -67.56 32.30
C ASN P 200 -44.83 -68.21 31.60
N GLY P 201 -44.15 -67.41 30.77
CA GLY P 201 -43.18 -67.88 29.81
C GLY P 201 -41.94 -68.56 30.36
N PRO P 202 -41.11 -67.89 31.18
CA PRO P 202 -39.73 -68.38 31.39
C PRO P 202 -39.62 -69.78 31.98
N LYS P 203 -40.58 -70.20 32.81
CA LYS P 203 -40.42 -71.50 33.46
C LYS P 203 -40.95 -72.62 32.55
N LYS P 204 -41.85 -72.30 31.62
CA LYS P 204 -42.37 -73.29 30.68
C LYS P 204 -42.17 -72.90 29.22
N ASN P 205 -41.06 -72.25 28.86
CA ASN P 205 -40.78 -72.04 27.45
C ASN P 205 -40.42 -73.35 26.78
N VAL P 206 -40.97 -73.57 25.59
CA VAL P 206 -40.72 -74.78 24.82
C VAL P 206 -40.70 -74.41 23.33
N PHE P 207 -39.85 -75.10 22.58
CA PHE P 207 -39.63 -74.76 21.18
C PHE P 207 -39.48 -76.04 20.37
N TYR P 208 -39.57 -75.88 19.05
CA TYR P 208 -39.40 -77.00 18.13
C TYR P 208 -37.94 -77.41 18.03
N ALA P 209 -37.73 -78.70 17.87
CA ALA P 209 -36.39 -79.24 17.70
C ALA P 209 -35.80 -78.77 16.37
N PRO P 210 -34.46 -78.69 16.27
CA PRO P 210 -33.85 -78.20 15.03
C PRO P 210 -33.84 -79.23 13.91
N ASN P 211 -34.99 -79.88 13.67
CA ASN P 211 -35.14 -80.82 12.58
C ASN P 211 -36.44 -80.66 11.82
N VAL P 212 -37.35 -79.81 12.29
CA VAL P 212 -38.66 -79.65 11.70
C VAL P 212 -38.79 -78.22 11.18
N LYS P 213 -39.66 -78.04 10.20
CA LYS P 213 -39.92 -76.72 9.63
C LYS P 213 -40.65 -75.87 10.66
N ASN P 214 -39.97 -74.86 11.19
CA ASN P 214 -40.55 -73.95 12.17
C ASN P 214 -40.83 -72.58 11.58
N TYR P 215 -41.22 -72.54 10.31
CA TYR P 215 -41.37 -71.30 9.57
C TYR P 215 -42.65 -71.38 8.74
N SER P 216 -42.83 -70.39 7.86
CA SER P 216 -43.99 -70.36 6.97
C SER P 216 -43.59 -69.64 5.70
N THR P 217 -43.84 -70.28 4.56
CA THR P 217 -43.56 -69.66 3.28
C THR P 217 -44.52 -68.50 3.01
N THR P 218 -44.14 -67.65 2.06
CA THR P 218 -44.96 -66.48 1.76
C THR P 218 -46.25 -66.86 1.06
N GLN P 219 -46.31 -68.05 0.44
CA GLN P 219 -47.55 -68.50 -0.18
C GLN P 219 -48.64 -68.71 0.85
N GLU P 220 -48.29 -69.29 1.99
CA GLU P 220 -49.26 -69.46 3.08
C GLU P 220 -49.70 -68.11 3.62
N ILE P 221 -48.79 -67.15 3.71
CA ILE P 221 -49.13 -65.80 4.13
C ILE P 221 -50.14 -65.19 3.17
N LEU P 222 -49.90 -65.36 1.87
CA LEU P 222 -50.80 -64.83 0.85
C LEU P 222 -52.17 -65.48 0.96
N GLU P 223 -52.21 -66.80 1.14
CA GLU P 223 -53.48 -67.50 1.26
C GLU P 223 -54.26 -67.04 2.49
N PHE P 224 -53.55 -66.87 3.61
CA PHE P 224 -54.22 -66.42 4.83
C PHE P 224 -54.73 -64.99 4.69
N ILE P 225 -53.94 -64.11 4.06
CA ILE P 225 -54.36 -62.71 4.00
C ILE P 225 -55.50 -62.53 3.01
N THR P 226 -55.56 -63.35 1.95
CA THR P 226 -56.72 -63.29 1.06
C THR P 226 -57.92 -64.00 1.67
N ALA P 227 -57.69 -64.95 2.58
CA ALA P 227 -58.79 -65.76 3.09
C ALA P 227 -59.70 -64.95 4.02
N ALA P 228 -59.12 -64.22 4.96
CA ALA P 228 -59.91 -63.61 6.05
C ALA P 228 -59.97 -62.09 5.97
N GLN P 229 -58.81 -61.44 5.86
CA GLN P 229 -58.76 -59.99 6.01
C GLN P 229 -59.39 -59.30 4.80
N VAL P 230 -60.05 -58.17 5.07
CA VAL P 230 -60.78 -57.43 4.05
C VAL P 230 -59.79 -56.45 3.43
N ALA P 231 -59.16 -56.89 2.33
CA ALA P 231 -58.17 -56.06 1.64
C ALA P 231 -58.77 -55.27 0.49
N ASN P 232 -59.85 -55.77 -0.12
CA ASN P 232 -60.58 -55.16 -1.23
C ASN P 232 -59.77 -55.06 -2.52
N VAL P 233 -58.51 -55.50 -2.51
CA VAL P 233 -57.64 -55.45 -3.68
C VAL P 233 -56.97 -56.80 -3.79
N GLU P 234 -56.68 -57.23 -5.01
CA GLU P 234 -55.90 -58.44 -5.21
C GLU P 234 -54.49 -58.26 -4.65
N LEU P 235 -53.92 -59.35 -4.13
CA LEU P 235 -52.59 -59.33 -3.54
C LEU P 235 -51.67 -60.22 -4.37
N THR P 236 -50.56 -59.66 -4.78
CA THR P 236 -49.39 -60.08 -5.52
C THR P 236 -48.37 -60.68 -4.56
N PRO P 237 -47.76 -61.83 -4.88
CA PRO P 237 -46.73 -62.38 -3.98
C PRO P 237 -45.52 -61.48 -3.78
N SER P 238 -45.15 -60.70 -4.80
CA SER P 238 -44.09 -59.71 -4.60
C SER P 238 -44.52 -58.66 -3.59
N ASN P 239 -45.81 -58.32 -3.59
CA ASN P 239 -46.32 -57.32 -2.65
C ASN P 239 -46.23 -57.82 -1.21
N ILE P 240 -46.65 -59.07 -0.97
CA ILE P 240 -46.58 -59.61 0.38
C ILE P 240 -45.14 -59.84 0.78
N ARG P 241 -44.27 -60.15 -0.19
CA ARG P 241 -42.84 -60.27 0.11
C ARG P 241 -42.27 -58.93 0.56
N SER P 242 -42.61 -57.85 -0.14
CA SER P 242 -42.15 -56.52 0.27
C SER P 242 -42.72 -56.13 1.63
N LEU P 243 -44.00 -56.42 1.86
CA LEU P 243 -44.63 -56.10 3.13
C LEU P 243 -43.94 -56.81 4.29
N CYS P 244 -43.68 -58.10 4.12
CA CYS P 244 -43.04 -58.83 5.21
C CYS P 244 -41.57 -58.44 5.35
N GLU P 245 -40.92 -58.01 4.26
CA GLU P 245 -39.57 -57.46 4.37
C GLU P 245 -39.56 -56.18 5.20
N VAL P 246 -40.59 -55.34 5.00
CA VAL P 246 -40.75 -54.16 5.86
C VAL P 246 -40.88 -54.57 7.31
N LEU P 247 -41.65 -55.63 7.57
CA LEU P 247 -41.79 -56.11 8.94
C LEU P 247 -40.47 -56.69 9.45
N VAL P 248 -39.65 -57.24 8.55
CA VAL P 248 -38.31 -57.71 8.91
C VAL P 248 -37.45 -56.56 9.39
N TYR P 249 -37.52 -55.42 8.68
CA TYR P 249 -36.70 -54.27 9.04
C TYR P 249 -36.99 -53.74 10.44
N ASP P 250 -38.14 -54.07 11.02
CA ASP P 250 -38.42 -53.78 12.42
C ASP P 250 -37.76 -54.75 13.39
N ASP P 251 -36.96 -55.69 12.88
CA ASP P 251 -36.43 -56.82 13.66
C ASP P 251 -37.57 -57.56 14.35
N LYS P 252 -38.64 -57.80 13.59
CA LYS P 252 -39.74 -58.61 14.07
C LYS P 252 -39.59 -60.07 13.66
N LEU P 253 -39.06 -60.31 12.46
CA LEU P 253 -38.81 -61.65 11.99
C LEU P 253 -37.59 -61.63 11.08
N GLU P 254 -37.05 -62.81 10.81
CA GLU P 254 -35.82 -62.93 10.06
C GLU P 254 -36.02 -63.91 8.91
N LYS P 255 -35.13 -63.80 7.91
CA LYS P 255 -35.16 -64.66 6.74
C LYS P 255 -34.13 -65.77 6.92
N VAL P 256 -34.60 -67.02 6.94
CA VAL P 256 -33.69 -68.16 7.04
C VAL P 256 -33.31 -68.70 5.65
N THR P 257 -34.21 -68.60 4.67
CA THR P 257 -33.92 -68.93 3.29
C THR P 257 -34.89 -68.11 2.45
N HIS P 258 -34.58 -67.96 1.16
CA HIS P 258 -35.41 -67.17 0.27
C HIS P 258 -36.85 -67.67 0.24
N ASP P 259 -37.79 -66.73 0.37
CA ASP P 259 -39.23 -66.99 0.30
C ASP P 259 -39.63 -67.98 1.40
N CYS P 260 -39.17 -67.70 2.62
CA CYS P 260 -39.61 -68.37 3.84
C CYS P 260 -39.09 -67.57 5.02
N TYR P 261 -39.87 -67.54 6.10
CA TYR P 261 -39.72 -66.50 7.11
C TYR P 261 -40.05 -67.07 8.49
N ARG P 262 -39.31 -66.60 9.49
CA ARG P 262 -39.45 -67.10 10.86
C ARG P 262 -39.33 -65.93 11.83
N VAL P 263 -40.14 -65.96 12.89
CA VAL P 263 -40.23 -64.82 13.80
C VAL P 263 -39.02 -64.79 14.73
N THR P 264 -38.78 -63.62 15.32
CA THR P 264 -37.73 -63.43 16.31
C THR P 264 -38.31 -63.47 17.71
N LEU P 265 -37.62 -64.18 18.60
CA LEU P 265 -38.06 -64.33 19.99
C LEU P 265 -37.99 -63.02 20.77
N GLU P 266 -37.11 -62.10 20.35
CA GLU P 266 -37.04 -60.79 20.98
C GLU P 266 -38.36 -60.05 20.84
N SER P 267 -39.03 -60.19 19.71
CA SER P 267 -40.33 -59.56 19.51
C SER P 267 -41.36 -60.14 20.47
N ILE P 268 -41.32 -61.45 20.70
CA ILE P 268 -42.26 -62.10 21.61
C ILE P 268 -42.02 -61.63 23.04
N LEU P 269 -40.77 -61.35 23.40
CA LEU P 269 -40.56 -60.68 24.68
C LEU P 269 -41.02 -59.23 24.64
N GLN P 270 -40.92 -58.58 23.48
CA GLN P 270 -41.24 -57.16 23.39
C GLN P 270 -42.73 -56.91 23.52
N MET P 271 -43.58 -57.87 23.11
CA MET P 271 -45.02 -57.64 23.15
C MET P 271 -45.54 -57.54 24.58
N ASN P 272 -44.82 -58.08 25.55
CA ASN P 272 -45.23 -58.01 26.95
C ASN P 272 -44.83 -56.67 27.56
N GLU P 289 -32.01 -59.96 38.35
CA GLU P 289 -31.58 -59.99 36.96
C GLU P 289 -30.30 -59.20 36.74
N GLU P 290 -30.17 -58.63 35.55
CA GLU P 290 -29.05 -57.77 35.20
C GLU P 290 -29.54 -56.76 34.16
N PHE P 291 -28.60 -56.06 33.54
CA PHE P 291 -28.92 -55.07 32.51
C PHE P 291 -28.47 -55.55 31.15
N SER P 292 -29.36 -55.49 30.17
CA SER P 292 -29.03 -55.75 28.78
C SER P 292 -29.66 -54.65 27.93
N ILE P 293 -28.99 -54.31 26.83
CA ILE P 293 -29.52 -53.27 25.95
C ILE P 293 -30.74 -53.78 25.19
N PHE P 294 -30.81 -55.10 24.94
CA PHE P 294 -31.82 -55.63 24.04
C PHE P 294 -33.21 -55.57 24.64
N ASN P 295 -33.33 -55.76 25.95
CA ASN P 295 -34.62 -55.59 26.63
C ASN P 295 -34.72 -54.18 27.21
N TYR P 296 -34.62 -53.20 26.31
CA TYR P 296 -34.61 -51.80 26.72
C TYR P 296 -35.97 -51.34 27.24
N PHE P 297 -37.06 -51.96 26.76
CA PHE P 297 -38.40 -51.52 27.13
C PHE P 297 -38.72 -51.79 28.60
N LYS P 298 -38.01 -52.71 29.23
CA LYS P 298 -38.37 -53.12 30.59
C LYS P 298 -38.10 -52.01 31.61
N MET P 299 -36.93 -51.36 31.52
CA MET P 299 -36.57 -50.38 32.53
C MET P 299 -37.40 -49.11 32.39
N PHE P 300 -37.75 -48.53 33.54
CA PHE P 300 -38.59 -47.35 33.62
C PHE P 300 -37.83 -46.10 33.21
N PRO P 301 -38.54 -45.04 32.84
CA PRO P 301 -37.85 -43.77 32.54
C PRO P 301 -37.18 -43.20 33.76
N ALA P 302 -36.20 -42.32 33.51
CA ALA P 302 -35.39 -41.76 34.59
C ALA P 302 -36.24 -40.93 35.54
N SER P 303 -35.85 -40.94 36.81
CA SER P 303 -36.54 -40.14 37.81
C SER P 303 -36.38 -38.66 37.51
N LYS P 304 -37.48 -37.91 37.61
CA LYS P 304 -37.45 -36.49 37.32
C LYS P 304 -36.63 -35.74 38.36
N HIS P 305 -36.06 -34.61 37.93
CA HIS P 305 -35.19 -33.78 38.75
C HIS P 305 -33.98 -34.57 39.26
N ASP P 306 -33.28 -35.22 38.33
CA ASP P 306 -32.05 -35.93 38.63
C ASP P 306 -30.91 -35.26 37.88
N LYS P 307 -29.80 -35.01 38.58
CA LYS P 307 -28.69 -34.27 37.99
C LYS P 307 -27.64 -35.17 37.37
N GLU P 308 -27.54 -36.42 37.81
CA GLU P 308 -26.58 -37.37 37.27
C GLU P 308 -27.19 -38.30 36.24
N VAL P 309 -28.24 -37.85 35.57
CA VAL P 309 -28.87 -38.65 34.53
C VAL P 309 -28.02 -38.62 33.28
N VAL P 310 -27.89 -39.77 32.62
CA VAL P 310 -27.06 -39.90 31.44
C VAL P 310 -27.92 -39.77 30.20
N TYR P 311 -27.53 -38.87 29.31
CA TYR P 311 -28.29 -38.58 28.10
C TYR P 311 -27.54 -39.08 26.87
N PHE P 312 -28.15 -38.85 25.70
CA PHE P 312 -27.58 -39.27 24.44
C PHE P 312 -27.24 -38.10 23.53
N ASP P 313 -27.91 -36.96 23.67
CA ASP P 313 -27.64 -35.79 22.84
C ASP P 313 -26.41 -35.02 23.30
N GLU P 314 -25.90 -35.29 24.49
CA GLU P 314 -24.72 -34.61 24.97
C GLU P 314 -23.50 -35.01 24.13
N TRP P 315 -22.48 -34.15 24.18
CA TRP P 315 -21.24 -34.15 23.40
C TRP P 315 -21.51 -33.72 21.96
N THR P 316 -22.77 -33.54 21.57
CA THR P 316 -23.12 -32.98 20.27
C THR P 316 -23.87 -31.67 20.42
N ILE P 317 -24.98 -31.67 21.15
CA ILE P 317 -25.74 -30.45 21.41
C ILE P 317 -25.91 -30.26 22.91
N ASN Q 14 -37.39 -9.54 -1.37
CA ASN Q 14 -36.08 -9.47 -0.71
C ASN Q 14 -35.62 -10.86 -0.27
N TYR Q 15 -34.71 -10.91 0.71
CA TYR Q 15 -34.14 -12.19 1.12
C TYR Q 15 -35.11 -13.02 1.95
N MET Q 16 -36.12 -12.39 2.55
CA MET Q 16 -37.13 -13.11 3.32
C MET Q 16 -38.19 -13.77 2.46
N SER Q 17 -38.18 -13.53 1.13
CA SER Q 17 -39.33 -13.87 0.30
C SER Q 17 -39.49 -15.38 0.12
N ASN Q 18 -38.41 -16.08 -0.22
CA ASN Q 18 -38.52 -17.48 -0.63
C ASN Q 18 -38.56 -18.40 0.58
N LEU Q 19 -39.60 -19.23 0.64
CA LEU Q 19 -39.78 -20.23 1.69
C LEU Q 19 -39.99 -21.59 1.06
N PRO Q 20 -39.59 -22.67 1.73
CA PRO Q 20 -39.82 -24.01 1.17
C PRO Q 20 -41.28 -24.43 1.19
N PHE Q 21 -41.54 -25.66 0.75
CA PHE Q 21 -42.92 -26.14 0.63
C PHE Q 21 -43.56 -26.34 2.01
N GLY Q 22 -42.87 -27.03 2.91
CA GLY Q 22 -43.49 -27.42 4.16
C GLY Q 22 -43.54 -26.34 5.23
N LEU Q 23 -42.69 -25.33 5.13
CA LEU Q 23 -42.66 -24.29 6.16
C LEU Q 23 -43.67 -23.20 5.86
N GLY Q 24 -44.11 -22.52 6.94
CA GLY Q 24 -44.99 -21.40 6.83
C GLY Q 24 -44.29 -20.12 7.28
N TYR Q 25 -44.97 -18.99 7.05
CA TYR Q 25 -44.40 -17.70 7.40
C TYR Q 25 -44.38 -17.46 8.89
N GLY Q 26 -45.12 -18.24 9.68
CA GLY Q 26 -45.18 -18.05 11.11
C GLY Q 26 -44.26 -18.96 11.90
N ASP Q 27 -43.86 -20.09 11.31
CA ASP Q 27 -43.05 -21.05 12.04
C ASP Q 27 -41.59 -20.61 12.17
N VAL Q 28 -41.07 -19.89 11.17
CA VAL Q 28 -39.67 -19.47 11.16
C VAL Q 28 -39.44 -18.34 12.17
N GLY Q 29 -38.18 -18.06 12.47
CA GLY Q 29 -37.78 -16.89 13.22
C GLY Q 29 -37.49 -17.12 14.69
N LYS Q 30 -37.95 -18.24 15.25
CA LYS Q 30 -37.74 -18.47 16.68
C LYS Q 30 -36.29 -18.79 16.99
N ASN Q 31 -35.69 -19.71 16.23
CA ASN Q 31 -34.28 -20.11 16.38
C ASN Q 31 -33.94 -20.50 17.81
N HIS Q 32 -34.83 -21.24 18.45
CA HIS Q 32 -34.66 -21.64 19.84
C HIS Q 32 -34.06 -23.05 19.87
N ILE Q 33 -32.76 -23.13 20.13
CA ILE Q 33 -32.06 -24.40 20.27
C ILE Q 33 -31.69 -24.56 21.74
N THR Q 34 -32.26 -25.57 22.38
CA THR Q 34 -31.97 -25.79 23.79
C THR Q 34 -30.57 -26.35 23.97
N GLU Q 35 -29.96 -26.00 25.09
CA GLU Q 35 -28.65 -26.51 25.47
C GLU Q 35 -28.75 -27.76 26.34
N PHE Q 36 -29.96 -28.25 26.60
CA PHE Q 36 -30.15 -29.41 27.44
C PHE Q 36 -30.70 -30.56 26.62
N PRO Q 37 -30.24 -31.78 26.84
CA PRO Q 37 -30.70 -32.92 26.05
C PRO Q 37 -32.10 -33.36 26.47
N SER Q 38 -32.73 -34.11 25.58
CA SER Q 38 -34.06 -34.65 25.84
C SER Q 38 -34.18 -36.13 25.55
N ILE Q 39 -33.13 -36.77 25.04
CA ILE Q 39 -33.17 -38.19 24.70
C ILE Q 39 -32.28 -38.95 25.66
N PRO Q 40 -32.85 -39.70 26.61
CA PRO Q 40 -32.02 -40.43 27.58
C PRO Q 40 -31.73 -41.86 27.15
N LEU Q 41 -30.51 -42.29 27.45
CA LEU Q 41 -30.14 -43.68 27.24
C LEU Q 41 -30.87 -44.56 28.24
N PRO Q 42 -31.18 -45.82 27.87
CA PRO Q 42 -31.90 -46.74 28.77
C PRO Q 42 -31.01 -47.33 29.86
N ILE Q 43 -30.35 -46.45 30.63
CA ILE Q 43 -29.43 -46.88 31.67
C ILE Q 43 -29.71 -46.20 33.01
N ASN Q 44 -30.78 -45.41 33.10
CA ASN Q 44 -31.05 -44.59 34.27
C ASN Q 44 -32.15 -45.19 35.15
N GLY Q 45 -32.31 -46.52 35.09
CA GLY Q 45 -33.36 -47.17 35.84
C GLY Q 45 -33.04 -47.27 37.32
N PRO Q 46 -33.98 -47.84 38.07
CA PRO Q 46 -33.78 -47.97 39.52
C PRO Q 46 -32.65 -48.94 39.84
N ILE Q 47 -32.01 -48.70 40.97
CA ILE Q 47 -30.94 -49.56 41.46
C ILE Q 47 -31.51 -50.92 41.88
N THR Q 48 -30.72 -51.96 41.65
CA THR Q 48 -31.01 -53.30 42.13
C THR Q 48 -29.88 -53.74 43.07
N ASN Q 49 -29.99 -54.95 43.62
CA ASN Q 49 -29.08 -55.37 44.67
C ASN Q 49 -27.70 -55.75 44.12
N LYS Q 50 -27.64 -56.30 42.91
CA LYS Q 50 -26.35 -56.70 42.36
C LYS Q 50 -25.48 -55.48 42.04
N GLU Q 51 -26.06 -54.48 41.39
CA GLU Q 51 -25.32 -53.24 41.16
C GLU Q 51 -25.16 -52.45 42.46
N ARG Q 52 -25.99 -52.72 43.46
CA ARG Q 52 -25.75 -52.18 44.80
C ARG Q 52 -24.42 -52.70 45.35
N SER Q 53 -24.22 -54.02 45.27
CA SER Q 53 -22.96 -54.61 45.70
C SER Q 53 -21.80 -54.13 44.83
N LEU Q 54 -22.06 -53.92 43.54
CA LEU Q 54 -21.04 -53.37 42.65
C LEU Q 54 -20.61 -51.98 43.09
N ALA Q 55 -21.57 -51.13 43.45
CA ALA Q 55 -21.24 -49.80 43.93
C ALA Q 55 -20.48 -49.85 45.25
N VAL Q 56 -20.85 -50.78 46.13
CA VAL Q 56 -20.11 -50.95 47.38
C VAL Q 56 -18.67 -51.34 47.09
N LYS Q 57 -18.45 -52.28 46.16
CA LYS Q 57 -17.10 -52.70 45.81
C LYS Q 57 -16.30 -51.55 45.19
N TYR Q 58 -16.94 -50.76 44.33
CA TYR Q 58 -16.26 -49.63 43.71
C TYR Q 58 -15.84 -48.59 44.75
N ILE Q 59 -16.73 -48.28 45.69
CA ILE Q 59 -16.42 -47.32 46.75
C ILE Q 59 -15.29 -47.86 47.63
N ASN Q 60 -15.34 -49.15 47.95
CA ASN Q 60 -14.28 -49.75 48.76
C ASN Q 60 -12.93 -49.69 48.04
N PHE Q 61 -12.92 -49.97 46.74
CA PHE Q 61 -11.67 -49.90 45.99
C PHE Q 61 -11.13 -48.47 45.94
N GLY Q 62 -12.01 -47.50 45.70
CA GLY Q 62 -11.57 -46.11 45.66
C GLY Q 62 -11.02 -45.65 46.99
N LYS Q 63 -11.68 -46.02 48.09
CA LYS Q 63 -11.18 -45.68 49.41
C LYS Q 63 -9.86 -46.37 49.70
N THR Q 64 -9.71 -47.61 49.23
CA THR Q 64 -8.46 -48.35 49.43
C THR Q 64 -7.31 -47.68 48.70
N VAL Q 65 -7.54 -47.25 47.47
CA VAL Q 65 -6.48 -46.60 46.70
C VAL Q 65 -6.16 -45.23 47.27
N LYS Q 66 -7.17 -44.51 47.78
CA LYS Q 66 -6.98 -43.12 48.17
C LYS Q 66 -5.99 -42.99 49.33
N ASP Q 67 -6.07 -43.87 50.33
CA ASP Q 67 -5.20 -43.77 51.49
C ASP Q 67 -3.97 -44.64 51.37
N GLY Q 68 -3.73 -45.24 50.20
CA GLY Q 68 -2.62 -46.14 50.03
C GLY Q 68 -1.31 -45.39 49.87
N PRO Q 69 -0.24 -46.14 49.61
CA PRO Q 69 1.09 -45.55 49.47
C PRO Q 69 1.35 -44.90 48.11
N PHE Q 70 0.34 -44.76 47.27
CA PHE Q 70 0.48 -44.13 45.96
C PHE Q 70 -0.63 -43.08 45.85
N TYR Q 71 -0.35 -41.88 46.34
CA TYR Q 71 -1.33 -40.81 46.33
C TYR Q 71 -0.61 -39.49 46.45
N THR Q 72 -0.89 -38.56 45.53
CA THR Q 72 -0.25 -37.25 45.46
C THR Q 72 -1.29 -36.17 45.31
N GLY Q 73 -2.28 -36.19 46.20
CA GLY Q 73 -3.45 -35.31 46.03
C GLY Q 73 -3.12 -33.83 46.14
N SER Q 74 -2.17 -33.48 46.99
CA SER Q 74 -1.78 -32.08 47.12
C SER Q 74 -1.08 -31.61 45.85
N MET Q 75 -1.53 -30.49 45.31
CA MET Q 75 -0.97 -29.97 44.06
C MET Q 75 0.25 -29.10 44.34
N THR Q 101 -3.74 -25.60 63.86
CA THR Q 101 -2.48 -26.27 63.59
C THR Q 101 -1.50 -25.34 62.86
N ASN Q 102 -0.28 -25.84 62.64
CA ASN Q 102 0.78 -25.12 61.92
C ASN Q 102 1.08 -23.77 62.56
N ASP Q 103 1.16 -23.74 63.89
CA ASP Q 103 1.55 -22.56 64.64
C ASP Q 103 2.95 -22.77 65.19
N GLY Q 104 3.82 -21.78 64.97
CA GLY Q 104 5.20 -21.90 65.41
C GLY Q 104 5.38 -21.86 66.91
N ILE Q 105 4.41 -21.32 67.64
CA ILE Q 105 4.51 -21.21 69.10
C ILE Q 105 4.20 -22.56 69.73
N GLU Q 106 4.86 -22.85 70.85
CA GLU Q 106 4.68 -24.09 71.58
C GLU Q 106 4.22 -23.78 72.99
N ARG Q 107 3.24 -24.55 73.46
CA ARG Q 107 2.74 -24.44 74.83
C ARG Q 107 2.52 -25.84 75.39
N TYR Q 108 2.09 -25.90 76.65
CA TYR Q 108 1.93 -27.19 77.31
C TYR Q 108 0.72 -27.93 76.74
N SER Q 109 -0.33 -27.20 76.36
CA SER Q 109 -1.49 -27.85 75.74
C SER Q 109 -1.15 -28.47 74.40
N ASP Q 110 -0.11 -27.95 73.72
CA ASP Q 110 0.41 -28.62 72.53
C ASP Q 110 1.02 -29.97 72.88
N LYS Q 111 1.58 -30.10 74.08
CA LYS Q 111 2.04 -31.40 74.53
C LYS Q 111 0.85 -32.27 74.92
N TYR Q 112 1.13 -33.58 75.05
CA TYR Q 112 0.10 -34.60 75.31
C TYR Q 112 -1.00 -34.56 74.25
N LEU Q 113 -0.63 -34.29 73.02
CA LEU Q 113 -1.56 -34.22 71.89
C LEU Q 113 -1.33 -35.43 70.98
N LYS Q 114 -2.34 -35.73 70.17
CA LYS Q 114 -2.23 -36.81 69.20
C LYS Q 114 -1.09 -36.56 68.23
N LYS Q 115 -0.29 -37.59 67.99
CA LYS Q 115 0.90 -37.45 67.16
C LYS Q 115 0.51 -37.32 65.68
N ARG Q 116 1.53 -37.20 64.84
CA ARG Q 116 1.30 -37.10 63.40
C ARG Q 116 0.73 -38.39 62.84
N LYS Q 117 1.20 -39.53 63.36
CA LYS Q 117 0.76 -40.88 62.94
C LYS Q 117 0.96 -41.08 61.44
N ILE Q 118 2.23 -41.02 61.02
CA ILE Q 118 2.57 -41.24 59.63
C ILE Q 118 2.37 -42.71 59.26
N GLY Q 119 1.85 -42.94 58.06
CA GLY Q 119 1.61 -44.29 57.61
C GLY Q 119 1.87 -44.47 56.12
N ILE Q 120 2.55 -45.58 55.78
CA ILE Q 120 2.97 -46.02 54.44
C ILE Q 120 3.31 -44.86 53.50
N SER Q 121 4.58 -44.47 53.49
CA SER Q 121 5.05 -43.43 52.59
C SER Q 121 5.32 -44.02 51.20
N ILE Q 122 5.89 -43.19 50.31
CA ILE Q 122 6.13 -43.64 48.95
C ILE Q 122 7.27 -44.65 48.91
N ASP Q 123 8.31 -44.45 49.71
CA ASP Q 123 9.51 -45.29 49.64
C ASP Q 123 9.39 -46.58 50.45
N ASP Q 124 8.30 -46.76 51.20
CA ASP Q 124 8.17 -47.95 52.04
C ASP Q 124 7.80 -49.18 51.24
N HIS Q 125 7.09 -49.02 50.12
CA HIS Q 125 6.59 -50.17 49.40
C HIS Q 125 7.74 -50.91 48.70
N PRO Q 126 7.78 -52.24 48.79
CA PRO Q 126 8.87 -53.05 48.18
C PRO Q 126 8.74 -53.21 46.67
N TYR Q 127 9.22 -52.22 45.94
CA TYR Q 127 9.15 -52.27 44.48
C TYR Q 127 10.08 -53.33 43.91
N ASN Q 128 9.61 -54.02 42.89
CA ASN Q 128 10.49 -54.85 42.08
C ASN Q 128 11.38 -53.95 41.24
N LEU Q 129 12.69 -54.12 41.38
CA LEU Q 129 13.64 -53.19 40.74
C LEU Q 129 13.72 -53.37 39.24
N ASN Q 130 13.26 -54.49 38.70
CA ASN Q 130 13.35 -54.74 37.27
C ASN Q 130 12.22 -54.08 36.48
N LEU Q 131 11.17 -53.61 37.15
CA LEU Q 131 10.03 -53.00 36.47
C LEU Q 131 10.14 -51.50 36.35
N PHE Q 132 11.26 -50.90 36.75
CA PHE Q 132 11.38 -49.46 36.77
C PHE Q 132 12.62 -49.03 36.01
N PRO Q 133 12.60 -47.85 35.40
CA PRO Q 133 13.81 -47.32 34.76
C PRO Q 133 14.86 -46.98 35.80
N ASN Q 134 16.12 -46.96 35.35
CA ASN Q 134 17.24 -46.69 36.25
C ASN Q 134 17.17 -45.28 36.82
N GLU Q 135 16.61 -44.33 36.05
CA GLU Q 135 16.57 -42.95 36.50
C GLU Q 135 15.58 -42.74 37.63
N LEU Q 136 14.65 -43.67 37.85
CA LEU Q 136 13.68 -43.55 38.92
C LEU Q 136 14.12 -44.22 40.21
N TYR Q 137 15.32 -44.81 40.24
CA TYR Q 137 15.77 -45.51 41.43
C TYR Q 137 16.00 -44.56 42.60
N ASN Q 138 16.56 -43.38 42.31
CA ASN Q 138 17.09 -42.53 43.38
C ASN Q 138 15.98 -41.95 44.24
N VAL Q 139 14.83 -41.65 43.65
CA VAL Q 139 13.75 -41.02 44.42
C VAL Q 139 13.13 -41.99 45.42
N MET Q 140 12.96 -43.25 45.01
CA MET Q 140 12.39 -44.26 45.89
C MET Q 140 13.48 -44.92 46.73
N GLY Q 141 13.08 -45.45 47.88
CA GLY Q 141 14.03 -46.11 48.75
C GLY Q 141 14.40 -47.50 48.29
N ILE Q 142 15.62 -47.67 47.79
CA ILE Q 142 16.05 -48.98 47.32
C ILE Q 142 16.74 -49.78 48.41
N ASN Q 143 17.42 -49.12 49.35
CA ASN Q 143 18.06 -49.78 50.47
C ASN Q 143 17.38 -49.52 51.80
N LYS Q 144 16.38 -48.65 51.83
CA LYS Q 144 15.64 -48.37 53.05
C LYS Q 144 14.81 -49.57 53.44
N LYS Q 145 14.63 -49.75 54.76
CA LYS Q 145 13.75 -50.79 55.28
C LYS Q 145 12.34 -50.63 54.72
N LYS Q 146 11.77 -51.73 54.24
CA LYS Q 146 10.52 -51.71 53.49
C LYS Q 146 9.47 -52.55 54.20
N LEU Q 147 8.21 -52.20 53.93
CA LEU Q 147 7.08 -52.96 54.45
C LEU Q 147 5.91 -52.78 53.48
N LEU Q 148 4.93 -53.67 53.60
CA LEU Q 148 3.76 -53.65 52.72
C LEU Q 148 2.51 -53.73 53.58
N ALA Q 149 1.51 -52.90 53.25
CA ALA Q 149 0.27 -52.84 53.99
C ALA Q 149 -0.84 -53.52 53.22
N ILE Q 150 -1.80 -54.08 53.95
CA ILE Q 150 -2.95 -54.78 53.37
C ILE Q 150 -4.22 -54.22 53.98
N SER Q 151 -5.15 -53.82 53.13
CA SER Q 151 -6.43 -53.28 53.57
C SER Q 151 -7.49 -54.37 53.56
N LYS Q 152 -8.14 -54.56 54.70
CA LYS Q 152 -9.18 -55.59 54.82
C LYS Q 152 -10.40 -55.21 54.00
N PHE Q 153 -11.10 -56.24 53.50
CA PHE Q 153 -12.27 -56.06 52.66
C PHE Q 153 -13.52 -56.42 53.46
N ASN Q 154 -14.53 -55.57 53.38
CA ASN Q 154 -15.81 -55.77 54.07
C ASN Q 154 -16.86 -56.14 53.02
N ASN Q 155 -17.34 -57.38 53.06
CA ASN Q 155 -18.40 -57.80 52.16
C ASN Q 155 -19.71 -57.07 52.44
N ALA Q 156 -19.94 -56.72 53.70
CA ALA Q 156 -21.18 -56.06 54.09
C ALA Q 156 -21.22 -54.63 53.55
N ASP Q 157 -22.44 -54.12 53.40
CA ASP Q 157 -22.64 -52.78 52.88
C ASP Q 157 -22.20 -51.75 53.92
N ASP Q 158 -21.10 -51.06 53.63
CA ASP Q 158 -20.59 -49.99 54.48
C ASP Q 158 -21.26 -48.65 54.19
N VAL Q 159 -22.16 -48.60 53.22
CA VAL Q 159 -22.90 -47.40 52.86
C VAL Q 159 -24.23 -47.43 53.60
N PHE Q 160 -24.64 -46.27 54.13
CA PHE Q 160 -25.88 -46.20 54.91
C PHE Q 160 -27.10 -46.55 54.07
N THR Q 161 -27.15 -46.09 52.83
CA THR Q 161 -28.28 -46.37 51.97
C THR Q 161 -27.84 -47.12 50.71
ZN ZN U . -22.23 -1.95 28.50
ZN ZN V . -7.67 -45.04 9.61
MG MG W . 5.06 23.68 -4.57
C1 4QM X . 17.32 -18.54 -10.71
C2 4QM X . 17.99 -19.07 -12.04
C3 4QM X . 15.78 -18.58 -13.21
C4 4QM X . 14.80 -18.97 -14.25
C5 4QM X . 15.46 -19.14 -15.61
C6 4QM X . 16.47 -20.25 -15.54
C7 4QM X . 16.91 -20.55 -16.91
C8 4QM X . 15.57 -20.62 -17.55
C9 4QM X . 14.56 -19.86 -16.63
C10 4QM X . 16.32 -17.97 -16.14
C11 4QM X . 18.82 -17.82 -12.43
C12 4QM X . 16.73 -19.63 -9.82
C13 4QM X . 17.74 -20.78 -9.60
C14 4QM X . 18.22 -21.34 -10.98
C15 4QM X . 18.90 -20.32 -11.93
C16 4QM X . 19.44 -20.90 -13.31
C17 4QM X . 18.37 -21.14 -14.46
C18 4QM X . 17.48 -19.89 -14.53
C19 4QM X . 16.92 -19.56 -13.12
C20 4QM X . 13.67 -18.90 -17.48
C21 4QM X . 12.37 -18.41 -16.84
C22 4QM X . 13.47 -19.49 -18.87
C23 4QM X . 12.57 -18.64 -19.76
C24 4QM X . 12.08 -19.35 -21.02
O2 4QM X . 17.13 -21.80 -8.89
O3 4QM X . 17.47 -22.13 -14.16
O4 4QM X . 14.12 -20.11 -13.82
ZN ZN Y . -10.69 -13.71 32.76
C1 4QM Z . 3.98 78.28 2.21
C2 4QM Z . 4.59 78.64 3.63
C3 4QM Z . 2.74 77.23 4.74
C4 4QM Z . 1.76 77.07 5.84
C5 4QM Z . 2.40 77.24 7.22
C6 4QM Z . 2.99 78.62 7.33
C7 4QM Z . 3.34 78.84 8.73
C8 4QM Z . 2.05 78.42 9.33
C9 4QM Z . 1.37 77.42 8.35
C10 4QM Z . 3.63 76.37 7.53
C11 4QM Z . 5.75 77.63 3.66
C12 4QM Z . 3.00 79.33 1.66
C13 4QM Z . 3.61 80.74 1.74
C14 4QM Z . 4.11 81.07 3.18
C15 4QM Z . 5.12 80.09 3.82
C16 4QM Z . 5.64 80.43 5.28
C17 4QM Z . 4.60 80.17 6.45
C18 4QM Z . 4.02 78.76 6.28
C19 4QM Z . 3.51 78.54 4.83
C20 4QM Z . 1.09 76.08 9.12
C21 4QM Z . 0.31 75.00 8.38
C22 4QM Z . 0.49 76.44 10.47
C23 4QM Z . 0.39 75.23 11.39
C24 4QM Z . -0.62 75.39 12.52
O2 4QM Z . 2.65 81.68 1.36
O3 4QM Z . 3.48 80.97 6.38
O4 4QM Z . 0.71 77.94 5.61
ZN ZN AA . -8.09 -33.38 -54.26
ZN ZN BA . 47.93 -28.69 -48.73
ZN ZN CA . -0.51 56.55 -11.87
ZN ZN DA . -44.65 40.33 -10.92
#